data_6W20
#
_entry.id   6W20
#
loop_
_entity.id
_entity.type
_entity.pdbx_description
1 polymer 'ATP-dependent Clp protease proteolytic subunit'
2 polymer 'ATP-dependent Clp protease ATP-binding subunit ClpA'
3 polymer 'RepA, green fluorescent protein fusion'
4 non-polymer "ADENOSINE-5'-DIPHOSPHATE"
5 non-polymer "ADENOSINE-5'-TRIPHOSPHATE"
#
loop_
_entity_poly.entity_id
_entity_poly.type
_entity_poly.pdbx_seq_one_letter_code
_entity_poly.pdbx_strand_id
1 'polypeptide(L)'
;MSYSGERDNFAPHMALVPMVIEQTSRGERSFDIYSRLLKERVIFLTGQVEDHMANLIVAQMLFLEAENPEKDIYLYINSP
GGVITAGMSIYDTMQFIKPDVSTICMGQAASMGAFLLTAGAKGKRFCLPNSRVMIHQPLGGYQGQATDIEIHAREILKVK
GRMNELMALHTGQSLEQIERDTERDRFLSAPEAVEYGLVDSILTHRN
;
G,H,I,J,K,L,M,N,O,P,Q,R,S,T
2 'polypeptide(L)'
;MLNQELELSLNMAFARAREHRHEFMTVEHLLLALLSNPSAREALEACSVDLVALRQELEAFIEQTTPVLPASEEERDTQP
TLSFQRVLQRAVFHVQSSGRNEVTGANVLVAIFSEQESQAAYLLRKHEVSRLDVVNFISHGTRKDEPTQSSDPGSQPNSE
EQAGGEERMENFTTNLNQLARVGGIDPLIGREKELERAIQVLCRRRKNNPLLVGESGVGKTAIAEGLAWRIVQGDVPEVM
ADCTIYSLDIGSLLAGTKYRGDFEKRFKALLKQLEQDTNSILFIDEIHTIIGAGAASGGQVDAANLIKPLLSSGKIRVIG
STTYQEFSNIFEKDRALARRFQKIDITEPSIEETVQIINGLKPKYEAHHDVRYTAKAVRAAVELAVKYINDRHLPDKAID
VIDEAGARARLMPVSKRKKTVNVADIESVVARIARIPEKSVSQSDRDTLKNLGDRLKMLVFGQDKAIEALTEAIKMARAG
LGHEHKPVGSFLFAGPTGVGKTEVTVQLSKALGIELLRFDMSEYMERHTVSRLIGAPPGYVGFDQGGLLTDAVIKHPHAV
LLLDEIEKAHPDVFNILLQVMDNGTLTDNNGRKADFRNVVLVMTTNAGVRETERKSIGLIHQDNSTDAMEEIKKIFTPEF
RNRLDNIIWFDHLSTDVIHQVVDKFIVELQVQLDQKGVSLEVSQEARNWLAEKGYDRAMGARPMARVIQDNLKKPLANEL
LFGSLVDGGQVTVALDKEKNELTYGFQSAQKHKAEAAH
;
A,B,C,D,E,F
3 'polypeptide(L)'
;(UNK)(UNK)(UNK)(UNK)(UNK)(UNK)(UNK)(UNK)(UNK)(UNK)(UNK)(UNK)(UNK)(UNK)(UNK)(UNK)
(UNK)(UNK)(UNK)(UNK)(UNK)(UNK)(UNK)(UNK)
;
X
#
# COMPACT_ATOMS: atom_id res chain seq x y z
N ALA A 15 -3.92 -18.90 7.43
CA ALA A 15 -4.70 -19.96 8.03
C ALA A 15 -4.35 -21.31 7.43
N LEU A 16 -5.29 -21.91 6.70
CA LEU A 16 -5.01 -23.19 6.05
C LEU A 16 -3.89 -23.06 5.03
N VAL A 17 -3.75 -21.89 4.43
CA VAL A 17 -2.71 -21.64 3.43
C VAL A 17 -1.56 -20.92 4.12
N PRO A 18 -0.31 -21.26 3.81
CA PRO A 18 0.82 -20.63 4.49
C PRO A 18 1.18 -19.30 3.86
N MET A 19 1.93 -18.50 4.64
CA MET A 19 2.49 -17.24 4.16
C MET A 19 4.01 -17.35 4.11
N VAL A 20 4.61 -16.59 3.21
CA VAL A 20 6.05 -16.64 3.00
C VAL A 20 6.62 -15.22 3.06
N ILE A 21 7.93 -15.13 3.22
CA ILE A 21 8.65 -13.87 3.34
C ILE A 21 9.78 -13.85 2.32
N GLU A 22 9.84 -12.77 1.54
CA GLU A 22 10.92 -12.57 0.58
C GLU A 22 11.31 -11.09 0.58
N GLN A 23 12.58 -10.83 0.33
CA GLN A 23 13.13 -9.48 0.45
C GLN A 23 13.65 -8.99 -0.90
N THR A 24 13.12 -7.86 -1.37
CA THR A 24 13.66 -7.21 -2.55
C THR A 24 14.25 -5.85 -2.20
N SER A 25 13.41 -4.95 -1.68
CA SER A 25 13.86 -3.61 -1.34
C SER A 25 13.74 -3.35 0.15
N ARG A 26 12.54 -3.51 0.71
CA ARG A 26 12.32 -3.23 2.13
C ARG A 26 12.41 -4.49 2.97
N GLY A 27 12.38 -5.67 2.35
CA GLY A 27 12.39 -6.91 3.08
C GLY A 27 11.09 -7.21 3.80
N GLU A 28 9.98 -6.81 3.19
CA GLU A 28 8.66 -6.99 3.79
C GLU A 28 7.65 -7.36 2.71
N ARG A 29 7.49 -8.66 2.49
CA ARG A 29 6.61 -9.21 1.46
C ARG A 29 6.01 -10.51 1.95
N SER A 30 4.72 -10.48 2.26
CA SER A 30 4.02 -11.68 2.73
C SER A 30 2.88 -12.00 1.79
N PHE A 31 3.08 -13.04 0.98
CA PHE A 31 2.02 -13.57 0.12
C PHE A 31 1.67 -14.97 0.58
N ASP A 32 0.45 -15.38 0.28
CA ASP A 32 0.15 -16.81 0.29
C ASP A 32 1.09 -17.51 -0.69
N ILE A 33 1.46 -18.75 -0.35
CA ILE A 33 2.50 -19.44 -1.12
C ILE A 33 2.11 -19.57 -2.58
N TYR A 34 0.80 -19.65 -2.88
CA TYR A 34 0.37 -19.70 -4.26
C TYR A 34 0.68 -18.41 -5.00
N SER A 35 0.47 -17.25 -4.36
CA SER A 35 0.84 -16.00 -4.99
C SER A 35 2.35 -15.89 -5.15
N ARG A 36 3.11 -16.39 -4.17
CA ARG A 36 4.57 -16.37 -4.29
C ARG A 36 5.03 -17.19 -5.48
N LEU A 37 4.42 -18.36 -5.69
CA LEU A 37 4.80 -19.16 -6.85
C LEU A 37 4.31 -18.55 -8.15
N LEU A 38 3.13 -17.91 -8.13
CA LEU A 38 2.67 -17.20 -9.32
C LEU A 38 3.63 -16.09 -9.71
N LYS A 39 4.21 -15.42 -8.71
CA LYS A 39 5.22 -14.40 -8.97
C LYS A 39 6.40 -14.96 -9.74
N GLU A 40 6.69 -16.25 -9.60
CA GLU A 40 7.73 -16.93 -10.35
C GLU A 40 7.21 -17.58 -11.63
N ARG A 41 6.04 -17.13 -12.11
CA ARG A 41 5.44 -17.65 -13.34
C ARG A 41 5.15 -19.14 -13.24
N VAL A 42 4.56 -19.55 -12.11
CA VAL A 42 4.16 -20.94 -11.88
C VAL A 42 2.67 -20.94 -11.57
N ILE A 43 1.89 -21.61 -12.40
CA ILE A 43 0.45 -21.67 -12.27
C ILE A 43 0.05 -23.11 -11.98
N PHE A 44 -0.82 -23.29 -10.99
CA PHE A 44 -1.26 -24.62 -10.58
C PHE A 44 -2.67 -24.89 -11.13
N LEU A 45 -2.80 -26.00 -11.82
CA LEU A 45 -4.11 -26.49 -12.28
C LEU A 45 -4.38 -27.80 -11.56
N THR A 46 -5.16 -27.74 -10.48
CA THR A 46 -5.43 -28.91 -9.67
C THR A 46 -6.93 -29.10 -9.53
N GLY A 47 -7.32 -30.34 -9.26
CA GLY A 47 -8.72 -30.66 -9.06
C GLY A 47 -9.50 -30.67 -10.35
N GLN A 48 -10.82 -30.75 -10.20
CA GLN A 48 -11.71 -30.77 -11.35
C GLN A 48 -11.61 -29.46 -12.13
N VAL A 49 -11.87 -29.55 -13.42
CA VAL A 49 -11.86 -28.37 -14.29
C VAL A 49 -13.29 -27.89 -14.47
N GLU A 50 -13.57 -26.68 -13.99
CA GLU A 50 -14.90 -26.09 -14.12
C GLU A 50 -14.73 -24.63 -14.56
N ASP A 51 -15.85 -23.91 -14.57
CA ASP A 51 -15.85 -22.56 -15.14
C ASP A 51 -15.00 -21.59 -14.32
N HIS A 52 -15.17 -21.58 -12.99
CA HIS A 52 -14.49 -20.58 -12.18
C HIS A 52 -13.01 -20.87 -12.06
N MET A 53 -12.64 -22.14 -11.89
CA MET A 53 -11.22 -22.49 -11.84
C MET A 53 -10.53 -22.16 -13.16
N ALA A 54 -11.17 -22.48 -14.28
CA ALA A 54 -10.59 -22.16 -15.57
C ALA A 54 -10.50 -20.66 -15.77
N ASN A 55 -11.49 -19.92 -15.29
CA ASN A 55 -11.44 -18.46 -15.40
C ASN A 55 -10.28 -17.90 -14.59
N LEU A 56 -10.04 -18.45 -13.41
CA LEU A 56 -8.90 -18.02 -12.61
C LEU A 56 -7.58 -18.34 -13.30
N ILE A 57 -7.48 -19.52 -13.90
CA ILE A 57 -6.26 -19.88 -14.62
C ILE A 57 -6.04 -18.95 -15.80
N VAL A 58 -7.12 -18.60 -16.51
CA VAL A 58 -7.01 -17.70 -17.65
C VAL A 58 -6.57 -16.32 -17.20
N ALA A 59 -7.12 -15.84 -16.09
CA ALA A 59 -6.71 -14.55 -15.57
C ALA A 59 -5.23 -14.56 -15.19
N GLN A 60 -4.78 -15.63 -14.54
CA GLN A 60 -3.37 -15.73 -14.18
C GLN A 60 -2.48 -15.72 -15.40
N MET A 61 -2.86 -16.48 -16.44
CA MET A 61 -2.05 -16.54 -17.64
C MET A 61 -2.02 -15.20 -18.36
N LEU A 62 -3.16 -14.49 -18.41
CA LEU A 62 -3.18 -13.17 -19.02
C LEU A 62 -2.28 -12.20 -18.26
N PHE A 63 -2.34 -12.23 -16.93
CA PHE A 63 -1.50 -11.33 -16.14
C PHE A 63 -0.02 -11.65 -16.35
N LEU A 64 0.34 -12.93 -16.37
CA LEU A 64 1.73 -13.29 -16.56
C LEU A 64 2.22 -12.93 -17.96
N GLU A 65 1.35 -13.04 -18.97
CA GLU A 65 1.74 -12.66 -20.31
C GLU A 65 1.93 -11.15 -20.42
N ALA A 66 1.04 -10.38 -19.81
CA ALA A 66 1.17 -8.92 -19.85
C ALA A 66 2.37 -8.46 -19.04
N GLU A 67 2.75 -9.22 -18.02
CA GLU A 67 3.88 -8.82 -17.19
C GLU A 67 5.21 -8.96 -17.94
N ASN A 68 5.41 -10.08 -18.60
CA ASN A 68 6.66 -10.33 -19.32
C ASN A 68 6.40 -11.28 -20.48
N PRO A 69 6.15 -10.77 -21.68
CA PRO A 69 5.76 -11.65 -22.79
C PRO A 69 6.87 -12.56 -23.28
N GLU A 70 8.08 -12.46 -22.74
CA GLU A 70 9.20 -13.24 -23.22
C GLU A 70 9.55 -14.43 -22.32
N LYS A 71 9.09 -14.43 -21.07
CA LYS A 71 9.45 -15.46 -20.12
C LYS A 71 8.36 -16.52 -20.06
N ASP A 72 8.77 -17.77 -19.94
CA ASP A 72 7.84 -18.89 -20.03
C ASP A 72 6.89 -18.91 -18.84
N ILE A 73 5.80 -19.66 -18.99
CA ILE A 73 4.82 -19.89 -17.94
C ILE A 73 4.75 -21.38 -17.69
N TYR A 74 4.81 -21.77 -16.41
CA TYR A 74 4.83 -23.18 -16.03
C TYR A 74 3.49 -23.55 -15.43
N LEU A 75 2.78 -24.47 -16.09
CA LEU A 75 1.46 -24.91 -15.66
C LEU A 75 1.56 -26.32 -15.09
N TYR A 76 1.39 -26.45 -13.78
CA TYR A 76 1.46 -27.74 -13.11
C TYR A 76 0.07 -28.37 -13.11
N ILE A 77 -0.06 -29.50 -13.77
CA ILE A 77 -1.35 -30.13 -14.02
C ILE A 77 -1.51 -31.34 -13.12
N ASN A 78 -2.56 -31.33 -12.30
CA ASN A 78 -2.99 -32.50 -11.53
C ASN A 78 -4.51 -32.46 -11.52
N SER A 79 -5.13 -33.11 -12.51
CA SER A 79 -6.56 -32.93 -12.66
C SER A 79 -7.24 -34.23 -13.10
N PRO A 80 -8.36 -34.60 -12.50
CA PRO A 80 -9.11 -35.77 -12.98
C PRO A 80 -10.00 -35.46 -14.17
N GLY A 81 -9.84 -34.33 -14.81
CA GLY A 81 -10.65 -33.97 -15.96
C GLY A 81 -11.52 -32.78 -15.65
N GLY A 82 -12.66 -32.71 -16.31
CA GLY A 82 -13.59 -31.64 -16.06
C GLY A 82 -14.42 -31.34 -17.30
N VAL A 83 -15.04 -30.17 -17.28
CA VAL A 83 -15.90 -29.73 -18.38
C VAL A 83 -15.04 -29.45 -19.60
N ILE A 84 -15.50 -29.90 -20.76
CA ILE A 84 -14.74 -29.67 -22.00
C ILE A 84 -14.67 -28.18 -22.30
N THR A 85 -15.75 -27.45 -22.03
CA THR A 85 -15.82 -26.03 -22.38
C THR A 85 -14.77 -25.22 -21.63
N ALA A 86 -14.74 -25.34 -20.30
CA ALA A 86 -13.77 -24.60 -19.51
C ALA A 86 -12.35 -24.96 -19.93
N GLY A 87 -12.10 -26.24 -20.19
CA GLY A 87 -10.79 -26.63 -20.66
C GLY A 87 -10.43 -26.00 -21.99
N MET A 88 -11.39 -25.89 -22.90
CA MET A 88 -11.13 -25.24 -24.18
C MET A 88 -10.84 -23.76 -24.00
N SER A 89 -11.43 -23.13 -22.99
CA SER A 89 -11.08 -21.74 -22.70
C SER A 89 -9.62 -21.62 -22.28
N ILE A 90 -9.18 -22.48 -21.35
CA ILE A 90 -7.78 -22.47 -20.94
C ILE A 90 -6.88 -22.76 -22.14
N TYR A 91 -7.29 -23.69 -23.00
CA TYR A 91 -6.48 -24.07 -24.15
C TYR A 91 -6.33 -22.91 -25.12
N ASP A 92 -7.43 -22.21 -25.42
CA ASP A 92 -7.37 -21.08 -26.32
C ASP A 92 -6.52 -19.96 -25.74
N THR A 93 -6.60 -19.74 -24.43
CA THR A 93 -5.77 -18.70 -23.82
C THR A 93 -4.30 -19.11 -23.84
N MET A 94 -4.02 -20.40 -23.72
CA MET A 94 -2.64 -20.88 -23.82
C MET A 94 -2.11 -20.69 -25.24
N GLN A 95 -2.92 -21.00 -26.24
CA GLN A 95 -2.48 -20.87 -27.63
C GLN A 95 -2.40 -19.42 -28.08
N PHE A 96 -3.15 -18.53 -27.43
CA PHE A 96 -3.22 -17.15 -27.91
C PHE A 96 -2.02 -16.33 -27.42
N ILE A 97 -1.70 -16.43 -26.13
CA ILE A 97 -0.71 -15.54 -25.54
C ILE A 97 0.66 -15.77 -26.17
N LYS A 98 1.54 -14.79 -26.02
CA LYS A 98 2.84 -14.84 -26.68
C LYS A 98 3.83 -15.79 -26.01
N PRO A 99 4.07 -15.72 -24.71
CA PRO A 99 5.12 -16.58 -24.12
C PRO A 99 4.76 -18.05 -24.19
N ASP A 100 5.80 -18.88 -24.28
CA ASP A 100 5.60 -20.32 -24.30
C ASP A 100 5.16 -20.81 -22.93
N VAL A 101 4.09 -21.58 -22.90
CA VAL A 101 3.57 -22.18 -21.67
C VAL A 101 4.01 -23.65 -21.64
N SER A 102 4.72 -24.01 -20.59
CA SER A 102 5.23 -25.36 -20.43
C SER A 102 4.39 -26.08 -19.38
N THR A 103 3.85 -27.23 -19.74
CA THR A 103 2.94 -27.98 -18.88
C THR A 103 3.67 -29.16 -18.25
N ILE A 104 3.60 -29.25 -16.93
CA ILE A 104 4.22 -30.33 -16.17
C ILE A 104 3.11 -31.14 -15.52
N CYS A 105 3.04 -32.43 -15.82
CA CYS A 105 2.00 -33.28 -15.29
C CYS A 105 2.50 -34.01 -14.05
N MET A 106 2.02 -33.58 -12.89
CA MET A 106 2.30 -34.27 -11.64
C MET A 106 1.00 -34.89 -11.14
N GLY A 107 1.10 -36.13 -10.67
CA GLY A 107 -0.10 -36.84 -10.26
C GLY A 107 -0.78 -37.51 -11.44
N GLN A 108 -1.88 -36.92 -11.92
CA GLN A 108 -2.64 -37.50 -13.00
C GLN A 108 -3.11 -36.43 -13.97
N ALA A 109 -3.67 -36.87 -15.09
CA ALA A 109 -4.25 -36.00 -16.11
C ALA A 109 -5.26 -36.83 -16.89
N ALA A 110 -6.55 -36.65 -16.60
CA ALA A 110 -7.61 -37.49 -17.15
C ALA A 110 -8.32 -36.80 -18.30
N SER A 111 -7.68 -36.82 -19.46
CA SER A 111 -8.23 -36.45 -20.77
C SER A 111 -8.43 -34.94 -20.84
N MET A 112 -8.50 -34.23 -19.72
CA MET A 112 -8.61 -32.78 -19.81
C MET A 112 -7.38 -32.12 -19.26
N GLY A 113 -6.95 -32.52 -18.07
CA GLY A 113 -5.57 -32.33 -17.71
C GLY A 113 -4.65 -32.89 -18.77
N ALA A 114 -5.03 -34.01 -19.38
CA ALA A 114 -4.22 -34.60 -20.44
C ALA A 114 -4.27 -33.77 -21.71
N PHE A 115 -5.46 -33.30 -22.10
CA PHE A 115 -5.54 -32.43 -23.26
C PHE A 115 -4.68 -31.17 -23.07
N LEU A 116 -4.82 -30.53 -21.92
CA LEU A 116 -4.04 -29.32 -21.66
C LEU A 116 -2.56 -29.63 -21.53
N LEU A 117 -2.21 -30.84 -21.10
CA LEU A 117 -0.81 -31.22 -21.02
C LEU A 117 -0.19 -31.36 -22.41
N THR A 118 -0.87 -32.08 -23.30
CA THR A 118 -0.40 -32.16 -24.68
C THR A 118 -0.49 -30.82 -25.39
N ALA A 119 -1.28 -29.88 -24.86
CA ALA A 119 -1.44 -28.58 -25.49
C ALA A 119 -0.32 -27.60 -25.13
N GLY A 120 0.68 -28.02 -24.37
CA GLY A 120 1.76 -27.14 -24.02
C GLY A 120 2.66 -26.83 -25.21
N ALA A 121 3.62 -25.95 -24.96
CA ALA A 121 4.58 -25.59 -25.99
C ALA A 121 5.43 -26.80 -26.36
N LYS A 122 5.60 -27.03 -27.66
CA LYS A 122 6.31 -28.20 -28.13
C LYS A 122 7.75 -28.18 -27.62
N GLY A 123 8.20 -29.33 -27.12
CA GLY A 123 9.51 -29.45 -26.52
C GLY A 123 9.57 -29.08 -25.06
N LYS A 124 8.49 -28.53 -24.51
CA LYS A 124 8.46 -28.10 -23.12
C LYS A 124 7.34 -28.77 -22.34
N ARG A 125 6.79 -29.87 -22.83
CA ARG A 125 5.76 -30.61 -22.13
C ARG A 125 6.42 -31.77 -21.39
N PHE A 126 6.53 -31.66 -20.07
CA PHE A 126 7.17 -32.66 -19.25
C PHE A 126 6.13 -33.35 -18.37
N CYS A 127 6.47 -34.55 -17.91
CA CYS A 127 5.66 -35.28 -16.95
C CYS A 127 6.57 -36.03 -16.00
N LEU A 128 6.21 -36.04 -14.72
CA LEU A 128 7.02 -36.70 -13.71
C LEU A 128 6.98 -38.21 -13.90
N PRO A 129 8.01 -38.93 -13.45
CA PRO A 129 8.14 -40.34 -13.82
C PRO A 129 7.00 -41.23 -13.33
N ASN A 130 6.30 -40.85 -12.26
CA ASN A 130 5.22 -41.65 -11.72
C ASN A 130 3.86 -41.07 -11.99
N SER A 131 3.74 -40.14 -12.94
CA SER A 131 2.44 -39.59 -13.28
C SER A 131 1.64 -40.60 -14.11
N ARG A 132 0.34 -40.41 -14.14
CA ARG A 132 -0.58 -41.25 -14.88
C ARG A 132 -1.41 -40.38 -15.81
N VAL A 133 -1.48 -40.76 -17.08
CA VAL A 133 -2.21 -39.99 -18.08
C VAL A 133 -3.28 -40.89 -18.69
N MET A 134 -4.49 -40.35 -18.78
CA MET A 134 -5.61 -41.06 -19.39
C MET A 134 -6.26 -40.16 -20.43
N ILE A 135 -6.68 -40.76 -21.54
CA ILE A 135 -7.38 -40.06 -22.60
C ILE A 135 -8.63 -40.86 -22.97
N HIS A 136 -9.70 -40.15 -23.31
CA HIS A 136 -10.95 -40.79 -23.67
C HIS A 136 -11.83 -39.79 -24.41
N GLN A 137 -12.82 -40.32 -25.12
CA GLN A 137 -13.77 -39.48 -25.82
C GLN A 137 -14.62 -38.71 -24.81
N PRO A 138 -15.12 -37.53 -25.16
CA PRO A 138 -15.87 -36.74 -24.19
C PRO A 138 -17.19 -37.38 -23.82
N LEU A 139 -17.65 -37.07 -22.60
CA LEU A 139 -18.93 -37.55 -22.10
C LEU A 139 -19.96 -36.43 -22.19
N GLY A 140 -21.23 -36.81 -22.03
CA GLY A 140 -22.29 -35.84 -22.08
C GLY A 140 -23.64 -36.52 -22.01
N GLY A 141 -24.67 -35.81 -22.46
CA GLY A 141 -25.99 -36.37 -22.48
C GLY A 141 -27.04 -35.29 -22.57
N TYR A 142 -28.27 -35.72 -22.81
CA TYR A 142 -29.40 -34.81 -22.90
C TYR A 142 -30.70 -35.60 -22.76
N GLN A 143 -31.70 -34.96 -22.17
CA GLN A 143 -33.04 -35.53 -22.05
C GLN A 143 -34.05 -34.56 -22.64
N GLY A 144 -34.95 -35.07 -23.47
CA GLY A 144 -35.94 -34.22 -24.09
C GLY A 144 -36.52 -34.89 -25.33
N GLN A 145 -37.07 -34.05 -26.21
CA GLN A 145 -37.67 -34.52 -27.43
C GLN A 145 -36.60 -35.09 -28.37
N ALA A 146 -37.06 -35.87 -29.36
CA ALA A 146 -36.14 -36.52 -30.27
C ALA A 146 -35.34 -35.52 -31.08
N THR A 147 -35.97 -34.39 -31.45
CA THR A 147 -35.26 -33.39 -32.23
C THR A 147 -34.12 -32.75 -31.43
N ASP A 148 -34.39 -32.37 -30.19
CA ASP A 148 -33.33 -31.83 -29.34
C ASP A 148 -32.27 -32.87 -29.04
N ILE A 149 -32.66 -34.13 -28.88
CA ILE A 149 -31.68 -35.20 -28.70
C ILE A 149 -30.75 -35.26 -29.90
N GLU A 150 -31.31 -35.20 -31.11
CA GLU A 150 -30.49 -35.24 -32.32
C GLU A 150 -29.56 -34.04 -32.38
N ILE A 151 -30.07 -32.86 -32.03
CA ILE A 151 -29.25 -31.65 -32.08
C ILE A 151 -28.06 -31.79 -31.12
N HIS A 152 -28.33 -32.18 -29.88
CA HIS A 152 -27.25 -32.28 -28.89
C HIS A 152 -26.29 -33.41 -29.22
N ALA A 153 -26.78 -34.49 -29.84
CA ALA A 153 -25.89 -35.57 -30.24
C ALA A 153 -24.97 -35.13 -31.36
N ARG A 154 -25.50 -34.42 -32.35
CA ARG A 154 -24.64 -33.88 -33.40
C ARG A 154 -23.62 -32.92 -32.82
N GLU A 155 -24.02 -32.12 -31.84
CA GLU A 155 -23.09 -31.18 -31.24
C GLU A 155 -21.97 -31.91 -30.49
N ILE A 156 -22.31 -32.93 -29.72
CA ILE A 156 -21.28 -33.63 -28.96
C ILE A 156 -20.37 -34.43 -29.91
N LEU A 157 -20.91 -34.91 -31.02
CA LEU A 157 -20.07 -35.57 -32.02
C LEU A 157 -19.10 -34.59 -32.65
N LYS A 158 -19.57 -33.38 -32.97
CA LYS A 158 -18.69 -32.36 -33.51
C LYS A 158 -17.60 -31.99 -32.51
N VAL A 159 -17.96 -31.92 -31.22
CA VAL A 159 -16.98 -31.60 -30.20
C VAL A 159 -15.93 -32.71 -30.10
N LYS A 160 -16.38 -33.96 -30.13
CA LYS A 160 -15.45 -35.08 -30.10
C LYS A 160 -14.50 -35.05 -31.30
N GLY A 161 -15.04 -34.76 -32.49
CA GLY A 161 -14.20 -34.67 -33.67
C GLY A 161 -13.18 -33.55 -33.56
N ARG A 162 -13.60 -32.40 -33.05
CA ARG A 162 -12.68 -31.28 -32.88
C ARG A 162 -11.58 -31.62 -31.89
N MET A 163 -11.93 -32.28 -30.80
CA MET A 163 -10.93 -32.67 -29.81
C MET A 163 -9.95 -33.69 -30.39
N ASN A 164 -10.46 -34.64 -31.17
CA ASN A 164 -9.56 -35.59 -31.81
C ASN A 164 -8.62 -34.91 -32.79
N GLU A 165 -9.13 -33.94 -33.56
CA GLU A 165 -8.28 -33.20 -34.47
C GLU A 165 -7.19 -32.45 -33.71
N LEU A 166 -7.57 -31.77 -32.63
CA LEU A 166 -6.58 -31.00 -31.88
C LEU A 166 -5.53 -31.90 -31.25
N MET A 167 -5.94 -33.07 -30.74
CA MET A 167 -4.98 -33.98 -30.14
C MET A 167 -4.05 -34.58 -31.19
N ALA A 168 -4.59 -34.94 -32.36
CA ALA A 168 -3.76 -35.46 -33.43
C ALA A 168 -2.78 -34.40 -33.92
N LEU A 169 -3.16 -33.13 -33.81
CA LEU A 169 -2.25 -32.06 -34.19
C LEU A 169 -1.13 -31.90 -33.16
N HIS A 170 -1.49 -31.92 -31.88
CA HIS A 170 -0.52 -31.61 -30.84
C HIS A 170 0.42 -32.77 -30.54
N THR A 171 -0.03 -34.01 -30.74
CA THR A 171 0.81 -35.16 -30.40
C THR A 171 1.57 -35.72 -31.59
N GLY A 172 1.18 -35.37 -32.81
CA GLY A 172 1.83 -35.90 -34.00
C GLY A 172 1.26 -37.20 -34.51
N GLN A 173 0.44 -37.89 -33.72
CA GLN A 173 -0.19 -39.11 -34.19
C GLN A 173 -1.23 -38.80 -35.25
N SER A 174 -1.51 -39.80 -36.09
CA SER A 174 -2.52 -39.62 -37.12
C SER A 174 -3.90 -39.55 -36.49
N LEU A 175 -4.82 -38.87 -37.20
CA LEU A 175 -6.16 -38.68 -36.68
C LEU A 175 -6.87 -40.01 -36.46
N GLU A 176 -6.66 -40.97 -37.35
CA GLU A 176 -7.29 -42.28 -37.19
C GLU A 176 -6.73 -43.01 -35.98
N GLN A 177 -5.44 -42.85 -35.72
CA GLN A 177 -4.85 -43.48 -34.54
C GLN A 177 -5.43 -42.90 -33.26
N ILE A 178 -5.57 -41.59 -33.18
CA ILE A 178 -6.19 -40.97 -32.01
C ILE A 178 -7.63 -41.42 -31.88
N GLU A 179 -8.35 -41.49 -33.01
CA GLU A 179 -9.74 -41.90 -32.97
C GLU A 179 -9.90 -43.33 -32.46
N ARG A 180 -8.96 -44.21 -32.83
CA ARG A 180 -9.05 -45.59 -32.37
C ARG A 180 -8.58 -45.73 -30.93
N ASP A 181 -7.65 -44.88 -30.51
CA ASP A 181 -7.12 -44.97 -29.14
C ASP A 181 -8.05 -44.39 -28.10
N THR A 182 -8.74 -43.29 -28.41
CA THR A 182 -9.60 -42.63 -27.44
C THR A 182 -11.02 -43.16 -27.45
N GLU A 183 -11.27 -44.31 -28.09
CA GLU A 183 -12.60 -44.91 -28.03
C GLU A 183 -12.93 -45.34 -26.61
N ARG A 184 -11.93 -45.82 -25.87
CA ARG A 184 -12.08 -46.18 -24.47
C ARG A 184 -10.98 -45.50 -23.68
N ASP A 185 -11.05 -45.65 -22.35
CA ASP A 185 -10.03 -45.07 -21.50
C ASP A 185 -8.68 -45.72 -21.77
N ARG A 186 -7.71 -44.90 -22.16
CA ARG A 186 -6.35 -45.36 -22.43
C ARG A 186 -5.42 -44.78 -21.38
N PHE A 187 -4.90 -45.65 -20.52
CA PHE A 187 -3.99 -45.25 -19.46
C PHE A 187 -2.55 -45.33 -19.94
N LEU A 188 -1.81 -44.24 -19.78
CA LEU A 188 -0.43 -44.15 -20.20
C LEU A 188 0.43 -43.69 -19.04
N SER A 189 1.48 -44.46 -18.75
CA SER A 189 2.45 -44.03 -17.77
C SER A 189 3.37 -42.98 -18.39
N ALA A 190 4.35 -42.54 -17.61
CA ALA A 190 5.28 -41.52 -18.11
C ALA A 190 6.07 -41.97 -19.34
N PRO A 191 6.71 -43.14 -19.36
CA PRO A 191 7.40 -43.54 -20.59
C PRO A 191 6.48 -43.78 -21.76
N GLU A 192 5.32 -44.38 -21.52
CA GLU A 192 4.35 -44.57 -22.61
C GLU A 192 3.80 -43.24 -23.11
N ALA A 193 3.64 -42.26 -22.21
CA ALA A 193 3.19 -40.95 -22.65
C ALA A 193 4.27 -40.25 -23.46
N VAL A 194 5.53 -40.42 -23.09
CA VAL A 194 6.62 -39.82 -23.85
C VAL A 194 6.70 -40.44 -25.23
N GLU A 195 6.62 -41.77 -25.30
CA GLU A 195 6.70 -42.46 -26.59
C GLU A 195 5.48 -42.15 -27.44
N TYR A 196 4.33 -41.96 -26.81
CA TYR A 196 3.09 -41.71 -27.56
C TYR A 196 3.12 -40.33 -28.21
N GLY A 197 3.79 -39.37 -27.58
CA GLY A 197 3.84 -38.02 -28.07
C GLY A 197 3.10 -37.00 -27.23
N LEU A 198 2.48 -37.41 -26.12
CA LEU A 198 1.78 -36.45 -25.27
C LEU A 198 2.75 -35.47 -24.63
N VAL A 199 3.86 -35.97 -24.10
CA VAL A 199 4.88 -35.14 -23.48
C VAL A 199 6.20 -35.35 -24.20
N ASP A 200 7.15 -34.47 -23.93
CA ASP A 200 8.42 -34.50 -24.64
C ASP A 200 9.51 -35.23 -23.86
N SER A 201 9.49 -35.15 -22.53
CA SER A 201 10.51 -35.80 -21.73
C SER A 201 10.01 -35.93 -20.30
N ILE A 202 10.80 -36.59 -19.47
CA ILE A 202 10.45 -36.86 -18.07
C ILE A 202 11.43 -36.13 -17.17
N LEU A 203 10.90 -35.36 -16.23
CA LEU A 203 11.73 -34.72 -15.22
C LEU A 203 12.11 -35.73 -14.15
N THR A 204 13.42 -35.91 -13.95
CA THR A 204 13.91 -36.91 -13.02
C THR A 204 14.61 -36.28 -11.83
N HIS A 205 15.60 -35.41 -12.06
CA HIS A 205 16.37 -34.80 -10.99
C HIS A 205 16.82 -33.42 -11.41
N ARG A 206 17.41 -32.68 -10.46
CA ARG A 206 17.92 -31.36 -10.73
C ARG A 206 19.14 -31.42 -11.65
N ALA B 15 -5.78 -16.39 -0.35
CA ALA B 15 -6.16 -17.78 -0.14
C ALA B 15 -6.38 -18.48 -1.48
N LEU B 16 -7.63 -18.87 -1.74
CA LEU B 16 -7.95 -19.52 -3.00
C LEU B 16 -7.67 -18.59 -4.18
N VAL B 17 -7.80 -17.28 -3.97
CA VAL B 17 -7.57 -16.29 -5.02
C VAL B 17 -6.15 -15.73 -4.83
N PRO B 18 -5.40 -15.53 -5.90
CA PRO B 18 -4.03 -15.04 -5.75
C PRO B 18 -3.97 -13.53 -5.59
N MET B 19 -2.84 -13.06 -5.08
CA MET B 19 -2.54 -11.64 -4.98
C MET B 19 -1.39 -11.29 -5.91
N VAL B 20 -1.38 -10.04 -6.37
CA VAL B 20 -0.38 -9.58 -7.32
C VAL B 20 0.26 -8.30 -6.80
N ILE B 21 1.40 -7.95 -7.39
CA ILE B 21 2.17 -6.77 -7.00
C ILE B 21 2.44 -5.94 -8.24
N GLU B 22 2.15 -4.65 -8.15
CA GLU B 22 2.43 -3.70 -9.22
C GLU B 22 2.89 -2.39 -8.61
N GLN B 23 3.78 -1.69 -9.32
CA GLN B 23 4.43 -0.50 -8.80
C GLN B 23 4.07 0.72 -9.64
N THR B 24 3.50 1.73 -9.00
CA THR B 24 3.28 3.02 -9.67
C THR B 24 4.10 4.12 -9.01
N SER B 25 3.86 4.35 -7.73
CA SER B 25 4.57 5.42 -7.01
C SER B 25 5.41 4.85 -5.87
N ARG B 26 4.79 4.11 -4.96
CA ARG B 26 5.50 3.56 -3.81
C ARG B 26 5.95 2.12 -4.05
N GLY B 27 5.42 1.47 -5.07
CA GLY B 27 5.73 0.09 -5.33
C GLY B 27 5.11 -0.87 -4.33
N GLU B 28 3.90 -0.55 -3.87
CA GLU B 28 3.22 -1.36 -2.87
C GLU B 28 1.72 -1.39 -3.19
N ARG B 29 1.32 -2.40 -3.96
CA ARG B 29 -0.05 -2.56 -4.41
C ARG B 29 -0.37 -4.04 -4.51
N SER B 30 -1.20 -4.53 -3.59
CA SER B 30 -1.59 -5.93 -3.58
C SER B 30 -3.10 -6.04 -3.72
N PHE B 31 -3.55 -6.43 -4.90
CA PHE B 31 -4.95 -6.72 -5.14
C PHE B 31 -5.11 -8.19 -5.45
N ASP B 32 -6.30 -8.73 -5.20
CA ASP B 32 -6.68 -9.97 -5.83
C ASP B 32 -6.62 -9.81 -7.34
N ILE B 33 -6.26 -10.88 -8.04
CA ILE B 33 -5.99 -10.78 -9.47
C ILE B 33 -7.20 -10.26 -10.22
N TYR B 34 -8.41 -10.53 -9.72
CA TYR B 34 -9.60 -10.00 -10.37
C TYR B 34 -9.66 -8.49 -10.26
N SER B 35 -9.31 -7.92 -9.11
CA SER B 35 -9.25 -6.47 -9.01
C SER B 35 -8.15 -5.89 -9.88
N ARG B 36 -7.01 -6.58 -9.98
CA ARG B 36 -5.94 -6.10 -10.84
C ARG B 36 -6.39 -6.06 -12.28
N LEU B 37 -7.12 -7.07 -12.73
CA LEU B 37 -7.62 -7.05 -14.11
C LEU B 37 -8.73 -6.03 -14.30
N LEU B 38 -9.58 -5.83 -13.28
CA LEU B 38 -10.58 -4.78 -13.35
C LEU B 38 -9.93 -3.41 -13.50
N LYS B 39 -8.80 -3.21 -12.83
CA LYS B 39 -8.05 -1.96 -12.98
C LYS B 39 -7.64 -1.72 -14.43
N GLU B 40 -7.48 -2.77 -15.22
CA GLU B 40 -7.18 -2.66 -16.64
C GLU B 40 -8.45 -2.69 -17.49
N ARG B 41 -9.61 -2.41 -16.90
CA ARG B 41 -10.88 -2.37 -17.61
C ARG B 41 -11.22 -3.74 -18.23
N VAL B 42 -11.04 -4.80 -17.44
CA VAL B 42 -11.37 -6.15 -17.85
C VAL B 42 -12.35 -6.72 -16.84
N ILE B 43 -13.56 -7.06 -17.30
CA ILE B 43 -14.62 -7.58 -16.45
C ILE B 43 -14.90 -9.02 -16.86
N PHE B 44 -15.00 -9.90 -15.88
CA PHE B 44 -15.26 -11.31 -16.11
C PHE B 44 -16.71 -11.64 -15.83
N LEU B 45 -17.38 -12.25 -16.81
CA LEU B 45 -18.73 -12.77 -16.64
C LEU B 45 -18.64 -14.28 -16.78
N THR B 46 -18.60 -14.98 -15.65
CA THR B 46 -18.45 -16.43 -15.65
C THR B 46 -19.58 -17.06 -14.85
N GLY B 47 -19.85 -18.32 -15.16
CA GLY B 47 -20.86 -19.06 -14.44
C GLY B 47 -22.27 -18.63 -14.82
N GLN B 48 -23.22 -19.14 -14.03
CA GLN B 48 -24.63 -18.83 -14.25
C GLN B 48 -24.88 -17.34 -14.06
N VAL B 49 -25.87 -16.82 -14.76
CA VAL B 49 -26.27 -15.42 -14.64
C VAL B 49 -27.44 -15.32 -13.69
N GLU B 50 -27.24 -14.64 -12.56
CA GLU B 50 -28.29 -14.45 -11.58
C GLU B 50 -28.27 -12.99 -11.12
N ASP B 51 -29.08 -12.70 -10.10
CA ASP B 51 -29.27 -11.31 -9.69
C ASP B 51 -28.00 -10.70 -9.11
N HIS B 52 -27.34 -11.40 -8.20
CA HIS B 52 -26.20 -10.80 -7.51
C HIS B 52 -24.98 -10.70 -8.42
N MET B 53 -24.73 -11.72 -9.23
CA MET B 53 -23.63 -11.64 -10.18
C MET B 53 -23.84 -10.52 -11.19
N ALA B 54 -25.06 -10.40 -11.70
CA ALA B 54 -25.35 -9.33 -12.64
C ALA B 54 -25.24 -7.97 -11.98
N ASN B 55 -25.65 -7.87 -10.71
CA ASN B 55 -25.51 -6.61 -10.00
C ASN B 55 -24.05 -6.24 -9.83
N LEU B 56 -23.20 -7.22 -9.54
CA LEU B 56 -21.78 -6.96 -9.43
C LEU B 56 -21.19 -6.51 -10.77
N ILE B 57 -21.60 -7.15 -11.86
CA ILE B 57 -21.12 -6.75 -13.18
C ILE B 57 -21.56 -5.33 -13.50
N VAL B 58 -22.81 -4.99 -13.16
CA VAL B 58 -23.31 -3.65 -13.41
C VAL B 58 -22.54 -2.62 -12.60
N ALA B 59 -22.24 -2.93 -11.34
CA ALA B 59 -21.46 -2.02 -10.52
C ALA B 59 -20.06 -1.82 -11.11
N GLN B 60 -19.44 -2.90 -11.56
CA GLN B 60 -18.12 -2.78 -12.17
C GLN B 60 -18.16 -1.92 -13.42
N MET B 61 -19.18 -2.12 -14.26
CA MET B 61 -19.27 -1.34 -15.49
C MET B 61 -19.53 0.13 -15.20
N LEU B 62 -20.38 0.41 -14.20
CA LEU B 62 -20.62 1.81 -13.83
C LEU B 62 -19.36 2.46 -13.31
N PHE B 63 -18.60 1.75 -12.48
CA PHE B 63 -17.36 2.32 -11.96
C PHE B 63 -16.36 2.57 -13.08
N LEU B 64 -16.22 1.63 -14.00
CA LEU B 64 -15.29 1.80 -15.10
C LEU B 64 -15.71 2.95 -16.02
N GLU B 65 -17.02 3.12 -16.22
CA GLU B 65 -17.49 4.22 -17.06
C GLU B 65 -17.23 5.55 -16.38
N ALA B 66 -17.48 5.64 -15.08
CA ALA B 66 -17.25 6.90 -14.36
C ALA B 66 -15.76 7.20 -14.27
N GLU B 67 -14.92 6.16 -14.28
CA GLU B 67 -13.48 6.38 -14.16
C GLU B 67 -12.91 7.00 -15.43
N ASN B 68 -13.27 6.47 -16.59
CA ASN B 68 -12.75 6.97 -17.86
C ASN B 68 -13.76 6.70 -18.97
N PRO B 69 -14.64 7.66 -19.27
CA PRO B 69 -15.72 7.39 -20.23
C PRO B 69 -15.24 7.17 -21.67
N GLU B 70 -13.95 7.33 -21.94
CA GLU B 70 -13.44 7.23 -23.30
C GLU B 70 -12.76 5.91 -23.60
N LYS B 71 -12.35 5.15 -22.58
CA LYS B 71 -11.61 3.92 -22.77
C LYS B 71 -12.56 2.73 -22.73
N ASP B 72 -12.30 1.76 -23.60
CA ASP B 72 -13.20 0.62 -23.75
C ASP B 72 -13.23 -0.25 -22.51
N ILE B 73 -14.26 -1.08 -22.42
CA ILE B 73 -14.41 -2.07 -21.36
C ILE B 73 -14.48 -3.44 -22.00
N TYR B 74 -13.71 -4.38 -21.47
CA TYR B 74 -13.61 -5.72 -22.04
C TYR B 74 -14.35 -6.70 -21.13
N LEU B 75 -15.39 -7.32 -21.66
CA LEU B 75 -16.23 -8.25 -20.91
C LEU B 75 -15.96 -9.66 -21.41
N TYR B 76 -15.31 -10.47 -20.58
CA TYR B 76 -14.99 -11.85 -20.93
C TYR B 76 -16.15 -12.75 -20.50
N ILE B 77 -16.79 -13.38 -21.48
CA ILE B 77 -18.02 -14.12 -21.28
C ILE B 77 -17.73 -15.62 -21.31
N ASN B 78 -18.06 -16.30 -20.22
CA ASN B 78 -18.06 -17.77 -20.17
C ASN B 78 -19.24 -18.16 -19.30
N SER B 79 -20.41 -18.36 -19.92
CA SER B 79 -21.61 -18.53 -19.13
C SER B 79 -22.54 -19.55 -19.75
N PRO B 80 -23.10 -20.47 -18.97
CA PRO B 80 -24.11 -21.39 -19.51
C PRO B 80 -25.51 -20.79 -19.58
N GLY B 81 -25.64 -19.48 -19.43
CA GLY B 81 -26.94 -18.84 -19.48
C GLY B 81 -27.29 -18.26 -18.14
N GLY B 82 -28.58 -18.17 -17.87
CA GLY B 82 -29.06 -17.67 -16.60
C GLY B 82 -30.42 -17.03 -16.74
N VAL B 83 -30.78 -16.26 -15.73
CA VAL B 83 -32.07 -15.58 -15.69
C VAL B 83 -32.10 -14.50 -16.76
N ILE B 84 -33.22 -14.41 -17.47
CA ILE B 84 -33.35 -13.39 -18.52
C ILE B 84 -33.31 -12.00 -17.91
N THR B 85 -33.92 -11.84 -16.73
CA THR B 85 -34.03 -10.52 -16.12
C THR B 85 -32.65 -9.94 -15.78
N ALA B 86 -31.85 -10.70 -15.05
CA ALA B 86 -30.52 -10.21 -14.68
C ALA B 86 -29.69 -9.92 -15.92
N GLY B 87 -29.79 -10.76 -16.94
CA GLY B 87 -29.09 -10.49 -18.18
C GLY B 87 -29.55 -9.21 -18.85
N MET B 88 -30.85 -8.92 -18.81
CA MET B 88 -31.34 -7.68 -19.38
C MET B 88 -30.84 -6.47 -18.59
N SER B 89 -30.62 -6.62 -17.29
CA SER B 89 -30.03 -5.54 -16.53
C SER B 89 -28.61 -5.25 -17.02
N ILE B 90 -27.79 -6.30 -17.16
CA ILE B 90 -26.44 -6.12 -17.68
C ILE B 90 -26.48 -5.51 -19.08
N TYR B 91 -27.44 -5.94 -19.90
CA TYR B 91 -27.54 -5.46 -21.27
C TYR B 91 -27.88 -3.97 -21.30
N ASP B 92 -28.85 -3.57 -20.48
CA ASP B 92 -29.23 -2.16 -20.43
C ASP B 92 -28.08 -1.30 -19.92
N THR B 93 -27.33 -1.80 -18.94
CA THR B 93 -26.19 -1.03 -18.45
C THR B 93 -25.09 -0.96 -19.51
N MET B 94 -24.93 -2.01 -20.32
CA MET B 94 -23.97 -1.96 -21.41
C MET B 94 -24.39 -0.95 -22.46
N GLN B 95 -25.67 -0.92 -22.81
CA GLN B 95 -26.14 0.00 -23.84
C GLN B 95 -26.19 1.44 -23.34
N PHE B 96 -26.30 1.64 -22.02
CA PHE B 96 -26.48 2.99 -21.51
C PHE B 96 -25.17 3.74 -21.41
N ILE B 97 -24.13 3.10 -20.85
CA ILE B 97 -22.90 3.81 -20.54
C ILE B 97 -22.24 4.32 -21.81
N LYS B 98 -21.34 5.29 -21.65
CA LYS B 98 -20.73 5.92 -22.81
C LYS B 98 -19.65 5.08 -23.48
N PRO B 99 -18.65 4.54 -22.77
CA PRO B 99 -17.57 3.83 -23.47
C PRO B 99 -18.05 2.57 -24.14
N ASP B 100 -17.38 2.22 -25.23
CA ASP B 100 -17.71 0.99 -25.95
C ASP B 100 -17.28 -0.23 -25.14
N VAL B 101 -18.20 -1.17 -24.96
CA VAL B 101 -17.92 -2.41 -24.25
C VAL B 101 -17.71 -3.51 -25.29
N SER B 102 -16.55 -4.14 -25.25
CA SER B 102 -16.21 -5.21 -26.18
C SER B 102 -16.30 -6.54 -25.48
N THR B 103 -17.08 -7.46 -26.05
CA THR B 103 -17.35 -8.74 -25.43
C THR B 103 -16.52 -9.83 -26.12
N ILE B 104 -15.79 -10.60 -25.32
CA ILE B 104 -14.96 -11.69 -25.80
C ILE B 104 -15.52 -12.98 -25.23
N CYS B 105 -15.91 -13.90 -26.10
CA CYS B 105 -16.50 -15.16 -25.69
C CYS B 105 -15.43 -16.24 -25.61
N MET B 106 -15.07 -16.61 -24.39
CA MET B 106 -14.16 -17.72 -24.16
C MET B 106 -14.94 -18.83 -23.48
N GLY B 107 -14.72 -20.07 -23.93
CA GLY B 107 -15.49 -21.18 -23.43
C GLY B 107 -16.81 -21.32 -24.14
N GLN B 108 -17.90 -20.90 -23.50
CA GLN B 108 -19.23 -21.03 -24.08
C GLN B 108 -20.06 -19.79 -23.81
N ALA B 109 -21.24 -19.75 -24.44
CA ALA B 109 -22.21 -18.69 -24.24
C ALA B 109 -23.58 -19.25 -24.63
N ALA B 110 -24.40 -19.60 -23.65
CA ALA B 110 -25.64 -20.29 -23.87
C ALA B 110 -26.84 -19.34 -23.79
N SER B 111 -27.04 -18.60 -24.88
CA SER B 111 -28.22 -17.80 -25.18
C SER B 111 -28.26 -16.58 -24.26
N MET B 112 -27.56 -16.57 -23.13
CA MET B 112 -27.56 -15.37 -22.31
C MET B 112 -26.16 -14.77 -22.27
N GLY B 113 -25.15 -15.58 -22.01
CA GLY B 113 -23.82 -15.23 -22.45
C GLY B 113 -23.81 -14.90 -23.92
N ALA B 114 -24.59 -15.62 -24.71
CA ALA B 114 -24.66 -15.35 -26.15
C ALA B 114 -25.38 -14.04 -26.44
N PHE B 115 -26.50 -13.79 -25.76
CA PHE B 115 -27.17 -12.51 -25.95
C PHE B 115 -26.26 -11.35 -25.59
N LEU B 116 -25.59 -11.43 -24.44
CA LEU B 116 -24.68 -10.35 -24.04
C LEU B 116 -23.47 -10.27 -24.95
N LEU B 117 -23.07 -11.38 -25.56
CA LEU B 117 -21.96 -11.36 -26.50
C LEU B 117 -22.33 -10.60 -27.76
N THR B 118 -23.49 -10.93 -28.35
CA THR B 118 -23.96 -10.17 -29.51
C THR B 118 -24.32 -8.74 -29.14
N ALA B 119 -24.52 -8.45 -27.86
CA ALA B 119 -24.87 -7.11 -27.41
C ALA B 119 -23.68 -6.19 -27.26
N GLY B 120 -22.48 -6.64 -27.60
CA GLY B 120 -21.31 -5.80 -27.48
C GLY B 120 -21.28 -4.71 -28.53
N ALA B 121 -20.29 -3.84 -28.42
CA ALA B 121 -20.12 -2.76 -29.38
C ALA B 121 -19.81 -3.35 -30.76
N LYS B 122 -20.49 -2.83 -31.77
CA LYS B 122 -20.34 -3.36 -33.12
C LYS B 122 -18.90 -3.21 -33.59
N GLY B 123 -18.37 -4.27 -34.18
CA GLY B 123 -16.99 -4.31 -34.60
C GLY B 123 -16.01 -4.73 -33.53
N LYS B 124 -16.46 -4.86 -32.28
CA LYS B 124 -15.59 -5.21 -31.17
C LYS B 124 -16.07 -6.46 -30.44
N ARG B 125 -16.93 -7.25 -31.06
CA ARG B 125 -17.40 -8.51 -30.47
C ARG B 125 -16.56 -9.65 -31.03
N PHE B 126 -15.66 -10.18 -30.22
CA PHE B 126 -14.76 -11.25 -30.63
C PHE B 126 -15.12 -12.54 -29.91
N CYS B 127 -14.71 -13.66 -30.48
CA CYS B 127 -14.85 -14.96 -29.85
C CYS B 127 -13.64 -15.81 -30.19
N LEU B 128 -13.15 -16.56 -29.21
CA LEU B 128 -11.97 -17.38 -29.41
C LEU B 128 -12.28 -18.54 -30.35
N PRO B 129 -11.27 -19.08 -31.04
CA PRO B 129 -11.56 -20.02 -32.14
C PRO B 129 -12.25 -21.30 -31.70
N ASN B 130 -12.11 -21.71 -30.45
CA ASN B 130 -12.72 -22.94 -29.97
C ASN B 130 -13.90 -22.70 -29.04
N SER B 131 -14.46 -21.49 -29.06
CA SER B 131 -15.63 -21.23 -28.23
C SER B 131 -16.86 -21.85 -28.87
N ARG B 132 -17.89 -22.03 -28.05
CA ARG B 132 -19.16 -22.60 -28.48
C ARG B 132 -20.28 -21.65 -28.10
N VAL B 133 -21.15 -21.34 -29.06
CA VAL B 133 -22.25 -20.41 -28.84
C VAL B 133 -23.55 -21.13 -29.11
N MET B 134 -24.51 -20.98 -28.20
CA MET B 134 -25.83 -21.56 -28.35
C MET B 134 -26.88 -20.48 -28.13
N ILE B 135 -27.95 -20.53 -28.92
CA ILE B 135 -29.07 -19.61 -28.79
C ILE B 135 -30.36 -20.42 -28.77
N HIS B 136 -31.34 -19.95 -27.99
CA HIS B 136 -32.60 -20.64 -27.90
C HIS B 136 -33.64 -19.69 -27.30
N GLN B 137 -34.91 -20.03 -27.48
CA GLN B 137 -35.99 -19.25 -26.91
C GLN B 137 -35.96 -19.36 -25.40
N PRO B 138 -36.43 -18.35 -24.67
CA PRO B 138 -36.34 -18.40 -23.21
C PRO B 138 -37.23 -19.48 -22.61
N LEU B 139 -36.82 -19.96 -21.44
CA LEU B 139 -37.57 -20.95 -20.68
C LEU B 139 -38.32 -20.27 -19.54
N GLY B 140 -39.26 -21.00 -18.96
CA GLY B 140 -40.03 -20.47 -17.86
C GLY B 140 -41.11 -21.44 -17.45
N GLY B 141 -42.12 -20.91 -16.76
CA GLY B 141 -43.24 -21.73 -16.34
C GLY B 141 -43.99 -21.07 -15.22
N TYR B 142 -45.15 -21.64 -14.93
CA TYR B 142 -46.00 -21.16 -13.85
C TYR B 142 -47.03 -22.22 -13.49
N GLN B 143 -47.39 -22.28 -12.21
CA GLN B 143 -48.42 -23.17 -11.71
C GLN B 143 -49.47 -22.35 -10.98
N GLY B 144 -50.73 -22.59 -11.28
CA GLY B 144 -51.80 -21.86 -10.63
C GLY B 144 -53.09 -21.94 -11.44
N GLN B 145 -53.95 -20.96 -11.22
CA GLN B 145 -55.22 -20.90 -11.90
C GLN B 145 -55.02 -20.60 -13.38
N ALA B 146 -56.06 -20.87 -14.17
CA ALA B 146 -55.96 -20.69 -15.61
C ALA B 146 -55.72 -19.24 -15.99
N THR B 147 -56.31 -18.31 -15.25
CA THR B 147 -56.11 -16.90 -15.55
C THR B 147 -54.67 -16.48 -15.34
N ASP B 148 -54.08 -16.86 -14.20
CA ASP B 148 -52.68 -16.54 -13.96
C ASP B 148 -51.77 -17.26 -14.95
N ILE B 149 -52.13 -18.49 -15.35
CA ILE B 149 -51.37 -19.18 -16.37
C ILE B 149 -51.37 -18.37 -17.67
N GLU B 150 -52.54 -17.88 -18.06
CA GLU B 150 -52.62 -17.08 -19.29
C GLU B 150 -51.80 -15.80 -19.16
N ILE B 151 -51.86 -15.14 -18.00
CA ILE B 151 -51.09 -13.91 -17.81
C ILE B 151 -49.61 -14.18 -17.96
N HIS B 152 -49.10 -15.20 -17.26
CA HIS B 152 -47.67 -15.48 -17.31
C HIS B 152 -47.24 -15.99 -18.68
N ALA B 153 -48.12 -16.70 -19.38
CA ALA B 153 -47.78 -17.14 -20.74
C ALA B 153 -47.68 -15.96 -21.69
N ARG B 154 -48.62 -15.02 -21.60
CA ARG B 154 -48.54 -13.82 -22.42
C ARG B 154 -47.26 -13.05 -22.10
N GLU B 155 -46.90 -12.98 -20.81
CA GLU B 155 -45.69 -12.26 -20.44
C GLU B 155 -44.44 -12.93 -21.01
N ILE B 156 -44.35 -14.26 -20.91
CA ILE B 156 -43.16 -14.93 -21.42
C ILE B 156 -43.11 -14.86 -22.94
N LEU B 157 -44.26 -14.84 -23.61
CA LEU B 157 -44.27 -14.66 -25.05
C LEU B 157 -43.79 -13.26 -25.44
N LYS B 158 -44.22 -12.25 -24.68
CA LYS B 158 -43.74 -10.89 -24.94
C LYS B 158 -42.24 -10.80 -24.71
N VAL B 159 -41.73 -11.48 -23.68
CA VAL B 159 -40.30 -11.47 -23.42
C VAL B 159 -39.53 -12.14 -24.55
N LYS B 160 -40.05 -13.27 -25.04
CA LYS B 160 -39.42 -13.95 -26.16
C LYS B 160 -39.41 -13.06 -27.40
N GLY B 161 -40.51 -12.38 -27.67
CA GLY B 161 -40.55 -11.49 -28.81
C GLY B 161 -39.56 -10.34 -28.68
N ARG B 162 -39.46 -9.76 -27.48
CA ARG B 162 -38.51 -8.68 -27.26
C ARG B 162 -37.08 -9.16 -27.44
N MET B 163 -36.77 -10.35 -26.95
CA MET B 163 -35.43 -10.90 -27.11
C MET B 163 -35.11 -11.17 -28.58
N ASN B 164 -36.09 -11.69 -29.32
CA ASN B 164 -35.89 -11.91 -30.75
C ASN B 164 -35.66 -10.60 -31.49
N GLU B 165 -36.43 -9.56 -31.14
CA GLU B 165 -36.23 -8.25 -31.75
C GLU B 165 -34.83 -7.72 -31.48
N LEU B 166 -34.39 -7.81 -30.22
CA LEU B 166 -33.07 -7.29 -29.86
C LEU B 166 -31.97 -8.06 -30.57
N MET B 167 -32.11 -9.39 -30.69
CA MET B 167 -31.09 -10.17 -31.36
C MET B 167 -31.06 -9.88 -32.86
N ALA B 168 -32.23 -9.74 -33.47
CA ALA B 168 -32.28 -9.40 -34.89
C ALA B 168 -31.70 -8.02 -35.13
N LEU B 169 -31.79 -7.13 -34.14
CA LEU B 169 -31.18 -5.82 -34.28
C LEU B 169 -29.66 -5.91 -34.17
N HIS B 170 -29.17 -6.65 -33.19
CA HIS B 170 -27.74 -6.66 -32.92
C HIS B 170 -26.94 -7.51 -33.91
N THR B 171 -27.55 -8.55 -34.48
CA THR B 171 -26.82 -9.44 -35.38
C THR B 171 -27.01 -9.09 -36.84
N GLY B 172 -28.01 -8.29 -37.19
CA GLY B 172 -28.28 -7.95 -38.57
C GLY B 172 -29.18 -8.91 -39.30
N GLN B 173 -29.43 -10.10 -38.75
CA GLN B 173 -30.34 -11.04 -39.37
C GLN B 173 -31.77 -10.54 -39.28
N SER B 174 -32.61 -11.00 -40.20
CA SER B 174 -34.01 -10.62 -40.18
C SER B 174 -34.71 -11.26 -38.99
N LEU B 175 -35.78 -10.59 -38.54
CA LEU B 175 -36.50 -11.07 -37.36
C LEU B 175 -37.07 -12.46 -37.58
N GLU B 176 -37.56 -12.74 -38.78
CA GLU B 176 -38.10 -14.07 -39.07
C GLU B 176 -37.00 -15.12 -39.05
N GLN B 177 -35.80 -14.77 -39.51
CA GLN B 177 -34.69 -15.71 -39.47
C GLN B 177 -34.32 -16.05 -38.03
N ILE B 178 -34.23 -15.04 -37.17
CA ILE B 178 -33.94 -15.30 -35.76
C ILE B 178 -35.05 -16.12 -35.13
N GLU B 179 -36.30 -15.82 -35.47
CA GLU B 179 -37.42 -16.55 -34.90
C GLU B 179 -37.39 -18.02 -35.31
N ARG B 180 -36.98 -18.30 -36.55
CA ARG B 180 -36.92 -19.68 -37.00
C ARG B 180 -35.69 -20.40 -36.44
N ASP B 181 -34.60 -19.66 -36.21
CA ASP B 181 -33.38 -20.28 -35.73
C ASP B 181 -33.42 -20.57 -34.23
N THR B 182 -34.01 -19.71 -33.43
CA THR B 182 -34.04 -19.88 -31.98
C THR B 182 -35.22 -20.70 -31.50
N GLU B 183 -35.93 -21.40 -32.40
CA GLU B 183 -37.00 -22.28 -31.97
C GLU B 183 -36.45 -23.44 -31.15
N ARG B 184 -35.27 -23.93 -31.53
CA ARG B 184 -34.58 -24.96 -30.78
C ARG B 184 -33.16 -24.51 -30.51
N ASP B 185 -32.42 -25.31 -29.76
CA ASP B 185 -31.03 -25.00 -29.47
C ASP B 185 -30.21 -25.01 -30.75
N ARG B 186 -29.59 -23.88 -31.06
CA ARG B 186 -28.74 -23.75 -32.23
C ARG B 186 -27.31 -23.56 -31.77
N PHE B 187 -26.46 -24.56 -32.03
CA PHE B 187 -25.06 -24.52 -31.64
C PHE B 187 -24.23 -23.95 -32.78
N LEU B 188 -23.43 -22.94 -32.48
CA LEU B 188 -22.59 -22.28 -33.46
C LEU B 188 -21.16 -22.24 -32.96
N SER B 189 -20.24 -22.73 -33.79
CA SER B 189 -18.84 -22.60 -33.49
C SER B 189 -18.38 -21.18 -33.79
N ALA B 190 -17.08 -20.94 -33.61
CA ALA B 190 -16.53 -19.61 -33.85
C ALA B 190 -16.71 -19.14 -35.29
N PRO B 191 -16.35 -19.92 -36.33
CA PRO B 191 -16.59 -19.43 -37.70
C PRO B 191 -18.06 -19.29 -38.04
N GLU B 192 -18.90 -20.22 -37.59
CA GLU B 192 -20.33 -20.10 -37.83
C GLU B 192 -20.92 -18.91 -37.08
N ALA B 193 -20.40 -18.61 -35.89
CA ALA B 193 -20.88 -17.42 -35.17
C ALA B 193 -20.44 -16.14 -35.88
N VAL B 194 -19.23 -16.13 -36.44
CA VAL B 194 -18.77 -14.96 -37.17
C VAL B 194 -19.62 -14.75 -38.42
N GLU B 195 -19.87 -15.82 -39.17
CA GLU B 195 -20.67 -15.72 -40.39
C GLU B 195 -22.12 -15.37 -40.06
N TYR B 196 -22.63 -15.85 -38.93
CA TYR B 196 -24.02 -15.60 -38.57
C TYR B 196 -24.24 -14.14 -38.21
N GLY B 197 -23.22 -13.49 -37.65
CA GLY B 197 -23.33 -12.12 -37.23
C GLY B 197 -23.30 -11.90 -35.73
N LEU B 198 -23.15 -12.97 -34.94
CA LEU B 198 -23.08 -12.81 -33.49
C LEU B 198 -21.82 -12.06 -33.08
N VAL B 199 -20.68 -12.42 -33.65
CA VAL B 199 -19.41 -11.79 -33.35
C VAL B 199 -18.84 -11.23 -34.65
N ASP B 200 -17.82 -10.38 -34.52
CA ASP B 200 -17.26 -9.71 -35.68
C ASP B 200 -16.00 -10.40 -36.21
N SER B 201 -15.21 -11.00 -35.34
CA SER B 201 -13.98 -11.68 -35.77
C SER B 201 -13.54 -12.63 -34.68
N ILE B 202 -12.47 -13.37 -34.98
CA ILE B 202 -11.94 -14.39 -34.08
C ILE B 202 -10.53 -13.98 -33.66
N LEU B 203 -10.29 -13.95 -32.35
CA LEU B 203 -8.96 -13.72 -31.83
C LEU B 203 -8.12 -14.98 -31.95
N THR B 204 -6.99 -14.87 -32.65
CA THR B 204 -6.15 -16.03 -32.91
C THR B 204 -4.81 -15.91 -32.20
N HIS B 205 -4.08 -14.82 -32.41
CA HIS B 205 -2.75 -14.64 -31.83
C HIS B 205 -2.50 -13.17 -31.57
N ARG B 206 -1.39 -12.89 -30.90
CA ARG B 206 -0.99 -11.53 -30.60
C ARG B 206 -0.60 -10.78 -31.88
N ALA C 15 -11.98 -10.97 -2.69
CA ALA C 15 -12.30 -12.32 -3.13
C ALA C 15 -13.36 -12.29 -4.23
N LEU C 16 -14.55 -12.81 -3.92
CA LEU C 16 -15.65 -12.78 -4.88
C LEU C 16 -16.03 -11.36 -5.25
N VAL C 17 -15.84 -10.42 -4.33
CA VAL C 17 -16.18 -9.01 -4.57
C VAL C 17 -14.88 -8.28 -4.91
N PRO C 18 -14.90 -7.37 -5.88
CA PRO C 18 -13.67 -6.68 -6.26
C PRO C 18 -13.35 -5.51 -5.35
N MET C 19 -12.09 -5.09 -5.40
CA MET C 19 -11.64 -3.89 -4.70
C MET C 19 -11.24 -2.83 -5.73
N VAL C 20 -11.37 -1.56 -5.33
CA VAL C 20 -11.09 -0.44 -6.21
C VAL C 20 -10.13 0.51 -5.53
N ILE C 21 -9.54 1.40 -6.32
CA ILE C 21 -8.56 2.37 -5.84
C ILE C 21 -8.99 3.76 -6.30
N GLU C 22 -9.03 4.69 -5.37
CA GLU C 22 -9.33 6.08 -5.65
C GLU C 22 -8.45 6.99 -4.81
N GLN C 23 -8.09 8.14 -5.34
CA GLN C 23 -7.13 9.04 -4.71
C GLN C 23 -7.78 10.37 -4.36
N THR C 24 -7.73 10.73 -3.08
CA THR C 24 -8.16 12.06 -2.67
C THR C 24 -6.99 12.86 -2.10
N SER C 25 -6.38 12.34 -1.02
CA SER C 25 -5.27 13.03 -0.39
C SER C 25 -4.00 12.22 -0.44
N ARG C 26 -4.02 10.98 0.05
CA ARG C 26 -2.83 10.14 0.07
C ARG C 26 -2.78 9.19 -1.13
N GLY C 27 -3.89 9.03 -1.84
CA GLY C 27 -3.96 8.11 -2.94
C GLY C 27 -3.96 6.65 -2.51
N GLU C 28 -4.59 6.37 -1.38
CA GLU C 28 -4.64 5.02 -0.83
C GLU C 28 -6.01 4.76 -0.23
N ARG C 29 -6.91 4.22 -1.05
CA ARG C 29 -8.29 3.95 -0.67
C ARG C 29 -8.77 2.70 -1.38
N SER C 30 -8.94 1.62 -0.62
CA SER C 30 -9.39 0.35 -1.18
C SER C 30 -10.69 -0.07 -0.49
N PHE C 31 -11.80 0.09 -1.20
CA PHE C 31 -13.09 -0.39 -0.73
C PHE C 31 -13.56 -1.49 -1.67
N ASP C 32 -14.41 -2.36 -1.15
CA ASP C 32 -15.24 -3.17 -2.02
C ASP C 32 -16.08 -2.26 -2.91
N ILE C 33 -16.33 -2.69 -4.14
CA ILE C 33 -16.96 -1.83 -5.13
C ILE C 33 -18.31 -1.33 -4.65
N TYR C 34 -19.00 -2.13 -3.81
CA TYR C 34 -20.28 -1.68 -3.26
C TYR C 34 -20.09 -0.50 -2.32
N SER C 35 -19.05 -0.52 -1.48
CA SER C 35 -18.78 0.63 -0.63
C SER C 35 -18.36 1.84 -1.46
N ARG C 36 -17.60 1.62 -2.53
CA ARG C 36 -17.21 2.73 -3.39
C ARG C 36 -18.43 3.39 -4.03
N LEU C 37 -19.39 2.58 -4.47
CA LEU C 37 -20.60 3.16 -5.04
C LEU C 37 -21.48 3.80 -3.97
N LEU C 38 -21.52 3.23 -2.77
CA LEU C 38 -22.24 3.87 -1.67
C LEU C 38 -21.66 5.24 -1.36
N LYS C 39 -20.34 5.37 -1.45
CA LYS C 39 -19.69 6.66 -1.27
C LYS C 39 -20.21 7.70 -2.25
N GLU C 40 -20.67 7.27 -3.42
CA GLU C 40 -21.28 8.15 -4.40
C GLU C 40 -22.80 8.24 -4.25
N ARG C 41 -23.33 7.87 -3.09
CA ARG C 41 -24.77 7.92 -2.81
C ARG C 41 -25.54 7.02 -3.77
N VAL C 42 -25.06 5.80 -3.97
CA VAL C 42 -25.73 4.80 -4.80
C VAL C 42 -25.96 3.57 -3.94
N ILE C 43 -27.23 3.20 -3.76
CA ILE C 43 -27.61 2.07 -2.94
C ILE C 43 -28.25 1.02 -3.83
N PHE C 44 -27.85 -0.23 -3.65
CA PHE C 44 -28.35 -1.34 -4.45
C PHE C 44 -29.36 -2.14 -3.66
N LEU C 45 -30.55 -2.32 -4.24
CA LEU C 45 -31.57 -3.18 -3.68
C LEU C 45 -31.77 -4.33 -4.66
N THR C 46 -31.15 -5.47 -4.36
CA THR C 46 -31.19 -6.62 -5.26
C THR C 46 -31.67 -7.84 -4.50
N GLY C 47 -32.21 -8.80 -5.24
CA GLY C 47 -32.67 -10.03 -4.65
C GLY C 47 -33.97 -9.86 -3.87
N GLN C 48 -34.31 -10.92 -3.15
CA GLN C 48 -35.51 -10.92 -2.33
C GLN C 48 -35.42 -9.86 -1.24
N VAL C 49 -36.58 -9.34 -0.84
CA VAL C 49 -36.66 -8.35 0.22
C VAL C 49 -37.02 -9.05 1.52
N GLU C 50 -36.10 -9.01 2.49
CA GLU C 50 -36.32 -9.64 3.79
C GLU C 50 -35.87 -8.66 4.87
N ASP C 51 -35.86 -9.14 6.11
CA ASP C 51 -35.62 -8.26 7.25
C ASP C 51 -34.19 -7.71 7.25
N HIS C 52 -33.19 -8.57 7.06
CA HIS C 52 -31.81 -8.13 7.20
C HIS C 52 -31.38 -7.27 6.02
N MET C 53 -31.78 -7.64 4.81
CA MET C 53 -31.47 -6.81 3.65
C MET C 53 -32.11 -5.43 3.77
N ALA C 54 -33.38 -5.39 4.19
CA ALA C 54 -34.06 -4.11 4.36
C ALA C 54 -33.40 -3.30 5.48
N ASN C 55 -32.96 -3.96 6.53
CA ASN C 55 -32.28 -3.25 7.61
C ASN C 55 -30.97 -2.64 7.12
N LEU C 56 -30.24 -3.37 6.27
CA LEU C 56 -29.01 -2.83 5.71
C LEU C 56 -29.30 -1.65 4.81
N ILE C 57 -30.36 -1.73 4.00
CA ILE C 57 -30.72 -0.60 3.14
C ILE C 57 -31.10 0.61 3.98
N VAL C 58 -31.84 0.38 5.06
CA VAL C 58 -32.24 1.48 5.93
C VAL C 58 -31.03 2.13 6.58
N ALA C 59 -30.07 1.30 7.02
CA ALA C 59 -28.85 1.85 7.61
C ALA C 59 -28.07 2.68 6.59
N GLN C 60 -27.97 2.18 5.36
CA GLN C 60 -27.28 2.93 4.32
C GLN C 60 -27.97 4.26 4.05
N MET C 61 -29.30 4.26 3.97
CA MET C 61 -30.02 5.49 3.69
C MET C 61 -29.88 6.48 4.84
N LEU C 62 -29.92 6.00 6.08
CA LEU C 62 -29.73 6.89 7.22
C LEU C 62 -28.35 7.50 7.22
N PHE C 63 -27.32 6.70 6.93
CA PHE C 63 -25.96 7.23 6.89
C PHE C 63 -25.81 8.26 5.78
N LEU C 64 -26.38 7.98 4.60
CA LEU C 64 -26.26 8.94 3.49
C LEU C 64 -27.02 10.22 3.79
N GLU C 65 -28.17 10.13 4.48
CA GLU C 65 -28.91 11.32 4.84
C GLU C 65 -28.15 12.16 5.86
N ALA C 66 -27.56 11.50 6.86
CA ALA C 66 -26.80 12.23 7.87
C ALA C 66 -25.53 12.82 7.29
N GLU C 67 -24.99 12.20 6.23
CA GLU C 67 -23.76 12.69 5.64
C GLU C 67 -23.99 14.00 4.88
N ASN C 68 -25.03 14.05 4.06
CA ASN C 68 -25.32 15.23 3.27
C ASN C 68 -26.82 15.31 2.98
N PRO C 69 -27.59 16.01 3.80
CA PRO C 69 -29.05 16.00 3.65
C PRO C 69 -29.55 16.67 2.39
N GLU C 70 -28.68 17.27 1.58
CA GLU C 70 -29.10 18.02 0.41
C GLU C 70 -28.89 17.26 -0.90
N LYS C 71 -28.05 16.23 -0.90
CA LYS C 71 -27.71 15.50 -2.11
C LYS C 71 -28.56 14.25 -2.23
N ASP C 72 -28.99 13.95 -3.46
CA ASP C 72 -29.93 12.88 -3.69
C ASP C 72 -29.31 11.52 -3.38
N ILE C 73 -30.17 10.51 -3.23
CA ILE C 73 -29.76 9.13 -3.03
C ILE C 73 -30.36 8.31 -4.16
N TYR C 74 -29.53 7.48 -4.79
CA TYR C 74 -29.95 6.68 -5.93
C TYR C 74 -30.11 5.22 -5.51
N LEU C 75 -31.32 4.70 -5.61
CA LEU C 75 -31.64 3.34 -5.20
C LEU C 75 -31.89 2.50 -6.45
N TYR C 76 -30.98 1.59 -6.74
CA TYR C 76 -31.08 0.71 -7.90
C TYR C 76 -31.85 -0.53 -7.50
N ILE C 77 -33.02 -0.73 -8.11
CA ILE C 77 -33.96 -1.78 -7.70
C ILE C 77 -33.92 -2.90 -8.72
N ASN C 78 -33.61 -4.11 -8.25
CA ASN C 78 -33.73 -5.34 -9.03
C ASN C 78 -34.20 -6.41 -8.05
N SER C 79 -35.51 -6.57 -7.92
CA SER C 79 -36.02 -7.43 -6.86
C SER C 79 -37.25 -8.19 -7.30
N PRO C 80 -37.33 -9.49 -7.01
CA PRO C 80 -38.55 -10.24 -7.31
C PRO C 80 -39.63 -10.09 -6.25
N GLY C 81 -39.49 -9.12 -5.35
CA GLY C 81 -40.49 -8.90 -4.32
C GLY C 81 -39.89 -9.20 -2.96
N GLY C 82 -40.75 -9.59 -2.03
CA GLY C 82 -40.31 -9.95 -0.71
C GLY C 82 -41.40 -9.71 0.31
N VAL C 83 -40.99 -9.67 1.57
CA VAL C 83 -41.91 -9.48 2.69
C VAL C 83 -42.44 -8.06 2.64
N ILE C 84 -43.76 -7.91 2.86
CA ILE C 84 -44.37 -6.59 2.85
C ILE C 84 -43.82 -5.74 3.98
N THR C 85 -43.57 -6.36 5.14
CA THR C 85 -43.14 -5.61 6.32
C THR C 85 -41.79 -4.95 6.09
N ALA C 86 -40.79 -5.73 5.68
CA ALA C 86 -39.46 -5.17 5.44
C ALA C 86 -39.52 -4.08 4.38
N GLY C 87 -40.30 -4.29 3.33
CA GLY C 87 -40.47 -3.26 2.33
C GLY C 87 -41.08 -1.99 2.88
N MET C 88 -42.05 -2.11 3.78
CA MET C 88 -42.64 -0.93 4.39
C MET C 88 -41.63 -0.20 5.27
N SER C 89 -40.70 -0.93 5.88
CA SER C 89 -39.64 -0.26 6.62
C SER C 89 -38.77 0.59 5.71
N ILE C 90 -38.34 0.03 4.58
CA ILE C 90 -37.56 0.79 3.61
C ILE C 90 -38.36 1.98 3.11
N TYR C 91 -39.66 1.79 2.88
CA TYR C 91 -40.50 2.85 2.36
C TYR C 91 -40.63 4.00 3.35
N ASP C 92 -40.86 3.67 4.62
CA ASP C 92 -40.96 4.70 5.65
C ASP C 92 -39.65 5.44 5.81
N THR C 93 -38.52 4.73 5.72
CA THR C 93 -37.24 5.42 5.83
C THR C 93 -36.99 6.30 4.61
N MET C 94 -37.47 5.89 3.44
CA MET C 94 -37.36 6.72 2.25
C MET C 94 -38.21 7.99 2.39
N GLN C 95 -39.43 7.85 2.89
CA GLN C 95 -40.31 9.00 3.04
C GLN C 95 -39.89 9.92 4.18
N PHE C 96 -39.17 9.40 5.16
CA PHE C 96 -38.84 10.20 6.33
C PHE C 96 -37.65 11.11 6.08
N ILE C 97 -36.58 10.58 5.52
CA ILE C 97 -35.34 11.32 5.42
C ILE C 97 -35.51 12.55 4.54
N LYS C 98 -34.60 13.51 4.69
CA LYS C 98 -34.73 14.78 3.99
C LYS C 98 -34.38 14.70 2.51
N PRO C 99 -33.21 14.16 2.10
CA PRO C 99 -32.86 14.23 0.68
C PRO C 99 -33.79 13.38 -0.18
N ASP C 100 -33.95 13.83 -1.42
CA ASP C 100 -34.77 13.09 -2.37
C ASP C 100 -34.09 11.80 -2.78
N VAL C 101 -34.82 10.70 -2.69
CA VAL C 101 -34.32 9.39 -3.10
C VAL C 101 -34.90 9.06 -4.47
N SER C 102 -34.04 8.82 -5.44
CA SER C 102 -34.44 8.52 -6.80
C SER C 102 -34.25 7.02 -7.05
N THR C 103 -35.30 6.36 -7.48
CA THR C 103 -35.30 4.92 -7.68
C THR C 103 -35.18 4.59 -9.15
N ILE C 104 -34.20 3.76 -9.48
CA ILE C 104 -33.96 3.31 -10.86
C ILE C 104 -34.21 1.82 -10.91
N CYS C 105 -35.14 1.40 -11.75
CA CYS C 105 -35.51 0.00 -11.87
C CYS C 105 -34.74 -0.66 -13.00
N MET C 106 -33.75 -1.47 -12.66
CA MET C 106 -33.02 -2.28 -13.63
C MET C 106 -33.37 -3.74 -13.40
N GLY C 107 -33.61 -4.45 -14.49
CA GLY C 107 -34.04 -5.82 -14.37
C GLY C 107 -35.54 -5.93 -14.17
N GLN C 108 -35.96 -6.20 -12.94
CA GLN C 108 -37.38 -6.37 -12.64
C GLN C 108 -37.73 -5.70 -11.32
N ALA C 109 -39.03 -5.66 -11.04
CA ALA C 109 -39.57 -5.13 -9.79
C ALA C 109 -40.96 -5.76 -9.60
N ALA C 110 -41.05 -6.75 -8.73
CA ALA C 110 -42.26 -7.54 -8.57
C ALA C 110 -43.05 -7.12 -7.34
N SER C 111 -43.77 -6.01 -7.49
CA SER C 111 -44.80 -5.50 -6.57
C SER C 111 -44.14 -4.98 -5.30
N MET C 112 -42.90 -5.37 -4.98
CA MET C 112 -42.26 -4.78 -3.80
C MET C 112 -41.08 -3.94 -4.21
N GLY C 113 -40.21 -4.48 -5.06
CA GLY C 113 -39.38 -3.62 -5.87
C GLY C 113 -40.21 -2.59 -6.60
N ALA C 114 -41.40 -2.99 -7.07
CA ALA C 114 -42.28 -2.07 -7.78
C ALA C 114 -42.88 -1.04 -6.83
N PHE C 115 -43.32 -1.47 -5.65
CA PHE C 115 -43.82 -0.50 -4.68
C PHE C 115 -42.75 0.52 -4.32
N LEU C 116 -41.53 0.05 -4.01
CA LEU C 116 -40.46 0.97 -3.66
C LEU C 116 -40.03 1.82 -4.85
N LEU C 117 -40.21 1.31 -6.07
CA LEU C 117 -39.89 2.10 -7.25
C LEU C 117 -40.86 3.26 -7.41
N THR C 118 -42.15 2.98 -7.32
CA THR C 118 -43.14 4.07 -7.36
C THR C 118 -43.05 4.96 -6.14
N ALA C 119 -42.40 4.51 -5.07
CA ALA C 119 -42.26 5.28 -3.85
C ALA C 119 -41.12 6.29 -3.90
N GLY C 120 -40.42 6.40 -5.02
CA GLY C 120 -39.33 7.34 -5.12
C GLY C 120 -39.81 8.77 -5.18
N ALA C 121 -38.84 9.69 -5.18
CA ALA C 121 -39.18 11.10 -5.28
C ALA C 121 -39.81 11.40 -6.62
N LYS C 122 -40.91 12.16 -6.59
CA LYS C 122 -41.66 12.45 -7.81
C LYS C 122 -40.78 13.19 -8.82
N GLY C 123 -40.82 12.74 -10.07
CA GLY C 123 -39.99 13.29 -11.10
C GLY C 123 -38.63 12.66 -11.21
N LYS C 124 -38.25 11.80 -10.25
CA LYS C 124 -36.94 11.18 -10.23
C LYS C 124 -37.02 9.66 -10.21
N ARG C 125 -38.17 9.09 -10.57
CA ARG C 125 -38.32 7.64 -10.65
C ARG C 125 -38.13 7.21 -12.09
N PHE C 126 -36.98 6.60 -12.37
CA PHE C 126 -36.64 6.16 -13.73
C PHE C 126 -36.65 4.64 -13.79
N CYS C 127 -36.78 4.11 -15.00
CA CYS C 127 -36.67 2.69 -15.26
C CYS C 127 -36.01 2.49 -16.61
N LEU C 128 -35.12 1.50 -16.68
CA LEU C 128 -34.40 1.24 -17.92
C LEU C 128 -35.35 0.67 -18.98
N PRO C 129 -35.02 0.85 -20.26
CA PRO C 129 -36.00 0.55 -21.31
C PRO C 129 -36.44 -0.90 -21.37
N ASN C 130 -35.62 -1.83 -20.90
CA ASN C 130 -35.96 -3.25 -20.95
C ASN C 130 -36.32 -3.82 -19.59
N SER C 131 -36.62 -2.98 -18.61
CA SER C 131 -37.04 -3.49 -17.31
C SER C 131 -38.46 -4.00 -17.37
N ARG C 132 -38.81 -4.83 -16.40
CA ARG C 132 -40.14 -5.42 -16.29
C ARG C 132 -40.69 -5.13 -14.90
N VAL C 133 -41.91 -4.61 -14.85
CA VAL C 133 -42.55 -4.24 -13.60
C VAL C 133 -43.83 -5.03 -13.45
N MET C 134 -44.02 -5.62 -12.28
CA MET C 134 -45.23 -6.37 -11.96
C MET C 134 -45.81 -5.87 -10.64
N ILE C 135 -47.13 -5.80 -10.57
CA ILE C 135 -47.84 -5.40 -9.37
C ILE C 135 -48.94 -6.41 -9.09
N HIS C 136 -49.19 -6.68 -7.82
CA HIS C 136 -50.23 -7.63 -7.44
C HIS C 136 -50.58 -7.42 -5.97
N GLN C 137 -51.73 -7.94 -5.58
CA GLN C 137 -52.16 -7.87 -4.19
C GLN C 137 -51.24 -8.72 -3.32
N PRO C 138 -51.06 -8.39 -2.05
CA PRO C 138 -50.12 -9.12 -1.21
C PRO C 138 -50.58 -10.55 -0.95
N LEU C 139 -49.62 -11.43 -0.72
CA LEU C 139 -49.88 -12.82 -0.39
C LEU C 139 -49.71 -13.03 1.11
N GLY C 140 -50.18 -14.18 1.57
CA GLY C 140 -50.07 -14.50 2.98
C GLY C 140 -50.80 -15.79 3.30
N GLY C 141 -51.12 -15.96 4.58
CA GLY C 141 -51.86 -17.14 4.99
C GLY C 141 -51.70 -17.37 6.48
N TYR C 142 -52.51 -18.29 6.98
CA TYR C 142 -52.48 -18.66 8.38
C TYR C 142 -53.20 -19.98 8.58
N GLN C 143 -52.73 -20.76 9.55
CA GLN C 143 -53.36 -22.02 9.93
C GLN C 143 -53.65 -22.00 11.42
N GLY C 144 -54.86 -22.37 11.79
CA GLY C 144 -55.24 -22.39 13.19
C GLY C 144 -56.75 -22.38 13.34
N GLN C 145 -57.18 -21.91 14.51
CA GLN C 145 -58.60 -21.85 14.81
C GLN C 145 -59.29 -20.81 13.95
N ALA C 146 -60.62 -20.90 13.88
CA ALA C 146 -61.39 -20.01 13.02
C ALA C 146 -61.25 -18.56 13.47
N THR C 147 -61.16 -18.32 14.77
CA THR C 147 -61.03 -16.95 15.27
C THR C 147 -59.72 -16.33 14.84
N ASP C 148 -58.61 -17.06 15.01
CA ASP C 148 -57.32 -16.56 14.55
C ASP C 148 -57.27 -16.41 13.04
N ILE C 149 -57.93 -17.32 12.31
CA ILE C 149 -58.02 -17.16 10.86
C ILE C 149 -58.71 -15.85 10.51
N GLU C 150 -59.81 -15.55 11.18
CA GLU C 150 -60.52 -14.30 10.92
C GLU C 150 -59.65 -13.10 11.25
N ILE C 151 -58.93 -13.15 12.37
CA ILE C 151 -58.07 -12.04 12.76
C ILE C 151 -57.01 -11.79 11.70
N HIS C 152 -56.31 -12.85 11.29
CA HIS C 152 -55.23 -12.68 10.31
C HIS C 152 -55.77 -12.29 8.95
N ALA C 153 -56.97 -12.75 8.59
CA ALA C 153 -57.56 -12.35 7.32
C ALA C 153 -57.92 -10.86 7.33
N ARG C 154 -58.51 -10.38 8.42
CA ARG C 154 -58.79 -8.96 8.53
C ARG C 154 -57.50 -8.15 8.46
N GLU C 155 -56.44 -8.65 9.10
CA GLU C 155 -55.17 -7.93 9.07
C GLU C 155 -54.60 -7.86 7.65
N ILE C 156 -54.63 -8.99 6.92
CA ILE C 156 -54.05 -8.97 5.58
C ILE C 156 -54.92 -8.13 4.64
N LEU C 157 -56.23 -8.08 4.88
CA LEU C 157 -57.08 -7.21 4.08
C LEU C 157 -56.77 -5.74 4.37
N LYS C 158 -56.55 -5.39 5.63
CA LYS C 158 -56.16 -4.03 5.96
C LYS C 158 -54.83 -3.67 5.32
N VAL C 159 -53.88 -4.62 5.31
CA VAL C 159 -52.58 -4.36 4.70
C VAL C 159 -52.74 -4.14 3.20
N LYS C 160 -53.57 -4.97 2.55
CA LYS C 160 -53.82 -4.79 1.12
C LYS C 160 -54.45 -3.43 0.83
N GLY C 161 -55.41 -3.03 1.66
CA GLY C 161 -56.02 -1.73 1.47
C GLY C 161 -55.04 -0.59 1.65
N ARG C 162 -54.17 -0.69 2.65
CA ARG C 162 -53.16 0.33 2.87
C ARG C 162 -52.19 0.42 1.71
N MET C 163 -51.78 -0.74 1.18
CA MET C 163 -50.87 -0.74 0.02
C MET C 163 -51.54 -0.15 -1.20
N ASN C 164 -52.82 -0.46 -1.43
CA ASN C 164 -53.53 0.13 -2.54
C ASN C 164 -53.65 1.64 -2.39
N GLU C 165 -53.93 2.12 -1.18
CA GLU C 165 -53.99 3.56 -0.94
C GLU C 165 -52.65 4.21 -1.25
N LEU C 166 -51.56 3.63 -0.75
CA LEU C 166 -50.25 4.22 -0.97
C LEU C 166 -49.88 4.23 -2.45
N MET C 167 -50.21 3.17 -3.18
CA MET C 167 -49.89 3.12 -4.60
C MET C 167 -50.74 4.13 -5.38
N ALA C 168 -52.02 4.24 -5.05
CA ALA C 168 -52.87 5.23 -5.71
C ALA C 168 -52.40 6.65 -5.41
N LEU C 169 -51.78 6.85 -4.24
CA LEU C 169 -51.22 8.16 -3.93
C LEU C 169 -49.97 8.43 -4.75
N HIS C 170 -49.08 7.45 -4.84
CA HIS C 170 -47.77 7.69 -5.46
C HIS C 170 -47.83 7.69 -6.98
N THR C 171 -48.78 6.97 -7.57
CA THR C 171 -48.83 6.89 -9.03
C THR C 171 -49.82 7.86 -9.64
N GLY C 172 -50.74 8.42 -8.87
CA GLY C 172 -51.73 9.32 -9.39
C GLY C 172 -53.00 8.67 -9.89
N GLN C 173 -53.00 7.35 -10.07
CA GLN C 173 -54.20 6.66 -10.48
C GLN C 173 -55.22 6.64 -9.35
N SER C 174 -56.50 6.51 -9.72
CA SER C 174 -57.55 6.44 -8.73
C SER C 174 -57.46 5.14 -7.95
N LEU C 175 -57.96 5.17 -6.71
CA LEU C 175 -57.88 4.00 -5.85
C LEU C 175 -58.62 2.81 -6.45
N GLU C 176 -59.77 3.06 -7.08
CA GLU C 176 -60.51 1.98 -7.70
C GLU C 176 -59.75 1.37 -8.88
N GLN C 177 -59.04 2.21 -9.63
CA GLN C 177 -58.25 1.71 -10.74
C GLN C 177 -57.13 0.81 -10.25
N ILE C 178 -56.42 1.22 -9.20
CA ILE C 178 -55.38 0.38 -8.61
C ILE C 178 -55.97 -0.90 -8.07
N GLU C 179 -57.13 -0.81 -7.43
CA GLU C 179 -57.77 -2.00 -6.87
C GLU C 179 -58.15 -2.99 -7.95
N ARG C 180 -58.60 -2.49 -9.10
CA ARG C 180 -58.98 -3.38 -10.19
C ARG C 180 -57.76 -3.93 -10.92
N ASP C 181 -56.68 -3.15 -10.96
CA ASP C 181 -55.48 -3.58 -11.68
C ASP C 181 -54.66 -4.59 -10.90
N THR C 182 -54.54 -4.44 -9.58
CA THR C 182 -53.72 -5.32 -8.77
C THR C 182 -54.46 -6.55 -8.28
N GLU C 183 -55.64 -6.84 -8.83
CA GLU C 183 -56.33 -8.08 -8.47
C GLU C 183 -55.54 -9.30 -8.91
N ARG C 184 -54.89 -9.20 -10.06
CA ARG C 184 -54.00 -10.25 -10.55
C ARG C 184 -52.67 -9.63 -10.93
N ASP C 185 -51.72 -10.49 -11.30
CA ASP C 185 -50.41 -10.01 -11.70
C ASP C 185 -50.53 -9.16 -12.97
N ARG C 186 -50.10 -7.91 -12.87
CA ARG C 186 -50.11 -6.98 -13.99
C ARG C 186 -48.67 -6.68 -14.39
N PHE C 187 -48.27 -7.15 -15.57
CA PHE C 187 -46.93 -6.95 -16.07
C PHE C 187 -46.89 -5.69 -16.92
N LEU C 188 -45.96 -4.80 -16.61
CA LEU C 188 -45.80 -3.53 -17.32
C LEU C 188 -44.37 -3.38 -17.77
N SER C 189 -44.19 -3.14 -19.07
CA SER C 189 -42.87 -2.81 -19.58
C SER C 189 -42.53 -1.36 -19.23
N ALA C 190 -41.37 -0.92 -19.70
CA ALA C 190 -40.93 0.44 -19.41
C ALA C 190 -41.89 1.51 -19.94
N PRO C 191 -42.30 1.49 -21.22
CA PRO C 191 -43.25 2.52 -21.67
C PRO C 191 -44.61 2.42 -20.99
N GLU C 192 -45.12 1.20 -20.78
CA GLU C 192 -46.38 1.05 -20.07
C GLU C 192 -46.26 1.50 -18.62
N ALA C 193 -45.10 1.29 -17.99
CA ALA C 193 -44.91 1.76 -16.63
C ALA C 193 -44.84 3.29 -16.59
N VAL C 194 -44.23 3.90 -17.60
CA VAL C 194 -44.17 5.36 -17.65
C VAL C 194 -45.56 5.93 -17.85
N GLU C 195 -46.33 5.37 -18.77
CA GLU C 195 -47.68 5.85 -19.03
C GLU C 195 -48.60 5.60 -17.84
N TYR C 196 -48.37 4.49 -17.13
CA TYR C 196 -49.23 4.16 -16.00
C TYR C 196 -49.02 5.11 -14.84
N GLY C 197 -47.82 5.65 -14.69
CA GLY C 197 -47.49 6.52 -13.59
C GLY C 197 -46.53 5.96 -12.57
N LEU C 198 -46.07 4.71 -12.74
CA LEU C 198 -45.12 4.14 -11.79
C LEU C 198 -43.79 4.88 -11.81
N VAL C 199 -43.28 5.16 -13.00
CA VAL C 199 -42.02 5.88 -13.16
C VAL C 199 -42.29 7.14 -13.98
N ASP C 200 -41.30 8.03 -13.97
CA ASP C 200 -41.46 9.32 -14.64
C ASP C 200 -40.87 9.36 -16.03
N SER C 201 -39.78 8.63 -16.26
CA SER C 201 -39.16 8.61 -17.58
C SER C 201 -38.26 7.39 -17.69
N ILE C 202 -37.68 7.22 -18.86
CA ILE C 202 -36.83 6.07 -19.17
C ILE C 202 -35.41 6.56 -19.45
N LEU C 203 -34.44 5.98 -18.76
CA LEU C 203 -33.04 6.26 -19.03
C LEU C 203 -32.59 5.51 -20.28
N THR C 204 -32.11 6.25 -21.27
CA THR C 204 -31.73 5.65 -22.54
C THR C 204 -30.22 5.74 -22.78
N HIS C 205 -29.65 6.93 -22.70
CA HIS C 205 -28.23 7.13 -22.97
C HIS C 205 -27.70 8.27 -22.13
N ARG C 206 -26.39 8.47 -22.17
CA ARG C 206 -25.74 9.54 -21.44
C ARG C 206 -26.11 10.91 -22.02
N ALA D 15 -17.56 -6.66 2.39
CA ALA D 15 -18.23 -7.66 1.56
C ALA D 15 -19.73 -7.37 1.47
N LEU D 16 -20.53 -8.26 2.05
CA LEU D 16 -21.99 -8.05 2.05
C LEU D 16 -22.35 -6.79 2.80
N VAL D 17 -21.57 -6.41 3.79
CA VAL D 17 -21.82 -5.21 4.60
C VAL D 17 -20.92 -4.09 4.06
N PRO D 18 -21.42 -2.88 3.95
CA PRO D 18 -20.61 -1.79 3.40
C PRO D 18 -19.70 -1.17 4.45
N MET D 19 -18.68 -0.47 3.96
CA MET D 19 -17.78 0.31 4.80
C MET D 19 -17.97 1.80 4.51
N VAL D 20 -17.70 2.62 5.52
CA VAL D 20 -17.89 4.06 5.42
C VAL D 20 -16.62 4.77 5.83
N ILE D 21 -16.54 6.06 5.49
CA ILE D 21 -15.38 6.89 5.78
C ILE D 21 -15.85 8.15 6.48
N GLU D 22 -15.23 8.46 7.61
CA GLU D 22 -15.49 9.69 8.35
C GLU D 22 -14.18 10.24 8.89
N GLN D 23 -14.11 11.57 8.99
CA GLN D 23 -12.88 12.26 9.34
C GLN D 23 -13.04 13.02 10.65
N THR D 24 -12.19 12.71 11.63
CA THR D 24 -12.14 13.51 12.85
C THR D 24 -10.79 14.19 12.99
N SER D 25 -9.71 13.40 13.05
CA SER D 25 -8.38 13.95 13.23
C SER D 25 -7.49 13.64 12.03
N ARG D 26 -7.34 12.36 11.68
CA ARG D 26 -6.48 11.97 10.58
C ARG D 26 -7.25 11.77 9.29
N GLY D 27 -8.58 11.70 9.37
CA GLY D 27 -9.39 11.45 8.20
C GLY D 27 -9.29 10.03 7.68
N GLU D 28 -9.14 9.08 8.59
CA GLU D 28 -8.98 7.68 8.23
C GLU D 28 -9.73 6.80 9.22
N ARG D 29 -10.99 6.51 8.90
CA ARG D 29 -11.88 5.74 9.76
C ARG D 29 -12.82 4.92 8.90
N SER D 30 -12.61 3.61 8.88
CA SER D 30 -13.44 2.71 8.09
C SER D 30 -14.10 1.68 9.01
N PHE D 31 -15.38 1.87 9.27
CA PHE D 31 -16.18 0.90 10.00
C PHE D 31 -17.22 0.33 9.08
N ASP D 32 -17.68 -0.88 9.39
CA ASP D 32 -18.94 -1.34 8.86
C ASP D 32 -20.05 -0.37 9.25
N ILE D 33 -21.03 -0.21 8.38
CA ILE D 33 -22.03 0.84 8.58
C ILE D 33 -22.77 0.66 9.91
N TYR D 34 -22.89 -0.59 10.37
CA TYR D 34 -23.52 -0.82 11.67
C TYR D 34 -22.68 -0.25 12.80
N SER D 35 -21.36 -0.40 12.76
CA SER D 35 -20.51 0.22 13.76
C SER D 35 -20.55 1.73 13.67
N ARG D 36 -20.62 2.27 12.46
CA ARG D 36 -20.71 3.72 12.29
C ARG D 36 -21.99 4.26 12.92
N LEU D 37 -23.10 3.55 12.74
CA LEU D 37 -24.35 3.99 13.37
C LEU D 37 -24.34 3.78 14.87
N LEU D 38 -23.70 2.70 15.34
CA LEU D 38 -23.55 2.50 16.78
C LEU D 38 -22.75 3.65 17.40
N LYS D 39 -21.74 4.15 16.68
CA LYS D 39 -20.99 5.30 17.16
C LYS D 39 -21.89 6.51 17.38
N GLU D 40 -23.00 6.60 16.67
CA GLU D 40 -23.99 7.66 16.85
C GLU D 40 -25.09 7.25 17.83
N ARG D 41 -24.85 6.24 18.67
CA ARG D 41 -25.81 5.76 19.66
C ARG D 41 -27.10 5.29 19.00
N VAL D 42 -26.95 4.50 17.93
CA VAL D 42 -28.09 3.90 17.24
C VAL D 42 -27.88 2.39 17.23
N ILE D 43 -28.81 1.66 17.85
CA ILE D 43 -28.74 0.22 17.97
C ILE D 43 -29.90 -0.39 17.18
N PHE D 44 -29.60 -1.40 16.38
CA PHE D 44 -30.60 -2.07 15.56
C PHE D 44 -31.00 -3.39 16.19
N LEU D 45 -32.31 -3.57 16.38
CA LEU D 45 -32.89 -4.83 16.82
C LEU D 45 -33.74 -5.36 15.68
N THR D 46 -33.18 -6.29 14.90
CA THR D 46 -33.88 -6.81 13.74
C THR D 46 -33.92 -8.33 13.82
N GLY D 47 -34.90 -8.91 13.13
CA GLY D 47 -35.04 -10.34 13.09
C GLY D 47 -35.57 -10.92 14.38
N GLN D 48 -35.52 -12.25 14.45
CA GLN D 48 -35.99 -12.96 15.63
C GLN D 48 -35.15 -12.59 16.85
N VAL D 49 -35.78 -12.66 18.02
CA VAL D 49 -35.09 -12.37 19.28
C VAL D 49 -34.66 -13.69 19.91
N GLU D 50 -33.35 -13.88 20.04
CA GLU D 50 -32.81 -15.09 20.65
C GLU D 50 -31.70 -14.70 21.60
N ASP D 51 -30.99 -15.70 22.13
CA ASP D 51 -30.02 -15.46 23.19
C ASP D 51 -28.84 -14.63 22.70
N HIS D 52 -28.25 -14.99 21.56
CA HIS D 52 -27.03 -14.32 21.13
C HIS D 52 -27.31 -12.92 20.62
N MET D 53 -28.40 -12.74 19.87
CA MET D 53 -28.75 -11.39 19.42
C MET D 53 -29.05 -10.49 20.60
N ALA D 54 -29.80 -10.98 21.58
CA ALA D 54 -30.09 -10.18 22.76
C ALA D 54 -28.83 -9.88 23.55
N ASN D 55 -27.90 -10.83 23.61
CA ASN D 55 -26.65 -10.59 24.30
C ASN D 55 -25.85 -9.50 23.60
N LEU D 56 -25.84 -9.51 22.27
CA LEU D 56 -25.15 -8.46 21.53
C LEU D 56 -25.81 -7.10 21.77
N ILE D 57 -27.14 -7.05 21.79
CA ILE D 57 -27.83 -5.80 22.05
C ILE D 57 -27.50 -5.28 23.46
N VAL D 58 -27.45 -6.20 24.43
CA VAL D 58 -27.14 -5.81 25.80
C VAL D 58 -25.72 -5.28 25.88
N ALA D 59 -24.78 -5.93 25.20
CA ALA D 59 -23.40 -5.44 25.20
C ALA D 59 -23.32 -4.05 24.57
N GLN D 60 -24.02 -3.84 23.47
CA GLN D 60 -24.03 -2.52 22.84
C GLN D 60 -24.59 -1.47 23.77
N MET D 61 -25.70 -1.77 24.45
CA MET D 61 -26.31 -0.80 25.35
C MET D 61 -25.40 -0.50 26.53
N LEU D 62 -24.74 -1.53 27.08
CA LEU D 62 -23.82 -1.29 28.18
C LEU D 62 -22.66 -0.41 27.74
N PHE D 63 -22.10 -0.68 26.56
CA PHE D 63 -21.00 0.14 26.07
C PHE D 63 -21.44 1.59 25.85
N LEU D 64 -22.62 1.78 25.27
CA LEU D 64 -23.09 3.14 25.03
C LEU D 64 -23.39 3.87 26.34
N GLU D 65 -23.88 3.15 27.34
CA GLU D 65 -24.14 3.78 28.63
C GLU D 65 -22.84 4.17 29.31
N ALA D 66 -21.82 3.29 29.26
CA ALA D 66 -20.54 3.61 29.87
C ALA D 66 -19.82 4.72 29.13
N GLU D 67 -20.10 4.85 27.83
CA GLU D 67 -19.43 5.89 27.04
C GLU D 67 -19.93 7.28 27.40
N ASN D 68 -21.25 7.45 27.50
CA ASN D 68 -21.83 8.74 27.79
C ASN D 68 -23.18 8.56 28.48
N PRO D 69 -23.22 8.54 29.81
CA PRO D 69 -24.48 8.22 30.50
C PRO D 69 -25.56 9.26 30.34
N GLU D 70 -25.29 10.38 29.69
CA GLU D 70 -26.26 11.47 29.58
C GLU D 70 -26.95 11.53 28.23
N LYS D 71 -26.40 10.90 27.20
CA LYS D 71 -26.93 10.98 25.85
C LYS D 71 -27.81 9.77 25.57
N ASP D 72 -28.92 10.01 24.86
CA ASP D 72 -29.92 8.97 24.65
C ASP D 72 -29.37 7.85 23.77
N ILE D 73 -30.07 6.72 23.80
CA ILE D 73 -29.77 5.58 22.94
C ILE D 73 -31.01 5.29 22.10
N TYR D 74 -30.82 5.11 20.80
CA TYR D 74 -31.92 4.90 19.88
C TYR D 74 -31.93 3.45 19.44
N LEU D 75 -33.02 2.74 19.76
CA LEU D 75 -33.17 1.33 19.45
C LEU D 75 -34.20 1.18 18.34
N TYR D 76 -33.75 0.79 17.16
CA TYR D 76 -34.62 0.60 16.01
C TYR D 76 -35.12 -0.83 16.00
N ILE D 77 -36.43 -1.01 16.15
CA ILE D 77 -37.04 -2.32 16.35
C ILE D 77 -37.74 -2.75 15.08
N ASN D 78 -37.32 -3.90 14.55
CA ASN D 78 -38.03 -4.58 13.46
C ASN D 78 -37.92 -6.07 13.75
N SER D 79 -38.90 -6.61 14.47
CA SER D 79 -38.74 -7.97 14.95
C SER D 79 -40.07 -8.72 14.94
N PRO D 80 -40.09 -9.96 14.45
CA PRO D 80 -41.32 -10.77 14.53
C PRO D 80 -41.51 -11.43 15.88
N GLY D 81 -40.77 -11.04 16.90
CA GLY D 81 -40.91 -11.61 18.22
C GLY D 81 -39.65 -12.37 18.59
N GLY D 82 -39.82 -13.38 19.44
CA GLY D 82 -38.70 -14.20 19.83
C GLY D 82 -38.93 -14.79 21.21
N VAL D 83 -37.84 -15.27 21.79
CA VAL D 83 -37.89 -15.89 23.11
C VAL D 83 -38.19 -14.83 24.15
N ILE D 84 -39.08 -15.16 25.09
CA ILE D 84 -39.43 -14.21 26.14
C ILE D 84 -38.22 -13.91 27.02
N THR D 85 -37.40 -14.93 27.28
CA THR D 85 -36.27 -14.77 28.19
C THR D 85 -35.26 -13.75 27.67
N ALA D 86 -34.80 -13.94 26.43
CA ALA D 86 -33.83 -13.00 25.85
C ALA D 86 -34.40 -11.60 25.81
N GLY D 87 -35.68 -11.46 25.47
CA GLY D 87 -36.30 -10.16 25.47
C GLY D 87 -36.33 -9.53 26.85
N MET D 88 -36.57 -10.32 27.89
CA MET D 88 -36.55 -9.79 29.25
C MET D 88 -35.15 -9.36 29.65
N SER D 89 -34.12 -10.02 29.12
CA SER D 89 -32.77 -9.55 29.37
C SER D 89 -32.53 -8.16 28.78
N ILE D 90 -32.93 -7.97 27.51
CA ILE D 90 -32.82 -6.65 26.89
C ILE D 90 -33.63 -5.63 27.66
N TYR D 91 -34.81 -6.02 28.13
CA TYR D 91 -35.68 -5.09 28.85
C TYR D 91 -35.07 -4.66 30.16
N ASP D 92 -34.52 -5.62 30.91
CA ASP D 92 -33.89 -5.29 32.18
C ASP D 92 -32.67 -4.40 31.97
N THR D 93 -31.90 -4.66 30.91
CA THR D 93 -30.74 -3.80 30.64
C THR D 93 -31.19 -2.40 30.22
N MET D 94 -32.32 -2.31 29.51
CA MET D 94 -32.86 -1.00 29.16
C MET D 94 -33.31 -0.23 30.40
N GLN D 95 -33.99 -0.92 31.32
CA GLN D 95 -34.49 -0.25 32.52
C GLN D 95 -33.38 0.07 33.51
N PHE D 96 -32.27 -0.67 33.44
CA PHE D 96 -31.22 -0.49 34.45
C PHE D 96 -30.34 0.70 34.13
N ILE D 97 -29.88 0.82 32.88
CA ILE D 97 -28.86 1.82 32.54
C ILE D 97 -29.41 3.22 32.75
N LYS D 98 -28.50 4.18 32.86
CA LYS D 98 -28.89 5.55 33.19
C LYS D 98 -29.51 6.30 32.01
N PRO D 99 -28.89 6.36 30.83
CA PRO D 99 -29.47 7.19 29.77
C PRO D 99 -30.81 6.67 29.27
N ASP D 100 -31.64 7.60 28.82
CA ASP D 100 -32.94 7.24 28.28
C ASP D 100 -32.77 6.54 26.93
N VAL D 101 -33.41 5.39 26.79
CA VAL D 101 -33.39 4.63 25.54
C VAL D 101 -34.71 4.87 24.83
N SER D 102 -34.63 5.37 23.60
CA SER D 102 -35.81 5.68 22.80
C SER D 102 -35.96 4.61 21.73
N THR D 103 -37.13 3.99 21.67
CA THR D 103 -37.40 2.89 20.77
C THR D 103 -38.22 3.37 19.58
N ILE D 104 -37.73 3.09 18.37
CA ILE D 104 -38.40 3.46 17.14
C ILE D 104 -38.79 2.17 16.42
N CYS D 105 -40.08 1.99 16.18
CA CYS D 105 -40.59 0.78 15.55
C CYS D 105 -40.73 1.00 14.05
N MET D 106 -39.83 0.41 13.28
CA MET D 106 -39.92 0.41 11.83
C MET D 106 -40.20 -1.01 11.37
N GLY D 107 -41.12 -1.14 10.43
CA GLY D 107 -41.54 -2.46 9.98
C GLY D 107 -42.61 -3.04 10.88
N GLN D 108 -42.24 -3.97 11.75
CA GLN D 108 -43.20 -4.63 12.62
C GLN D 108 -42.61 -4.81 14.02
N ALA D 109 -43.47 -5.24 14.94
CA ALA D 109 -43.09 -5.56 16.32
C ALA D 109 -44.13 -6.54 16.85
N ALA D 110 -43.78 -7.83 16.91
CA ALA D 110 -44.73 -8.87 17.25
C ALA D 110 -44.57 -9.32 18.70
N SER D 111 -45.12 -8.52 19.60
CA SER D 111 -45.33 -8.82 21.02
C SER D 111 -43.99 -8.84 21.75
N MET D 112 -42.85 -8.98 21.06
CA MET D 112 -41.58 -8.91 21.77
C MET D 112 -40.80 -7.69 21.31
N GLY D 113 -40.68 -7.50 20.01
CA GLY D 113 -40.41 -6.16 19.51
C GLY D 113 -41.42 -5.18 20.06
N ALA D 114 -42.67 -5.60 20.20
CA ALA D 114 -43.70 -4.71 20.74
C ALA D 114 -43.49 -4.47 22.23
N PHE D 115 -43.18 -5.52 22.99
CA PHE D 115 -42.90 -5.32 24.40
C PHE D 115 -41.72 -4.36 24.59
N LEU D 116 -40.63 -4.59 23.87
CA LEU D 116 -39.47 -3.71 24.00
C LEU D 116 -39.75 -2.31 23.47
N LEU D 117 -40.69 -2.18 22.52
CA LEU D 117 -41.06 -0.86 22.03
C LEU D 117 -41.80 -0.08 23.09
N THR D 118 -42.81 -0.70 23.71
CA THR D 118 -43.49 -0.03 24.82
C THR D 118 -42.60 0.14 26.03
N ALA D 119 -41.48 -0.59 26.09
CA ALA D 119 -40.57 -0.50 27.21
C ALA D 119 -39.59 0.66 27.10
N GLY D 120 -39.69 1.48 26.06
CA GLY D 120 -38.79 2.60 25.91
C GLY D 120 -39.07 3.70 26.92
N ALA D 121 -38.20 4.71 26.90
CA ALA D 121 -38.37 5.85 27.78
C ALA D 121 -39.66 6.59 27.44
N LYS D 122 -40.42 6.92 28.48
CA LYS D 122 -41.72 7.55 28.28
C LYS D 122 -41.55 8.88 27.57
N GLY D 123 -42.39 9.12 26.57
CA GLY D 123 -42.31 10.30 25.74
C GLY D 123 -41.35 10.18 24.57
N LYS D 124 -40.57 9.11 24.51
CA LYS D 124 -39.57 8.92 23.45
C LYS D 124 -39.79 7.62 22.69
N ARG D 125 -40.97 7.02 22.79
CA ARG D 125 -41.29 5.81 22.04
C ARG D 125 -42.05 6.21 20.78
N PHE D 126 -41.38 6.14 19.63
CA PHE D 126 -41.96 6.52 18.36
C PHE D 126 -42.16 5.29 17.49
N CYS D 127 -43.06 5.40 16.52
CA CYS D 127 -43.26 4.38 15.52
C CYS D 127 -43.58 5.04 14.18
N LEU D 128 -43.03 4.49 13.11
CA LEU D 128 -43.22 5.06 11.79
C LEU D 128 -44.67 4.86 11.33
N PRO D 129 -45.16 5.72 10.44
CA PRO D 129 -46.60 5.72 10.15
C PRO D 129 -47.13 4.43 9.56
N ASN D 130 -46.30 3.63 8.90
CA ASN D 130 -46.75 2.40 8.28
C ASN D 130 -46.27 1.16 9.03
N SER D 131 -45.84 1.31 10.28
CA SER D 131 -45.43 0.15 11.05
C SER D 131 -46.66 -0.63 11.52
N ARG D 132 -46.43 -1.89 11.87
CA ARG D 132 -47.47 -2.78 12.36
C ARG D 132 -47.05 -3.36 13.70
N VAL D 133 -47.94 -3.29 14.69
CA VAL D 133 -47.64 -3.75 16.03
C VAL D 133 -48.65 -4.81 16.40
N MET D 134 -48.16 -5.93 16.93
CA MET D 134 -49.00 -7.02 17.38
C MET D 134 -48.61 -7.39 18.81
N ILE D 135 -49.61 -7.72 19.63
CA ILE D 135 -49.40 -8.16 20.99
C ILE D 135 -50.22 -9.42 21.22
N HIS D 136 -49.68 -10.34 22.02
CA HIS D 136 -50.37 -11.59 22.31
C HIS D 136 -49.74 -12.22 23.54
N GLN D 137 -50.47 -13.15 24.15
CA GLN D 137 -49.96 -13.88 25.29
C GLN D 137 -48.80 -14.77 24.87
N PRO D 138 -47.86 -15.06 25.76
CA PRO D 138 -46.69 -15.85 25.38
C PRO D 138 -47.06 -17.28 25.02
N LEU D 139 -46.25 -17.87 24.15
CA LEU D 139 -46.38 -19.26 23.74
C LEU D 139 -45.37 -20.13 24.49
N GLY D 140 -45.59 -21.43 24.42
CA GLY D 140 -44.68 -22.36 25.07
C GLY D 140 -45.21 -23.77 24.97
N GLY D 141 -44.71 -24.63 25.85
CA GLY D 141 -45.16 -26.00 25.88
C GLY D 141 -44.17 -26.87 26.62
N TYR D 142 -44.61 -28.10 26.88
CA TYR D 142 -43.77 -29.08 27.55
C TYR D 142 -44.36 -30.47 27.35
N GLN D 143 -43.49 -31.47 27.27
CA GLN D 143 -43.89 -32.86 27.18
C GLN D 143 -43.23 -33.65 28.29
N GLY D 144 -44.00 -34.47 28.98
CA GLY D 144 -43.46 -35.26 30.07
C GLY D 144 -44.56 -35.72 31.01
N GLN D 145 -44.15 -36.02 32.23
CA GLN D 145 -45.09 -36.49 33.25
C GLN D 145 -46.04 -35.38 33.65
N ALA D 146 -47.15 -35.77 34.29
CA ALA D 146 -48.18 -34.81 34.66
C ALA D 146 -47.65 -33.78 35.65
N THR D 147 -46.77 -34.20 36.56
CA THR D 147 -46.23 -33.26 37.54
C THR D 147 -45.37 -32.20 36.88
N ASP D 148 -44.48 -32.60 35.98
CA ASP D 148 -43.67 -31.62 35.26
C ASP D 148 -44.54 -30.75 34.36
N ILE D 149 -45.59 -31.32 33.77
CA ILE D 149 -46.52 -30.50 32.98
C ILE D 149 -47.14 -29.42 33.85
N GLU D 150 -47.58 -29.78 35.06
CA GLU D 150 -48.16 -28.80 35.96
C GLU D 150 -47.15 -27.73 36.34
N ILE D 151 -45.91 -28.14 36.62
CA ILE D 151 -44.89 -27.18 37.00
C ILE D 151 -44.65 -26.17 35.87
N HIS D 152 -44.46 -26.67 34.65
CA HIS D 152 -44.18 -25.77 33.54
C HIS D 152 -45.38 -24.92 33.18
N ALA D 153 -46.59 -25.44 33.37
CA ALA D 153 -47.78 -24.64 33.11
C ALA D 153 -47.91 -23.51 34.12
N ARG D 154 -47.67 -23.81 35.40
CA ARG D 154 -47.67 -22.74 36.40
C ARG D 154 -46.61 -21.70 36.09
N GLU D 155 -45.45 -22.14 35.63
CA GLU D 155 -44.38 -21.20 35.30
C GLU D 155 -44.77 -20.30 34.13
N ILE D 156 -45.34 -20.88 33.08
CA ILE D 156 -45.71 -20.06 31.92
C ILE D 156 -46.86 -19.14 32.26
N LEU D 157 -47.76 -19.56 33.16
CA LEU D 157 -48.82 -18.66 33.61
C LEU D 157 -48.25 -17.49 34.40
N LYS D 158 -47.28 -17.76 35.27
CA LYS D 158 -46.63 -16.68 36.01
C LYS D 158 -45.92 -15.73 35.07
N VAL D 159 -45.29 -16.26 34.02
CA VAL D 159 -44.60 -15.41 33.06
C VAL D 159 -45.60 -14.53 32.31
N LYS D 160 -46.73 -15.12 31.91
CA LYS D 160 -47.77 -14.34 31.25
C LYS D 160 -48.30 -13.24 32.15
N GLY D 161 -48.52 -13.56 33.42
CA GLY D 161 -48.98 -12.55 34.35
C GLY D 161 -47.98 -11.42 34.54
N ARG D 162 -46.70 -11.78 34.64
CA ARG D 162 -45.65 -10.76 34.79
C ARG D 162 -45.58 -9.87 33.56
N MET D 163 -45.70 -10.46 32.36
CA MET D 163 -45.68 -9.67 31.14
C MET D 163 -46.88 -8.74 31.05
N ASN D 164 -48.05 -9.24 31.44
CA ASN D 164 -49.24 -8.38 31.45
C ASN D 164 -49.08 -7.23 32.44
N GLU D 165 -48.52 -7.50 33.62
CA GLU D 165 -48.29 -6.44 34.58
C GLU D 165 -47.33 -5.39 34.01
N LEU D 166 -46.23 -5.83 33.40
CA LEU D 166 -45.26 -4.88 32.86
C LEU D 166 -45.86 -4.06 31.73
N MET D 167 -46.67 -4.68 30.87
CA MET D 167 -47.28 -3.93 29.78
C MET D 167 -48.31 -2.93 30.30
N ALA D 168 -49.12 -3.34 31.29
CA ALA D 168 -50.08 -2.42 31.87
C ALA D 168 -49.38 -1.27 32.56
N LEU D 169 -48.17 -1.50 33.06
CA LEU D 169 -47.41 -0.42 33.68
C LEU D 169 -46.88 0.54 32.61
N HIS D 170 -46.33 0.00 31.53
CA HIS D 170 -45.65 0.83 30.55
C HIS D 170 -46.60 1.56 29.62
N THR D 171 -47.78 1.01 29.37
CA THR D 171 -48.72 1.63 28.45
C THR D 171 -49.77 2.50 29.12
N GLY D 172 -49.97 2.33 30.43
CA GLY D 172 -50.98 3.08 31.14
C GLY D 172 -52.35 2.45 31.17
N GLN D 173 -52.59 1.44 30.34
CA GLN D 173 -53.87 0.75 30.36
C GLN D 173 -53.99 -0.08 31.64
N SER D 174 -55.24 -0.35 32.02
CA SER D 174 -55.48 -1.17 33.20
C SER D 174 -55.08 -2.61 32.93
N LEU D 175 -54.72 -3.32 34.00
CA LEU D 175 -54.26 -4.70 33.87
C LEU D 175 -55.34 -5.58 33.25
N GLU D 176 -56.60 -5.36 33.62
CA GLU D 176 -57.68 -6.16 33.05
C GLU D 176 -57.84 -5.89 31.56
N GLN D 177 -57.64 -4.63 31.15
CA GLN D 177 -57.74 -4.30 29.73
C GLN D 177 -56.64 -5.00 28.94
N ILE D 178 -55.41 -4.99 29.45
CA ILE D 178 -54.32 -5.69 28.77
C ILE D 178 -54.61 -7.19 28.74
N GLU D 179 -55.13 -7.73 29.83
CA GLU D 179 -55.41 -9.16 29.90
C GLU D 179 -56.48 -9.55 28.88
N ARG D 180 -57.47 -8.69 28.68
CA ARG D 180 -58.52 -9.00 27.71
C ARG D 180 -58.04 -8.78 26.28
N ASP D 181 -57.13 -7.83 26.08
CA ASP D 181 -56.66 -7.52 24.73
C ASP D 181 -55.64 -8.53 24.23
N THR D 182 -54.75 -9.02 25.07
CA THR D 182 -53.69 -9.93 24.65
C THR D 182 -54.12 -11.39 24.70
N GLU D 183 -55.41 -11.67 24.84
CA GLU D 183 -55.87 -13.05 24.79
C GLU D 183 -55.63 -13.65 23.41
N ARG D 184 -55.80 -12.84 22.37
CA ARG D 184 -55.51 -13.24 21.00
C ARG D 184 -54.60 -12.19 20.37
N ASP D 185 -54.17 -12.48 19.15
CA ASP D 185 -53.33 -11.53 18.42
C ASP D 185 -54.09 -10.24 18.15
N ARG D 186 -53.56 -9.13 18.66
CA ARG D 186 -54.15 -7.81 18.45
C ARG D 186 -53.22 -7.00 17.58
N PHE D 187 -53.66 -6.71 16.36
CA PHE D 187 -52.88 -5.93 15.40
C PHE D 187 -53.24 -4.46 15.53
N LEU D 188 -52.21 -3.63 15.70
CA LEU D 188 -52.38 -2.20 15.86
C LEU D 188 -51.51 -1.46 14.86
N SER D 189 -52.12 -0.58 14.09
CA SER D 189 -51.35 0.29 13.21
C SER D 189 -50.73 1.41 14.03
N ALA D 190 -50.04 2.32 13.33
CA ALA D 190 -49.38 3.42 14.02
C ALA D 190 -50.34 4.32 14.78
N PRO D 191 -51.45 4.81 14.20
CA PRO D 191 -52.36 5.63 15.00
C PRO D 191 -53.04 4.87 16.12
N GLU D 192 -53.43 3.62 15.87
CA GLU D 192 -54.02 2.82 16.93
C GLU D 192 -53.00 2.51 18.03
N ALA D 193 -51.74 2.33 17.67
CA ALA D 193 -50.72 2.12 18.69
C ALA D 193 -50.48 3.38 19.51
N VAL D 194 -50.54 4.55 18.86
CA VAL D 194 -50.37 5.80 19.58
C VAL D 194 -51.53 6.01 20.55
N GLU D 195 -52.76 5.78 20.07
CA GLU D 195 -53.93 5.96 20.92
C GLU D 195 -53.97 4.93 22.03
N TYR D 196 -53.47 3.72 21.77
CA TYR D 196 -53.51 2.66 22.77
C TYR D 196 -52.55 2.95 23.91
N GLY D 197 -51.45 3.63 23.62
CA GLY D 197 -50.43 3.92 24.62
C GLY D 197 -49.12 3.19 24.43
N LEU D 198 -48.99 2.37 23.39
CA LEU D 198 -47.73 1.67 23.15
C LEU D 198 -46.61 2.64 22.81
N VAL D 199 -46.88 3.60 21.93
CA VAL D 199 -45.92 4.61 21.53
C VAL D 199 -46.48 5.98 21.84
N ASP D 200 -45.61 6.98 21.78
CA ASP D 200 -46.00 8.33 22.17
C ASP D 200 -46.37 9.20 20.97
N SER D 201 -45.73 9.00 19.82
CA SER D 201 -46.02 9.79 18.64
C SER D 201 -45.50 9.06 17.42
N ILE D 202 -45.76 9.64 16.25
CA ILE D 202 -45.39 9.06 14.97
C ILE D 202 -44.40 9.98 14.27
N LEU D 203 -43.27 9.41 13.86
CA LEU D 203 -42.31 10.14 13.07
C LEU D 203 -42.78 10.24 11.62
N THR D 204 -42.91 11.47 11.14
CA THR D 204 -43.43 11.69 9.79
C THR D 204 -42.38 12.27 8.86
N HIS D 205 -41.74 13.38 9.24
CA HIS D 205 -40.77 14.05 8.40
C HIS D 205 -39.72 14.74 9.26
N ARG D 206 -38.69 15.26 8.62
CA ARG D 206 -37.62 15.96 9.31
C ARG D 206 -38.12 17.28 9.89
N ALA E 15 -18.28 -6.82 10.94
CA ALA E 15 -19.39 -7.43 10.23
C ALA E 15 -20.61 -7.55 11.14
N LEU E 16 -21.00 -8.78 11.46
CA LEU E 16 -22.13 -8.99 12.36
C LEU E 16 -21.85 -8.40 13.74
N VAL E 17 -20.59 -8.36 14.14
CA VAL E 17 -20.20 -7.82 15.44
C VAL E 17 -19.70 -6.39 15.22
N PRO E 18 -20.05 -5.46 16.09
CA PRO E 18 -19.63 -4.06 15.88
C PRO E 18 -18.22 -3.81 16.40
N MET E 19 -17.65 -2.71 15.91
CA MET E 19 -16.36 -2.23 16.38
C MET E 19 -16.54 -0.91 17.11
N VAL E 20 -15.64 -0.63 18.05
CA VAL E 20 -15.72 0.57 18.87
C VAL E 20 -14.39 1.30 18.84
N ILE E 21 -14.41 2.55 19.27
CA ILE E 21 -13.23 3.41 19.28
C ILE E 21 -13.07 4.00 20.67
N GLU E 22 -11.87 3.89 21.21
CA GLU E 22 -11.53 4.48 22.50
C GLU E 22 -10.12 5.03 22.44
N GLN E 23 -9.87 6.11 23.18
CA GLN E 23 -8.61 6.83 23.11
C GLN E 23 -7.89 6.80 24.44
N THR E 24 -6.66 6.29 24.43
CA THR E 24 -5.82 6.37 25.62
C THR E 24 -4.59 7.24 25.35
N SER E 25 -3.78 6.84 24.38
CA SER E 25 -2.55 7.57 24.06
C SER E 25 -2.59 8.13 22.64
N ARG E 26 -2.80 7.27 21.65
CA ARG E 26 -2.81 7.69 20.25
C ARG E 26 -4.22 7.95 19.75
N GLY E 27 -5.23 7.50 20.48
CA GLY E 27 -6.60 7.65 20.04
C GLY E 27 -6.96 6.73 18.88
N GLU E 28 -6.38 5.54 18.86
CA GLU E 28 -6.62 4.59 17.78
C GLU E 28 -6.70 3.18 18.35
N ARG E 29 -7.91 2.76 18.68
CA ARG E 29 -8.18 1.46 19.29
C ARG E 29 -9.52 0.94 18.81
N SER E 30 -9.49 -0.08 17.96
CA SER E 30 -10.70 -0.67 17.42
C SER E 30 -10.77 -2.14 17.81
N PHE E 31 -11.63 -2.46 18.77
CA PHE E 31 -11.91 -3.83 19.15
C PHE E 31 -13.35 -4.14 18.82
N ASP E 32 -13.63 -5.43 18.61
CA ASP E 32 -15.00 -5.89 18.71
C ASP E 32 -15.54 -5.55 20.09
N ILE E 33 -16.85 -5.26 20.16
CA ILE E 33 -17.42 -4.75 21.40
C ILE E 33 -17.22 -5.73 22.55
N TYR E 34 -17.16 -7.03 22.24
CA TYR E 34 -16.90 -8.02 23.28
C TYR E 34 -15.51 -7.87 23.86
N SER E 35 -14.50 -7.63 23.02
CA SER E 35 -13.16 -7.38 23.54
C SER E 35 -13.11 -6.07 24.33
N ARG E 36 -13.85 -5.05 23.88
CA ARG E 36 -13.88 -3.79 24.62
C ARG E 36 -14.47 -3.99 26.01
N LEU E 37 -15.53 -4.80 26.11
CA LEU E 37 -16.10 -5.05 27.43
C LEU E 37 -15.21 -5.96 28.27
N LEU E 38 -14.52 -6.91 27.64
CA LEU E 38 -13.56 -7.73 28.37
C LEU E 38 -12.45 -6.87 28.95
N LYS E 39 -12.02 -5.84 28.22
CA LYS E 39 -11.04 -4.90 28.73
C LYS E 39 -11.50 -4.24 30.02
N GLU E 40 -12.81 -4.11 30.22
CA GLU E 40 -13.37 -3.59 31.45
C GLU E 40 -13.71 -4.69 32.45
N ARG E 41 -13.11 -5.87 32.30
CA ARG E 41 -13.33 -7.00 33.21
C ARG E 41 -14.80 -7.42 33.22
N VAL E 42 -15.39 -7.54 32.04
CA VAL E 42 -16.77 -8.00 31.88
C VAL E 42 -16.75 -9.20 30.95
N ILE E 43 -17.19 -10.35 31.46
CA ILE E 43 -17.20 -11.60 30.70
C ILE E 43 -18.65 -12.02 30.51
N PHE E 44 -18.97 -12.41 29.28
CA PHE E 44 -20.32 -12.83 28.93
C PHE E 44 -20.39 -14.34 28.84
N LEU E 45 -21.34 -14.92 29.57
CA LEU E 45 -21.65 -16.35 29.48
C LEU E 45 -23.05 -16.47 28.93
N THR E 46 -23.17 -16.72 27.64
CA THR E 46 -24.47 -16.78 26.98
C THR E 46 -24.60 -18.10 26.23
N GLY E 47 -25.84 -18.50 26.01
CA GLY E 47 -26.11 -19.72 25.28
C GLY E 47 -25.81 -20.97 26.08
N GLN E 48 -25.85 -22.10 25.38
CA GLN E 48 -25.58 -23.38 26.00
C GLN E 48 -24.15 -23.44 26.52
N VAL E 49 -23.95 -24.23 27.57
CA VAL E 49 -22.64 -24.42 28.16
C VAL E 49 -22.03 -25.70 27.61
N GLU E 50 -20.94 -25.58 26.87
CA GLU E 50 -20.25 -26.74 26.30
C GLU E 50 -18.76 -26.58 26.53
N ASP E 51 -17.97 -27.48 25.94
CA ASP E 51 -16.54 -27.53 26.22
C ASP E 51 -15.81 -26.29 25.71
N HIS E 52 -16.07 -25.88 24.47
CA HIS E 52 -15.29 -24.80 23.88
C HIS E 52 -15.69 -23.45 24.48
N MET E 53 -16.98 -23.23 24.69
CA MET E 53 -17.41 -21.98 25.33
C MET E 53 -16.86 -21.87 26.74
N ALA E 54 -16.91 -22.96 27.51
CA ALA E 54 -16.37 -22.95 28.85
C ALA E 54 -14.86 -22.73 28.83
N ASN E 55 -14.18 -23.31 27.85
CA ASN E 55 -12.74 -23.11 27.73
C ASN E 55 -12.42 -21.65 27.44
N LEU E 56 -13.22 -21.01 26.59
CA LEU E 56 -13.02 -19.60 26.32
C LEU E 56 -13.27 -18.75 27.56
N ILE E 57 -14.31 -19.08 28.32
CA ILE E 57 -14.59 -18.34 29.55
C ILE E 57 -13.43 -18.51 30.54
N VAL E 58 -12.90 -19.73 30.64
CA VAL E 58 -11.79 -19.99 31.56
C VAL E 58 -10.56 -19.20 31.13
N ALA E 59 -10.28 -19.16 29.82
CA ALA E 59 -9.14 -18.38 29.34
C ALA E 59 -9.32 -16.91 29.65
N GLN E 60 -10.53 -16.38 29.44
CA GLN E 60 -10.78 -14.97 29.76
C GLN E 60 -10.58 -14.70 31.24
N MET E 61 -11.07 -15.58 32.10
CA MET E 61 -10.93 -15.36 33.54
C MET E 61 -9.47 -15.44 33.97
N LEU E 62 -8.72 -16.39 33.40
CA LEU E 62 -7.30 -16.48 33.73
C LEU E 62 -6.55 -15.22 33.29
N PHE E 63 -6.85 -14.72 32.09
CA PHE E 63 -6.19 -13.51 31.62
C PHE E 63 -6.54 -12.32 32.51
N LEU E 64 -7.81 -12.19 32.88
CA LEU E 64 -8.20 -11.07 33.73
C LEU E 64 -7.58 -11.16 35.11
N GLU E 65 -7.44 -12.39 35.64
CA GLU E 65 -6.80 -12.55 36.95
C GLU E 65 -5.33 -12.21 36.88
N ALA E 66 -4.64 -12.64 35.82
CA ALA E 66 -3.23 -12.34 35.70
C ALA E 66 -3.00 -10.86 35.43
N GLU E 67 -3.98 -10.19 34.82
CA GLU E 67 -3.82 -8.78 34.51
C GLU E 67 -3.88 -7.93 35.77
N ASN E 68 -4.85 -8.17 36.64
CA ASN E 68 -5.02 -7.39 37.86
C ASN E 68 -5.70 -8.24 38.93
N PRO E 69 -4.94 -8.90 39.79
CA PRO E 69 -5.54 -9.84 40.74
C PRO E 69 -6.40 -9.19 41.80
N GLU E 70 -6.48 -7.86 41.84
CA GLU E 70 -7.21 -7.16 42.88
C GLU E 70 -8.57 -6.64 42.44
N LYS E 71 -8.80 -6.53 41.14
CA LYS E 71 -10.02 -5.95 40.60
C LYS E 71 -11.01 -7.06 40.24
N ASP E 72 -12.28 -6.81 40.54
CA ASP E 72 -13.31 -7.84 40.37
C ASP E 72 -13.52 -8.19 38.91
N ILE E 73 -14.15 -9.34 38.68
CA ILE E 73 -14.54 -9.80 37.36
C ILE E 73 -16.05 -9.97 37.34
N TYR E 74 -16.69 -9.43 36.31
CA TYR E 74 -18.14 -9.45 36.20
C TYR E 74 -18.56 -10.46 35.14
N LEU E 75 -19.29 -11.49 35.55
CA LEU E 75 -19.73 -12.56 34.67
C LEU E 75 -21.22 -12.43 34.44
N TYR E 76 -21.60 -12.06 33.22
CA TYR E 76 -23.00 -11.89 32.86
C TYR E 76 -23.54 -13.21 32.35
N ILE E 77 -24.51 -13.77 33.06
CA ILE E 77 -24.99 -15.13 32.82
C ILE E 77 -26.36 -15.06 32.14
N ASN E 78 -26.46 -15.66 30.96
CA ASN E 78 -27.73 -15.88 30.27
C ASN E 78 -27.61 -17.24 29.59
N SER E 79 -28.00 -18.30 30.29
CA SER E 79 -27.72 -19.63 29.77
C SER E 79 -28.85 -20.59 30.08
N PRO E 80 -29.28 -21.40 29.10
CA PRO E 80 -30.28 -22.44 29.39
C PRO E 80 -29.69 -23.70 29.99
N GLY E 81 -28.45 -23.66 30.46
CA GLY E 81 -27.83 -24.81 31.06
C GLY E 81 -26.67 -25.29 30.21
N GLY E 82 -26.40 -26.58 30.28
CA GLY E 82 -25.35 -27.17 29.48
C GLY E 82 -24.76 -28.38 30.16
N VAL E 83 -23.59 -28.78 29.69
CA VAL E 83 -22.89 -29.95 30.21
C VAL E 83 -22.40 -29.64 31.62
N ILE E 84 -22.58 -30.60 32.52
CA ILE E 84 -22.15 -30.42 33.90
C ILE E 84 -20.63 -30.27 33.96
N THR E 85 -19.92 -31.02 33.13
CA THR E 85 -18.46 -31.03 33.19
C THR E 85 -17.88 -29.66 32.86
N ALA E 86 -18.26 -29.10 31.71
CA ALA E 86 -17.76 -27.78 31.33
C ALA E 86 -18.11 -26.74 32.37
N GLY E 87 -19.32 -26.80 32.92
CA GLY E 87 -19.68 -25.89 33.99
C GLY E 87 -18.82 -26.03 35.22
N MET E 88 -18.46 -27.27 35.57
CA MET E 88 -17.58 -27.47 36.71
C MET E 88 -16.19 -26.93 36.45
N SER E 89 -15.75 -26.94 35.19
CA SER E 89 -14.47 -26.31 34.87
C SER E 89 -14.52 -24.81 35.12
N ILE E 90 -15.57 -24.15 34.63
CA ILE E 90 -15.73 -22.73 34.89
C ILE E 90 -15.82 -22.45 36.38
N TYR E 91 -16.51 -23.33 37.11
CA TYR E 91 -16.70 -23.13 38.55
C TYR E 91 -15.37 -23.24 39.29
N ASP E 92 -14.58 -24.26 38.94
CA ASP E 92 -13.28 -24.43 39.59
C ASP E 92 -12.37 -23.25 39.27
N THR E 93 -12.41 -22.75 38.04
CA THR E 93 -11.57 -21.60 37.70
C THR E 93 -12.05 -20.35 38.44
N MET E 94 -13.36 -20.23 38.66
CA MET E 94 -13.88 -19.11 39.44
C MET E 94 -13.43 -19.20 40.89
N GLN E 95 -13.48 -20.38 41.47
CA GLN E 95 -13.09 -20.55 42.87
C GLN E 95 -11.59 -20.47 43.06
N PHE E 96 -10.81 -20.75 42.03
CA PHE E 96 -9.36 -20.81 42.19
C PHE E 96 -8.73 -19.43 42.15
N ILE E 97 -9.12 -18.60 41.18
CA ILE E 97 -8.42 -17.34 40.95
C ILE E 97 -8.59 -16.42 42.14
N LYS E 98 -7.70 -15.42 42.24
CA LYS E 98 -7.70 -14.54 43.41
C LYS E 98 -8.83 -13.51 43.40
N PRO E 99 -9.04 -12.73 42.34
CA PRO E 99 -10.05 -11.67 42.42
C PRO E 99 -11.46 -12.22 42.55
N ASP E 100 -12.30 -11.45 43.22
CA ASP E 100 -13.69 -11.84 43.40
C ASP E 100 -14.43 -11.73 42.06
N VAL E 101 -15.14 -12.79 41.69
CA VAL E 101 -15.94 -12.81 40.48
C VAL E 101 -17.40 -12.61 40.87
N SER E 102 -18.03 -11.58 40.32
CA SER E 102 -19.41 -11.25 40.61
C SER E 102 -20.28 -11.66 39.43
N THR E 103 -21.29 -12.47 39.70
CA THR E 103 -22.14 -13.02 38.66
C THR E 103 -23.47 -12.27 38.61
N ILE E 104 -23.83 -11.78 37.43
CA ILE E 104 -25.07 -11.06 37.21
C ILE E 104 -25.93 -11.89 36.26
N CYS E 105 -27.12 -12.27 36.70
CA CYS E 105 -28.02 -13.10 35.93
C CYS E 105 -29.01 -12.23 35.16
N MET E 106 -28.80 -12.12 33.86
CA MET E 106 -29.74 -11.44 32.98
C MET E 106 -30.38 -12.47 32.06
N GLY E 107 -31.69 -12.37 31.89
CA GLY E 107 -32.39 -13.36 31.12
C GLY E 107 -32.77 -14.57 31.96
N GLN E 108 -32.04 -15.67 31.81
CA GLN E 108 -32.34 -16.90 32.54
C GLN E 108 -31.06 -17.56 33.01
N ALA E 109 -31.23 -18.60 33.82
CA ALA E 109 -30.14 -19.42 34.32
C ALA E 109 -30.74 -20.79 34.70
N ALA E 110 -30.54 -21.79 33.85
CA ALA E 110 -31.19 -23.08 34.01
C ALA E 110 -30.24 -24.11 34.60
N SER E 111 -30.05 -24.02 35.92
CA SER E 111 -29.40 -25.02 36.77
C SER E 111 -27.90 -25.02 36.50
N MET E 112 -27.42 -24.51 35.37
CA MET E 112 -25.98 -24.45 35.17
C MET E 112 -25.52 -23.02 35.11
N GLY E 113 -26.18 -22.19 34.31
CA GLY E 113 -26.15 -20.77 34.57
C GLY E 113 -26.53 -20.47 36.01
N ALA E 114 -27.48 -21.23 36.56
CA ALA E 114 -27.89 -21.03 37.94
C ALA E 114 -26.81 -21.48 38.91
N PHE E 115 -26.21 -22.64 38.66
CA PHE E 115 -25.11 -23.08 39.52
C PHE E 115 -23.97 -22.07 39.52
N LEU E 116 -23.56 -21.61 38.34
CA LEU E 116 -22.48 -20.64 38.26
C LEU E 116 -22.90 -19.30 38.85
N LEU E 117 -24.19 -18.97 38.81
CA LEU E 117 -24.66 -17.73 39.41
C LEU E 117 -24.54 -17.79 40.93
N THR E 118 -25.03 -18.88 41.54
CA THR E 118 -24.85 -19.04 42.98
C THR E 118 -23.39 -19.24 43.36
N ALA E 119 -22.54 -19.58 42.39
CA ALA E 119 -21.13 -19.81 42.66
C ALA E 119 -20.31 -18.53 42.68
N GLY E 120 -20.94 -17.36 42.53
CA GLY E 120 -20.21 -16.12 42.55
C GLY E 120 -19.71 -15.77 43.94
N ALA E 121 -18.95 -14.68 44.00
CA ALA E 121 -18.45 -14.20 45.28
C ALA E 121 -19.60 -13.76 46.17
N LYS E 122 -19.56 -14.20 47.43
CA LYS E 122 -20.66 -13.92 48.34
C LYS E 122 -20.83 -12.42 48.53
N GLY E 123 -22.07 -11.96 48.47
CA GLY E 123 -22.38 -10.55 48.54
C GLY E 123 -22.33 -9.84 47.21
N LYS E 124 -21.85 -10.49 46.16
CA LYS E 124 -21.71 -9.87 44.84
C LYS E 124 -22.45 -10.64 43.77
N ARG E 125 -23.40 -11.49 44.15
CA ARG E 125 -24.21 -12.23 43.18
C ARG E 125 -25.53 -11.49 43.01
N PHE E 126 -25.69 -10.82 41.87
CA PHE E 126 -26.89 -10.05 41.59
C PHE E 126 -27.67 -10.70 40.47
N CYS E 127 -28.96 -10.37 40.40
CA CYS E 127 -29.82 -10.80 39.31
C CYS E 127 -30.81 -9.69 39.00
N LEU E 128 -31.07 -9.48 37.71
CA LEU E 128 -31.95 -8.41 37.29
C LEU E 128 -33.39 -8.75 37.67
N PRO E 129 -34.24 -7.73 37.83
CA PRO E 129 -35.57 -7.97 38.45
C PRO E 129 -36.46 -8.91 37.65
N ASN E 130 -36.27 -9.03 36.34
CA ASN E 130 -37.11 -9.89 35.52
C ASN E 130 -36.39 -11.15 35.06
N SER E 131 -35.30 -11.52 35.70
CA SER E 131 -34.62 -12.74 35.34
C SER E 131 -35.38 -13.95 35.88
N ARG E 132 -35.11 -15.11 35.30
CA ARG E 132 -35.73 -16.35 35.70
C ARG E 132 -34.65 -17.38 36.01
N VAL E 133 -34.75 -18.02 37.16
CA VAL E 133 -33.76 -18.99 37.61
C VAL E 133 -34.43 -20.33 37.81
N MET E 134 -33.84 -21.38 37.28
CA MET E 134 -34.33 -22.74 37.43
C MET E 134 -33.21 -23.63 37.93
N ILE E 135 -33.54 -24.56 38.81
CA ILE E 135 -32.60 -25.54 39.34
C ILE E 135 -33.23 -26.92 39.24
N HIS E 136 -32.41 -27.93 38.96
CA HIS E 136 -32.90 -29.29 38.84
C HIS E 136 -31.72 -30.24 38.94
N GLN E 137 -32.02 -31.50 39.22
CA GLN E 137 -31.00 -32.54 39.28
C GLN E 137 -30.41 -32.76 37.90
N PRO E 138 -29.16 -33.19 37.80
CA PRO E 138 -28.54 -33.35 36.48
C PRO E 138 -29.17 -34.47 35.67
N LEU E 139 -29.09 -34.32 34.35
CA LEU E 139 -29.58 -35.32 33.41
C LEU E 139 -28.42 -36.14 32.86
N GLY E 140 -28.75 -37.25 32.23
CA GLY E 140 -27.73 -38.10 31.66
C GLY E 140 -28.33 -39.37 31.11
N GLY E 141 -27.49 -40.38 30.94
CA GLY E 141 -27.97 -41.65 30.45
C GLY E 141 -26.82 -42.47 29.89
N TYR E 142 -27.12 -43.74 29.64
CA TYR E 142 -26.15 -44.66 29.08
C TYR E 142 -26.87 -45.88 28.52
N GLN E 143 -26.32 -46.44 27.45
CA GLN E 143 -26.82 -47.66 26.85
C GLN E 143 -25.69 -48.68 26.76
N GLY E 144 -25.97 -49.90 27.19
CA GLY E 144 -24.96 -50.94 27.16
C GLY E 144 -25.32 -52.07 28.10
N GLN E 145 -24.29 -52.80 28.50
CA GLN E 145 -24.47 -53.94 29.40
C GLN E 145 -24.89 -53.46 30.79
N ALA E 146 -25.42 -54.39 31.58
CA ALA E 146 -25.93 -54.05 32.90
C ALA E 146 -24.82 -53.52 33.81
N THR E 147 -23.61 -54.07 33.68
CA THR E 147 -22.50 -53.63 34.52
C THR E 147 -22.12 -52.20 34.22
N ASP E 148 -21.99 -51.85 32.93
CA ASP E 148 -21.69 -50.47 32.57
C ASP E 148 -22.83 -49.54 32.93
N ILE E 149 -24.08 -50.00 32.82
CA ILE E 149 -25.21 -49.20 33.26
C ILE E 149 -25.07 -48.88 34.75
N GLU E 150 -24.74 -49.88 35.56
CA GLU E 150 -24.58 -49.66 36.99
C GLU E 150 -23.45 -48.68 37.26
N ILE E 151 -22.33 -48.82 36.55
CA ILE E 151 -21.19 -47.93 36.76
C ILE E 151 -21.59 -46.49 36.45
N HIS E 152 -22.21 -46.26 35.29
CA HIS E 152 -22.56 -44.90 34.92
C HIS E 152 -23.67 -44.33 35.81
N ALA E 153 -24.57 -45.18 36.30
CA ALA E 153 -25.59 -44.71 37.23
C ALA E 153 -24.98 -44.29 38.56
N ARG E 154 -24.05 -45.09 39.09
CA ARG E 154 -23.36 -44.69 40.31
C ARG E 154 -22.60 -43.38 40.09
N GLU E 155 -21.99 -43.22 38.92
CA GLU E 155 -21.25 -41.98 38.65
C GLU E 155 -22.18 -40.78 38.59
N ILE E 156 -23.32 -40.91 37.92
CA ILE E 156 -24.22 -39.76 37.83
C ILE E 156 -24.85 -39.47 39.18
N LEU E 157 -25.06 -40.48 40.01
CA LEU E 157 -25.56 -40.23 41.36
C LEU E 157 -24.52 -39.50 42.20
N LYS E 158 -23.25 -39.89 42.07
CA LYS E 158 -22.19 -39.17 42.78
C LYS E 158 -22.11 -37.72 42.31
N VAL E 159 -22.27 -37.50 41.01
CA VAL E 159 -22.23 -36.14 40.48
C VAL E 159 -23.39 -35.32 41.03
N LYS E 160 -24.58 -35.91 41.07
CA LYS E 160 -25.73 -35.22 41.63
C LYS E 160 -25.51 -34.88 43.09
N GLY E 161 -24.96 -35.81 43.86
CA GLY E 161 -24.67 -35.54 45.25
C GLY E 161 -23.65 -34.42 45.43
N ARG E 162 -22.61 -34.43 44.61
CA ARG E 162 -21.60 -33.38 44.69
C ARG E 162 -22.21 -32.02 44.34
N MET E 163 -23.06 -31.97 43.33
CA MET E 163 -23.70 -30.71 42.97
C MET E 163 -24.63 -30.22 44.06
N ASN E 164 -25.37 -31.13 44.69
CA ASN E 164 -26.22 -30.73 45.81
C ASN E 164 -25.40 -30.21 46.97
N GLU E 165 -24.27 -30.86 47.28
CA GLU E 165 -23.40 -30.37 48.34
C GLU E 165 -22.89 -28.98 48.02
N LEU E 166 -22.42 -28.76 46.80
CA LEU E 166 -21.89 -27.44 46.43
C LEU E 166 -22.97 -26.36 46.49
N MET E 167 -24.18 -26.69 46.06
CA MET E 167 -25.25 -25.70 46.09
C MET E 167 -25.67 -25.39 47.53
N ALA E 168 -25.76 -26.42 48.37
CA ALA E 168 -26.09 -26.19 49.77
C ALA E 168 -25.00 -25.38 50.46
N LEU E 169 -23.76 -25.49 49.99
CA LEU E 169 -22.69 -24.68 50.56
C LEU E 169 -22.82 -23.23 50.11
N HIS E 170 -23.08 -23.01 48.82
CA HIS E 170 -23.04 -21.65 48.28
C HIS E 170 -24.29 -20.86 48.62
N THR E 171 -25.44 -21.51 48.79
CA THR E 171 -26.68 -20.79 49.05
C THR E 171 -27.03 -20.68 50.52
N GLY E 172 -26.42 -21.50 51.38
CA GLY E 172 -26.72 -21.49 52.79
C GLY E 172 -27.85 -22.39 53.20
N GLN E 173 -28.64 -22.90 52.26
CA GLN E 173 -29.70 -23.84 52.59
C GLN E 173 -29.12 -25.17 53.03
N SER E 174 -29.90 -25.91 53.80
CA SER E 174 -29.47 -27.22 54.24
C SER E 174 -29.44 -28.19 53.07
N LEU E 175 -28.59 -29.21 53.17
CA LEU E 175 -28.43 -30.17 52.09
C LEU E 175 -29.74 -30.90 51.80
N GLU E 176 -30.50 -31.23 52.84
CA GLU E 176 -31.77 -31.90 52.63
C GLU E 176 -32.77 -31.00 51.92
N GLN E 177 -32.74 -29.70 52.23
CA GLN E 177 -33.63 -28.77 51.55
C GLN E 177 -33.30 -28.67 50.07
N ILE E 178 -32.02 -28.57 49.72
CA ILE E 178 -31.62 -28.55 48.32
C ILE E 178 -32.00 -29.86 47.65
N GLU E 179 -31.81 -30.98 48.34
CA GLU E 179 -32.13 -32.28 47.75
C GLU E 179 -33.63 -32.39 47.47
N ARG E 180 -34.46 -31.84 48.34
CA ARG E 180 -35.90 -31.91 48.13
C ARG E 180 -36.36 -30.91 47.08
N ASP E 181 -35.67 -29.78 46.98
CA ASP E 181 -36.07 -28.74 46.02
C ASP E 181 -35.65 -29.07 44.60
N THR E 182 -34.48 -29.65 44.39
CA THR E 182 -33.98 -29.92 43.04
C THR E 182 -34.43 -31.28 42.51
N GLU E 183 -35.40 -31.92 43.16
CA GLU E 183 -35.93 -33.18 42.62
C GLU E 183 -36.62 -32.94 41.29
N ARG E 184 -37.30 -31.81 41.15
CA ARG E 184 -37.92 -31.39 39.90
C ARG E 184 -37.49 -29.98 39.57
N ASP E 185 -37.90 -29.51 38.40
CA ASP E 185 -37.57 -28.15 38.00
C ASP E 185 -38.23 -27.14 38.95
N ARG E 186 -37.39 -26.33 39.59
CA ARG E 186 -37.87 -25.29 40.48
C ARG E 186 -37.57 -23.93 39.87
N PHE E 187 -38.63 -23.22 39.48
CA PHE E 187 -38.51 -21.91 38.87
C PHE E 187 -38.57 -20.83 39.95
N LEU E 188 -37.57 -19.95 39.95
CA LEU E 188 -37.48 -18.87 40.92
C LEU E 188 -37.31 -17.55 40.21
N SER E 189 -38.19 -16.60 40.52
CA SER E 189 -38.02 -15.25 40.03
C SER E 189 -36.93 -14.54 40.81
N ALA E 190 -36.71 -13.27 40.49
CA ALA E 190 -35.67 -12.51 41.16
C ALA E 190 -35.90 -12.38 42.66
N PRO E 191 -37.07 -11.98 43.17
CA PRO E 191 -37.25 -11.92 44.63
C PRO E 191 -37.19 -13.28 45.29
N GLU E 192 -37.77 -14.31 44.66
CA GLU E 192 -37.67 -15.65 45.23
C GLU E 192 -36.25 -16.17 45.21
N ALA E 193 -35.46 -15.81 44.20
CA ALA E 193 -34.06 -16.21 44.17
C ALA E 193 -33.26 -15.48 45.25
N VAL E 194 -33.58 -14.21 45.50
CA VAL E 194 -32.90 -13.47 46.56
C VAL E 194 -33.24 -14.08 47.91
N GLU E 195 -34.52 -14.36 48.16
CA GLU E 195 -34.92 -14.92 49.44
C GLU E 195 -34.38 -16.34 49.61
N TYR E 196 -34.26 -17.08 48.52
CA TYR E 196 -33.79 -18.46 48.60
C TYR E 196 -32.31 -18.51 48.96
N GLY E 197 -31.54 -17.52 48.54
CA GLY E 197 -30.11 -17.49 48.78
C GLY E 197 -29.26 -17.66 47.55
N LEU E 198 -29.85 -17.81 46.36
CA LEU E 198 -29.06 -17.94 45.15
C LEU E 198 -28.28 -16.67 44.85
N VAL E 199 -28.94 -15.51 44.96
CA VAL E 199 -28.31 -14.23 44.72
C VAL E 199 -28.45 -13.38 45.97
N ASP E 200 -27.69 -12.28 46.01
CA ASP E 200 -27.65 -11.44 47.20
C ASP E 200 -28.58 -10.25 47.10
N SER E 201 -28.77 -9.69 45.92
CA SER E 201 -29.64 -8.53 45.75
C SER E 201 -30.02 -8.41 44.29
N ILE E 202 -30.88 -7.43 44.01
CA ILE E 202 -31.41 -7.19 42.66
C ILE E 202 -30.95 -5.84 42.18
N LEU E 203 -30.35 -5.81 40.99
CA LEU E 203 -29.98 -4.55 40.37
C LEU E 203 -31.21 -3.90 39.75
N THR E 204 -31.50 -2.67 40.17
CA THR E 204 -32.71 -1.97 39.73
C THR E 204 -32.36 -0.76 38.88
N HIS E 205 -31.52 0.14 39.38
CA HIS E 205 -31.19 1.37 38.67
C HIS E 205 -29.77 1.80 39.03
N ARG E 206 -29.29 2.82 38.33
CA ARG E 206 -27.97 3.36 38.58
C ARG E 206 -27.91 4.05 39.94
N ALA F 15 -13.65 -11.40 16.32
CA ALA F 15 -15.03 -11.84 16.17
C ALA F 15 -15.46 -12.70 17.35
N LEU F 16 -15.70 -13.98 17.10
CA LEU F 16 -16.09 -14.88 18.17
C LEU F 16 -14.98 -15.01 19.21
N VAL F 17 -13.73 -14.85 18.80
CA VAL F 17 -12.59 -14.93 19.70
C VAL F 17 -12.16 -13.51 20.06
N PRO F 18 -11.81 -13.25 21.31
CA PRO F 18 -11.46 -11.89 21.71
C PRO F 18 -10.01 -11.57 21.38
N MET F 19 -9.71 -10.27 21.36
CA MET F 19 -8.36 -9.77 21.20
C MET F 19 -7.92 -9.07 22.49
N VAL F 20 -6.61 -9.09 22.73
CA VAL F 20 -6.05 -8.52 23.95
C VAL F 20 -4.93 -7.55 23.58
N ILE F 21 -4.55 -6.71 24.55
CA ILE F 21 -3.52 -5.70 24.38
C ILE F 21 -2.50 -5.86 25.49
N GLU F 22 -1.22 -5.92 25.11
CA GLU F 22 -0.12 -5.98 26.06
C GLU F 22 1.03 -5.12 25.53
N GLN F 23 1.78 -4.52 26.46
CA GLN F 23 2.82 -3.56 26.10
C GLN F 23 4.18 -4.07 26.54
N THR F 24 5.10 -4.17 25.57
CA THR F 24 6.50 -4.47 25.90
C THR F 24 7.40 -3.31 25.52
N SER F 25 7.42 -2.95 24.23
CA SER F 25 8.28 -1.88 23.76
C SER F 25 7.47 -0.73 23.19
N ARG F 26 6.61 -1.00 22.21
CA ARG F 26 5.82 0.04 21.57
C ARG F 26 4.42 0.14 22.17
N GLY F 27 4.00 -0.85 22.95
CA GLY F 27 2.67 -0.87 23.50
C GLY F 27 1.59 -1.14 22.48
N GLU F 28 1.90 -1.99 21.50
CA GLU F 28 0.97 -2.30 20.41
C GLU F 28 1.09 -3.78 20.05
N ARG F 29 0.28 -4.60 20.70
CA ARG F 29 0.29 -6.05 20.53
C ARG F 29 -1.13 -6.57 20.69
N SER F 30 -1.73 -7.01 19.58
CA SER F 30 -3.07 -7.54 19.59
C SER F 30 -3.06 -8.97 19.07
N PHE F 31 -3.19 -9.93 19.98
CA PHE F 31 -3.34 -11.33 19.63
C PHE F 31 -4.72 -11.80 20.04
N ASP F 32 -5.21 -12.83 19.36
CA ASP F 32 -6.30 -13.61 19.94
C ASP F 32 -5.86 -14.16 21.29
N ILE F 33 -6.81 -14.28 22.22
CA ILE F 33 -6.47 -14.61 23.59
C ILE F 33 -5.75 -15.95 23.67
N TYR F 34 -6.02 -16.86 22.74
CA TYR F 34 -5.31 -18.13 22.72
C TYR F 34 -3.83 -17.93 22.39
N SER F 35 -3.51 -17.06 21.44
CA SER F 35 -2.10 -16.77 21.17
C SER F 35 -1.45 -16.06 22.34
N ARG F 36 -2.18 -15.17 23.02
CA ARG F 36 -1.62 -14.50 24.19
C ARG F 36 -1.29 -15.50 25.29
N LEU F 37 -2.16 -16.49 25.51
CA LEU F 37 -1.86 -17.50 26.51
C LEU F 37 -0.75 -18.44 26.06
N LEU F 38 -0.69 -18.75 24.76
CA LEU F 38 0.43 -19.54 24.24
C LEU F 38 1.76 -18.83 24.47
N LYS F 39 1.76 -17.50 24.33
CA LYS F 39 2.96 -16.73 24.61
C LYS F 39 3.44 -16.93 26.05
N GLU F 40 2.53 -17.25 26.97
CA GLU F 40 2.88 -17.56 28.35
C GLU F 40 3.09 -19.06 28.56
N ARG F 41 3.34 -19.81 27.49
CA ARG F 41 3.59 -21.25 27.57
C ARG F 41 2.39 -21.99 28.16
N VAL F 42 1.20 -21.65 27.68
CA VAL F 42 -0.04 -22.31 28.09
C VAL F 42 -0.72 -22.84 26.84
N ILE F 43 -0.90 -24.16 26.78
CA ILE F 43 -1.48 -24.83 25.63
C ILE F 43 -2.80 -25.46 26.06
N PHE F 44 -3.85 -25.27 25.27
CA PHE F 44 -5.17 -25.79 25.57
C PHE F 44 -5.44 -27.02 24.72
N LEU F 45 -5.83 -28.11 25.39
CA LEU F 45 -6.27 -29.32 24.72
C LEU F 45 -7.74 -29.52 25.09
N THR F 46 -8.64 -29.11 24.19
CA THR F 46 -10.06 -29.17 24.47
C THR F 46 -10.76 -29.93 23.35
N GLY F 47 -11.92 -30.47 23.68
CA GLY F 47 -12.71 -31.19 22.71
C GLY F 47 -12.13 -32.55 22.37
N GLN F 48 -12.70 -33.15 21.33
CA GLN F 48 -12.26 -34.46 20.87
C GLN F 48 -10.82 -34.40 20.38
N VAL F 49 -10.13 -35.52 20.51
CA VAL F 49 -8.75 -35.63 20.04
C VAL F 49 -8.74 -36.28 18.66
N GLU F 50 -8.30 -35.54 17.66
CA GLU F 50 -8.22 -36.05 16.30
C GLU F 50 -6.88 -35.63 15.70
N ASP F 51 -6.72 -35.89 14.40
CA ASP F 51 -5.43 -35.71 13.77
C ASP F 51 -5.01 -34.25 13.72
N HIS F 52 -5.91 -33.35 13.29
CA HIS F 52 -5.52 -31.97 13.09
C HIS F 52 -5.33 -31.24 14.41
N MET F 53 -6.21 -31.50 15.38
CA MET F 53 -6.03 -30.88 16.69
C MET F 53 -4.74 -31.34 17.35
N ALA F 54 -4.44 -32.64 17.27
CA ALA F 54 -3.20 -33.15 17.83
C ALA F 54 -1.99 -32.57 17.09
N ASN F 55 -2.10 -32.41 15.78
CA ASN F 55 -1.00 -31.82 15.03
C ASN F 55 -0.76 -30.38 15.46
N LEU F 56 -1.83 -29.62 15.70
CA LEU F 56 -1.69 -28.25 16.19
C LEU F 56 -1.05 -28.23 17.58
N ILE F 57 -1.45 -29.14 18.46
CA ILE F 57 -0.85 -29.21 19.78
C ILE F 57 0.64 -29.54 19.69
N VAL F 58 0.98 -30.47 18.79
CA VAL F 58 2.38 -30.85 18.61
C VAL F 58 3.19 -29.67 18.09
N ALA F 59 2.63 -28.93 17.13
CA ALA F 59 3.33 -27.75 16.63
C ALA F 59 3.54 -26.72 17.72
N GLN F 60 2.52 -26.48 18.54
CA GLN F 60 2.67 -25.54 19.65
C GLN F 60 3.74 -25.99 20.62
N MET F 61 3.76 -27.28 20.97
CA MET F 61 4.77 -27.76 21.91
C MET F 61 6.16 -27.68 21.32
N LEU F 62 6.33 -27.98 20.03
CA LEU F 62 7.63 -27.86 19.41
C LEU F 62 8.11 -26.41 19.41
N PHE F 63 7.21 -25.48 19.08
CA PHE F 63 7.59 -24.06 19.09
C PHE F 63 7.98 -23.60 20.48
N LEU F 64 7.20 -24.00 21.50
CA LEU F 64 7.52 -23.60 22.86
C LEU F 64 8.83 -24.19 23.33
N GLU F 65 9.12 -25.43 22.93
CA GLU F 65 10.38 -26.05 23.31
C GLU F 65 11.56 -25.35 22.65
N ALA F 66 11.42 -25.02 21.36
CA ALA F 66 12.50 -24.34 20.66
C ALA F 66 12.68 -22.92 21.17
N GLU F 67 11.62 -22.32 21.69
CA GLU F 67 11.71 -20.95 22.18
C GLU F 67 12.52 -20.88 23.47
N ASN F 68 12.24 -21.77 24.42
CA ASN F 68 12.92 -21.75 25.70
C ASN F 68 12.93 -23.16 26.29
N PRO F 69 13.98 -23.94 26.06
CA PRO F 69 13.96 -25.35 26.48
C PRO F 69 13.98 -25.54 27.98
N GLU F 70 14.09 -24.47 28.78
CA GLU F 70 14.22 -24.60 30.22
C GLU F 70 12.93 -24.29 30.96
N LYS F 71 11.98 -23.61 30.33
CA LYS F 71 10.75 -23.19 30.99
C LYS F 71 9.63 -24.17 30.71
N ASP F 72 8.82 -24.44 31.73
CA ASP F 72 7.80 -25.48 31.63
C ASP F 72 6.71 -25.10 30.62
N ILE F 73 5.96 -26.11 30.21
CA ILE F 73 4.80 -25.93 29.34
C ILE F 73 3.58 -26.46 30.07
N TYR F 74 2.51 -25.66 30.07
CA TYR F 74 1.29 -26.01 30.79
C TYR F 74 0.21 -26.43 29.80
N LEU F 75 -0.24 -27.67 29.90
CA LEU F 75 -1.23 -28.24 29.00
C LEU F 75 -2.54 -28.40 29.76
N TYR F 76 -3.53 -27.58 29.40
CA TYR F 76 -4.84 -27.63 30.04
C TYR F 76 -5.72 -28.61 29.29
N ILE F 77 -6.12 -29.68 29.97
CA ILE F 77 -6.81 -30.81 29.35
C ILE F 77 -8.28 -30.77 29.71
N ASN F 78 -9.14 -30.71 28.68
CA ASN F 78 -10.58 -30.88 28.84
C ASN F 78 -11.04 -31.63 27.60
N SER F 79 -11.05 -32.97 27.69
CA SER F 79 -11.29 -33.74 26.48
C SER F 79 -12.11 -34.98 26.77
N PRO F 80 -13.11 -35.29 25.95
CA PRO F 80 -13.86 -36.54 26.13
C PRO F 80 -13.17 -37.73 25.50
N GLY F 81 -11.90 -37.62 25.12
CA GLY F 81 -11.18 -38.72 24.53
C GLY F 81 -10.82 -38.40 23.10
N GLY F 82 -10.71 -39.44 22.29
CA GLY F 82 -10.42 -39.26 20.88
C GLY F 82 -9.67 -40.47 20.33
N VAL F 83 -9.08 -40.26 19.17
CA VAL F 83 -8.34 -41.31 18.48
C VAL F 83 -7.07 -41.63 19.27
N ILE F 84 -6.78 -42.91 19.41
CA ILE F 84 -5.59 -43.33 20.15
C ILE F 84 -4.33 -42.86 19.43
N THR F 85 -4.34 -42.89 18.09
CA THR F 85 -3.16 -42.55 17.33
C THR F 85 -2.74 -41.09 17.53
N ALA F 86 -3.68 -40.17 17.33
CA ALA F 86 -3.36 -38.75 17.52
C ALA F 86 -2.89 -38.48 18.95
N GLY F 87 -3.53 -39.12 19.93
CA GLY F 87 -3.08 -38.97 21.29
C GLY F 87 -1.68 -39.48 21.52
N MET F 88 -1.31 -40.59 20.88
CA MET F 88 0.04 -41.10 21.00
C MET F 88 1.06 -40.16 20.36
N SER F 89 0.65 -39.45 19.31
CA SER F 89 1.53 -38.43 18.75
C SER F 89 1.81 -37.33 19.75
N ILE F 90 0.76 -36.79 20.37
CA ILE F 90 0.94 -35.78 21.40
C ILE F 90 1.80 -36.32 22.54
N TYR F 91 1.58 -37.58 22.92
CA TYR F 91 2.32 -38.17 24.04
C TYR F 91 3.80 -38.29 23.71
N ASP F 92 4.12 -38.76 22.51
CA ASP F 92 5.50 -38.89 22.11
C ASP F 92 6.18 -37.52 22.03
N THR F 93 5.46 -36.51 21.55
CA THR F 93 6.05 -35.17 21.50
C THR F 93 6.25 -34.61 22.91
N MET F 94 5.35 -34.96 23.83
CA MET F 94 5.54 -34.54 25.23
C MET F 94 6.75 -35.21 25.84
N GLN F 95 6.93 -36.51 25.59
CA GLN F 95 8.05 -37.23 26.17
C GLN F 95 9.37 -36.88 25.51
N PHE F 96 9.33 -36.40 24.27
CA PHE F 96 10.58 -36.16 23.55
C PHE F 96 11.21 -34.83 23.93
N ILE F 97 10.42 -33.76 23.97
CA ILE F 97 10.97 -32.43 24.12
C ILE F 97 11.66 -32.28 25.48
N LYS F 98 12.52 -31.28 25.60
CA LYS F 98 13.32 -31.12 26.80
C LYS F 98 12.54 -30.54 27.98
N PRO F 99 11.82 -29.43 27.85
CA PRO F 99 11.18 -28.85 29.04
C PRO F 99 10.09 -29.74 29.60
N ASP F 100 9.90 -29.63 30.92
CA ASP F 100 8.85 -30.39 31.57
C ASP F 100 7.49 -29.83 31.20
N VAL F 101 6.59 -30.72 30.78
CA VAL F 101 5.22 -30.34 30.44
C VAL F 101 4.32 -30.75 31.60
N SER F 102 3.61 -29.78 32.16
CA SER F 102 2.72 -29.99 33.29
C SER F 102 1.29 -29.97 32.80
N THR F 103 0.54 -31.04 33.09
CA THR F 103 -0.82 -31.21 32.61
C THR F 103 -1.80 -30.89 33.72
N ILE F 104 -2.75 -30.00 33.44
CA ILE F 104 -3.79 -29.61 34.37
C ILE F 104 -5.13 -30.04 33.80
N CYS F 105 -5.85 -30.88 34.53
CA CYS F 105 -7.12 -31.42 34.08
C CYS F 105 -8.26 -30.58 34.61
N MET F 106 -8.87 -29.78 33.74
CA MET F 106 -10.06 -29.03 34.08
C MET F 106 -11.23 -29.61 33.29
N GLY F 107 -12.36 -29.76 33.96
CA GLY F 107 -13.50 -30.40 33.32
C GLY F 107 -13.42 -31.91 33.41
N GLN F 108 -13.06 -32.56 32.30
CA GLN F 108 -13.00 -34.01 32.26
C GLN F 108 -11.77 -34.47 31.49
N ALA F 109 -11.54 -35.78 31.54
CA ALA F 109 -10.46 -36.44 30.80
C ALA F 109 -10.85 -37.90 30.64
N ALA F 110 -11.32 -38.27 29.44
CA ALA F 110 -11.88 -39.59 29.19
C ALA F 110 -10.90 -40.50 28.48
N SER F 111 -9.95 -41.02 29.26
CA SER F 111 -9.02 -42.10 28.91
C SER F 111 -8.00 -41.59 27.89
N MET F 112 -8.24 -40.49 27.20
CA MET F 112 -7.22 -39.97 26.31
C MET F 112 -6.72 -38.63 26.80
N GLY F 113 -7.64 -37.72 27.11
CA GLY F 113 -7.30 -36.66 28.03
C GLY F 113 -6.70 -37.22 29.31
N ALA F 114 -7.22 -38.35 29.77
CA ALA F 114 -6.69 -38.97 30.98
C ALA F 114 -5.30 -39.56 30.75
N PHE F 115 -5.11 -40.25 29.62
CA PHE F 115 -3.77 -40.75 29.32
C PHE F 115 -2.76 -39.62 29.24
N LEU F 116 -3.09 -38.55 28.52
CA LEU F 116 -2.16 -37.43 28.40
C LEU F 116 -2.00 -36.70 29.73
N LEU F 117 -3.00 -36.75 30.60
CA LEU F 117 -2.88 -36.14 31.92
C LEU F 117 -1.88 -36.90 32.78
N THR F 118 -2.03 -38.23 32.84
CA THR F 118 -1.04 -39.03 33.56
C THR F 118 0.31 -39.01 32.88
N ALA F 119 0.39 -38.60 31.62
CA ALA F 119 1.64 -38.56 30.88
C ALA F 119 2.44 -37.29 31.14
N GLY F 120 1.98 -36.42 32.02
CA GLY F 120 2.71 -35.20 32.31
C GLY F 120 3.97 -35.47 33.11
N ALA F 121 4.74 -34.40 33.32
CA ALA F 121 5.95 -34.50 34.11
C ALA F 121 5.62 -34.87 35.55
N LYS F 122 6.35 -35.84 36.08
CA LYS F 122 6.06 -36.34 37.43
C LYS F 122 6.21 -35.23 38.45
N GLY F 123 5.24 -35.13 39.35
CA GLY F 123 5.19 -34.08 40.33
C GLY F 123 4.51 -32.81 39.85
N LYS F 124 4.19 -32.72 38.56
CA LYS F 124 3.58 -31.52 37.99
C LYS F 124 2.26 -31.82 37.30
N ARG F 125 1.64 -32.96 37.59
CA ARG F 125 0.34 -33.30 37.04
C ARG F 125 -0.73 -32.94 38.06
N PHE F 126 -1.46 -31.86 37.80
CA PHE F 126 -2.49 -31.38 38.70
C PHE F 126 -3.86 -31.57 38.07
N CYS F 127 -4.89 -31.60 38.92
CA CYS F 127 -6.27 -31.64 38.47
C CYS F 127 -7.12 -30.80 39.42
N LEU F 128 -8.07 -30.06 38.86
CA LEU F 128 -8.91 -29.20 39.66
C LEU F 128 -9.86 -30.04 40.52
N PRO F 129 -10.32 -29.48 41.65
CA PRO F 129 -11.04 -30.32 42.63
C PRO F 129 -12.32 -30.94 42.11
N ASN F 130 -12.96 -30.35 41.12
CA ASN F 130 -14.22 -30.87 40.60
C ASN F 130 -14.06 -31.52 39.23
N SER F 131 -12.85 -31.85 38.83
CA SER F 131 -12.66 -32.52 37.55
C SER F 131 -13.08 -33.99 37.66
N ARG F 132 -13.34 -34.60 36.51
CA ARG F 132 -13.74 -35.99 36.43
C ARG F 132 -12.80 -36.72 35.47
N VAL F 133 -12.27 -37.85 35.90
CA VAL F 133 -11.32 -38.62 35.11
C VAL F 133 -11.88 -40.01 34.89
N MET F 134 -11.84 -40.46 33.65
CA MET F 134 -12.30 -41.80 33.28
C MET F 134 -11.21 -42.50 32.49
N ILE F 135 -11.04 -43.80 32.73
CA ILE F 135 -10.09 -44.61 32.00
C ILE F 135 -10.80 -45.88 31.54
N HIS F 136 -10.43 -46.37 30.36
CA HIS F 136 -11.04 -47.56 29.81
C HIS F 136 -10.15 -48.11 28.71
N GLN F 137 -10.37 -49.38 28.37
CA GLN F 137 -9.64 -50.01 27.28
C GLN F 137 -10.02 -49.35 25.95
N PRO F 138 -9.14 -49.35 24.97
CA PRO F 138 -9.45 -48.67 23.71
C PRO F 138 -10.55 -49.36 22.94
N LEU F 139 -11.27 -48.57 22.15
CA LEU F 139 -12.33 -49.07 21.27
C LEU F 139 -11.82 -49.18 19.85
N GLY F 140 -12.59 -49.87 19.02
CA GLY F 140 -12.22 -50.04 17.63
C GLY F 140 -13.16 -50.98 16.93
N GLY F 141 -12.70 -51.51 15.80
CA GLY F 141 -13.51 -52.46 15.06
C GLY F 141 -13.03 -52.57 13.64
N TYR F 142 -13.56 -53.58 12.95
CA TYR F 142 -13.23 -53.82 11.56
C TYR F 142 -14.27 -54.74 10.94
N GLN F 143 -14.53 -54.54 9.66
CA GLN F 143 -15.43 -55.39 8.89
C GLN F 143 -14.70 -55.91 7.66
N GLY F 144 -14.80 -57.22 7.42
CA GLY F 144 -14.13 -57.80 6.27
C GLY F 144 -13.97 -59.30 6.46
N GLN F 145 -13.00 -59.85 5.74
CA GLN F 145 -12.73 -61.28 5.79
C GLN F 145 -12.18 -61.67 7.16
N ALA F 146 -12.23 -62.96 7.44
CA ALA F 146 -11.80 -63.45 8.75
C ALA F 146 -10.32 -63.19 8.99
N THR F 147 -9.51 -63.28 7.95
CA THR F 147 -8.07 -63.04 8.11
C THR F 147 -7.79 -61.59 8.49
N ASP F 148 -8.42 -60.64 7.78
CA ASP F 148 -8.25 -59.24 8.14
C ASP F 148 -8.83 -58.94 9.51
N ILE F 149 -9.94 -59.59 9.87
CA ILE F 149 -10.49 -59.43 11.22
C ILE F 149 -9.45 -59.85 12.25
N GLU F 150 -8.82 -61.00 12.04
CA GLU F 150 -7.81 -61.48 12.97
C GLU F 150 -6.63 -60.51 13.05
N ILE F 151 -6.19 -60.00 11.90
CA ILE F 151 -5.07 -59.06 11.90
C ILE F 151 -5.40 -57.82 12.71
N HIS F 152 -6.56 -57.21 12.44
CA HIS F 152 -6.92 -55.99 13.14
C HIS F 152 -7.19 -56.24 14.62
N ALA F 153 -7.71 -57.42 14.97
CA ALA F 153 -7.92 -57.74 16.38
C ALA F 153 -6.59 -57.88 17.11
N ARG F 154 -5.62 -58.57 16.49
CA ARG F 154 -4.30 -58.66 17.10
C ARG F 154 -3.68 -57.28 17.25
N GLU F 155 -3.88 -56.41 16.26
CA GLU F 155 -3.32 -55.06 16.35
C GLU F 155 -3.95 -54.27 17.49
N ILE F 156 -5.28 -54.33 17.63
CA ILE F 156 -5.93 -53.57 18.69
C ILE F 156 -5.58 -54.15 20.06
N LEU F 157 -5.36 -55.46 20.14
CA LEU F 157 -4.92 -56.04 21.40
C LEU F 157 -3.52 -55.58 21.76
N LYS F 158 -2.62 -55.52 20.76
CA LYS F 158 -1.28 -55.00 21.02
C LYS F 158 -1.33 -53.55 21.46
N VAL F 159 -2.22 -52.75 20.85
CA VAL F 159 -2.35 -51.35 21.24
C VAL F 159 -2.85 -51.23 22.67
N LYS F 160 -3.84 -52.05 23.03
CA LYS F 160 -4.35 -52.05 24.40
C LYS F 160 -3.25 -52.43 25.38
N GLY F 161 -2.46 -53.45 25.05
CA GLY F 161 -1.37 -53.83 25.92
C GLY F 161 -0.33 -52.73 26.09
N ARG F 162 0.00 -52.06 24.98
CA ARG F 162 0.97 -50.97 25.05
C ARG F 162 0.44 -49.82 25.90
N MET F 163 -0.84 -49.50 25.77
CA MET F 163 -1.43 -48.43 26.56
C MET F 163 -1.45 -48.81 28.04
N ASN F 164 -1.77 -50.06 28.35
CA ASN F 164 -1.74 -50.50 29.75
C ASN F 164 -0.33 -50.43 30.32
N GLU F 165 0.67 -50.83 29.53
CA GLU F 165 2.06 -50.73 29.99
C GLU F 165 2.43 -49.28 30.26
N LEU F 166 2.09 -48.37 29.35
CA LEU F 166 2.44 -46.97 29.54
C LEU F 166 1.74 -46.37 30.75
N MET F 167 0.48 -46.73 30.97
CA MET F 167 -0.23 -46.20 32.13
C MET F 167 0.33 -46.77 33.43
N ALA F 168 0.65 -48.06 33.45
CA ALA F 168 1.25 -48.64 34.65
C ALA F 168 2.61 -48.03 34.93
N LEU F 169 3.30 -47.58 33.88
CA LEU F 169 4.57 -46.91 34.09
C LEU F 169 4.38 -45.51 34.67
N HIS F 170 3.42 -44.76 34.11
CA HIS F 170 3.27 -43.37 34.49
C HIS F 170 2.57 -43.18 35.82
N THR F 171 1.70 -44.10 36.22
CA THR F 171 0.95 -43.95 37.46
C THR F 171 1.56 -44.67 38.63
N GLY F 172 2.47 -45.61 38.39
CA GLY F 172 3.07 -46.37 39.46
C GLY F 172 2.31 -47.62 39.86
N GLN F 173 1.08 -47.78 39.41
CA GLN F 173 0.32 -48.99 39.71
C GLN F 173 0.89 -50.17 38.93
N SER F 174 0.66 -51.37 39.45
CA SER F 174 1.13 -52.57 38.77
C SER F 174 0.33 -52.78 37.49
N LEU F 175 0.97 -53.47 36.54
CA LEU F 175 0.34 -53.69 35.25
C LEU F 175 -0.96 -54.49 35.38
N GLU F 176 -0.98 -55.47 36.28
CA GLU F 176 -2.19 -56.25 36.48
C GLU F 176 -3.30 -55.40 37.08
N GLN F 177 -2.96 -54.47 37.96
CA GLN F 177 -3.96 -53.59 38.54
C GLN F 177 -4.58 -52.69 37.48
N ILE F 178 -3.75 -52.12 36.60
CA ILE F 178 -4.28 -51.30 35.51
C ILE F 178 -5.13 -52.15 34.57
N GLU F 179 -4.69 -53.38 34.30
CA GLU F 179 -5.44 -54.25 33.40
C GLU F 179 -6.80 -54.58 33.98
N ARG F 180 -6.88 -54.77 35.30
CA ARG F 180 -8.16 -55.10 35.92
C ARG F 180 -9.03 -53.86 36.05
N ASP F 181 -8.43 -52.69 36.22
CA ASP F 181 -9.19 -51.47 36.40
C ASP F 181 -9.77 -50.93 35.09
N THR F 182 -9.02 -51.01 34.00
CA THR F 182 -9.46 -50.45 32.73
C THR F 182 -10.27 -51.43 31.90
N GLU F 183 -10.73 -52.53 32.49
CA GLU F 183 -11.61 -53.44 31.76
C GLU F 183 -12.94 -52.77 31.43
N ARG F 184 -13.43 -51.93 32.33
CA ARG F 184 -14.62 -51.13 32.12
C ARG F 184 -14.32 -49.68 32.44
N ASP F 185 -15.30 -48.81 32.18
CA ASP F 185 -15.13 -47.40 32.49
C ASP F 185 -14.97 -47.20 33.99
N ARG F 186 -13.84 -46.62 34.38
CA ARG F 186 -13.56 -46.32 35.78
C ARG F 186 -13.55 -44.81 35.96
N PHE F 187 -14.53 -44.31 36.68
CA PHE F 187 -14.65 -42.88 36.95
C PHE F 187 -13.94 -42.53 38.24
N LEU F 188 -13.06 -41.55 38.18
CA LEU F 188 -12.28 -41.10 39.32
C LEU F 188 -12.43 -39.61 39.51
N SER F 189 -12.82 -39.20 40.70
CA SER F 189 -12.84 -37.79 41.03
C SER F 189 -11.43 -37.30 41.31
N ALA F 190 -11.31 -36.04 41.68
CA ALA F 190 -9.99 -35.46 41.95
C ALA F 190 -9.26 -36.16 43.08
N PRO F 191 -9.85 -36.37 44.27
CA PRO F 191 -9.11 -37.08 45.32
C PRO F 191 -8.81 -38.53 44.96
N GLU F 192 -9.76 -39.23 44.33
CA GLU F 192 -9.50 -40.60 43.91
C GLU F 192 -8.43 -40.65 42.82
N ALA F 193 -8.38 -39.64 41.95
CA ALA F 193 -7.33 -39.61 40.94
C ALA F 193 -5.97 -39.34 41.58
N VAL F 194 -5.94 -38.49 42.60
CA VAL F 194 -4.68 -38.22 43.30
C VAL F 194 -4.19 -39.47 44.01
N GLU F 195 -5.09 -40.16 44.72
CA GLU F 195 -4.71 -41.36 45.44
C GLU F 195 -4.34 -42.49 44.48
N TYR F 196 -4.98 -42.54 43.32
CA TYR F 196 -4.71 -43.60 42.35
C TYR F 196 -3.33 -43.44 41.74
N GLY F 197 -2.85 -42.22 41.59
CA GLY F 197 -1.58 -41.94 40.98
C GLY F 197 -1.64 -41.26 39.63
N LEU F 198 -2.85 -40.95 39.13
CA LEU F 198 -2.95 -40.26 37.85
C LEU F 198 -2.38 -38.85 37.93
N VAL F 199 -2.72 -38.11 38.98
CA VAL F 199 -2.22 -36.77 39.19
C VAL F 199 -1.48 -36.72 40.52
N ASP F 200 -0.73 -35.63 40.72
CA ASP F 200 0.11 -35.51 41.91
C ASP F 200 -0.56 -34.70 43.01
N SER F 201 -1.36 -33.70 42.66
CA SER F 201 -2.02 -32.88 43.67
C SER F 201 -3.19 -32.15 43.02
N ILE F 202 -3.92 -31.42 43.85
CA ILE F 202 -5.12 -30.71 43.43
C ILE F 202 -4.89 -29.22 43.60
N LEU F 203 -5.14 -28.45 42.54
CA LEU F 203 -5.07 -27.00 42.63
C LEU F 203 -6.35 -26.47 43.26
N THR F 204 -6.18 -25.73 44.36
CA THR F 204 -7.33 -25.24 45.12
C THR F 204 -7.43 -23.73 45.05
N HIS F 205 -6.37 -23.01 45.40
CA HIS F 205 -6.39 -21.56 45.44
C HIS F 205 -5.01 -21.01 45.11
N ARG F 206 -4.93 -19.69 44.97
CA ARG F 206 -3.67 -19.02 44.68
C ARG F 206 -2.73 -19.10 45.88
N ALA G 15 -7.51 -16.76 14.80
CA ALA G 15 -8.73 -17.41 15.23
C ALA G 15 -8.45 -18.81 15.76
N LEU G 16 -8.95 -19.83 15.03
CA LEU G 16 -8.70 -21.21 15.42
C LEU G 16 -7.22 -21.52 15.38
N VAL G 17 -6.46 -20.87 14.51
CA VAL G 17 -5.03 -21.08 14.38
C VAL G 17 -4.31 -19.97 15.15
N PRO G 18 -3.24 -20.28 15.88
CA PRO G 18 -2.56 -19.25 16.66
C PRO G 18 -1.59 -18.44 15.82
N MET G 19 -1.23 -17.27 16.34
CA MET G 19 -0.20 -16.43 15.75
C MET G 19 1.00 -16.36 16.69
N VAL G 20 2.18 -16.16 16.10
CA VAL G 20 3.42 -16.14 16.85
C VAL G 20 4.19 -14.86 16.53
N ILE G 21 5.17 -14.55 17.37
CA ILE G 21 5.99 -13.35 17.23
C ILE G 21 7.46 -13.76 17.26
N GLU G 22 8.21 -13.28 16.27
CA GLU G 22 9.65 -13.51 16.22
C GLU G 22 10.33 -12.25 15.71
N GLN G 23 11.55 -12.01 16.18
CA GLN G 23 12.26 -10.77 15.92
C GLN G 23 13.55 -11.04 15.14
N THR G 24 13.67 -10.42 13.97
CA THR G 24 14.93 -10.46 13.22
C THR G 24 15.54 -9.07 13.12
N SER G 25 14.81 -8.15 12.50
CA SER G 25 15.32 -6.79 12.30
C SER G 25 14.46 -5.76 13.03
N ARG G 26 13.15 -5.74 12.75
CA ARG G 26 12.26 -4.77 13.37
C ARG G 26 11.55 -5.34 14.58
N GLY G 27 11.58 -6.65 14.76
CA GLY G 27 10.87 -7.29 15.84
C GLY G 27 9.37 -7.29 15.66
N GLU G 28 8.91 -7.43 14.42
CA GLU G 28 7.49 -7.40 14.10
C GLU G 28 7.20 -8.42 12.99
N ARG G 29 6.86 -9.63 13.42
CA ARG G 29 6.61 -10.75 12.51
C ARG G 29 5.53 -11.64 13.11
N SER G 30 4.34 -11.61 12.52
CA SER G 30 3.21 -12.41 12.99
C SER G 30 2.75 -13.34 11.88
N PHE G 31 3.09 -14.61 12.01
CA PHE G 31 2.60 -15.64 11.10
C PHE G 31 1.71 -16.59 11.89
N ASP G 32 0.80 -17.25 11.17
CA ASP G 32 0.21 -18.46 11.71
C ASP G 32 1.31 -19.47 12.02
N ILE G 33 1.11 -20.27 13.06
CA ILE G 33 2.18 -21.13 13.55
C ILE G 33 2.65 -22.09 12.46
N TYR G 34 1.76 -22.46 11.54
CA TYR G 34 2.17 -23.32 10.44
C TYR G 34 3.14 -22.61 9.51
N SER G 35 2.92 -21.34 9.22
CA SER G 35 3.88 -20.60 8.42
C SER G 35 5.20 -20.40 9.16
N ARG G 36 5.14 -20.20 10.48
CA ARG G 36 6.36 -20.07 11.26
C ARG G 36 7.18 -21.35 11.21
N LEU G 37 6.52 -22.50 11.30
CA LEU G 37 7.24 -23.76 11.19
C LEU G 37 7.74 -24.03 9.78
N LEU G 38 6.96 -23.63 8.77
CA LEU G 38 7.43 -23.75 7.39
C LEU G 38 8.69 -22.92 7.17
N LYS G 39 8.77 -21.75 7.81
CA LYS G 39 9.96 -20.93 7.74
C LYS G 39 11.19 -21.67 8.25
N GLU G 40 11.01 -22.64 9.15
CA GLU G 40 12.08 -23.48 9.64
C GLU G 40 12.21 -24.77 8.85
N ARG G 41 11.67 -24.81 7.63
CA ARG G 41 11.74 -25.99 6.76
C ARG G 41 11.08 -27.20 7.39
N VAL G 42 9.89 -27.00 7.96
CA VAL G 42 9.09 -28.06 8.54
C VAL G 42 7.73 -28.07 7.85
N ILE G 43 7.41 -29.18 7.20
CA ILE G 43 6.17 -29.32 6.44
C ILE G 43 5.33 -30.41 7.12
N PHE G 44 4.05 -30.13 7.31
CA PHE G 44 3.13 -31.05 7.95
C PHE G 44 2.26 -31.73 6.91
N LEU G 45 2.25 -33.06 6.94
CA LEU G 45 1.35 -33.86 6.13
C LEU G 45 0.40 -34.58 7.07
N THR G 46 -0.80 -34.04 7.24
CA THR G 46 -1.77 -34.60 8.17
C THR G 46 -3.07 -34.86 7.46
N GLY G 47 -3.86 -35.77 8.02
CA GLY G 47 -5.15 -36.09 7.47
C GLY G 47 -5.06 -36.91 6.20
N GLN G 48 -6.21 -37.05 5.54
CA GLN G 48 -6.29 -37.80 4.29
C GLN G 48 -5.45 -37.13 3.22
N VAL G 49 -4.95 -37.94 2.29
CA VAL G 49 -4.17 -37.45 1.17
C VAL G 49 -5.07 -37.31 -0.05
N GLU G 50 -5.24 -36.08 -0.52
CA GLU G 50 -6.07 -35.82 -1.69
C GLU G 50 -5.33 -34.83 -2.58
N ASP G 51 -6.03 -34.36 -3.62
CA ASP G 51 -5.38 -33.56 -4.65
C ASP G 51 -4.92 -32.21 -4.12
N HIS G 52 -5.79 -31.50 -3.39
CA HIS G 52 -5.45 -30.13 -2.99
C HIS G 52 -4.40 -30.14 -1.87
N MET G 53 -4.53 -31.06 -0.90
CA MET G 53 -3.52 -31.15 0.14
C MET G 53 -2.16 -31.51 -0.43
N ALA G 54 -2.13 -32.48 -1.35
CA ALA G 54 -0.87 -32.85 -1.99
C ALA G 54 -0.30 -31.70 -2.80
N ASN G 55 -1.17 -30.93 -3.47
CA ASN G 55 -0.70 -29.78 -4.22
C ASN G 55 -0.08 -28.74 -3.31
N LEU G 56 -0.69 -28.52 -2.15
CA LEU G 56 -0.12 -27.58 -1.18
C LEU G 56 1.23 -28.08 -0.67
N ILE G 57 1.33 -29.37 -0.39
CA ILE G 57 2.61 -29.92 0.07
C ILE G 57 3.68 -29.76 -1.01
N VAL G 58 3.31 -30.00 -2.26
CA VAL G 58 4.25 -29.87 -3.37
C VAL G 58 4.70 -28.42 -3.51
N ALA G 59 3.77 -27.48 -3.39
CA ALA G 59 4.15 -26.07 -3.46
C ALA G 59 5.09 -25.70 -2.33
N GLN G 60 4.81 -26.17 -1.12
CA GLN G 60 5.71 -25.89 0.01
C GLN G 60 7.10 -26.46 -0.24
N MET G 61 7.18 -27.69 -0.74
CA MET G 61 8.47 -28.30 -0.98
C MET G 61 9.24 -27.58 -2.08
N LEU G 62 8.54 -27.16 -3.13
CA LEU G 62 9.20 -26.40 -4.20
C LEU G 62 9.74 -25.08 -3.67
N PHE G 63 8.94 -24.38 -2.85
CA PHE G 63 9.40 -23.11 -2.31
C PHE G 63 10.60 -23.31 -1.41
N LEU G 64 10.57 -24.34 -0.56
CA LEU G 64 11.69 -24.59 0.34
C LEU G 64 12.95 -24.98 -0.43
N GLU G 65 12.78 -25.73 -1.52
CA GLU G 65 13.94 -26.11 -2.32
C GLU G 65 14.54 -24.89 -3.03
N ALA G 66 13.68 -24.02 -3.56
CA ALA G 66 14.18 -22.83 -4.24
C ALA G 66 14.80 -21.85 -3.25
N GLU G 67 14.34 -21.88 -1.99
CA GLU G 67 14.87 -20.96 -1.00
C GLU G 67 16.31 -21.34 -0.61
N ASN G 68 16.56 -22.60 -0.34
CA ASN G 68 17.88 -23.05 0.08
C ASN G 68 18.08 -24.50 -0.32
N PRO G 69 18.67 -24.76 -1.49
CA PRO G 69 18.76 -26.15 -1.98
C PRO G 69 19.67 -27.04 -1.16
N GLU G 70 20.35 -26.51 -0.15
CA GLU G 70 21.32 -27.29 0.61
C GLU G 70 20.80 -27.74 1.97
N LYS G 71 19.74 -27.12 2.48
CA LYS G 71 19.23 -27.41 3.81
C LYS G 71 18.06 -28.38 3.72
N ASP G 72 18.01 -29.32 4.66
CA ASP G 72 17.04 -30.40 4.61
C ASP G 72 15.63 -29.87 4.80
N ILE G 73 14.66 -30.70 4.43
CA ILE G 73 13.23 -30.43 4.62
C ILE G 73 12.66 -31.54 5.48
N TYR G 74 11.91 -31.17 6.51
CA TYR G 74 11.36 -32.11 7.46
C TYR G 74 9.86 -32.25 7.22
N LEU G 75 9.43 -33.46 6.86
CA LEU G 75 8.03 -33.75 6.55
C LEU G 75 7.45 -34.59 7.66
N TYR G 76 6.55 -34.00 8.45
CA TYR G 76 5.90 -34.69 9.55
C TYR G 76 4.64 -35.37 9.04
N ILE G 77 4.62 -36.70 9.11
CA ILE G 77 3.58 -37.51 8.49
C ILE G 77 2.65 -38.03 9.57
N ASN G 78 1.36 -37.70 9.45
CA ASN G 78 0.30 -38.30 10.26
C ASN G 78 -0.91 -38.44 9.34
N SER G 79 -1.01 -39.59 8.67
CA SER G 79 -2.02 -39.70 7.63
C SER G 79 -2.63 -41.10 7.60
N PRO G 80 -3.95 -41.20 7.49
CA PRO G 80 -4.58 -42.53 7.32
C PRO G 80 -4.56 -43.03 5.89
N GLY G 81 -3.77 -42.42 5.01
CA GLY G 81 -3.69 -42.85 3.64
C GLY G 81 -4.25 -41.79 2.73
N GLY G 82 -4.76 -42.22 1.59
CA GLY G 82 -5.38 -41.31 0.64
C GLY G 82 -5.26 -41.84 -0.77
N VAL G 83 -5.48 -40.94 -1.72
CA VAL G 83 -5.43 -41.29 -3.14
C VAL G 83 -4.00 -41.60 -3.52
N ILE G 84 -3.83 -42.67 -4.31
CA ILE G 84 -2.50 -43.07 -4.74
C ILE G 84 -1.89 -41.99 -5.64
N THR G 85 -2.72 -41.37 -6.48
CA THR G 85 -2.21 -40.40 -7.44
C THR G 85 -1.60 -39.19 -6.75
N ALA G 86 -2.34 -38.56 -5.84
CA ALA G 86 -1.82 -37.40 -5.13
C ALA G 86 -0.56 -37.75 -4.37
N GLY G 87 -0.53 -38.93 -3.74
CA GLY G 87 0.67 -39.36 -3.05
C GLY G 87 1.85 -39.53 -3.99
N MET G 88 1.62 -40.04 -5.20
CA MET G 88 2.70 -40.17 -6.16
C MET G 88 3.21 -38.81 -6.61
N SER G 89 2.34 -37.80 -6.65
CA SER G 89 2.80 -36.46 -6.95
C SER G 89 3.76 -35.95 -5.87
N ILE G 90 3.38 -36.10 -4.60
CA ILE G 90 4.26 -35.72 -3.51
C ILE G 90 5.56 -36.50 -3.57
N TYR G 91 5.48 -37.78 -3.90
CA TYR G 91 6.67 -38.62 -3.95
C TYR G 91 7.62 -38.19 -5.05
N ASP G 92 7.08 -37.90 -6.23
CA ASP G 92 7.92 -37.44 -7.34
C ASP G 92 8.55 -36.10 -7.02
N THR G 93 7.81 -35.21 -6.35
CA THR G 93 8.40 -33.93 -5.99
C THR G 93 9.47 -34.10 -4.92
N MET G 94 9.30 -35.08 -4.03
CA MET G 94 10.33 -35.37 -3.04
C MET G 94 11.59 -35.90 -3.70
N GLN G 95 11.43 -36.82 -4.66
CA GLN G 95 12.58 -37.41 -5.32
C GLN G 95 13.26 -36.45 -6.29
N PHE G 96 12.52 -35.44 -6.78
CA PHE G 96 13.09 -34.57 -7.80
C PHE G 96 13.97 -33.48 -7.19
N ILE G 97 13.50 -32.82 -6.14
CA ILE G 97 14.18 -31.65 -5.62
C ILE G 97 15.55 -32.02 -5.09
N LYS G 98 16.41 -31.01 -4.95
CA LYS G 98 17.79 -31.27 -4.57
C LYS G 98 17.96 -31.58 -3.08
N PRO G 99 17.45 -30.77 -2.15
CA PRO G 99 17.74 -31.04 -0.73
C PRO G 99 17.12 -32.34 -0.25
N ASP G 100 17.78 -32.95 0.72
CA ASP G 100 17.28 -34.18 1.32
C ASP G 100 16.04 -33.89 2.16
N VAL G 101 14.98 -34.65 1.92
CA VAL G 101 13.74 -34.53 2.67
C VAL G 101 13.70 -35.67 3.69
N SER G 102 13.58 -35.32 4.96
CA SER G 102 13.55 -36.28 6.04
C SER G 102 12.12 -36.40 6.55
N THR G 103 11.60 -37.62 6.57
CA THR G 103 10.22 -37.88 6.95
C THR G 103 10.15 -38.43 8.36
N ILE G 104 9.34 -37.78 9.20
CA ILE G 104 9.14 -38.19 10.59
C ILE G 104 7.69 -38.62 10.74
N CYS G 105 7.49 -39.87 11.14
CA CYS G 105 6.14 -40.42 11.28
C CYS G 105 5.66 -40.29 12.72
N MET G 106 4.74 -39.35 12.95
CA MET G 106 4.10 -39.21 14.24
C MET G 106 2.64 -39.59 14.10
N GLY G 107 2.14 -40.36 15.06
CA GLY G 107 0.79 -40.86 14.95
C GLY G 107 0.72 -42.14 14.14
N GLN G 108 0.27 -42.05 12.90
CA GLN G 108 0.12 -43.22 12.05
C GLN G 108 0.56 -42.90 10.62
N ALA G 109 0.63 -43.95 9.81
CA ALA G 109 0.95 -43.85 8.38
C ALA G 109 0.37 -45.09 7.70
N ALA G 110 -0.76 -44.93 7.03
CA ALA G 110 -1.50 -46.05 6.47
C ALA G 110 -1.27 -46.20 4.97
N SER G 111 -0.11 -46.77 4.64
CA SER G 111 0.27 -47.25 3.31
C SER G 111 0.53 -46.06 2.39
N MET G 112 0.03 -44.87 2.69
CA MET G 112 0.36 -43.74 1.84
C MET G 112 1.20 -42.73 2.60
N GLY G 113 0.77 -42.37 3.80
CA GLY G 113 1.72 -41.84 4.76
C GLY G 113 2.91 -42.78 4.92
N ALA G 114 2.65 -44.09 4.87
CA ALA G 114 3.73 -45.06 5.00
C ALA G 114 4.61 -45.07 3.76
N PHE G 115 4.01 -45.04 2.57
CA PHE G 115 4.80 -44.96 1.35
C PHE G 115 5.68 -43.72 1.36
N LEU G 116 5.10 -42.56 1.67
CA LEU G 116 5.89 -41.33 1.69
C LEU G 116 6.91 -41.34 2.82
N LEU G 117 6.64 -42.07 3.90
CA LEU G 117 7.62 -42.18 4.98
C LEU G 117 8.83 -42.97 4.55
N THR G 118 8.61 -44.15 3.94
CA THR G 118 9.73 -44.91 3.40
C THR G 118 10.38 -44.20 2.23
N ALA G 119 9.72 -43.23 1.63
CA ALA G 119 10.26 -42.50 0.48
C ALA G 119 11.19 -41.37 0.89
N GLY G 120 11.46 -41.18 2.17
CA GLY G 120 12.35 -40.13 2.60
C GLY G 120 13.80 -40.42 2.25
N ALA G 121 14.65 -39.44 2.53
CA ALA G 121 16.07 -39.60 2.28
C ALA G 121 16.63 -40.70 3.16
N LYS G 122 17.43 -41.57 2.56
CA LYS G 122 17.97 -42.72 3.28
C LYS G 122 18.83 -42.26 4.44
N GLY G 123 18.62 -42.88 5.60
CA GLY G 123 19.30 -42.50 6.82
C GLY G 123 18.62 -41.39 7.59
N LYS G 124 17.60 -40.76 7.02
CA LYS G 124 16.92 -39.64 7.66
C LYS G 124 15.42 -39.90 7.81
N ARG G 125 14.99 -41.15 7.72
CA ARG G 125 13.58 -41.50 7.91
C ARG G 125 13.41 -41.98 9.35
N PHE G 126 12.80 -41.14 10.18
CA PHE G 126 12.59 -41.46 11.58
C PHE G 126 11.11 -41.67 11.86
N CYS G 127 10.82 -42.36 12.94
CA CYS G 127 9.45 -42.54 13.42
C CYS G 127 9.46 -42.54 14.95
N LEU G 128 8.46 -41.89 15.53
CA LEU G 128 8.38 -41.79 16.98
C LEU G 128 8.07 -43.15 17.59
N PRO G 129 8.45 -43.38 18.85
CA PRO G 129 8.40 -44.74 19.40
C PRO G 129 7.00 -45.33 19.47
N ASN G 130 5.96 -44.52 19.53
CA ASN G 130 4.60 -45.02 19.63
C ASN G 130 3.80 -44.84 18.34
N SER G 131 4.48 -44.60 17.22
CA SER G 131 3.78 -44.50 15.96
C SER G 131 3.35 -45.87 15.46
N ARG G 132 2.38 -45.88 14.57
CA ARG G 132 1.85 -47.10 13.97
C ARG G 132 1.92 -46.99 12.45
N VAL G 133 2.48 -48.01 11.81
CA VAL G 133 2.66 -48.00 10.37
C VAL G 133 1.92 -49.20 9.79
N MET G 134 1.13 -48.95 8.74
CA MET G 134 0.41 -50.00 8.05
C MET G 134 0.70 -49.91 6.56
N ILE G 135 0.82 -51.07 5.91
CA ILE G 135 1.04 -51.14 4.47
C ILE G 135 0.05 -52.15 3.89
N HIS G 136 -0.42 -51.87 2.68
CA HIS G 136 -1.38 -52.76 2.03
C HIS G 136 -1.41 -52.44 0.54
N GLN G 137 -1.93 -53.38 -0.23
CA GLN G 137 -2.09 -53.18 -1.66
C GLN G 137 -3.13 -52.09 -1.92
N PRO G 138 -3.03 -51.36 -3.02
CA PRO G 138 -3.96 -50.26 -3.26
C PRO G 138 -5.38 -50.75 -3.50
N LEU G 139 -6.33 -49.89 -3.16
CA LEU G 139 -7.75 -50.15 -3.37
C LEU G 139 -8.24 -49.40 -4.61
N GLY G 140 -9.42 -49.78 -5.07
CA GLY G 140 -10.00 -49.13 -6.23
C GLY G 140 -11.28 -49.81 -6.65
N GLY G 141 -11.66 -49.60 -7.90
CA GLY G 141 -12.85 -50.22 -8.43
C GLY G 141 -13.36 -49.49 -9.64
N TYR G 142 -14.31 -50.14 -10.32
CA TYR G 142 -14.92 -49.56 -11.51
C TYR G 142 -16.21 -50.28 -11.81
N GLN G 143 -17.18 -49.56 -12.35
CA GLN G 143 -18.44 -50.12 -12.80
C GLN G 143 -18.68 -49.76 -14.25
N GLY G 144 -19.06 -50.74 -15.05
CA GLY G 144 -19.29 -50.50 -16.46
C GLY G 144 -19.23 -51.78 -17.25
N GLN G 145 -18.97 -51.64 -18.54
CA GLN G 145 -18.88 -52.78 -19.44
C GLN G 145 -17.66 -53.63 -19.11
N ALA G 146 -17.68 -54.87 -19.61
CA ALA G 146 -16.61 -55.81 -19.31
C ALA G 146 -15.26 -55.32 -19.84
N THR G 147 -15.27 -54.66 -21.00
CA THR G 147 -14.02 -54.18 -21.57
C THR G 147 -13.40 -53.08 -20.71
N ASP G 148 -14.21 -52.11 -20.28
CA ASP G 148 -13.71 -51.08 -19.39
C ASP G 148 -13.29 -51.65 -18.04
N ILE G 149 -14.01 -52.66 -17.55
CA ILE G 149 -13.60 -53.32 -16.32
C ILE G 149 -12.21 -53.92 -16.49
N GLU G 150 -11.98 -54.60 -17.60
CA GLU G 150 -10.67 -55.20 -17.85
C GLU G 150 -9.59 -54.13 -17.93
N ILE G 151 -9.88 -53.02 -18.61
CA ILE G 151 -8.91 -51.94 -18.74
C ILE G 151 -8.52 -51.40 -17.37
N HIS G 152 -9.54 -51.07 -16.55
CA HIS G 152 -9.25 -50.49 -15.25
C HIS G 152 -8.59 -51.50 -14.31
N ALA G 153 -8.91 -52.78 -14.45
CA ALA G 153 -8.26 -53.79 -13.63
C ALA G 153 -6.79 -53.93 -14.00
N ARG G 154 -6.48 -53.95 -15.29
CA ARG G 154 -5.08 -53.98 -15.71
C ARG G 154 -4.35 -52.75 -15.21
N GLU G 155 -5.01 -51.58 -15.25
CA GLU G 155 -4.36 -50.37 -14.76
C GLU G 155 -4.08 -50.43 -13.27
N ILE G 156 -5.04 -50.90 -12.47
CA ILE G 156 -4.81 -50.95 -11.03
C ILE G 156 -3.78 -52.01 -10.69
N LEU G 157 -3.71 -53.09 -11.47
CA LEU G 157 -2.66 -54.08 -11.25
C LEU G 157 -1.28 -53.50 -11.58
N LYS G 158 -1.18 -52.73 -12.65
CA LYS G 158 0.08 -52.08 -12.97
C LYS G 158 0.48 -51.09 -11.87
N VAL G 159 -0.50 -50.37 -11.33
CA VAL G 159 -0.20 -49.42 -10.25
C VAL G 159 0.29 -50.16 -9.01
N LYS G 160 -0.36 -51.28 -8.67
CA LYS G 160 0.07 -52.08 -7.54
C LYS G 160 1.49 -52.59 -7.74
N GLY G 161 1.80 -53.06 -8.95
CA GLY G 161 3.15 -53.54 -9.23
C GLY G 161 4.18 -52.44 -9.12
N ARG G 162 3.84 -51.25 -9.62
CA ARG G 162 4.77 -50.12 -9.53
C ARG G 162 5.00 -49.72 -8.08
N MET G 163 3.94 -49.71 -7.27
CA MET G 163 4.09 -49.38 -5.86
C MET G 163 4.94 -50.42 -5.13
N ASN G 164 4.73 -51.70 -5.44
CA ASN G 164 5.55 -52.74 -4.83
C ASN G 164 7.01 -52.60 -5.23
N GLU G 165 7.28 -52.28 -6.50
CA GLU G 165 8.65 -52.06 -6.93
C GLU G 165 9.28 -50.90 -6.18
N LEU G 166 8.56 -49.79 -6.07
CA LEU G 166 9.12 -48.61 -5.38
C LEU G 166 9.37 -48.90 -3.91
N MET G 167 8.47 -49.64 -3.26
CA MET G 167 8.67 -49.95 -1.85
C MET G 167 9.84 -50.91 -1.66
N ALA G 168 9.96 -51.92 -2.54
CA ALA G 168 11.09 -52.83 -2.44
C ALA G 168 12.40 -52.10 -2.70
N LEU G 169 12.36 -51.03 -3.49
CA LEU G 169 13.56 -50.24 -3.71
C LEU G 169 13.91 -49.42 -2.48
N HIS G 170 12.92 -48.78 -1.88
CA HIS G 170 13.19 -47.84 -0.80
C HIS G 170 13.47 -48.53 0.52
N THR G 171 12.92 -49.71 0.76
CA THR G 171 13.10 -50.38 2.03
C THR G 171 14.22 -51.41 2.03
N GLY G 172 14.68 -51.84 0.85
CA GLY G 172 15.72 -52.84 0.76
C GLY G 172 15.22 -54.27 0.76
N GLN G 173 13.96 -54.51 1.09
CA GLN G 173 13.41 -55.85 1.03
C GLN G 173 13.25 -56.30 -0.41
N SER G 174 13.25 -57.61 -0.61
CA SER G 174 13.06 -58.15 -1.94
C SER G 174 11.63 -57.91 -2.41
N LEU G 175 11.48 -57.84 -3.74
CA LEU G 175 10.16 -57.55 -4.31
C LEU G 175 9.15 -58.62 -3.93
N GLU G 176 9.56 -59.88 -3.89
CA GLU G 176 8.65 -60.95 -3.51
C GLU G 176 8.23 -60.83 -2.05
N GLN G 177 9.15 -60.40 -1.19
CA GLN G 177 8.81 -60.21 0.21
C GLN G 177 7.78 -59.10 0.38
N ILE G 178 7.96 -57.98 -0.31
CA ILE G 178 6.98 -56.91 -0.26
C ILE G 178 5.65 -57.37 -0.81
N GLU G 179 5.68 -58.14 -1.91
CA GLU G 179 4.45 -58.62 -2.52
C GLU G 179 3.69 -59.54 -1.58
N ARG G 180 4.42 -60.36 -0.81
CA ARG G 180 3.75 -61.28 0.11
C ARG G 180 3.28 -60.54 1.37
N ASP G 181 3.99 -59.49 1.77
CA ASP G 181 3.64 -58.77 2.98
C ASP G 181 2.46 -57.82 2.78
N THR G 182 2.37 -57.15 1.63
CA THR G 182 1.31 -56.18 1.39
C THR G 182 0.06 -56.80 0.80
N GLU G 183 -0.07 -58.13 0.83
CA GLU G 183 -1.31 -58.75 0.37
C GLU G 183 -2.47 -58.37 1.27
N ARG G 184 -2.21 -58.24 2.57
CA ARG G 184 -3.20 -57.80 3.54
C ARG G 184 -2.59 -56.66 4.35
N ASP G 185 -3.42 -56.07 5.22
CA ASP G 185 -2.93 -55.01 6.09
C ASP G 185 -1.87 -55.53 7.04
N ARG G 186 -0.68 -54.95 6.96
CA ARG G 186 0.43 -55.31 7.84
C ARG G 186 0.71 -54.15 8.77
N PHE G 187 0.44 -54.35 10.06
CA PHE G 187 0.67 -53.32 11.06
C PHE G 187 2.05 -53.48 11.66
N LEU G 188 2.83 -52.40 11.65
CA LEU G 188 4.18 -52.39 12.18
C LEU G 188 4.34 -51.28 13.19
N SER G 189 4.81 -51.64 14.38
CA SER G 189 5.15 -50.62 15.36
C SER G 189 6.49 -49.98 15.00
N ALA G 190 6.95 -49.07 15.85
CA ALA G 190 8.22 -48.39 15.60
C ALA G 190 9.40 -49.34 15.52
N PRO G 191 9.63 -50.26 16.47
CA PRO G 191 10.77 -51.18 16.32
C PRO G 191 10.63 -52.12 15.14
N GLU G 192 9.41 -52.64 14.90
CA GLU G 192 9.20 -53.50 13.74
C GLU G 192 9.38 -52.73 12.44
N ALA G 193 9.00 -51.45 12.41
CA ALA G 193 9.22 -50.66 11.21
C ALA G 193 10.71 -50.39 10.99
N VAL G 194 11.45 -50.17 12.08
CA VAL G 194 12.89 -49.97 11.95
C VAL G 194 13.56 -51.24 11.44
N GLU G 195 13.21 -52.38 12.01
CA GLU G 195 13.81 -53.64 11.59
C GLU G 195 13.40 -54.00 10.17
N TYR G 196 12.17 -53.64 9.78
CA TYR G 196 11.68 -53.98 8.45
C TYR G 196 12.40 -53.19 7.37
N GLY G 197 12.84 -51.98 7.68
CA GLY G 197 13.49 -51.12 6.74
C GLY G 197 12.70 -49.90 6.31
N LEU G 198 11.49 -49.71 6.84
CA LEU G 198 10.70 -48.54 6.48
C LEU G 198 11.36 -47.25 6.97
N VAL G 199 11.83 -47.24 8.22
CA VAL G 199 12.49 -46.09 8.80
C VAL G 199 13.88 -46.52 9.24
N ASP G 200 14.72 -45.52 9.54
CA ASP G 200 16.11 -45.78 9.88
C ASP G 200 16.35 -45.83 11.37
N SER G 201 15.63 -45.03 12.16
CA SER G 201 15.82 -45.02 13.60
C SER G 201 14.59 -44.41 14.25
N ILE G 202 14.60 -44.40 15.58
CA ILE G 202 13.48 -43.90 16.37
C ILE G 202 13.94 -42.69 17.17
N LEU G 203 13.20 -41.59 17.05
CA LEU G 203 13.45 -40.42 17.86
C LEU G 203 12.90 -40.63 19.27
N THR G 204 13.78 -40.51 20.26
CA THR G 204 13.40 -40.77 21.65
C THR G 204 13.46 -39.51 22.49
N HIS G 205 14.58 -38.81 22.50
CA HIS G 205 14.75 -37.62 23.33
C HIS G 205 15.70 -36.65 22.64
N ARG G 206 15.82 -35.47 23.23
CA ARG G 206 16.72 -34.44 22.70
C ARG G 206 18.18 -34.85 22.88
N ALA H 15 -63.20 -55.69 -1.57
CA ALA H 15 -62.66 -54.56 -0.82
C ALA H 15 -62.81 -53.27 -1.61
N LEU H 16 -61.67 -52.68 -2.01
CA LEU H 16 -61.72 -51.47 -2.81
C LEU H 16 -62.41 -51.69 -4.14
N VAL H 17 -62.34 -52.91 -4.67
CA VAL H 17 -62.96 -53.27 -5.93
C VAL H 17 -64.28 -53.97 -5.64
N PRO H 18 -65.34 -53.69 -6.37
CA PRO H 18 -66.63 -54.31 -6.08
C PRO H 18 -66.76 -55.70 -6.69
N MET H 19 -67.71 -56.46 -6.16
CA MET H 19 -68.07 -57.76 -6.70
C MET H 19 -69.48 -57.70 -7.28
N VAL H 20 -69.73 -58.54 -8.28
CA VAL H 20 -71.01 -58.55 -8.98
C VAL H 20 -71.55 -59.98 -9.00
N ILE H 21 -72.84 -60.10 -9.29
CA ILE H 21 -73.54 -61.37 -9.35
C ILE H 21 -74.26 -61.50 -10.68
N GLU H 22 -74.04 -62.62 -11.35
CA GLU H 22 -74.72 -62.93 -12.60
C GLU H 22 -75.08 -64.41 -12.63
N GLN H 23 -76.19 -64.73 -13.28
CA GLN H 23 -76.73 -66.08 -13.26
C GLN H 23 -76.75 -66.67 -14.67
N THR H 24 -76.08 -67.82 -14.84
CA THR H 24 -76.20 -68.56 -16.09
C THR H 24 -76.85 -69.92 -15.86
N SER H 25 -76.24 -70.75 -15.01
CA SER H 25 -76.76 -72.08 -14.75
C SER H 25 -77.17 -72.24 -13.29
N ARG H 26 -76.23 -72.01 -12.36
CA ARG H 26 -76.51 -72.17 -10.95
C ARG H 26 -76.90 -70.86 -10.28
N GLY H 27 -76.66 -69.74 -10.94
CA GLY H 27 -76.93 -68.45 -10.36
C GLY H 27 -75.96 -68.07 -9.26
N GLU H 28 -74.70 -68.46 -9.41
CA GLU H 28 -73.67 -68.20 -8.40
C GLU H 28 -72.35 -67.87 -9.10
N ARG H 29 -72.14 -66.58 -9.35
CA ARG H 29 -70.96 -66.09 -10.06
C ARG H 29 -70.58 -64.73 -9.49
N SER H 30 -69.46 -64.70 -8.76
CA SER H 30 -68.98 -63.46 -8.15
C SER H 30 -67.58 -63.15 -8.68
N PHE H 31 -67.50 -62.18 -9.58
CA PHE H 31 -66.22 -61.69 -10.07
C PHE H 31 -66.05 -60.25 -9.61
N ASP H 32 -64.81 -59.80 -9.50
CA ASP H 32 -64.55 -58.38 -9.50
C ASP H 32 -65.09 -57.77 -10.79
N ILE H 33 -65.56 -56.52 -10.70
CA ILE H 33 -66.27 -55.92 -11.82
C ILE H 33 -65.40 -55.88 -13.07
N TYR H 34 -64.08 -55.79 -12.89
CA TYR H 34 -63.19 -55.81 -14.05
C TYR H 34 -63.21 -57.16 -14.75
N SER H 35 -63.24 -58.25 -14.00
CA SER H 35 -63.36 -59.56 -14.62
C SER H 35 -64.73 -59.73 -15.28
N ARG H 36 -65.78 -59.19 -14.66
CA ARG H 36 -67.10 -59.27 -15.27
C ARG H 36 -67.14 -58.55 -16.60
N LEU H 37 -66.51 -57.37 -16.68
CA LEU H 37 -66.46 -56.66 -17.95
C LEU H 37 -65.55 -57.34 -18.95
N LEU H 38 -64.45 -57.94 -18.49
CA LEU H 38 -63.60 -58.71 -19.39
C LEU H 38 -64.37 -59.88 -20.00
N LYS H 39 -65.25 -60.50 -19.21
CA LYS H 39 -66.09 -61.56 -19.73
C LYS H 39 -66.95 -61.09 -20.90
N GLU H 40 -67.27 -59.80 -20.95
CA GLU H 40 -68.00 -59.21 -22.06
C GLU H 40 -67.07 -58.64 -23.13
N ARG H 41 -65.80 -59.08 -23.16
CA ARG H 41 -64.82 -58.63 -24.13
C ARG H 41 -64.59 -57.12 -24.05
N VAL H 42 -64.43 -56.62 -22.83
CA VAL H 42 -64.14 -55.21 -22.58
C VAL H 42 -62.85 -55.14 -21.78
N ILE H 43 -61.83 -54.50 -22.34
CA ILE H 43 -60.53 -54.38 -21.72
C ILE H 43 -60.27 -52.91 -21.42
N PHE H 44 -59.79 -52.63 -20.21
CA PHE H 44 -59.52 -51.27 -19.76
C PHE H 44 -58.02 -51.00 -19.82
N LEU H 45 -57.65 -49.93 -20.51
CA LEU H 45 -56.28 -49.43 -20.53
C LEU H 45 -56.28 -48.07 -19.85
N THR H 46 -55.91 -48.04 -18.58
CA THR H 46 -55.95 -46.81 -17.81
C THR H 46 -54.59 -46.55 -17.18
N GLY H 47 -54.32 -45.29 -16.88
CA GLY H 47 -53.08 -44.93 -16.24
C GLY H 47 -51.90 -44.97 -17.18
N GLN H 48 -50.72 -44.84 -16.59
CA GLN H 48 -49.47 -44.87 -17.36
C GLN H 48 -49.30 -46.22 -18.03
N VAL H 49 -48.61 -46.22 -19.16
CA VAL H 49 -48.31 -47.44 -19.89
C VAL H 49 -46.91 -47.90 -19.54
N GLU H 50 -46.81 -49.07 -18.90
CA GLU H 50 -45.51 -49.63 -18.52
C GLU H 50 -45.51 -51.11 -18.88
N ASP H 51 -44.45 -51.80 -18.46
CA ASP H 51 -44.24 -53.18 -18.88
C ASP H 51 -45.31 -54.11 -18.34
N HIS H 52 -45.60 -54.03 -17.04
CA HIS H 52 -46.51 -55.00 -16.43
C HIS H 52 -47.96 -54.75 -16.85
N MET H 53 -48.38 -53.48 -16.91
CA MET H 53 -49.72 -53.18 -17.37
C MET H 53 -49.92 -53.61 -18.82
N ALA H 54 -48.93 -53.35 -19.67
CA ALA H 54 -49.03 -53.77 -21.06
C ALA H 54 -49.03 -55.29 -21.18
N ASN H 55 -48.27 -55.97 -20.32
CA ASN H 55 -48.27 -57.43 -20.35
C ASN H 55 -49.64 -57.97 -19.95
N LEU H 56 -50.27 -57.35 -18.96
CA LEU H 56 -51.61 -57.75 -18.56
C LEU H 56 -52.61 -57.53 -19.68
N ILE H 57 -52.51 -56.39 -20.38
CA ILE H 57 -53.40 -56.12 -21.49
C ILE H 57 -53.20 -57.14 -22.60
N VAL H 58 -51.94 -57.49 -22.87
CA VAL H 58 -51.64 -58.47 -23.91
C VAL H 58 -52.20 -59.83 -23.54
N ALA H 59 -52.07 -60.22 -22.27
CA ALA H 59 -52.63 -61.49 -21.83
C ALA H 59 -54.15 -61.51 -21.98
N GLN H 60 -54.80 -60.40 -21.60
CA GLN H 60 -56.25 -60.32 -21.75
C GLN H 60 -56.66 -60.44 -23.21
N MET H 61 -55.95 -59.74 -24.11
CA MET H 61 -56.31 -59.79 -25.51
C MET H 61 -56.08 -61.18 -26.10
N LEU H 62 -54.99 -61.85 -25.70
CA LEU H 62 -54.75 -63.20 -26.17
C LEU H 62 -55.84 -64.15 -25.70
N PHE H 63 -56.25 -64.04 -24.43
CA PHE H 63 -57.31 -64.89 -23.91
C PHE H 63 -58.62 -64.64 -24.65
N LEU H 64 -58.95 -63.38 -24.88
CA LEU H 64 -60.21 -63.07 -25.57
C LEU H 64 -60.17 -63.55 -27.01
N GLU H 65 -59.01 -63.47 -27.67
CA GLU H 65 -58.91 -63.96 -29.03
C GLU H 65 -59.05 -65.47 -29.09
N ALA H 66 -58.41 -66.18 -28.14
CA ALA H 66 -58.51 -67.63 -28.13
C ALA H 66 -59.91 -68.08 -27.74
N GLU H 67 -60.63 -67.27 -26.98
CA GLU H 67 -61.98 -67.63 -26.56
C GLU H 67 -62.95 -67.60 -27.71
N ASN H 68 -62.93 -66.52 -28.50
CA ASN H 68 -63.86 -66.37 -29.62
C ASN H 68 -63.23 -65.48 -30.68
N PRO H 69 -62.57 -66.08 -31.68
CA PRO H 69 -61.83 -65.26 -32.66
C PRO H 69 -62.70 -64.41 -33.55
N GLU H 70 -64.03 -64.52 -33.45
CA GLU H 70 -64.92 -63.80 -34.35
C GLU H 70 -65.57 -62.58 -33.72
N LYS H 71 -65.56 -62.48 -32.39
CA LYS H 71 -66.23 -61.39 -31.70
C LYS H 71 -65.23 -60.29 -31.34
N ASP H 72 -65.67 -59.04 -31.48
CA ASP H 72 -64.77 -57.92 -31.32
C ASP H 72 -64.30 -57.79 -29.88
N ILE H 73 -63.22 -57.02 -29.70
CA ILE H 73 -62.67 -56.69 -28.39
C ILE H 73 -62.70 -55.17 -28.25
N TYR H 74 -63.20 -54.70 -27.11
CA TYR H 74 -63.36 -53.28 -26.86
C TYR H 74 -62.29 -52.82 -25.87
N LEU H 75 -61.43 -51.91 -26.30
CA LEU H 75 -60.33 -51.41 -25.48
C LEU H 75 -60.63 -49.97 -25.10
N TYR H 76 -60.91 -49.75 -23.82
CA TYR H 76 -61.22 -48.42 -23.30
C TYR H 76 -59.93 -47.76 -22.86
N ILE H 77 -59.58 -46.66 -23.54
CA ILE H 77 -58.28 -46.02 -23.38
C ILE H 77 -58.45 -44.74 -22.56
N ASN H 78 -57.74 -44.66 -21.43
CA ASN H 78 -57.62 -43.43 -20.65
C ASN H 78 -56.19 -43.42 -20.12
N SER H 79 -55.28 -42.82 -20.88
CA SER H 79 -53.88 -42.96 -20.52
C SER H 79 -53.11 -41.68 -20.80
N PRO H 80 -52.26 -41.23 -19.87
CA PRO H 80 -51.39 -40.08 -20.16
C PRO H 80 -50.14 -40.43 -20.94
N GLY H 81 -50.07 -41.61 -21.52
CA GLY H 81 -48.92 -42.02 -22.28
C GLY H 81 -48.20 -43.16 -21.60
N GLY H 82 -46.90 -43.24 -21.83
CA GLY H 82 -46.10 -44.27 -21.20
C GLY H 82 -44.90 -44.61 -22.06
N VAL H 83 -44.31 -45.76 -21.73
CA VAL H 83 -43.12 -46.24 -22.44
C VAL H 83 -43.52 -46.64 -23.85
N ILE H 84 -42.69 -46.25 -24.82
CA ILE H 84 -42.97 -46.59 -26.21
C ILE H 84 -42.91 -48.10 -26.41
N THR H 85 -41.99 -48.77 -25.74
CA THR H 85 -41.81 -50.20 -25.94
C THR H 85 -43.03 -51.00 -25.54
N ALA H 86 -43.52 -50.79 -24.31
CA ALA H 86 -44.70 -51.51 -23.84
C ALA H 86 -45.90 -51.22 -24.75
N GLY H 87 -46.05 -49.97 -25.18
CA GLY H 87 -47.12 -49.65 -26.10
C GLY H 87 -47.00 -50.37 -27.42
N MET H 88 -45.77 -50.52 -27.93
CA MET H 88 -45.58 -51.26 -29.17
C MET H 88 -45.91 -52.74 -28.99
N SER H 89 -45.69 -53.29 -27.80
CA SER H 89 -46.11 -54.65 -27.54
C SER H 89 -47.63 -54.79 -27.64
N ILE H 90 -48.36 -53.90 -26.99
CA ILE H 90 -49.82 -53.91 -27.08
C ILE H 90 -50.26 -53.74 -28.53
N TYR H 91 -49.58 -52.86 -29.26
CA TYR H 91 -49.95 -52.58 -30.65
C TYR H 91 -49.74 -53.81 -31.53
N ASP H 92 -48.61 -54.48 -31.37
CA ASP H 92 -48.34 -55.68 -32.15
C ASP H 92 -49.34 -56.78 -31.82
N THR H 93 -49.71 -56.91 -30.55
CA THR H 93 -50.69 -57.92 -30.18
C THR H 93 -52.07 -57.57 -30.74
N MET H 94 -52.38 -56.28 -30.81
CA MET H 94 -53.63 -55.85 -31.42
C MET H 94 -53.66 -56.16 -32.91
N GLN H 95 -52.55 -55.89 -33.60
CA GLN H 95 -52.49 -56.12 -35.04
C GLN H 95 -52.40 -57.60 -35.38
N PHE H 96 -51.91 -58.43 -34.46
CA PHE H 96 -51.68 -59.83 -34.77
C PHE H 96 -52.96 -60.65 -34.66
N ILE H 97 -53.71 -60.48 -33.58
CA ILE H 97 -54.83 -61.36 -33.30
C ILE H 97 -55.91 -61.21 -34.38
N LYS H 98 -56.77 -62.21 -34.46
CA LYS H 98 -57.77 -62.25 -35.53
C LYS H 98 -58.93 -61.27 -35.32
N PRO H 99 -59.61 -61.27 -34.16
CA PRO H 99 -60.80 -60.42 -34.05
C PRO H 99 -60.45 -58.94 -34.09
N ASP H 100 -61.40 -58.15 -34.60
CA ASP H 100 -61.21 -56.71 -34.65
C ASP H 100 -61.28 -56.11 -33.25
N VAL H 101 -60.28 -55.30 -32.92
CA VAL H 101 -60.23 -54.61 -31.64
C VAL H 101 -60.66 -53.17 -31.87
N SER H 102 -61.70 -52.74 -31.15
CA SER H 102 -62.23 -51.39 -31.27
C SER H 102 -61.81 -50.59 -30.05
N THR H 103 -61.18 -49.44 -30.29
CA THR H 103 -60.64 -48.61 -29.23
C THR H 103 -61.54 -47.42 -28.98
N ILE H 104 -61.93 -47.24 -27.73
CA ILE H 104 -62.78 -46.13 -27.31
C ILE H 104 -61.97 -45.25 -26.37
N CYS H 105 -61.82 -43.98 -26.73
CA CYS H 105 -61.02 -43.05 -25.95
C CYS H 105 -61.91 -42.26 -25.01
N MET H 106 -61.86 -42.59 -23.72
CA MET H 106 -62.56 -41.84 -22.70
C MET H 106 -61.52 -41.14 -21.83
N GLY H 107 -61.77 -39.88 -21.52
CA GLY H 107 -60.79 -39.11 -20.78
C GLY H 107 -59.75 -38.50 -21.69
N GLN H 108 -58.56 -39.08 -21.72
CA GLN H 108 -57.47 -38.54 -22.52
C GLN H 108 -56.70 -39.68 -23.19
N ALA H 109 -55.79 -39.29 -24.08
CA ALA H 109 -54.88 -40.21 -24.76
C ALA H 109 -53.67 -39.39 -25.21
N ALA H 110 -52.56 -39.52 -24.48
CA ALA H 110 -51.39 -38.69 -24.70
C ALA H 110 -50.31 -39.43 -25.48
N SER H 111 -50.52 -39.51 -26.79
CA SER H 111 -49.54 -39.95 -27.80
C SER H 111 -49.32 -41.44 -27.68
N MET H 112 -49.63 -42.09 -26.56
CA MET H 112 -49.49 -43.54 -26.50
C MET H 112 -50.84 -44.19 -26.36
N GLY H 113 -51.64 -43.72 -25.41
CA GLY H 113 -53.07 -43.93 -25.54
C GLY H 113 -53.57 -43.48 -26.90
N ALA H 114 -53.02 -42.39 -27.41
CA ALA H 114 -53.42 -41.89 -28.73
C ALA H 114 -52.92 -42.81 -29.84
N PHE H 115 -51.68 -43.26 -29.76
CA PHE H 115 -51.19 -44.21 -30.76
C PHE H 115 -52.05 -45.47 -30.78
N LEU H 116 -52.31 -46.04 -29.61
CA LEU H 116 -53.13 -47.25 -29.55
C LEU H 116 -54.57 -46.98 -29.95
N LEU H 117 -55.05 -45.76 -29.76
CA LEU H 117 -56.40 -45.41 -30.19
C LEU H 117 -56.49 -45.39 -31.71
N THR H 118 -55.56 -44.71 -32.37
CA THR H 118 -55.52 -44.74 -33.83
C THR H 118 -55.18 -46.11 -34.36
N ALA H 119 -54.62 -46.99 -33.53
CA ALA H 119 -54.25 -48.33 -33.96
C ALA H 119 -55.41 -49.31 -33.94
N GLY H 120 -56.62 -48.87 -33.60
CA GLY H 120 -57.75 -49.76 -33.59
C GLY H 120 -58.19 -50.17 -34.98
N ALA H 121 -59.17 -51.08 -35.01
CA ALA H 121 -59.71 -51.53 -36.27
C ALA H 121 -60.39 -50.37 -37.00
N LYS H 122 -60.09 -50.24 -38.29
CA LYS H 122 -60.62 -49.12 -39.06
C LYS H 122 -62.13 -49.15 -39.09
N GLY H 123 -62.74 -48.00 -38.86
CA GLY H 123 -64.18 -47.88 -38.76
C GLY H 123 -64.74 -48.15 -37.38
N LYS H 124 -63.91 -48.62 -36.45
CA LYS H 124 -64.36 -48.96 -35.10
C LYS H 124 -63.58 -48.21 -34.04
N ARG H 125 -62.89 -47.12 -34.40
CA ARG H 125 -62.17 -46.30 -33.43
C ARG H 125 -63.06 -45.11 -33.05
N PHE H 126 -63.61 -45.15 -31.85
CA PHE H 126 -64.50 -44.11 -31.37
C PHE H 126 -63.84 -43.33 -30.25
N CYS H 127 -64.32 -42.12 -30.03
CA CYS H 127 -63.89 -41.30 -28.90
C CYS H 127 -65.08 -40.50 -28.37
N LEU H 128 -65.18 -40.40 -27.05
CA LEU H 128 -66.29 -39.70 -26.44
C LEU H 128 -66.20 -38.21 -26.71
N PRO H 129 -67.33 -37.49 -26.70
CA PRO H 129 -67.32 -36.11 -27.19
C PRO H 129 -66.44 -35.17 -26.41
N ASN H 130 -66.15 -35.45 -25.14
CA ASN H 130 -65.32 -34.56 -24.32
C ASN H 130 -63.93 -35.13 -24.07
N SER H 131 -63.50 -36.11 -24.85
CA SER H 131 -62.16 -36.64 -24.68
C SER H 131 -61.13 -35.67 -25.26
N ARG H 132 -59.90 -35.82 -24.82
CA ARG H 132 -58.78 -35.00 -25.26
C ARG H 132 -57.67 -35.91 -25.78
N VAL H 133 -57.17 -35.61 -26.97
CA VAL H 133 -56.15 -36.42 -27.62
C VAL H 133 -54.93 -35.54 -27.88
N MET H 134 -53.76 -36.04 -27.51
CA MET H 134 -52.51 -35.35 -27.75
C MET H 134 -51.53 -36.28 -28.43
N ILE H 135 -50.76 -35.75 -29.37
CA ILE H 135 -49.73 -36.49 -30.07
C ILE H 135 -48.44 -35.69 -30.04
N HIS H 136 -47.31 -36.39 -29.95
CA HIS H 136 -46.02 -35.73 -29.91
C HIS H 136 -44.94 -36.75 -30.22
N GLN H 137 -43.76 -36.24 -30.59
CA GLN H 137 -42.62 -37.09 -30.86
C GLN H 137 -42.17 -37.77 -29.56
N PRO H 138 -41.57 -38.96 -29.63
CA PRO H 138 -41.19 -39.66 -28.41
C PRO H 138 -40.09 -38.95 -27.65
N LEU H 139 -40.07 -39.15 -26.34
CA LEU H 139 -39.06 -38.61 -25.46
C LEU H 139 -38.03 -39.69 -25.11
N GLY H 140 -36.92 -39.26 -24.56
CA GLY H 140 -35.88 -40.20 -24.16
C GLY H 140 -34.65 -39.48 -23.68
N GLY H 141 -33.53 -40.18 -23.70
CA GLY H 141 -32.27 -39.58 -23.30
C GLY H 141 -31.26 -40.64 -22.94
N TYR H 142 -30.02 -40.19 -22.78
CA TYR H 142 -28.93 -41.06 -22.41
C TYR H 142 -27.76 -40.24 -21.90
N GLN H 143 -27.02 -40.80 -20.96
CA GLN H 143 -25.81 -40.17 -20.43
C GLN H 143 -24.65 -41.15 -20.56
N GLY H 144 -23.52 -40.67 -21.08
CA GLY H 144 -22.37 -41.52 -21.24
C GLY H 144 -21.41 -40.93 -22.25
N GLN H 145 -20.59 -41.81 -22.83
CA GLN H 145 -19.60 -41.40 -23.81
C GLN H 145 -20.28 -40.93 -25.09
N ALA H 146 -19.51 -40.21 -25.90
CA ALA H 146 -20.08 -39.64 -27.13
C ALA H 146 -20.53 -40.73 -28.09
N THR H 147 -19.82 -41.85 -28.14
CA THR H 147 -20.21 -42.93 -29.04
C THR H 147 -21.54 -43.54 -28.63
N ASP H 148 -21.71 -43.83 -27.34
CA ASP H 148 -22.99 -44.35 -26.87
C ASP H 148 -24.11 -43.32 -27.04
N ILE H 149 -23.80 -42.04 -26.85
CA ILE H 149 -24.79 -40.99 -27.10
C ILE H 149 -25.25 -41.04 -28.55
N GLU H 150 -24.30 -41.16 -29.48
CA GLU H 150 -24.66 -41.23 -30.89
C GLU H 150 -25.51 -42.46 -31.18
N ILE H 151 -25.14 -43.61 -30.60
CA ILE H 151 -25.90 -44.83 -30.83
C ILE H 151 -27.34 -44.66 -30.36
N HIS H 152 -27.52 -44.19 -29.12
CA HIS H 152 -28.86 -44.06 -28.58
C HIS H 152 -29.66 -42.98 -29.30
N ALA H 153 -28.99 -41.93 -29.78
CA ALA H 153 -29.69 -40.91 -30.55
C ALA H 153 -30.18 -41.45 -31.88
N ARG H 154 -29.33 -42.21 -32.58
CA ARG H 154 -29.77 -42.85 -33.81
C ARG H 154 -30.92 -43.79 -33.54
N GLU H 155 -30.88 -44.52 -32.44
CA GLU H 155 -31.97 -45.45 -32.12
C GLU H 155 -33.27 -44.70 -31.85
N ILE H 156 -33.23 -43.62 -31.08
CA ILE H 156 -34.46 -42.90 -30.79
C ILE H 156 -34.99 -42.20 -32.04
N LEU H 157 -34.09 -41.78 -32.94
CA LEU H 157 -34.56 -41.21 -34.20
C LEU H 157 -35.23 -42.26 -35.07
N LYS H 158 -34.68 -43.47 -35.10
CA LYS H 158 -35.32 -44.56 -35.85
C LYS H 158 -36.68 -44.88 -35.26
N VAL H 159 -36.79 -44.87 -33.93
CA VAL H 159 -38.06 -45.15 -33.27
C VAL H 159 -39.09 -44.07 -33.62
N LYS H 160 -38.66 -42.80 -33.60
CA LYS H 160 -39.55 -41.72 -33.97
C LYS H 160 -40.02 -41.85 -35.41
N GLY H 161 -39.11 -42.21 -36.31
CA GLY H 161 -39.50 -42.41 -37.70
C GLY H 161 -40.47 -43.54 -37.87
N ARG H 162 -40.25 -44.65 -37.16
CA ARG H 162 -41.16 -45.78 -37.23
C ARG H 162 -42.54 -45.41 -36.71
N MET H 163 -42.59 -44.65 -35.60
CA MET H 163 -43.87 -44.24 -35.06
C MET H 163 -44.61 -43.30 -36.01
N ASN H 164 -43.87 -42.38 -36.64
CA ASN H 164 -44.50 -41.50 -37.62
C ASN H 164 -45.03 -42.29 -38.80
N GLU H 165 -44.27 -43.28 -39.29
CA GLU H 165 -44.76 -44.12 -40.38
C GLU H 165 -46.04 -44.84 -39.98
N LEU H 166 -46.06 -45.44 -38.79
CA LEU H 166 -47.24 -46.18 -38.36
C LEU H 166 -48.45 -45.27 -38.21
N MET H 167 -48.24 -44.06 -37.68
CA MET H 167 -49.36 -43.14 -37.51
C MET H 167 -49.87 -42.65 -38.87
N ALA H 168 -48.96 -42.34 -39.79
CA ALA H 168 -49.38 -41.93 -41.11
C ALA H 168 -50.11 -43.05 -41.83
N LEU H 169 -49.79 -44.30 -41.50
CA LEU H 169 -50.52 -45.42 -42.09
C LEU H 169 -51.91 -45.53 -41.50
N HIS H 170 -52.02 -45.42 -40.18
CA HIS H 170 -53.29 -45.69 -39.51
C HIS H 170 -54.28 -44.54 -39.63
N THR H 171 -53.80 -43.31 -39.76
CA THR H 171 -54.70 -42.17 -39.82
C THR H 171 -55.02 -41.70 -41.24
N GLY H 172 -54.23 -42.12 -42.22
CA GLY H 172 -54.43 -41.70 -43.59
C GLY H 172 -53.73 -40.42 -43.98
N GLN H 173 -53.23 -39.66 -43.01
CA GLN H 173 -52.48 -38.45 -43.32
C GLN H 173 -51.15 -38.80 -43.94
N SER H 174 -50.60 -37.86 -44.71
CA SER H 174 -49.30 -38.06 -45.31
C SER H 174 -48.21 -38.06 -44.24
N LEU H 175 -47.11 -38.75 -44.53
CA LEU H 175 -46.02 -38.86 -43.57
C LEU H 175 -45.45 -37.49 -43.22
N GLU H 176 -45.34 -36.61 -44.21
CA GLU H 176 -44.81 -35.27 -43.93
C GLU H 176 -45.76 -34.48 -43.04
N GLN H 177 -47.07 -34.66 -43.23
CA GLN H 177 -48.02 -33.97 -42.38
C GLN H 177 -47.92 -34.43 -40.93
N ILE H 178 -47.81 -35.74 -40.72
CA ILE H 178 -47.62 -36.26 -39.36
C ILE H 178 -46.31 -35.76 -38.78
N GLU H 179 -45.26 -35.74 -39.59
CA GLU H 179 -43.96 -35.29 -39.11
C GLU H 179 -44.00 -33.83 -38.69
N ARG H 180 -44.76 -33.00 -39.42
CA ARG H 180 -44.84 -31.59 -39.06
C ARG H 180 -45.78 -31.37 -37.89
N ASP H 181 -46.80 -32.22 -37.74
CA ASP H 181 -47.76 -32.05 -36.66
C ASP H 181 -47.23 -32.53 -35.31
N THR H 182 -46.48 -33.63 -35.28
CA THR H 182 -46.00 -34.19 -34.03
C THR H 182 -44.66 -33.61 -33.60
N GLU H 183 -44.22 -32.51 -34.20
CA GLU H 183 -42.99 -31.86 -33.73
C GLU H 183 -43.18 -31.32 -32.32
N ARG H 184 -44.37 -30.83 -32.01
CA ARG H 184 -44.71 -30.37 -30.67
C ARG H 184 -46.02 -31.04 -30.25
N ASP H 185 -46.41 -30.80 -29.00
CA ASP H 185 -47.66 -31.33 -28.50
C ASP H 185 -48.84 -30.76 -29.28
N ARG H 186 -49.61 -31.63 -29.92
CA ARG H 186 -50.79 -31.23 -30.66
C ARG H 186 -52.02 -31.76 -29.94
N PHE H 187 -52.82 -30.86 -29.39
CA PHE H 187 -54.03 -31.21 -28.67
C PHE H 187 -55.22 -31.21 -29.62
N LEU H 188 -55.95 -32.31 -29.64
CA LEU H 188 -57.10 -32.47 -30.51
C LEU H 188 -58.31 -32.88 -29.69
N SER H 189 -59.40 -32.12 -29.82
CA SER H 189 -60.65 -32.52 -29.21
C SER H 189 -61.29 -33.64 -30.03
N ALA H 190 -62.48 -34.06 -29.61
CA ALA H 190 -63.18 -35.13 -30.31
C ALA H 190 -63.49 -34.80 -31.77
N PRO H 191 -64.09 -33.65 -32.10
CA PRO H 191 -64.34 -33.36 -33.52
C PRO H 191 -63.06 -33.17 -34.31
N GLU H 192 -62.05 -32.51 -33.74
CA GLU H 192 -60.78 -32.36 -34.44
C GLU H 192 -60.08 -33.71 -34.62
N ALA H 193 -60.23 -34.62 -33.65
CA ALA H 193 -59.65 -35.94 -33.81
C ALA H 193 -60.37 -36.73 -34.89
N VAL H 194 -61.70 -36.58 -34.98
CA VAL H 194 -62.45 -37.26 -36.02
C VAL H 194 -62.05 -36.74 -37.40
N GLU H 195 -61.97 -35.41 -37.53
CA GLU H 195 -61.60 -34.82 -38.82
C GLU H 195 -60.15 -35.14 -39.17
N TYR H 196 -59.28 -35.25 -38.18
CA TYR H 196 -57.87 -35.52 -38.43
C TYR H 196 -57.66 -36.94 -38.95
N GLY H 197 -58.50 -37.87 -38.51
CA GLY H 197 -58.37 -39.26 -38.90
C GLY H 197 -57.97 -40.19 -37.78
N LEU H 198 -57.77 -39.69 -36.56
CA LEU H 198 -57.39 -40.56 -35.45
C LEU H 198 -58.52 -41.52 -35.11
N VAL H 199 -59.75 -41.03 -35.04
CA VAL H 199 -60.91 -41.84 -34.74
C VAL H 199 -61.90 -41.72 -35.88
N ASP H 200 -62.88 -42.61 -35.90
CA ASP H 200 -63.83 -42.67 -36.99
C ASP H 200 -65.13 -41.93 -36.69
N SER H 201 -65.58 -41.92 -35.43
CA SER H 201 -66.80 -41.24 -35.08
C SER H 201 -66.82 -41.01 -33.58
N ILE H 202 -67.86 -40.32 -33.12
CA ILE H 202 -68.01 -39.95 -31.72
C ILE H 202 -69.24 -40.64 -31.15
N LEU H 203 -69.06 -41.33 -30.03
CA LEU H 203 -70.19 -41.92 -29.33
C LEU H 203 -70.91 -40.85 -28.52
N THR H 204 -72.21 -40.70 -28.80
CA THR H 204 -73.00 -39.66 -28.16
C THR H 204 -74.07 -40.24 -27.24
N HIS H 205 -74.91 -41.15 -27.73
CA HIS H 205 -75.99 -41.71 -26.94
C HIS H 205 -76.27 -43.13 -27.40
N ARG H 206 -77.14 -43.81 -26.66
CA ARG H 206 -77.52 -45.17 -26.99
C ARG H 206 -78.34 -45.21 -28.27
N ALA I 15 -62.16 -57.83 6.67
CA ALA I 15 -61.16 -57.13 7.45
C ALA I 15 -61.59 -55.71 7.76
N LEU I 16 -60.88 -54.73 7.19
CA LEU I 16 -61.25 -53.34 7.39
C LEU I 16 -62.64 -53.04 6.84
N VAL I 17 -63.05 -53.77 5.80
CA VAL I 17 -64.35 -53.59 5.19
C VAL I 17 -65.29 -54.67 5.72
N PRO I 18 -66.53 -54.34 6.02
CA PRO I 18 -67.44 -55.35 6.59
C PRO I 18 -68.08 -56.21 5.52
N MET I 19 -68.59 -57.36 5.96
CA MET I 19 -69.36 -58.26 5.11
C MET I 19 -70.81 -58.29 5.58
N VAL I 20 -71.72 -58.55 4.65
CA VAL I 20 -73.15 -58.56 4.94
C VAL I 20 -73.75 -59.86 4.45
N ILE I 21 -74.96 -60.15 4.92
CA ILE I 21 -75.69 -61.36 4.59
C ILE I 21 -77.07 -60.98 4.10
N GLU I 22 -77.45 -61.53 2.94
CA GLU I 22 -78.78 -61.33 2.38
C GLU I 22 -79.25 -62.63 1.76
N GLN I 23 -80.56 -62.87 1.80
CA GLN I 23 -81.14 -64.14 1.38
C GLN I 23 -82.09 -63.93 0.20
N THR I 24 -81.80 -64.63 -0.91
CA THR I 24 -82.74 -64.64 -2.03
C THR I 24 -83.27 -66.05 -2.26
N SER I 25 -82.37 -67.00 -2.54
CA SER I 25 -82.79 -68.37 -2.82
C SER I 25 -82.23 -69.33 -1.79
N ARG I 26 -80.91 -69.35 -1.61
CA ARG I 26 -80.28 -70.27 -0.67
C ARG I 26 -80.02 -69.62 0.68
N GLY I 27 -80.10 -68.30 0.76
CA GLY I 27 -79.80 -67.59 1.98
C GLY I 27 -78.33 -67.56 2.32
N GLU I 28 -77.49 -67.49 1.29
CA GLU I 28 -76.04 -67.50 1.48
C GLU I 28 -75.39 -66.55 0.49
N ARG I 29 -75.21 -65.30 0.93
CA ARG I 29 -74.65 -64.23 0.10
C ARG I 29 -73.85 -63.29 0.97
N SER I 30 -72.54 -63.33 0.81
CA SER I 30 -71.64 -62.48 1.60
C SER I 30 -70.83 -61.61 0.66
N PHE I 31 -71.19 -60.34 0.58
CA PHE I 31 -70.43 -59.35 -0.16
C PHE I 31 -69.85 -58.34 0.82
N ASP I 32 -68.75 -57.70 0.42
CA ASP I 32 -68.38 -56.45 1.06
C ASP I 32 -69.51 -55.45 0.91
N ILE I 33 -69.69 -54.59 1.92
CA ILE I 33 -70.85 -53.72 1.96
C ILE I 33 -70.93 -52.83 0.73
N TYR I 34 -69.78 -52.50 0.14
CA TYR I 34 -69.79 -51.71 -1.08
C TYR I 34 -70.40 -52.48 -2.25
N SER I 35 -70.08 -53.78 -2.38
CA SER I 35 -70.72 -54.57 -3.41
C SER I 35 -72.21 -54.75 -3.14
N ARG I 36 -72.60 -54.88 -1.87
CA ARG I 36 -74.01 -54.98 -1.54
C ARG I 36 -74.76 -53.73 -1.94
N LEU I 37 -74.18 -52.57 -1.71
CA LEU I 37 -74.83 -51.32 -2.11
C LEU I 37 -74.81 -51.15 -3.63
N LEU I 38 -73.73 -51.59 -4.29
CA LEU I 38 -73.71 -51.55 -5.75
C LEU I 38 -74.82 -52.42 -6.33
N LYS I 39 -75.11 -53.55 -5.70
CA LYS I 39 -76.21 -54.40 -6.12
C LYS I 39 -77.54 -53.64 -6.10
N GLU I 40 -77.67 -52.64 -5.24
CA GLU I 40 -78.85 -51.78 -5.19
C GLU I 40 -78.69 -50.54 -6.06
N ARG I 41 -77.78 -50.56 -7.02
CA ARG I 41 -77.55 -49.44 -7.93
C ARG I 41 -77.14 -48.18 -7.18
N VAL I 42 -76.21 -48.33 -6.24
CA VAL I 42 -75.65 -47.21 -5.48
C VAL I 42 -74.15 -47.22 -5.68
N ILE I 43 -73.62 -46.14 -6.24
CA ILE I 43 -72.20 -46.01 -6.54
C ILE I 43 -71.65 -44.88 -5.69
N PHE I 44 -70.50 -45.13 -5.06
CA PHE I 44 -69.86 -44.15 -4.20
C PHE I 44 -68.68 -43.51 -4.91
N LEU I 45 -68.68 -42.18 -4.96
CA LEU I 45 -67.56 -41.41 -5.47
C LEU I 45 -66.99 -40.61 -4.30
N THR I 46 -65.91 -41.12 -3.70
CA THR I 46 -65.32 -40.50 -2.53
C THR I 46 -63.85 -40.24 -2.78
N GLY I 47 -63.31 -39.28 -2.04
CA GLY I 47 -61.90 -38.97 -2.14
C GLY I 47 -61.56 -38.23 -3.42
N GLN I 48 -60.25 -38.10 -3.66
CA GLN I 48 -59.76 -37.42 -4.84
C GLN I 48 -60.18 -38.17 -6.10
N VAL I 49 -60.33 -37.42 -7.18
CA VAL I 49 -60.69 -37.99 -8.48
C VAL I 49 -59.43 -38.18 -9.30
N GLU I 50 -59.10 -39.42 -9.61
CA GLU I 50 -57.93 -39.74 -10.41
C GLU I 50 -58.32 -40.78 -11.45
N ASP I 51 -57.31 -41.29 -12.16
CA ASP I 51 -57.57 -42.17 -13.30
C ASP I 51 -58.20 -43.49 -12.87
N HIS I 52 -57.62 -44.14 -11.86
CA HIS I 52 -58.08 -45.49 -11.51
C HIS I 52 -59.44 -45.45 -10.82
N MET I 53 -59.65 -44.48 -9.93
CA MET I 53 -60.95 -44.35 -9.28
C MET I 53 -62.03 -44.04 -10.31
N ALA I 54 -61.75 -43.13 -11.24
CA ALA I 54 -62.72 -42.82 -12.28
C ALA I 54 -62.98 -44.02 -13.17
N ASN I 55 -61.94 -44.80 -13.46
CA ASN I 55 -62.13 -46.00 -14.26
C ASN I 55 -63.02 -47.01 -13.55
N LEU I 56 -62.83 -47.15 -12.24
CA LEU I 56 -63.70 -48.04 -11.47
C LEU I 56 -65.14 -47.55 -11.47
N ILE I 57 -65.34 -46.24 -11.33
CA ILE I 57 -66.70 -45.69 -11.36
C ILE I 57 -67.33 -45.94 -12.73
N VAL I 58 -66.55 -45.75 -13.79
CA VAL I 58 -67.07 -45.97 -15.15
C VAL I 58 -67.45 -47.43 -15.34
N ALA I 59 -66.62 -48.35 -14.85
CA ALA I 59 -66.94 -49.76 -14.96
C ALA I 59 -68.21 -50.10 -14.21
N GLN I 60 -68.37 -49.55 -12.99
CA GLN I 60 -69.59 -49.78 -12.23
C GLN I 60 -70.81 -49.26 -12.96
N MET I 61 -70.71 -48.06 -13.54
CA MET I 61 -71.86 -47.49 -14.23
C MET I 61 -72.20 -48.28 -15.48
N LEU I 62 -71.19 -48.75 -16.21
CA LEU I 62 -71.45 -49.58 -17.39
C LEU I 62 -72.13 -50.88 -17.00
N PHE I 63 -71.65 -51.52 -15.93
CA PHE I 63 -72.27 -52.77 -15.49
C PHE I 63 -73.71 -52.54 -15.06
N LEU I 64 -73.97 -51.46 -14.32
CA LEU I 64 -75.33 -51.18 -13.86
C LEU I 64 -76.25 -50.86 -15.04
N GLU I 65 -75.73 -50.17 -16.05
CA GLU I 65 -76.54 -49.86 -17.22
C GLU I 65 -76.87 -51.12 -18.00
N ALA I 66 -75.87 -52.00 -18.17
CA ALA I 66 -76.12 -53.24 -18.90
C ALA I 66 -77.03 -54.17 -18.13
N GLU I 67 -77.03 -54.06 -16.80
CA GLU I 67 -77.87 -54.94 -15.99
C GLU I 67 -79.35 -54.58 -16.13
N ASN I 68 -79.67 -53.30 -16.04
CA ASN I 68 -81.07 -52.86 -16.11
C ASN I 68 -81.11 -51.43 -16.64
N PRO I 69 -81.28 -51.25 -17.95
CA PRO I 69 -81.19 -49.89 -18.53
C PRO I 69 -82.32 -48.98 -18.11
N GLU I 70 -83.32 -49.46 -17.37
CA GLU I 70 -84.47 -48.66 -17.03
C GLU I 70 -84.45 -48.12 -15.60
N LYS I 71 -83.63 -48.70 -14.72
CA LYS I 71 -83.59 -48.33 -13.32
C LYS I 71 -82.47 -47.33 -13.06
N ASP I 72 -82.74 -46.35 -12.22
CA ASP I 72 -81.81 -45.26 -11.99
C ASP I 72 -80.54 -45.74 -11.31
N ILE I 73 -79.50 -44.92 -11.39
CA ILE I 73 -78.24 -45.15 -10.71
C ILE I 73 -77.98 -43.98 -9.76
N TYR I 74 -77.63 -44.29 -8.52
CA TYR I 74 -77.43 -43.28 -7.50
C TYR I 74 -75.93 -43.12 -7.23
N LEU I 75 -75.41 -41.93 -7.50
CA LEU I 75 -74.00 -41.63 -7.33
C LEU I 75 -73.82 -40.71 -6.13
N TYR I 76 -73.24 -41.24 -5.06
CA TYR I 76 -73.00 -40.48 -3.84
C TYR I 76 -71.64 -39.80 -3.94
N ILE I 77 -71.64 -38.48 -3.94
CA ILE I 77 -70.46 -37.68 -4.21
C ILE I 77 -69.94 -37.08 -2.92
N ASN I 78 -68.69 -37.39 -2.58
CA ASN I 78 -67.97 -36.73 -1.49
C ASN I 78 -66.52 -36.61 -1.96
N SER I 79 -66.20 -35.50 -2.61
CA SER I 79 -64.90 -35.42 -3.26
C SER I 79 -64.32 -34.02 -3.17
N PRO I 80 -63.03 -33.89 -2.82
CA PRO I 80 -62.39 -32.57 -2.84
C PRO I 80 -61.93 -32.14 -4.23
N GLY I 81 -62.36 -32.82 -5.27
CA GLY I 81 -61.98 -32.47 -6.63
C GLY I 81 -61.14 -33.57 -7.23
N GLY I 82 -60.27 -33.18 -8.16
CA GLY I 82 -59.37 -34.13 -8.77
C GLY I 82 -59.00 -33.68 -10.17
N VAL I 83 -58.48 -34.63 -10.94
CA VAL I 83 -58.04 -34.37 -12.31
C VAL I 83 -59.25 -34.10 -13.18
N ILE I 84 -59.16 -33.08 -14.03
CA ILE I 84 -60.26 -32.73 -14.92
C ILE I 84 -60.53 -33.86 -15.89
N THR I 85 -59.46 -34.52 -16.37
CA THR I 85 -59.62 -35.55 -17.38
C THR I 85 -60.43 -36.73 -16.88
N ALA I 86 -60.03 -37.30 -15.74
CA ALA I 86 -60.76 -38.43 -15.18
C ALA I 86 -62.21 -38.06 -14.90
N GLY I 87 -62.44 -36.85 -14.40
CA GLY I 87 -63.81 -36.41 -14.19
C GLY I 87 -64.60 -36.32 -15.46
N MET I 88 -63.98 -35.87 -16.55
CA MET I 88 -64.68 -35.81 -17.83
C MET I 88 -64.99 -37.20 -18.35
N SER I 89 -64.16 -38.19 -18.03
CA SER I 89 -64.49 -39.56 -18.39
C SER I 89 -65.76 -40.03 -17.68
N ILE I 90 -65.84 -39.80 -16.36
CA ILE I 90 -67.04 -40.14 -15.62
C ILE I 90 -68.23 -39.39 -16.16
N TYR I 91 -68.04 -38.12 -16.52
CA TYR I 91 -69.15 -37.30 -17.01
C TYR I 91 -69.68 -37.83 -18.34
N ASP I 92 -68.77 -38.16 -19.25
CA ASP I 92 -69.18 -38.70 -20.54
C ASP I 92 -69.89 -40.03 -20.38
N THR I 93 -69.41 -40.88 -19.45
CA THR I 93 -70.09 -42.15 -19.24
C THR I 93 -71.46 -41.93 -18.62
N MET I 94 -71.60 -40.91 -17.76
CA MET I 94 -72.91 -40.59 -17.20
C MET I 94 -73.86 -40.10 -18.28
N GLN I 95 -73.38 -39.25 -19.19
CA GLN I 95 -74.24 -38.71 -20.23
C GLN I 95 -74.56 -39.74 -21.30
N PHE I 96 -73.70 -40.75 -21.46
CA PHE I 96 -73.89 -41.70 -22.56
C PHE I 96 -74.92 -42.76 -22.22
N ILE I 97 -74.83 -43.36 -21.04
CA ILE I 97 -75.64 -44.52 -20.71
C ILE I 97 -77.12 -44.14 -20.69
N LYS I 98 -77.98 -45.15 -20.80
CA LYS I 98 -79.41 -44.90 -20.92
C LYS I 98 -80.07 -44.52 -19.61
N PRO I 99 -79.91 -45.26 -18.50
CA PRO I 99 -80.66 -44.93 -17.29
C PRO I 99 -80.24 -43.60 -16.71
N ASP I 100 -81.19 -42.94 -16.04
CA ASP I 100 -80.91 -41.67 -15.40
C ASP I 100 -80.04 -41.89 -14.17
N VAL I 101 -78.96 -41.12 -14.09
CA VAL I 101 -78.05 -41.17 -12.95
C VAL I 101 -78.35 -39.98 -12.04
N SER I 102 -78.68 -40.26 -10.79
CA SER I 102 -79.01 -39.23 -9.82
C SER I 102 -77.84 -39.06 -8.86
N THR I 103 -77.36 -37.83 -8.73
CA THR I 103 -76.18 -37.54 -7.93
C THR I 103 -76.61 -36.91 -6.61
N ILE I 104 -76.13 -37.48 -5.51
CA ILE I 104 -76.40 -37.00 -4.17
C ILE I 104 -75.09 -36.53 -3.57
N CYS I 105 -75.03 -35.26 -3.18
CA CYS I 105 -73.81 -34.67 -2.63
C CYS I 105 -73.85 -34.72 -1.11
N MET I 106 -73.07 -35.62 -0.53
CA MET I 106 -72.89 -35.68 0.91
C MET I 106 -71.47 -35.27 1.24
N GLY I 107 -71.34 -34.45 2.27
CA GLY I 107 -70.02 -33.93 2.60
C GLY I 107 -69.68 -32.69 1.78
N GLN I 108 -68.85 -32.84 0.78
CA GLN I 108 -68.41 -31.72 -0.04
C GLN I 108 -68.34 -32.12 -1.51
N ALA I 109 -68.13 -31.12 -2.36
CA ALA I 109 -67.95 -31.30 -3.79
C ALA I 109 -67.17 -30.09 -4.31
N ALA I 110 -65.88 -30.26 -4.55
CA ALA I 110 -64.99 -29.16 -4.89
C ALA I 110 -64.71 -29.10 -6.39
N SER I 111 -65.69 -28.58 -7.12
CA SER I 111 -65.59 -28.17 -8.53
C SER I 111 -65.52 -29.41 -9.42
N MET I 112 -65.16 -30.58 -8.89
CA MET I 112 -65.18 -31.77 -9.74
C MET I 112 -66.23 -32.74 -9.25
N GLY I 113 -66.23 -33.03 -7.95
CA GLY I 113 -67.45 -33.51 -7.35
C GLY I 113 -68.62 -32.60 -7.65
N ALA I 114 -68.36 -31.29 -7.68
CA ALA I 114 -69.42 -30.33 -8.00
C ALA I 114 -69.82 -30.41 -9.46
N PHE I 115 -68.85 -30.50 -10.36
CA PHE I 115 -69.20 -30.66 -11.78
C PHE I 115 -70.03 -31.91 -12.00
N LEU I 116 -69.59 -33.03 -11.43
CA LEU I 116 -70.33 -34.28 -11.60
C LEU I 116 -71.68 -34.23 -10.89
N LEU I 117 -71.79 -33.44 -9.83
CA LEU I 117 -73.07 -33.29 -9.15
C LEU I 117 -74.06 -32.55 -10.02
N THR I 118 -73.66 -31.40 -10.57
CA THR I 118 -74.52 -30.70 -11.51
C THR I 118 -74.74 -31.47 -12.79
N ALA I 119 -73.91 -32.47 -13.08
CA ALA I 119 -74.03 -33.26 -14.29
C ALA I 119 -75.04 -34.39 -14.16
N GLY I 120 -75.73 -34.51 -13.03
CA GLY I 120 -76.72 -35.56 -12.87
C GLY I 120 -77.95 -35.32 -13.71
N ALA I 121 -78.85 -36.30 -13.67
CA ALA I 121 -80.11 -36.18 -14.39
C ALA I 121 -80.94 -35.05 -13.83
N LYS I 122 -81.49 -34.22 -14.72
CA LYS I 122 -82.23 -33.04 -14.28
C LYS I 122 -83.44 -33.46 -13.45
N GLY I 123 -83.64 -32.77 -12.33
CA GLY I 123 -84.69 -33.10 -11.39
C GLY I 123 -84.31 -34.16 -10.38
N LYS I 124 -83.15 -34.80 -10.53
CA LYS I 124 -82.72 -35.86 -9.64
C LYS I 124 -81.37 -35.57 -9.00
N ARG I 125 -80.93 -34.31 -9.01
CA ARG I 125 -79.68 -33.93 -8.38
C ARG I 125 -79.99 -33.37 -7.00
N PHE I 126 -79.70 -34.14 -5.96
CA PHE I 126 -79.99 -33.75 -4.58
C PHE I 126 -78.68 -33.49 -3.85
N CYS I 127 -78.78 -32.72 -2.76
CA CYS I 127 -77.66 -32.50 -1.86
C CYS I 127 -78.18 -32.42 -0.43
N LEU I 128 -77.44 -33.02 0.49
CA LEU I 128 -77.85 -33.04 1.88
C LEU I 128 -77.76 -31.64 2.48
N PRO I 129 -78.56 -31.35 3.53
CA PRO I 129 -78.69 -29.96 3.98
C PRO I 129 -77.40 -29.33 4.48
N ASN I 130 -76.44 -30.12 4.94
CA ASN I 130 -75.19 -29.59 5.46
C ASN I 130 -74.01 -29.82 4.53
N SER I 131 -74.26 -30.13 3.26
CA SER I 131 -73.18 -30.30 2.33
C SER I 131 -72.61 -28.94 1.93
N ARG I 132 -71.39 -28.96 1.41
CA ARG I 132 -70.69 -27.77 0.96
C ARG I 132 -70.25 -27.97 -0.48
N VAL I 133 -70.54 -27.00 -1.34
CA VAL I 133 -70.23 -27.08 -2.75
C VAL I 133 -69.34 -25.91 -3.11
N MET I 134 -68.25 -26.19 -3.82
CA MET I 134 -67.33 -25.17 -4.29
C MET I 134 -67.10 -25.35 -5.78
N ILE I 135 -67.00 -24.23 -6.50
CA ILE I 135 -66.71 -24.24 -7.93
C ILE I 135 -65.58 -23.25 -8.20
N HIS I 136 -64.73 -23.58 -9.16
CA HIS I 136 -63.61 -22.71 -9.50
C HIS I 136 -63.07 -23.11 -10.87
N GLN I 137 -62.32 -22.20 -11.47
CA GLN I 137 -61.69 -22.48 -12.75
C GLN I 137 -60.62 -23.56 -12.58
N PRO I 138 -60.34 -24.35 -13.61
CA PRO I 138 -59.38 -25.44 -13.45
C PRO I 138 -57.97 -24.94 -13.22
N LEU I 139 -57.18 -25.76 -12.52
CA LEU I 139 -55.78 -25.49 -12.27
C LEU I 139 -54.91 -26.29 -13.22
N GLY I 140 -53.63 -25.92 -13.27
CA GLY I 140 -52.70 -26.61 -14.13
C GLY I 140 -51.36 -25.93 -14.13
N GLY I 141 -50.57 -26.21 -15.16
CA GLY I 141 -49.27 -25.59 -15.29
C GLY I 141 -48.39 -26.37 -16.22
N TYR I 142 -47.26 -25.75 -16.58
CA TYR I 142 -46.28 -26.38 -17.45
C TYR I 142 -44.96 -25.64 -17.33
N GLN I 143 -43.87 -26.38 -17.48
CA GLN I 143 -42.52 -25.82 -17.49
C GLN I 143 -41.81 -26.26 -18.76
N GLY I 144 -41.19 -25.30 -19.44
CA GLY I 144 -40.49 -25.63 -20.67
C GLY I 144 -40.28 -24.37 -21.51
N GLN I 145 -40.09 -24.60 -22.81
CA GLN I 145 -39.87 -23.51 -23.74
C GLN I 145 -41.13 -22.67 -23.90
N ALA I 146 -40.95 -21.46 -24.44
CA ALA I 146 -42.06 -20.54 -24.56
C ALA I 146 -43.13 -21.07 -25.49
N THR I 147 -42.74 -21.80 -26.53
CA THR I 147 -43.72 -22.34 -27.48
C THR I 147 -44.59 -23.39 -26.81
N ASP I 148 -43.98 -24.32 -26.08
CA ASP I 148 -44.75 -25.31 -25.34
C ASP I 148 -45.60 -24.68 -24.26
N ILE I 149 -45.09 -23.63 -23.60
CA ILE I 149 -45.89 -22.91 -22.63
C ILE I 149 -47.14 -22.34 -23.29
N GLU I 150 -46.99 -21.72 -24.46
CA GLU I 150 -48.14 -21.18 -25.17
C GLU I 150 -49.12 -22.28 -25.55
N ILE I 151 -48.61 -23.41 -26.02
CA ILE I 151 -49.49 -24.51 -26.41
C ILE I 151 -50.32 -24.99 -25.22
N HIS I 152 -49.65 -25.24 -24.09
CA HIS I 152 -50.35 -25.76 -22.93
C HIS I 152 -51.29 -24.72 -22.34
N ALA I 153 -50.94 -23.44 -22.42
CA ALA I 153 -51.84 -22.40 -21.94
C ALA I 153 -53.08 -22.31 -22.79
N ARG I 154 -52.93 -22.38 -24.12
CA ARG I 154 -54.11 -22.39 -24.97
C ARG I 154 -54.97 -23.61 -24.68
N GLU I 155 -54.34 -24.76 -24.43
CA GLU I 155 -55.11 -25.96 -24.12
C GLU I 155 -55.88 -25.82 -22.82
N ILE I 156 -55.25 -25.29 -21.77
CA ILE I 156 -55.95 -25.17 -20.50
C ILE I 156 -57.04 -24.11 -20.59
N LEU I 157 -56.85 -23.08 -21.42
CA LEU I 157 -57.91 -22.10 -21.61
C LEU I 157 -59.09 -22.72 -22.35
N LYS I 158 -58.82 -23.55 -23.35
CA LYS I 158 -59.90 -24.24 -24.04
C LYS I 158 -60.65 -25.17 -23.09
N VAL I 159 -59.92 -25.85 -22.20
CA VAL I 159 -60.55 -26.73 -21.23
C VAL I 159 -61.43 -25.94 -20.28
N LYS I 160 -60.94 -24.80 -19.81
CA LYS I 160 -61.74 -23.95 -18.93
C LYS I 160 -63.00 -23.47 -19.64
N GLY I 161 -62.87 -23.07 -20.90
CA GLY I 161 -64.05 -22.63 -21.65
C GLY I 161 -65.06 -23.76 -21.83
N ARG I 162 -64.57 -24.96 -22.12
CA ARG I 162 -65.47 -26.10 -22.28
C ARG I 162 -66.19 -26.42 -20.97
N MET I 163 -65.47 -26.36 -19.86
CA MET I 163 -66.08 -26.62 -18.56
C MET I 163 -67.13 -25.56 -18.22
N ASN I 164 -66.82 -24.30 -18.52
CA ASN I 164 -67.80 -23.24 -18.29
C ASN I 164 -69.04 -23.44 -19.14
N GLU I 165 -68.86 -23.82 -20.41
CA GLU I 165 -70.01 -24.09 -21.27
C GLU I 165 -70.86 -25.22 -20.71
N LEU I 166 -70.22 -26.32 -20.29
CA LEU I 166 -70.97 -27.46 -19.77
C LEU I 166 -71.71 -27.10 -18.49
N MET I 167 -71.08 -26.31 -17.61
CA MET I 167 -71.75 -25.93 -16.38
C MET I 167 -72.91 -24.98 -16.65
N ALA I 168 -72.73 -24.03 -17.57
CA ALA I 168 -73.83 -23.13 -17.92
C ALA I 168 -74.97 -23.90 -18.56
N LEU I 169 -74.67 -25.01 -19.23
CA LEU I 169 -75.73 -25.83 -19.80
C LEU I 169 -76.47 -26.59 -18.71
N HIS I 170 -75.73 -27.19 -17.77
CA HIS I 170 -76.36 -28.07 -16.80
C HIS I 170 -77.07 -27.32 -15.68
N THR I 171 -76.63 -26.11 -15.36
CA THR I 171 -77.24 -25.37 -14.25
C THR I 171 -78.28 -24.37 -14.70
N GLY I 172 -78.32 -24.01 -15.98
CA GLY I 172 -79.26 -23.04 -16.47
C GLY I 172 -78.79 -21.60 -16.40
N GLN I 173 -77.72 -21.32 -15.66
CA GLN I 173 -77.19 -19.98 -15.61
C GLN I 173 -76.55 -19.61 -16.95
N SER I 174 -76.48 -18.30 -17.20
CA SER I 174 -75.85 -17.82 -18.42
C SER I 174 -74.35 -18.07 -18.38
N LEU I 175 -73.75 -18.21 -19.55
CA LEU I 175 -72.33 -18.50 -19.63
C LEU I 175 -71.49 -17.39 -19.00
N GLU I 176 -71.90 -16.14 -19.18
CA GLU I 176 -71.16 -15.04 -18.57
C GLU I 176 -71.26 -15.07 -17.05
N GLN I 177 -72.43 -15.47 -16.53
CA GLN I 177 -72.58 -15.57 -15.08
C GLN I 177 -71.67 -16.65 -14.51
N ILE I 178 -71.60 -17.81 -15.16
CA ILE I 178 -70.70 -18.87 -14.71
C ILE I 178 -69.26 -18.40 -14.81
N GLU I 179 -68.92 -17.70 -15.89
CA GLU I 179 -67.55 -17.23 -16.08
C GLU I 179 -67.15 -16.24 -14.99
N ARG I 180 -68.09 -15.39 -14.57
CA ARG I 180 -67.78 -14.41 -13.53
C ARG I 180 -67.76 -15.07 -12.15
N ASP I 181 -68.57 -16.11 -11.95
CA ASP I 181 -68.65 -16.76 -10.66
C ASP I 181 -67.47 -17.69 -10.38
N THR I 182 -67.00 -18.42 -11.39
CA THR I 182 -65.93 -19.38 -11.21
C THR I 182 -64.55 -18.77 -11.37
N GLU I 183 -64.43 -17.44 -11.38
CA GLU I 183 -63.11 -16.83 -11.43
C GLU I 183 -62.33 -17.12 -10.16
N ARG I 184 -63.01 -17.18 -9.03
CA ARG I 184 -62.41 -17.57 -7.76
C ARG I 184 -63.26 -18.66 -7.12
N ASP I 185 -62.77 -19.19 -6.01
CA ASP I 185 -63.52 -20.21 -5.29
C ASP I 185 -64.84 -19.65 -4.78
N ARG I 186 -65.93 -20.26 -5.23
CA ARG I 186 -67.28 -19.87 -4.80
C ARG I 186 -67.86 -21.00 -3.96
N PHE I 187 -68.04 -20.72 -2.67
CA PHE I 187 -68.60 -21.69 -1.74
C PHE I 187 -70.10 -21.53 -1.65
N LEU I 188 -70.82 -22.63 -1.85
CA LEU I 188 -72.27 -22.63 -1.83
C LEU I 188 -72.77 -23.70 -0.86
N SER I 189 -73.61 -23.28 0.08
CA SER I 189 -74.27 -24.24 0.94
C SER I 189 -75.40 -24.92 0.18
N ALA I 190 -76.13 -25.79 0.88
CA ALA I 190 -77.23 -26.51 0.25
C ALA I 190 -78.32 -25.59 -0.28
N PRO I 191 -78.86 -24.63 0.49
CA PRO I 191 -79.89 -23.75 -0.10
C PRO I 191 -79.35 -22.86 -1.20
N GLU I 192 -78.12 -22.34 -1.06
CA GLU I 192 -77.54 -21.55 -2.11
C GLU I 192 -77.26 -22.38 -3.36
N ALA I 193 -76.90 -23.65 -3.18
CA ALA I 193 -76.70 -24.52 -4.33
C ALA I 193 -78.01 -24.82 -5.03
N VAL I 194 -79.09 -24.99 -4.25
CA VAL I 194 -80.39 -25.24 -4.84
C VAL I 194 -80.85 -24.01 -5.63
N GLU I 195 -80.72 -22.83 -5.04
CA GLU I 195 -81.14 -21.60 -5.71
C GLU I 195 -80.27 -21.31 -6.92
N TYR I 196 -78.99 -21.68 -6.86
CA TYR I 196 -78.08 -21.40 -7.96
C TYR I 196 -78.38 -22.26 -9.17
N GLY I 197 -78.90 -23.46 -8.94
CA GLY I 197 -79.19 -24.39 -10.01
C GLY I 197 -78.30 -25.61 -10.07
N LEU I 198 -77.34 -25.75 -9.15
CA LEU I 198 -76.48 -26.92 -9.15
C LEU I 198 -77.27 -28.19 -8.84
N VAL I 199 -78.13 -28.14 -7.83
CA VAL I 199 -78.95 -29.27 -7.44
C VAL I 199 -80.41 -28.85 -7.53
N ASP I 200 -81.29 -29.85 -7.47
CA ASP I 200 -82.71 -29.59 -7.64
C ASP I 200 -83.46 -29.47 -6.31
N SER I 201 -83.04 -30.20 -5.29
CA SER I 201 -83.70 -30.14 -4.00
C SER I 201 -82.77 -30.70 -2.94
N ILE I 202 -83.22 -30.64 -1.69
CA ILE I 202 -82.45 -31.06 -0.54
C ILE I 202 -83.15 -32.23 0.13
N LEU I 203 -82.41 -33.32 0.34
CA LEU I 203 -82.92 -34.46 1.08
C LEU I 203 -82.88 -34.17 2.58
N THR I 204 -84.05 -34.23 3.21
CA THR I 204 -84.15 -33.90 4.62
C THR I 204 -84.49 -35.12 5.48
N HIS I 205 -85.56 -35.84 5.14
CA HIS I 205 -86.00 -36.97 5.93
C HIS I 205 -86.66 -38.01 5.02
N ARG I 206 -86.97 -39.16 5.60
CA ARG I 206 -87.64 -40.23 4.87
C ARG I 206 -89.07 -39.84 4.51
N ALA J 15 -56.65 -63.33 10.52
CA ALA J 15 -55.30 -62.88 10.83
C ALA J 15 -55.31 -61.96 12.05
N LEU J 16 -54.98 -60.68 11.83
CA LEU J 16 -55.01 -59.72 12.91
C LEU J 16 -56.41 -59.56 13.49
N VAL J 17 -57.43 -59.76 12.67
CA VAL J 17 -58.82 -59.64 13.10
C VAL J 17 -59.35 -61.04 13.37
N PRO J 18 -60.12 -61.25 14.43
CA PRO J 18 -60.60 -62.59 14.74
C PRO J 18 -61.85 -62.96 13.95
N MET J 19 -62.11 -64.25 13.88
CA MET J 19 -63.33 -64.80 13.29
C MET J 19 -64.19 -65.42 14.37
N VAL J 20 -65.50 -65.42 14.14
CA VAL J 20 -66.47 -65.93 15.10
C VAL J 20 -67.38 -66.93 14.42
N ILE J 21 -68.08 -67.72 15.24
CA ILE J 21 -68.99 -68.76 14.77
C ILE J 21 -70.35 -68.56 15.43
N GLU J 22 -71.39 -68.54 14.62
CA GLU J 22 -72.76 -68.45 15.11
C GLU J 22 -73.65 -69.35 14.26
N GLN J 23 -74.69 -69.92 14.89
CA GLN J 23 -75.54 -70.90 14.25
C GLN J 23 -76.96 -70.41 14.13
N THR J 24 -77.49 -70.36 12.91
CA THR J 24 -78.90 -70.07 12.71
C THR J 24 -79.62 -71.27 12.09
N SER J 25 -79.18 -71.69 10.91
CA SER J 25 -79.82 -72.80 10.22
C SER J 25 -78.86 -73.97 10.04
N ARG J 26 -77.71 -73.73 9.41
CA ARG J 26 -76.75 -74.78 9.15
C ARG J 26 -75.66 -74.84 10.21
N GLY J 27 -75.53 -73.80 11.02
CA GLY J 27 -74.49 -73.73 12.01
C GLY J 27 -73.11 -73.50 11.43
N GLU J 28 -73.05 -72.72 10.35
CA GLU J 28 -71.79 -72.44 9.66
C GLU J 28 -71.77 -70.99 9.20
N ARG J 29 -71.24 -70.12 10.06
CA ARG J 29 -71.19 -68.68 9.80
C ARG J 29 -69.92 -68.12 10.43
N SER J 30 -68.97 -67.74 9.58
CA SER J 30 -67.70 -67.18 10.03
C SER J 30 -67.53 -65.78 9.47
N PHE J 31 -67.72 -64.78 10.32
CA PHE J 31 -67.46 -63.40 9.95
C PHE J 31 -66.31 -62.89 10.80
N ASP J 32 -65.61 -61.88 10.29
CA ASP J 32 -64.80 -61.05 11.17
C ASP J 32 -65.68 -60.45 12.24
N ILE J 33 -65.11 -60.26 13.44
CA ILE J 33 -65.92 -59.86 14.59
C ILE J 33 -66.62 -58.54 14.33
N TYR J 34 -66.03 -57.67 13.51
CA TYR J 34 -66.69 -56.41 13.16
C TYR J 34 -67.96 -56.65 12.35
N SER J 35 -67.92 -57.57 11.40
CA SER J 35 -69.14 -57.91 10.67
C SER J 35 -70.17 -58.57 11.57
N ARG J 36 -69.72 -59.40 12.51
CA ARG J 36 -70.66 -60.02 13.43
C ARG J 36 -71.36 -58.97 14.28
N LEU J 37 -70.63 -57.96 14.74
CA LEU J 37 -71.25 -56.90 15.51
C LEU J 37 -72.13 -56.00 14.65
N LEU J 38 -71.73 -55.76 13.40
CA LEU J 38 -72.58 -55.02 12.47
C LEU J 38 -73.90 -55.74 12.25
N LYS J 39 -73.87 -57.07 12.20
CA LYS J 39 -75.09 -57.85 12.09
C LYS J 39 -76.04 -57.58 13.24
N GLU J 40 -75.52 -57.19 14.40
CA GLU J 40 -76.34 -56.81 15.55
C GLU J 40 -76.61 -55.31 15.59
N ARG J 41 -76.46 -54.61 14.47
CA ARG J 41 -76.71 -53.18 14.37
C ARG J 41 -75.79 -52.39 15.30
N VAL J 42 -74.52 -52.74 15.31
CA VAL J 42 -73.49 -52.04 16.09
C VAL J 42 -72.42 -51.55 15.13
N ILE J 43 -72.23 -50.24 15.06
CA ILE J 43 -71.26 -49.62 14.16
C ILE J 43 -70.19 -48.96 15.00
N PHE J 44 -68.93 -49.18 14.63
CA PHE J 44 -67.79 -48.62 15.35
C PHE J 44 -67.23 -47.42 14.60
N LEU J 45 -67.12 -46.30 15.29
CA LEU J 45 -66.45 -45.11 14.77
C LEU J 45 -65.22 -44.88 15.62
N THR J 46 -64.06 -45.31 15.12
CA THR J 46 -62.82 -45.22 15.88
C THR J 46 -61.77 -44.51 15.04
N GLY J 47 -60.80 -43.93 15.72
CA GLY J 47 -59.71 -43.25 15.05
C GLY J 47 -60.13 -41.93 14.46
N GLN J 48 -59.22 -41.37 13.66
CA GLN J 48 -59.46 -40.10 13.01
C GLN J 48 -60.64 -40.20 12.05
N VAL J 49 -61.33 -39.09 11.85
CA VAL J 49 -62.45 -39.03 10.93
C VAL J 49 -61.97 -38.44 9.60
N GLU J 50 -62.04 -39.25 8.55
CA GLU J 50 -61.62 -38.82 7.23
C GLU J 50 -62.66 -39.27 6.22
N ASP J 51 -62.35 -39.09 4.93
CA ASP J 51 -63.34 -39.33 3.88
C ASP J 51 -63.71 -40.80 3.77
N HIS J 52 -62.73 -41.69 3.74
CA HIS J 52 -63.02 -43.10 3.49
C HIS J 52 -63.67 -43.76 4.70
N MET J 53 -63.19 -43.44 5.90
CA MET J 53 -63.83 -43.98 7.10
C MET J 53 -65.27 -43.51 7.22
N ALA J 54 -65.51 -42.23 6.97
CA ALA J 54 -66.86 -41.71 7.02
C ALA J 54 -67.74 -42.33 5.95
N ASN J 55 -67.17 -42.57 4.77
CA ASN J 55 -67.93 -43.23 3.71
C ASN J 55 -68.32 -44.64 4.11
N LEU J 56 -67.40 -45.36 4.76
CA LEU J 56 -67.72 -46.70 5.24
C LEU J 56 -68.81 -46.67 6.30
N ILE J 57 -68.73 -45.70 7.21
CA ILE J 57 -69.77 -45.58 8.24
C ILE J 57 -71.12 -45.27 7.60
N VAL J 58 -71.13 -44.40 6.59
CA VAL J 58 -72.37 -44.05 5.92
C VAL J 58 -72.95 -45.27 5.20
N ALA J 59 -72.09 -46.05 4.55
CA ALA J 59 -72.57 -47.26 3.88
C ALA J 59 -73.16 -48.24 4.90
N GLN J 60 -72.50 -48.41 6.04
CA GLN J 60 -73.02 -49.30 7.07
C GLN J 60 -74.37 -48.82 7.56
N MET J 61 -74.51 -47.52 7.81
CA MET J 61 -75.78 -47.00 8.32
C MET J 61 -76.89 -47.14 7.28
N LEU J 62 -76.58 -46.90 6.00
CA LEU J 62 -77.57 -47.09 4.95
C LEU J 62 -78.02 -48.54 4.87
N PHE J 63 -77.07 -49.47 4.94
CA PHE J 63 -77.43 -50.89 4.88
C PHE J 63 -78.29 -51.28 6.07
N LEU J 64 -77.93 -50.82 7.27
CA LEU J 64 -78.70 -51.16 8.45
C LEU J 64 -80.10 -50.55 8.40
N GLU J 65 -80.22 -49.34 7.84
CA GLU J 65 -81.54 -48.73 7.72
C GLU J 65 -82.40 -49.47 6.72
N ALA J 66 -81.81 -49.87 5.59
CA ALA J 66 -82.58 -50.60 4.59
C ALA J 66 -82.94 -51.99 5.08
N GLU J 67 -82.13 -52.56 5.98
CA GLU J 67 -82.40 -53.90 6.48
C GLU J 67 -83.61 -53.92 7.40
N ASN J 68 -83.68 -52.98 8.33
CA ASN J 68 -84.78 -52.93 9.30
C ASN J 68 -84.98 -51.50 9.77
N PRO J 69 -85.88 -50.74 9.12
CA PRO J 69 -86.01 -49.32 9.46
C PRO J 69 -86.57 -49.04 10.84
N GLU J 70 -86.95 -50.07 11.59
CA GLU J 70 -87.57 -49.87 12.90
C GLU J 70 -86.64 -50.12 14.06
N LYS J 71 -85.52 -50.81 13.85
CA LYS J 71 -84.61 -51.19 14.92
C LYS J 71 -83.46 -50.19 15.00
N ASP J 72 -83.07 -49.86 16.22
CA ASP J 72 -82.08 -48.81 16.44
C ASP J 72 -80.71 -49.23 15.90
N ILE J 73 -79.84 -48.22 15.73
CA ILE J 73 -78.46 -48.43 15.33
C ILE J 73 -77.57 -47.86 16.42
N TYR J 74 -76.56 -48.62 16.84
CA TYR J 74 -75.68 -48.23 17.93
C TYR J 74 -74.33 -47.85 17.36
N LEU J 75 -73.94 -46.59 17.55
CA LEU J 75 -72.69 -46.06 17.03
C LEU J 75 -71.73 -45.84 18.19
N TYR J 76 -70.69 -46.65 18.26
CA TYR J 76 -69.69 -46.55 19.31
C TYR J 76 -68.59 -45.59 18.87
N ILE J 77 -68.45 -44.48 19.58
CA ILE J 77 -67.59 -43.38 19.19
C ILE J 77 -66.34 -43.38 20.05
N ASN J 78 -65.18 -43.48 19.40
CA ASN J 78 -63.88 -43.27 20.04
C ASN J 78 -63.00 -42.58 19.01
N SER J 79 -63.02 -41.24 19.03
CA SER J 79 -62.37 -40.53 17.94
C SER J 79 -61.70 -39.26 18.43
N PRO J 80 -60.47 -38.98 18.02
CA PRO J 80 -59.83 -37.71 18.37
C PRO J 80 -60.25 -36.55 17.46
N GLY J 81 -61.30 -36.72 16.67
CA GLY J 81 -61.76 -35.66 15.81
C GLY J 81 -61.58 -36.06 14.36
N GLY J 82 -61.41 -35.06 13.50
CA GLY J 82 -61.18 -35.32 12.10
C GLY J 82 -61.67 -34.17 11.26
N VAL J 83 -61.83 -34.44 9.97
CA VAL J 83 -62.27 -33.44 9.01
C VAL J 83 -63.72 -33.10 9.28
N ILE J 84 -64.05 -31.81 9.24
CA ILE J 84 -65.41 -31.38 9.48
C ILE J 84 -66.34 -31.91 8.39
N THR J 85 -65.85 -31.95 7.15
CA THR J 85 -66.69 -32.35 6.03
C THR J 85 -67.16 -33.79 6.16
N ALA J 86 -66.22 -34.72 6.34
CA ALA J 86 -66.60 -36.12 6.49
C ALA J 86 -67.53 -36.33 7.67
N GLY J 87 -67.28 -35.63 8.77
CA GLY J 87 -68.18 -35.70 9.91
C GLY J 87 -69.58 -35.22 9.58
N MET J 88 -69.69 -34.14 8.79
CA MET J 88 -71.00 -33.65 8.40
C MET J 88 -71.71 -34.64 7.50
N SER J 89 -70.96 -35.40 6.71
CA SER J 89 -71.60 -36.46 5.92
C SER J 89 -72.22 -37.52 6.82
N ILE J 90 -71.47 -37.99 7.80
CA ILE J 90 -72.00 -38.96 8.76
C ILE J 90 -73.21 -38.37 9.49
N TYR J 91 -73.12 -37.09 9.85
CA TYR J 91 -74.21 -36.46 10.60
C TYR J 91 -75.48 -36.38 9.75
N ASP J 92 -75.34 -35.98 8.49
CA ASP J 92 -76.51 -35.89 7.61
C ASP J 92 -77.12 -37.27 7.38
N THR J 93 -76.28 -38.30 7.25
CA THR J 93 -76.81 -39.64 7.07
C THR J 93 -77.50 -40.13 8.34
N MET J 94 -76.99 -39.72 9.50
CA MET J 94 -77.65 -40.06 10.76
C MET J 94 -79.00 -39.39 10.87
N GLN J 95 -79.08 -38.11 10.50
CA GLN J 95 -80.33 -37.37 10.61
C GLN J 95 -81.34 -37.79 9.54
N PHE J 96 -80.87 -38.33 8.42
CA PHE J 96 -81.77 -38.62 7.32
C PHE J 96 -82.51 -39.94 7.52
N ILE J 97 -81.78 -41.00 7.90
CA ILE J 97 -82.36 -42.33 7.93
C ILE J 97 -83.48 -42.41 8.96
N LYS J 98 -84.33 -43.41 8.81
CA LYS J 98 -85.50 -43.53 9.67
C LYS J 98 -85.19 -44.02 11.07
N PRO J 99 -84.48 -45.13 11.27
CA PRO J 99 -84.31 -45.65 12.63
C PRO J 99 -83.48 -44.72 13.50
N ASP J 100 -83.77 -44.74 14.80
CA ASP J 100 -83.02 -43.93 15.74
C ASP J 100 -81.62 -44.48 15.92
N VAL J 101 -80.62 -43.61 15.78
CA VAL J 101 -79.22 -43.98 15.98
C VAL J 101 -78.79 -43.51 17.36
N SER J 102 -78.33 -44.43 18.18
CA SER J 102 -77.90 -44.14 19.54
C SER J 102 -76.38 -44.16 19.58
N THR J 103 -75.79 -43.07 20.07
CA THR J 103 -74.35 -42.92 20.09
C THR J 103 -73.81 -43.15 21.49
N ILE J 104 -72.83 -44.04 21.61
CA ILE J 104 -72.19 -44.36 22.87
C ILE J 104 -70.73 -43.93 22.78
N CYS J 105 -70.32 -43.05 23.68
CA CYS J 105 -68.97 -42.51 23.68
C CYS J 105 -68.10 -43.30 24.63
N MET J 106 -67.22 -44.13 24.08
CA MET J 106 -66.22 -44.85 24.86
C MET J 106 -64.85 -44.31 24.50
N GLY J 107 -64.03 -44.08 25.52
CA GLY J 107 -62.74 -43.48 25.29
C GLY J 107 -62.83 -41.97 25.26
N GLN J 108 -62.79 -41.38 24.06
CA GLN J 108 -62.82 -39.93 23.93
C GLN J 108 -63.70 -39.53 22.75
N ALA J 109 -63.93 -38.22 22.63
CA ALA J 109 -64.67 -37.62 21.53
C ALA J 109 -64.23 -36.16 21.43
N ALA J 110 -63.37 -35.85 20.47
CA ALA J 110 -62.75 -34.53 20.36
C ALA J 110 -63.43 -33.68 19.30
N SER J 111 -64.57 -33.14 19.66
CA SER J 111 -65.31 -32.09 18.94
C SER J 111 -65.92 -32.67 17.66
N MET J 112 -65.44 -33.80 17.16
CA MET J 112 -66.10 -34.38 15.99
C MET J 112 -66.74 -35.70 16.35
N GLY J 113 -65.99 -36.59 17.02
CA GLY J 113 -66.65 -37.60 17.81
C GLY J 113 -67.64 -36.99 18.76
N ALA J 114 -67.33 -35.82 19.31
CA ALA J 114 -68.25 -35.14 20.22
C ALA J 114 -69.45 -34.59 19.47
N PHE J 115 -69.24 -33.97 18.32
CA PHE J 115 -70.37 -33.50 17.53
C PHE J 115 -71.30 -34.66 17.17
N LEU J 116 -70.74 -35.76 16.67
CA LEU J 116 -71.57 -36.89 16.30
C LEU J 116 -72.20 -37.55 17.52
N LEU J 117 -71.56 -37.44 18.69
CA LEU J 117 -72.15 -37.98 19.90
C LEU J 117 -73.39 -37.19 20.30
N THR J 118 -73.28 -35.87 20.35
CA THR J 118 -74.44 -35.04 20.63
C THR J 118 -75.47 -35.12 19.51
N ALA J 119 -75.08 -35.59 18.33
CA ALA J 119 -76.00 -35.69 17.20
C ALA J 119 -76.85 -36.96 17.23
N GLY J 120 -76.73 -37.78 18.26
CA GLY J 120 -77.52 -38.98 18.34
C GLY J 120 -78.98 -38.70 18.63
N ALA J 121 -79.77 -39.77 18.61
CA ALA J 121 -81.19 -39.64 18.90
C ALA J 121 -81.39 -39.19 20.35
N LYS J 122 -82.26 -38.21 20.54
CA LYS J 122 -82.47 -37.64 21.86
C LYS J 122 -82.96 -38.70 22.83
N GLY J 123 -82.37 -38.72 24.02
CA GLY J 123 -82.68 -39.73 25.02
C GLY J 123 -81.89 -41.01 24.87
N LYS J 124 -81.13 -41.16 23.79
CA LYS J 124 -80.37 -42.38 23.54
C LYS J 124 -78.88 -42.10 23.35
N ARG J 125 -78.41 -40.94 23.77
CA ARG J 125 -76.99 -40.60 23.70
C ARG J 125 -76.35 -40.89 25.05
N PHE J 126 -75.58 -41.97 25.12
CA PHE J 126 -74.94 -42.39 26.36
C PHE J 126 -73.43 -42.19 26.24
N CYS J 127 -72.77 -42.12 27.40
CA CYS J 127 -71.32 -42.08 27.47
C CYS J 127 -70.86 -42.84 28.71
N LEU J 128 -69.78 -43.60 28.56
CA LEU J 128 -69.28 -44.41 29.65
C LEU J 128 -68.70 -43.52 30.74
N PRO J 129 -68.67 -43.99 31.99
CA PRO J 129 -68.35 -43.10 33.11
C PRO J 129 -66.96 -42.49 33.05
N ASN J 130 -66.01 -43.12 32.37
CA ASN J 130 -64.65 -42.61 32.31
C ASN J 130 -64.30 -42.04 30.95
N SER J 131 -65.29 -41.74 30.11
CA SER J 131 -65.01 -41.14 28.83
C SER J 131 -64.67 -39.67 29.00
N ARG J 132 -64.00 -39.12 27.98
CA ARG J 132 -63.60 -37.72 27.96
C ARG J 132 -64.13 -37.07 26.70
N VAL J 133 -64.78 -35.91 26.86
CA VAL J 133 -65.39 -35.22 25.74
C VAL J 133 -64.77 -33.82 25.66
N MET J 134 -64.37 -33.43 24.45
CA MET J 134 -63.81 -32.12 24.21
C MET J 134 -64.55 -31.48 23.04
N ILE J 135 -64.78 -30.17 23.14
CA ILE J 135 -65.41 -29.40 22.07
C ILE J 135 -64.57 -28.14 21.83
N HIS J 136 -64.51 -27.73 20.56
CA HIS J 136 -63.73 -26.56 20.20
C HIS J 136 -64.17 -26.08 18.82
N GLN J 137 -63.84 -24.82 18.51
CA GLN J 137 -64.14 -24.27 17.20
C GLN J 137 -63.31 -24.98 16.14
N PRO J 138 -63.79 -25.06 14.90
CA PRO J 138 -63.06 -25.80 13.87
C PRO J 138 -61.74 -25.13 13.51
N LEU J 139 -60.80 -25.95 13.07
CA LEU J 139 -59.50 -25.48 12.60
C LEU J 139 -59.46 -25.46 11.08
N GLY J 140 -58.45 -24.79 10.54
CA GLY J 140 -58.31 -24.71 9.11
C GLY J 140 -57.16 -23.79 8.74
N GLY J 141 -57.19 -23.33 7.50
CA GLY J 141 -56.18 -22.41 7.04
C GLY J 141 -56.12 -22.37 5.53
N TYR J 142 -55.37 -21.39 5.03
CA TYR J 142 -55.19 -21.23 3.60
C TYR J 142 -54.00 -20.33 3.34
N GLN J 143 -53.29 -20.59 2.23
CA GLN J 143 -52.18 -19.77 1.80
C GLN J 143 -52.43 -19.32 0.36
N GLY J 144 -52.24 -18.04 0.09
CA GLY J 144 -52.46 -17.53 -1.24
C GLY J 144 -52.66 -16.02 -1.20
N GLN J 145 -53.32 -15.53 -2.25
CA GLN J 145 -53.59 -14.11 -2.37
C GLN J 145 -54.58 -13.65 -1.32
N ALA J 146 -54.63 -12.34 -1.10
CA ALA J 146 -55.50 -11.79 -0.06
C ALA J 146 -56.96 -12.07 -0.34
N THR J 147 -57.36 -12.05 -1.62
CA THR J 147 -58.75 -12.30 -1.96
C THR J 147 -59.15 -13.72 -1.63
N ASP J 148 -58.33 -14.70 -2.01
CA ASP J 148 -58.62 -16.08 -1.66
C ASP J 148 -58.56 -16.30 -0.16
N ILE J 149 -57.65 -15.62 0.54
CA ILE J 149 -57.62 -15.70 2.00
C ILE J 149 -58.94 -15.24 2.58
N GLU J 150 -59.46 -14.11 2.09
CA GLU J 150 -60.74 -13.60 2.57
C GLU J 150 -61.86 -14.58 2.28
N ILE J 151 -61.86 -15.16 1.09
CA ILE J 151 -62.92 -16.12 0.72
C ILE J 151 -62.90 -17.31 1.67
N HIS J 152 -61.72 -17.90 1.88
CA HIS J 152 -61.64 -19.09 2.72
C HIS J 152 -61.91 -18.76 4.18
N ALA J 153 -61.55 -17.55 4.62
CA ALA J 153 -61.85 -17.16 5.99
C ALA J 153 -63.35 -16.99 6.20
N ARG J 154 -64.03 -16.35 5.24
CA ARG J 154 -65.48 -16.25 5.34
C ARG J 154 -66.12 -17.63 5.34
N GLU J 155 -65.59 -18.55 4.53
CA GLU J 155 -66.15 -19.90 4.49
C GLU J 155 -65.96 -20.62 5.82
N ILE J 156 -64.77 -20.53 6.41
CA ILE J 156 -64.55 -21.23 7.68
C ILE J 156 -65.35 -20.58 8.80
N LEU J 157 -65.58 -19.27 8.73
CA LEU J 157 -66.44 -18.63 9.72
C LEU J 157 -67.88 -19.10 9.58
N LYS J 158 -68.36 -19.23 8.33
CA LYS J 158 -69.70 -19.75 8.12
C LYS J 158 -69.82 -21.18 8.64
N VAL J 159 -68.78 -21.99 8.43
CA VAL J 159 -68.81 -23.37 8.90
C VAL J 159 -68.84 -23.40 10.43
N LYS J 160 -68.04 -22.55 11.07
CA LYS J 160 -68.06 -22.48 12.53
C LYS J 160 -69.43 -22.06 13.04
N GLY J 161 -70.05 -21.08 12.39
CA GLY J 161 -71.38 -20.66 12.80
C GLY J 161 -72.40 -21.77 12.65
N ARG J 162 -72.33 -22.49 11.53
CA ARG J 162 -73.26 -23.60 11.31
C ARG J 162 -73.08 -24.69 12.36
N MET J 163 -71.82 -25.00 12.70
CA MET J 163 -71.56 -26.01 13.72
C MET J 163 -72.06 -25.56 15.08
N ASN J 164 -71.88 -24.29 15.42
CA ASN J 164 -72.40 -23.78 16.68
C ASN J 164 -73.92 -23.85 16.71
N GLU J 165 -74.57 -23.49 15.60
CA GLU J 165 -76.03 -23.60 15.55
C GLU J 165 -76.49 -25.04 15.76
N LEU J 166 -75.85 -25.99 15.08
CA LEU J 166 -76.25 -27.38 15.20
C LEU J 166 -76.02 -27.90 16.62
N MET J 167 -74.92 -27.51 17.25
CA MET J 167 -74.66 -27.96 18.61
C MET J 167 -75.64 -27.35 19.60
N ALA J 168 -75.94 -26.06 19.44
CA ALA J 168 -76.93 -25.42 20.31
C ALA J 168 -78.30 -26.04 20.12
N LEU J 169 -78.59 -26.56 18.92
CA LEU J 169 -79.86 -27.24 18.70
C LEU J 169 -79.87 -28.60 19.39
N HIS J 170 -78.79 -29.36 19.25
CA HIS J 170 -78.79 -30.73 19.72
C HIS J 170 -78.61 -30.85 21.23
N THR J 171 -77.92 -29.88 21.86
CA THR J 171 -77.66 -29.96 23.29
C THR J 171 -78.66 -29.18 24.13
N GLY J 172 -79.42 -28.27 23.53
CA GLY J 172 -80.35 -27.46 24.27
C GLY J 172 -79.78 -26.18 24.84
N GLN J 173 -78.46 -26.03 24.86
CA GLN J 173 -77.86 -24.80 25.33
C GLN J 173 -78.12 -23.66 24.34
N SER J 174 -78.08 -22.43 24.85
CA SER J 174 -78.26 -21.28 23.99
C SER J 174 -77.07 -21.12 23.05
N LEU J 175 -77.33 -20.50 21.90
CA LEU J 175 -76.27 -20.34 20.91
C LEU J 175 -75.11 -19.51 21.45
N GLU J 176 -75.41 -18.48 22.24
CA GLU J 176 -74.35 -17.67 22.82
C GLU J 176 -73.52 -18.48 23.82
N GLN J 177 -74.16 -19.37 24.57
CA GLN J 177 -73.43 -20.20 25.51
C GLN J 177 -72.47 -21.14 24.79
N ILE J 178 -72.94 -21.77 23.70
CA ILE J 178 -72.06 -22.64 22.92
C ILE J 178 -70.94 -21.82 22.30
N GLU J 179 -71.25 -20.62 21.81
CA GLU J 179 -70.22 -19.78 21.20
C GLU J 179 -69.15 -19.39 22.21
N ARG J 180 -69.54 -19.14 23.45
CA ARG J 180 -68.57 -18.76 24.46
C ARG J 180 -67.79 -19.97 24.97
N ASP J 181 -68.43 -21.14 24.98
CA ASP J 181 -67.78 -22.34 25.49
C ASP J 181 -66.79 -22.94 24.50
N THR J 182 -67.09 -22.93 23.20
CA THR J 182 -66.23 -23.54 22.20
C THR J 182 -65.17 -22.60 21.67
N GLU J 183 -64.95 -21.46 22.32
CA GLU J 183 -63.86 -20.58 21.90
C GLU J 183 -62.51 -21.25 22.10
N ARG J 184 -62.38 -22.03 23.16
CA ARG J 184 -61.18 -22.81 23.43
C ARG J 184 -61.59 -24.25 23.69
N ASP J 185 -60.59 -25.12 23.86
CA ASP J 185 -60.86 -26.51 24.16
C ASP J 185 -61.54 -26.64 25.51
N ARG J 186 -62.75 -27.21 25.50
CA ARG J 186 -63.51 -27.44 26.73
C ARG J 186 -63.58 -28.94 26.98
N PHE J 187 -62.92 -29.39 28.03
CA PHE J 187 -62.90 -30.80 28.40
C PHE J 187 -64.03 -31.10 29.38
N LEU J 188 -64.84 -32.09 29.06
CA LEU J 188 -65.97 -32.48 29.88
C LEU J 188 -65.90 -33.97 30.19
N SER J 189 -65.95 -34.31 31.46
CA SER J 189 -66.06 -35.70 31.85
C SER J 189 -67.48 -36.19 31.63
N ALA J 190 -67.73 -37.45 32.00
CA ALA J 190 -69.06 -38.02 31.82
C ALA J 190 -70.14 -37.27 32.59
N PRO J 191 -70.01 -36.99 33.89
CA PRO J 191 -71.08 -36.23 34.57
C PRO J 191 -71.21 -34.82 34.05
N GLU J 192 -70.11 -34.14 33.76
CA GLU J 192 -70.20 -32.80 33.19
C GLU J 192 -70.81 -32.82 31.80
N ALA J 193 -70.56 -33.87 31.02
CA ALA J 193 -71.19 -33.97 29.71
C ALA J 193 -72.67 -34.23 29.84
N VAL J 194 -73.08 -35.02 30.83
CA VAL J 194 -74.50 -35.27 31.05
C VAL J 194 -75.21 -34.00 31.47
N GLU J 195 -74.60 -33.27 32.42
CA GLU J 195 -75.21 -32.03 32.89
C GLU J 195 -75.22 -30.97 31.80
N TYR J 196 -74.20 -30.96 30.93
CA TYR J 196 -74.12 -29.96 29.89
C TYR J 196 -75.18 -30.16 28.83
N GLY J 197 -75.58 -31.41 28.59
CA GLY J 197 -76.56 -31.73 27.58
C GLY J 197 -76.02 -32.49 26.39
N LEU J 198 -74.73 -32.81 26.36
CA LEU J 198 -74.17 -33.55 25.24
C LEU J 198 -74.74 -34.97 25.19
N VAL J 199 -74.80 -35.64 26.33
CA VAL J 199 -75.34 -36.99 26.43
C VAL J 199 -76.51 -36.98 27.41
N ASP J 200 -77.28 -38.06 27.39
CA ASP J 200 -78.49 -38.14 28.21
C ASP J 200 -78.26 -38.87 29.52
N SER J 201 -77.39 -39.88 29.53
CA SER J 201 -77.14 -40.63 30.75
C SER J 201 -75.82 -41.37 30.60
N ILE J 202 -75.43 -42.05 31.68
CA ILE J 202 -74.16 -42.77 31.74
C ILE J 202 -74.44 -44.25 31.90
N LEU J 203 -73.84 -45.07 31.04
CA LEU J 203 -73.93 -46.51 31.18
C LEU J 203 -72.96 -46.99 32.26
N THR J 204 -73.51 -47.67 33.26
CA THR J 204 -72.71 -48.10 34.41
C THR J 204 -72.60 -49.62 34.46
N HIS J 205 -73.72 -50.33 34.45
CA HIS J 205 -73.72 -51.79 34.57
C HIS J 205 -74.89 -52.36 33.81
N ARG J 206 -74.93 -53.69 33.72
CA ARG J 206 -76.01 -54.38 33.04
C ARG J 206 -77.31 -54.27 33.83
N ALA K 15 -50.57 -68.27 6.77
CA ALA K 15 -49.26 -67.69 6.47
C ALA K 15 -48.44 -67.53 7.75
N LEU K 16 -48.18 -66.27 8.12
CA LEU K 16 -47.43 -66.01 9.34
C LEU K 16 -48.18 -66.53 10.57
N VAL K 17 -49.50 -66.55 10.51
CA VAL K 17 -50.33 -67.03 11.62
C VAL K 17 -50.73 -68.47 11.31
N PRO K 18 -50.73 -69.36 12.29
CA PRO K 18 -51.06 -70.76 12.02
C PRO K 18 -52.56 -71.00 12.02
N MET K 19 -52.95 -72.11 11.42
CA MET K 19 -54.33 -72.57 11.43
C MET K 19 -54.44 -73.86 12.24
N VAL K 20 -55.61 -74.08 12.83
CA VAL K 20 -55.84 -75.24 13.69
C VAL K 20 -57.08 -75.97 13.22
N ILE K 21 -57.23 -77.21 13.69
CA ILE K 21 -58.35 -78.08 13.33
C ILE K 21 -59.00 -78.59 14.61
N GLU K 22 -60.32 -78.46 14.70
CA GLU K 22 -61.09 -78.98 15.81
C GLU K 22 -62.40 -79.54 15.28
N GLN K 23 -62.90 -80.58 15.94
CA GLN K 23 -64.07 -81.31 15.47
C GLN K 23 -65.21 -81.21 16.47
N THR K 24 -66.36 -80.71 16.01
CA THR K 24 -67.56 -80.74 16.83
C THR K 24 -68.62 -81.62 16.18
N SER K 25 -69.05 -81.28 14.97
CA SER K 25 -70.08 -82.02 14.29
C SER K 25 -69.57 -82.66 13.00
N ARG K 26 -69.01 -81.84 12.10
CA ARG K 26 -68.52 -82.36 10.82
C ARG K 26 -67.03 -82.63 10.85
N GLY K 27 -66.33 -82.13 11.87
CA GLY K 27 -64.89 -82.29 11.94
C GLY K 27 -64.14 -81.45 10.94
N GLU K 28 -64.65 -80.25 10.66
CA GLU K 28 -64.04 -79.36 9.68
C GLU K 28 -64.15 -77.92 10.17
N ARG K 29 -63.12 -77.47 10.88
CA ARG K 29 -63.07 -76.15 11.48
C ARG K 29 -61.63 -75.66 11.47
N SER K 30 -61.36 -74.67 10.62
CA SER K 30 -60.01 -74.11 10.51
C SER K 30 -60.06 -72.62 10.81
N PHE K 31 -59.60 -72.25 12.01
CA PHE K 31 -59.46 -70.85 12.39
C PHE K 31 -57.98 -70.55 12.56
N ASP K 32 -57.62 -69.28 12.40
CA ASP K 32 -56.36 -68.81 12.94
C ASP K 32 -56.35 -69.07 14.45
N ILE K 33 -55.16 -69.35 14.98
CA ILE K 33 -55.06 -69.79 16.37
C ILE K 33 -55.63 -68.75 17.32
N TYR K 34 -55.57 -67.47 16.95
CA TYR K 34 -56.15 -66.44 17.78
C TYR K 34 -57.67 -66.56 17.84
N SER K 35 -58.32 -66.85 16.72
CA SER K 35 -59.75 -67.08 16.76
C SER K 35 -60.10 -68.34 17.53
N ARG K 36 -59.27 -69.38 17.43
CA ARG K 36 -59.51 -70.59 18.19
C ARG K 36 -59.45 -70.32 19.68
N LEU K 37 -58.48 -69.51 20.12
CA LEU K 37 -58.40 -69.18 21.53
C LEU K 37 -59.51 -68.23 21.96
N LEU K 38 -59.93 -67.32 21.08
CA LEU K 38 -61.07 -66.47 21.38
C LEU K 38 -62.33 -67.30 21.58
N LYS K 39 -62.48 -68.37 20.80
CA LYS K 39 -63.60 -69.28 20.98
C LYS K 39 -63.63 -69.87 22.39
N GLU K 40 -62.47 -69.98 23.04
CA GLU K 40 -62.38 -70.45 24.42
C GLU K 40 -62.40 -69.30 25.41
N ARG K 41 -62.90 -68.12 25.01
CA ARG K 41 -62.99 -66.94 25.87
C ARG K 41 -61.62 -66.51 26.37
N VAL K 42 -60.64 -66.47 25.48
CA VAL K 42 -59.29 -66.00 25.79
C VAL K 42 -58.97 -64.85 24.84
N ILE K 43 -58.72 -63.67 25.41
CA ILE K 43 -58.43 -62.47 24.65
C ILE K 43 -57.00 -62.04 24.94
N PHE K 44 -56.25 -61.72 23.89
CA PHE K 44 -54.86 -61.31 24.02
C PHE K 44 -54.75 -59.80 23.88
N LEU K 45 -54.11 -59.18 24.86
CA LEU K 45 -53.77 -57.76 24.81
C LEU K 45 -52.25 -57.66 24.79
N THR K 46 -51.69 -57.48 23.61
CA THR K 46 -50.24 -57.44 23.44
C THR K 46 -49.84 -56.18 22.72
N GLY K 47 -48.59 -55.78 22.93
CA GLY K 47 -48.07 -54.60 22.28
C GLY K 47 -48.61 -53.31 22.86
N GLN K 48 -48.32 -52.22 22.15
CA GLN K 48 -48.76 -50.90 22.58
C GLN K 48 -50.28 -50.82 22.56
N VAL K 49 -50.82 -49.98 23.43
CA VAL K 49 -52.27 -49.77 23.51
C VAL K 49 -52.62 -48.51 22.73
N GLU K 50 -53.39 -48.68 21.66
CA GLU K 50 -53.82 -47.56 20.83
C GLU K 50 -55.29 -47.72 20.52
N ASP K 51 -55.80 -46.86 19.65
CA ASP K 51 -57.24 -46.80 19.40
C ASP K 51 -57.77 -48.06 18.74
N HIS K 52 -57.10 -48.53 17.69
CA HIS K 52 -57.64 -49.66 16.92
C HIS K 52 -57.50 -50.97 17.69
N MET K 53 -56.36 -51.17 18.36
CA MET K 53 -56.20 -52.38 19.16
C MET K 53 -57.21 -52.42 20.30
N ALA K 54 -57.42 -51.29 20.98
CA ALA K 54 -58.39 -51.24 22.04
C ALA K 54 -59.81 -51.45 21.50
N ASN K 55 -60.10 -50.93 20.32
CA ASN K 55 -61.41 -51.15 19.72
C ASN K 55 -61.62 -52.62 19.42
N LEU K 56 -60.59 -53.30 18.92
CA LEU K 56 -60.69 -54.73 18.67
C LEU K 56 -60.90 -55.51 19.96
N ILE K 57 -60.19 -55.14 21.02
CA ILE K 57 -60.38 -55.80 22.31
C ILE K 57 -61.80 -55.59 22.82
N VAL K 58 -62.32 -54.37 22.67
CA VAL K 58 -63.67 -54.07 23.13
C VAL K 58 -64.69 -54.88 22.33
N ALA K 59 -64.50 -54.99 21.02
CA ALA K 59 -65.40 -55.80 20.20
C ALA K 59 -65.36 -57.26 20.63
N GLN K 60 -64.17 -57.79 20.89
CA GLN K 60 -64.06 -59.17 21.35
C GLN K 60 -64.78 -59.37 22.67
N MET K 61 -64.60 -58.44 23.61
CA MET K 61 -65.23 -58.59 24.91
C MET K 61 -66.75 -58.48 24.80
N LEU K 62 -67.25 -57.59 23.95
CA LEU K 62 -68.69 -57.48 23.75
C LEU K 62 -69.25 -58.76 23.16
N PHE K 63 -68.56 -59.32 22.16
CA PHE K 63 -69.03 -60.56 21.55
C PHE K 63 -69.04 -61.70 22.56
N LEU K 64 -67.98 -61.80 23.37
CA LEU K 64 -67.91 -62.88 24.36
C LEU K 64 -68.99 -62.71 25.43
N GLU K 65 -69.29 -61.46 25.80
CA GLU K 65 -70.33 -61.23 26.80
C GLU K 65 -71.70 -61.59 26.24
N ALA K 66 -71.97 -61.21 24.99
CA ALA K 66 -73.25 -61.53 24.38
C ALA K 66 -73.39 -63.02 24.13
N GLU K 67 -72.26 -63.72 23.94
CA GLU K 67 -72.32 -65.15 23.68
C GLU K 67 -72.73 -65.93 24.91
N ASN K 68 -72.12 -65.63 26.06
CA ASN K 68 -72.39 -66.35 27.29
C ASN K 68 -72.12 -65.44 28.48
N PRO K 69 -73.14 -64.74 28.99
CA PRO K 69 -72.88 -63.75 30.05
C PRO K 69 -72.46 -64.34 31.37
N GLU K 70 -72.42 -65.66 31.50
CA GLU K 70 -72.11 -66.30 32.77
C GLU K 70 -70.69 -66.84 32.85
N LYS K 71 -70.01 -67.02 31.72
CA LYS K 71 -68.69 -67.61 31.68
C LYS K 71 -67.62 -66.53 31.63
N ASP K 72 -66.54 -66.75 32.36
CA ASP K 72 -65.51 -65.73 32.53
C ASP K 72 -64.80 -65.45 31.20
N ILE K 73 -64.10 -64.31 31.16
CA ILE K 73 -63.27 -63.93 30.02
C ILE K 73 -61.85 -63.74 30.54
N TYR K 74 -60.89 -64.33 29.82
CA TYR K 74 -59.49 -64.31 30.23
C TYR K 74 -58.72 -63.36 29.34
N LEU K 75 -58.16 -62.30 29.92
CA LEU K 75 -57.43 -61.28 29.19
C LEU K 75 -55.95 -61.42 29.50
N TYR K 76 -55.17 -61.86 28.52
CA TYR K 76 -53.74 -62.03 28.68
C TYR K 76 -53.04 -60.72 28.32
N ILE K 77 -52.37 -60.13 29.31
CA ILE K 77 -51.81 -58.79 29.18
C ILE K 77 -50.31 -58.88 29.02
N ASN K 78 -49.80 -58.35 27.91
CA ASN K 78 -48.35 -58.16 27.71
C ASN K 78 -48.21 -56.84 26.96
N SER K 79 -48.07 -55.74 27.71
CA SER K 79 -48.14 -54.45 27.04
C SER K 79 -47.17 -53.46 27.68
N PRO K 80 -46.41 -52.71 26.88
CA PRO K 80 -45.57 -51.65 27.44
C PRO K 80 -46.31 -50.36 27.74
N GLY K 81 -47.63 -50.38 27.74
CA GLY K 81 -48.42 -49.20 28.02
C GLY K 81 -49.18 -48.77 26.79
N GLY K 82 -49.45 -47.48 26.71
CA GLY K 82 -50.15 -46.94 25.56
C GLY K 82 -50.91 -45.69 25.93
N VAL K 83 -51.85 -45.33 25.05
CA VAL K 83 -52.67 -44.14 25.24
C VAL K 83 -53.62 -44.37 26.40
N ILE K 84 -53.76 -43.36 27.26
CA ILE K 84 -54.65 -43.48 28.41
C ILE K 84 -56.09 -43.63 27.95
N THR K 85 -56.46 -42.92 26.88
CA THR K 85 -57.85 -42.92 26.42
C THR K 85 -58.29 -44.30 25.98
N ALA K 86 -57.54 -44.93 25.08
CA ALA K 86 -57.89 -46.26 24.60
C ALA K 86 -57.95 -47.25 25.75
N GLY K 87 -57.01 -47.14 26.69
CA GLY K 87 -57.04 -48.01 27.85
C GLY K 87 -58.29 -47.80 28.70
N MET K 88 -58.73 -46.55 28.84
CA MET K 88 -59.95 -46.29 29.59
C MET K 88 -61.17 -46.86 28.88
N SER K 89 -61.15 -46.90 27.56
CA SER K 89 -62.23 -47.56 26.83
C SER K 89 -62.30 -49.04 27.16
N ILE K 90 -61.15 -49.72 27.10
CA ILE K 90 -61.10 -51.14 27.48
C ILE K 90 -61.55 -51.32 28.92
N TYR K 91 -61.14 -50.41 29.81
CA TYR K 91 -61.48 -50.54 31.21
C TYR K 91 -62.98 -50.39 31.44
N ASP K 92 -63.59 -49.40 30.80
CA ASP K 92 -65.02 -49.21 30.93
C ASP K 92 -65.79 -50.39 30.37
N THR K 93 -65.32 -50.96 29.26
CA THR K 93 -66.01 -52.13 28.72
C THR K 93 -65.83 -53.34 29.63
N MET K 94 -64.68 -53.44 30.30
CA MET K 94 -64.49 -54.52 31.26
C MET K 94 -65.41 -54.36 32.46
N GLN K 95 -65.55 -53.14 32.97
CA GLN K 95 -66.40 -52.90 34.13
C GLN K 95 -67.88 -52.98 33.79
N PHE K 96 -68.24 -52.76 32.53
CA PHE K 96 -69.66 -52.70 32.18
C PHE K 96 -70.26 -54.08 31.99
N ILE K 97 -69.57 -54.96 31.26
CA ILE K 97 -70.16 -56.23 30.86
C ILE K 97 -70.42 -57.09 32.09
N LYS K 98 -71.30 -58.08 31.92
CA LYS K 98 -71.73 -58.90 33.05
C LYS K 98 -70.68 -59.92 33.50
N PRO K 99 -70.13 -60.76 32.61
CA PRO K 99 -69.22 -61.81 33.10
C PRO K 99 -67.94 -61.24 33.69
N ASP K 100 -67.39 -61.98 34.65
CA ASP K 100 -66.14 -61.57 35.28
C ASP K 100 -64.99 -61.75 34.30
N VAL K 101 -64.19 -60.70 34.14
CA VAL K 101 -63.01 -60.75 33.29
C VAL K 101 -61.78 -60.91 34.18
N SER K 102 -61.01 -61.97 33.93
CA SER K 102 -59.83 -62.27 34.70
C SER K 102 -58.60 -61.92 33.87
N THR K 103 -57.73 -61.10 34.45
CA THR K 103 -56.55 -60.61 33.74
C THR K 103 -55.31 -61.34 34.21
N ILE K 104 -54.57 -61.89 33.25
CA ILE K 104 -53.33 -62.62 33.51
C ILE K 104 -52.20 -61.83 32.88
N CYS K 105 -51.23 -61.43 33.69
CA CYS K 105 -50.10 -60.64 33.23
C CYS K 105 -48.92 -61.53 32.91
N MET K 106 -48.66 -61.72 31.63
CA MET K 106 -47.48 -62.44 31.18
C MET K 106 -46.55 -61.46 30.48
N GLY K 107 -45.27 -61.56 30.79
CA GLY K 107 -44.31 -60.60 30.26
C GLY K 107 -44.23 -59.36 31.12
N GLN K 108 -44.86 -58.26 30.67
CA GLN K 108 -44.80 -57.00 31.38
C GLN K 108 -46.16 -56.32 31.35
N ALA K 109 -46.27 -55.23 32.12
CA ALA K 109 -47.46 -54.39 32.16
C ALA K 109 -47.02 -53.02 32.66
N ALA K 110 -46.88 -52.06 31.74
CA ALA K 110 -46.32 -50.76 32.05
C ALA K 110 -47.40 -49.69 32.22
N SER K 111 -48.04 -49.72 33.39
CA SER K 111 -48.94 -48.68 33.91
C SER K 111 -50.24 -48.70 33.13
N MET K 112 -50.30 -49.27 31.93
CA MET K 112 -51.58 -49.35 31.24
C MET K 112 -52.02 -50.80 31.10
N GLY K 113 -51.12 -51.66 30.62
CA GLY K 113 -51.27 -53.06 30.93
C GLY K 113 -51.42 -53.28 32.42
N ALA K 114 -50.70 -52.49 33.23
CA ALA K 114 -50.81 -52.62 34.68
C ALA K 114 -52.16 -52.11 35.18
N PHE K 115 -52.62 -50.97 34.67
CA PHE K 115 -53.94 -50.49 35.07
C PHE K 115 -55.01 -51.52 34.72
N LEU K 116 -54.99 -52.04 33.50
CA LEU K 116 -56.00 -53.01 33.10
C LEU K 116 -55.83 -54.33 33.86
N LEU K 117 -54.61 -54.64 34.30
CA LEU K 117 -54.40 -55.84 35.10
C LEU K 117 -55.04 -55.70 36.46
N THR K 118 -54.79 -54.59 37.15
CA THR K 118 -55.45 -54.35 38.42
C THR K 118 -56.94 -54.14 38.25
N ALA K 119 -57.41 -53.85 37.04
CA ALA K 119 -58.81 -53.62 36.79
C ALA K 119 -59.61 -54.90 36.58
N GLY K 120 -58.98 -56.06 36.72
CA GLY K 120 -59.69 -57.31 36.55
C GLY K 120 -60.65 -57.59 37.70
N ALA K 121 -61.40 -58.67 37.54
CA ALA K 121 -62.32 -59.09 38.59
C ALA K 121 -61.56 -59.47 39.84
N LYS K 122 -62.03 -58.97 40.98
CA LYS K 122 -61.32 -59.20 42.24
C LYS K 122 -61.25 -60.69 42.55
N GLY K 123 -60.07 -61.14 42.95
CA GLY K 123 -59.82 -62.55 43.19
C GLY K 123 -59.42 -63.33 41.97
N LYS K 124 -59.49 -62.73 40.79
CA LYS K 124 -59.17 -63.43 39.54
C LYS K 124 -58.09 -62.71 38.75
N ARG K 125 -57.32 -61.83 39.40
CA ARG K 125 -56.21 -61.14 38.74
C ARG K 125 -54.93 -61.88 39.07
N PHE K 126 -54.39 -62.61 38.10
CA PHE K 126 -53.19 -63.40 38.29
C PHE K 126 -52.05 -62.79 37.49
N CYS K 127 -50.82 -63.12 37.90
CA CYS K 127 -49.62 -62.75 37.16
C CYS K 127 -48.60 -63.87 37.26
N LEU K 128 -47.92 -64.14 36.16
CA LEU K 128 -46.95 -65.22 36.12
C LEU K 128 -45.73 -64.87 36.97
N PRO K 129 -45.01 -65.86 37.48
CA PRO K 129 -43.98 -65.58 38.50
C PRO K 129 -42.86 -64.69 38.02
N ASN K 130 -42.57 -64.64 36.72
CA ASN K 130 -41.49 -63.82 36.21
C ASN K 130 -41.98 -62.59 35.47
N SER K 131 -43.23 -62.19 35.67
CA SER K 131 -43.72 -60.98 35.02
C SER K 131 -43.18 -59.76 35.74
N ARG K 132 -43.21 -58.63 35.03
CA ARG K 132 -42.74 -57.35 35.56
C ARG K 132 -43.86 -56.33 35.42
N VAL K 133 -44.15 -55.63 36.51
CA VAL K 133 -45.23 -54.64 36.52
C VAL K 133 -44.65 -53.28 36.88
N MET K 134 -45.01 -52.26 36.12
CA MET K 134 -44.58 -50.91 36.37
C MET K 134 -45.79 -49.99 36.39
N ILE K 135 -45.77 -49.01 37.30
CA ILE K 135 -46.82 -48.02 37.40
C ILE K 135 -46.18 -46.64 37.46
N HIS K 136 -46.84 -45.66 36.86
CA HIS K 136 -46.32 -44.30 36.85
C HIS K 136 -47.45 -43.34 36.48
N GLN K 137 -47.24 -42.06 36.79
CA GLN K 137 -48.20 -41.03 36.43
C GLN K 137 -48.27 -40.89 34.92
N PRO K 138 -49.40 -40.47 34.36
CA PRO K 138 -49.52 -40.40 32.90
C PRO K 138 -48.64 -39.31 32.31
N LEU K 139 -48.24 -39.52 31.06
CA LEU K 139 -47.45 -38.57 30.31
C LEU K 139 -48.33 -37.79 29.34
N GLY K 140 -47.78 -36.72 28.80
CA GLY K 140 -48.53 -35.90 27.87
C GLY K 140 -47.75 -34.66 27.50
N GLY K 141 -48.46 -33.67 26.99
CA GLY K 141 -47.84 -32.41 26.64
C GLY K 141 -48.70 -31.63 25.68
N TYR K 142 -48.31 -30.37 25.48
CA TYR K 142 -49.01 -29.49 24.57
C TYR K 142 -48.12 -28.30 24.23
N GLN K 143 -48.26 -27.80 23.02
CA GLN K 143 -47.56 -26.61 22.56
C GLN K 143 -48.58 -25.60 22.04
N GLY K 144 -48.44 -24.36 22.48
CA GLY K 144 -49.37 -23.33 22.04
C GLY K 144 -49.34 -22.15 22.99
N GLN K 145 -50.44 -21.39 22.97
CA GLN K 145 -50.57 -20.22 23.82
C GLN K 145 -50.66 -20.62 25.28
N ALA K 146 -50.43 -19.64 26.16
CA ALA K 146 -50.43 -19.92 27.59
C ALA K 146 -51.79 -20.39 28.08
N THR K 147 -52.87 -19.85 27.51
CA THR K 147 -54.20 -20.26 27.93
C THR K 147 -54.48 -21.72 27.58
N ASP K 148 -54.16 -22.12 26.35
CA ASP K 148 -54.33 -23.52 25.98
C ASP K 148 -53.41 -24.43 26.77
N ILE K 149 -52.19 -23.97 27.08
CA ILE K 149 -51.30 -24.74 27.94
C ILE K 149 -51.95 -24.98 29.28
N GLU K 150 -52.52 -23.94 29.87
CA GLU K 150 -53.18 -24.09 31.16
C GLU K 150 -54.35 -25.06 31.08
N ILE K 151 -55.15 -24.96 30.00
CA ILE K 151 -56.29 -25.85 29.84
C ILE K 151 -55.84 -27.30 29.78
N HIS K 152 -54.86 -27.58 28.93
CA HIS K 152 -54.40 -28.96 28.76
C HIS K 152 -53.70 -29.47 30.01
N ALA K 153 -53.02 -28.59 30.75
CA ALA K 153 -52.39 -29.01 32.00
C ALA K 153 -53.43 -29.37 33.05
N ARG K 154 -54.47 -28.54 33.18
CA ARG K 154 -55.55 -28.89 34.09
C ARG K 154 -56.20 -30.21 33.69
N GLU K 155 -56.37 -30.43 32.38
CA GLU K 155 -56.98 -31.68 31.94
C GLU K 155 -56.12 -32.88 32.28
N ILE K 156 -54.81 -32.79 32.04
CA ILE K 156 -53.94 -33.93 32.32
C ILE K 156 -53.83 -34.15 33.83
N LEU K 157 -53.91 -33.09 34.63
CA LEU K 157 -53.92 -33.26 36.08
C LEU K 157 -55.21 -33.96 36.53
N LYS K 158 -56.34 -33.59 35.95
CA LYS K 158 -57.59 -34.27 36.28
C LYS K 158 -57.53 -35.73 35.89
N VAL K 159 -56.92 -36.03 34.74
CA VAL K 159 -56.80 -37.42 34.29
C VAL K 159 -55.91 -38.20 35.26
N LYS K 160 -54.80 -37.61 35.69
CA LYS K 160 -53.93 -38.26 36.65
C LYS K 160 -54.66 -38.53 37.96
N GLY K 161 -55.42 -37.55 38.43
CA GLY K 161 -56.19 -37.75 39.65
C GLY K 161 -57.21 -38.86 39.52
N ARG K 162 -57.91 -38.90 38.38
CA ARG K 162 -58.88 -39.95 38.16
C ARG K 162 -58.23 -41.33 38.11
N MET K 163 -57.07 -41.43 37.46
CA MET K 163 -56.36 -42.70 37.41
C MET K 163 -55.89 -43.13 38.79
N ASN K 164 -55.39 -42.18 39.59
CA ASN K 164 -54.99 -42.51 40.95
C ASN K 164 -56.18 -42.98 41.78
N GLU K 165 -57.33 -42.33 41.64
CA GLU K 165 -58.52 -42.76 42.36
C GLU K 165 -58.91 -44.17 41.95
N LEU K 166 -58.93 -44.46 40.65
CA LEU K 166 -59.32 -45.79 40.19
C LEU K 166 -58.34 -46.85 40.68
N MET K 167 -57.05 -46.55 40.67
CA MET K 167 -56.07 -47.53 41.13
C MET K 167 -56.18 -47.76 42.64
N ALA K 168 -56.38 -46.69 43.41
CA ALA K 168 -56.56 -46.85 44.84
C ALA K 168 -57.83 -47.62 45.15
N LEU K 169 -58.83 -47.54 44.27
CA LEU K 169 -60.04 -48.33 44.47
C LEU K 169 -59.79 -49.80 44.17
N HIS K 170 -59.10 -50.08 43.07
CA HIS K 170 -58.96 -51.46 42.61
C HIS K 170 -57.91 -52.24 43.41
N THR K 171 -56.90 -51.57 43.94
CA THR K 171 -55.83 -52.27 44.66
C THR K 171 -56.03 -52.30 46.16
N GLY K 172 -56.89 -51.45 46.70
CA GLY K 172 -57.10 -51.38 48.13
C GLY K 172 -56.16 -50.44 48.87
N GLN K 173 -55.10 -49.98 48.23
CA GLN K 173 -54.20 -49.03 48.86
C GLN K 173 -54.88 -47.67 49.00
N SER K 174 -54.41 -46.90 49.97
CA SER K 174 -54.95 -45.56 50.16
C SER K 174 -54.55 -44.66 49.00
N LEU K 175 -55.38 -43.64 48.75
CA LEU K 175 -55.13 -42.74 47.63
C LEU K 175 -53.80 -42.02 47.78
N GLU K 176 -53.43 -41.63 49.00
CA GLU K 176 -52.16 -40.96 49.21
C GLU K 176 -50.99 -41.90 48.95
N GLN K 177 -51.14 -43.18 49.29
CA GLN K 177 -50.09 -44.14 49.02
C GLN K 177 -49.87 -44.32 47.52
N ILE K 178 -50.96 -44.44 46.76
CA ILE K 178 -50.84 -44.54 45.31
C ILE K 178 -50.23 -43.27 44.74
N GLU K 179 -50.63 -42.11 45.27
CA GLU K 179 -50.11 -40.85 44.76
C GLU K 179 -48.61 -40.73 45.01
N ARG K 180 -48.15 -41.24 46.15
CA ARG K 180 -46.72 -41.16 46.46
C ARG K 180 -45.94 -42.22 45.68
N ASP K 181 -46.56 -43.36 45.40
CA ASP K 181 -45.87 -44.44 44.70
C ASP K 181 -45.75 -44.20 43.20
N THR K 182 -46.77 -43.64 42.57
CA THR K 182 -46.77 -43.43 41.13
C THR K 182 -46.14 -42.11 40.72
N GLU K 183 -45.45 -41.42 41.63
CA GLU K 183 -44.75 -40.20 41.24
C GLU K 183 -43.64 -40.50 40.25
N ARG K 184 -42.97 -41.64 40.42
CA ARG K 184 -41.95 -42.11 39.50
C ARG K 184 -42.27 -43.54 39.10
N ASP K 185 -41.48 -44.07 38.18
CA ASP K 185 -41.66 -45.45 37.76
C ASP K 185 -41.40 -46.40 38.92
N ARG K 186 -42.41 -47.19 39.28
CA ARG K 186 -42.30 -48.18 40.34
C ARG K 186 -42.37 -49.57 39.72
N PHE K 187 -41.26 -50.29 39.76
CA PHE K 187 -41.18 -51.64 39.22
C PHE K 187 -41.51 -52.65 40.30
N LEU K 188 -42.46 -53.53 40.00
CA LEU K 188 -42.90 -54.56 40.94
C LEU K 188 -42.82 -55.93 40.27
N SER K 189 -42.13 -56.85 40.93
CA SER K 189 -42.13 -58.23 40.47
C SER K 189 -43.44 -58.90 40.85
N ALA K 190 -43.55 -60.19 40.54
CA ALA K 190 -44.77 -60.92 40.85
C ALA K 190 -45.08 -60.96 42.34
N PRO K 191 -44.16 -61.33 43.23
CA PRO K 191 -44.51 -61.31 44.67
C PRO K 191 -44.77 -59.91 45.20
N GLU K 192 -44.00 -58.92 44.77
CA GLU K 192 -44.27 -57.55 45.19
C GLU K 192 -45.60 -57.04 44.65
N ALA K 193 -45.98 -57.47 43.44
CA ALA K 193 -47.28 -57.07 42.91
C ALA K 193 -48.41 -57.73 43.68
N VAL K 194 -48.22 -58.99 44.09
CA VAL K 194 -49.23 -59.68 44.87
C VAL K 194 -49.40 -59.01 46.23
N GLU K 195 -48.28 -58.71 46.89
CA GLU K 195 -48.34 -58.07 48.20
C GLU K 195 -48.88 -56.65 48.10
N TYR K 196 -48.60 -55.96 46.99
CA TYR K 196 -49.05 -54.58 46.83
C TYR K 196 -50.56 -54.52 46.65
N GLY K 197 -51.15 -55.54 46.05
CA GLY K 197 -52.56 -55.56 45.77
C GLY K 197 -52.95 -55.47 44.32
N LEU K 198 -51.97 -55.38 43.40
CA LEU K 198 -52.29 -55.31 41.99
C LEU K 198 -52.93 -56.60 41.50
N VAL K 199 -52.37 -57.74 41.88
CA VAL K 199 -52.88 -59.05 41.50
C VAL K 199 -53.20 -59.83 42.77
N ASP K 200 -53.94 -60.92 42.61
CA ASP K 200 -54.41 -61.69 43.75
C ASP K 200 -53.52 -62.90 44.05
N SER K 201 -52.94 -63.51 43.02
CA SER K 201 -52.08 -64.67 43.23
C SER K 201 -51.20 -64.87 42.00
N ILE K 202 -50.32 -65.86 42.09
CA ILE K 202 -49.36 -66.15 41.04
C ILE K 202 -49.64 -67.55 40.49
N LEU K 203 -49.79 -67.63 39.18
CA LEU K 203 -49.93 -68.93 38.52
C LEU K 203 -48.58 -69.60 38.41
N THR K 204 -48.47 -70.81 38.97
CA THR K 204 -47.20 -71.52 39.01
C THR K 204 -47.23 -72.78 38.15
N HIS K 205 -48.20 -73.66 38.38
CA HIS K 205 -48.29 -74.93 37.66
C HIS K 205 -49.74 -75.33 37.52
N ARG K 206 -49.96 -76.41 36.76
CA ARG K 206 -51.30 -76.93 36.55
C ARG K 206 -51.85 -77.55 37.83
N ALA L 15 -48.70 -68.92 -1.69
CA ALA L 15 -47.79 -67.95 -2.28
C ALA L 15 -46.35 -68.21 -1.86
N LEU L 16 -45.79 -67.28 -1.08
CA LEU L 16 -44.43 -67.46 -0.58
C LEU L 16 -44.33 -68.70 0.31
N VAL L 17 -45.41 -69.04 1.00
CA VAL L 17 -45.44 -70.19 1.89
C VAL L 17 -46.11 -71.35 1.14
N PRO L 18 -45.60 -72.57 1.27
CA PRO L 18 -46.17 -73.69 0.52
C PRO L 18 -47.39 -74.27 1.22
N MET L 19 -48.18 -75.02 0.46
CA MET L 19 -49.31 -75.77 0.97
C MET L 19 -49.03 -77.26 0.83
N VAL L 20 -49.63 -78.04 1.74
CA VAL L 20 -49.40 -79.48 1.77
C VAL L 20 -50.76 -80.20 1.77
N ILE L 21 -50.71 -81.49 1.47
CA ILE L 21 -51.90 -82.33 1.39
C ILE L 21 -51.69 -83.55 2.27
N GLU L 22 -52.67 -83.83 3.14
CA GLU L 22 -52.66 -85.02 3.98
C GLU L 22 -54.07 -85.57 4.06
N GLN L 23 -54.17 -86.89 4.19
CA GLN L 23 -55.46 -87.58 4.14
C GLN L 23 -55.74 -88.28 5.46
N THR L 24 -56.87 -87.94 6.08
CA THR L 24 -57.33 -88.69 7.25
C THR L 24 -58.66 -89.39 6.96
N SER L 25 -59.69 -88.62 6.61
CA SER L 25 -61.00 -89.18 6.35
C SER L 25 -61.43 -88.94 4.92
N ARG L 26 -61.46 -87.67 4.48
CA ARG L 26 -61.89 -87.34 3.13
C ARG L 26 -60.72 -87.20 2.17
N GLY L 27 -59.51 -87.10 2.69
CA GLY L 27 -58.35 -86.88 1.85
C GLY L 27 -58.28 -85.49 1.26
N GLU L 28 -58.72 -84.50 2.02
CA GLU L 28 -58.74 -83.11 1.56
C GLU L 28 -58.38 -82.18 2.72
N ARG L 29 -57.09 -81.90 2.82
CA ARG L 29 -56.54 -81.07 3.90
C ARG L 29 -55.36 -80.27 3.36
N SER L 30 -55.56 -78.96 3.22
CA SER L 30 -54.51 -78.09 2.71
C SER L 30 -54.21 -77.02 3.76
N PHE L 31 -53.07 -77.18 4.44
CA PHE L 31 -52.58 -76.16 5.36
C PHE L 31 -51.28 -75.60 4.81
N ASP L 32 -50.96 -74.38 5.20
CA ASP L 32 -49.59 -73.92 5.11
C ASP L 32 -48.69 -74.86 5.91
N ILE L 33 -47.46 -75.04 5.41
CA ILE L 33 -46.59 -76.07 5.99
C ILE L 33 -46.35 -75.82 7.48
N TYR L 34 -46.39 -74.55 7.91
CA TYR L 34 -46.23 -74.25 9.32
C TYR L 34 -47.41 -74.79 10.14
N SER L 35 -48.63 -74.65 9.63
CA SER L 35 -49.77 -75.24 10.33
C SER L 35 -49.70 -76.76 10.32
N ARG L 36 -49.23 -77.35 9.22
CA ARG L 36 -49.08 -78.79 9.17
C ARG L 36 -48.10 -79.28 10.22
N LEU L 37 -46.99 -78.57 10.39
CA LEU L 37 -46.02 -78.96 11.42
C LEU L 37 -46.55 -78.68 12.82
N LEU L 38 -47.31 -77.60 13.00
CA LEU L 38 -47.94 -77.35 14.29
C LEU L 38 -48.90 -78.47 14.66
N LYS L 39 -49.59 -79.01 13.67
CA LYS L 39 -50.47 -80.16 13.91
C LYS L 39 -49.70 -81.34 14.48
N GLU L 40 -48.41 -81.45 14.19
CA GLU L 40 -47.56 -82.48 14.75
C GLU L 40 -46.84 -82.02 16.02
N ARG L 41 -47.36 -80.97 16.67
CA ARG L 41 -46.78 -80.44 17.91
C ARG L 41 -45.35 -79.97 17.70
N VAL L 42 -45.12 -79.23 16.62
CA VAL L 42 -43.82 -78.64 16.31
C VAL L 42 -44.01 -77.14 16.18
N ILE L 43 -43.35 -76.37 17.03
CA ILE L 43 -43.45 -74.92 17.06
C ILE L 43 -42.10 -74.34 16.67
N PHE L 44 -42.11 -73.36 15.79
CA PHE L 44 -40.89 -72.71 15.31
C PHE L 44 -40.72 -71.36 15.98
N LEU L 45 -39.56 -71.15 16.60
CA LEU L 45 -39.18 -69.86 17.14
C LEU L 45 -37.98 -69.37 16.34
N THR L 46 -38.23 -68.49 15.37
CA THR L 46 -37.19 -68.00 14.49
C THR L 46 -37.18 -66.48 14.51
N GLY L 47 -36.02 -65.92 14.17
CA GLY L 47 -35.88 -64.48 14.11
C GLY L 47 -35.82 -63.84 15.47
N GLN L 48 -35.90 -62.51 15.47
CA GLN L 48 -35.85 -61.74 16.70
C GLN L 48 -37.05 -62.08 17.58
N VAL L 49 -36.87 -61.95 18.89
CA VAL L 49 -37.94 -62.18 19.85
C VAL L 49 -38.55 -60.85 20.24
N GLU L 50 -39.83 -60.67 19.90
CA GLU L 50 -40.54 -59.45 20.24
C GLU L 50 -41.91 -59.82 20.79
N ASP L 51 -42.76 -58.81 20.98
CA ASP L 51 -44.02 -59.03 21.67
C ASP L 51 -44.98 -59.89 20.85
N HIS L 52 -45.14 -59.59 19.56
CA HIS L 52 -46.15 -60.28 18.77
C HIS L 52 -45.72 -61.71 18.46
N MET L 53 -44.43 -61.91 18.12
CA MET L 53 -43.94 -63.26 17.89
C MET L 53 -44.06 -64.12 19.14
N ALA L 54 -43.69 -63.56 20.29
CA ALA L 54 -43.81 -64.31 21.54
C ALA L 54 -45.26 -64.59 21.86
N ASN L 55 -46.16 -63.66 21.57
CA ASN L 55 -47.58 -63.89 21.80
C ASN L 55 -48.09 -65.02 20.93
N LEU L 56 -47.64 -65.06 19.67
CA LEU L 56 -48.03 -66.16 18.78
C LEU L 56 -47.50 -67.50 19.29
N ILE L 57 -46.26 -67.52 19.77
CA ILE L 57 -45.70 -68.76 20.31
C ILE L 57 -46.48 -69.20 21.54
N VAL L 58 -46.86 -68.25 22.40
CA VAL L 58 -47.62 -68.59 23.59
C VAL L 58 -48.99 -69.14 23.22
N ALA L 59 -49.64 -68.53 22.23
CA ALA L 59 -50.93 -69.04 21.78
C ALA L 59 -50.80 -70.46 21.24
N GLN L 60 -49.75 -70.72 20.44
CA GLN L 60 -49.54 -72.05 19.91
C GLN L 60 -49.33 -73.06 21.03
N MET L 61 -48.52 -72.70 22.03
CA MET L 61 -48.25 -73.62 23.12
C MET L 61 -49.50 -73.89 23.95
N LEU L 62 -50.31 -72.85 24.19
CA LEU L 62 -51.55 -73.05 24.92
C LEU L 62 -52.50 -73.97 24.16
N PHE L 63 -52.62 -73.77 22.84
CA PHE L 63 -53.48 -74.63 22.04
C PHE L 63 -53.00 -76.06 22.06
N LEU L 64 -51.69 -76.27 21.92
CA LEU L 64 -51.15 -77.63 21.92
C LEU L 64 -51.33 -78.29 23.28
N GLU L 65 -51.21 -77.53 24.36
CA GLU L 65 -51.40 -78.09 25.69
C GLU L 65 -52.86 -78.47 25.90
N ALA L 66 -53.78 -77.62 25.48
CA ALA L 66 -55.19 -77.93 25.63
C ALA L 66 -55.61 -79.08 24.74
N GLU L 67 -54.92 -79.27 23.62
CA GLU L 67 -55.28 -80.35 22.70
C GLU L 67 -54.92 -81.71 23.28
N ASN L 68 -53.72 -81.85 23.81
CA ASN L 68 -53.28 -83.13 24.35
C ASN L 68 -52.24 -82.88 25.45
N PRO L 69 -52.65 -82.82 26.70
CA PRO L 69 -51.71 -82.44 27.77
C PRO L 69 -50.64 -83.47 28.04
N GLU L 70 -50.67 -84.63 27.37
CA GLU L 70 -49.72 -85.70 27.65
C GLU L 70 -48.61 -85.80 26.62
N LYS L 71 -48.78 -85.22 25.44
CA LYS L 71 -47.82 -85.36 24.35
C LYS L 71 -46.90 -84.15 24.33
N ASP L 72 -45.62 -84.39 24.05
CA ASP L 72 -44.61 -83.36 24.14
C ASP L 72 -44.81 -82.29 23.07
N ILE L 73 -44.18 -81.14 23.29
CA ILE L 73 -44.17 -80.04 22.32
C ILE L 73 -42.72 -79.77 21.94
N TYR L 74 -42.46 -79.65 20.65
CA TYR L 74 -41.11 -79.47 20.14
C TYR L 74 -40.94 -78.03 19.67
N LEU L 75 -40.03 -77.30 20.31
CA LEU L 75 -39.79 -75.89 20.00
C LEU L 75 -38.44 -75.77 19.30
N TYR L 76 -38.47 -75.45 18.01
CA TYR L 76 -37.26 -75.30 17.21
C TYR L 76 -36.79 -73.85 17.31
N ILE L 77 -35.60 -73.66 17.89
CA ILE L 77 -35.10 -72.33 18.22
C ILE L 77 -34.01 -71.94 17.24
N ASN L 78 -34.22 -70.82 16.55
CA ASN L 78 -33.19 -70.17 15.74
C ASN L 78 -33.39 -68.68 15.90
N SER L 79 -32.72 -68.09 16.89
CA SER L 79 -33.02 -66.72 17.22
C SER L 79 -31.78 -65.94 17.62
N PRO L 80 -31.59 -64.73 17.12
CA PRO L 80 -30.46 -63.90 17.57
C PRO L 80 -30.74 -63.17 18.87
N GLY L 81 -31.78 -63.54 19.60
CA GLY L 81 -32.10 -62.90 20.85
C GLY L 81 -33.40 -62.15 20.74
N GLY L 82 -33.53 -61.10 21.54
CA GLY L 82 -34.72 -60.27 21.51
C GLY L 82 -34.97 -59.62 22.85
N VAL L 83 -36.19 -59.14 23.01
CA VAL L 83 -36.60 -58.46 24.23
C VAL L 83 -36.67 -59.47 25.37
N ILE L 84 -36.16 -59.09 26.53
CA ILE L 84 -36.17 -59.98 27.69
C ILE L 84 -37.61 -60.26 28.11
N THR L 85 -38.47 -59.25 28.04
CA THR L 85 -39.84 -59.39 28.52
C THR L 85 -40.61 -60.45 27.73
N ALA L 86 -40.63 -60.32 26.40
CA ALA L 86 -41.34 -61.29 25.57
C ALA L 86 -40.80 -62.69 25.79
N GLY L 87 -39.47 -62.82 25.91
CA GLY L 87 -38.88 -64.12 26.19
C GLY L 87 -39.33 -64.68 27.53
N MET L 88 -39.45 -63.82 28.55
CA MET L 88 -39.94 -64.31 29.83
C MET L 88 -41.39 -64.75 29.75
N SER L 89 -42.18 -64.13 28.89
CA SER L 89 -43.54 -64.61 28.69
C SER L 89 -43.55 -66.02 28.11
N ILE L 90 -42.75 -66.26 27.06
CA ILE L 90 -42.65 -67.60 26.51
C ILE L 90 -42.15 -68.58 27.56
N TYR L 91 -41.18 -68.15 28.37
CA TYR L 91 -40.60 -69.03 29.38
C TYR L 91 -41.64 -69.41 30.44
N ASP L 92 -42.40 -68.44 30.90
CA ASP L 92 -43.43 -68.72 31.90
C ASP L 92 -44.51 -69.64 31.33
N THR L 93 -44.87 -69.44 30.06
CA THR L 93 -45.85 -70.33 29.45
C THR L 93 -45.30 -71.73 29.28
N MET L 94 -44.00 -71.84 29.00
CA MET L 94 -43.37 -73.15 28.92
C MET L 94 -43.36 -73.86 30.26
N GLN L 95 -43.04 -73.13 31.33
CA GLN L 95 -42.97 -73.72 32.65
C GLN L 95 -44.36 -74.01 33.22
N PHE L 96 -45.38 -73.30 32.76
CA PHE L 96 -46.71 -73.46 33.35
C PHE L 96 -47.43 -74.68 32.81
N ILE L 97 -47.43 -74.86 31.49
CA ILE L 97 -48.27 -75.88 30.87
C ILE L 97 -47.82 -77.27 31.32
N LYS L 98 -48.72 -78.24 31.15
CA LYS L 98 -48.47 -79.58 31.66
C LYS L 98 -47.48 -80.38 30.80
N PRO L 99 -47.66 -80.49 29.48
CA PRO L 99 -46.77 -81.37 28.71
C PRO L 99 -45.34 -80.85 28.69
N ASP L 100 -44.41 -81.78 28.58
CA ASP L 100 -43.00 -81.41 28.48
C ASP L 100 -42.70 -80.78 27.14
N VAL L 101 -42.05 -79.63 27.17
CA VAL L 101 -41.64 -78.93 25.96
C VAL L 101 -40.15 -79.18 25.74
N SER L 102 -39.82 -79.73 24.59
CA SER L 102 -38.44 -80.05 24.24
C SER L 102 -37.94 -79.04 23.24
N THR L 103 -36.82 -78.40 23.56
CA THR L 103 -36.27 -77.33 22.73
C THR L 103 -35.09 -77.85 21.93
N ILE L 104 -35.14 -77.63 20.62
CA ILE L 104 -34.08 -78.04 19.70
C ILE L 104 -33.48 -76.78 19.10
N CYS L 105 -32.17 -76.59 19.29
CA CYS L 105 -31.48 -75.41 18.81
C CYS L 105 -30.84 -75.68 17.47
N MET L 106 -31.44 -75.14 16.41
CA MET L 106 -30.85 -75.20 15.08
C MET L 106 -30.44 -73.80 14.67
N GLY L 107 -29.25 -73.70 14.09
CA GLY L 107 -28.71 -72.39 13.76
C GLY L 107 -28.01 -71.75 14.93
N GLN L 108 -28.66 -70.79 15.58
CA GLN L 108 -28.04 -70.08 16.70
C GLN L 108 -29.07 -69.86 17.80
N ALA L 109 -28.57 -69.36 18.93
CA ALA L 109 -29.40 -68.99 20.08
C ALA L 109 -28.60 -67.98 20.90
N ALA L 110 -28.95 -66.69 20.78
CA ALA L 110 -28.17 -65.61 21.37
C ALA L 110 -28.81 -65.10 22.65
N SER L 111 -28.61 -65.86 23.72
CA SER L 111 -28.89 -65.50 25.11
C SER L 111 -30.39 -65.47 25.34
N MET L 112 -31.23 -65.38 24.31
CA MET L 112 -32.66 -65.44 24.55
C MET L 112 -33.24 -66.69 23.91
N GLY L 113 -32.91 -66.93 22.65
CA GLY L 113 -33.00 -68.29 22.15
C GLY L 113 -32.24 -69.24 23.05
N ALA L 114 -31.09 -68.79 23.59
CA ALA L 114 -30.32 -69.64 24.50
C ALA L 114 -31.02 -69.82 25.83
N PHE L 115 -31.57 -68.74 26.39
CA PHE L 115 -32.32 -68.88 27.64
C PHE L 115 -33.49 -69.85 27.46
N LEU L 116 -34.27 -69.68 26.39
CA LEU L 116 -35.40 -70.57 26.17
C LEU L 116 -34.95 -71.98 25.83
N LEU L 117 -33.76 -72.14 25.26
CA LEU L 117 -33.24 -73.47 24.98
C LEU L 117 -32.90 -74.19 26.28
N THR L 118 -32.16 -73.53 27.17
CA THR L 118 -31.89 -74.14 28.47
C THR L 118 -33.15 -74.27 29.32
N ALA L 119 -34.22 -73.56 28.97
CA ALA L 119 -35.47 -73.61 29.71
C ALA L 119 -36.34 -74.79 29.32
N GLY L 120 -35.90 -75.65 28.43
CA GLY L 120 -36.68 -76.79 28.03
C GLY L 120 -36.77 -77.84 29.12
N ALA L 121 -37.57 -78.87 28.86
CA ALA L 121 -37.72 -79.96 29.80
C ALA L 121 -36.39 -80.70 29.96
N LYS L 122 -36.02 -80.96 31.20
CA LYS L 122 -34.73 -81.59 31.48
C LYS L 122 -34.65 -82.96 30.82
N GLY L 123 -33.51 -83.22 30.17
CA GLY L 123 -33.32 -84.43 29.42
C GLY L 123 -33.83 -84.38 28.00
N LYS L 124 -34.54 -83.32 27.62
CA LYS L 124 -35.11 -83.20 26.28
C LYS L 124 -34.65 -81.93 25.58
N ARG L 125 -33.57 -81.32 26.04
CA ARG L 125 -33.03 -80.13 25.38
C ARG L 125 -31.88 -80.56 24.48
N PHE L 126 -32.13 -80.56 23.17
CA PHE L 126 -31.14 -80.99 22.19
C PHE L 126 -30.67 -79.79 21.38
N CYS L 127 -29.49 -79.94 20.77
CA CYS L 127 -28.96 -78.95 19.85
C CYS L 127 -28.21 -79.67 18.74
N LEU L 128 -28.37 -79.17 17.52
CA LEU L 128 -27.74 -79.79 16.37
C LEU L 128 -26.23 -79.59 16.42
N PRO L 129 -25.46 -80.48 15.79
CA PRO L 129 -24.00 -80.48 16.01
C PRO L 129 -23.30 -79.20 15.58
N ASN L 130 -23.87 -78.45 14.64
CA ASN L 130 -23.23 -77.23 14.15
C ASN L 130 -23.93 -75.98 14.64
N SER L 131 -24.76 -76.07 15.67
CA SER L 131 -25.41 -74.88 16.20
C SER L 131 -24.42 -74.07 17.02
N ARG L 132 -24.75 -72.79 17.21
CA ARG L 132 -23.94 -71.87 17.98
C ARG L 132 -24.78 -71.24 19.07
N VAL L 133 -24.28 -71.26 20.30
CA VAL L 133 -25.02 -70.74 21.44
C VAL L 133 -24.19 -69.65 22.09
N MET L 134 -24.83 -68.51 22.36
CA MET L 134 -24.19 -67.39 23.03
C MET L 134 -25.05 -66.96 24.22
N ILE L 135 -24.38 -66.59 25.30
CA ILE L 135 -25.04 -66.09 26.50
C ILE L 135 -24.35 -64.81 26.93
N HIS L 136 -25.14 -63.87 27.46
CA HIS L 136 -24.59 -62.59 27.90
C HIS L 136 -25.60 -61.92 28.82
N GLN L 137 -25.11 -60.95 29.59
CA GLN L 137 -25.97 -60.18 30.47
C GLN L 137 -26.93 -59.33 29.63
N PRO L 138 -28.11 -59.02 30.15
CA PRO L 138 -29.08 -58.26 29.34
C PRO L 138 -28.62 -56.84 29.06
N LEU L 139 -29.09 -56.30 27.95
CA LEU L 139 -28.82 -54.93 27.54
C LEU L 139 -30.02 -54.05 27.86
N GLY L 140 -29.80 -52.75 27.81
CA GLY L 140 -30.86 -51.81 28.08
C GLY L 140 -30.34 -50.39 28.10
N GLY L 141 -31.11 -49.51 28.72
CA GLY L 141 -30.69 -48.13 28.84
C GLY L 141 -31.88 -47.24 29.14
N TYR L 142 -31.56 -45.99 29.49
CA TYR L 142 -32.57 -44.99 29.78
C TYR L 142 -31.95 -43.61 29.73
N GLN L 143 -32.74 -42.63 29.32
CA GLN L 143 -32.33 -41.23 29.29
C GLN L 143 -33.34 -40.41 30.08
N GLY L 144 -32.85 -39.55 30.96
CA GLY L 144 -33.73 -38.73 31.76
C GLY L 144 -33.01 -38.20 32.99
N GLN L 145 -33.80 -37.86 34.00
CA GLN L 145 -33.26 -37.33 35.24
C GLN L 145 -32.49 -38.41 35.99
N ALA L 146 -31.68 -37.96 36.94
CA ALA L 146 -30.84 -38.90 37.69
C ALA L 146 -31.67 -39.89 38.50
N THR L 147 -32.80 -39.44 39.03
CA THR L 147 -33.64 -40.34 39.81
C THR L 147 -34.22 -41.45 38.96
N ASP L 148 -34.77 -41.11 37.78
CA ASP L 148 -35.27 -42.12 36.88
C ASP L 148 -34.16 -43.03 36.36
N ILE L 149 -32.96 -42.47 36.13
CA ILE L 149 -31.83 -43.29 35.75
C ILE L 149 -31.54 -44.32 36.83
N GLU L 150 -31.54 -43.90 38.09
CA GLU L 150 -31.28 -44.84 39.19
C GLU L 150 -32.37 -45.91 39.25
N ILE L 151 -33.62 -45.51 39.07
CA ILE L 151 -34.72 -46.47 39.13
C ILE L 151 -34.56 -47.52 38.04
N HIS L 152 -34.33 -47.08 36.80
CA HIS L 152 -34.21 -48.03 35.70
C HIS L 152 -32.96 -48.88 35.82
N ALA L 153 -31.88 -48.33 36.38
CA ALA L 153 -30.68 -49.12 36.58
C ALA L 153 -30.90 -50.21 37.61
N ARG L 154 -31.55 -49.87 38.72
CA ARG L 154 -31.89 -50.88 39.71
C ARG L 154 -32.78 -51.95 39.11
N GLU L 155 -33.73 -51.55 38.27
CA GLU L 155 -34.62 -52.53 37.64
C GLU L 155 -33.86 -53.47 36.71
N ILE L 156 -32.96 -52.93 35.89
CA ILE L 156 -32.22 -53.78 34.97
C ILE L 156 -31.25 -54.68 35.72
N LEU L 157 -30.71 -54.20 36.85
CA LEU L 157 -29.86 -55.06 37.66
C LEU L 157 -30.67 -56.20 38.28
N LYS L 158 -31.88 -55.90 38.76
CA LYS L 158 -32.74 -56.96 39.28
C LYS L 158 -33.09 -57.97 38.20
N VAL L 159 -33.34 -57.50 36.98
CA VAL L 159 -33.65 -58.40 35.88
C VAL L 159 -32.46 -59.29 35.56
N LYS L 160 -31.26 -58.71 35.53
CA LYS L 160 -30.05 -59.50 35.29
C LYS L 160 -29.87 -60.55 36.37
N GLY L 161 -30.09 -60.17 37.63
CA GLY L 161 -29.96 -61.13 38.71
C GLY L 161 -30.97 -62.27 38.60
N ARG L 162 -32.21 -61.93 38.24
CA ARG L 162 -33.24 -62.95 38.07
C ARG L 162 -32.88 -63.90 36.93
N MET L 163 -32.37 -63.35 35.83
CA MET L 163 -31.98 -64.20 34.70
C MET L 163 -30.82 -65.10 35.07
N ASN L 164 -29.85 -64.58 35.81
CA ASN L 164 -28.74 -65.42 36.27
C ASN L 164 -29.22 -66.53 37.19
N GLU L 165 -30.14 -66.21 38.10
CA GLU L 165 -30.70 -67.24 38.97
C GLU L 165 -31.40 -68.32 38.16
N LEU L 166 -32.23 -67.92 37.20
CA LEU L 166 -32.95 -68.91 36.40
C LEU L 166 -32.01 -69.77 35.58
N MET L 167 -30.95 -69.18 35.03
CA MET L 167 -30.02 -69.97 34.24
C MET L 167 -29.22 -70.92 35.12
N ALA L 168 -28.80 -70.46 36.30
CA ALA L 168 -28.08 -71.34 37.21
C ALA L 168 -28.98 -72.47 37.69
N LEU L 169 -30.29 -72.23 37.74
CA LEU L 169 -31.21 -73.31 38.11
C LEU L 169 -31.35 -74.31 36.97
N HIS L 170 -31.50 -73.83 35.74
CA HIS L 170 -31.81 -74.71 34.63
C HIS L 170 -30.60 -75.47 34.12
N THR L 171 -29.40 -74.91 34.26
CA THR L 171 -28.20 -75.55 33.73
C THR L 171 -27.44 -76.37 34.76
N GLY L 172 -27.70 -76.16 36.05
CA GLY L 172 -26.99 -76.85 37.10
C GLY L 172 -25.71 -76.20 37.55
N GLN L 173 -25.20 -75.22 36.81
CA GLN L 173 -24.01 -74.50 37.23
C GLN L 173 -24.32 -73.62 38.43
N SER L 174 -23.28 -73.32 39.20
CA SER L 174 -23.45 -72.45 40.35
C SER L 174 -23.75 -71.01 39.89
N LEU L 175 -24.44 -70.28 40.75
CA LEU L 175 -24.83 -68.92 40.41
C LEU L 175 -23.61 -68.03 40.15
N GLU L 176 -22.55 -68.21 40.93
CA GLU L 176 -21.34 -67.42 40.72
C GLU L 176 -20.68 -67.76 39.39
N GLN L 177 -20.73 -69.04 38.99
CA GLN L 177 -20.15 -69.43 37.71
C GLN L 177 -20.91 -68.79 36.56
N ILE L 178 -22.25 -68.80 36.62
CA ILE L 178 -23.04 -68.13 35.58
C ILE L 178 -22.77 -66.64 35.59
N GLU L 179 -22.65 -66.04 36.77
CA GLU L 179 -22.40 -64.61 36.85
C GLU L 179 -21.06 -64.24 36.24
N ARG L 180 -20.06 -65.09 36.43
CA ARG L 180 -18.74 -64.80 35.85
C ARG L 180 -18.70 -65.10 34.36
N ASP L 181 -19.49 -66.07 33.91
CA ASP L 181 -19.48 -66.44 32.50
C ASP L 181 -20.27 -65.48 31.63
N THR L 182 -21.41 -64.97 32.11
CA THR L 182 -22.24 -64.09 31.31
C THR L 182 -21.87 -62.63 31.43
N GLU L 183 -20.70 -62.31 31.99
CA GLU L 183 -20.25 -60.93 32.03
C GLU L 183 -19.99 -60.40 30.62
N ARG L 184 -19.50 -61.26 29.74
CA ARG L 184 -19.30 -60.92 28.34
C ARG L 184 -19.94 -62.00 27.48
N ASP L 185 -19.93 -61.79 26.17
CA ASP L 185 -20.47 -62.78 25.25
C ASP L 185 -19.67 -64.06 25.32
N ARG L 186 -20.34 -65.16 25.67
CA ARG L 186 -19.72 -66.47 25.74
C ARG L 186 -20.29 -67.34 24.63
N PHE L 187 -19.46 -67.67 23.64
CA PHE L 187 -19.87 -68.50 22.53
C PHE L 187 -19.59 -69.97 22.84
N LEU L 188 -20.60 -70.80 22.69
CA LEU L 188 -20.50 -72.22 22.97
C LEU L 188 -20.98 -73.01 21.76
N SER L 189 -20.14 -73.92 21.27
CA SER L 189 -20.56 -74.84 20.24
C SER L 189 -21.44 -75.93 20.84
N ALA L 190 -21.84 -76.87 20.00
CA ALA L 190 -22.70 -77.96 20.47
C ALA L 190 -22.05 -78.81 21.55
N PRO L 191 -20.82 -79.31 21.40
CA PRO L 191 -20.22 -80.09 22.51
C PRO L 191 -19.97 -79.26 23.75
N GLU L 192 -19.51 -78.01 23.59
CA GLU L 192 -19.32 -77.15 24.76
C GLU L 192 -20.64 -76.81 25.43
N ALA L 193 -21.72 -76.68 24.65
CA ALA L 193 -23.02 -76.43 25.26
C ALA L 193 -23.52 -77.67 26.01
N VAL L 194 -23.25 -78.86 25.47
CA VAL L 194 -23.65 -80.09 26.15
C VAL L 194 -22.88 -80.23 27.47
N GLU L 195 -21.57 -80.01 27.41
CA GLU L 195 -20.75 -80.13 28.62
C GLU L 195 -21.09 -79.05 29.63
N TYR L 196 -21.47 -77.85 29.16
CA TYR L 196 -21.78 -76.76 30.07
C TYR L 196 -23.07 -77.01 30.83
N GLY L 197 -24.00 -77.72 30.22
CA GLY L 197 -25.29 -77.98 30.82
C GLY L 197 -26.47 -77.28 30.16
N LEU L 198 -26.24 -76.51 29.10
CA LEU L 198 -27.35 -75.84 28.43
C LEU L 198 -28.28 -76.84 27.77
N VAL L 199 -27.73 -77.84 27.07
CA VAL L 199 -28.50 -78.87 26.42
C VAL L 199 -28.08 -80.22 26.96
N ASP L 200 -28.87 -81.24 26.67
CA ASP L 200 -28.63 -82.57 27.22
C ASP L 200 -27.88 -83.48 26.26
N SER L 201 -28.10 -83.34 24.96
CA SER L 201 -27.42 -84.18 23.98
C SER L 201 -27.50 -83.51 22.62
N ILE L 202 -26.85 -84.14 21.64
CA ILE L 202 -26.76 -83.61 20.28
C ILE L 202 -27.46 -84.58 19.33
N LEU L 203 -28.39 -84.05 18.53
CA LEU L 203 -29.03 -84.84 17.50
C LEU L 203 -28.10 -84.99 16.30
N THR L 204 -27.80 -86.23 15.95
CA THR L 204 -26.85 -86.50 14.87
C THR L 204 -27.54 -87.15 13.67
N HIS L 205 -28.27 -88.24 13.88
CA HIS L 205 -28.90 -88.97 12.77
C HIS L 205 -30.17 -89.62 13.27
N ARG L 206 -30.92 -90.19 12.33
CA ARG L 206 -32.16 -90.88 12.66
C ARG L 206 -31.88 -92.18 13.43
N ALA M 15 -52.43 -64.68 -8.20
CA ALA M 15 -51.97 -63.34 -8.54
C ALA M 15 -50.61 -63.39 -9.23
N LEU M 16 -49.58 -62.86 -8.56
CA LEU M 16 -48.24 -62.90 -9.11
C LEU M 16 -47.75 -64.33 -9.28
N VAL M 17 -48.22 -65.24 -8.44
CA VAL M 17 -47.84 -66.64 -8.50
C VAL M 17 -48.94 -67.41 -9.23
N PRO M 18 -48.60 -68.34 -10.10
CA PRO M 18 -49.63 -69.06 -10.86
C PRO M 18 -50.22 -70.21 -10.06
N MET M 19 -51.40 -70.66 -10.51
CA MET M 19 -52.05 -71.83 -9.96
C MET M 19 -52.09 -72.92 -11.03
N VAL M 20 -52.09 -74.18 -10.56
CA VAL M 20 -52.07 -75.33 -11.45
C VAL M 20 -53.20 -76.27 -11.08
N ILE M 21 -53.49 -77.20 -12.01
CA ILE M 21 -54.57 -78.16 -11.85
C ILE M 21 -54.01 -79.55 -12.10
N GLU M 22 -54.29 -80.46 -11.16
CA GLU M 22 -53.90 -81.86 -11.29
C GLU M 22 -55.02 -82.74 -10.75
N GLN M 23 -55.17 -83.92 -11.34
CA GLN M 23 -56.28 -84.81 -11.03
C GLN M 23 -55.78 -86.12 -10.44
N THR M 24 -56.25 -86.44 -9.24
CA THR M 24 -55.99 -87.76 -8.66
C THR M 24 -57.28 -88.54 -8.48
N SER M 25 -58.21 -88.00 -7.70
CA SER M 25 -59.47 -88.68 -7.43
C SER M 25 -60.66 -87.90 -7.95
N ARG M 26 -60.79 -86.64 -7.51
CA ARG M 26 -61.93 -85.81 -7.92
C ARG M 26 -61.57 -84.91 -9.09
N GLY M 27 -60.29 -84.76 -9.40
CA GLY M 27 -59.87 -83.87 -10.45
C GLY M 27 -60.00 -82.40 -10.09
N GLU M 28 -59.79 -82.07 -8.82
CA GLU M 28 -59.93 -80.71 -8.35
C GLU M 28 -58.84 -80.40 -7.32
N ARG M 29 -57.72 -79.87 -7.81
CA ARG M 29 -56.54 -79.58 -7.00
C ARG M 29 -55.86 -78.34 -7.56
N SER M 30 -55.95 -77.24 -6.83
CA SER M 30 -55.34 -75.99 -7.24
C SER M 30 -54.35 -75.53 -6.18
N PHE M 31 -53.06 -75.69 -6.47
CA PHE M 31 -52.00 -75.19 -5.62
C PHE M 31 -51.25 -74.11 -6.38
N ASP M 32 -50.62 -73.21 -5.64
CA ASP M 32 -49.55 -72.42 -6.22
C ASP M 32 -48.47 -73.35 -6.74
N ILE M 33 -47.82 -72.94 -7.84
CA ILE M 33 -46.90 -73.83 -8.52
C ILE M 33 -45.78 -74.30 -7.60
N TYR M 34 -45.41 -73.47 -6.63
CA TYR M 34 -44.39 -73.88 -5.66
C TYR M 34 -44.88 -75.04 -4.80
N SER M 35 -46.13 -75.00 -4.35
CA SER M 35 -46.67 -76.13 -3.60
C SER M 35 -46.79 -77.37 -4.48
N ARG M 36 -47.15 -77.19 -5.75
CA ARG M 36 -47.23 -78.33 -6.65
C ARG M 36 -45.86 -78.99 -6.83
N LEU M 37 -44.81 -78.19 -6.94
CA LEU M 37 -43.48 -78.77 -7.06
C LEU M 37 -43.00 -79.36 -5.74
N LEU M 38 -43.37 -78.75 -4.61
CA LEU M 38 -43.05 -79.35 -3.32
C LEU M 38 -43.70 -80.72 -3.17
N LYS M 39 -44.92 -80.86 -3.70
CA LYS M 39 -45.58 -82.16 -3.68
C LYS M 39 -44.77 -83.23 -4.40
N GLU M 40 -43.95 -82.83 -5.37
CA GLU M 40 -43.04 -83.73 -6.06
C GLU M 40 -41.67 -83.78 -5.42
N ARG M 41 -41.56 -83.38 -4.16
CA ARG M 41 -40.29 -83.40 -3.42
C ARG M 41 -39.23 -82.52 -4.09
N VAL M 42 -39.63 -81.31 -4.48
CA VAL M 42 -38.73 -80.34 -5.08
C VAL M 42 -38.80 -79.07 -4.23
N ILE M 43 -37.66 -78.69 -3.66
CA ILE M 43 -37.57 -77.52 -2.78
C ILE M 43 -36.67 -76.49 -3.45
N PHE M 44 -37.12 -75.24 -3.46
CA PHE M 44 -36.38 -74.15 -4.09
C PHE M 44 -35.68 -73.32 -3.03
N LEU M 45 -34.37 -73.14 -3.18
CA LEU M 45 -33.59 -72.24 -2.35
C LEU M 45 -33.09 -71.12 -3.24
N THR M 46 -33.77 -69.98 -3.22
CA THR M 46 -33.43 -68.87 -4.09
C THR M 46 -33.24 -67.62 -3.25
N GLY M 47 -32.48 -66.67 -3.79
CA GLY M 47 -32.24 -65.42 -3.13
C GLY M 47 -31.30 -65.55 -1.96
N GLN M 48 -31.21 -64.46 -1.20
CA GLN M 48 -30.34 -64.42 -0.03
C GLN M 48 -30.79 -65.45 1.01
N VAL M 49 -29.83 -65.94 1.78
CA VAL M 49 -30.10 -66.88 2.85
C VAL M 49 -30.21 -66.14 4.17
N GLU M 50 -31.38 -66.16 4.78
CA GLU M 50 -31.62 -65.50 6.05
C GLU M 50 -32.40 -66.44 6.95
N ASP M 51 -32.82 -65.92 8.10
CA ASP M 51 -33.43 -66.77 9.13
C ASP M 51 -34.77 -67.34 8.67
N HIS M 52 -35.66 -66.49 8.13
CA HIS M 52 -37.00 -66.95 7.82
C HIS M 52 -37.01 -67.86 6.59
N MET M 53 -36.23 -67.53 5.57
CA MET M 53 -36.15 -68.40 4.41
C MET M 53 -35.57 -69.75 4.78
N ALA M 54 -34.51 -69.77 5.59
CA ALA M 54 -33.94 -71.03 6.03
C ALA M 54 -34.91 -71.82 6.88
N ASN M 55 -35.69 -71.13 7.71
CA ASN M 55 -36.68 -71.81 8.53
C ASN M 55 -37.75 -72.45 7.65
N LEU M 56 -38.16 -71.76 6.59
CA LEU M 56 -39.13 -72.33 5.66
C LEU M 56 -38.56 -73.55 4.95
N ILE M 57 -37.30 -73.46 4.53
CA ILE M 57 -36.67 -74.62 3.88
C ILE M 57 -36.59 -75.79 4.84
N VAL M 58 -36.25 -75.53 6.10
CA VAL M 58 -36.15 -76.60 7.09
C VAL M 58 -37.52 -77.24 7.32
N ALA M 59 -38.57 -76.41 7.40
CA ALA M 59 -39.91 -76.96 7.56
C ALA M 59 -40.30 -77.83 6.37
N GLN M 60 -39.99 -77.37 5.16
CA GLN M 60 -40.29 -78.16 3.97
C GLN M 60 -39.55 -79.49 3.99
N MET M 61 -38.28 -79.47 4.36
CA MET M 61 -37.50 -80.70 4.38
C MET M 61 -38.01 -81.66 5.45
N LEU M 62 -38.38 -81.14 6.61
CA LEU M 62 -38.94 -81.99 7.66
C LEU M 62 -40.24 -82.62 7.21
N PHE M 63 -41.12 -81.84 6.57
CA PHE M 63 -42.38 -82.39 6.10
C PHE M 63 -42.15 -83.46 5.04
N LEU M 64 -41.23 -83.21 4.11
CA LEU M 64 -40.97 -84.20 3.06
C LEU M 64 -40.35 -85.46 3.64
N GLU M 65 -39.51 -85.33 4.67
CA GLU M 65 -38.91 -86.51 5.29
C GLU M 65 -39.97 -87.31 6.03
N ALA M 66 -40.87 -86.63 6.75
CA ALA M 66 -41.91 -87.35 7.48
C ALA M 66 -42.92 -87.98 6.52
N GLU M 67 -43.07 -87.39 5.33
CA GLU M 67 -44.04 -87.92 4.37
C GLU M 67 -43.56 -89.24 3.78
N ASN M 68 -42.30 -89.31 3.36
CA ASN M 68 -41.77 -90.51 2.75
C ASN M 68 -40.26 -90.58 2.98
N PRO M 69 -39.81 -91.25 4.03
CA PRO M 69 -38.38 -91.22 4.38
C PRO M 69 -37.49 -91.93 3.37
N GLU M 70 -38.04 -92.56 2.34
CA GLU M 70 -37.25 -93.33 1.40
C GLU M 70 -37.02 -92.62 0.07
N LYS M 71 -37.81 -91.61 -0.24
CA LYS M 71 -37.73 -90.92 -1.52
C LYS M 71 -36.89 -89.66 -1.39
N ASP M 72 -36.08 -89.40 -2.42
CA ASP M 72 -35.11 -88.31 -2.35
C ASP M 72 -35.81 -86.96 -2.32
N ILE M 73 -35.05 -85.94 -1.92
CA ILE M 73 -35.50 -84.55 -1.92
C ILE M 73 -34.56 -83.76 -2.82
N TYR M 74 -35.14 -82.96 -3.71
CA TYR M 74 -34.36 -82.19 -4.67
C TYR M 74 -34.35 -80.72 -4.27
N LEU M 75 -33.17 -80.19 -3.98
CA LEU M 75 -33.01 -78.81 -3.53
C LEU M 75 -32.36 -78.01 -4.66
N TYR M 76 -33.13 -77.12 -5.27
CA TYR M 76 -32.65 -76.27 -6.35
C TYR M 76 -32.06 -75.00 -5.76
N ILE M 77 -30.76 -74.81 -5.97
CA ILE M 77 -30.01 -73.75 -5.31
C ILE M 77 -29.71 -72.65 -6.31
N ASN M 78 -30.17 -71.44 -6.01
CA ASN M 78 -29.79 -70.23 -6.74
C ASN M 78 -29.68 -69.11 -5.71
N SER M 79 -28.47 -68.95 -5.14
CA SER M 79 -28.36 -68.05 -4.01
C SER M 79 -27.05 -67.28 -4.05
N PRO M 80 -27.08 -65.97 -3.79
CA PRO M 80 -25.82 -65.21 -3.69
C PRO M 80 -25.16 -65.32 -2.33
N GLY M 81 -25.58 -66.26 -1.49
CA GLY M 81 -25.00 -66.43 -0.19
C GLY M 81 -26.00 -66.10 0.89
N GLY M 82 -25.50 -65.67 2.04
CA GLY M 82 -26.36 -65.27 3.13
C GLY M 82 -25.66 -65.46 4.46
N VAL M 83 -26.48 -65.46 5.51
CA VAL M 83 -25.98 -65.61 6.87
C VAL M 83 -25.46 -67.03 7.06
N ILE M 84 -24.29 -67.15 7.70
CA ILE M 84 -23.71 -68.47 7.93
C ILE M 84 -24.61 -69.29 8.85
N THR M 85 -25.22 -68.64 9.85
CA THR M 85 -26.02 -69.35 10.83
C THR M 85 -27.22 -70.04 10.19
N ALA M 86 -28.03 -69.28 9.45
CA ALA M 86 -29.20 -69.87 8.81
C ALA M 86 -28.80 -70.99 7.85
N GLY M 87 -27.69 -70.81 7.12
CA GLY M 87 -27.21 -71.87 6.26
C GLY M 87 -26.81 -73.11 7.03
N MET M 88 -26.20 -72.94 8.20
CA MET M 88 -25.84 -74.10 9.01
C MET M 88 -27.09 -74.81 9.53
N SER M 89 -28.16 -74.08 9.77
CA SER M 89 -29.41 -74.74 10.15
C SER M 89 -29.92 -75.63 9.02
N ILE M 90 -29.96 -75.10 7.79
CA ILE M 90 -30.37 -75.91 6.65
C ILE M 90 -29.44 -77.10 6.48
N TYR M 91 -28.14 -76.89 6.69
CA TYR M 91 -27.17 -77.97 6.51
C TYR M 91 -27.38 -79.08 7.53
N ASP M 92 -27.60 -78.71 8.80
CA ASP M 92 -27.83 -79.71 9.83
C ASP M 92 -29.12 -80.46 9.57
N THR M 93 -30.15 -79.77 9.09
CA THR M 93 -31.40 -80.47 8.80
C THR M 93 -31.22 -81.40 7.60
N MET M 94 -30.39 -81.01 6.63
CA MET M 94 -30.09 -81.89 5.50
C MET M 94 -29.35 -83.13 5.96
N GLN M 95 -28.35 -82.96 6.84
CA GLN M 95 -27.56 -84.10 7.30
C GLN M 95 -28.34 -84.98 8.26
N PHE M 96 -29.35 -84.43 8.93
CA PHE M 96 -30.04 -85.20 9.97
C PHE M 96 -31.08 -86.14 9.36
N ILE M 97 -31.91 -85.64 8.45
CA ILE M 97 -33.05 -86.40 7.97
C ILE M 97 -32.59 -87.66 7.25
N LYS M 98 -33.50 -88.62 7.12
CA LYS M 98 -33.14 -89.91 6.54
C LYS M 98 -32.98 -89.89 5.02
N PRO M 99 -33.94 -89.37 4.24
CA PRO M 99 -33.80 -89.49 2.78
C PRO M 99 -32.65 -88.67 2.25
N ASP M 100 -32.07 -89.14 1.15
CA ASP M 100 -30.98 -88.43 0.51
C ASP M 100 -31.50 -87.16 -0.15
N VAL M 101 -30.84 -86.04 0.13
CA VAL M 101 -31.18 -84.75 -0.47
C VAL M 101 -30.18 -84.47 -1.57
N SER M 102 -30.68 -84.26 -2.78
CA SER M 102 -29.83 -83.99 -3.94
C SER M 102 -29.94 -82.51 -4.29
N THR M 103 -28.79 -81.85 -4.36
CA THR M 103 -28.74 -80.42 -4.59
C THR M 103 -28.36 -80.14 -6.05
N ILE M 104 -29.18 -79.32 -6.71
CA ILE M 104 -28.95 -78.93 -8.10
C ILE M 104 -28.70 -77.43 -8.12
N CYS M 105 -27.54 -77.03 -8.62
CA CYS M 105 -27.15 -75.62 -8.65
C CYS M 105 -27.51 -75.03 -10.01
N MET M 106 -28.55 -74.21 -10.04
CA MET M 106 -28.92 -73.45 -11.21
C MET M 106 -28.67 -71.98 -10.93
N GLY M 107 -28.08 -71.29 -11.90
CA GLY M 107 -27.72 -69.91 -11.69
C GLY M 107 -26.38 -69.77 -11.01
N GLN M 108 -26.38 -69.47 -9.71
CA GLN M 108 -25.15 -69.27 -8.98
C GLN M 108 -25.26 -69.89 -7.60
N ALA M 109 -24.11 -69.91 -6.89
CA ALA M 109 -24.02 -70.39 -5.52
C ALA M 109 -22.78 -69.74 -4.90
N ALA M 110 -23.00 -68.71 -4.08
CA ALA M 110 -21.91 -67.90 -3.55
C ALA M 110 -21.57 -68.28 -2.12
N SER M 111 -20.83 -69.38 -1.98
CA SER M 111 -20.17 -69.84 -0.75
C SER M 111 -21.21 -70.34 0.24
N MET M 112 -22.49 -69.96 0.12
CA MET M 112 -23.47 -70.51 1.03
C MET M 112 -24.45 -71.39 0.28
N GLY M 113 -24.99 -70.88 -0.82
CA GLY M 113 -25.51 -71.78 -1.83
C GLY M 113 -24.47 -72.81 -2.22
N ALA M 114 -23.21 -72.41 -2.27
CA ALA M 114 -22.14 -73.35 -2.62
C ALA M 114 -21.90 -74.34 -1.49
N PHE M 115 -21.86 -73.87 -0.24
CA PHE M 115 -21.71 -74.80 0.87
C PHE M 115 -22.84 -75.82 0.89
N LEU M 116 -24.09 -75.36 0.76
CA LEU M 116 -25.22 -76.28 0.76
C LEU M 116 -25.22 -77.17 -0.47
N LEU M 117 -24.65 -76.70 -1.58
CA LEU M 117 -24.55 -77.53 -2.78
C LEU M 117 -23.59 -78.69 -2.56
N THR M 118 -22.39 -78.39 -2.06
CA THR M 118 -21.45 -79.44 -1.73
C THR M 118 -21.95 -80.31 -0.57
N ALA M 119 -22.92 -79.83 0.20
CA ALA M 119 -23.44 -80.57 1.32
C ALA M 119 -24.50 -81.59 0.93
N GLY M 120 -24.79 -81.75 -0.35
CA GLY M 120 -25.79 -82.70 -0.77
C GLY M 120 -25.31 -84.13 -0.62
N ALA M 121 -26.22 -85.06 -0.90
CA ALA M 121 -25.88 -86.47 -0.84
C ALA M 121 -24.82 -86.81 -1.89
N LYS M 122 -23.80 -87.55 -1.47
CA LYS M 122 -22.68 -87.86 -2.36
C LYS M 122 -23.18 -88.64 -3.57
N GLY M 123 -22.71 -88.25 -4.74
CA GLY M 123 -23.15 -88.83 -5.99
C GLY M 123 -24.41 -88.22 -6.57
N LYS M 124 -25.09 -87.34 -5.81
CA LYS M 124 -26.33 -86.74 -6.26
C LYS M 124 -26.26 -85.21 -6.26
N ARG M 125 -25.06 -84.64 -6.24
CA ARG M 125 -24.89 -83.20 -6.30
C ARG M 125 -24.60 -82.81 -7.74
N PHE M 126 -25.59 -82.22 -8.41
CA PHE M 126 -25.46 -81.83 -9.81
C PHE M 126 -25.44 -80.31 -9.93
N CYS M 127 -24.90 -79.83 -11.04
CA CYS M 127 -24.93 -78.41 -11.37
C CYS M 127 -25.10 -78.26 -12.87
N LEU M 128 -25.92 -77.29 -13.26
CA LEU M 128 -26.19 -77.07 -14.68
C LEU M 128 -24.94 -76.53 -15.38
N PRO M 129 -24.83 -76.75 -16.69
CA PRO M 129 -23.54 -76.47 -17.37
C PRO M 129 -23.13 -75.02 -17.33
N ASN M 130 -24.05 -74.08 -17.18
CA ASN M 130 -23.72 -72.66 -17.17
C ASN M 130 -23.83 -72.04 -15.79
N SER M 131 -23.87 -72.85 -14.74
CA SER M 131 -23.92 -72.30 -13.39
C SER M 131 -22.55 -71.77 -12.99
N ARG M 132 -22.55 -70.90 -11.98
CA ARG M 132 -21.33 -70.29 -11.46
C ARG M 132 -21.28 -70.54 -9.97
N VAL M 133 -20.13 -71.03 -9.49
CA VAL M 133 -19.95 -71.35 -8.08
C VAL M 133 -18.78 -70.54 -7.54
N MET M 134 -19.01 -69.91 -6.39
CA MET M 134 -17.97 -69.14 -5.72
C MET M 134 -17.87 -69.60 -4.28
N ILE M 135 -16.64 -69.65 -3.76
CA ILE M 135 -16.37 -70.00 -2.37
C ILE M 135 -15.43 -68.97 -1.79
N HIS M 136 -15.62 -68.65 -0.52
CA HIS M 136 -14.77 -67.67 0.16
C HIS M 136 -14.92 -67.83 1.67
N GLN M 137 -13.97 -67.28 2.40
CA GLN M 137 -14.02 -67.31 3.85
C GLN M 137 -15.18 -66.44 4.33
N PRO M 138 -15.77 -66.75 5.49
CA PRO M 138 -16.93 -65.98 5.95
C PRO M 138 -16.58 -64.55 6.29
N LEU M 139 -17.58 -63.67 6.16
CA LEU M 139 -17.45 -62.27 6.50
C LEU M 139 -18.10 -62.01 7.86
N GLY M 140 -17.82 -60.84 8.41
CA GLY M 140 -18.38 -60.48 9.70
C GLY M 140 -17.81 -59.18 10.19
N GLY M 141 -17.93 -58.96 11.49
CA GLY M 141 -17.38 -57.75 12.09
C GLY M 141 -18.02 -57.48 13.43
N TYR M 142 -17.42 -56.53 14.15
CA TYR M 142 -17.92 -56.13 15.45
C TYR M 142 -17.31 -54.79 15.83
N GLN M 143 -18.07 -53.98 16.55
CA GLN M 143 -17.61 -52.71 17.08
C GLN M 143 -17.84 -52.67 18.58
N GLY M 144 -16.81 -52.28 19.31
CA GLY M 144 -16.92 -52.21 20.76
C GLY M 144 -15.55 -52.20 21.41
N GLN M 145 -15.53 -52.62 22.66
CA GLN M 145 -14.29 -52.65 23.43
C GLN M 145 -13.35 -53.72 22.88
N ALA M 146 -12.07 -53.61 23.25
CA ALA M 146 -11.06 -54.52 22.73
C ALA M 146 -11.34 -55.95 23.16
N THR M 147 -11.86 -56.16 24.37
CA THR M 147 -12.13 -57.51 24.83
C THR M 147 -13.24 -58.16 24.01
N ASP M 148 -14.34 -57.44 23.78
CA ASP M 148 -15.40 -57.97 22.94
C ASP M 148 -14.94 -58.17 21.50
N ILE M 149 -14.08 -57.28 21.00
CA ILE M 149 -13.51 -57.46 19.68
C ILE M 149 -12.75 -58.78 19.61
N GLU M 150 -11.93 -59.05 20.63
CA GLU M 150 -11.17 -60.30 20.66
C GLU M 150 -12.10 -61.50 20.71
N ILE M 151 -13.15 -61.42 21.53
CA ILE M 151 -14.09 -62.53 21.65
C ILE M 151 -14.74 -62.82 20.30
N HIS M 152 -15.26 -61.79 19.65
CA HIS M 152 -15.95 -62.00 18.38
C HIS M 152 -14.99 -62.43 17.28
N ALA M 153 -13.75 -61.96 17.33
CA ALA M 153 -12.76 -62.40 16.34
C ALA M 153 -12.42 -63.88 16.52
N ARG M 154 -12.23 -64.31 17.76
CA ARG M 154 -12.00 -65.73 18.01
C ARG M 154 -13.20 -66.55 17.55
N GLU M 155 -14.41 -66.05 17.77
CA GLU M 155 -15.59 -66.79 17.35
C GLU M 155 -15.67 -66.90 15.83
N ILE M 156 -15.40 -65.81 15.11
CA ILE M 156 -15.49 -65.88 13.66
C ILE M 156 -14.36 -66.73 13.09
N LEU M 157 -13.20 -66.75 13.75
CA LEU M 157 -12.13 -67.64 13.30
C LEU M 157 -12.52 -69.11 13.52
N LYS M 158 -13.15 -69.42 14.65
CA LYS M 158 -13.62 -70.78 14.88
C LYS M 158 -14.66 -71.18 13.85
N VAL M 159 -15.55 -70.25 13.49
CA VAL M 159 -16.56 -70.53 12.48
C VAL M 159 -15.92 -70.80 11.14
N LYS M 160 -14.93 -69.98 10.77
CA LYS M 160 -14.22 -70.20 9.51
C LYS M 160 -13.53 -71.56 9.49
N GLY M 161 -12.89 -71.92 10.61
CA GLY M 161 -12.25 -73.22 10.69
C GLY M 161 -13.24 -74.36 10.56
N ARG M 162 -14.39 -74.24 11.22
CA ARG M 162 -15.41 -75.28 11.12
C ARG M 162 -15.93 -75.41 9.69
N MET M 163 -16.15 -74.27 9.03
CA MET M 163 -16.62 -74.31 7.64
C MET M 163 -15.58 -74.94 6.73
N ASN M 164 -14.31 -74.62 6.93
CA ASN M 164 -13.26 -75.24 6.13
C ASN M 164 -13.19 -76.74 6.36
N GLU M 165 -13.34 -77.18 7.62
CA GLU M 165 -13.36 -78.60 7.91
C GLU M 165 -14.52 -79.28 7.20
N LEU M 166 -15.71 -78.70 7.28
CA LEU M 166 -16.87 -79.32 6.66
C LEU M 166 -16.74 -79.38 5.15
N MET M 167 -16.17 -78.33 4.54
CA MET M 167 -16.00 -78.34 3.09
C MET M 167 -14.94 -79.36 2.67
N ALA M 168 -13.84 -79.44 3.42
CA ALA M 168 -12.82 -80.44 3.10
C ALA M 168 -13.37 -81.85 3.28
N LEU M 169 -14.34 -82.02 4.18
CA LEU M 169 -14.96 -83.34 4.33
C LEU M 169 -15.87 -83.65 3.15
N HIS M 170 -16.68 -82.68 2.74
CA HIS M 170 -17.71 -82.95 1.73
C HIS M 170 -17.15 -83.00 0.32
N THR M 171 -16.06 -82.29 0.04
CA THR M 171 -15.51 -82.25 -1.30
C THR M 171 -14.38 -83.23 -1.54
N GLY M 172 -13.77 -83.75 -0.47
CA GLY M 172 -12.66 -84.66 -0.60
C GLY M 172 -11.30 -84.01 -0.67
N GLN M 173 -11.25 -82.69 -0.88
CA GLN M 173 -9.98 -81.99 -0.90
C GLN M 173 -9.39 -81.94 0.51
N SER M 174 -8.07 -81.79 0.57
CA SER M 174 -7.40 -81.68 1.86
C SER M 174 -7.75 -80.36 2.52
N LEU M 175 -7.69 -80.35 3.85
CA LEU M 175 -8.05 -79.14 4.60
C LEU M 175 -7.15 -77.97 4.24
N GLU M 176 -5.86 -78.23 4.03
CA GLU M 176 -4.96 -77.15 3.65
C GLU M 176 -5.29 -76.60 2.28
N GLN M 177 -5.70 -77.47 1.35
CA GLN M 177 -6.09 -77.01 0.03
C GLN M 177 -7.31 -76.11 0.09
N ILE M 178 -8.32 -76.49 0.87
CA ILE M 178 -9.50 -75.65 1.02
C ILE M 178 -9.12 -74.34 1.70
N GLU M 179 -8.24 -74.40 2.69
CA GLU M 179 -7.83 -73.19 3.40
C GLU M 179 -7.10 -72.22 2.46
N ARG M 180 -6.30 -72.76 1.55
CA ARG M 180 -5.58 -71.89 0.61
C ARG M 180 -6.50 -71.39 -0.49
N ASP M 181 -7.51 -72.18 -0.87
CA ASP M 181 -8.39 -71.78 -1.95
C ASP M 181 -9.44 -70.77 -1.53
N THR M 182 -9.97 -70.88 -0.31
CA THR M 182 -11.03 -69.98 0.14
C THR M 182 -10.49 -68.72 0.81
N GLU M 183 -9.19 -68.43 0.67
CA GLU M 183 -8.67 -67.18 1.21
C GLU M 183 -9.26 -65.99 0.48
N ARG M 184 -9.50 -66.12 -0.81
CA ARG M 184 -10.17 -65.10 -1.61
C ARG M 184 -11.31 -65.75 -2.38
N ASP M 185 -12.08 -64.92 -3.08
CA ASP M 185 -13.17 -65.44 -3.88
C ASP M 185 -12.64 -66.31 -5.01
N ARG M 186 -13.08 -67.57 -5.01
CA ARG M 186 -12.70 -68.52 -6.04
C ARG M 186 -13.92 -68.86 -6.88
N PHE M 187 -13.90 -68.43 -8.14
CA PHE M 187 -15.00 -68.68 -9.06
C PHE M 187 -14.75 -69.96 -9.84
N LEU M 188 -15.74 -70.85 -9.81
CA LEU M 188 -15.64 -72.14 -10.48
C LEU M 188 -16.84 -72.32 -11.39
N SER M 189 -16.57 -72.61 -12.66
CA SER M 189 -17.65 -72.98 -13.57
C SER M 189 -18.09 -74.41 -13.31
N ALA M 190 -19.03 -74.88 -14.12
CA ALA M 190 -19.53 -76.25 -13.95
C ALA M 190 -18.45 -77.30 -14.09
N PRO M 191 -17.63 -77.33 -15.15
CA PRO M 191 -16.58 -78.36 -15.23
C PRO M 191 -15.54 -78.21 -14.14
N GLU M 192 -15.14 -76.99 -13.81
CA GLU M 192 -14.17 -76.80 -12.73
C GLU M 192 -14.77 -77.20 -11.38
N ALA M 193 -16.08 -76.98 -11.19
CA ALA M 193 -16.70 -77.42 -9.95
C ALA M 193 -16.77 -78.95 -9.88
N VAL M 194 -17.03 -79.60 -11.02
CA VAL M 194 -17.06 -81.06 -11.05
C VAL M 194 -15.68 -81.61 -10.74
N GLU M 195 -14.64 -81.07 -11.38
CA GLU M 195 -13.29 -81.55 -11.16
C GLU M 195 -12.82 -81.24 -9.74
N TYR M 196 -13.27 -80.13 -9.18
CA TYR M 196 -12.84 -79.73 -7.84
C TYR M 196 -13.42 -80.66 -6.78
N GLY M 197 -14.61 -81.20 -7.02
CA GLY M 197 -15.27 -82.06 -6.07
C GLY M 197 -16.52 -81.47 -5.44
N LEU M 198 -16.90 -80.24 -5.80
CA LEU M 198 -18.10 -79.64 -5.24
C LEU M 198 -19.35 -80.39 -5.67
N VAL M 199 -19.45 -80.72 -6.96
CA VAL M 199 -20.57 -81.46 -7.51
C VAL M 199 -20.05 -82.73 -8.14
N ASP M 200 -20.98 -83.65 -8.44
CA ASP M 200 -20.60 -84.95 -8.96
C ASP M 200 -20.70 -85.04 -10.47
N SER M 201 -21.64 -84.34 -11.08
CA SER M 201 -21.80 -84.37 -12.53
C SER M 201 -22.61 -83.16 -12.97
N ILE M 202 -22.77 -83.04 -14.28
CA ILE M 202 -23.48 -81.91 -14.89
C ILE M 202 -24.71 -82.43 -15.61
N LEU M 203 -25.85 -81.83 -15.30
CA LEU M 203 -27.08 -82.15 -16.01
C LEU M 203 -27.10 -81.44 -17.36
N THR M 204 -27.22 -82.21 -18.43
CA THR M 204 -27.17 -81.66 -19.78
C THR M 204 -28.51 -81.78 -20.50
N HIS M 205 -29.07 -82.98 -20.57
CA HIS M 205 -30.31 -83.21 -21.29
C HIS M 205 -31.09 -84.33 -20.63
N ARG M 206 -32.31 -84.54 -21.10
CA ARG M 206 -33.17 -85.60 -20.59
C ARG M 206 -32.63 -86.97 -20.97
N ALA N 15 -58.68 -58.95 -8.02
CA ALA N 15 -58.38 -57.55 -7.76
C ALA N 15 -57.74 -56.89 -8.98
N LEU N 16 -56.45 -56.51 -8.83
CA LEU N 16 -55.74 -55.92 -9.95
C LEU N 16 -55.62 -56.90 -11.11
N VAL N 17 -55.58 -58.19 -10.82
CA VAL N 17 -55.46 -59.23 -11.83
C VAL N 17 -56.86 -59.80 -12.10
N PRO N 18 -57.23 -60.05 -13.34
CA PRO N 18 -58.59 -60.55 -13.63
C PRO N 18 -58.69 -62.05 -13.43
N MET N 19 -59.93 -62.50 -13.29
CA MET N 19 -60.25 -63.92 -13.23
C MET N 19 -61.05 -64.32 -14.47
N VAL N 20 -60.91 -65.58 -14.86
CA VAL N 20 -61.56 -66.10 -16.06
C VAL N 20 -62.34 -67.36 -15.72
N ILE N 21 -63.23 -67.75 -16.62
CA ILE N 21 -64.09 -68.91 -16.45
C ILE N 21 -63.95 -69.80 -17.68
N GLU N 22 -63.70 -71.08 -17.45
CA GLU N 22 -63.63 -72.08 -18.50
C GLU N 22 -64.28 -73.37 -18.02
N GLN N 23 -64.89 -74.10 -18.94
CA GLN N 23 -65.68 -75.28 -18.61
C GLN N 23 -65.07 -76.53 -19.24
N THR N 24 -64.75 -77.51 -18.40
CA THR N 24 -64.33 -78.82 -18.91
C THR N 24 -65.33 -79.89 -18.50
N SER N 25 -65.53 -80.07 -17.20
CA SER N 25 -66.43 -81.10 -16.71
C SER N 25 -67.59 -80.50 -15.92
N ARG N 26 -67.30 -79.71 -14.89
CA ARG N 26 -68.35 -79.12 -14.07
C ARG N 26 -68.68 -77.69 -14.50
N GLY N 27 -67.85 -77.09 -15.33
CA GLY N 27 -68.05 -75.71 -15.74
C GLY N 27 -67.77 -74.71 -14.63
N GLU N 28 -66.79 -75.00 -13.78
CA GLU N 28 -66.46 -74.14 -12.65
C GLU N 28 -64.95 -74.11 -12.47
N ARG N 29 -64.31 -73.13 -13.12
CA ARG N 29 -62.86 -72.99 -13.09
C ARG N 29 -62.52 -71.50 -13.15
N SER N 30 -62.02 -70.97 -12.04
CA SER N 30 -61.66 -69.57 -11.96
C SER N 30 -60.18 -69.45 -11.60
N PHE N 31 -59.36 -69.11 -12.59
CA PHE N 31 -57.96 -68.83 -12.38
C PHE N 31 -57.70 -67.36 -12.69
N ASP N 32 -56.66 -66.81 -12.08
CA ASP N 32 -56.08 -65.59 -12.61
C ASP N 32 -55.65 -65.83 -14.04
N ILE N 33 -55.75 -64.78 -14.87
CA ILE N 33 -55.55 -64.95 -16.30
C ILE N 33 -54.15 -65.49 -16.60
N TYR N 34 -53.18 -65.19 -15.75
CA TYR N 34 -51.84 -65.74 -15.94
C TYR N 34 -51.83 -67.25 -15.76
N SER N 35 -52.54 -67.76 -14.76
CA SER N 35 -52.64 -69.21 -14.60
C SER N 35 -53.40 -69.84 -15.76
N ARG N 36 -54.44 -69.16 -16.26
CA ARG N 36 -55.17 -69.69 -17.40
C ARG N 36 -54.27 -69.79 -18.63
N LEU N 37 -53.43 -68.80 -18.86
CA LEU N 37 -52.52 -68.86 -19.99
C LEU N 37 -51.41 -69.89 -19.76
N LEU N 38 -50.95 -70.04 -18.51
CA LEU N 38 -49.98 -71.08 -18.20
C LEU N 38 -50.55 -72.45 -18.49
N LYS N 39 -51.84 -72.64 -18.23
CA LYS N 39 -52.51 -73.90 -18.55
C LYS N 39 -52.42 -74.22 -20.04
N GLU N 40 -52.31 -73.19 -20.89
CA GLU N 40 -52.13 -73.37 -22.32
C GLU N 40 -50.66 -73.37 -22.71
N ARG N 41 -49.75 -73.62 -21.76
CA ARG N 41 -48.32 -73.68 -22.01
C ARG N 41 -47.79 -72.34 -22.55
N VAL N 42 -48.21 -71.25 -21.92
CA VAL N 42 -47.74 -69.91 -22.26
C VAL N 42 -47.15 -69.30 -21.00
N ILE N 43 -45.86 -68.96 -21.07
CA ILE N 43 -45.14 -68.39 -19.93
C ILE N 43 -44.71 -66.98 -20.30
N PHE N 44 -44.94 -66.04 -19.37
CA PHE N 44 -44.61 -64.64 -19.58
C PHE N 44 -43.32 -64.29 -18.84
N LEU N 45 -42.37 -63.72 -19.58
CA LEU N 45 -41.14 -63.18 -19.00
C LEU N 45 -41.17 -61.68 -19.23
N THR N 46 -41.57 -60.93 -18.22
CA THR N 46 -41.71 -59.49 -18.33
C THR N 46 -40.90 -58.81 -17.23
N GLY N 47 -40.53 -57.55 -17.49
CA GLY N 47 -39.80 -56.78 -16.52
C GLY N 47 -38.36 -57.21 -16.39
N GLN N 48 -37.71 -56.67 -15.36
CA GLN N 48 -36.31 -56.98 -15.10
C GLN N 48 -36.14 -58.45 -14.76
N VAL N 49 -34.98 -59.00 -15.08
CA VAL N 49 -34.65 -60.38 -14.79
C VAL N 49 -33.86 -60.43 -13.49
N GLU N 50 -34.42 -61.06 -12.47
CA GLU N 50 -33.75 -61.19 -11.18
C GLU N 50 -33.92 -62.63 -10.69
N ASP N 51 -33.50 -62.88 -9.45
CA ASP N 51 -33.46 -64.24 -8.94
C ASP N 51 -34.85 -64.84 -8.78
N HIS N 52 -35.78 -64.10 -8.16
CA HIS N 52 -37.08 -64.68 -7.86
C HIS N 52 -37.93 -64.84 -9.11
N MET N 53 -37.90 -63.84 -10.01
CA MET N 53 -38.64 -63.98 -11.27
C MET N 53 -38.11 -65.14 -12.09
N ALA N 54 -36.79 -65.27 -12.18
CA ALA N 54 -36.21 -66.39 -12.92
C ALA N 54 -36.55 -67.71 -12.26
N ASN N 55 -36.57 -67.76 -10.94
CA ASN N 55 -36.95 -68.98 -10.24
C ASN N 55 -38.39 -69.37 -10.54
N LEU N 56 -39.28 -68.36 -10.59
CA LEU N 56 -40.66 -68.64 -10.95
C LEU N 56 -40.78 -69.15 -12.38
N ILE N 57 -40.02 -68.56 -13.31
CA ILE N 57 -40.06 -69.01 -14.69
C ILE N 57 -39.55 -70.45 -14.78
N VAL N 58 -38.49 -70.76 -14.03
CA VAL N 58 -37.92 -72.11 -14.05
C VAL N 58 -38.93 -73.11 -13.49
N ALA N 59 -39.62 -72.74 -12.41
CA ALA N 59 -40.64 -73.63 -11.85
C ALA N 59 -41.76 -73.86 -12.85
N GLN N 60 -42.21 -72.80 -13.53
CA GLN N 60 -43.26 -72.96 -14.54
C GLN N 60 -42.80 -73.88 -15.67
N MET N 61 -41.57 -73.71 -16.14
CA MET N 61 -41.09 -74.54 -17.23
C MET N 61 -40.95 -76.00 -16.80
N LEU N 62 -40.47 -76.23 -15.58
CA LEU N 62 -40.37 -77.60 -15.08
C LEU N 62 -41.75 -78.25 -14.98
N PHE N 63 -42.73 -77.51 -14.46
CA PHE N 63 -44.08 -78.06 -14.35
C PHE N 63 -44.66 -78.38 -15.73
N LEU N 64 -44.47 -77.47 -16.68
CA LEU N 64 -45.01 -77.70 -18.03
C LEU N 64 -44.31 -78.88 -18.70
N GLU N 65 -43.01 -79.05 -18.46
CA GLU N 65 -42.30 -80.18 -19.04
C GLU N 65 -42.76 -81.49 -18.43
N ALA N 66 -42.96 -81.52 -17.11
CA ALA N 66 -43.43 -82.73 -16.46
C ALA N 66 -44.87 -83.05 -16.84
N GLU N 67 -45.64 -82.02 -17.17
CA GLU N 67 -47.05 -82.24 -17.53
C GLU N 67 -47.17 -82.93 -18.88
N ASN N 68 -46.44 -82.45 -19.88
CA ASN N 68 -46.53 -83.00 -21.22
C ASN N 68 -45.21 -82.77 -21.96
N PRO N 69 -44.29 -83.74 -21.91
CA PRO N 69 -42.95 -83.51 -22.48
C PRO N 69 -42.94 -83.37 -23.99
N GLU N 70 -44.07 -83.54 -24.67
CA GLU N 70 -44.11 -83.51 -26.12
C GLU N 70 -44.65 -82.20 -26.70
N LYS N 71 -45.35 -81.40 -25.89
CA LYS N 71 -45.99 -80.19 -26.37
C LYS N 71 -45.11 -78.98 -26.08
N ASP N 72 -45.06 -78.05 -27.02
CA ASP N 72 -44.14 -76.92 -26.93
C ASP N 72 -44.52 -75.99 -25.78
N ILE N 73 -43.56 -75.15 -25.40
CA ILE N 73 -43.76 -74.12 -24.38
C ILE N 73 -43.48 -72.77 -25.04
N TYR N 74 -44.37 -71.82 -24.84
CA TYR N 74 -44.26 -70.50 -25.45
C TYR N 74 -43.86 -69.48 -24.40
N LEU N 75 -42.70 -68.88 -24.59
CA LEU N 75 -42.14 -67.91 -23.65
C LEU N 75 -42.23 -66.52 -24.28
N TYR N 76 -43.10 -65.68 -23.74
CA TYR N 76 -43.28 -64.32 -24.23
C TYR N 76 -42.32 -63.40 -23.50
N ILE N 77 -41.39 -62.80 -24.25
CA ILE N 77 -40.28 -62.05 -23.68
C ILE N 77 -40.54 -60.56 -23.87
N ASN N 78 -40.59 -59.82 -22.76
CA ASN N 78 -40.60 -58.35 -22.78
C ASN N 78 -39.75 -57.92 -21.58
N SER N 79 -38.45 -57.74 -21.81
CA SER N 79 -37.57 -57.51 -20.67
C SER N 79 -36.47 -56.52 -21.00
N PRO N 80 -36.19 -55.56 -20.13
CA PRO N 80 -35.06 -54.65 -20.34
C PRO N 80 -33.72 -55.24 -19.93
N GLY N 81 -33.65 -56.55 -19.68
CA GLY N 81 -32.42 -57.18 -19.28
C GLY N 81 -32.52 -57.69 -17.87
N GLY N 82 -31.39 -57.77 -17.19
CA GLY N 82 -31.37 -58.20 -15.82
C GLY N 82 -30.03 -58.83 -15.48
N VAL N 83 -30.02 -59.56 -14.36
CA VAL N 83 -28.83 -60.22 -13.87
C VAL N 83 -28.46 -61.35 -14.83
N ILE N 84 -27.17 -61.47 -15.14
CA ILE N 84 -26.70 -62.52 -16.03
C ILE N 84 -26.95 -63.89 -15.41
N THR N 85 -26.76 -64.00 -14.10
CA THR N 85 -26.87 -65.29 -13.42
C THR N 85 -28.28 -65.86 -13.52
N ALA N 86 -29.28 -65.08 -13.12
CA ALA N 86 -30.66 -65.55 -13.19
C ALA N 86 -31.04 -65.91 -14.63
N GLY N 87 -30.61 -65.11 -15.59
CA GLY N 87 -30.86 -65.44 -16.98
C GLY N 87 -30.22 -66.75 -17.40
N MET N 88 -29.01 -67.03 -16.93
CA MET N 88 -28.36 -68.29 -17.24
C MET N 88 -29.10 -69.46 -16.62
N SER N 89 -29.73 -69.24 -15.46
CA SER N 89 -30.56 -70.31 -14.90
C SER N 89 -31.74 -70.62 -15.80
N ILE N 90 -32.46 -69.59 -16.25
CA ILE N 90 -33.56 -69.81 -17.17
C ILE N 90 -33.07 -70.48 -18.46
N TYR N 91 -31.89 -70.07 -18.94
CA TYR N 91 -31.36 -70.62 -20.17
C TYR N 91 -31.03 -72.09 -20.02
N ASP N 92 -30.39 -72.46 -18.91
CA ASP N 92 -30.06 -73.86 -18.68
C ASP N 92 -31.31 -74.71 -18.53
N THR N 93 -32.34 -74.17 -17.88
CA THR N 93 -33.59 -74.93 -17.76
C THR N 93 -34.28 -75.06 -19.11
N MET N 94 -34.15 -74.04 -19.96
CA MET N 94 -34.70 -74.14 -21.31
C MET N 94 -33.98 -75.20 -22.12
N GLN N 95 -32.65 -75.24 -22.04
CA GLN N 95 -31.88 -76.20 -22.81
C GLN N 95 -31.99 -77.61 -22.26
N PHE N 96 -32.33 -77.76 -20.97
CA PHE N 96 -32.33 -79.08 -20.36
C PHE N 96 -33.62 -79.84 -20.67
N ILE N 97 -34.77 -79.18 -20.51
CA ILE N 97 -36.04 -79.89 -20.58
C ILE N 97 -36.26 -80.45 -21.98
N LYS N 98 -37.16 -81.42 -22.08
CA LYS N 98 -37.38 -82.12 -23.34
C LYS N 98 -38.17 -81.31 -24.37
N PRO N 99 -39.34 -80.75 -24.05
CA PRO N 99 -40.12 -80.09 -25.09
C PRO N 99 -39.45 -78.84 -25.62
N ASP N 100 -39.71 -78.55 -26.89
CA ASP N 100 -39.17 -77.35 -27.50
C ASP N 100 -39.83 -76.11 -26.93
N VAL N 101 -39.01 -75.15 -26.52
CA VAL N 101 -39.50 -73.88 -26.00
C VAL N 101 -39.34 -72.83 -27.09
N SER N 102 -40.45 -72.19 -27.46
CA SER N 102 -40.47 -71.19 -28.50
C SER N 102 -40.59 -69.81 -27.86
N THR N 103 -39.67 -68.92 -28.19
CA THR N 103 -39.60 -67.60 -27.58
C THR N 103 -40.15 -66.56 -28.54
N ILE N 104 -41.11 -65.77 -28.06
CA ILE N 104 -41.72 -64.70 -28.83
C ILE N 104 -41.37 -63.38 -28.17
N CYS N 105 -40.72 -62.50 -28.91
CA CYS N 105 -40.28 -61.22 -28.38
C CYS N 105 -41.30 -60.14 -28.70
N MET N 106 -42.06 -59.73 -27.69
CA MET N 106 -42.98 -58.61 -27.81
C MET N 106 -42.46 -57.46 -26.97
N GLY N 107 -42.50 -56.26 -27.54
CA GLY N 107 -41.93 -55.12 -26.85
C GLY N 107 -40.44 -54.98 -27.09
N GLN N 108 -39.63 -55.38 -26.12
CA GLN N 108 -38.18 -55.25 -26.23
C GLN N 108 -37.50 -56.47 -25.65
N ALA N 109 -36.18 -56.54 -25.86
CA ALA N 109 -35.32 -57.58 -25.32
C ALA N 109 -33.91 -57.03 -25.27
N ALA N 110 -33.46 -56.63 -24.08
CA ALA N 110 -32.19 -55.93 -23.92
C ALA N 110 -31.09 -56.87 -23.41
N SER N 111 -30.56 -57.65 -24.34
CA SER N 111 -29.35 -58.47 -24.19
C SER N 111 -29.62 -59.64 -23.25
N MET N 112 -30.65 -59.61 -22.41
CA MET N 112 -30.94 -60.77 -21.60
C MET N 112 -32.26 -61.38 -21.99
N GLY N 113 -33.30 -60.56 -22.10
CA GLY N 113 -34.42 -60.95 -22.94
C GLY N 113 -33.95 -61.35 -24.33
N ALA N 114 -32.94 -60.64 -24.85
CA ALA N 114 -32.42 -60.98 -26.16
C ALA N 114 -31.65 -62.29 -26.14
N PHE N 115 -30.81 -62.50 -25.12
CA PHE N 115 -30.12 -63.79 -25.02
C PHE N 115 -31.12 -64.94 -24.94
N LEU N 116 -32.13 -64.82 -24.07
CA LEU N 116 -33.11 -65.88 -23.94
C LEU N 116 -33.97 -66.02 -25.19
N LEU N 117 -34.14 -64.93 -25.95
CA LEU N 117 -34.88 -65.01 -27.19
C LEU N 117 -34.11 -65.82 -28.23
N THR N 118 -32.83 -65.50 -28.43
CA THR N 118 -32.01 -66.30 -29.33
C THR N 118 -31.80 -67.72 -28.80
N ALA N 119 -32.05 -67.95 -27.52
CA ALA N 119 -31.86 -69.27 -26.92
C ALA N 119 -33.04 -70.19 -27.12
N GLY N 120 -34.07 -69.76 -27.85
CA GLY N 120 -35.22 -70.61 -28.09
C GLY N 120 -34.90 -71.74 -29.04
N ALA N 121 -35.89 -72.61 -29.21
CA ALA N 121 -35.74 -73.73 -30.14
C ALA N 121 -35.59 -73.22 -31.56
N LYS N 122 -34.61 -73.77 -32.27
CA LYS N 122 -34.31 -73.30 -33.62
C LYS N 122 -35.52 -73.49 -34.53
N GLY N 123 -35.82 -72.46 -35.31
CA GLY N 123 -36.99 -72.44 -36.15
C GLY N 123 -38.26 -71.99 -35.48
N LYS N 124 -38.23 -71.80 -34.16
CA LYS N 124 -39.41 -71.41 -33.41
C LYS N 124 -39.19 -70.12 -32.62
N ARG N 125 -38.17 -69.34 -32.96
CA ARG N 125 -37.92 -68.07 -32.31
C ARG N 125 -38.52 -66.96 -33.17
N PHE N 126 -39.63 -66.40 -32.71
CA PHE N 126 -40.33 -65.36 -33.44
C PHE N 126 -40.22 -64.04 -32.70
N CYS N 127 -40.42 -62.95 -33.42
CA CYS N 127 -40.49 -61.62 -32.84
C CYS N 127 -41.51 -60.79 -33.60
N LEU N 128 -42.29 -60.00 -32.86
CA LEU N 128 -43.34 -59.20 -33.48
C LEU N 128 -42.72 -58.07 -34.32
N PRO N 129 -43.45 -57.59 -35.32
CA PRO N 129 -42.82 -56.68 -36.30
C PRO N 129 -42.30 -55.39 -35.72
N ASN N 130 -42.83 -54.92 -34.60
CA ASN N 130 -42.41 -53.66 -34.01
C ASN N 130 -41.59 -53.86 -32.74
N SER N 131 -41.07 -55.06 -32.51
CA SER N 131 -40.24 -55.27 -31.34
C SER N 131 -38.85 -54.67 -31.56
N ARG N 132 -38.15 -54.44 -30.46
CA ARG N 132 -36.81 -53.89 -30.48
C ARG N 132 -35.88 -54.81 -29.72
N VAL N 133 -34.75 -55.14 -30.32
CA VAL N 133 -33.79 -56.06 -29.72
C VAL N 133 -32.45 -55.35 -29.58
N MET N 134 -31.85 -55.45 -28.40
CA MET N 134 -30.55 -54.87 -28.15
C MET N 134 -29.64 -55.93 -27.55
N ILE N 135 -28.37 -55.90 -27.94
CA ILE N 135 -27.36 -56.81 -27.42
C ILE N 135 -26.14 -55.99 -27.01
N HIS N 136 -25.48 -56.41 -25.94
CA HIS N 136 -24.30 -55.71 -25.45
C HIS N 136 -23.52 -56.62 -24.52
N GLN N 137 -22.27 -56.28 -24.29
CA GLN N 137 -21.43 -57.03 -23.36
C GLN N 137 -21.96 -56.85 -21.94
N PRO N 138 -21.75 -57.82 -21.06
CA PRO N 138 -22.31 -57.71 -19.71
C PRO N 138 -21.66 -56.60 -18.90
N LEU N 139 -22.43 -56.07 -17.96
CA LEU N 139 -21.96 -55.04 -17.04
C LEU N 139 -21.62 -55.66 -15.69
N GLY N 140 -20.93 -54.90 -14.87
CA GLY N 140 -20.56 -55.37 -13.55
C GLY N 140 -19.67 -54.38 -12.85
N GLY N 141 -18.95 -54.87 -11.85
CA GLY N 141 -18.01 -54.02 -11.13
C GLY N 141 -17.67 -54.62 -9.79
N TYR N 142 -16.66 -54.02 -9.16
CA TYR N 142 -16.22 -54.46 -7.85
C TYR N 142 -15.36 -53.37 -7.22
N GLN N 143 -15.44 -53.26 -5.89
CA GLN N 143 -14.61 -52.34 -5.13
C GLN N 143 -13.88 -53.11 -4.05
N GLY N 144 -12.57 -52.87 -3.94
CA GLY N 144 -11.78 -53.56 -2.94
C GLY N 144 -10.31 -53.51 -3.29
N GLN N 145 -9.57 -54.47 -2.76
CA GLN N 145 -8.14 -54.55 -2.99
C GLN N 145 -7.85 -54.92 -4.44
N ALA N 146 -6.61 -54.68 -4.85
CA ALA N 146 -6.22 -54.92 -6.23
C ALA N 146 -6.35 -56.38 -6.61
N THR N 147 -6.04 -57.28 -5.66
CA THR N 147 -6.14 -58.70 -5.96
C THR N 147 -7.58 -59.13 -6.21
N ASP N 148 -8.50 -58.70 -5.35
CA ASP N 148 -9.91 -59.01 -5.56
C ASP N 148 -10.43 -58.35 -6.83
N ILE N 149 -9.96 -57.14 -7.13
CA ILE N 149 -10.35 -56.50 -8.39
C ILE N 149 -9.93 -57.36 -9.57
N GLU N 150 -8.69 -57.87 -9.54
CA GLU N 150 -8.22 -58.72 -10.63
C GLU N 150 -9.05 -59.99 -10.73
N ILE N 151 -9.37 -60.60 -9.59
CA ILE N 151 -10.16 -61.82 -9.59
C ILE N 151 -11.53 -61.58 -10.23
N HIS N 152 -12.21 -60.53 -9.79
CA HIS N 152 -13.56 -60.27 -10.31
C HIS N 152 -13.51 -59.83 -11.77
N ALA N 153 -12.44 -59.14 -12.18
CA ALA N 153 -12.32 -58.77 -13.59
C ALA N 153 -12.12 -59.99 -14.46
N ARG N 154 -11.25 -60.91 -14.03
CA ARG N 154 -11.08 -62.15 -14.79
C ARG N 154 -12.39 -62.92 -14.86
N GLU N 155 -13.15 -62.92 -13.76
CA GLU N 155 -14.43 -63.64 -13.77
C GLU N 155 -15.42 -63.01 -14.74
N ILE N 156 -15.52 -61.68 -14.75
CA ILE N 156 -16.48 -61.04 -15.64
C ILE N 156 -16.03 -61.18 -17.09
N LEU N 157 -14.72 -61.22 -17.34
CA LEU N 157 -14.25 -61.46 -18.70
C LEU N 157 -14.58 -62.87 -19.15
N LYS N 158 -14.43 -63.86 -18.25
CA LYS N 158 -14.81 -65.22 -18.59
C LYS N 158 -16.30 -65.32 -18.87
N VAL N 159 -17.11 -64.60 -18.09
CA VAL N 159 -18.56 -64.61 -18.30
C VAL N 159 -18.90 -63.99 -19.65
N LYS N 160 -18.25 -62.88 -20.00
CA LYS N 160 -18.48 -62.25 -21.29
C LYS N 160 -18.09 -63.20 -22.42
N GLY N 161 -16.96 -63.89 -22.28
CA GLY N 161 -16.55 -64.84 -23.31
C GLY N 161 -17.54 -65.98 -23.46
N ARG N 162 -18.03 -66.50 -22.34
CA ARG N 162 -19.01 -67.58 -22.39
C ARG N 162 -20.30 -67.12 -23.06
N MET N 163 -20.74 -65.91 -22.74
CA MET N 163 -21.96 -65.39 -23.37
C MET N 163 -21.77 -65.18 -24.86
N ASN N 164 -20.60 -64.69 -25.27
CA ASN N 164 -20.33 -64.53 -26.69
C ASN N 164 -20.31 -65.88 -27.39
N GLU N 165 -19.70 -66.89 -26.78
CA GLU N 165 -19.70 -68.23 -27.36
C GLU N 165 -21.12 -68.76 -27.53
N LEU N 166 -21.95 -68.61 -26.49
CA LEU N 166 -23.31 -69.13 -26.56
C LEU N 166 -24.12 -68.40 -27.62
N MET N 167 -23.94 -67.08 -27.74
CA MET N 167 -24.68 -66.34 -28.76
C MET N 167 -24.21 -66.69 -30.16
N ALA N 168 -22.90 -66.85 -30.36
CA ALA N 168 -22.40 -67.25 -31.66
C ALA N 168 -22.88 -68.65 -32.02
N LEU N 169 -23.12 -69.49 -31.01
CA LEU N 169 -23.67 -70.82 -31.28
C LEU N 169 -25.13 -70.73 -31.69
N HIS N 170 -25.92 -69.94 -30.95
CA HIS N 170 -27.36 -69.94 -31.16
C HIS N 170 -27.78 -69.14 -32.39
N THR N 171 -27.01 -68.12 -32.78
CA THR N 171 -27.40 -67.28 -33.91
C THR N 171 -26.75 -67.70 -35.21
N GLY N 172 -25.69 -68.49 -35.18
CA GLY N 172 -24.99 -68.89 -36.37
C GLY N 172 -23.90 -67.96 -36.82
N GLN N 173 -23.83 -66.75 -36.27
CA GLN N 173 -22.76 -65.83 -36.60
C GLN N 173 -21.44 -66.32 -36.02
N SER N 174 -20.35 -65.89 -36.65
CA SER N 174 -19.03 -66.25 -36.15
C SER N 174 -18.75 -65.56 -34.81
N LEU N 175 -17.90 -66.20 -34.01
CA LEU N 175 -17.60 -65.66 -32.69
C LEU N 175 -16.98 -64.28 -32.78
N GLU N 176 -16.12 -64.05 -33.77
CA GLU N 176 -15.51 -62.73 -33.92
C GLU N 176 -16.55 -61.69 -34.30
N GLN N 177 -17.52 -62.07 -35.11
CA GLN N 177 -18.58 -61.13 -35.48
C GLN N 177 -19.41 -60.72 -34.27
N ILE N 178 -19.77 -61.70 -33.43
CA ILE N 178 -20.51 -61.38 -32.21
C ILE N 178 -19.66 -60.52 -31.29
N GLU N 179 -18.37 -60.84 -31.18
CA GLU N 179 -17.49 -60.06 -30.32
C GLU N 179 -17.38 -58.62 -30.77
N ARG N 180 -17.35 -58.40 -32.09
CA ARG N 180 -17.26 -57.04 -32.59
C ARG N 180 -18.60 -56.31 -32.51
N ASP N 181 -19.71 -57.04 -32.61
CA ASP N 181 -21.01 -56.42 -32.58
C ASP N 181 -21.47 -56.05 -31.17
N THR N 182 -21.17 -56.88 -30.17
CA THR N 182 -21.62 -56.63 -28.81
C THR N 182 -20.65 -55.77 -28.01
N GLU N 183 -19.68 -55.13 -28.66
CA GLU N 183 -18.80 -54.21 -27.94
C GLU N 183 -19.58 -53.03 -27.40
N ARG N 184 -20.57 -52.56 -28.16
CA ARG N 184 -21.47 -51.50 -27.73
C ARG N 184 -22.90 -51.96 -27.93
N ASP N 185 -23.83 -51.13 -27.48
CA ASP N 185 -25.25 -51.44 -27.65
C ASP N 185 -25.60 -51.48 -29.13
N ARG N 186 -26.09 -52.64 -29.58
CA ARG N 186 -26.51 -52.83 -30.96
C ARG N 186 -28.03 -53.01 -30.97
N PHE N 187 -28.73 -52.03 -31.54
CA PHE N 187 -30.18 -52.06 -31.63
C PHE N 187 -30.60 -52.69 -32.95
N LEU N 188 -31.46 -53.70 -32.88
CA LEU N 188 -31.94 -54.41 -34.04
C LEU N 188 -33.46 -54.43 -34.05
N SER N 189 -34.04 -53.98 -35.15
CA SER N 189 -35.48 -54.12 -35.32
C SER N 189 -35.82 -55.55 -35.69
N ALA N 190 -37.11 -55.79 -35.94
CA ALA N 190 -37.56 -57.14 -36.29
C ALA N 190 -36.91 -57.67 -37.56
N PRO N 191 -36.92 -56.94 -38.68
CA PRO N 191 -36.24 -57.48 -39.88
C PRO N 191 -34.74 -57.63 -39.72
N GLU N 192 -34.09 -56.67 -39.06
CA GLU N 192 -32.66 -56.79 -38.82
C GLU N 192 -32.36 -57.94 -37.86
N ALA N 193 -33.24 -58.20 -36.89
CA ALA N 193 -33.04 -59.35 -36.01
C ALA N 193 -33.22 -60.65 -36.76
N VAL N 194 -34.18 -60.70 -37.69
CA VAL N 194 -34.38 -61.92 -38.48
C VAL N 194 -33.17 -62.16 -39.37
N GLU N 195 -32.69 -61.13 -40.05
CA GLU N 195 -31.54 -61.28 -40.93
C GLU N 195 -30.28 -61.60 -40.13
N TYR N 196 -30.17 -61.06 -38.92
CA TYR N 196 -28.97 -61.28 -38.12
C TYR N 196 -28.89 -62.72 -37.63
N GLY N 197 -30.03 -63.37 -37.41
CA GLY N 197 -30.08 -64.72 -36.91
C GLY N 197 -30.61 -64.87 -35.50
N LEU N 198 -30.99 -63.77 -34.84
CA LEU N 198 -31.53 -63.87 -33.49
C LEU N 198 -32.86 -64.60 -33.48
N VAL N 199 -33.75 -64.26 -34.41
CA VAL N 199 -35.05 -64.91 -34.52
C VAL N 199 -35.17 -65.52 -35.91
N ASP N 200 -36.18 -66.37 -36.08
CA ASP N 200 -36.34 -67.10 -37.32
C ASP N 200 -37.34 -66.45 -38.27
N SER N 201 -38.38 -65.82 -37.73
CA SER N 201 -39.39 -65.17 -38.57
C SER N 201 -40.17 -64.17 -37.73
N ILE N 202 -41.07 -63.45 -38.39
CA ILE N 202 -41.86 -62.40 -37.76
C ILE N 202 -43.32 -62.80 -37.80
N LEU N 203 -43.98 -62.76 -36.65
CA LEU N 203 -45.42 -62.99 -36.58
C LEU N 203 -46.16 -61.74 -37.02
N THR N 204 -46.99 -61.89 -38.05
CA THR N 204 -47.70 -60.76 -38.62
C THR N 204 -49.20 -60.85 -38.38
N HIS N 205 -49.83 -61.96 -38.77
CA HIS N 205 -51.27 -62.11 -38.65
C HIS N 205 -51.61 -63.58 -38.42
N ARG N 206 -52.89 -63.84 -38.14
CA ARG N 206 -53.36 -65.20 -37.92
C ARG N 206 -53.32 -66.00 -39.21
N MET O 169 55.48 53.58 13.20
CA MET O 169 54.08 53.41 13.57
C MET O 169 53.57 54.65 14.29
N GLU O 170 54.21 55.78 14.06
CA GLU O 170 53.82 57.04 14.67
C GLU O 170 52.37 57.41 14.40
N ASN O 171 51.82 57.03 13.25
CA ASN O 171 50.48 57.43 12.86
C ASN O 171 49.56 56.24 12.60
N PHE O 172 50.03 55.01 12.82
CA PHE O 172 49.24 53.84 12.48
C PHE O 172 48.67 53.19 13.74
N THR O 173 49.41 53.26 14.84
CA THR O 173 49.03 52.59 16.07
C THR O 173 49.02 53.55 17.24
N THR O 174 48.38 53.11 18.32
CA THR O 174 48.35 53.86 19.57
C THR O 174 49.25 53.18 20.58
N ASN O 175 50.14 53.95 21.18
CA ASN O 175 51.01 53.44 22.24
C ASN O 175 50.15 53.24 23.49
N LEU O 176 49.72 52.02 23.73
CA LEU O 176 48.89 51.73 24.90
C LEU O 176 49.61 51.95 26.21
N ASN O 177 50.94 51.89 26.22
CA ASN O 177 51.69 52.28 27.42
C ASN O 177 51.58 53.77 27.68
N GLN O 178 51.58 54.58 26.63
CA GLN O 178 51.37 56.02 26.79
C GLN O 178 49.94 56.34 27.17
N LEU O 179 49.03 55.37 26.98
CA LEU O 179 47.62 55.62 27.28
C LEU O 179 47.27 55.18 28.70
N ALA O 180 47.68 53.98 29.10
CA ALA O 180 47.44 53.56 30.48
C ALA O 180 48.18 54.43 31.48
N ARG O 181 49.27 55.07 31.05
CA ARG O 181 50.03 55.94 31.94
C ARG O 181 49.37 57.29 32.16
N VAL O 182 48.44 57.69 31.31
CA VAL O 182 47.78 58.99 31.41
C VAL O 182 46.35 58.84 31.95
N GLY O 183 45.64 57.81 31.51
CA GLY O 183 44.30 57.57 31.98
C GLY O 183 43.47 56.91 30.91
N GLY O 184 42.18 56.83 31.18
CA GLY O 184 41.24 56.18 30.27
C GLY O 184 41.18 54.68 30.42
N ILE O 185 42.33 54.06 30.73
CA ILE O 185 42.38 52.63 30.96
C ILE O 185 41.79 52.35 32.34
N ASP O 186 40.84 51.44 32.40
CA ASP O 186 40.30 51.14 33.72
C ASP O 186 40.98 49.91 34.31
N PRO O 187 41.05 49.81 35.63
CA PRO O 187 41.67 48.64 36.26
C PRO O 187 40.90 47.36 35.91
N LEU O 188 41.66 46.32 35.58
CA LEU O 188 41.11 45.01 35.28
C LEU O 188 41.08 44.17 36.56
N ILE O 189 39.88 43.70 36.91
CA ILE O 189 39.65 42.97 38.14
C ILE O 189 39.16 41.57 37.79
N GLY O 190 39.59 40.59 38.57
CA GLY O 190 39.09 39.23 38.43
C GLY O 190 39.61 38.46 37.23
N ARG O 191 40.73 38.89 36.63
CA ARG O 191 41.28 38.21 35.47
C ARG O 191 42.73 37.82 35.72
N GLU O 192 43.03 37.41 36.95
CA GLU O 192 44.38 37.02 37.32
C GLU O 192 44.83 35.74 36.62
N LYS O 193 43.89 34.83 36.40
CA LYS O 193 44.20 33.57 35.73
C LYS O 193 44.54 33.76 34.26
N GLU O 194 43.72 34.54 33.57
CA GLU O 194 43.93 34.79 32.14
C GLU O 194 45.14 35.68 31.91
N LEU O 195 45.35 36.68 32.77
CA LEU O 195 46.54 37.52 32.65
C LEU O 195 47.81 36.70 32.85
N GLU O 196 47.80 35.81 33.84
CA GLU O 196 48.94 34.93 34.06
C GLU O 196 49.17 34.03 32.86
N ARG O 197 48.09 33.55 32.24
CA ARG O 197 48.23 32.71 31.06
C ARG O 197 48.84 33.49 29.89
N ALA O 198 48.37 34.71 29.66
CA ALA O 198 48.93 35.53 28.59
C ALA O 198 50.40 35.83 28.83
N ILE O 199 50.76 36.10 30.08
CA ILE O 199 52.16 36.35 30.40
C ILE O 199 52.99 35.10 30.15
N GLN O 200 52.55 33.95 30.67
CA GLN O 200 53.27 32.70 30.47
C GLN O 200 53.45 32.40 28.99
N VAL O 201 52.44 32.70 28.18
CA VAL O 201 52.56 32.51 26.75
C VAL O 201 53.62 33.46 26.18
N LEU O 202 53.64 34.70 26.67
CA LEU O 202 54.55 35.69 26.13
C LEU O 202 56.00 35.40 26.50
N CYS O 203 56.24 34.52 27.47
CA CYS O 203 57.61 34.17 27.82
C CYS O 203 58.21 33.09 26.94
N ARG O 204 57.46 32.57 25.97
CA ARG O 204 57.97 31.51 25.12
C ARG O 204 58.93 32.06 24.07
N ARG O 205 59.85 31.20 23.63
CA ARG O 205 60.83 31.63 22.64
C ARG O 205 60.20 31.77 21.26
N ARG O 206 59.56 30.72 20.77
CA ARG O 206 58.88 30.74 19.49
C ARG O 206 57.38 30.61 19.70
N LYS O 207 56.61 31.18 18.78
CA LYS O 207 55.15 31.09 18.80
C LYS O 207 54.56 31.65 20.09
N ASN O 208 55.11 32.77 20.56
CA ASN O 208 54.62 33.41 21.79
C ASN O 208 53.61 34.48 21.43
N ASN O 209 52.50 34.02 20.84
CA ASN O 209 51.43 34.90 20.36
C ASN O 209 50.13 34.51 21.04
N PRO O 210 49.65 35.32 21.98
CA PRO O 210 48.39 35.00 22.65
C PRO O 210 47.19 35.37 21.79
N LEU O 211 46.18 34.51 21.81
CA LEU O 211 44.94 34.72 21.07
C LEU O 211 43.77 34.62 22.03
N LEU O 212 43.04 35.72 22.19
CA LEU O 212 41.94 35.79 23.15
C LEU O 212 40.65 35.35 22.48
N VAL O 213 40.10 34.23 22.93
CA VAL O 213 38.86 33.66 22.40
C VAL O 213 37.74 33.97 23.38
N GLY O 214 36.74 34.69 22.91
CA GLY O 214 35.59 35.00 23.73
C GLY O 214 34.37 35.31 22.89
N GLU O 215 33.61 36.32 23.30
CA GLU O 215 32.44 36.78 22.55
C GLU O 215 32.41 38.29 22.57
N SER O 216 31.37 38.84 21.97
CA SER O 216 31.19 40.29 21.95
C SER O 216 30.88 40.80 23.35
N GLY O 217 31.62 41.83 23.78
CA GLY O 217 31.32 42.47 25.03
C GLY O 217 31.67 41.66 26.27
N VAL O 218 32.77 40.91 26.23
CA VAL O 218 33.20 40.11 27.37
C VAL O 218 34.45 40.69 28.03
N GLY O 219 35.02 41.75 27.44
CA GLY O 219 36.21 42.35 28.00
C GLY O 219 37.52 41.87 27.40
N LYS O 220 37.52 41.43 26.15
CA LYS O 220 38.77 41.05 25.50
C LYS O 220 39.73 42.23 25.43
N THR O 221 39.24 43.39 24.97
CA THR O 221 40.04 44.61 24.94
C THR O 221 40.51 45.04 26.31
N ALA O 222 39.74 44.75 27.37
CA ALA O 222 40.16 45.13 28.71
C ALA O 222 41.38 44.33 29.14
N ILE O 223 41.60 43.16 28.55
CA ILE O 223 42.78 42.37 28.89
C ILE O 223 44.05 43.08 28.44
N ALA O 224 44.05 43.57 27.20
CA ALA O 224 45.25 44.26 26.70
C ALA O 224 45.48 45.57 27.44
N GLU O 225 44.40 46.29 27.76
CA GLU O 225 44.55 47.51 28.54
C GLU O 225 45.09 47.23 29.92
N GLY O 226 44.60 46.18 30.58
CA GLY O 226 45.11 45.83 31.89
C GLY O 226 46.56 45.38 31.83
N LEU O 227 46.94 44.71 30.74
CA LEU O 227 48.33 44.31 30.57
C LEU O 227 49.23 45.53 30.40
N ALA O 228 48.80 46.50 29.58
CA ALA O 228 49.57 47.73 29.45
C ALA O 228 49.64 48.50 30.76
N TRP O 229 48.54 48.47 31.53
CA TRP O 229 48.51 49.13 32.84
C TRP O 229 49.51 48.48 33.78
N ARG O 230 49.56 47.15 33.80
CA ARG O 230 50.50 46.45 34.67
C ARG O 230 51.93 46.63 34.18
N ILE O 231 52.11 46.86 32.89
CA ILE O 231 53.44 47.15 32.36
C ILE O 231 53.92 48.51 32.85
N VAL O 232 53.10 49.54 32.66
CA VAL O 232 53.50 50.88 33.10
C VAL O 232 53.54 50.97 34.62
N GLN O 233 52.81 50.09 35.32
CA GLN O 233 52.87 50.05 36.77
C GLN O 233 53.97 49.15 37.29
N GLY O 234 54.59 48.36 36.41
CA GLY O 234 55.62 47.44 36.84
C GLY O 234 55.12 46.19 37.51
N ASP O 235 53.81 45.93 37.47
CA ASP O 235 53.23 44.73 38.11
C ASP O 235 53.32 43.54 37.15
N VAL O 236 54.52 43.32 36.63
CA VAL O 236 54.80 42.22 35.70
C VAL O 236 56.17 41.65 36.03
N PRO O 237 56.46 40.44 35.53
CA PRO O 237 57.82 39.92 35.64
C PRO O 237 58.80 40.81 34.91
N GLU O 238 60.03 40.88 35.43
CA GLU O 238 61.05 41.72 34.85
C GLU O 238 61.37 41.35 33.40
N VAL O 239 61.12 40.09 33.01
CA VAL O 239 61.29 39.71 31.61
C VAL O 239 60.25 40.41 30.74
N MET O 240 59.05 40.58 31.27
CA MET O 240 57.97 41.25 30.56
C MET O 240 58.08 42.77 30.62
N ALA O 241 59.02 43.29 31.42
CA ALA O 241 59.16 44.73 31.52
C ALA O 241 59.70 45.32 30.22
N ASP O 242 59.66 46.64 30.11
CA ASP O 242 60.20 47.42 29.00
C ASP O 242 59.45 47.19 27.70
N CYS O 243 58.42 46.35 27.69
CA CYS O 243 57.68 46.10 26.46
C CYS O 243 56.65 47.20 26.22
N THR O 244 56.44 47.52 24.95
CA THR O 244 55.52 48.55 24.52
C THR O 244 54.45 47.92 23.66
N ILE O 245 53.20 48.01 24.11
CA ILE O 245 52.07 47.40 23.40
C ILE O 245 51.47 48.45 22.47
N TYR O 246 51.32 48.09 21.20
CA TYR O 246 50.80 49.00 20.19
C TYR O 246 49.45 48.48 19.69
N SER O 247 48.44 49.35 19.70
CA SER O 247 47.14 49.03 19.12
C SER O 247 46.98 49.79 17.81
N LEU O 248 47.02 49.06 16.70
CA LEU O 248 47.00 49.66 15.36
C LEU O 248 45.57 49.98 14.95
N ASP O 249 45.40 51.05 14.17
CA ASP O 249 44.11 51.41 13.58
C ASP O 249 44.03 50.78 12.20
N ILE O 250 43.14 49.80 12.05
CA ILE O 250 42.98 49.14 10.76
C ILE O 250 42.41 50.11 9.73
N GLY O 251 41.73 51.16 10.19
CA GLY O 251 41.23 52.16 9.26
C GLY O 251 42.35 52.87 8.52
N SER O 252 43.40 53.25 9.24
CA SER O 252 44.54 53.90 8.61
C SER O 252 45.39 52.90 7.83
N LEU O 253 45.41 51.65 8.28
CA LEU O 253 46.34 50.69 7.69
C LEU O 253 45.78 50.07 6.41
N LEU O 254 44.55 49.56 6.45
CA LEU O 254 44.00 48.83 5.32
C LEU O 254 43.31 49.74 4.31
N ALA O 255 42.47 50.66 4.77
CA ALA O 255 41.70 51.50 3.87
C ALA O 255 42.57 52.58 3.24
N GLY O 256 42.15 53.04 2.08
CA GLY O 256 42.82 54.14 1.41
C GLY O 256 44.03 53.77 0.58
N THR O 257 44.19 52.49 0.25
CA THR O 257 45.35 52.07 -0.54
C THR O 257 45.00 52.02 -2.02
N LYS O 258 44.01 51.21 -2.39
CA LYS O 258 43.40 51.22 -3.71
C LYS O 258 44.33 50.72 -4.82
N TYR O 259 45.57 50.39 -4.49
CA TYR O 259 46.48 49.90 -5.51
C TYR O 259 47.14 48.59 -5.07
N ARG O 260 47.89 47.98 -6.00
CA ARG O 260 48.43 46.66 -5.73
C ARG O 260 49.62 46.71 -4.77
N GLY O 261 50.26 47.86 -4.64
CA GLY O 261 51.46 47.94 -3.84
C GLY O 261 51.40 48.71 -2.54
N ASP O 262 50.35 49.50 -2.32
CA ASP O 262 50.35 50.40 -1.17
C ASP O 262 50.17 49.65 0.15
N PHE O 263 49.30 48.64 0.19
CA PHE O 263 49.02 47.97 1.45
C PHE O 263 50.24 47.20 1.95
N GLU O 264 50.94 46.51 1.04
CA GLU O 264 52.16 45.82 1.43
C GLU O 264 53.23 46.81 1.89
N LYS O 265 53.29 47.98 1.25
CA LYS O 265 54.25 49.00 1.68
C LYS O 265 53.95 49.50 3.08
N ARG O 266 52.69 49.81 3.36
CA ARG O 266 52.29 50.19 4.70
C ARG O 266 52.61 49.10 5.71
N PHE O 267 52.32 47.86 5.34
CA PHE O 267 52.56 46.72 6.22
C PHE O 267 54.04 46.56 6.55
N LYS O 268 54.90 46.70 5.55
CA LYS O 268 56.34 46.54 5.75
C LYS O 268 56.90 47.71 6.54
N ALA O 269 56.36 48.92 6.33
CA ALA O 269 56.76 50.04 7.16
C ALA O 269 56.41 49.78 8.62
N LEU O 270 55.20 49.29 8.88
CA LEU O 270 54.81 48.97 10.25
C LEU O 270 55.72 47.91 10.85
N LEU O 271 56.01 46.86 10.06
CA LEU O 271 56.86 45.79 10.58
C LEU O 271 58.25 46.29 10.88
N LYS O 272 58.79 47.16 10.03
CA LYS O 272 60.13 47.70 10.28
C LYS O 272 60.13 48.57 11.53
N GLN O 273 59.15 49.46 11.65
CA GLN O 273 59.08 50.31 12.85
C GLN O 273 58.83 49.46 14.09
N LEU O 274 58.38 48.22 13.90
CA LEU O 274 58.30 47.29 15.03
C LEU O 274 59.63 46.58 15.26
N GLU O 275 60.44 46.44 14.21
CA GLU O 275 61.72 45.73 14.36
C GLU O 275 62.71 46.52 15.20
N GLN O 276 62.66 47.86 15.13
CA GLN O 276 63.60 48.67 15.89
C GLN O 276 63.48 48.44 17.40
N ASP O 277 62.28 48.09 17.88
CA ASP O 277 62.06 47.77 19.28
C ASP O 277 61.74 46.28 19.40
N THR O 278 62.78 45.47 19.61
CA THR O 278 62.62 44.03 19.63
C THR O 278 61.80 43.51 20.80
N ASN O 279 61.49 44.36 21.78
CA ASN O 279 60.72 43.95 22.95
C ASN O 279 59.28 44.46 22.92
N SER O 280 58.88 45.14 21.84
CA SER O 280 57.53 45.68 21.73
C SER O 280 56.57 44.60 21.29
N ILE O 281 55.31 44.72 21.70
CA ILE O 281 54.25 43.79 21.33
C ILE O 281 53.23 44.57 20.51
N LEU O 282 52.65 43.90 19.50
CA LEU O 282 51.54 44.45 18.74
C LEU O 282 50.27 43.73 19.13
N PHE O 283 49.22 44.50 19.41
CA PHE O 283 47.92 43.97 19.76
C PHE O 283 46.91 44.41 18.72
N ILE O 284 46.35 43.43 18.00
CA ILE O 284 45.38 43.68 16.94
C ILE O 284 44.01 43.25 17.45
N ASP O 285 43.19 44.24 17.82
CA ASP O 285 41.84 43.97 18.27
C ASP O 285 41.00 43.49 17.09
N GLU O 286 40.25 42.41 17.30
CA GLU O 286 39.40 41.82 16.27
C GLU O 286 40.20 41.46 15.03
N ILE O 287 41.14 40.52 15.21
CA ILE O 287 41.96 40.09 14.08
C ILE O 287 41.24 38.95 13.36
N HIS O 288 40.25 39.31 12.55
CA HIS O 288 39.62 38.39 11.63
C HIS O 288 39.32 39.12 10.33
N THR O 289 39.42 40.45 10.37
CA THR O 289 39.13 41.29 9.22
C THR O 289 40.35 41.42 8.31
N ILE O 290 41.53 41.58 8.90
CA ILE O 290 42.75 41.70 8.10
C ILE O 290 43.13 40.38 7.46
N ILE O 291 42.66 39.26 8.02
CA ILE O 291 43.03 37.94 7.51
C ILE O 291 42.26 37.55 6.25
N GLY O 292 40.95 37.81 6.21
CA GLY O 292 40.16 37.48 5.06
C GLY O 292 39.01 38.45 4.81
N ALA O 303 47.59 40.38 3.22
CA ALA O 303 46.63 39.63 4.00
C ALA O 303 47.28 38.96 5.19
N ALA O 304 47.08 37.65 5.31
CA ALA O 304 47.63 36.88 6.43
C ALA O 304 48.94 36.19 6.08
N ASN O 305 49.20 35.90 4.81
CA ASN O 305 50.44 35.26 4.43
C ASN O 305 51.65 36.16 4.61
N LEU O 306 51.44 37.45 4.90
CA LEU O 306 52.54 38.40 5.04
C LEU O 306 53.17 38.38 6.42
N ILE O 307 52.47 37.83 7.42
CA ILE O 307 52.95 37.83 8.79
C ILE O 307 53.23 36.42 9.31
N LYS O 308 52.65 35.39 8.68
CA LYS O 308 52.93 34.01 9.09
C LYS O 308 54.42 33.71 9.19
N PRO O 309 55.28 34.11 8.25
CA PRO O 309 56.72 33.92 8.46
C PRO O 309 57.34 34.90 9.44
N LEU O 310 56.71 36.04 9.69
CA LEU O 310 57.24 37.01 10.63
C LEU O 310 56.93 36.65 12.07
N LEU O 311 55.71 36.20 12.35
CA LEU O 311 55.30 35.87 13.71
C LEU O 311 55.44 34.38 14.00
N SER O 312 55.96 33.60 13.05
CA SER O 312 56.16 32.18 13.32
C SER O 312 57.15 31.97 14.45
N SER O 313 58.42 32.31 14.22
CA SER O 313 59.44 32.11 15.23
C SER O 313 60.50 33.21 15.18
N GLY O 314 60.33 34.20 14.31
CA GLY O 314 61.45 35.07 14.06
C GLY O 314 61.62 36.29 14.95
N LYS O 315 60.66 37.23 14.93
CA LYS O 315 60.90 38.46 15.67
C LYS O 315 59.69 39.02 16.41
N ILE O 316 58.49 38.73 15.96
CA ILE O 316 57.30 39.50 16.35
C ILE O 316 56.34 38.60 17.11
N ARG O 317 55.76 39.18 18.16
CA ARG O 317 54.74 38.54 18.99
C ARG O 317 53.48 39.41 18.82
N VAL O 318 52.32 38.80 18.62
CA VAL O 318 51.10 39.56 18.37
C VAL O 318 50.01 39.07 19.32
N ILE O 319 49.28 40.00 19.91
CA ILE O 319 48.15 39.69 20.77
C ILE O 319 46.88 39.75 19.93
N GLY O 320 46.21 38.61 19.78
CA GLY O 320 45.00 38.51 19.01
C GLY O 320 43.75 38.37 19.87
N SER O 321 42.67 38.95 19.36
CA SER O 321 41.38 38.88 20.02
C SER O 321 40.32 38.59 18.96
N THR O 322 39.67 37.44 19.08
CA THR O 322 38.61 37.05 18.15
C THR O 322 37.47 36.44 18.97
N THR O 323 36.32 36.30 18.35
CA THR O 323 35.21 35.57 18.94
C THR O 323 35.41 34.08 18.72
N TYR O 324 34.58 33.28 19.38
CA TYR O 324 34.62 31.84 19.13
C TYR O 324 34.24 31.53 17.70
N GLN O 325 33.24 32.24 17.16
CA GLN O 325 32.81 31.99 15.79
C GLN O 325 33.89 32.37 14.78
N GLU O 326 34.44 33.58 14.90
CA GLU O 326 35.47 34.01 13.95
C GLU O 326 36.69 33.11 14.03
N PHE O 327 37.06 32.68 15.24
CA PHE O 327 38.17 31.74 15.40
C PHE O 327 37.86 30.42 14.70
N SER O 328 36.73 29.80 15.04
CA SER O 328 36.40 28.50 14.46
C SER O 328 36.12 28.58 12.96
N ASN O 329 35.93 29.79 12.42
CA ASN O 329 35.68 29.91 10.99
C ASN O 329 36.94 30.21 10.19
N ILE O 330 37.71 31.22 10.59
CA ILE O 330 38.92 31.61 9.85
C ILE O 330 40.15 30.86 10.35
N PHE O 331 40.27 30.68 11.66
CA PHE O 331 41.30 29.81 12.19
C PHE O 331 40.80 28.37 12.15
N GLU O 332 41.69 27.43 12.51
CA GLU O 332 41.43 26.00 12.45
C GLU O 332 41.30 25.53 11.00
N LYS O 333 41.33 26.47 10.05
CA LYS O 333 41.36 26.11 8.65
C LYS O 333 42.77 26.28 8.09
N ASP O 334 43.41 27.40 8.39
CA ASP O 334 44.81 27.62 8.07
C ASP O 334 45.61 27.12 9.26
N ARG O 335 45.93 25.81 9.24
CA ARG O 335 46.66 25.22 10.36
C ARG O 335 47.99 25.90 10.63
N ALA O 336 48.63 26.44 9.59
CA ALA O 336 49.86 27.18 9.81
C ALA O 336 49.63 28.41 10.69
N LEU O 337 48.44 29.01 10.60
CA LEU O 337 48.09 30.11 11.49
C LEU O 337 47.49 29.64 12.81
N ALA O 338 46.83 28.49 12.82
CA ALA O 338 46.30 27.97 14.07
C ALA O 338 47.43 27.55 15.01
N ARG O 339 48.57 27.12 14.45
CA ARG O 339 49.69 26.72 15.28
C ARG O 339 50.58 27.88 15.66
N ARG O 340 50.46 29.03 14.99
CA ARG O 340 51.24 30.21 15.31
C ARG O 340 50.61 31.08 16.39
N PHE O 341 49.48 30.67 16.95
CA PHE O 341 48.76 31.44 17.94
C PHE O 341 48.38 30.55 19.11
N GLN O 342 48.26 31.14 20.29
CA GLN O 342 47.89 30.43 21.51
C GLN O 342 46.50 30.88 21.94
N LYS O 343 45.54 29.97 21.85
CA LYS O 343 44.16 30.30 22.17
C LYS O 343 43.98 30.46 23.67
N ILE O 344 43.52 31.65 24.09
CA ILE O 344 43.22 31.93 25.49
C ILE O 344 41.71 32.05 25.62
N ASP O 345 41.11 31.10 26.34
CA ASP O 345 39.66 30.99 26.43
C ASP O 345 39.13 32.02 27.42
N ILE O 346 38.70 33.16 26.91
CA ILE O 346 38.08 34.20 27.73
C ILE O 346 36.59 33.91 27.80
N THR O 347 36.09 33.62 28.98
CA THR O 347 34.66 33.38 29.20
C THR O 347 34.04 34.59 29.90
N GLU O 348 32.72 34.60 29.95
CA GLU O 348 32.09 35.72 30.63
C GLU O 348 32.14 35.48 32.14
N PRO O 349 32.39 36.52 32.94
CA PRO O 349 32.49 36.32 34.39
C PRO O 349 31.14 35.93 35.00
N SER O 350 31.18 35.33 36.18
CA SER O 350 29.96 34.92 36.85
C SER O 350 29.28 36.13 37.47
N ILE O 351 28.20 35.89 38.21
CA ILE O 351 27.42 36.96 38.80
C ILE O 351 28.26 37.73 39.82
N GLU O 352 28.83 37.02 40.79
CA GLU O 352 29.60 37.68 41.83
C GLU O 352 30.85 38.36 41.25
N GLU O 353 31.44 37.77 40.21
CA GLU O 353 32.56 38.43 39.57
C GLU O 353 32.12 39.71 38.88
N THR O 354 30.92 39.71 38.30
CA THR O 354 30.38 40.95 37.73
C THR O 354 30.17 41.99 38.80
N VAL O 355 29.69 41.58 39.97
CA VAL O 355 29.55 42.50 41.10
C VAL O 355 30.89 43.09 41.47
N GLN O 356 31.92 42.25 41.55
CA GLN O 356 33.24 42.75 41.93
C GLN O 356 33.78 43.72 40.89
N ILE O 357 33.59 43.41 39.60
CA ILE O 357 34.10 44.26 38.54
C ILE O 357 33.39 45.62 38.56
N ILE O 358 32.07 45.61 38.70
CA ILE O 358 31.33 46.87 38.70
C ILE O 358 31.62 47.65 39.99
N ASN O 359 31.92 46.93 41.07
CA ASN O 359 32.36 47.59 42.29
C ASN O 359 33.67 48.34 42.05
N GLY O 360 34.64 47.67 41.44
CA GLY O 360 35.91 48.33 41.15
C GLY O 360 35.76 49.48 40.17
N LEU O 361 34.79 49.38 39.26
CA LEU O 361 34.63 50.43 38.25
C LEU O 361 33.70 51.55 38.71
N LYS O 362 33.01 51.37 39.84
CA LYS O 362 32.09 52.38 40.38
C LYS O 362 32.72 53.77 40.59
N PRO O 363 33.88 53.93 41.22
CA PRO O 363 34.34 55.28 41.57
C PRO O 363 34.52 56.21 40.39
N LYS O 364 34.94 55.70 39.22
CA LYS O 364 35.09 56.58 38.07
C LYS O 364 33.76 57.15 37.60
N TYR O 365 32.73 56.30 37.46
CA TYR O 365 31.42 56.81 37.07
C TYR O 365 30.83 57.69 38.16
N GLU O 366 31.11 57.37 39.42
CA GLU O 366 30.68 58.25 40.51
C GLU O 366 31.33 59.62 40.39
N ALA O 367 32.58 59.67 39.93
CA ALA O 367 33.25 60.94 39.73
C ALA O 367 32.68 61.69 38.53
N HIS O 368 32.34 60.96 37.46
CA HIS O 368 31.80 61.62 36.27
C HIS O 368 30.37 62.09 36.48
N HIS O 369 29.53 61.22 37.03
CA HIS O 369 28.10 61.50 37.18
C HIS O 369 27.76 62.14 38.53
N ASP O 370 28.72 62.22 39.44
CA ASP O 370 28.52 62.83 40.76
C ASP O 370 27.37 62.16 41.51
N VAL O 371 27.32 60.84 41.40
CA VAL O 371 26.24 60.05 41.99
C VAL O 371 26.85 59.01 42.93
N ARG O 372 25.99 58.14 43.45
CA ARG O 372 26.41 57.05 44.32
C ARG O 372 25.49 55.86 44.07
N TYR O 373 26.08 54.68 43.95
CA TYR O 373 25.33 53.46 43.72
C TYR O 373 25.31 52.61 44.98
N THR O 374 24.12 52.14 45.34
CA THR O 374 24.02 51.23 46.47
C THR O 374 24.36 49.81 46.04
N ALA O 375 24.85 49.03 47.00
CA ALA O 375 25.21 47.64 46.70
C ALA O 375 23.99 46.84 46.27
N LYS O 376 22.85 47.08 46.91
CA LYS O 376 21.60 46.46 46.48
C LYS O 376 21.28 46.81 45.03
N ALA O 377 21.44 48.08 44.66
CA ALA O 377 21.19 48.48 43.29
C ALA O 377 22.19 47.81 42.33
N VAL O 378 23.44 47.65 42.78
CA VAL O 378 24.44 46.99 41.93
C VAL O 378 24.04 45.55 41.65
N ARG O 379 23.72 44.80 42.71
CA ARG O 379 23.35 43.39 42.53
C ARG O 379 22.07 43.26 41.73
N ALA O 380 21.10 44.15 42.00
CA ALA O 380 19.85 44.11 41.25
C ALA O 380 20.08 44.40 39.78
N ALA O 381 20.96 45.36 39.47
CA ALA O 381 21.24 45.69 38.08
C ALA O 381 21.89 44.51 37.36
N VAL O 382 22.85 43.86 38.00
CA VAL O 382 23.49 42.71 37.37
C VAL O 382 22.46 41.60 37.14
N GLU O 383 21.65 41.28 38.16
CA GLU O 383 20.69 40.20 38.01
C GLU O 383 19.63 40.52 36.96
N LEU O 384 19.20 41.78 36.88
CA LEU O 384 18.19 42.14 35.88
C LEU O 384 18.79 42.15 34.48
N ALA O 385 20.05 42.56 34.34
CA ALA O 385 20.72 42.47 33.06
C ALA O 385 20.82 41.02 32.61
N VAL O 386 21.07 40.11 33.55
CA VAL O 386 21.08 38.69 33.21
C VAL O 386 19.69 38.22 32.80
N LYS O 387 18.67 38.66 33.53
CA LYS O 387 17.34 38.09 33.34
C LYS O 387 16.67 38.60 32.06
N TYR O 388 16.88 39.87 31.72
CA TYR O 388 16.10 40.51 30.67
C TYR O 388 16.91 40.92 29.44
N ILE O 389 18.18 41.29 29.60
CA ILE O 389 18.99 41.78 28.50
C ILE O 389 19.82 40.62 27.99
N ASN O 390 19.43 40.05 26.85
CA ASN O 390 20.09 38.89 26.28
C ASN O 390 20.76 39.18 24.94
N ASP O 391 20.95 40.45 24.60
CA ASP O 391 21.61 40.80 23.35
C ASP O 391 23.12 40.93 23.52
N ARG O 392 23.59 41.25 24.71
CA ARG O 392 25.02 41.34 24.99
C ARG O 392 25.36 40.36 26.11
N HIS O 393 26.63 40.36 26.51
CA HIS O 393 27.05 39.49 27.58
C HIS O 393 27.24 40.26 28.88
N LEU O 394 27.40 39.50 29.95
CA LEU O 394 27.29 40.03 31.32
C LEU O 394 28.18 41.23 31.60
N PRO O 395 29.51 41.16 31.52
CA PRO O 395 30.34 42.23 32.10
C PRO O 395 30.21 43.56 31.39
N ASP O 396 29.71 43.59 30.15
CA ASP O 396 29.55 44.84 29.43
C ASP O 396 28.16 45.42 29.56
N LYS O 397 27.12 44.58 29.44
CA LYS O 397 25.76 45.10 29.62
C LYS O 397 25.52 45.56 31.05
N ALA O 398 26.13 44.89 32.04
CA ALA O 398 26.02 45.37 33.41
C ALA O 398 26.62 46.76 33.58
N ILE O 399 27.85 46.97 33.10
CA ILE O 399 28.47 48.28 33.18
C ILE O 399 27.65 49.31 32.40
N ASP O 400 27.06 48.89 31.28
CA ASP O 400 26.26 49.81 30.49
C ASP O 400 25.02 50.25 31.24
N VAL O 401 24.36 49.31 31.94
CA VAL O 401 23.16 49.68 32.69
C VAL O 401 23.43 50.58 33.89
N ILE O 402 24.59 50.40 34.55
CA ILE O 402 24.96 51.32 35.64
C ILE O 402 25.31 52.71 35.11
N ASP O 403 26.00 52.76 33.97
CA ASP O 403 26.33 54.04 33.36
C ASP O 403 25.04 54.72 32.94
N GLU O 404 24.07 53.94 32.42
CA GLU O 404 22.80 54.53 32.03
C GLU O 404 22.01 54.99 33.24
N ALA O 405 22.04 54.23 34.33
CA ALA O 405 21.38 54.66 35.55
C ALA O 405 22.04 55.92 36.10
N GLY O 406 23.36 55.98 36.04
CA GLY O 406 24.06 57.18 36.46
C GLY O 406 23.68 58.39 35.62
N ALA O 407 23.55 58.17 34.30
CA ALA O 407 23.13 59.25 33.42
C ALA O 407 21.71 59.69 33.72
N ARG O 408 20.83 58.75 34.02
CA ARG O 408 19.45 59.09 34.35
C ARG O 408 19.38 59.89 35.65
N ALA O 409 20.19 59.50 36.64
CA ALA O 409 20.22 60.23 37.90
C ALA O 409 20.92 61.58 37.76
N ARG O 410 21.78 61.72 36.74
CA ARG O 410 22.39 63.01 36.47
C ARG O 410 21.42 63.93 35.72
N LEU O 411 20.51 63.34 34.97
CA LEU O 411 19.46 64.11 34.30
C LEU O 411 18.34 64.48 35.27
N MET O 412 18.14 63.66 36.30
CA MET O 412 17.07 63.92 37.26
C MET O 412 17.13 65.30 37.97
N PRO O 413 18.29 65.94 38.16
CA PRO O 413 18.28 67.30 38.73
C PRO O 413 17.38 68.29 38.01
N VAL O 414 16.82 67.96 36.85
CA VAL O 414 15.71 68.74 36.31
C VAL O 414 14.54 68.74 37.28
N SER O 415 14.50 67.77 38.20
CA SER O 415 13.57 67.77 39.32
C SER O 415 14.26 68.08 40.65
N LYS O 416 15.56 68.38 40.63
CA LYS O 416 16.33 68.71 41.83
C LYS O 416 16.25 67.59 42.87
N ARG O 417 16.43 66.35 42.42
CA ARG O 417 16.44 65.20 43.32
C ARG O 417 17.86 64.94 43.83
N LYS O 418 17.97 63.97 44.73
CA LYS O 418 19.26 63.59 45.28
C LYS O 418 20.01 62.67 44.33
N LYS O 419 21.32 62.54 44.58
CA LYS O 419 22.20 61.86 43.64
C LYS O 419 22.21 60.36 43.85
N THR O 420 21.66 59.87 44.96
CA THR O 420 21.67 58.44 45.22
C THR O 420 20.85 57.70 44.17
N VAL O 421 21.45 56.64 43.62
CA VAL O 421 20.81 55.81 42.59
C VAL O 421 20.40 54.51 43.25
N ASN O 422 19.09 54.28 43.35
CA ASN O 422 18.56 53.12 44.03
C ASN O 422 18.09 52.08 43.02
N VAL O 423 17.47 51.02 43.54
CA VAL O 423 17.08 49.88 42.71
C VAL O 423 15.98 50.29 41.73
N ALA O 424 15.17 51.29 42.10
CA ALA O 424 14.09 51.71 41.23
C ALA O 424 14.60 52.28 39.92
N ASP O 425 15.62 53.14 39.96
CA ASP O 425 16.22 53.66 38.73
C ASP O 425 16.77 52.52 37.87
N ILE O 426 17.38 51.53 38.51
CA ILE O 426 17.93 50.39 37.78
C ILE O 426 16.83 49.62 37.07
N GLU O 427 15.71 49.39 37.75
CA GLU O 427 14.60 48.69 37.11
C GLU O 427 14.02 49.51 35.97
N SER O 428 13.90 50.83 36.16
CA SER O 428 13.39 51.68 35.10
C SER O 428 14.28 51.61 33.86
N VAL O 429 15.59 51.74 34.05
CA VAL O 429 16.49 51.72 32.88
C VAL O 429 16.53 50.34 32.25
N VAL O 430 16.42 49.28 33.06
CA VAL O 430 16.38 47.93 32.50
C VAL O 430 15.17 47.77 31.59
N ALA O 431 13.98 48.14 32.09
CA ALA O 431 12.79 48.06 31.25
C ALA O 431 12.91 48.96 30.04
N ARG O 432 13.60 50.09 30.18
CA ARG O 432 13.84 50.98 29.04
C ARG O 432 14.69 50.31 27.98
N ILE O 433 15.65 49.49 28.40
CA ILE O 433 16.61 48.93 27.46
C ILE O 433 16.11 47.62 26.87
N ALA O 434 15.58 46.73 27.70
CA ALA O 434 15.14 45.42 27.22
C ALA O 434 13.84 45.47 26.44
N ARG O 435 13.37 46.67 26.06
CA ARG O 435 12.08 46.85 25.37
C ARG O 435 10.95 46.21 26.17
N ILE O 436 11.01 46.40 27.48
CA ILE O 436 10.05 45.83 28.42
C ILE O 436 9.22 46.98 28.98
N PRO O 437 7.92 46.78 29.21
CA PRO O 437 7.11 47.85 29.83
C PRO O 437 7.75 48.37 31.11
N GLU O 438 7.65 49.68 31.30
CA GLU O 438 8.35 50.35 32.40
C GLU O 438 7.91 49.80 33.75
N LYS O 439 8.91 49.50 34.60
CA LYS O 439 8.72 49.10 35.98
C LYS O 439 7.96 47.78 36.13
N SER O 440 7.73 47.08 35.01
CA SER O 440 7.01 45.81 35.06
C SER O 440 7.87 44.66 35.55
N VAL O 441 9.00 44.94 36.22
CA VAL O 441 9.95 43.90 36.53
C VAL O 441 9.94 43.48 38.00
N SER O 442 10.05 44.41 38.95
CA SER O 442 10.24 43.99 40.33
C SER O 442 9.11 44.36 41.28
N GLN O 443 8.78 45.65 41.38
CA GLN O 443 8.00 46.13 42.51
C GLN O 443 6.62 46.64 42.13
N SER O 444 6.44 47.19 40.94
CA SER O 444 5.08 47.37 40.44
C SER O 444 4.40 46.03 40.24
N ASP O 445 5.18 44.96 40.02
CA ASP O 445 4.62 43.63 39.96
C ASP O 445 3.94 43.25 41.26
N ARG O 446 4.41 43.79 42.39
CA ARG O 446 3.68 43.59 43.65
C ARG O 446 2.30 44.21 43.58
N ASP O 447 2.21 45.43 43.04
CA ASP O 447 0.91 46.07 42.88
C ASP O 447 0.01 45.33 41.92
N THR O 448 0.58 44.73 40.87
CA THR O 448 -0.25 43.98 39.91
C THR O 448 -0.71 42.66 40.49
N LEU O 449 0.21 41.88 41.09
CA LEU O 449 -0.15 40.59 41.66
C LEU O 449 -1.05 40.76 42.88
N LYS O 450 -1.05 41.94 43.49
CA LYS O 450 -1.99 42.22 44.56
C LYS O 450 -3.42 42.04 44.08
N ASN O 451 -3.73 42.55 42.89
CA ASN O 451 -5.07 42.50 42.32
C ASN O 451 -5.06 41.85 40.94
N LEU O 452 -4.23 40.81 40.78
CA LEU O 452 -4.19 40.09 39.50
C LEU O 452 -5.48 39.33 39.26
N GLY O 453 -5.87 38.48 40.21
CA GLY O 453 -7.12 37.73 40.06
C GLY O 453 -8.33 38.62 39.90
N ASP O 454 -8.37 39.74 40.64
CA ASP O 454 -9.50 40.66 40.50
C ASP O 454 -9.58 41.24 39.10
N ARG O 455 -8.48 41.85 38.63
CA ARG O 455 -8.51 42.49 37.32
C ARG O 455 -8.65 41.47 36.20
N LEU O 456 -8.35 40.19 36.48
CA LEU O 456 -8.68 39.14 35.52
C LEU O 456 -10.18 38.87 35.51
N LYS O 457 -10.78 38.74 36.70
CA LYS O 457 -12.21 38.46 36.80
C LYS O 457 -13.07 39.58 36.25
N MET O 458 -12.52 40.79 36.13
CA MET O 458 -13.22 41.87 35.45
C MET O 458 -13.07 41.83 33.94
N LEU O 459 -12.18 40.98 33.43
CA LEU O 459 -11.97 40.83 31.99
C LEU O 459 -12.43 39.47 31.47
N VAL O 460 -12.38 38.44 32.30
CA VAL O 460 -12.98 37.15 32.00
C VAL O 460 -14.09 36.90 33.01
N PHE O 461 -15.17 36.27 32.54
CA PHE O 461 -16.34 36.02 33.37
C PHE O 461 -16.58 34.52 33.46
N GLY O 462 -16.91 34.05 34.66
CA GLY O 462 -17.03 32.64 34.90
C GLY O 462 -15.66 32.00 35.05
N GLN O 463 -15.68 30.74 35.50
CA GLN O 463 -14.46 29.98 35.79
C GLN O 463 -13.56 30.78 36.73
N ASP O 464 -14.15 31.28 37.82
CA ASP O 464 -13.41 32.16 38.72
C ASP O 464 -12.48 31.37 39.62
N LYS O 465 -12.86 30.15 40.00
CA LYS O 465 -11.91 29.29 40.73
C LYS O 465 -10.73 28.92 39.87
N ALA O 466 -10.93 28.81 38.55
CA ALA O 466 -9.81 28.61 37.65
C ALA O 466 -8.85 29.79 37.70
N ILE O 467 -9.38 31.01 37.66
CA ILE O 467 -8.54 32.20 37.80
C ILE O 467 -7.84 32.19 39.15
N GLU O 468 -8.54 31.75 40.19
CA GLU O 468 -7.94 31.71 41.52
C GLU O 468 -6.73 30.79 41.54
N ALA O 469 -6.90 29.55 41.06
CA ALA O 469 -5.79 28.60 41.07
C ALA O 469 -4.66 29.05 40.16
N LEU O 470 -4.99 29.57 38.98
CA LEU O 470 -3.96 30.04 38.06
C LEU O 470 -3.15 31.18 38.65
N THR O 471 -3.83 32.18 39.22
CA THR O 471 -3.13 33.30 39.84
C THR O 471 -2.34 32.85 41.05
N GLU O 472 -2.87 31.87 41.79
CA GLU O 472 -2.12 31.30 42.90
C GLU O 472 -0.80 30.72 42.42
N ALA O 473 -0.83 29.96 41.33
CA ALA O 473 0.39 29.38 40.80
C ALA O 473 1.32 30.45 40.24
N ILE O 474 0.75 31.49 39.62
CA ILE O 474 1.57 32.59 39.10
C ILE O 474 2.31 33.27 40.24
N LYS O 475 1.60 33.60 41.31
CA LYS O 475 2.24 34.23 42.47
C LYS O 475 3.24 33.28 43.11
N MET O 476 2.92 31.99 43.15
CA MET O 476 3.85 30.99 43.63
C MET O 476 5.16 31.02 42.85
N ALA O 477 5.09 31.14 41.53
CA ALA O 477 6.29 31.19 40.73
C ALA O 477 7.03 32.51 40.90
N ARG O 478 6.29 33.62 40.97
CA ARG O 478 6.93 34.93 41.04
C ARG O 478 7.60 35.15 42.40
N ALA O 479 7.14 34.44 43.43
CA ALA O 479 7.66 34.66 44.78
C ALA O 479 9.12 34.27 44.91
N GLY O 480 9.73 33.74 43.85
CA GLY O 480 11.08 33.25 43.93
C GLY O 480 11.22 31.86 44.50
N LEU O 481 10.10 31.16 44.68
CA LEU O 481 10.11 29.82 45.24
C LEU O 481 10.01 28.73 44.18
N GLY O 482 9.80 29.11 42.92
CA GLY O 482 9.74 28.15 41.85
C GLY O 482 11.10 27.52 41.56
N HIS O 483 11.13 26.71 40.52
CA HIS O 483 12.34 26.00 40.12
C HIS O 483 12.99 26.69 38.94
N GLU O 484 14.33 26.69 38.93
CA GLU O 484 15.07 27.34 37.87
C GLU O 484 15.17 26.50 36.61
N HIS O 485 15.12 25.17 36.74
CA HIS O 485 15.30 24.27 35.61
C HIS O 485 13.97 23.69 35.14
N LYS O 486 12.92 24.49 35.26
CA LYS O 486 11.59 24.22 34.75
C LYS O 486 11.01 25.55 34.31
N PRO O 487 9.99 25.54 33.45
CA PRO O 487 9.35 26.81 33.08
C PRO O 487 8.63 27.42 34.26
N VAL O 488 8.17 28.66 34.07
CA VAL O 488 7.45 29.37 35.13
C VAL O 488 6.21 28.58 35.54
N GLY O 489 5.53 27.97 34.58
CA GLY O 489 4.37 27.17 34.90
C GLY O 489 3.96 26.32 33.72
N SER O 490 3.48 25.12 34.03
CA SER O 490 3.02 24.16 33.02
C SER O 490 1.55 23.91 33.29
N PHE O 491 0.68 24.63 32.58
CA PHE O 491 -0.75 24.64 32.86
C PHE O 491 -1.52 23.92 31.77
N LEU O 492 -2.43 23.05 32.18
CA LEU O 492 -3.35 22.41 31.26
C LEU O 492 -4.76 22.96 31.47
N PHE O 493 -5.34 23.51 30.40
CA PHE O 493 -6.68 24.10 30.44
C PHE O 493 -7.66 23.10 29.86
N ALA O 494 -8.34 22.35 30.73
CA ALA O 494 -9.31 21.34 30.31
C ALA O 494 -10.72 21.90 30.39
N GLY O 495 -11.51 21.68 29.35
CA GLY O 495 -12.88 22.12 29.33
C GLY O 495 -13.39 22.37 27.92
N PRO O 496 -14.69 22.58 27.80
CA PRO O 496 -15.27 22.84 26.47
C PRO O 496 -14.81 24.16 25.89
N THR O 497 -14.99 24.31 24.58
CA THR O 497 -14.51 25.50 23.90
C THR O 497 -15.39 26.71 24.22
N GLY O 498 -14.87 27.89 23.93
CA GLY O 498 -15.64 29.11 24.12
C GLY O 498 -15.84 29.53 25.55
N VAL O 499 -15.03 29.02 26.47
CA VAL O 499 -15.12 29.38 27.88
C VAL O 499 -14.09 30.42 28.26
N GLY O 500 -13.22 30.81 27.32
CA GLY O 500 -12.30 31.91 27.55
C GLY O 500 -10.89 31.53 27.92
N LYS O 501 -10.49 30.27 27.72
CA LYS O 501 -9.12 29.86 28.02
C LYS O 501 -8.13 30.77 27.30
N THR O 502 -8.32 30.96 25.99
CA THR O 502 -7.48 31.89 25.23
C THR O 502 -7.64 33.31 25.75
N GLU O 503 -8.83 33.67 26.21
CA GLU O 503 -9.03 35.01 26.76
C GLU O 503 -8.27 35.18 28.07
N VAL O 504 -8.38 34.21 28.97
CA VAL O 504 -7.56 34.19 30.17
C VAL O 504 -6.09 34.36 29.81
N THR O 505 -5.62 33.61 28.81
CA THR O 505 -4.21 33.63 28.46
C THR O 505 -3.78 34.99 27.93
N VAL O 506 -4.54 35.56 27.01
CA VAL O 506 -4.12 36.82 26.40
C VAL O 506 -4.22 37.96 27.41
N GLN O 507 -5.18 37.90 28.32
CA GLN O 507 -5.24 38.93 29.36
C GLN O 507 -4.13 38.75 30.39
N LEU O 508 -3.73 37.51 30.65
CA LEU O 508 -2.56 37.28 31.51
C LEU O 508 -1.31 37.86 30.87
N SER O 509 -1.17 37.69 29.56
CA SER O 509 -0.04 38.27 28.85
C SER O 509 -0.07 39.79 28.89
N LYS O 510 -1.25 40.39 28.68
CA LYS O 510 -1.34 41.84 28.68
C LYS O 510 -1.09 42.42 30.07
N ALA O 511 -1.52 41.72 31.11
CA ALA O 511 -1.36 42.25 32.46
C ALA O 511 0.10 42.30 32.87
N LEU O 512 0.80 41.18 32.78
CA LEU O 512 2.19 41.11 33.21
C LEU O 512 3.16 41.77 32.24
N GLY O 513 2.66 42.38 31.16
CA GLY O 513 3.54 43.04 30.22
C GLY O 513 4.48 42.14 29.48
N ILE O 514 4.09 40.88 29.25
CA ILE O 514 4.92 39.92 28.56
C ILE O 514 4.26 39.57 27.24
N GLU O 515 5.07 39.05 26.33
CA GLU O 515 4.58 38.72 25.00
C GLU O 515 3.69 37.48 25.03
N LEU O 516 3.10 37.17 23.89
CA LEU O 516 2.22 36.02 23.75
C LEU O 516 2.66 35.19 22.54
N LEU O 517 2.81 33.89 22.76
CA LEU O 517 3.17 32.94 21.72
C LEU O 517 2.01 31.97 21.54
N ARG O 518 1.48 31.90 20.31
CA ARG O 518 0.29 31.12 20.04
C ARG O 518 0.59 30.10 18.95
N PHE O 519 0.38 28.82 19.24
CA PHE O 519 0.51 27.75 18.29
C PHE O 519 -0.70 26.83 18.38
N ASP O 520 -1.02 26.18 17.27
CA ASP O 520 -2.13 25.23 17.21
C ASP O 520 -1.57 23.88 16.80
N MET O 521 -1.73 22.88 17.67
CA MET O 521 -1.21 21.56 17.38
C MET O 521 -2.00 20.84 16.29
N SER O 522 -3.04 21.47 15.76
CA SER O 522 -3.77 20.88 14.64
C SER O 522 -2.89 20.70 13.41
N GLU O 523 -1.89 21.55 13.23
CA GLU O 523 -1.00 21.47 12.09
C GLU O 523 0.22 20.60 12.35
N TYR O 524 0.42 20.14 13.58
CA TYR O 524 1.57 19.31 13.93
C TYR O 524 1.13 17.93 14.40
N MET O 525 0.06 17.40 13.79
CA MET O 525 -0.41 16.07 14.14
C MET O 525 0.27 15.00 13.31
N GLU O 526 0.95 15.38 12.23
CA GLU O 526 1.63 14.44 11.36
C GLU O 526 2.98 14.06 11.94
N ARG O 527 3.60 13.02 11.35
CA ARG O 527 4.90 12.57 11.81
C ARG O 527 6.01 13.51 11.33
N HIS O 528 5.90 14.00 10.10
CA HIS O 528 6.95 14.85 9.53
C HIS O 528 6.88 16.29 10.00
N THR O 529 5.79 16.72 10.64
CA THR O 529 5.60 18.11 11.00
C THR O 529 6.37 18.51 12.25
N VAL O 530 6.86 17.54 13.02
CA VAL O 530 7.52 17.86 14.30
C VAL O 530 8.77 18.70 14.07
N SER O 531 9.48 18.47 12.96
CA SER O 531 10.69 19.23 12.69
C SER O 531 10.43 20.70 12.46
N ARG O 532 9.17 21.11 12.26
CA ARG O 532 8.85 22.51 12.07
C ARG O 532 9.08 23.33 13.34
N LEU O 533 9.11 22.68 14.51
CA LEU O 533 9.26 23.42 15.76
C LEU O 533 10.72 23.76 16.04
N ILE O 534 11.60 22.75 16.01
CA ILE O 534 13.00 22.95 16.36
C ILE O 534 13.85 23.21 15.12
N GLY O 535 13.47 22.64 13.99
CA GLY O 535 14.25 22.82 12.77
C GLY O 535 14.82 21.52 12.26
N ALA O 536 14.92 21.39 10.94
CA ALA O 536 15.43 20.17 10.35
C ALA O 536 16.93 20.04 10.61
N PRO O 537 17.42 18.80 10.69
CA PRO O 537 18.85 18.61 10.91
C PRO O 537 19.63 19.12 9.72
N PRO O 538 20.92 19.44 9.90
CA PRO O 538 21.71 19.99 8.81
C PRO O 538 21.74 19.08 7.59
N GLY O 539 21.68 19.69 6.42
CA GLY O 539 21.68 18.98 5.17
C GLY O 539 20.32 18.77 4.56
N TYR O 540 19.25 19.01 5.31
CA TYR O 540 17.91 18.74 4.86
C TYR O 540 17.13 20.03 4.63
N VAL O 541 15.97 19.90 3.98
CA VAL O 541 15.19 21.07 3.62
C VAL O 541 14.69 21.78 4.86
N GLY O 542 14.64 23.11 4.80
CA GLY O 542 14.19 23.91 5.91
C GLY O 542 15.16 24.02 7.07
N PHE O 543 16.43 23.67 6.86
CA PHE O 543 17.41 23.84 7.92
C PHE O 543 17.67 25.32 8.21
N ASP O 544 18.00 26.09 7.19
CA ASP O 544 18.21 27.53 7.37
C ASP O 544 16.92 28.26 7.75
N GLN O 545 15.77 27.61 7.59
CA GLN O 545 14.54 28.15 8.17
C GLN O 545 14.62 28.19 9.68
N GLY O 546 15.42 27.32 10.28
CA GLY O 546 15.47 27.22 11.73
C GLY O 546 14.17 26.68 12.28
N GLY O 547 14.03 26.84 13.60
CA GLY O 547 12.82 26.46 14.28
C GLY O 547 11.79 27.57 14.28
N LEU O 548 10.62 27.24 14.84
CA LEU O 548 9.56 28.20 15.08
C LEU O 548 9.28 28.38 16.56
N LEU O 549 9.22 27.28 17.31
CA LEU O 549 9.10 27.38 18.76
C LEU O 549 10.36 27.98 19.37
N THR O 550 11.51 27.36 19.10
CA THR O 550 12.76 27.84 19.70
C THR O 550 13.10 29.23 19.19
N ASP O 551 12.78 29.53 17.94
CA ASP O 551 13.08 30.85 17.40
C ASP O 551 12.28 31.93 18.11
N ALA O 552 10.97 31.72 18.27
CA ALA O 552 10.14 32.68 18.99
C ALA O 552 10.58 32.79 20.45
N VAL O 553 10.95 31.67 21.07
CA VAL O 553 11.36 31.70 22.47
C VAL O 553 12.64 32.50 22.63
N ILE O 554 13.60 32.34 21.71
CA ILE O 554 14.81 33.14 21.74
C ILE O 554 14.48 34.61 21.48
N LYS O 555 13.49 34.85 20.61
CA LYS O 555 13.09 36.23 20.32
C LYS O 555 12.40 36.87 21.52
N HIS O 556 11.59 36.11 22.25
CA HIS O 556 10.80 36.62 23.37
C HIS O 556 10.89 35.65 24.53
N PRO O 557 11.92 35.78 25.37
CA PRO O 557 12.14 34.78 26.42
C PRO O 557 11.17 34.88 27.58
N HIS O 558 10.36 35.93 27.67
CA HIS O 558 9.49 36.14 28.81
C HIS O 558 8.01 35.93 28.49
N ALA O 559 7.70 35.53 27.27
CA ALA O 559 6.31 35.41 26.85
C ALA O 559 5.63 34.25 27.55
N VAL O 560 4.32 34.16 27.36
CA VAL O 560 3.55 33.01 27.80
C VAL O 560 3.22 32.15 26.58
N LEU O 561 3.51 30.86 26.67
CA LEU O 561 3.38 29.94 25.55
C LEU O 561 1.96 29.38 25.54
N LEU O 562 1.26 29.57 24.42
CA LEU O 562 -0.09 29.08 24.24
C LEU O 562 -0.08 28.02 23.14
N LEU O 563 -0.59 26.83 23.45
CA LEU O 563 -0.64 25.71 22.52
C LEU O 563 -2.08 25.21 22.45
N ASP O 564 -2.72 25.44 21.31
CA ASP O 564 -4.11 25.03 21.15
C ASP O 564 -4.21 23.57 20.76
N GLU O 565 -5.18 22.87 21.37
CA GLU O 565 -5.48 21.48 21.04
C GLU O 565 -4.26 20.58 21.22
N ILE O 566 -3.75 20.55 22.45
CA ILE O 566 -2.54 19.76 22.72
C ILE O 566 -2.80 18.28 22.51
N GLU O 567 -4.04 17.82 22.75
CA GLU O 567 -4.37 16.42 22.57
C GLU O 567 -4.31 15.96 21.12
N LYS O 568 -4.15 16.88 20.18
CA LYS O 568 -4.04 16.53 18.77
C LYS O 568 -2.59 16.35 18.33
N ALA O 569 -1.64 16.86 19.10
CA ALA O 569 -0.25 16.88 18.68
C ALA O 569 0.29 15.46 18.51
N HIS O 570 1.21 15.31 17.56
CA HIS O 570 1.84 14.03 17.35
C HIS O 570 2.76 13.70 18.52
N PRO O 571 2.83 12.44 18.95
CA PRO O 571 3.62 12.09 20.15
C PRO O 571 5.05 12.63 20.17
N ASP O 572 5.67 12.89 19.02
CA ASP O 572 6.99 13.51 19.04
C ASP O 572 6.96 14.91 19.64
N VAL O 573 5.92 15.69 19.32
CA VAL O 573 5.72 16.96 20.00
C VAL O 573 5.56 16.77 21.49
N PHE O 574 4.93 15.68 21.91
CA PHE O 574 4.80 15.38 23.33
C PHE O 574 6.15 15.07 23.97
N ASN O 575 7.05 14.36 23.27
CA ASN O 575 8.38 14.15 23.80
C ASN O 575 9.16 15.46 23.91
N ILE O 576 9.01 16.33 22.90
CA ILE O 576 9.64 17.65 22.97
C ILE O 576 9.14 18.42 24.19
N LEU O 577 7.83 18.43 24.40
CA LEU O 577 7.26 19.17 25.52
C LEU O 577 7.64 18.53 26.85
N LEU O 578 7.80 17.20 26.87
CA LEU O 578 8.26 16.55 28.08
C LEU O 578 9.67 17.00 28.44
N GLN O 579 10.58 17.00 27.47
CA GLN O 579 11.93 17.46 27.73
C GLN O 579 11.94 18.93 28.12
N VAL O 580 11.02 19.72 27.57
CA VAL O 580 10.92 21.14 27.95
C VAL O 580 10.51 21.27 29.41
N MET O 581 9.35 20.71 29.75
CA MET O 581 8.84 20.83 31.11
C MET O 581 9.79 20.23 32.13
N ASP O 582 10.61 19.26 31.72
CA ASP O 582 11.52 18.66 32.69
C ASP O 582 12.80 19.47 32.86
N ASN O 583 13.35 20.02 31.78
CA ASN O 583 14.62 20.72 31.86
C ASN O 583 14.51 22.21 31.57
N GLY O 584 13.43 22.66 30.95
CA GLY O 584 13.24 24.08 30.72
C GLY O 584 14.16 24.71 29.69
N THR O 585 14.73 23.92 28.79
CA THR O 585 15.56 24.49 27.73
C THR O 585 15.48 23.60 26.51
N LEU O 586 15.57 24.23 25.34
CA LEU O 586 15.59 23.52 24.07
C LEU O 586 16.80 23.98 23.25
N THR O 587 17.20 23.13 22.31
CA THR O 587 18.37 23.39 21.48
C THR O 587 17.96 23.59 20.03
N ASP O 588 18.25 24.76 19.50
CA ASP O 588 17.98 25.04 18.10
C ASP O 588 18.88 24.18 17.21
N ASN O 589 18.44 23.99 15.96
CA ASN O 589 19.24 23.18 15.04
C ASN O 589 20.55 23.84 14.66
N ASN O 590 20.77 25.10 15.04
CA ASN O 590 22.05 25.76 14.88
C ASN O 590 22.90 25.70 16.15
N GLY O 591 22.43 24.97 17.16
CA GLY O 591 23.17 24.81 18.40
C GLY O 591 22.88 25.84 19.47
N ARG O 592 22.01 26.81 19.21
CA ARG O 592 21.67 27.80 20.22
C ARG O 592 20.78 27.20 21.30
N LYS O 593 20.78 27.84 22.46
CA LYS O 593 20.01 27.38 23.61
C LYS O 593 18.78 28.26 23.78
N ALA O 594 17.61 27.63 23.74
CA ALA O 594 16.34 28.33 23.96
C ALA O 594 15.95 28.16 25.42
N ASP O 595 15.88 29.28 26.14
CA ASP O 595 15.60 29.27 27.58
C ASP O 595 14.09 29.33 27.79
N PHE O 596 13.57 28.34 28.52
CA PHE O 596 12.15 28.27 28.83
C PHE O 596 11.83 28.57 30.29
N ARG O 597 12.85 28.84 31.11
CA ARG O 597 12.63 29.09 32.53
C ARG O 597 11.93 30.41 32.78
N ASN O 598 11.75 31.24 31.76
CA ASN O 598 11.06 32.52 31.92
C ASN O 598 9.75 32.59 31.16
N VAL O 599 9.26 31.47 30.64
CA VAL O 599 7.99 31.43 29.94
C VAL O 599 6.99 30.62 30.74
N VAL O 600 5.71 30.93 30.56
CA VAL O 600 4.62 30.21 31.19
C VAL O 600 4.01 29.29 30.15
N LEU O 601 4.18 27.99 30.31
CA LEU O 601 3.70 26.99 29.37
C LEU O 601 2.23 26.74 29.64
N VAL O 602 1.36 27.21 28.74
CA VAL O 602 -0.08 27.07 28.87
C VAL O 602 -0.58 26.23 27.71
N MET O 603 -1.29 25.14 28.01
CA MET O 603 -1.82 24.23 27.02
C MET O 603 -3.33 24.11 27.20
N THR O 604 -4.07 24.23 26.10
CA THR O 604 -5.52 24.12 26.12
C THR O 604 -5.96 22.90 25.35
N THR O 605 -7.05 22.29 25.81
CA THR O 605 -7.67 21.18 25.10
C THR O 605 -9.17 21.40 25.09
N ASN O 606 -9.84 20.77 24.12
CA ASN O 606 -11.29 20.74 24.07
C ASN O 606 -11.85 19.39 24.50
N ALA O 607 -11.17 18.70 25.42
CA ALA O 607 -11.63 17.40 25.88
C ALA O 607 -12.93 17.51 26.65
N GLY O 608 -12.93 18.25 27.75
CA GLY O 608 -14.11 18.40 28.58
C GLY O 608 -15.21 19.22 27.94
N SER O 625 -14.60 18.21 36.54
CA SER O 625 -15.12 17.26 37.52
C SER O 625 -14.35 15.95 37.48
N THR O 626 -14.83 14.96 38.24
CA THR O 626 -14.13 13.67 38.30
C THR O 626 -14.18 12.95 36.96
N ASP O 627 -15.29 13.08 36.22
CA ASP O 627 -15.36 12.47 34.90
C ASP O 627 -14.39 13.12 33.92
N ALA O 628 -14.28 14.46 33.95
CA ALA O 628 -13.28 15.12 33.13
C ALA O 628 -11.88 14.70 33.53
N MET O 629 -11.63 14.51 34.82
CA MET O 629 -10.31 14.07 35.27
C MET O 629 -10.00 12.69 34.74
N GLU O 630 -10.95 11.76 34.85
CA GLU O 630 -10.74 10.41 34.34
C GLU O 630 -10.55 10.42 32.82
N GLU O 631 -11.30 11.26 32.12
CA GLU O 631 -11.11 11.41 30.69
C GLU O 631 -9.70 11.91 30.37
N ILE O 632 -9.20 12.85 31.16
CA ILE O 632 -7.86 13.39 30.94
C ILE O 632 -6.80 12.33 31.21
N LYS O 633 -7.01 11.51 32.24
CA LYS O 633 -6.10 10.40 32.49
C LYS O 633 -5.97 9.49 31.28
N LYS O 634 -7.10 9.17 30.63
CA LYS O 634 -7.03 8.37 29.43
C LYS O 634 -6.14 9.05 28.41
N ILE O 635 -6.61 10.13 27.80
CA ILE O 635 -6.01 10.69 26.59
C ILE O 635 -4.56 11.11 26.80
N PHE O 636 -4.19 11.50 28.01
CA PHE O 636 -2.84 12.02 28.28
C PHE O 636 -2.03 10.96 29.03
N THR O 637 -0.84 10.70 28.49
CA THR O 637 0.08 9.74 29.07
C THR O 637 0.47 10.16 30.48
N PRO O 638 0.63 9.20 31.39
CA PRO O 638 0.98 9.54 32.78
C PRO O 638 2.32 10.23 32.91
N GLU O 639 3.26 9.96 32.00
CA GLU O 639 4.55 10.63 32.04
C GLU O 639 4.41 12.12 31.77
N PHE O 640 3.39 12.49 31.00
CA PHE O 640 3.12 13.90 30.73
C PHE O 640 2.33 14.54 31.87
N ARG O 641 1.29 13.85 32.36
CA ARG O 641 0.49 14.40 33.44
C ARG O 641 1.32 14.61 34.70
N ASN O 642 2.21 13.66 35.02
CA ASN O 642 3.09 13.80 36.17
C ASN O 642 4.02 15.00 36.07
N ARG O 643 4.30 15.47 34.86
CA ARG O 643 5.18 16.62 34.65
C ARG O 643 4.44 17.95 34.71
N LEU O 644 3.11 17.93 34.73
CA LEU O 644 2.32 19.14 34.74
C LEU O 644 2.38 19.83 36.10
N ASP O 645 2.44 21.17 36.07
CA ASP O 645 2.40 21.92 37.31
C ASP O 645 1.01 21.89 37.93
N ASN O 646 -0.02 22.20 37.16
CA ASN O 646 -1.38 22.22 37.67
C ASN O 646 -2.34 22.09 36.49
N ILE O 647 -3.39 21.30 36.68
CA ILE O 647 -4.44 21.12 35.69
C ILE O 647 -5.60 22.02 36.07
N ILE O 648 -5.99 22.90 35.16
CA ILE O 648 -7.03 23.89 35.40
C ILE O 648 -8.25 23.54 34.57
N TRP O 649 -9.37 23.29 35.24
CA TRP O 649 -10.62 22.95 34.58
C TRP O 649 -11.46 24.20 34.38
N PHE O 650 -12.08 24.29 33.21
CA PHE O 650 -12.92 25.42 32.85
C PHE O 650 -14.35 24.94 32.70
N ASP O 651 -15.21 25.35 33.64
CA ASP O 651 -16.57 24.86 33.65
C ASP O 651 -17.38 25.49 32.53
N HIS O 652 -18.57 24.94 32.30
CA HIS O 652 -19.44 25.46 31.25
C HIS O 652 -19.89 26.88 31.58
N LEU O 653 -20.19 27.63 30.53
CA LEU O 653 -20.64 29.01 30.70
C LEU O 653 -22.13 29.03 31.04
N SER O 654 -22.46 29.77 32.10
CA SER O 654 -23.86 29.88 32.51
C SER O 654 -24.54 31.03 31.79
N THR O 655 -25.88 30.98 31.76
CA THR O 655 -26.65 31.92 30.96
C THR O 655 -26.46 33.35 31.43
N ASP O 656 -26.34 33.57 32.74
CA ASP O 656 -26.02 34.91 33.22
C ASP O 656 -24.61 35.32 32.79
N VAL O 657 -23.70 34.35 32.72
CA VAL O 657 -22.36 34.66 32.22
C VAL O 657 -22.42 34.99 30.73
N ILE O 658 -23.29 34.32 29.98
CA ILE O 658 -23.46 34.64 28.56
C ILE O 658 -24.02 36.04 28.41
N HIS O 659 -24.98 36.42 29.27
CA HIS O 659 -25.47 37.79 29.27
C HIS O 659 -24.35 38.76 29.60
N GLN O 660 -23.48 38.40 30.54
CA GLN O 660 -22.39 39.30 30.91
C GLN O 660 -21.41 39.48 29.75
N VAL O 661 -21.11 38.40 29.02
CA VAL O 661 -20.19 38.54 27.90
C VAL O 661 -20.83 39.30 26.75
N VAL O 662 -22.14 39.14 26.56
CA VAL O 662 -22.80 39.91 25.51
C VAL O 662 -22.86 41.39 25.90
N ASP O 663 -23.00 41.67 27.19
CA ASP O 663 -22.92 43.06 27.65
C ASP O 663 -21.50 43.60 27.51
N LYS O 664 -20.50 42.73 27.66
CA LYS O 664 -19.12 43.12 27.41
C LYS O 664 -18.94 43.53 25.94
N PHE O 665 -19.47 42.73 25.03
CA PHE O 665 -19.45 43.10 23.62
C PHE O 665 -20.18 44.42 23.38
N ILE O 666 -21.32 44.59 24.06
CA ILE O 666 -22.13 45.79 23.87
C ILE O 666 -21.38 47.03 24.35
N VAL O 667 -20.71 46.93 25.50
CA VAL O 667 -20.01 48.10 26.04
C VAL O 667 -18.75 48.39 25.23
N GLU O 668 -18.11 47.34 24.68
CA GLU O 668 -17.01 47.59 23.76
C GLU O 668 -17.48 48.33 22.53
N LEU O 669 -18.60 47.89 21.94
CA LEU O 669 -19.16 48.61 20.80
C LEU O 669 -19.54 50.03 21.19
N GLN O 670 -20.03 50.22 22.42
CA GLN O 670 -20.44 51.54 22.88
C GLN O 670 -19.25 52.48 22.97
N VAL O 671 -18.16 52.04 23.60
CA VAL O 671 -16.99 52.90 23.72
C VAL O 671 -16.36 53.15 22.35
N GLN O 672 -16.41 52.15 21.46
CA GLN O 672 -15.94 52.35 20.10
C GLN O 672 -16.74 53.43 19.40
N LEU O 673 -18.06 53.42 19.58
CA LEU O 673 -18.91 54.45 18.98
C LEU O 673 -18.68 55.81 19.64
N ASP O 674 -18.33 55.81 20.93
CA ASP O 674 -18.07 57.08 21.60
C ASP O 674 -16.78 57.72 21.10
N GLN O 675 -15.79 56.90 20.75
CA GLN O 675 -14.64 57.46 20.04
C GLN O 675 -15.08 58.13 18.73
N LYS O 676 -16.14 57.62 18.10
CA LYS O 676 -16.74 58.28 16.96
C LYS O 676 -17.68 59.41 17.35
N GLY O 677 -18.41 59.26 18.45
CA GLY O 677 -19.34 60.28 18.90
C GLY O 677 -20.80 59.99 18.66
N VAL O 678 -21.19 58.72 18.53
CA VAL O 678 -22.58 58.33 18.38
C VAL O 678 -22.96 57.43 19.55
N SER O 679 -24.08 57.73 20.19
CA SER O 679 -24.52 56.92 21.32
C SER O 679 -25.27 55.68 20.84
N LEU O 680 -25.42 54.71 21.73
CA LEU O 680 -26.08 53.45 21.40
C LEU O 680 -26.94 52.99 22.55
N GLU O 681 -28.15 52.54 22.24
CA GLU O 681 -29.04 51.90 23.20
C GLU O 681 -29.34 50.49 22.71
N VAL O 682 -29.30 49.53 23.64
CA VAL O 682 -29.67 48.14 23.35
C VAL O 682 -30.68 47.70 24.40
N SER O 683 -31.83 47.24 23.94
CA SER O 683 -32.86 46.76 24.86
C SER O 683 -32.43 45.43 25.47
N GLN O 684 -33.04 45.12 26.62
CA GLN O 684 -32.65 43.93 27.37
C GLN O 684 -33.01 42.65 26.61
N GLU O 685 -34.19 42.62 26.00
CA GLU O 685 -34.58 41.43 25.23
C GLU O 685 -33.68 41.25 24.02
N ALA O 686 -33.16 42.35 23.47
CA ALA O 686 -32.20 42.23 22.38
C ALA O 686 -30.92 41.57 22.87
N ARG O 687 -30.45 41.94 24.06
CA ARG O 687 -29.28 41.29 24.64
C ARG O 687 -29.55 39.81 24.89
N ASN O 688 -30.74 39.47 25.38
CA ASN O 688 -31.05 38.07 25.61
C ASN O 688 -31.09 37.28 24.31
N TRP O 689 -31.64 37.87 23.26
CA TRP O 689 -31.68 37.20 21.96
C TRP O 689 -30.29 37.00 21.39
N LEU O 690 -29.44 38.04 21.48
CA LEU O 690 -28.07 37.89 21.02
C LEU O 690 -27.33 36.82 21.81
N ALA O 691 -27.55 36.77 23.13
CA ALA O 691 -26.87 35.80 23.96
C ALA O 691 -27.32 34.38 23.62
N GLU O 692 -28.61 34.19 23.35
CA GLU O 692 -29.10 32.85 23.06
C GLU O 692 -28.74 32.40 21.65
N LYS O 693 -28.64 33.35 20.71
CA LYS O 693 -28.42 32.97 19.32
C LYS O 693 -26.95 32.77 19.02
N GLY O 694 -26.07 33.55 19.64
CA GLY O 694 -24.65 33.46 19.39
C GLY O 694 -23.88 32.50 20.26
N TYR O 695 -24.57 31.79 21.16
CA TYR O 695 -23.93 30.85 22.07
C TYR O 695 -24.39 29.44 21.77
N ASP O 696 -23.46 28.50 21.83
CA ASP O 696 -23.75 27.08 21.66
C ASP O 696 -22.97 26.33 22.73
N ARG O 697 -23.62 25.33 23.34
CA ARG O 697 -22.93 24.53 24.34
C ARG O 697 -21.70 23.85 23.75
N ALA O 698 -21.75 23.52 22.45
CA ALA O 698 -20.64 22.86 21.80
C ALA O 698 -19.64 23.83 21.17
N MET O 699 -19.95 25.12 21.13
CA MET O 699 -19.04 26.10 20.57
C MET O 699 -18.72 27.24 21.53
N GLY O 700 -19.45 27.37 22.64
CA GLY O 700 -19.15 28.44 23.58
C GLY O 700 -19.50 29.80 23.00
N ALA O 701 -18.71 30.81 23.39
CA ALA O 701 -18.95 32.17 22.97
C ALA O 701 -18.23 32.54 21.68
N ARG O 702 -17.77 31.56 20.90
CA ARG O 702 -17.10 31.85 19.64
C ARG O 702 -18.02 32.52 18.62
N PRO O 703 -19.26 32.06 18.39
CA PRO O 703 -20.11 32.77 17.40
C PRO O 703 -20.57 34.14 17.86
N MET O 704 -20.26 34.54 19.10
CA MET O 704 -20.73 35.82 19.60
C MET O 704 -20.11 37.00 18.85
N ALA O 705 -18.84 36.90 18.48
CA ALA O 705 -18.22 37.96 17.69
C ALA O 705 -18.94 38.13 16.36
N ARG O 706 -19.20 37.04 15.66
CA ARG O 706 -19.92 37.09 14.39
C ARG O 706 -21.32 37.64 14.54
N VAL O 707 -22.05 37.22 15.59
CA VAL O 707 -23.40 37.72 15.79
C VAL O 707 -23.37 39.22 16.05
N ILE O 708 -22.53 39.66 17.01
CA ILE O 708 -22.40 41.08 17.28
C ILE O 708 -22.12 41.85 16.00
N GLN O 709 -21.13 41.39 15.23
CA GLN O 709 -20.76 42.09 14.01
C GLN O 709 -21.94 42.17 13.03
N ASP O 710 -22.40 41.03 12.53
CA ASP O 710 -23.37 41.06 11.44
C ASP O 710 -24.72 41.64 11.87
N ASN O 711 -25.00 41.69 13.17
CA ASN O 711 -26.27 42.24 13.62
C ASN O 711 -26.20 43.72 14.00
N LEU O 712 -25.04 44.22 14.45
CA LEU O 712 -24.95 45.58 14.95
C LEU O 712 -24.06 46.46 14.08
N LYS O 713 -22.87 45.97 13.72
CA LYS O 713 -21.92 46.83 13.03
C LYS O 713 -22.37 47.11 11.60
N LYS O 714 -22.98 46.13 10.93
CA LYS O 714 -23.38 46.32 9.54
C LYS O 714 -24.45 47.39 9.36
N PRO O 715 -25.60 47.24 10.01
CA PRO O 715 -26.67 48.24 9.89
C PRO O 715 -26.17 49.63 10.27
N LEU O 716 -25.49 49.72 11.40
CA LEU O 716 -24.93 50.96 11.91
C LEU O 716 -23.86 51.50 10.97
N ALA O 717 -23.07 50.62 10.35
CA ALA O 717 -22.07 51.08 9.38
C ALA O 717 -22.75 51.73 8.18
N ASN O 718 -23.83 51.13 7.69
CA ASN O 718 -24.59 51.77 6.62
C ASN O 718 -25.06 53.15 7.04
N GLU O 719 -25.78 53.23 8.16
CA GLU O 719 -26.33 54.51 8.61
C GLU O 719 -25.23 55.56 8.81
N LEU O 720 -24.04 55.12 9.26
CA LEU O 720 -22.97 56.07 9.56
C LEU O 720 -22.24 56.52 8.31
N LEU O 721 -21.82 55.58 7.46
CA LEU O 721 -21.00 55.93 6.31
C LEU O 721 -21.83 56.61 5.24
N PHE O 722 -23.04 56.11 4.97
CA PHE O 722 -23.86 56.76 3.94
C PHE O 722 -24.40 58.11 4.41
N GLY O 723 -24.25 58.40 5.70
CA GLY O 723 -24.57 59.72 6.21
C GLY O 723 -25.97 59.88 6.78
N SER O 724 -26.76 58.81 6.86
CA SER O 724 -28.08 58.95 7.46
C SER O 724 -27.98 59.08 8.98
N LEU O 725 -27.01 58.41 9.59
CA LEU O 725 -26.70 58.56 11.00
C LEU O 725 -25.35 59.27 11.10
N VAL O 726 -25.34 60.43 11.75
CA VAL O 726 -24.17 61.30 11.77
C VAL O 726 -23.81 61.62 13.21
N ASP O 727 -22.83 62.51 13.35
CA ASP O 727 -22.40 63.00 14.65
C ASP O 727 -23.57 63.64 15.39
N GLY O 728 -23.97 63.02 16.50
CA GLY O 728 -25.10 63.48 17.28
C GLY O 728 -26.26 62.51 17.33
N GLY O 729 -26.17 61.36 16.67
CA GLY O 729 -27.24 60.39 16.70
C GLY O 729 -27.13 59.43 17.87
N GLN O 730 -28.17 58.63 18.04
CA GLN O 730 -28.22 57.64 19.10
C GLN O 730 -28.84 56.36 18.55
N VAL O 731 -28.07 55.27 18.61
CA VAL O 731 -28.48 54.01 18.02
C VAL O 731 -29.33 53.25 19.01
N THR O 732 -30.49 52.78 18.55
CA THR O 732 -31.44 52.03 19.36
C THR O 732 -31.52 50.61 18.82
N VAL O 733 -31.75 49.66 19.70
CA VAL O 733 -31.84 48.24 19.33
C VAL O 733 -33.10 47.67 19.93
N ALA O 734 -34.08 47.37 19.08
CA ALA O 734 -35.36 46.85 19.52
C ALA O 734 -35.65 45.53 18.82
N LEU O 735 -36.11 44.56 19.59
CA LEU O 735 -36.40 43.23 19.09
C LEU O 735 -37.92 43.04 18.97
N ASP O 736 -38.34 42.60 17.80
CA ASP O 736 -39.75 42.32 17.52
C ASP O 736 -39.91 40.83 17.27
N LYS O 737 -40.70 40.16 18.11
CA LYS O 737 -40.85 38.72 18.01
C LYS O 737 -41.46 38.31 16.67
N GLU O 738 -42.26 39.18 16.08
CA GLU O 738 -42.82 38.94 14.76
C GLU O 738 -41.81 39.18 13.63
N LYS O 739 -40.62 39.68 13.96
CA LYS O 739 -39.58 39.90 12.97
C LYS O 739 -38.26 39.27 13.41
N ASN O 740 -38.06 39.16 14.72
CA ASN O 740 -36.84 38.60 15.31
C ASN O 740 -35.60 39.36 14.84
N GLU O 741 -35.81 40.59 14.39
CA GLU O 741 -34.73 41.44 13.94
C GLU O 741 -34.56 42.62 14.90
N LEU O 742 -33.43 43.32 14.74
CA LEU O 742 -33.12 44.50 15.53
C LEU O 742 -33.42 45.74 14.71
N THR O 743 -34.22 46.64 15.25
CA THR O 743 -34.59 47.90 14.60
C THR O 743 -33.84 49.03 15.26
N TYR O 744 -33.76 50.18 14.58
CA TYR O 744 -32.95 51.28 15.04
C TYR O 744 -33.56 52.60 14.60
N GLY O 745 -32.78 53.66 14.78
CA GLY O 745 -33.21 55.00 14.41
C GLY O 745 -32.03 55.93 14.42
N PHE O 746 -32.33 57.22 14.30
CA PHE O 746 -31.29 58.25 14.34
C PHE O 746 -30.62 58.30 15.71
N MET P 169 68.30 41.15 -5.12
CA MET P 169 68.35 40.37 -3.90
C MET P 169 68.89 41.20 -2.75
N GLU P 170 68.99 42.52 -2.96
CA GLU P 170 69.61 43.39 -1.97
C GLU P 170 68.69 43.66 -0.78
N ASN P 171 67.43 44.00 -1.02
CA ASN P 171 66.50 44.28 0.07
C ASN P 171 65.20 43.51 -0.05
N PHE P 172 65.13 42.52 -0.95
CA PHE P 172 63.91 41.73 -1.12
C PHE P 172 64.01 40.44 -0.33
N THR P 173 65.18 39.84 -0.34
CA THR P 173 65.41 38.54 0.29
C THR P 173 66.50 38.65 1.35
N THR P 174 66.52 37.67 2.25
CA THR P 174 67.52 37.56 3.28
C THR P 174 68.45 36.39 3.01
N ASN P 175 69.75 36.64 3.06
CA ASN P 175 70.76 35.60 2.87
C ASN P 175 70.76 34.70 4.10
N LEU P 176 70.18 33.50 3.96
CA LEU P 176 70.12 32.58 5.09
C LEU P 176 71.48 32.12 5.57
N ASN P 177 72.48 32.15 4.71
CA ASN P 177 73.82 31.73 5.14
C ASN P 177 74.35 32.64 6.24
N GLN P 178 74.23 33.95 6.08
CA GLN P 178 74.72 34.87 7.11
C GLN P 178 73.86 34.80 8.35
N LEU P 179 72.57 34.48 8.20
CA LEU P 179 71.71 34.35 9.38
C LEU P 179 72.08 33.11 10.19
N ALA P 180 72.40 32.00 9.52
CA ALA P 180 72.93 30.85 10.23
C ALA P 180 74.31 31.15 10.81
N ARG P 181 75.08 31.98 10.10
CA ARG P 181 76.41 32.40 10.55
C ARG P 181 76.35 33.15 11.86
N VAL P 182 75.38 34.03 12.05
CA VAL P 182 75.19 34.75 13.30
C VAL P 182 74.37 33.96 14.30
N GLY P 183 74.07 32.70 14.00
CA GLY P 183 73.33 31.85 14.91
C GLY P 183 71.84 32.10 14.95
N GLY P 184 71.28 32.77 13.95
CA GLY P 184 69.87 33.06 13.95
C GLY P 184 68.97 31.93 13.49
N ILE P 185 69.55 30.82 13.06
CA ILE P 185 68.82 29.70 12.50
C ILE P 185 69.06 28.47 13.36
N ASP P 186 67.97 27.87 13.85
CA ASP P 186 68.07 26.68 14.68
C ASP P 186 68.70 25.54 13.89
N PRO P 187 69.37 24.60 14.57
CA PRO P 187 69.97 23.47 13.87
C PRO P 187 68.91 22.54 13.30
N LEU P 188 69.34 21.70 12.37
CA LEU P 188 68.50 20.64 11.83
C LEU P 188 69.06 19.29 12.25
N ILE P 189 68.31 18.57 13.07
CA ILE P 189 68.71 17.27 13.60
C ILE P 189 68.01 16.19 12.78
N GLY P 190 68.77 15.20 12.32
CA GLY P 190 68.18 14.12 11.56
C GLY P 190 67.80 14.55 10.16
N ARG P 191 66.73 13.93 9.64
CA ARG P 191 66.22 14.23 8.31
C ARG P 191 67.29 13.99 7.24
N GLU P 192 67.90 12.80 7.28
CA GLU P 192 68.96 12.48 6.33
C GLU P 192 68.40 12.22 4.94
N LYS P 193 67.32 11.43 4.86
CA LYS P 193 66.76 11.07 3.57
C LYS P 193 66.10 12.25 2.87
N GLU P 194 65.39 13.11 3.61
CA GLU P 194 64.75 14.26 2.99
C GLU P 194 65.79 15.21 2.43
N LEU P 195 66.84 15.51 3.20
CA LEU P 195 67.91 16.37 2.69
C LEU P 195 68.65 15.71 1.53
N GLU P 196 68.82 14.39 1.60
CA GLU P 196 69.49 13.69 0.51
C GLU P 196 68.69 13.78 -0.78
N ARG P 197 67.38 13.58 -0.72
CA ARG P 197 66.56 13.69 -1.92
C ARG P 197 66.50 15.13 -2.41
N ALA P 198 66.49 16.10 -1.50
CA ALA P 198 66.50 17.49 -1.92
C ALA P 198 67.79 17.84 -2.65
N ILE P 199 68.91 17.33 -2.16
CA ILE P 199 70.18 17.60 -2.82
C ILE P 199 70.27 16.87 -4.15
N GLN P 200 69.72 15.65 -4.22
CA GLN P 200 69.64 14.95 -5.50
C GLN P 200 68.84 15.75 -6.51
N VAL P 201 67.72 16.33 -6.09
CA VAL P 201 66.91 17.13 -6.99
C VAL P 201 67.67 18.38 -7.41
N LEU P 202 68.35 19.02 -6.47
CA LEU P 202 69.02 20.28 -6.77
C LEU P 202 70.19 20.10 -7.72
N CYS P 203 70.61 18.85 -7.95
CA CYS P 203 71.70 18.58 -8.88
C CYS P 203 71.20 18.16 -10.27
N ARG P 204 69.89 18.13 -10.49
CA ARG P 204 69.36 17.76 -11.79
C ARG P 204 69.74 18.80 -12.85
N ARG P 205 69.72 18.38 -14.11
CA ARG P 205 70.02 19.30 -15.19
C ARG P 205 68.87 20.27 -15.44
N ARG P 206 67.64 19.78 -15.43
CA ARG P 206 66.47 20.60 -15.66
C ARG P 206 65.47 20.39 -14.52
N LYS P 207 64.69 21.43 -14.24
CA LYS P 207 63.66 21.38 -13.21
C LYS P 207 64.24 21.00 -11.85
N ASN P 208 65.47 21.43 -11.58
CA ASN P 208 66.11 21.16 -10.30
C ASN P 208 65.55 22.08 -9.21
N ASN P 209 64.28 21.85 -8.89
CA ASN P 209 63.56 22.69 -7.93
C ASN P 209 62.79 21.80 -6.96
N PRO P 210 63.38 21.49 -5.81
CA PRO P 210 62.68 20.65 -4.83
C PRO P 210 61.54 21.41 -4.18
N LEU P 211 60.39 20.75 -4.10
CA LEU P 211 59.22 21.32 -3.44
C LEU P 211 58.91 20.48 -2.22
N LEU P 212 59.18 21.04 -1.04
CA LEU P 212 58.96 20.35 0.22
C LEU P 212 57.54 20.55 0.68
N VAL P 213 56.73 19.52 0.60
CA VAL P 213 55.32 19.59 0.98
C VAL P 213 55.02 18.56 2.05
N GLY P 214 54.39 19.03 3.13
CA GLY P 214 53.99 18.15 4.21
C GLY P 214 52.94 18.82 5.05
N GLU P 215 52.55 18.17 6.13
CA GLU P 215 51.53 18.72 7.01
C GLU P 215 52.05 19.97 7.72
N SER P 216 51.13 20.66 8.38
CA SER P 216 51.50 21.87 9.11
C SER P 216 52.22 21.52 10.40
N GLY P 217 53.39 22.14 10.60
CA GLY P 217 54.17 21.89 11.79
C GLY P 217 55.18 20.78 11.68
N VAL P 218 55.36 20.18 10.49
CA VAL P 218 56.31 19.10 10.34
C VAL P 218 57.75 19.60 10.24
N GLY P 219 57.96 20.80 9.72
CA GLY P 219 59.29 21.38 9.71
C GLY P 219 59.92 21.51 8.34
N LYS P 220 59.11 21.78 7.31
CA LYS P 220 59.66 22.00 5.98
C LYS P 220 60.51 23.26 5.96
N THR P 221 59.98 24.36 6.50
CA THR P 221 60.79 25.56 6.70
C THR P 221 62.04 25.23 7.49
N ALA P 222 61.90 24.35 8.49
CA ALA P 222 63.06 23.89 9.25
C ALA P 222 64.02 23.12 8.36
N ILE P 223 63.50 22.30 7.43
CA ILE P 223 64.38 21.57 6.53
C ILE P 223 65.21 22.53 5.70
N ALA P 224 64.57 23.56 5.15
CA ALA P 224 65.31 24.51 4.31
C ALA P 224 66.34 25.30 5.12
N GLU P 225 65.91 25.85 6.26
CA GLU P 225 66.83 26.64 7.07
C GLU P 225 67.97 25.77 7.60
N GLY P 226 67.68 24.50 7.87
CA GLY P 226 68.73 23.60 8.33
C GLY P 226 69.67 23.20 7.22
N LEU P 227 69.18 23.12 5.98
CA LEU P 227 70.10 22.93 4.86
C LEU P 227 71.06 24.11 4.74
N ALA P 228 70.52 25.33 4.89
CA ALA P 228 71.41 26.50 4.92
C ALA P 228 72.42 26.39 6.05
N TRP P 229 71.96 26.02 7.25
CA TRP P 229 72.83 25.94 8.42
C TRP P 229 73.91 24.87 8.24
N ARG P 230 73.56 23.77 7.57
CA ARG P 230 74.57 22.77 7.24
C ARG P 230 75.56 23.29 6.22
N ILE P 231 75.09 24.09 5.26
CA ILE P 231 76.00 24.68 4.29
C ILE P 231 77.02 25.57 4.97
N VAL P 232 76.58 26.36 5.96
CA VAL P 232 77.54 27.24 6.63
C VAL P 232 78.51 26.44 7.49
N GLN P 233 78.18 25.20 7.82
CA GLN P 233 79.07 24.36 8.62
C GLN P 233 79.86 23.36 7.80
N GLY P 234 79.66 23.34 6.49
CA GLY P 234 80.40 22.41 5.65
C GLY P 234 79.96 20.97 5.75
N ASP P 235 78.94 20.67 6.55
CA ASP P 235 78.43 19.30 6.67
C ASP P 235 77.42 19.01 5.55
N VAL P 236 77.89 19.18 4.32
CA VAL P 236 77.07 19.00 3.12
C VAL P 236 77.89 18.28 2.06
N PRO P 237 77.23 17.65 1.10
CA PRO P 237 77.94 17.10 -0.06
C PRO P 237 78.78 18.17 -0.74
N GLU P 238 79.81 17.70 -1.46
CA GLU P 238 80.77 18.61 -2.06
C GLU P 238 80.14 19.60 -3.02
N VAL P 239 79.24 19.13 -3.90
CA VAL P 239 78.65 20.03 -4.89
C VAL P 239 77.78 21.08 -4.22
N MET P 240 77.13 20.72 -3.11
CA MET P 240 76.26 21.65 -2.41
C MET P 240 77.01 22.64 -1.52
N ALA P 241 78.33 22.68 -1.60
CA ALA P 241 79.08 23.71 -0.90
C ALA P 241 79.11 24.99 -1.72
N ASP P 242 79.43 26.09 -1.05
CA ASP P 242 79.65 27.38 -1.70
C ASP P 242 78.40 27.86 -2.43
N CYS P 243 77.24 27.65 -1.82
CA CYS P 243 76.01 28.21 -2.33
C CYS P 243 75.21 28.76 -1.16
N THR P 244 74.66 29.95 -1.35
CA THR P 244 73.97 30.68 -0.29
C THR P 244 72.49 30.70 -0.60
N ILE P 245 71.68 30.38 0.41
CA ILE P 245 70.24 30.25 0.25
C ILE P 245 69.60 31.58 0.60
N TYR P 246 68.84 32.13 -0.33
CA TYR P 246 68.11 33.37 -0.13
C TYR P 246 66.64 33.05 0.12
N SER P 247 66.11 33.51 1.25
CA SER P 247 64.71 33.33 1.58
C SER P 247 63.92 34.52 1.05
N LEU P 248 63.06 34.29 0.07
CA LEU P 248 62.35 35.36 -0.60
C LEU P 248 61.04 35.65 0.12
N ASP P 249 60.82 36.92 0.44
CA ASP P 249 59.59 37.36 1.06
C ASP P 249 58.76 38.17 0.07
N ILE P 250 57.49 37.81 -0.07
CA ILE P 250 56.63 38.40 -1.09
C ILE P 250 56.26 39.83 -0.73
N GLY P 251 55.95 40.09 0.54
CA GLY P 251 55.58 41.44 0.93
C GLY P 251 56.65 42.47 0.60
N SER P 252 57.89 42.19 1.00
CA SER P 252 59.00 43.08 0.69
C SER P 252 59.16 43.32 -0.80
N LEU P 253 58.91 42.29 -1.62
CA LEU P 253 58.97 42.46 -3.06
C LEU P 253 57.74 43.18 -3.60
N LEU P 254 56.57 42.88 -3.07
CA LEU P 254 55.32 43.47 -3.55
C LEU P 254 55.05 44.83 -2.94
N ALA P 255 55.96 45.35 -2.13
CA ALA P 255 55.74 46.63 -1.47
C ALA P 255 55.79 47.78 -2.47
N GLY P 256 54.75 48.61 -2.45
CA GLY P 256 54.74 49.85 -3.19
C GLY P 256 54.74 49.72 -4.70
N THR P 257 54.50 48.53 -5.24
CA THR P 257 54.66 48.33 -6.68
C THR P 257 53.46 48.77 -7.50
N LYS P 258 53.02 50.01 -7.34
CA LYS P 258 52.07 50.58 -8.26
C LYS P 258 52.80 51.00 -9.54
N TYR P 259 52.12 51.78 -10.38
CA TYR P 259 52.73 52.25 -11.62
C TYR P 259 53.13 51.07 -12.49
N ARG P 260 52.12 50.42 -13.10
CA ARG P 260 52.28 49.12 -13.74
C ARG P 260 53.63 48.95 -14.42
N GLY P 261 54.28 47.84 -14.12
CA GLY P 261 55.64 47.58 -14.54
C GLY P 261 56.63 47.47 -13.40
N ASP P 262 56.32 48.10 -12.26
CA ASP P 262 57.26 48.10 -11.14
C ASP P 262 57.51 46.70 -10.63
N PHE P 263 56.47 45.89 -10.45
CA PHE P 263 56.67 44.53 -9.97
C PHE P 263 57.40 43.70 -11.01
N GLU P 264 57.02 43.83 -12.28
CA GLU P 264 57.69 43.07 -13.33
C GLU P 264 59.17 43.45 -13.41
N LYS P 265 59.47 44.74 -13.27
CA LYS P 265 60.87 45.18 -13.26
C LYS P 265 61.61 44.63 -12.06
N ARG P 266 61.03 44.76 -10.87
CA ARG P 266 61.64 44.23 -9.66
C ARG P 266 61.95 42.75 -9.82
N PHE P 267 60.98 41.99 -10.33
CA PHE P 267 61.14 40.54 -10.41
C PHE P 267 62.14 40.16 -11.49
N LYS P 268 62.15 40.87 -12.61
CA LYS P 268 63.14 40.57 -13.64
C LYS P 268 64.55 40.90 -13.16
N ALA P 269 64.70 41.98 -12.39
CA ALA P 269 66.00 42.31 -11.83
C ALA P 269 66.43 41.27 -10.80
N LEU P 270 65.49 40.78 -10.01
CA LEU P 270 65.79 39.75 -9.03
C LEU P 270 66.23 38.46 -9.72
N LEU P 271 65.50 38.04 -10.76
CA LEU P 271 65.87 36.85 -11.50
C LEU P 271 67.20 37.03 -12.21
N LYS P 272 67.49 38.27 -12.65
CA LYS P 272 68.77 38.56 -13.27
C LYS P 272 69.91 38.39 -12.28
N GLN P 273 69.80 39.03 -11.12
CA GLN P 273 70.84 38.89 -10.09
C GLN P 273 70.99 37.43 -9.68
N LEU P 274 69.89 36.68 -9.70
CA LEU P 274 69.96 35.28 -9.30
C LEU P 274 70.58 34.42 -10.39
N GLU P 275 70.46 34.84 -11.64
CA GLU P 275 70.96 34.04 -12.75
C GLU P 275 72.48 34.05 -12.80
N GLN P 276 73.10 35.17 -12.43
CA GLN P 276 74.54 35.33 -12.51
C GLN P 276 75.30 34.59 -11.42
N ASP P 277 74.62 33.98 -10.46
CA ASP P 277 75.31 33.32 -9.35
C ASP P 277 75.77 31.92 -9.74
N THR P 278 74.82 31.05 -10.12
CA THR P 278 75.03 29.62 -10.31
C THR P 278 75.43 28.97 -8.99
N ASN P 279 75.45 29.75 -7.92
CA ASN P 279 75.77 29.31 -6.56
C ASN P 279 74.82 29.96 -5.58
N SER P 280 73.58 30.17 -6.01
CA SER P 280 72.54 30.74 -5.16
C SER P 280 71.27 29.93 -5.34
N ILE P 281 70.57 29.70 -4.23
CA ILE P 281 69.32 28.95 -4.23
C ILE P 281 68.26 29.82 -3.60
N LEU P 282 67.15 30.03 -4.31
CA LEU P 282 66.05 30.84 -3.83
C LEU P 282 65.08 29.97 -3.05
N PHE P 283 64.72 30.43 -1.85
CA PHE P 283 63.79 29.70 -1.00
C PHE P 283 62.56 30.55 -0.76
N ILE P 284 61.41 30.07 -1.23
CA ILE P 284 60.13 30.74 -1.05
C ILE P 284 59.34 29.96 -0.02
N ASP P 285 59.06 30.60 1.12
CA ASP P 285 58.52 29.88 2.26
C ASP P 285 57.09 29.41 2.03
N GLU P 286 56.21 30.28 1.57
CA GLU P 286 54.85 29.89 1.20
C GLU P 286 54.72 30.03 -0.30
N ILE P 287 55.11 28.97 -1.02
CA ILE P 287 55.21 29.05 -2.46
C ILE P 287 53.84 29.03 -3.14
N HIS P 288 52.80 28.60 -2.43
CA HIS P 288 51.46 28.66 -2.99
C HIS P 288 50.94 30.08 -3.10
N THR P 289 51.68 31.06 -2.60
CA THR P 289 51.27 32.46 -2.64
C THR P 289 51.86 33.23 -3.81
N ILE P 290 52.66 32.60 -4.66
CA ILE P 290 53.28 33.28 -5.78
C ILE P 290 52.46 33.01 -7.05
N ILE P 291 51.23 32.55 -6.88
CA ILE P 291 50.36 32.23 -8.01
C ILE P 291 49.59 33.48 -8.45
N GLY P 292 49.90 34.63 -7.89
CA GLY P 292 49.36 35.88 -8.41
C GLY P 292 49.97 37.12 -7.83
N ALA P 293 50.49 37.99 -8.70
CA ALA P 293 50.93 39.33 -8.33
C ALA P 293 50.59 40.30 -9.43
N GLY P 294 49.90 39.82 -10.47
CA GLY P 294 49.57 40.64 -11.62
C GLY P 294 48.44 41.62 -11.33
N ALA P 295 48.21 42.48 -12.32
CA ALA P 295 47.17 43.49 -12.19
C ALA P 295 45.79 42.85 -12.20
N ALA P 296 44.85 43.45 -11.46
CA ALA P 296 43.50 42.93 -11.42
C ALA P 296 42.78 43.11 -12.74
N SER P 297 43.23 44.07 -13.54
CA SER P 297 42.62 44.31 -14.85
C SER P 297 42.60 43.03 -15.67
N GLY P 298 43.77 42.49 -16.00
CA GLY P 298 43.88 41.14 -16.52
C GLY P 298 44.77 40.32 -15.62
N GLY P 299 44.18 39.33 -14.95
CA GLY P 299 44.95 38.46 -14.07
C GLY P 299 45.94 37.70 -14.92
N GLN P 300 47.20 38.13 -14.85
CA GLN P 300 48.21 37.77 -15.84
C GLN P 300 49.59 37.92 -15.22
N VAL P 301 50.62 38.12 -16.05
CA VAL P 301 52.01 37.88 -15.74
C VAL P 301 52.33 38.27 -14.30
N ASP P 302 52.87 37.32 -13.55
CA ASP P 302 53.04 37.42 -12.11
C ASP P 302 54.22 36.54 -11.74
N ALA P 303 54.41 36.31 -10.44
CA ALA P 303 55.53 35.50 -10.00
C ALA P 303 55.53 34.12 -10.65
N ALA P 304 54.36 33.63 -11.04
CA ALA P 304 54.30 32.32 -11.67
C ALA P 304 54.71 32.37 -13.14
N ASN P 305 54.03 33.16 -13.96
CA ASN P 305 54.31 33.18 -15.38
C ASN P 305 55.64 33.84 -15.72
N LEU P 306 56.35 34.37 -14.72
CA LEU P 306 57.67 34.93 -14.95
C LEU P 306 58.80 33.97 -14.61
N ILE P 307 58.55 32.93 -13.83
CA ILE P 307 59.58 31.96 -13.48
C ILE P 307 59.48 30.67 -14.27
N LYS P 308 58.34 30.39 -14.90
CA LYS P 308 58.21 29.16 -15.70
C LYS P 308 59.32 28.96 -16.70
N PRO P 309 59.66 29.93 -17.56
CA PRO P 309 60.77 29.71 -18.51
C PRO P 309 62.11 29.55 -17.83
N LEU P 310 62.29 30.16 -16.66
CA LEU P 310 63.54 30.05 -15.93
C LEU P 310 63.69 28.69 -15.26
N LEU P 311 62.62 28.18 -14.64
CA LEU P 311 62.70 26.87 -14.00
C LEU P 311 62.78 25.76 -15.03
N SER P 312 62.02 25.88 -16.13
CA SER P 312 62.05 24.83 -17.15
C SER P 312 63.40 24.78 -17.84
N SER P 313 64.06 25.93 -17.98
CA SER P 313 65.37 25.99 -18.61
C SER P 313 66.51 25.66 -17.66
N GLY P 314 66.25 25.51 -16.37
CA GLY P 314 67.26 25.04 -15.45
C GLY P 314 68.44 25.96 -15.23
N LYS P 315 68.24 27.27 -15.36
CA LYS P 315 69.30 28.21 -15.07
C LYS P 315 69.32 28.67 -13.62
N ILE P 316 68.18 28.66 -12.94
CA ILE P 316 68.12 28.99 -11.52
C ILE P 316 67.49 27.83 -10.76
N ARG P 317 67.68 27.83 -9.45
CA ARG P 317 67.24 26.76 -8.58
C ARG P 317 66.44 27.35 -7.43
N VAL P 318 65.25 26.78 -7.17
CA VAL P 318 64.34 27.28 -6.15
C VAL P 318 63.92 26.13 -5.26
N ILE P 319 63.90 26.37 -3.95
CA ILE P 319 63.33 25.44 -2.99
C ILE P 319 61.99 26.00 -2.55
N GLY P 320 60.96 25.16 -2.57
CA GLY P 320 59.63 25.55 -2.16
C GLY P 320 59.19 24.86 -0.88
N SER P 321 58.08 25.33 -0.35
CA SER P 321 57.49 24.74 0.84
C SER P 321 56.03 25.13 0.91
N THR P 322 55.18 24.14 1.20
CA THR P 322 53.75 24.34 1.27
C THR P 322 53.14 23.16 2.01
N THR P 323 51.91 23.34 2.47
CA THR P 323 51.18 22.27 3.11
C THR P 323 50.33 21.54 2.08
N TYR P 324 49.88 20.34 2.45
CA TYR P 324 49.08 19.55 1.54
C TYR P 324 47.79 20.27 1.15
N GLN P 325 47.11 20.87 2.12
CA GLN P 325 45.87 21.59 1.86
C GLN P 325 46.05 22.71 0.85
N GLU P 326 47.14 23.46 0.92
CA GLU P 326 47.43 24.47 -0.09
C GLU P 326 48.00 23.87 -1.36
N PHE P 327 48.87 22.86 -1.25
CA PHE P 327 49.44 22.26 -2.45
C PHE P 327 48.39 21.69 -3.38
N SER P 328 47.40 20.99 -2.84
CA SER P 328 46.37 20.35 -3.67
C SER P 328 45.21 21.27 -4.03
N ASN P 329 45.21 22.51 -3.57
CA ASN P 329 44.11 23.43 -3.85
C ASN P 329 44.54 24.66 -4.62
N ILE P 330 45.77 25.15 -4.44
CA ILE P 330 46.24 26.37 -5.06
C ILE P 330 47.44 26.10 -5.96
N PHE P 331 48.38 25.27 -5.53
CA PHE P 331 49.62 25.10 -6.27
C PHE P 331 49.41 24.26 -7.51
N GLU P 332 48.95 23.02 -7.35
CA GLU P 332 48.82 22.15 -8.51
C GLU P 332 47.51 22.46 -9.24
N LYS P 333 47.26 23.73 -9.50
CA LYS P 333 46.26 24.17 -10.45
C LYS P 333 46.90 24.80 -11.69
N ASP P 334 48.10 25.37 -11.54
CA ASP P 334 48.95 25.71 -12.67
C ASP P 334 49.84 24.51 -12.92
N ARG P 335 49.34 23.56 -13.70
CA ARG P 335 50.07 22.31 -13.93
C ARG P 335 51.45 22.57 -14.52
N ALA P 336 51.55 23.58 -15.38
CA ALA P 336 52.84 23.93 -15.95
C ALA P 336 53.83 24.40 -14.88
N LEU P 337 53.31 24.90 -13.75
CA LEU P 337 54.18 25.28 -12.66
C LEU P 337 54.45 24.09 -11.73
N ALA P 338 53.45 23.24 -11.53
CA ALA P 338 53.65 22.08 -10.66
C ALA P 338 54.64 21.09 -11.26
N ARG P 339 54.65 20.94 -12.59
CA ARG P 339 55.55 19.99 -13.22
C ARG P 339 57.01 20.42 -13.15
N ARG P 340 57.26 21.70 -12.86
CA ARG P 340 58.62 22.22 -12.74
C ARG P 340 59.23 21.98 -11.36
N PHE P 341 58.44 21.54 -10.39
CA PHE P 341 58.90 21.29 -9.03
C PHE P 341 58.80 19.80 -8.74
N GLN P 342 59.85 19.27 -8.13
CA GLN P 342 59.88 17.88 -7.70
C GLN P 342 59.37 17.82 -6.27
N LYS P 343 58.20 17.22 -6.09
CA LYS P 343 57.57 17.15 -4.78
C LYS P 343 58.31 16.17 -3.89
N ILE P 344 58.59 16.60 -2.66
CA ILE P 344 59.26 15.77 -1.65
C ILE P 344 58.38 15.70 -0.43
N ASP P 345 57.91 14.49 -0.12
CA ASP P 345 57.04 14.28 1.04
C ASP P 345 57.85 14.36 2.32
N ILE P 346 57.49 15.31 3.18
CA ILE P 346 58.13 15.48 4.48
C ILE P 346 57.17 14.98 5.53
N THR P 347 57.33 13.73 5.96
CA THR P 347 56.49 13.13 6.97
C THR P 347 56.95 13.54 8.36
N GLU P 348 56.06 13.41 9.33
CA GLU P 348 56.39 13.78 10.70
C GLU P 348 57.26 12.69 11.32
N PRO P 349 58.27 13.05 12.10
CA PRO P 349 59.19 12.04 12.63
C PRO P 349 58.49 11.09 13.60
N SER P 350 59.25 10.08 14.02
CA SER P 350 58.78 9.10 14.98
C SER P 350 58.90 9.66 16.40
N ILE P 351 58.65 8.81 17.40
CA ILE P 351 58.73 9.27 18.78
C ILE P 351 60.18 9.49 19.18
N GLU P 352 61.03 8.49 18.95
CA GLU P 352 62.43 8.60 19.34
C GLU P 352 63.18 9.59 18.45
N GLU P 353 62.82 9.67 17.16
CA GLU P 353 63.39 10.70 16.32
C GLU P 353 63.04 12.08 16.85
N THR P 354 61.80 12.26 17.30
CA THR P 354 61.41 13.52 17.92
C THR P 354 62.19 13.76 19.21
N VAL P 355 62.47 12.70 19.97
CA VAL P 355 63.25 12.85 21.19
C VAL P 355 64.65 13.36 20.86
N GLN P 356 65.25 12.80 19.81
CA GLN P 356 66.59 13.25 19.40
C GLN P 356 66.54 14.69 18.91
N ILE P 357 65.47 15.06 18.21
CA ILE P 357 65.32 16.46 17.77
C ILE P 357 65.23 17.38 18.98
N ILE P 358 64.44 16.98 19.99
CA ILE P 358 64.31 17.78 21.19
C ILE P 358 65.65 17.90 21.91
N ASN P 359 66.44 16.82 21.93
CA ASN P 359 67.75 16.88 22.58
C ASN P 359 68.71 17.78 21.80
N GLY P 360 68.59 17.80 20.47
CA GLY P 360 69.41 18.71 19.70
C GLY P 360 69.01 20.16 19.84
N LEU P 361 67.72 20.42 20.05
CA LEU P 361 67.22 21.79 20.19
C LEU P 361 67.25 22.30 21.62
N LYS P 362 67.43 21.42 22.60
CA LYS P 362 67.45 21.79 24.02
C LYS P 362 68.42 22.92 24.36
N PRO P 363 69.63 23.00 23.80
CA PRO P 363 70.53 24.11 24.16
C PRO P 363 69.91 25.49 24.00
N LYS P 364 69.28 25.78 22.87
CA LYS P 364 68.73 27.11 22.64
C LYS P 364 67.55 27.43 23.56
N TYR P 365 66.64 26.48 23.78
CA TYR P 365 65.54 26.73 24.70
C TYR P 365 66.03 26.90 26.13
N GLU P 366 67.04 26.12 26.53
CA GLU P 366 67.61 26.27 27.86
C GLU P 366 68.30 27.62 28.00
N ALA P 367 68.95 28.10 26.94
CA ALA P 367 69.56 29.42 26.99
C ALA P 367 68.51 30.52 27.06
N HIS P 368 67.38 30.32 26.38
CA HIS P 368 66.34 31.33 26.37
C HIS P 368 65.63 31.42 27.73
N HIS P 369 65.17 30.29 28.25
CA HIS P 369 64.42 30.27 29.49
C HIS P 369 65.30 30.22 30.73
N ASP P 370 66.60 29.97 30.58
CA ASP P 370 67.52 29.82 31.70
C ASP P 370 67.06 28.70 32.65
N VAL P 371 66.58 27.61 32.05
CA VAL P 371 66.14 26.44 32.80
C VAL P 371 66.81 25.22 32.18
N ARG P 372 66.69 24.08 32.87
CA ARG P 372 67.23 22.82 32.39
C ARG P 372 66.12 21.80 32.29
N TYR P 373 66.18 20.95 31.28
CA TYR P 373 65.23 19.86 31.09
C TYR P 373 65.94 18.53 31.22
N THR P 374 65.41 17.66 32.07
CA THR P 374 65.96 16.32 32.20
C THR P 374 65.55 15.47 31.00
N ALA P 375 66.45 14.59 30.58
CA ALA P 375 66.18 13.75 29.41
C ALA P 375 64.93 12.90 29.62
N LYS P 376 64.73 12.41 30.84
CA LYS P 376 63.51 11.67 31.14
C LYS P 376 62.29 12.58 30.99
N ALA P 377 62.41 13.84 31.38
CA ALA P 377 61.31 14.78 31.18
C ALA P 377 61.07 15.03 29.71
N VAL P 378 62.12 15.03 28.90
CA VAL P 378 61.97 15.20 27.45
C VAL P 378 61.22 14.02 26.84
N ARG P 379 61.63 12.80 27.23
CA ARG P 379 60.93 11.61 26.74
C ARG P 379 59.47 11.62 27.18
N ALA P 380 59.21 11.98 28.44
CA ALA P 380 57.84 12.09 28.91
C ALA P 380 57.06 13.14 28.13
N ALA P 381 57.70 14.27 27.80
CA ALA P 381 57.04 15.30 27.03
C ALA P 381 56.62 14.80 25.66
N VAL P 382 57.54 14.14 24.97
CA VAL P 382 57.22 13.60 23.64
C VAL P 382 56.10 12.57 23.73
N GLU P 383 56.19 11.66 24.71
CA GLU P 383 55.17 10.62 24.82
C GLU P 383 53.80 11.20 25.15
N LEU P 384 53.75 12.18 26.06
CA LEU P 384 52.47 12.77 26.44
C LEU P 384 51.91 13.63 25.31
N ALA P 385 52.78 14.27 24.52
CA ALA P 385 52.30 15.02 23.37
C ALA P 385 51.71 14.08 22.33
N VAL P 386 52.33 12.91 22.16
CA VAL P 386 51.74 11.89 21.29
C VAL P 386 50.39 11.43 21.85
N LYS P 387 50.29 11.30 23.16
CA LYS P 387 49.10 10.69 23.77
C LYS P 387 47.91 11.64 23.73
N TYR P 388 48.10 12.91 24.10
CA TYR P 388 46.98 13.78 24.40
C TYR P 388 46.77 14.91 23.39
N ILE P 389 47.81 15.61 22.98
CA ILE P 389 47.68 16.71 22.02
C ILE P 389 47.42 16.07 20.66
N ASN P 390 46.16 16.09 20.24
CA ASN P 390 45.72 15.31 19.10
C ASN P 390 45.55 16.13 17.82
N ASP P 391 45.42 17.46 17.93
CA ASP P 391 45.12 18.31 16.79
C ASP P 391 46.36 19.02 16.25
N ARG P 392 47.55 18.61 16.68
CA ARG P 392 48.80 19.11 16.14
C ARG P 392 49.73 17.94 15.87
N HIS P 393 50.73 18.18 15.02
CA HIS P 393 51.58 17.09 14.57
C HIS P 393 52.83 16.96 15.45
N LEU P 394 53.56 15.85 15.30
CA LEU P 394 54.53 15.41 16.28
C LEU P 394 55.71 16.36 16.48
N PRO P 395 56.48 16.72 15.45
CA PRO P 395 57.71 17.49 15.69
C PRO P 395 57.48 18.90 16.18
N ASP P 396 56.23 19.29 16.44
CA ASP P 396 55.93 20.66 16.83
C ASP P 396 55.26 20.72 18.20
N LYS P 397 54.38 19.75 18.50
CA LYS P 397 53.68 19.81 19.78
C LYS P 397 54.60 19.49 20.94
N ALA P 398 55.61 18.63 20.72
CA ALA P 398 56.60 18.38 21.77
C ALA P 398 57.42 19.62 22.05
N ILE P 399 57.85 20.31 20.99
CA ILE P 399 58.55 21.59 21.15
C ILE P 399 57.67 22.59 21.87
N ASP P 400 56.38 22.60 21.55
CA ASP P 400 55.45 23.49 22.23
C ASP P 400 55.38 23.20 23.71
N VAL P 401 55.28 21.91 24.07
CA VAL P 401 55.26 21.52 25.48
C VAL P 401 56.55 21.97 26.17
N ILE P 402 57.69 21.77 25.51
CA ILE P 402 58.97 22.17 26.09
C ILE P 402 59.00 23.67 26.35
N ASP P 403 58.63 24.46 25.33
CA ASP P 403 58.71 25.91 25.46
C ASP P 403 57.75 26.42 26.52
N GLU P 404 56.54 25.85 26.59
CA GLU P 404 55.59 26.32 27.60
C GLU P 404 56.05 25.94 29.00
N ALA P 405 56.60 24.74 29.16
CA ALA P 405 57.12 24.34 30.46
C ALA P 405 58.25 25.26 30.90
N GLY P 406 59.13 25.64 29.97
CA GLY P 406 60.20 26.55 30.32
C GLY P 406 59.69 27.94 30.66
N ALA P 407 58.74 28.44 29.89
CA ALA P 407 58.18 29.76 30.16
C ALA P 407 57.49 29.79 31.52
N ARG P 408 56.77 28.72 31.87
CA ARG P 408 56.11 28.67 33.16
C ARG P 408 57.10 28.50 34.30
N ALA P 409 58.14 27.70 34.09
CA ALA P 409 59.17 27.53 35.12
C ALA P 409 59.98 28.81 35.31
N ARG P 410 59.94 29.71 34.34
CA ARG P 410 60.51 31.04 34.57
C ARG P 410 59.56 31.94 35.34
N LEU P 411 58.30 31.53 35.49
CA LEU P 411 57.32 32.31 36.24
C LEU P 411 57.08 31.77 37.65
N MET P 412 57.43 30.52 37.91
CA MET P 412 57.37 29.98 39.26
C MET P 412 58.27 30.73 40.25
N PRO P 413 59.51 31.15 39.86
CA PRO P 413 60.40 31.78 40.85
C PRO P 413 59.90 33.14 41.33
N VAL P 414 58.76 33.14 42.01
CA VAL P 414 58.32 34.32 42.74
C VAL P 414 59.15 34.60 43.97
N SER P 415 59.82 33.60 44.54
CA SER P 415 60.90 33.79 45.50
C SER P 415 62.22 33.27 44.96
N LYS P 416 62.41 33.36 43.63
CA LYS P 416 63.59 32.83 42.94
C LYS P 416 63.73 31.32 43.15
N ARG P 417 62.67 30.58 42.84
CA ARG P 417 62.71 29.12 42.86
C ARG P 417 62.92 28.59 41.44
N LYS P 418 64.09 28.91 40.90
CA LYS P 418 64.51 28.33 39.63
C LYS P 418 64.85 26.86 39.83
N LYS P 419 64.23 26.00 39.03
CA LYS P 419 64.48 24.57 39.13
C LYS P 419 64.37 23.95 37.75
N THR P 420 65.01 22.80 37.59
CA THR P 420 64.98 22.07 36.33
C THR P 420 63.63 21.41 36.14
N VAL P 421 63.20 21.36 34.88
CA VAL P 421 61.88 20.84 34.53
C VAL P 421 61.95 19.32 34.48
N ASN P 422 61.15 18.68 35.32
CA ASN P 422 61.10 17.23 35.45
C ASN P 422 59.81 16.71 34.84
N VAL P 423 59.57 15.41 35.02
CA VAL P 423 58.37 14.79 34.46
C VAL P 423 57.11 15.45 35.01
N ALA P 424 57.16 15.91 36.26
CA ALA P 424 55.95 16.42 36.91
C ALA P 424 55.45 17.71 36.28
N ASP P 425 56.31 18.72 36.18
CA ASP P 425 55.88 20.00 35.63
C ASP P 425 55.46 19.88 34.18
N ILE P 426 56.22 19.13 33.37
CA ILE P 426 55.85 18.93 31.98
C ILE P 426 54.54 18.18 31.87
N GLU P 427 54.31 17.21 32.76
CA GLU P 427 53.04 16.50 32.77
C GLU P 427 51.89 17.44 33.07
N SER P 428 52.09 18.37 34.00
CA SER P 428 51.05 19.35 34.30
C SER P 428 50.79 20.26 33.09
N VAL P 429 51.85 20.68 32.40
CA VAL P 429 51.68 21.52 31.21
C VAL P 429 50.91 20.77 30.13
N VAL P 430 51.18 19.48 29.97
CA VAL P 430 50.46 18.69 28.97
C VAL P 430 49.00 18.52 29.39
N ALA P 431 48.76 18.22 30.66
CA ALA P 431 47.40 18.03 31.14
C ALA P 431 46.62 19.33 31.09
N ARG P 432 47.29 20.48 31.04
CA ARG P 432 46.61 21.73 30.76
C ARG P 432 45.75 21.63 29.50
N ILE P 433 46.22 20.92 28.49
CA ILE P 433 45.43 20.64 27.30
C ILE P 433 44.64 19.34 27.46
N ALA P 434 45.21 18.36 28.18
CA ALA P 434 44.54 17.07 28.35
C ALA P 434 43.46 17.11 29.43
N ARG P 435 43.47 18.14 30.27
CA ARG P 435 42.47 18.47 31.31
C ARG P 435 42.58 17.56 32.54
N ILE P 436 43.43 16.54 32.53
CA ILE P 436 43.56 15.65 33.68
C ILE P 436 45.03 15.27 33.87
N PRO P 437 45.70 15.72 34.92
CA PRO P 437 47.07 15.26 35.18
C PRO P 437 47.07 13.86 35.77
N GLU P 438 48.02 13.03 35.31
CA GLU P 438 48.12 11.68 35.83
C GLU P 438 48.91 11.66 37.14
N LYS P 439 49.86 12.58 37.30
CA LYS P 439 50.65 12.61 38.52
C LYS P 439 49.90 13.31 39.66
N SER P 440 49.19 14.40 39.34
CA SER P 440 48.71 15.31 40.38
C SER P 440 47.62 14.72 41.24
N VAL P 441 47.22 13.46 41.01
CA VAL P 441 46.14 12.87 41.80
C VAL P 441 46.51 12.81 43.28
N SER P 442 47.80 12.66 43.58
CA SER P 442 48.27 12.61 44.96
C SER P 442 48.08 13.93 45.71
N GLN P 443 47.69 14.99 45.01
CA GLN P 443 47.37 16.28 45.60
C GLN P 443 45.99 16.23 46.23
N SER P 444 45.39 17.40 46.48
CA SER P 444 44.08 17.44 47.11
C SER P 444 43.02 17.03 46.10
N ASP P 445 43.17 15.83 45.54
CA ASP P 445 42.15 15.22 44.69
C ASP P 445 41.97 13.74 44.98
N ARG P 446 42.94 13.08 45.61
CA ARG P 446 42.76 11.69 46.03
C ARG P 446 41.57 11.57 46.97
N ASP P 447 41.36 12.58 47.81
CA ASP P 447 40.20 12.60 48.70
C ASP P 447 38.88 12.68 47.91
N THR P 448 38.84 13.50 46.85
CA THR P 448 37.61 13.63 46.08
C THR P 448 37.17 12.28 45.50
N LEU P 449 38.13 11.49 45.03
CA LEU P 449 37.81 10.14 44.58
C LEU P 449 37.59 9.21 45.76
N LYS P 450 38.16 9.53 46.91
CA LYS P 450 38.00 8.70 48.09
C LYS P 450 36.57 8.77 48.62
N ASN P 451 36.03 9.98 48.74
CA ASN P 451 34.69 10.19 49.28
C ASN P 451 33.70 10.59 48.20
N LEU P 452 33.92 10.15 46.96
CA LEU P 452 32.97 10.44 45.89
C LEU P 452 31.68 9.66 46.10
N GLY P 453 31.80 8.36 46.41
CA GLY P 453 30.61 7.53 46.57
C GLY P 453 29.75 7.96 47.74
N ASP P 454 30.37 8.24 48.89
CA ASP P 454 29.60 8.69 50.03
C ASP P 454 28.98 10.06 49.79
N ARG P 455 29.67 10.94 49.08
CA ARG P 455 29.13 12.26 48.78
C ARG P 455 27.94 12.17 47.83
N LEU P 456 28.00 11.25 46.86
CA LEU P 456 26.86 11.08 45.96
C LEU P 456 25.70 10.39 46.68
N LYS P 457 25.99 9.42 47.54
CA LYS P 457 24.93 8.79 48.34
C LYS P 457 24.28 9.79 49.28
N MET P 458 24.96 10.90 49.56
CA MET P 458 24.34 11.98 50.32
C MET P 458 23.30 12.72 49.49
N LEU P 459 23.29 12.52 48.17
CA LEU P 459 22.34 13.19 47.28
C LEU P 459 21.45 12.24 46.50
N VAL P 460 21.89 11.01 46.26
CA VAL P 460 21.10 10.01 45.56
C VAL P 460 20.95 8.81 46.48
N PHE P 461 19.79 8.70 47.13
CA PHE P 461 19.55 7.67 48.13
C PHE P 461 19.01 6.43 47.44
N GLY P 462 19.49 5.26 47.87
CA GLY P 462 19.23 4.05 47.14
C GLY P 462 20.10 3.98 45.90
N GLN P 463 19.92 2.89 45.15
CA GLN P 463 20.69 2.65 43.93
C GLN P 463 22.19 2.76 44.18
N ASP P 464 22.66 2.00 45.18
CA ASP P 464 24.05 2.13 45.62
C ASP P 464 25.03 1.60 44.60
N LYS P 465 24.68 0.49 43.93
CA LYS P 465 25.64 -0.15 43.04
C LYS P 465 25.94 0.70 41.81
N ALA P 466 24.98 1.53 41.37
CA ALA P 466 25.27 2.45 40.28
C ALA P 466 26.36 3.45 40.67
N ILE P 467 26.23 4.02 41.88
CA ILE P 467 27.26 4.92 42.37
C ILE P 467 28.59 4.19 42.52
N GLU P 468 28.55 2.96 43.02
CA GLU P 468 29.76 2.17 43.13
C GLU P 468 30.45 2.02 41.78
N ALA P 469 29.69 1.65 40.74
CA ALA P 469 30.27 1.43 39.43
C ALA P 469 30.84 2.72 38.85
N LEU P 470 30.08 3.82 38.92
CA LEU P 470 30.59 5.09 38.40
C LEU P 470 31.87 5.51 39.11
N THR P 471 31.86 5.50 40.44
CA THR P 471 33.03 5.91 41.20
C THR P 471 34.23 5.00 40.91
N GLU P 472 34.01 3.69 40.79
CA GLU P 472 35.11 2.78 40.53
C GLU P 472 35.70 3.01 39.15
N ALA P 473 34.85 3.27 38.16
CA ALA P 473 35.36 3.55 36.81
C ALA P 473 36.19 4.83 36.81
N ILE P 474 35.68 5.88 37.45
CA ILE P 474 36.44 7.13 37.49
C ILE P 474 37.77 6.92 38.22
N LYS P 475 37.75 6.12 39.29
CA LYS P 475 38.97 5.87 40.04
C LYS P 475 39.98 5.08 39.24
N MET P 476 39.52 4.10 38.47
CA MET P 476 40.43 3.36 37.60
C MET P 476 41.05 4.27 36.55
N ALA P 477 40.23 5.07 35.87
CA ALA P 477 40.75 5.98 34.85
C ALA P 477 41.72 6.97 35.45
N ARG P 478 41.51 7.37 36.71
CA ARG P 478 42.42 8.32 37.34
C ARG P 478 43.72 7.64 37.76
N ALA P 479 43.65 6.44 38.31
CA ALA P 479 44.84 5.70 38.70
C ALA P 479 45.69 5.28 37.51
N GLY P 480 45.09 5.13 36.34
CA GLY P 480 45.85 4.80 35.15
C GLY P 480 45.65 3.41 34.62
N LEU P 481 44.63 2.69 35.09
CA LEU P 481 44.27 1.39 34.56
C LEU P 481 43.18 1.49 33.50
N GLY P 482 42.88 2.70 33.04
CA GLY P 482 41.81 2.90 32.09
C GLY P 482 42.15 2.36 30.71
N HIS P 483 41.13 2.36 29.85
CA HIS P 483 41.27 1.88 28.49
C HIS P 483 41.95 2.97 27.68
N GLU P 484 43.04 2.60 26.98
CA GLU P 484 43.84 3.58 26.27
C GLU P 484 43.13 4.13 25.03
N HIS P 485 42.06 3.49 24.58
CA HIS P 485 41.32 3.93 23.40
C HIS P 485 39.81 3.85 23.59
N LYS P 486 39.33 4.04 24.81
CA LYS P 486 37.91 3.98 25.07
C LYS P 486 37.53 5.10 26.03
N PRO P 487 36.25 5.45 26.14
CA PRO P 487 35.85 6.45 27.14
C PRO P 487 36.16 5.96 28.55
N VAL P 488 36.11 6.90 29.49
CA VAL P 488 36.25 6.53 30.90
C VAL P 488 35.23 5.47 31.27
N GLY P 489 34.01 5.62 30.77
CA GLY P 489 32.97 4.65 31.05
C GLY P 489 31.92 4.66 29.98
N SER P 490 31.20 3.54 29.89
CA SER P 490 30.05 3.41 28.99
C SER P 490 28.99 2.62 29.75
N PHE P 491 28.02 3.33 30.33
CA PHE P 491 27.10 2.70 31.27
C PHE P 491 25.69 2.76 30.72
N LEU P 492 24.93 1.70 30.99
CA LEU P 492 23.52 1.62 30.65
C LEU P 492 22.72 1.55 31.94
N PHE P 493 21.94 2.60 32.20
CA PHE P 493 21.12 2.70 33.41
C PHE P 493 19.69 2.33 33.06
N ALA P 494 19.19 1.26 33.66
CA ALA P 494 17.85 0.76 33.39
C ALA P 494 17.03 0.75 34.67
N GLY P 495 15.72 0.63 34.52
CA GLY P 495 14.82 0.55 35.64
C GLY P 495 13.57 1.38 35.44
N PRO P 496 12.65 1.33 36.39
CA PRO P 496 11.45 2.16 36.28
C PRO P 496 11.80 3.63 36.33
N THR P 497 10.87 4.46 35.83
CA THR P 497 11.14 5.88 35.68
C THR P 497 11.24 6.58 37.03
N GLY P 498 11.90 7.74 37.02
CA GLY P 498 11.92 8.61 38.18
C GLY P 498 12.56 8.03 39.42
N VAL P 499 13.50 7.11 39.27
CA VAL P 499 14.22 6.52 40.40
C VAL P 499 15.63 7.06 40.51
N GLY P 500 15.95 8.13 39.80
CA GLY P 500 17.23 8.79 39.94
C GLY P 500 18.27 8.44 38.91
N LYS P 501 17.86 8.07 37.69
CA LYS P 501 18.84 7.74 36.65
C LYS P 501 19.58 8.99 36.18
N THR P 502 18.84 10.05 35.88
CA THR P 502 19.46 11.32 35.54
C THR P 502 20.00 12.06 36.76
N GLU P 503 19.42 11.81 37.93
CA GLU P 503 19.85 12.53 39.13
C GLU P 503 21.27 12.16 39.51
N VAL P 504 21.61 10.86 39.51
CA VAL P 504 22.96 10.46 39.85
C VAL P 504 23.96 11.07 38.88
N THR P 505 23.58 11.17 37.61
CA THR P 505 24.51 11.70 36.61
C THR P 505 24.72 13.19 36.81
N VAL P 506 23.65 13.94 37.05
CA VAL P 506 23.80 15.38 37.23
C VAL P 506 24.57 15.67 38.50
N GLN P 507 24.34 14.87 39.56
CA GLN P 507 25.11 15.05 40.78
C GLN P 507 26.57 14.68 40.58
N LEU P 508 26.86 13.68 39.74
CA LEU P 508 28.25 13.36 39.44
C LEU P 508 28.93 14.51 38.71
N SER P 509 28.26 15.06 37.70
CA SER P 509 28.82 16.20 36.97
C SER P 509 29.05 17.39 37.89
N LYS P 510 28.16 17.60 38.86
CA LYS P 510 28.37 18.69 39.81
C LYS P 510 29.53 18.39 40.75
N ALA P 511 29.58 17.18 41.31
CA ALA P 511 30.59 16.86 42.31
C ALA P 511 31.99 16.89 41.72
N LEU P 512 32.15 16.44 40.48
CA LEU P 512 33.47 16.46 39.85
C LEU P 512 33.79 17.78 39.20
N GLY P 513 32.93 18.79 39.34
CA GLY P 513 33.14 20.05 38.67
C GLY P 513 33.21 19.90 37.16
N ILE P 514 32.49 18.93 36.61
CA ILE P 514 32.61 18.52 35.22
C ILE P 514 31.36 18.93 34.48
N GLU P 515 31.54 19.57 33.33
CA GLU P 515 30.41 20.05 32.54
C GLU P 515 29.57 18.87 32.05
N LEU P 516 28.29 18.89 32.41
CA LEU P 516 27.36 17.86 31.99
C LEU P 516 26.91 18.16 30.55
N LEU P 517 27.15 17.20 29.66
CA LEU P 517 26.67 17.28 28.29
C LEU P 517 25.44 16.42 28.16
N ARG P 518 24.27 17.05 28.06
CA ARG P 518 22.99 16.36 28.02
C ARG P 518 22.47 16.34 26.59
N PHE P 519 22.18 15.15 26.08
CA PHE P 519 21.56 14.99 24.77
C PHE P 519 20.31 14.15 24.93
N ASP P 520 19.15 14.76 24.72
CA ASP P 520 17.87 14.09 24.90
C ASP P 520 17.58 13.27 23.64
N MET P 521 17.55 11.95 23.79
CA MET P 521 17.33 11.07 22.65
C MET P 521 15.87 11.06 22.21
N SER P 522 15.06 11.98 22.73
CA SER P 522 13.71 12.17 22.21
C SER P 522 13.69 13.07 20.98
N GLU P 523 14.74 13.87 20.77
CA GLU P 523 14.86 14.67 19.57
C GLU P 523 15.44 13.90 18.39
N TYR P 524 15.73 12.61 18.56
CA TYR P 524 16.43 11.86 17.54
C TYR P 524 15.67 10.59 17.18
N MET P 525 14.37 10.71 16.95
CA MET P 525 13.53 9.57 16.62
C MET P 525 13.50 9.26 15.13
N GLU P 526 14.39 9.86 14.35
CA GLU P 526 14.40 9.65 12.90
C GLU P 526 15.79 9.24 12.45
N ARG P 527 15.84 8.47 11.36
CA ARG P 527 17.07 7.86 10.87
C ARG P 527 17.97 8.89 10.18
N HIS P 528 17.50 10.12 10.15
CA HIS P 528 18.26 11.16 9.47
C HIS P 528 18.64 12.32 10.38
N THR P 529 18.47 12.20 11.70
CA THR P 529 18.81 13.27 12.63
C THR P 529 20.28 13.27 13.02
N VAL P 530 21.00 12.17 12.76
CA VAL P 530 22.41 12.10 13.13
C VAL P 530 23.22 13.16 12.38
N SER P 531 22.63 13.73 11.33
CA SER P 531 23.25 14.84 10.63
C SER P 531 23.49 16.03 11.55
N ARG P 532 22.70 16.19 12.60
CA ARG P 532 22.98 17.22 13.59
C ARG P 532 23.99 16.76 14.62
N LEU P 533 24.18 15.44 14.77
CA LEU P 533 25.21 14.93 15.65
C LEU P 533 26.61 15.11 15.06
N ILE P 534 26.78 14.79 13.79
CA ILE P 534 28.11 14.79 13.17
C ILE P 534 28.27 15.86 12.09
N GLY P 535 27.21 16.52 11.68
CA GLY P 535 27.31 17.51 10.62
C GLY P 535 26.80 16.97 9.29
N ALA P 536 26.50 17.90 8.39
CA ALA P 536 26.01 17.53 7.07
C ALA P 536 27.17 17.34 6.11
N PRO P 537 27.01 16.46 5.11
CA PRO P 537 28.08 16.27 4.15
C PRO P 537 28.39 17.55 3.41
N PRO P 538 29.55 17.65 2.78
CA PRO P 538 29.88 18.86 2.03
C PRO P 538 28.89 19.08 0.89
N GLY P 539 28.61 20.36 0.62
CA GLY P 539 27.69 20.71 -0.43
C GLY P 539 26.24 20.87 0.02
N TYR P 540 25.95 20.67 1.30
CA TYR P 540 24.59 20.72 1.79
C TYR P 540 24.41 21.91 2.73
N VAL P 541 23.14 22.21 3.03
CA VAL P 541 22.78 23.48 3.66
C VAL P 541 23.46 23.64 5.02
N GLY P 542 23.59 22.56 5.78
CA GLY P 542 24.17 22.63 7.10
C GLY P 542 25.63 22.24 7.20
N PHE P 543 26.44 22.50 6.16
CA PHE P 543 27.81 21.99 6.17
C PHE P 543 28.67 22.76 7.15
N ASP P 544 28.81 24.07 6.97
CA ASP P 544 29.71 24.88 7.78
C ASP P 544 29.23 25.04 9.22
N GLN P 545 28.08 24.46 9.57
CA GLN P 545 27.56 24.60 10.92
C GLN P 545 28.27 23.66 11.89
N GLY P 546 28.70 22.50 11.41
CA GLY P 546 29.36 21.52 12.25
C GLY P 546 28.38 20.68 13.05
N GLY P 547 28.93 19.70 13.75
CA GLY P 547 28.15 18.77 14.52
C GLY P 547 27.90 19.28 15.92
N LEU P 548 26.84 18.75 16.55
CA LEU P 548 26.55 19.12 17.93
C LEU P 548 27.40 18.30 18.90
N LEU P 549 27.28 16.98 18.83
CA LEU P 549 28.02 16.10 19.73
C LEU P 549 29.52 16.22 19.53
N THR P 550 29.98 16.25 18.28
CA THR P 550 31.41 16.34 18.02
C THR P 550 31.99 17.66 18.52
N ASP P 551 31.32 18.78 18.23
CA ASP P 551 31.84 20.06 18.69
C ASP P 551 31.77 20.16 20.21
N ALA P 552 30.73 19.61 20.81
CA ALA P 552 30.64 19.61 22.27
C ALA P 552 31.82 18.87 22.89
N VAL P 553 32.12 17.67 22.39
CA VAL P 553 33.22 16.89 22.94
C VAL P 553 34.56 17.54 22.66
N ILE P 554 34.70 18.17 21.48
CA ILE P 554 35.95 18.85 21.16
C ILE P 554 36.16 20.04 22.09
N LYS P 555 35.10 20.78 22.39
CA LYS P 555 35.23 21.95 23.26
C LYS P 555 35.43 21.53 24.71
N HIS P 556 34.77 20.47 25.13
CA HIS P 556 34.87 19.95 26.50
C HIS P 556 35.49 18.56 26.45
N PRO P 557 36.82 18.48 26.38
CA PRO P 557 37.47 17.17 26.38
C PRO P 557 37.18 16.35 27.62
N HIS P 558 37.10 17.00 28.77
CA HIS P 558 36.78 16.35 30.04
C HIS P 558 35.35 16.73 30.42
N ALA P 559 34.43 15.79 30.27
CA ALA P 559 33.02 16.08 30.51
C ALA P 559 32.28 14.76 30.74
N VAL P 560 30.99 14.88 31.04
CA VAL P 560 30.09 13.73 31.17
C VAL P 560 29.08 13.81 30.04
N LEU P 561 28.90 12.69 29.33
CA LEU P 561 27.97 12.61 28.22
C LEU P 561 26.72 11.87 28.70
N LEU P 562 25.56 12.51 28.59
CA LEU P 562 24.31 11.98 29.08
C LEU P 562 23.32 11.87 27.93
N LEU P 563 22.80 10.67 27.72
CA LEU P 563 21.86 10.38 26.64
C LEU P 563 20.57 9.84 27.25
N ASP P 564 19.61 10.74 27.50
CA ASP P 564 18.36 10.37 28.15
C ASP P 564 17.47 9.59 27.19
N GLU P 565 16.89 8.51 27.70
CA GLU P 565 15.97 7.66 26.94
C GLU P 565 16.61 7.19 25.65
N ILE P 566 17.69 6.43 25.79
CA ILE P 566 18.43 5.95 24.63
C ILE P 566 17.56 5.06 23.76
N GLU P 567 16.56 4.40 24.36
CA GLU P 567 15.65 3.57 23.59
C GLU P 567 14.67 4.39 22.75
N LYS P 568 14.55 5.69 23.03
CA LYS P 568 13.68 6.54 22.22
C LYS P 568 14.32 6.90 20.89
N ALA P 569 15.63 7.07 20.85
CA ALA P 569 16.32 7.44 19.63
C ALA P 569 16.21 6.34 18.58
N HIS P 570 16.49 6.71 17.34
CA HIS P 570 16.44 5.74 16.24
C HIS P 570 17.53 4.68 16.45
N PRO P 571 17.28 3.43 16.05
CA PRO P 571 18.32 2.40 16.18
C PRO P 571 19.59 2.69 15.42
N ASP P 572 19.61 3.71 14.56
CA ASP P 572 20.81 3.98 13.78
C ASP P 572 21.77 4.94 14.47
N VAL P 573 21.34 5.63 15.53
CA VAL P 573 22.30 6.35 16.34
C VAL P 573 23.15 5.40 17.16
N PHE P 574 22.61 4.22 17.47
CA PHE P 574 23.41 3.18 18.11
C PHE P 574 24.61 2.80 17.27
N ASN P 575 24.52 2.91 15.96
CA ASN P 575 25.66 2.61 15.10
C ASN P 575 26.81 3.60 15.28
N ILE P 576 26.52 4.88 15.48
CA ILE P 576 27.56 5.82 15.86
C ILE P 576 28.08 5.49 17.24
N LEU P 577 27.17 5.25 18.19
CA LEU P 577 27.56 4.93 19.56
C LEU P 577 28.51 3.75 19.61
N LEU P 578 28.39 2.83 18.64
CA LEU P 578 29.32 1.71 18.55
C LEU P 578 30.76 2.19 18.54
N GLN P 579 31.13 3.01 17.56
CA GLN P 579 32.51 3.47 17.47
C GLN P 579 32.84 4.45 18.59
N VAL P 580 31.84 5.23 19.04
CA VAL P 580 32.08 6.14 20.15
C VAL P 580 32.55 5.39 21.39
N MET P 581 31.92 4.25 21.67
CA MET P 581 32.29 3.50 22.87
C MET P 581 33.50 2.62 22.63
N ASP P 582 33.66 2.08 21.41
CA ASP P 582 34.75 1.15 21.18
C ASP P 582 36.08 1.85 20.98
N ASN P 583 36.16 2.85 20.12
CA ASN P 583 37.42 3.51 19.83
C ASN P 583 37.55 4.91 20.41
N GLY P 584 36.50 5.43 21.06
CA GLY P 584 36.58 6.73 21.70
C GLY P 584 36.89 7.89 20.78
N THR P 585 36.53 7.78 19.51
CA THR P 585 36.81 8.83 18.54
C THR P 585 35.62 8.97 17.60
N LEU P 586 35.32 10.21 17.23
CA LEU P 586 34.23 10.51 16.31
C LEU P 586 34.67 11.62 15.38
N THR P 587 34.34 11.49 14.11
CA THR P 587 34.76 12.42 13.08
C THR P 587 33.57 13.22 12.55
N ASP P 588 33.68 14.54 12.57
CA ASP P 588 32.65 15.37 11.98
C ASP P 588 32.98 15.62 10.51
N ASN P 589 32.06 16.28 9.81
CA ASN P 589 32.12 16.40 8.35
C ASN P 589 33.35 17.13 7.85
N ASN P 590 34.10 17.80 8.73
CA ASN P 590 35.34 18.46 8.34
C ASN P 590 36.56 17.58 8.54
N GLY P 591 36.36 16.33 8.95
CA GLY P 591 37.47 15.42 9.16
C GLY P 591 38.16 15.56 10.49
N ARG P 592 37.71 16.46 11.36
CA ARG P 592 38.29 16.60 12.68
C ARG P 592 37.72 15.54 13.61
N LYS P 593 38.59 15.00 14.46
CA LYS P 593 38.24 13.88 15.33
C LYS P 593 38.02 14.38 16.74
N ALA P 594 36.95 13.90 17.36
CA ALA P 594 36.68 14.20 18.76
C ALA P 594 37.26 13.12 19.65
N ASP P 595 37.85 13.52 20.77
CA ASP P 595 38.52 12.61 21.69
C ASP P 595 37.58 12.34 22.86
N PHE P 596 37.15 11.08 23.00
CA PHE P 596 36.20 10.68 24.02
C PHE P 596 36.84 9.95 25.19
N ARG P 597 38.17 9.87 25.22
CA ARG P 597 38.84 9.06 26.23
C ARG P 597 38.64 9.59 27.65
N ASN P 598 38.47 10.90 27.81
CA ASN P 598 38.22 11.48 29.11
C ASN P 598 36.76 11.88 29.29
N VAL P 599 35.86 11.27 28.53
CA VAL P 599 34.43 11.57 28.58
C VAL P 599 33.70 10.35 29.11
N VAL P 600 32.75 10.57 30.02
CA VAL P 600 31.96 9.50 30.60
C VAL P 600 30.68 9.35 29.80
N LEU P 601 30.43 8.15 29.31
CA LEU P 601 29.27 7.85 28.47
C LEU P 601 28.20 7.21 29.35
N VAL P 602 27.07 7.89 29.50
CA VAL P 602 25.95 7.39 30.30
C VAL P 602 24.69 7.43 29.46
N MET P 603 23.93 6.33 29.50
CA MET P 603 22.66 6.23 28.80
C MET P 603 21.60 5.69 29.74
N THR P 604 20.49 6.42 29.86
CA THR P 604 19.38 6.05 30.73
C THR P 604 18.25 5.48 29.91
N THR P 605 17.52 4.53 30.49
CA THR P 605 16.42 3.88 29.79
C THR P 605 15.53 3.15 30.78
N ASN P 606 14.37 2.73 30.29
CA ASN P 606 13.44 1.90 31.04
C ASN P 606 12.98 0.70 30.22
N ALA P 607 13.90 -0.01 29.57
CA ALA P 607 13.51 -0.97 28.53
C ALA P 607 12.75 -2.15 29.10
N GLY P 608 13.37 -2.92 29.99
CA GLY P 608 12.74 -4.14 30.48
C GLY P 608 11.70 -3.95 31.57
N VAL P 609 11.22 -2.72 31.78
CA VAL P 609 10.30 -2.47 32.88
C VAL P 609 8.96 -3.13 32.64
N ARG P 610 8.30 -2.77 31.54
CA ARG P 610 6.96 -3.30 31.27
C ARG P 610 7.00 -4.81 31.01
N GLU P 611 8.13 -5.34 30.53
CA GLU P 611 8.22 -6.76 30.24
C GLU P 611 8.15 -7.61 31.50
N THR P 612 8.35 -7.02 32.67
CA THR P 612 8.40 -7.78 33.93
C THR P 612 7.44 -7.23 34.98
N GLU P 613 6.62 -6.23 34.66
CA GLU P 613 5.78 -5.60 35.65
C GLU P 613 4.51 -6.38 35.98
N ARG P 614 4.26 -7.47 35.26
CA ARG P 614 3.05 -8.26 35.47
C ARG P 614 3.43 -9.71 35.77
N LYS P 615 2.50 -10.42 36.38
CA LYS P 615 2.70 -11.84 36.67
C LYS P 615 2.23 -12.69 35.49
N SER P 616 2.51 -13.99 35.59
CA SER P 616 2.17 -14.89 34.51
C SER P 616 0.67 -15.14 34.45
N ILE P 617 0.22 -15.58 33.28
CA ILE P 617 -1.19 -15.90 33.06
C ILE P 617 -1.35 -17.40 33.14
N GLY P 618 -2.13 -17.86 34.11
CA GLY P 618 -2.41 -19.29 34.23
C GLY P 618 -2.58 -19.69 35.66
N LEU P 619 -3.00 -20.94 35.83
CA LEU P 619 -3.23 -21.49 37.16
C LEU P 619 -1.94 -21.60 37.96
N ILE P 620 -0.82 -21.85 37.29
CA ILE P 620 0.46 -22.02 37.94
C ILE P 620 1.33 -20.83 37.58
N HIS P 621 1.77 -20.09 38.59
CA HIS P 621 2.64 -18.95 38.34
C HIS P 621 4.05 -19.41 38.00
N GLN P 622 4.57 -18.92 36.89
CA GLN P 622 5.93 -19.21 36.49
C GLN P 622 6.89 -18.25 37.19
N ASP P 623 8.18 -18.43 36.94
CA ASP P 623 9.17 -17.58 37.60
C ASP P 623 9.04 -16.14 37.14
N ASN P 624 9.05 -15.91 35.82
CA ASN P 624 8.94 -14.58 35.24
C ASN P 624 10.01 -13.63 35.81
N SER P 625 11.11 -14.22 36.26
CA SER P 625 12.21 -13.48 36.86
C SER P 625 13.48 -13.48 36.03
N THR P 626 13.67 -14.48 35.16
CA THR P 626 14.79 -14.43 34.23
C THR P 626 14.64 -13.25 33.28
N ASP P 627 13.42 -12.78 33.04
CA ASP P 627 13.19 -11.51 32.37
C ASP P 627 13.20 -10.43 33.43
N ALA P 628 14.40 -10.04 33.86
CA ALA P 628 14.59 -9.03 34.90
C ALA P 628 15.13 -7.75 34.29
N MET P 629 14.57 -7.36 33.14
CA MET P 629 15.13 -6.38 32.21
C MET P 629 16.36 -7.00 31.54
N GLU P 630 16.58 -8.29 31.81
CA GLU P 630 17.60 -9.03 31.07
C GLU P 630 17.25 -9.10 29.60
N GLU P 631 15.97 -9.02 29.26
CA GLU P 631 15.52 -9.05 27.89
C GLU P 631 15.74 -7.69 27.23
N ILE P 632 16.55 -6.84 27.86
CA ILE P 632 17.03 -5.64 27.19
C ILE P 632 17.89 -6.03 25.99
N LYS P 633 18.40 -7.26 25.98
CA LYS P 633 18.92 -7.84 24.75
C LYS P 633 17.82 -7.90 23.70
N LYS P 634 18.20 -8.23 22.47
CA LYS P 634 17.29 -8.25 21.33
C LYS P 634 16.77 -6.85 21.02
N ILE P 635 17.14 -5.88 21.86
CA ILE P 635 16.79 -4.49 21.63
C ILE P 635 18.04 -3.65 21.40
N PHE P 636 19.22 -4.21 21.71
CA PHE P 636 20.43 -3.43 21.70
C PHE P 636 21.58 -4.06 20.92
N THR P 637 21.29 -4.86 19.88
CA THR P 637 22.26 -5.29 18.87
C THR P 637 23.57 -5.79 19.47
N PRO P 638 23.60 -7.06 19.91
CA PRO P 638 24.66 -7.54 20.84
C PRO P 638 26.05 -6.95 20.66
N GLU P 639 26.45 -6.55 19.46
CA GLU P 639 27.75 -5.89 19.31
C GLU P 639 27.76 -4.54 20.03
N PHE P 640 26.59 -4.07 20.45
CA PHE P 640 26.51 -2.83 21.22
C PHE P 640 26.56 -3.11 22.72
N ARG P 641 25.89 -4.18 23.15
CA ARG P 641 25.95 -4.56 24.56
C ARG P 641 27.31 -5.11 24.91
N ASN P 642 28.04 -5.64 23.93
CA ASN P 642 29.36 -6.22 24.15
C ASN P 642 30.41 -5.18 24.50
N ARG P 643 30.15 -3.89 24.25
CA ARG P 643 31.10 -2.84 24.58
C ARG P 643 30.61 -1.94 25.71
N LEU P 644 29.49 -2.28 26.34
CA LEU P 644 29.04 -1.59 27.54
C LEU P 644 29.83 -2.09 28.73
N ASP P 645 30.08 -1.17 29.67
CA ASP P 645 30.81 -1.56 30.88
C ASP P 645 29.96 -2.47 31.76
N ASN P 646 28.70 -2.11 31.97
CA ASN P 646 27.74 -2.94 32.71
C ASN P 646 26.37 -2.30 32.56
N ILE P 647 25.34 -3.14 32.59
CA ILE P 647 23.95 -2.71 32.54
C ILE P 647 23.45 -2.65 33.97
N ILE P 648 23.43 -1.45 34.54
CA ILE P 648 23.11 -1.25 35.95
C ILE P 648 21.61 -1.09 36.09
N TRP P 649 20.96 -2.12 36.65
CA TRP P 649 19.52 -2.09 36.87
C TRP P 649 19.20 -1.30 38.13
N PHE P 650 18.15 -0.49 38.04
CA PHE P 650 17.67 0.27 39.19
C PHE P 650 16.42 -0.38 39.76
N ASP P 651 16.30 -0.37 41.09
CA ASP P 651 15.15 -0.92 41.77
C ASP P 651 14.24 0.20 42.25
N HIS P 652 12.99 -0.16 42.55
CA HIS P 652 12.04 0.83 43.03
C HIS P 652 12.41 1.29 44.43
N LEU P 653 12.16 2.57 44.70
CA LEU P 653 12.49 3.15 46.00
C LEU P 653 11.65 2.53 47.10
N SER P 654 12.32 2.14 48.18
CA SER P 654 11.62 1.66 49.36
C SER P 654 11.06 2.83 50.16
N THR P 655 10.22 2.49 51.14
CA THR P 655 9.60 3.54 51.97
C THR P 655 10.66 4.37 52.69
N ASP P 656 11.75 3.74 53.13
CA ASP P 656 12.82 4.49 53.75
C ASP P 656 13.48 5.43 52.76
N VAL P 657 13.71 4.95 51.54
CA VAL P 657 14.25 5.81 50.49
C VAL P 657 13.30 6.96 50.21
N ILE P 658 12.00 6.69 50.23
CA ILE P 658 11.02 7.76 50.03
C ILE P 658 11.15 8.80 51.13
N HIS P 659 11.26 8.36 52.39
CA HIS P 659 11.44 9.29 53.49
C HIS P 659 12.68 10.13 53.29
N GLN P 660 13.79 9.49 52.88
CA GLN P 660 15.03 10.24 52.69
C GLN P 660 14.89 11.26 51.58
N VAL P 661 14.16 10.92 50.51
CA VAL P 661 13.95 11.86 49.42
C VAL P 661 13.12 13.04 49.88
N VAL P 662 12.08 12.78 50.68
CA VAL P 662 11.26 13.88 51.20
C VAL P 662 12.10 14.79 52.08
N ASP P 663 12.98 14.20 52.92
CA ASP P 663 13.88 15.02 53.72
C ASP P 663 14.80 15.85 52.84
N LYS P 664 15.29 15.26 51.76
CA LYS P 664 16.16 15.98 50.83
C LYS P 664 15.43 17.19 50.24
N PHE P 665 14.20 16.97 49.77
CA PHE P 665 13.42 18.07 49.22
C PHE P 665 13.15 19.15 50.28
N ILE P 666 12.93 18.74 51.52
CA ILE P 666 12.65 19.70 52.57
C ILE P 666 13.88 20.53 52.90
N VAL P 667 15.06 19.90 52.88
CA VAL P 667 16.29 20.66 53.08
C VAL P 667 16.50 21.64 51.92
N GLU P 668 16.19 21.21 50.70
CA GLU P 668 16.30 22.13 49.56
C GLU P 668 15.36 23.31 49.74
N LEU P 669 14.14 23.06 50.17
CA LEU P 669 13.18 24.14 50.40
C LEU P 669 13.66 25.07 51.51
N GLN P 670 14.26 24.50 52.55
CA GLN P 670 14.78 25.33 53.64
C GLN P 670 15.91 26.23 53.16
N VAL P 671 16.75 25.70 52.27
CA VAL P 671 17.81 26.54 51.69
C VAL P 671 17.21 27.66 50.87
N GLN P 672 16.23 27.34 50.00
CA GLN P 672 15.61 28.36 49.18
C GLN P 672 14.90 29.41 50.02
N LEU P 673 14.38 29.02 51.18
CA LEU P 673 13.70 29.96 52.05
C LEU P 673 14.69 30.81 52.85
N ASP P 674 15.79 30.21 53.30
CA ASP P 674 16.82 30.97 53.98
C ASP P 674 17.49 31.96 53.03
N GLN P 675 17.45 31.68 51.73
CA GLN P 675 17.89 32.68 50.76
C GLN P 675 17.08 33.97 50.87
N LYS P 676 15.82 33.90 51.28
CA LYS P 676 15.00 35.07 51.51
C LYS P 676 14.90 35.43 52.99
N GLY P 677 15.69 34.79 53.84
CA GLY P 677 15.65 35.07 55.26
C GLY P 677 14.43 34.59 55.99
N VAL P 678 13.79 33.53 55.50
CA VAL P 678 12.60 32.96 56.14
C VAL P 678 12.91 31.52 56.51
N SER P 679 13.38 31.30 57.73
CA SER P 679 13.77 29.98 58.18
C SER P 679 12.54 29.11 58.33
N LEU P 680 12.64 27.85 57.89
CA LEU P 680 11.52 26.92 57.89
C LEU P 680 11.77 25.83 58.92
N GLU P 681 10.74 25.51 59.70
CA GLU P 681 10.77 24.40 60.64
C GLU P 681 9.61 23.45 60.33
N VAL P 682 9.92 22.18 60.14
CA VAL P 682 8.95 21.19 59.70
C VAL P 682 8.95 20.04 60.71
N SER P 683 7.76 19.65 61.17
CA SER P 683 7.66 18.55 62.11
C SER P 683 7.90 17.22 61.41
N GLN P 684 8.44 16.27 62.16
CA GLN P 684 8.74 14.95 61.61
C GLN P 684 7.45 14.25 61.18
N GLU P 685 6.37 14.48 61.91
CA GLU P 685 5.08 13.91 61.50
C GLU P 685 4.59 14.55 60.22
N ALA P 686 4.83 15.85 60.06
CA ALA P 686 4.52 16.48 58.78
C ALA P 686 5.35 15.89 57.66
N ARG P 687 6.63 15.61 57.93
CA ARG P 687 7.47 14.96 56.93
C ARG P 687 6.91 13.59 56.54
N ASN P 688 6.50 12.80 57.54
CA ASN P 688 5.99 11.47 57.24
C ASN P 688 4.66 11.53 56.51
N TRP P 689 3.82 12.52 56.82
CA TRP P 689 2.58 12.70 56.07
C TRP P 689 2.89 13.06 54.62
N LEU P 690 3.85 13.96 54.41
CA LEU P 690 4.25 14.31 53.05
C LEU P 690 4.78 13.09 52.31
N ALA P 691 5.50 12.22 53.01
CA ALA P 691 6.05 11.03 52.38
C ALA P 691 4.95 10.06 51.99
N GLU P 692 4.07 9.71 52.93
CA GLU P 692 2.99 8.78 52.62
C GLU P 692 2.03 9.35 51.59
N LYS P 693 1.94 10.68 51.50
CA LYS P 693 1.03 11.31 50.55
C LYS P 693 1.53 11.13 49.11
N GLY P 694 2.75 11.57 48.84
CA GLY P 694 3.35 11.44 47.53
C GLY P 694 4.06 10.13 47.27
N TYR P 695 3.87 9.12 48.12
CA TYR P 695 4.56 7.85 47.94
C TYR P 695 4.00 7.14 46.71
N ASP P 696 4.90 6.74 45.81
CA ASP P 696 4.51 6.00 44.62
C ASP P 696 5.70 5.15 44.17
N ARG P 697 5.39 3.94 43.70
CA ARG P 697 6.41 3.08 43.13
C ARG P 697 6.39 3.09 41.61
N ALA P 698 5.23 3.35 41.02
CA ALA P 698 5.14 3.39 39.56
C ALA P 698 5.89 4.60 39.01
N MET P 699 5.90 5.71 39.74
CA MET P 699 6.55 6.93 39.28
C MET P 699 7.72 7.34 40.17
N GLY P 700 8.05 6.52 41.17
CA GLY P 700 9.21 6.80 42.00
C GLY P 700 9.07 8.13 42.73
N ALA P 701 10.16 8.89 42.75
CA ALA P 701 10.20 10.18 43.44
C ALA P 701 9.82 11.35 42.55
N ARG P 702 9.28 11.08 41.36
CA ARG P 702 8.85 12.18 40.49
C ARG P 702 7.61 12.90 41.02
N PRO P 703 6.50 12.23 41.36
CA PRO P 703 5.34 12.96 41.86
C PRO P 703 5.56 13.56 43.24
N MET P 704 6.62 13.18 43.94
CA MET P 704 6.92 13.76 45.24
C MET P 704 7.18 15.26 45.13
N ALA P 705 7.85 15.69 44.06
CA ALA P 705 8.11 17.11 43.89
C ALA P 705 6.82 17.90 43.76
N ARG P 706 5.88 17.43 42.94
CA ARG P 706 4.59 18.10 42.81
C ARG P 706 3.79 18.05 44.10
N VAL P 707 3.83 16.92 44.81
CA VAL P 707 3.13 16.83 46.09
C VAL P 707 3.66 17.87 47.07
N ILE P 708 4.97 17.92 47.24
CA ILE P 708 5.56 18.86 48.18
C ILE P 708 5.29 20.29 47.75
N GLN P 709 5.37 20.57 46.44
CA GLN P 709 5.06 21.91 45.95
C GLN P 709 3.65 22.30 46.33
N ASP P 710 2.65 21.52 45.89
CA ASP P 710 1.26 21.82 46.16
C ASP P 710 0.94 21.89 47.65
N ASN P 711 1.67 21.15 48.49
CA ASN P 711 1.32 21.14 49.91
C ASN P 711 1.99 22.27 50.69
N LEU P 712 3.22 22.63 50.35
CA LEU P 712 3.97 23.61 51.14
C LEU P 712 4.19 24.92 50.42
N LYS P 713 4.62 24.89 49.16
CA LYS P 713 5.10 26.12 48.51
C LYS P 713 3.99 27.14 48.32
N LYS P 714 2.77 26.67 48.06
CA LYS P 714 1.68 27.59 47.72
C LYS P 714 1.30 28.51 48.87
N PRO P 715 0.93 28.01 50.06
CA PRO P 715 0.60 28.95 51.15
C PRO P 715 1.78 29.79 51.57
N LEU P 716 2.98 29.20 51.57
CA LEU P 716 4.19 29.96 51.85
C LEU P 716 4.38 31.06 50.80
N ALA P 717 4.09 30.76 49.53
CA ALA P 717 4.22 31.78 48.51
C ALA P 717 3.22 32.91 48.71
N ASN P 718 1.99 32.56 49.09
CA ASN P 718 1.03 33.60 49.47
C ASN P 718 1.58 34.49 50.57
N GLU P 719 2.10 33.88 51.64
CA GLU P 719 2.59 34.65 52.77
C GLU P 719 3.77 35.53 52.38
N LEU P 720 4.68 35.02 51.55
CA LEU P 720 5.88 35.78 51.19
C LEU P 720 5.57 36.89 50.20
N LEU P 721 4.63 36.67 49.28
CA LEU P 721 4.37 37.68 48.27
C LEU P 721 3.40 38.75 48.76
N PHE P 722 2.44 38.39 49.60
CA PHE P 722 1.45 39.38 50.03
C PHE P 722 2.04 40.35 51.05
N GLY P 723 3.12 39.97 51.72
CA GLY P 723 3.77 40.85 52.66
C GLY P 723 3.59 40.49 54.12
N SER P 724 2.63 39.61 54.45
CA SER P 724 2.45 39.19 55.83
C SER P 724 3.68 38.49 56.37
N LEU P 725 4.42 37.79 55.51
CA LEU P 725 5.67 37.14 55.87
C LEU P 725 6.79 37.79 55.07
N VAL P 726 7.67 38.50 55.76
CA VAL P 726 8.82 39.15 55.14
C VAL P 726 10.08 38.61 55.80
N ASP P 727 11.22 39.15 55.38
CA ASP P 727 12.51 38.71 55.87
C ASP P 727 12.55 38.65 57.40
N GLY P 728 12.88 37.48 57.93
CA GLY P 728 13.00 37.29 59.36
C GLY P 728 11.96 36.37 59.96
N GLY P 729 10.94 35.98 59.20
CA GLY P 729 9.90 35.11 59.72
C GLY P 729 10.34 33.66 59.82
N GLN P 730 9.63 32.92 60.66
CA GLN P 730 9.85 31.49 60.84
C GLN P 730 8.52 30.77 60.67
N VAL P 731 8.56 29.62 60.01
CA VAL P 731 7.36 28.90 59.63
C VAL P 731 7.39 27.49 60.23
N THR P 732 6.28 27.08 60.81
CA THR P 732 6.12 25.75 61.36
C THR P 732 4.99 25.03 60.63
N VAL P 733 5.06 23.71 60.63
CA VAL P 733 4.04 22.87 60.00
C VAL P 733 3.95 21.55 60.76
N ALA P 734 2.72 21.10 60.98
CA ALA P 734 2.47 19.82 61.65
C ALA P 734 1.22 19.19 61.06
N LEU P 735 1.04 17.90 61.32
CA LEU P 735 -0.08 17.16 60.78
C LEU P 735 -1.33 17.35 61.62
N ASP P 736 -2.44 17.61 60.94
CA ASP P 736 -3.76 17.61 61.57
C ASP P 736 -4.32 16.20 61.47
N LYS P 737 -4.00 15.36 62.47
CA LYS P 737 -4.40 13.95 62.42
C LYS P 737 -5.89 13.76 62.45
N GLU P 738 -6.66 14.76 62.92
CA GLU P 738 -8.10 14.65 63.00
C GLU P 738 -8.79 14.75 61.64
N LYS P 739 -8.25 15.54 60.71
CA LYS P 739 -8.82 15.65 59.37
C LYS P 739 -7.81 15.42 58.25
N ASN P 740 -6.61 14.91 58.56
CA ASN P 740 -5.60 14.60 57.56
C ASN P 740 -5.21 15.86 56.77
N GLU P 741 -4.72 16.86 57.49
CA GLU P 741 -4.31 18.13 56.91
C GLU P 741 -3.04 18.62 57.58
N LEU P 742 -2.53 19.74 57.12
CA LEU P 742 -1.30 20.29 57.66
C LEU P 742 -1.59 21.47 58.58
N THR P 743 -0.58 21.87 59.34
CA THR P 743 -0.62 23.07 60.16
C THR P 743 0.21 24.16 59.49
N TYR P 744 -0.27 25.40 59.59
CA TYR P 744 0.44 26.56 59.10
C TYR P 744 0.28 27.70 60.09
N GLY P 745 1.29 28.56 60.14
CA GLY P 745 1.31 29.66 61.09
C GLY P 745 2.14 30.82 60.59
N PHE P 746 2.66 31.59 61.55
CA PHE P 746 3.50 32.74 61.25
C PHE P 746 4.74 32.27 60.49
N MET Q 169 63.55 44.29 -30.58
CA MET Q 169 64.07 42.93 -30.38
C MET Q 169 65.36 42.96 -29.56
N GLU Q 170 65.74 44.15 -29.09
CA GLU Q 170 67.03 44.30 -28.43
C GLU Q 170 67.05 43.58 -27.08
N ASN Q 171 66.19 43.99 -26.15
CA ASN Q 171 66.22 43.46 -24.79
C ASN Q 171 64.88 42.88 -24.37
N PHE Q 172 63.98 42.62 -25.32
CA PHE Q 172 62.70 42.01 -25.04
C PHE Q 172 62.55 40.63 -25.65
N THR Q 173 63.37 40.29 -26.65
CA THR Q 173 63.30 39.01 -27.33
C THR Q 173 64.64 38.30 -27.23
N THR Q 174 64.63 36.99 -27.49
CA THR Q 174 65.82 36.17 -27.48
C THR Q 174 65.92 35.42 -28.80
N ASN Q 175 66.99 35.66 -29.55
CA ASN Q 175 67.16 35.05 -30.86
C ASN Q 175 67.41 33.56 -30.68
N LEU Q 176 66.39 32.75 -30.98
CA LEU Q 176 66.47 31.31 -30.79
C LEU Q 176 67.51 30.66 -31.68
N ASN Q 177 67.75 31.20 -32.87
CA ASN Q 177 68.78 30.65 -33.75
C ASN Q 177 70.17 30.83 -33.17
N GLN Q 178 70.41 31.99 -32.53
CA GLN Q 178 71.68 32.19 -31.85
C GLN Q 178 71.88 31.19 -30.72
N LEU Q 179 70.82 30.95 -29.94
CA LEU Q 179 70.92 29.99 -28.85
C LEU Q 179 71.10 28.57 -29.37
N ALA Q 180 70.54 28.28 -30.55
CA ALA Q 180 70.72 26.96 -31.13
C ALA Q 180 72.11 26.79 -31.70
N ARG Q 181 72.71 27.88 -32.20
CA ARG Q 181 74.05 27.79 -32.75
C ARG Q 181 75.08 27.54 -31.67
N VAL Q 182 74.78 27.92 -30.42
CA VAL Q 182 75.69 27.66 -29.30
C VAL Q 182 75.27 26.39 -28.59
N GLY Q 183 74.37 25.63 -29.22
CA GLY Q 183 73.98 24.34 -28.67
C GLY Q 183 73.10 24.42 -27.43
N GLY Q 184 72.45 25.54 -27.19
CA GLY Q 184 71.60 25.70 -26.03
C GLY Q 184 70.22 25.09 -26.13
N ILE Q 185 69.89 24.49 -27.27
CA ILE Q 185 68.54 23.95 -27.51
C ILE Q 185 68.66 22.45 -27.64
N ASP Q 186 67.80 21.72 -26.93
CA ASP Q 186 67.82 20.27 -26.99
C ASP Q 186 67.31 19.79 -28.34
N PRO Q 187 67.82 18.67 -28.85
CA PRO Q 187 67.42 18.22 -30.18
C PRO Q 187 66.00 17.69 -30.21
N LEU Q 188 65.25 18.12 -31.22
CA LEU Q 188 63.88 17.69 -31.43
C LEU Q 188 63.86 16.32 -32.08
N ILE Q 189 63.14 15.38 -31.47
CA ILE Q 189 63.06 14.01 -31.93
C ILE Q 189 61.63 13.75 -32.41
N GLY Q 190 61.50 13.20 -33.62
CA GLY Q 190 60.18 12.92 -34.13
C GLY Q 190 59.37 14.20 -34.33
N ARG Q 191 58.10 14.13 -33.97
CA ARG Q 191 57.19 15.27 -34.07
C ARG Q 191 57.10 15.79 -35.50
N GLU Q 192 57.19 14.86 -36.46
CA GLU Q 192 57.22 15.25 -37.87
C GLU Q 192 55.86 15.78 -38.33
N LYS Q 193 54.78 15.10 -37.92
CA LYS Q 193 53.44 15.56 -38.32
C LYS Q 193 53.14 16.94 -37.77
N GLU Q 194 53.42 17.17 -36.49
CA GLU Q 194 53.14 18.46 -35.87
C GLU Q 194 54.00 19.56 -36.49
N LEU Q 195 55.28 19.25 -36.76
CA LEU Q 195 56.14 20.25 -37.38
C LEU Q 195 55.68 20.58 -38.80
N GLU Q 196 55.26 19.56 -39.55
CA GLU Q 196 54.73 19.80 -40.90
C GLU Q 196 53.48 20.67 -40.83
N ARG Q 197 52.60 20.40 -39.87
CA ARG Q 197 51.40 21.21 -39.72
C ARG Q 197 51.76 22.65 -39.35
N ALA Q 198 52.74 22.82 -38.46
CA ALA Q 198 53.16 24.16 -38.08
C ALA Q 198 53.74 24.91 -39.28
N ILE Q 199 54.48 24.22 -40.13
CA ILE Q 199 55.04 24.87 -41.32
C ILE Q 199 53.92 25.24 -42.28
N GLN Q 200 52.97 24.32 -42.50
CA GLN Q 200 51.84 24.62 -43.36
C GLN Q 200 51.07 25.83 -42.88
N VAL Q 201 50.82 25.91 -41.57
CA VAL Q 201 50.11 27.07 -41.02
C VAL Q 201 50.96 28.33 -41.18
N LEU Q 202 52.27 28.22 -40.98
CA LEU Q 202 53.14 29.38 -41.09
C LEU Q 202 53.18 29.93 -42.51
N CYS Q 203 53.06 29.05 -43.50
CA CYS Q 203 53.10 29.51 -44.90
C CYS Q 203 51.74 29.94 -45.42
N ARG Q 204 50.75 30.13 -44.56
CA ARG Q 204 49.45 30.63 -44.99
C ARG Q 204 49.58 32.09 -45.42
N ARG Q 205 48.55 32.58 -46.12
CA ARG Q 205 48.59 33.95 -46.60
C ARG Q 205 48.25 34.94 -45.49
N ARG Q 206 47.17 34.68 -44.76
CA ARG Q 206 46.75 35.53 -43.66
C ARG Q 206 46.38 34.66 -42.46
N LYS Q 207 46.44 35.27 -41.27
CA LYS Q 207 46.21 34.56 -40.02
C LYS Q 207 47.14 33.35 -39.89
N ASN Q 208 48.37 33.50 -40.42
CA ASN Q 208 49.33 32.41 -40.43
C ASN Q 208 50.08 32.34 -39.10
N ASN Q 209 49.32 32.06 -38.06
CA ASN Q 209 49.83 32.05 -36.69
C ASN Q 209 49.48 30.72 -36.03
N PRO Q 210 50.44 29.81 -35.94
CA PRO Q 210 50.16 28.52 -35.29
C PRO Q 210 50.10 28.66 -33.79
N LEU Q 211 49.15 27.95 -33.20
CA LEU Q 211 48.99 27.93 -31.75
C LEU Q 211 49.14 26.49 -31.28
N LEU Q 212 50.26 26.22 -30.59
CA LEU Q 212 50.52 24.89 -30.04
C LEU Q 212 49.84 24.78 -28.68
N VAL Q 213 48.88 23.86 -28.57
CA VAL Q 213 48.22 23.58 -27.30
C VAL Q 213 48.36 22.10 -26.99
N GLY Q 214 48.36 21.79 -25.70
CA GLY Q 214 48.47 20.40 -25.27
C GLY Q 214 48.67 20.39 -23.77
N GLU Q 215 48.77 19.19 -23.23
CA GLU Q 215 48.98 19.06 -21.79
C GLU Q 215 50.38 19.56 -21.41
N SER Q 216 50.59 19.67 -20.10
CA SER Q 216 51.88 20.16 -19.61
C SER Q 216 52.96 19.11 -19.80
N GLY Q 217 54.08 19.55 -20.39
CA GLY Q 217 55.20 18.66 -20.57
C GLY Q 217 55.07 17.68 -21.72
N VAL Q 218 54.34 18.03 -22.77
CA VAL Q 218 54.20 17.17 -23.94
C VAL Q 218 55.12 17.60 -25.07
N GLY Q 219 55.78 18.74 -24.96
CA GLY Q 219 56.73 19.16 -25.96
C GLY Q 219 56.31 20.33 -26.82
N LYS Q 220 55.45 21.21 -26.33
CA LYS Q 220 55.04 22.37 -27.12
C LYS Q 220 56.19 23.34 -27.29
N THR Q 221 56.70 23.88 -26.19
CA THR Q 221 57.91 24.69 -26.23
C THR Q 221 59.06 23.93 -26.88
N ALA Q 222 59.13 22.62 -26.64
CA ALA Q 222 60.15 21.80 -27.29
C ALA Q 222 60.04 21.89 -28.80
N ILE Q 223 58.84 21.74 -29.34
CA ILE Q 223 58.65 21.79 -30.79
C ILE Q 223 58.96 23.18 -31.33
N ALA Q 224 58.50 24.21 -30.61
CA ALA Q 224 58.72 25.57 -31.08
C ALA Q 224 60.21 25.90 -31.13
N GLU Q 225 60.98 25.44 -30.14
CA GLU Q 225 62.41 25.71 -30.15
C GLU Q 225 63.14 24.79 -31.13
N GLY Q 226 62.69 23.55 -31.26
CA GLY Q 226 63.28 22.64 -32.22
C GLY Q 226 63.05 23.09 -33.65
N LEU Q 227 62.04 23.93 -33.88
CA LEU Q 227 61.90 24.52 -35.20
C LEU Q 227 63.12 25.37 -35.55
N ALA Q 228 63.50 26.29 -34.66
CA ALA Q 228 64.69 27.09 -34.88
C ALA Q 228 65.94 26.21 -34.90
N TRP Q 229 65.97 25.18 -34.04
CA TRP Q 229 67.10 24.25 -34.03
C TRP Q 229 67.28 23.58 -35.39
N ARG Q 230 66.20 23.06 -35.96
CA ARG Q 230 66.26 22.45 -37.28
C ARG Q 230 66.64 23.47 -38.34
N ILE Q 231 66.13 24.70 -38.20
CA ILE Q 231 66.51 25.76 -39.14
C ILE Q 231 68.02 25.95 -39.14
N VAL Q 232 68.62 25.98 -37.95
CA VAL Q 232 70.07 26.03 -37.86
C VAL Q 232 70.70 24.74 -38.38
N GLN Q 233 70.06 23.59 -38.15
CA GLN Q 233 70.57 22.32 -38.65
C GLN Q 233 70.29 22.12 -40.13
N GLY Q 234 69.48 22.98 -40.74
CA GLY Q 234 69.19 22.87 -42.16
C GLY Q 234 68.20 21.79 -42.55
N ASP Q 235 67.64 21.07 -41.59
CA ASP Q 235 66.69 20.00 -41.88
C ASP Q 235 65.28 20.58 -42.01
N VAL Q 236 65.16 21.56 -42.88
CA VAL Q 236 63.89 22.26 -43.12
C VAL Q 236 63.69 22.42 -44.61
N PRO Q 237 62.44 22.30 -45.08
CA PRO Q 237 62.16 22.63 -46.48
C PRO Q 237 62.58 24.05 -46.81
N GLU Q 238 62.88 24.28 -48.09
CA GLU Q 238 63.52 25.51 -48.53
C GLU Q 238 62.51 26.65 -48.63
N VAL Q 239 61.76 26.82 -47.53
CA VAL Q 239 60.89 27.98 -47.37
C VAL Q 239 61.03 28.64 -46.02
N MET Q 240 61.46 27.92 -44.98
CA MET Q 240 61.67 28.48 -43.65
C MET Q 240 63.13 28.76 -43.35
N ALA Q 241 64.03 28.52 -44.29
CA ALA Q 241 65.42 28.85 -44.10
C ALA Q 241 65.58 30.37 -43.97
N ASP Q 242 66.61 30.77 -43.23
CA ASP Q 242 66.96 32.18 -42.98
C ASP Q 242 65.92 32.90 -42.13
N CYS Q 243 64.85 32.22 -41.72
CA CYS Q 243 63.85 32.84 -40.86
C CYS Q 243 64.24 32.61 -39.40
N THR Q 244 64.90 33.60 -38.80
CA THR Q 244 65.36 33.49 -37.43
C THR Q 244 64.19 33.76 -36.47
N ILE Q 245 64.08 32.93 -35.44
CA ILE Q 245 62.93 32.94 -34.54
C ILE Q 245 63.32 33.67 -33.27
N TYR Q 246 62.43 34.53 -32.79
CA TYR Q 246 62.64 35.26 -31.55
C TYR Q 246 61.58 34.84 -30.53
N SER Q 247 62.03 34.51 -29.33
CA SER Q 247 61.15 34.20 -28.22
C SER Q 247 60.93 35.45 -27.39
N LEU Q 248 59.66 35.74 -27.08
CA LEU Q 248 59.30 36.97 -26.40
C LEU Q 248 59.27 36.76 -24.89
N ASP Q 249 59.90 37.66 -24.15
CA ASP Q 249 59.94 37.62 -22.70
C ASP Q 249 59.05 38.74 -22.19
N ILE Q 250 57.82 38.40 -21.80
CA ILE Q 250 56.82 39.42 -21.48
C ILE Q 250 57.26 40.25 -20.28
N GLY Q 251 57.93 39.61 -19.31
CA GLY Q 251 58.36 40.35 -18.14
C GLY Q 251 59.40 41.41 -18.46
N SER Q 252 60.42 41.05 -19.24
CA SER Q 252 61.41 42.02 -19.66
C SER Q 252 60.79 43.17 -20.44
N LEU Q 253 59.77 42.89 -21.24
CA LEU Q 253 59.14 43.93 -22.04
C LEU Q 253 58.29 44.86 -21.17
N LEU Q 254 57.66 44.30 -20.15
CA LEU Q 254 56.80 45.10 -19.27
C LEU Q 254 57.56 45.70 -18.09
N ALA Q 255 58.86 45.43 -17.97
CA ALA Q 255 59.61 45.83 -16.78
C ALA Q 255 59.57 47.34 -16.57
N GLY Q 256 60.12 48.10 -17.51
CA GLY Q 256 60.32 49.52 -17.30
C GLY Q 256 59.19 50.43 -17.74
N THR Q 257 58.08 49.89 -18.24
CA THR Q 257 57.00 50.72 -18.77
C THR Q 257 56.17 51.32 -17.65
N LYS Q 258 56.80 52.20 -16.87
CA LYS Q 258 56.15 52.78 -15.72
C LYS Q 258 55.14 53.85 -16.11
N TYR Q 259 55.49 54.68 -17.09
CA TYR Q 259 54.64 55.80 -17.51
C TYR Q 259 53.70 55.37 -18.63
N ARG Q 260 52.59 56.08 -18.74
CA ARG Q 260 51.60 55.78 -19.76
C ARG Q 260 52.18 56.04 -21.14
N GLY Q 261 51.72 55.26 -22.12
CA GLY Q 261 52.18 55.38 -23.48
C GLY Q 261 53.51 54.72 -23.76
N ASP Q 262 54.30 54.42 -22.73
CA ASP Q 262 55.63 53.85 -22.95
C ASP Q 262 55.53 52.41 -23.44
N PHE Q 263 54.72 51.58 -22.76
CA PHE Q 263 54.55 50.20 -23.19
C PHE Q 263 54.07 50.11 -24.63
N GLU Q 264 53.07 50.92 -24.98
CA GLU Q 264 52.57 50.92 -26.34
C GLU Q 264 53.65 51.34 -27.32
N LYS Q 265 54.48 52.31 -26.94
CA LYS Q 265 55.56 52.74 -27.81
C LYS Q 265 56.55 51.61 -28.08
N ARG Q 266 57.02 50.94 -27.02
CA ARG Q 266 58.01 49.90 -27.24
C ARG Q 266 57.41 48.68 -27.94
N PHE Q 267 56.14 48.36 -27.65
CA PHE Q 267 55.50 47.25 -28.33
C PHE Q 267 55.32 47.55 -29.82
N LYS Q 268 54.95 48.79 -30.15
CA LYS Q 268 54.81 49.16 -31.55
C LYS Q 268 56.17 49.19 -32.23
N ALA Q 269 57.22 49.56 -31.50
CA ALA Q 269 58.57 49.51 -32.08
C ALA Q 269 58.95 48.08 -32.40
N LEU Q 270 58.68 47.15 -31.48
CA LEU Q 270 58.97 45.74 -31.73
C LEU Q 270 58.17 45.22 -32.92
N LEU Q 271 56.89 45.60 -33.00
CA LEU Q 271 56.05 45.16 -34.11
C LEU Q 271 56.53 45.74 -35.43
N LYS Q 272 57.00 46.99 -35.42
CA LYS Q 272 57.57 47.58 -36.64
C LYS Q 272 58.83 46.84 -37.06
N GLN Q 273 59.70 46.52 -36.11
CA GLN Q 273 60.89 45.75 -36.45
C GLN Q 273 60.52 44.41 -37.07
N LEU Q 274 59.57 43.70 -36.46
CA LEU Q 274 59.17 42.39 -36.99
C LEU Q 274 58.55 42.53 -38.37
N GLU Q 275 57.71 43.54 -38.58
CA GLU Q 275 57.04 43.70 -39.87
C GLU Q 275 58.02 44.09 -40.96
N GLN Q 276 58.99 44.94 -40.63
CA GLN Q 276 59.96 45.35 -41.63
C GLN Q 276 60.98 44.25 -41.91
N ASP Q 277 61.16 43.35 -40.94
CA ASP Q 277 62.04 42.20 -41.19
C ASP Q 277 61.44 41.27 -42.23
N THR Q 278 60.12 41.08 -42.19
CA THR Q 278 59.38 40.28 -43.17
C THR Q 278 59.81 38.82 -43.17
N ASN Q 279 60.74 38.47 -42.28
CA ASN Q 279 61.35 37.14 -42.28
C ASN Q 279 61.36 36.49 -40.91
N SER Q 280 61.38 37.26 -39.83
CA SER Q 280 61.49 36.67 -38.50
C SER Q 280 60.13 36.19 -38.02
N ILE Q 281 60.18 35.34 -37.00
CA ILE Q 281 58.99 34.78 -36.36
C ILE Q 281 59.07 35.09 -34.87
N LEU Q 282 57.95 35.51 -34.29
CA LEU Q 282 57.87 35.76 -32.86
C LEU Q 282 57.19 34.58 -32.20
N PHE Q 283 57.94 33.88 -31.35
CA PHE Q 283 57.40 32.76 -30.58
C PHE Q 283 57.12 33.25 -29.16
N ILE Q 284 55.84 33.42 -28.85
CA ILE Q 284 55.41 33.89 -27.55
C ILE Q 284 55.02 32.67 -26.72
N ASP Q 285 55.95 32.15 -25.93
CA ASP Q 285 55.60 31.09 -25.01
C ASP Q 285 54.63 31.61 -23.96
N GLU Q 286 53.83 30.69 -23.41
CA GLU Q 286 52.75 31.03 -22.48
C GLU Q 286 51.92 32.18 -23.05
N ILE Q 287 51.47 32.01 -24.29
CA ILE Q 287 50.80 33.09 -25.00
C ILE Q 287 49.48 33.50 -24.36
N HIS Q 288 48.96 32.68 -23.45
CA HIS Q 288 47.77 33.09 -22.71
C HIS Q 288 48.03 34.27 -21.80
N THR Q 289 49.28 34.70 -21.63
CA THR Q 289 49.62 35.78 -20.73
C THR Q 289 49.34 37.16 -21.30
N ILE Q 290 49.31 37.31 -22.62
CA ILE Q 290 49.06 38.63 -23.19
C ILE Q 290 47.56 38.81 -23.41
N ILE Q 291 46.84 39.10 -22.33
CA ILE Q 291 45.49 39.64 -22.43
C ILE Q 291 45.36 40.80 -21.45
N GLY Q 292 46.48 41.21 -20.87
CA GLY Q 292 46.44 42.36 -19.97
C GLY Q 292 47.80 43.04 -19.95
N ALA Q 293 47.76 44.33 -20.30
CA ALA Q 293 48.88 45.24 -20.09
C ALA Q 293 48.36 46.58 -19.59
N GLY Q 294 47.08 46.84 -19.84
CA GLY Q 294 46.52 48.15 -19.54
C GLY Q 294 46.34 48.35 -18.04
N ALA Q 295 46.17 49.61 -17.64
CA ALA Q 295 46.03 49.94 -16.23
C ALA Q 295 44.87 50.89 -15.99
N ALA Q 296 44.32 51.49 -17.05
CA ALA Q 296 43.30 52.52 -16.90
C ALA Q 296 41.92 51.86 -16.81
N SER Q 297 41.83 50.84 -15.96
CA SER Q 297 40.58 50.25 -15.50
C SER Q 297 39.59 50.00 -16.65
N GLY Q 298 39.92 49.06 -17.51
CA GLY Q 298 38.96 48.66 -18.54
C GLY Q 298 39.57 47.74 -19.55
N GLY Q 299 39.11 47.91 -20.79
CA GLY Q 299 39.50 47.06 -21.90
C GLY Q 299 40.50 47.77 -22.79
N GLN Q 300 41.50 48.36 -22.15
CA GLN Q 300 42.48 49.22 -22.81
C GLN Q 300 43.22 48.54 -23.94
N VAL Q 301 44.01 49.34 -24.65
CA VAL Q 301 44.67 49.03 -25.92
C VAL Q 301 45.67 47.89 -25.78
N ASP Q 302 45.74 47.29 -24.59
CA ASP Q 302 46.79 46.39 -24.13
C ASP Q 302 47.14 45.33 -25.16
N ALA Q 303 48.33 44.73 -24.98
CA ALA Q 303 49.00 43.94 -26.02
C ALA Q 303 48.06 43.03 -26.79
N ALA Q 304 47.04 42.48 -26.14
CA ALA Q 304 46.07 41.68 -26.86
C ALA Q 304 45.45 42.45 -28.03
N ASN Q 305 45.04 43.68 -27.78
CA ASN Q 305 44.46 44.49 -28.85
C ASN Q 305 45.52 45.08 -29.76
N LEU Q 306 46.71 45.34 -29.22
CA LEU Q 306 47.79 45.93 -30.00
C LEU Q 306 48.35 45.04 -31.11
N ILE Q 307 47.98 43.76 -31.11
CA ILE Q 307 48.48 42.83 -32.11
C ILE Q 307 47.34 42.26 -32.95
N LYS Q 308 46.10 42.47 -32.50
CA LYS Q 308 44.92 42.01 -33.22
C LYS Q 308 44.87 42.40 -34.70
N PRO Q 309 45.12 43.66 -35.09
CA PRO Q 309 45.02 44.00 -36.52
C PRO Q 309 46.06 43.32 -37.38
N LEU Q 310 47.29 43.17 -36.88
CA LEU Q 310 48.38 42.62 -37.68
C LEU Q 310 48.19 41.15 -38.03
N LEU Q 311 47.73 40.33 -37.08
CA LEU Q 311 47.52 38.91 -37.36
C LEU Q 311 46.48 38.73 -38.45
N SER Q 312 45.41 39.52 -38.44
CA SER Q 312 44.39 39.47 -39.48
C SER Q 312 44.93 39.90 -40.84
N SER Q 313 46.09 40.54 -40.89
CA SER Q 313 46.70 40.94 -42.14
C SER Q 313 47.86 40.03 -42.57
N GLY Q 314 48.38 39.23 -41.65
CA GLY Q 314 49.44 38.30 -42.00
C GLY Q 314 50.78 38.94 -42.30
N LYS Q 315 51.00 40.16 -41.81
CA LYS Q 315 52.30 40.81 -42.00
C LYS Q 315 53.37 40.22 -41.09
N ILE Q 316 52.99 39.78 -39.89
CA ILE Q 316 53.90 39.15 -38.95
C ILE Q 316 53.40 37.74 -38.67
N ARG Q 317 54.33 36.84 -38.31
CA ARG Q 317 54.01 35.47 -37.97
C ARG Q 317 54.34 35.24 -36.51
N VAL Q 318 53.36 34.74 -35.76
CA VAL Q 318 53.49 34.53 -34.32
C VAL Q 318 53.21 33.07 -34.01
N ILE Q 319 54.03 32.49 -33.14
CA ILE Q 319 53.81 31.14 -32.62
C ILE Q 319 53.49 31.26 -31.14
N GLY Q 320 52.43 30.59 -30.71
CA GLY Q 320 52.04 30.54 -29.32
C GLY Q 320 52.23 29.16 -28.72
N SER Q 321 52.04 29.11 -27.40
CA SER Q 321 52.05 27.84 -26.69
C SER Q 321 51.33 28.04 -25.36
N THR Q 322 50.31 27.24 -25.14
CA THR Q 322 49.53 27.32 -23.90
C THR Q 322 48.85 25.98 -23.67
N THR Q 323 48.73 25.62 -22.40
CA THR Q 323 48.13 24.34 -22.03
C THR Q 323 46.66 24.34 -22.39
N TYR Q 324 46.04 23.15 -22.34
CA TYR Q 324 44.63 23.04 -22.69
C TYR Q 324 43.76 23.85 -21.74
N GLN Q 325 44.01 23.76 -20.43
CA GLN Q 325 43.17 24.47 -19.47
C GLN Q 325 43.35 25.98 -19.59
N GLU Q 326 44.60 26.45 -19.68
CA GLU Q 326 44.84 27.87 -19.85
C GLU Q 326 44.18 28.40 -21.11
N PHE Q 327 44.36 27.69 -22.23
CA PHE Q 327 43.76 28.13 -23.49
C PHE Q 327 42.24 28.15 -23.39
N SER Q 328 41.66 27.13 -22.76
CA SER Q 328 40.21 27.02 -22.73
C SER Q 328 39.59 28.04 -21.78
N ASN Q 329 40.31 28.44 -20.74
CA ASN Q 329 39.75 29.34 -19.75
C ASN Q 329 40.07 30.80 -19.98
N ILE Q 330 41.20 31.12 -20.61
CA ILE Q 330 41.63 32.51 -20.70
C ILE Q 330 41.79 32.95 -22.14
N PHE Q 331 42.52 32.17 -22.93
CA PHE Q 331 42.85 32.61 -24.28
C PHE Q 331 41.62 32.65 -25.17
N GLU Q 332 40.99 31.50 -25.40
CA GLU Q 332 39.84 31.44 -26.28
C GLU Q 332 38.64 32.22 -25.75
N LYS Q 333 38.71 32.75 -24.53
CA LYS Q 333 37.65 33.63 -24.05
C LYS Q 333 37.61 34.93 -24.85
N ASP Q 334 38.72 35.29 -25.49
CA ASP Q 334 38.76 36.44 -26.40
C ASP Q 334 38.60 35.92 -27.81
N ARG Q 335 37.36 35.94 -28.32
CA ARG Q 335 37.06 35.33 -29.60
C ARG Q 335 37.82 35.98 -30.73
N ALA Q 336 37.91 37.32 -30.72
CA ALA Q 336 38.55 38.03 -31.83
C ALA Q 336 40.01 37.63 -31.97
N LEU Q 337 40.74 37.57 -30.85
CA LEU Q 337 42.14 37.16 -30.92
C LEU Q 337 42.26 35.67 -31.19
N ALA Q 338 41.35 34.88 -30.62
CA ALA Q 338 41.44 33.42 -30.77
C ALA Q 338 41.29 33.00 -32.22
N ARG Q 339 40.32 33.57 -32.95
CA ARG Q 339 40.12 33.16 -34.32
C ARG Q 339 41.29 33.52 -35.23
N ARG Q 340 42.25 34.30 -34.75
CA ARG Q 340 43.42 34.66 -35.52
C ARG Q 340 44.56 33.66 -35.38
N PHE Q 341 44.41 32.65 -34.53
CA PHE Q 341 45.45 31.66 -34.31
C PHE Q 341 44.93 30.27 -34.70
N GLN Q 342 45.83 29.46 -35.26
CA GLN Q 342 45.52 28.11 -35.69
C GLN Q 342 45.95 27.14 -34.60
N LYS Q 343 45.00 26.37 -34.07
CA LYS Q 343 45.30 25.44 -33.00
C LYS Q 343 45.96 24.19 -33.55
N ILE Q 344 47.06 23.78 -32.92
CA ILE Q 344 47.77 22.55 -33.28
C ILE Q 344 47.89 21.70 -32.01
N ASP Q 345 47.21 20.57 -32.00
CA ASP Q 345 47.12 19.73 -30.80
C ASP Q 345 48.38 18.88 -30.66
N ILE Q 346 49.17 19.16 -29.65
CA ILE Q 346 50.38 18.40 -29.36
C ILE Q 346 50.00 17.31 -28.37
N THR Q 347 49.76 16.10 -28.88
CA THR Q 347 49.43 14.95 -28.05
C THR Q 347 50.69 14.34 -27.45
N GLU Q 348 50.53 13.71 -26.29
CA GLU Q 348 51.67 13.10 -25.63
C GLU Q 348 52.13 11.89 -26.44
N PRO Q 349 53.44 11.80 -26.67
CA PRO Q 349 54.00 10.68 -27.44
C PRO Q 349 53.53 9.33 -26.89
N SER Q 350 54.02 8.28 -27.52
CA SER Q 350 53.67 6.93 -27.14
C SER Q 350 54.88 6.43 -26.41
N ILE Q 351 54.88 5.17 -26.04
CA ILE Q 351 56.02 4.62 -25.33
C ILE Q 351 57.24 4.53 -26.25
N GLU Q 352 57.04 4.07 -27.48
CA GLU Q 352 58.16 3.95 -28.40
C GLU Q 352 58.71 5.32 -28.78
N GLU Q 353 57.82 6.30 -29.01
CA GLU Q 353 58.27 7.63 -29.38
C GLU Q 353 59.06 8.28 -28.26
N THR Q 354 58.60 8.15 -27.01
CA THR Q 354 59.34 8.74 -25.91
C THR Q 354 60.63 7.99 -25.65
N VAL Q 355 60.66 6.69 -25.97
CA VAL Q 355 61.92 5.95 -25.92
C VAL Q 355 62.91 6.55 -26.90
N GLN Q 356 62.46 6.85 -28.12
CA GLN Q 356 63.34 7.47 -29.11
C GLN Q 356 63.76 8.87 -28.68
N ILE Q 357 62.85 9.60 -28.02
CA ILE Q 357 63.19 10.95 -27.55
C ILE Q 357 64.29 10.88 -26.50
N ILE Q 358 64.16 9.96 -25.54
CA ILE Q 358 65.19 9.80 -24.53
C ILE Q 358 66.50 9.36 -25.15
N ASN Q 359 66.42 8.48 -26.15
CA ASN Q 359 67.63 8.05 -26.85
C ASN Q 359 68.34 9.24 -27.51
N GLY Q 360 67.57 10.14 -28.11
CA GLY Q 360 68.16 11.31 -28.72
C GLY Q 360 68.68 12.32 -27.73
N LEU Q 361 68.06 12.40 -26.55
CA LEU Q 361 68.47 13.34 -25.52
C LEU Q 361 69.59 12.81 -24.64
N LYS Q 362 69.89 11.51 -24.72
CA LYS Q 362 70.91 10.87 -23.90
C LYS Q 362 72.26 11.58 -23.87
N PRO Q 363 72.83 12.04 -24.98
CA PRO Q 363 74.17 12.66 -24.90
C PRO Q 363 74.24 13.85 -23.97
N LYS Q 364 73.22 14.72 -23.96
CA LYS Q 364 73.23 15.87 -23.07
C LYS Q 364 73.23 15.48 -21.60
N TYR Q 365 72.31 14.62 -21.18
CA TYR Q 365 72.27 14.21 -19.78
C TYR Q 365 73.50 13.39 -19.40
N GLU Q 366 74.03 12.60 -20.33
CA GLU Q 366 75.23 11.82 -20.04
C GLU Q 366 76.43 12.73 -19.84
N ALA Q 367 76.55 13.79 -20.64
CA ALA Q 367 77.63 14.74 -20.43
C ALA Q 367 77.40 15.55 -19.16
N HIS Q 368 76.15 15.82 -18.81
CA HIS Q 368 75.87 16.61 -17.62
C HIS Q 368 76.17 15.83 -16.34
N HIS Q 369 75.73 14.58 -16.26
CA HIS Q 369 75.91 13.78 -15.06
C HIS Q 369 77.14 12.87 -15.11
N ASP Q 370 77.81 12.79 -16.25
CA ASP Q 370 79.00 11.95 -16.43
C ASP Q 370 78.68 10.49 -16.13
N VAL Q 371 77.48 10.06 -16.52
CA VAL Q 371 77.05 8.69 -16.35
C VAL Q 371 76.60 8.16 -17.72
N ARG Q 372 76.45 6.84 -17.79
CA ARG Q 372 75.98 6.18 -19.00
C ARG Q 372 74.69 5.43 -18.68
N TYR Q 373 73.72 5.55 -19.57
CA TYR Q 373 72.44 4.87 -19.43
C TYR Q 373 72.40 3.68 -20.36
N THR Q 374 72.09 2.51 -19.81
CA THR Q 374 71.89 1.34 -20.64
C THR Q 374 70.54 1.45 -21.36
N ALA Q 375 70.42 0.71 -22.46
CA ALA Q 375 69.16 0.71 -23.20
C ALA Q 375 68.05 0.12 -22.35
N LYS Q 376 68.34 -0.95 -21.61
CA LYS Q 376 67.36 -1.52 -20.69
C LYS Q 376 66.97 -0.50 -19.62
N ALA Q 377 67.94 0.32 -19.19
CA ALA Q 377 67.62 1.35 -18.20
C ALA Q 377 66.61 2.34 -18.75
N VAL Q 378 66.79 2.79 -19.99
CA VAL Q 378 65.86 3.76 -20.58
C VAL Q 378 64.48 3.12 -20.77
N ARG Q 379 64.46 1.89 -21.27
CA ARG Q 379 63.18 1.20 -21.47
C ARG Q 379 62.43 1.03 -20.16
N ALA Q 380 63.14 0.60 -19.10
CA ALA Q 380 62.51 0.43 -17.81
C ALA Q 380 62.04 1.76 -17.24
N ALA Q 381 62.83 2.82 -17.44
CA ALA Q 381 62.42 4.15 -16.97
C ALA Q 381 61.11 4.57 -17.63
N VAL Q 382 61.02 4.42 -18.95
CA VAL Q 382 59.79 4.81 -19.64
C VAL Q 382 58.61 3.96 -19.16
N GLU Q 383 58.81 2.64 -19.06
CA GLU Q 383 57.71 1.77 -18.65
C GLU Q 383 57.23 2.10 -17.24
N LEU Q 384 58.16 2.33 -16.32
CA LEU Q 384 57.79 2.59 -14.93
C LEU Q 384 57.18 3.97 -14.77
N ALA Q 385 57.64 4.94 -15.57
CA ALA Q 385 57.01 6.25 -15.52
C ALA Q 385 55.60 6.20 -16.09
N VAL Q 386 55.37 5.33 -17.08
CA VAL Q 386 54.02 5.15 -17.58
C VAL Q 386 53.14 4.50 -16.52
N LYS Q 387 53.68 3.49 -15.82
CA LYS Q 387 52.85 2.75 -14.89
C LYS Q 387 52.56 3.54 -13.62
N TYR Q 388 53.58 4.08 -12.97
CA TYR Q 388 53.44 4.59 -11.61
C TYR Q 388 53.12 6.07 -11.56
N ILE Q 389 53.96 6.90 -12.16
CA ILE Q 389 53.72 8.34 -12.19
C ILE Q 389 52.53 8.60 -13.09
N ASN Q 390 51.38 8.92 -12.50
CA ASN Q 390 50.12 9.04 -13.24
C ASN Q 390 49.59 10.46 -13.27
N ASP Q 391 50.38 11.44 -12.82
CA ASP Q 391 49.96 12.83 -12.79
C ASP Q 391 50.75 13.70 -13.77
N ARG Q 392 51.67 13.09 -14.52
CA ARG Q 392 52.44 13.82 -15.52
C ARG Q 392 52.31 13.08 -16.84
N HIS Q 393 52.74 13.74 -17.91
CA HIS Q 393 52.58 13.18 -19.23
C HIS Q 393 53.94 12.68 -19.74
N LEU Q 394 53.93 11.89 -20.81
CA LEU Q 394 55.02 10.99 -21.15
C LEU Q 394 56.39 11.65 -21.28
N PRO Q 395 56.61 12.55 -22.25
CA PRO Q 395 57.99 12.94 -22.57
C PRO Q 395 58.62 13.83 -21.51
N ASP Q 396 57.86 14.10 -20.44
CA ASP Q 396 58.34 14.94 -19.36
C ASP Q 396 58.62 14.17 -18.08
N LYS Q 397 57.91 13.07 -17.82
CA LYS Q 397 58.16 12.26 -16.64
C LYS Q 397 59.19 11.17 -16.88
N ALA Q 398 59.27 10.64 -18.09
CA ALA Q 398 60.33 9.69 -18.41
C ALA Q 398 61.70 10.35 -18.29
N ILE Q 399 61.88 11.51 -18.93
CA ILE Q 399 63.14 12.23 -18.79
C ILE Q 399 63.29 12.74 -17.37
N ASP Q 400 62.19 12.92 -16.65
CA ASP Q 400 62.29 13.26 -15.23
C ASP Q 400 62.97 12.16 -14.45
N VAL Q 401 62.48 10.93 -14.60
CA VAL Q 401 63.11 9.77 -13.97
C VAL Q 401 64.57 9.67 -14.40
N ILE Q 402 64.84 9.87 -15.69
CA ILE Q 402 66.20 9.72 -16.19
C ILE Q 402 67.14 10.76 -15.56
N ASP Q 403 66.73 12.03 -15.57
CA ASP Q 403 67.58 13.08 -15.02
C ASP Q 403 67.75 12.91 -13.51
N GLU Q 404 66.69 12.48 -12.82
CA GLU Q 404 66.80 12.24 -11.38
C GLU Q 404 67.79 11.12 -11.10
N ALA Q 405 67.73 10.03 -11.87
CA ALA Q 405 68.67 8.92 -11.68
C ALA Q 405 70.09 9.36 -11.99
N GLY Q 406 70.27 10.20 -13.01
CA GLY Q 406 71.60 10.71 -13.29
C GLY Q 406 72.14 11.57 -12.17
N ALA Q 407 71.31 12.44 -11.63
CA ALA Q 407 71.73 13.29 -10.52
C ALA Q 407 72.06 12.47 -9.28
N ARG Q 408 71.30 11.40 -9.04
CA ARG Q 408 71.58 10.51 -7.92
C ARG Q 408 72.89 9.77 -8.13
N ALA Q 409 73.12 9.29 -9.35
CA ALA Q 409 74.35 8.56 -9.63
C ALA Q 409 75.58 9.45 -9.56
N ARG Q 410 75.43 10.73 -9.91
CA ARG Q 410 76.58 11.62 -9.86
C ARG Q 410 76.96 12.00 -8.43
N LEU Q 411 76.07 11.76 -7.46
CA LEU Q 411 76.37 12.00 -6.06
C LEU Q 411 77.04 10.81 -5.39
N MET Q 412 77.23 9.71 -6.13
CA MET Q 412 77.94 8.55 -5.63
C MET Q 412 79.47 8.67 -5.73
N PRO Q 413 80.05 9.21 -6.85
CA PRO Q 413 81.53 9.26 -6.94
C PRO Q 413 82.23 9.91 -5.76
N VAL Q 414 81.56 10.80 -5.03
CA VAL Q 414 82.17 11.33 -3.82
C VAL Q 414 82.36 10.22 -2.80
N SER Q 415 81.47 9.21 -2.82
CA SER Q 415 81.64 7.98 -2.05
C SER Q 415 82.21 6.87 -2.93
N LYS Q 416 82.63 7.20 -4.15
CA LYS Q 416 83.23 6.29 -5.11
C LYS Q 416 82.34 5.10 -5.43
N ARG Q 417 81.01 5.25 -5.31
CA ARG Q 417 80.08 4.23 -5.79
C ARG Q 417 79.63 4.59 -7.20
N LYS Q 418 80.60 4.87 -8.05
CA LYS Q 418 80.31 5.31 -9.41
C LYS Q 418 80.14 4.11 -10.34
N LYS Q 419 79.13 4.18 -11.19
CA LYS Q 419 78.85 3.14 -12.17
C LYS Q 419 77.99 3.75 -13.26
N THR Q 420 77.45 2.87 -14.11
CA THR Q 420 76.44 3.28 -15.08
C THR Q 420 75.07 3.26 -14.41
N VAL Q 421 74.06 3.65 -15.18
CA VAL Q 421 72.68 3.67 -14.69
C VAL Q 421 72.04 2.34 -15.08
N ASN Q 422 71.90 1.45 -14.12
CA ASN Q 422 71.29 0.14 -14.35
C ASN Q 422 69.80 0.21 -14.04
N VAL Q 423 69.10 -0.87 -14.38
CA VAL Q 423 67.65 -0.91 -14.21
C VAL Q 423 67.27 -0.81 -12.74
N ALA Q 424 68.08 -1.41 -11.85
CA ALA Q 424 67.77 -1.34 -10.43
C ALA Q 424 67.82 0.09 -9.90
N ASP Q 425 68.77 0.89 -10.40
CA ASP Q 425 68.82 2.30 -10.04
C ASP Q 425 67.56 3.04 -10.48
N ILE Q 426 67.10 2.78 -11.71
CA ILE Q 426 65.88 3.41 -12.19
C ILE Q 426 64.69 3.00 -11.35
N GLU Q 427 64.63 1.72 -10.97
CA GLU Q 427 63.53 1.24 -10.13
C GLU Q 427 63.55 1.91 -8.77
N SER Q 428 64.73 2.05 -8.18
CA SER Q 428 64.82 2.74 -6.90
C SER Q 428 64.36 4.19 -7.02
N VAL Q 429 64.78 4.87 -8.09
CA VAL Q 429 64.38 6.26 -8.28
C VAL Q 429 62.87 6.37 -8.44
N VAL Q 430 62.27 5.45 -9.20
CA VAL Q 430 60.83 5.49 -9.44
C VAL Q 430 60.08 5.21 -8.14
N ALA Q 431 60.50 4.18 -7.40
CA ALA Q 431 59.91 3.90 -6.09
C ALA Q 431 59.99 5.12 -5.18
N ARG Q 432 61.09 5.87 -5.28
CA ARG Q 432 61.20 7.10 -4.50
C ARG Q 432 60.19 8.14 -4.95
N ILE Q 433 60.10 8.37 -6.27
CA ILE Q 433 59.22 9.44 -6.77
C ILE Q 433 57.76 9.10 -6.48
N ALA Q 434 57.33 7.90 -6.83
CA ALA Q 434 55.96 7.48 -6.60
C ALA Q 434 55.68 7.16 -5.14
N ARG Q 435 56.70 7.21 -4.28
CA ARG Q 435 56.53 6.96 -2.85
C ARG Q 435 55.93 5.58 -2.59
N ILE Q 436 56.40 4.59 -3.34
CA ILE Q 436 55.95 3.21 -3.21
C ILE Q 436 57.16 2.32 -3.01
N PRO Q 437 57.00 1.13 -2.43
CA PRO Q 437 58.14 0.23 -2.29
C PRO Q 437 58.30 -0.68 -3.50
N GLU Q 438 59.52 -0.74 -4.02
CA GLU Q 438 59.76 -1.56 -5.20
C GLU Q 438 60.70 -2.74 -4.93
N LYS Q 439 61.94 -2.45 -4.55
CA LYS Q 439 62.95 -3.49 -4.38
C LYS Q 439 63.64 -3.43 -3.02
N SER Q 440 63.06 -2.74 -2.05
CA SER Q 440 63.59 -2.78 -0.68
C SER Q 440 63.67 -4.19 -0.13
N VAL Q 441 62.97 -5.14 -0.75
CA VAL Q 441 63.05 -6.55 -0.37
C VAL Q 441 64.48 -7.06 -0.39
N SER Q 442 65.32 -6.51 -1.26
CA SER Q 442 66.73 -6.93 -1.29
C SER Q 442 67.42 -6.71 0.03
N GLN Q 443 66.93 -5.77 0.84
CA GLN Q 443 67.47 -5.51 2.17
C GLN Q 443 66.75 -6.38 3.20
N SER Q 444 66.88 -5.97 4.47
CA SER Q 444 66.26 -6.69 5.58
C SER Q 444 64.76 -6.40 5.64
N ASP Q 445 64.10 -6.66 4.51
CA ASP Q 445 62.65 -6.56 4.42
C ASP Q 445 61.99 -7.88 4.06
N ARG Q 446 62.76 -8.83 3.51
CA ARG Q 446 62.24 -10.18 3.33
C ARG Q 446 61.96 -10.83 4.67
N ASP Q 447 62.85 -10.63 5.66
CA ASP Q 447 62.61 -11.18 6.98
C ASP Q 447 61.39 -10.55 7.63
N THR Q 448 61.12 -9.28 7.34
CA THR Q 448 59.94 -8.62 7.88
C THR Q 448 58.67 -9.34 7.49
N LEU Q 449 58.56 -9.76 6.22
CA LEU Q 449 57.39 -10.49 5.77
C LEU Q 449 57.47 -11.96 6.17
N LYS Q 450 58.68 -12.49 6.31
CA LYS Q 450 58.85 -13.91 6.60
C LYS Q 450 58.24 -14.28 7.94
N ASN Q 451 58.49 -13.48 8.97
CA ASN Q 451 57.92 -13.70 10.29
C ASN Q 451 56.70 -12.81 10.55
N LEU Q 452 56.12 -12.24 9.49
CA LEU Q 452 54.94 -11.39 9.68
C LEU Q 452 53.76 -12.19 10.21
N GLY Q 453 53.46 -13.33 9.58
CA GLY Q 453 52.41 -14.19 10.09
C GLY Q 453 52.66 -14.63 11.51
N ASP Q 454 53.92 -14.92 11.84
CA ASP Q 454 54.26 -15.28 13.21
C ASP Q 454 54.07 -14.11 14.16
N ARG Q 455 54.54 -12.92 13.75
CA ARG Q 455 54.44 -11.75 14.62
C ARG Q 455 53.00 -11.36 14.86
N LEU Q 456 52.11 -11.66 13.91
CA LEU Q 456 50.69 -11.39 14.13
C LEU Q 456 50.04 -12.50 14.94
N LYS Q 457 50.47 -13.74 14.73
CA LYS Q 457 49.81 -14.86 15.39
C LYS Q 457 50.08 -14.87 16.89
N MET Q 458 51.03 -14.07 17.35
CA MET Q 458 51.27 -13.90 18.78
C MET Q 458 50.52 -12.70 19.35
N LEU Q 459 49.91 -11.88 18.51
CA LEU Q 459 49.09 -10.76 18.96
C LEU Q 459 47.60 -11.01 18.75
N VAL Q 460 47.22 -11.81 17.77
CA VAL Q 460 45.83 -12.19 17.53
C VAL Q 460 45.75 -13.70 17.47
N PHE Q 461 45.11 -14.30 18.47
CA PHE Q 461 45.04 -15.74 18.61
C PHE Q 461 43.76 -16.26 17.96
N GLY Q 462 43.80 -17.48 17.47
CA GLY Q 462 42.75 -17.98 16.62
C GLY Q 462 42.71 -17.20 15.32
N GLN Q 463 41.68 -17.47 14.52
CA GLN Q 463 41.46 -16.75 13.26
C GLN Q 463 42.72 -16.74 12.40
N ASP Q 464 43.34 -17.91 12.24
CA ASP Q 464 44.63 -17.97 11.57
C ASP Q 464 44.52 -17.74 10.07
N LYS Q 465 43.43 -18.20 9.46
CA LYS Q 465 43.28 -18.05 8.01
C LYS Q 465 43.30 -16.59 7.60
N ALA Q 466 42.81 -15.69 8.46
CA ALA Q 466 42.89 -14.27 8.16
C ALA Q 466 44.33 -13.80 8.06
N ILE Q 467 45.17 -14.21 9.02
CA ILE Q 467 46.58 -13.85 8.95
C ILE Q 467 47.22 -14.46 7.72
N GLU Q 468 46.86 -15.70 7.39
CA GLU Q 468 47.38 -16.32 6.18
C GLU Q 468 47.05 -15.48 4.94
N ALA Q 469 45.78 -15.08 4.82
CA ALA Q 469 45.35 -14.32 3.65
C ALA Q 469 46.04 -12.97 3.57
N LEU Q 470 46.09 -12.23 4.69
CA LEU Q 470 46.75 -10.93 4.68
C LEU Q 470 48.23 -11.05 4.34
N THR Q 471 48.92 -11.97 5.01
CA THR Q 471 50.34 -12.17 4.74
C THR Q 471 50.59 -12.56 3.30
N GLU Q 472 49.75 -13.44 2.73
CA GLU Q 472 49.99 -13.89 1.37
C GLU Q 472 49.70 -12.79 0.36
N ALA Q 473 48.67 -11.97 0.61
CA ALA Q 473 48.41 -10.83 -0.26
C ALA Q 473 49.60 -9.86 -0.25
N ILE Q 474 50.11 -9.55 0.94
CA ILE Q 474 51.22 -8.61 1.03
C ILE Q 474 52.48 -9.22 0.42
N LYS Q 475 52.65 -10.54 0.56
CA LYS Q 475 53.81 -11.20 -0.02
C LYS Q 475 53.75 -11.18 -1.55
N MET Q 476 52.58 -11.47 -2.11
CA MET Q 476 52.43 -11.39 -3.56
C MET Q 476 52.63 -9.97 -4.05
N ALA Q 477 52.24 -8.99 -3.25
CA ALA Q 477 52.43 -7.60 -3.67
C ALA Q 477 53.89 -7.21 -3.64
N ARG Q 478 54.62 -7.60 -2.59
CA ARG Q 478 56.01 -7.16 -2.46
C ARG Q 478 56.93 -7.95 -3.37
N ALA Q 479 56.62 -9.23 -3.59
CA ALA Q 479 57.44 -10.04 -4.50
C ALA Q 479 57.34 -9.53 -5.93
N GLY Q 480 56.22 -8.93 -6.29
CA GLY Q 480 56.03 -8.33 -7.60
C GLY Q 480 54.85 -8.86 -8.38
N LEU Q 481 54.54 -10.14 -8.21
CA LEU Q 481 53.47 -10.79 -8.94
C LEU Q 481 52.08 -10.63 -8.30
N GLY Q 482 51.70 -9.39 -7.99
CA GLY Q 482 50.40 -9.15 -7.42
C GLY Q 482 49.38 -8.90 -8.51
N HIS Q 483 48.46 -7.97 -8.29
CA HIS Q 483 47.55 -7.52 -9.33
C HIS Q 483 48.17 -6.34 -10.04
N GLU Q 484 47.68 -6.08 -11.25
CA GLU Q 484 48.28 -5.02 -12.05
C GLU Q 484 47.80 -3.64 -11.62
N HIS Q 485 46.48 -3.44 -11.60
CA HIS Q 485 45.89 -2.16 -11.25
C HIS Q 485 44.73 -2.40 -10.29
N LYS Q 486 44.98 -3.22 -9.27
CA LYS Q 486 43.99 -3.50 -8.24
C LYS Q 486 44.64 -3.30 -6.89
N PRO Q 487 43.85 -3.13 -5.83
CA PRO Q 487 44.43 -3.00 -4.49
C PRO Q 487 45.24 -4.25 -4.12
N VAL Q 488 46.17 -4.05 -3.19
CA VAL Q 488 46.98 -5.16 -2.71
C VAL Q 488 46.10 -6.28 -2.19
N GLY Q 489 45.03 -5.93 -1.49
CA GLY Q 489 44.08 -6.91 -1.03
C GLY Q 489 42.80 -6.24 -0.57
N SER Q 490 41.69 -6.87 -0.94
CA SER Q 490 40.36 -6.36 -0.60
C SER Q 490 39.58 -7.48 0.08
N PHE Q 491 39.55 -7.47 1.41
CA PHE Q 491 38.99 -8.57 2.18
C PHE Q 491 37.76 -8.11 2.97
N LEU Q 492 36.87 -9.05 3.23
CA LEU Q 492 35.67 -8.82 4.02
C LEU Q 492 35.73 -9.73 5.24
N PHE Q 493 36.24 -9.22 6.36
CA PHE Q 493 36.30 -9.98 7.59
C PHE Q 493 34.92 -9.99 8.23
N ALA Q 494 34.22 -11.11 8.12
CA ALA Q 494 32.89 -11.25 8.69
C ALA Q 494 32.93 -12.26 9.83
N GLY Q 495 32.23 -11.94 10.92
CA GLY Q 495 32.22 -12.79 12.08
C GLY Q 495 31.60 -12.14 13.29
N PRO Q 496 31.36 -12.92 14.34
CA PRO Q 496 30.69 -12.40 15.52
C PRO Q 496 31.52 -11.33 16.23
N THR Q 497 30.90 -10.73 17.25
CA THR Q 497 31.52 -9.61 17.95
C THR Q 497 32.70 -10.07 18.80
N GLY Q 498 33.76 -9.27 18.78
CA GLY Q 498 34.92 -9.52 19.62
C GLY Q 498 35.72 -10.76 19.28
N VAL Q 499 36.03 -10.97 18.00
CA VAL Q 499 36.86 -12.10 17.59
C VAL Q 499 38.14 -11.63 16.91
N GLY Q 500 38.39 -10.34 16.88
CA GLY Q 500 39.65 -9.82 16.37
C GLY Q 500 39.62 -9.24 14.98
N LYS Q 501 38.45 -8.85 14.46
CA LYS Q 501 38.39 -8.30 13.11
C LYS Q 501 39.10 -6.96 13.02
N THR Q 502 38.75 -6.01 13.90
CA THR Q 502 39.46 -4.74 13.91
C THR Q 502 40.88 -4.91 14.41
N GLU Q 503 41.08 -5.80 15.39
CA GLU Q 503 42.37 -5.91 16.04
C GLU Q 503 43.44 -6.44 15.10
N VAL Q 504 43.09 -7.43 14.27
CA VAL Q 504 44.09 -7.99 13.36
C VAL Q 504 44.52 -6.93 12.35
N THR Q 505 43.58 -6.09 11.91
CA THR Q 505 43.92 -5.05 10.95
C THR Q 505 44.79 -3.98 11.59
N VAL Q 506 44.48 -3.58 12.82
CA VAL Q 506 45.30 -2.59 13.49
C VAL Q 506 46.71 -3.13 13.71
N GLN Q 507 46.81 -4.39 14.13
CA GLN Q 507 48.14 -4.97 14.36
C GLN Q 507 48.88 -5.18 13.05
N LEU Q 508 48.16 -5.40 11.95
CA LEU Q 508 48.80 -5.47 10.64
C LEU Q 508 49.39 -4.13 10.26
N SER Q 509 48.63 -3.05 10.46
CA SER Q 509 49.17 -1.72 10.21
C SER Q 509 50.37 -1.43 11.09
N LYS Q 510 50.34 -1.88 12.34
CA LYS Q 510 51.45 -1.63 13.26
C LYS Q 510 52.69 -2.44 12.86
N ALA Q 511 52.49 -3.67 12.39
CA ALA Q 511 53.62 -4.55 12.12
C ALA Q 511 54.43 -4.07 10.92
N LEU Q 512 53.76 -3.63 9.86
CA LEU Q 512 54.44 -3.13 8.67
C LEU Q 512 54.94 -1.71 8.84
N GLY Q 513 54.71 -1.08 9.98
CA GLY Q 513 55.05 0.32 10.15
C GLY Q 513 54.39 1.23 9.14
N ILE Q 514 53.26 0.82 8.60
CA ILE Q 514 52.58 1.54 7.52
C ILE Q 514 51.37 2.24 8.10
N GLU Q 515 51.02 3.38 7.52
CA GLU Q 515 49.96 4.22 8.06
C GLU Q 515 48.61 3.51 7.97
N LEU Q 516 47.80 3.68 9.01
CA LEU Q 516 46.46 3.11 9.06
C LEU Q 516 45.44 4.21 8.79
N LEU Q 517 44.58 3.99 7.80
CA LEU Q 517 43.48 4.89 7.50
C LEU Q 517 42.19 4.25 7.99
N ARG Q 518 41.63 4.81 9.06
CA ARG Q 518 40.47 4.26 9.73
C ARG Q 518 39.22 5.02 9.33
N PHE Q 519 38.20 4.29 8.90
CA PHE Q 519 36.92 4.89 8.51
C PHE Q 519 35.79 4.08 9.16
N ASP Q 520 35.21 4.63 10.21
CA ASP Q 520 34.07 4.02 10.86
C ASP Q 520 32.84 4.27 9.99
N MET Q 521 32.43 3.26 9.23
CA MET Q 521 31.40 3.43 8.22
C MET Q 521 30.00 3.51 8.80
N SER Q 522 29.87 3.67 10.11
CA SER Q 522 28.56 3.94 10.70
C SER Q 522 28.16 5.40 10.60
N GLU Q 523 29.09 6.29 10.27
CA GLU Q 523 28.76 7.69 10.02
C GLU Q 523 28.28 7.92 8.60
N TYR Q 524 28.26 6.89 7.77
CA TYR Q 524 27.87 6.98 6.37
C TYR Q 524 26.54 6.26 6.13
N MET Q 525 25.62 6.40 7.08
CA MET Q 525 24.35 5.67 6.99
C MET Q 525 23.43 6.26 5.93
N GLU Q 526 23.67 7.50 5.52
CA GLU Q 526 22.81 8.16 4.56
C GLU Q 526 23.46 8.19 3.18
N ARG Q 527 22.63 8.03 2.16
CA ARG Q 527 23.11 7.95 0.79
C ARG Q 527 23.91 9.17 0.39
N HIS Q 528 23.53 10.34 0.88
CA HIS Q 528 24.19 11.58 0.48
C HIS Q 528 25.50 11.82 1.21
N THR Q 529 25.90 10.96 2.14
CA THR Q 529 27.16 11.13 2.84
C THR Q 529 28.37 10.84 1.97
N VAL Q 530 28.16 10.40 0.73
CA VAL Q 530 29.27 10.08 -0.16
C VAL Q 530 30.09 11.33 -0.47
N SER Q 531 29.45 12.50 -0.41
CA SER Q 531 30.18 13.75 -0.58
C SER Q 531 31.31 13.90 0.44
N ARG Q 532 31.19 13.26 1.61
CA ARG Q 532 32.31 13.24 2.53
C ARG Q 532 33.48 12.44 1.99
N LEU Q 533 33.21 11.33 1.31
CA LEU Q 533 34.26 10.48 0.78
C LEU Q 533 34.93 11.07 -0.44
N ILE Q 534 34.17 11.59 -1.41
CA ILE Q 534 34.75 12.05 -2.66
C ILE Q 534 34.57 13.55 -2.90
N GLY Q 535 33.99 14.29 -1.97
CA GLY Q 535 33.94 15.73 -2.12
C GLY Q 535 32.61 16.20 -2.71
N ALA Q 536 32.41 17.50 -2.65
CA ALA Q 536 31.22 18.11 -3.20
C ALA Q 536 31.48 18.59 -4.63
N PRO Q 537 30.49 18.52 -5.51
CA PRO Q 537 30.69 18.93 -6.91
C PRO Q 537 31.01 20.40 -7.01
N PRO Q 538 31.49 20.86 -8.16
CA PRO Q 538 31.71 22.30 -8.35
C PRO Q 538 30.43 23.09 -8.14
N GLY Q 539 30.56 24.23 -7.47
CA GLY Q 539 29.43 25.11 -7.23
C GLY Q 539 28.78 24.97 -5.88
N TYR Q 540 29.32 24.12 -5.01
CA TYR Q 540 28.69 23.84 -3.72
C TYR Q 540 29.67 24.13 -2.58
N VAL Q 541 29.11 24.27 -1.37
CA VAL Q 541 29.81 24.92 -0.27
C VAL Q 541 31.12 24.23 0.10
N GLY Q 542 31.14 22.91 0.15
CA GLY Q 542 32.32 22.18 0.56
C GLY Q 542 33.29 21.87 -0.56
N PHE Q 543 33.31 22.66 -1.63
CA PHE Q 543 34.10 22.29 -2.80
C PHE Q 543 35.59 22.34 -2.52
N ASP Q 544 36.02 23.36 -1.77
CA ASP Q 544 37.44 23.57 -1.53
C ASP Q 544 38.03 22.57 -0.55
N GLN Q 545 37.21 21.70 0.03
CA GLN Q 545 37.71 20.77 1.03
C GLN Q 545 38.19 19.47 0.41
N GLY Q 546 37.46 18.94 -0.57
CA GLY Q 546 37.81 17.67 -1.16
C GLY Q 546 37.37 16.51 -0.29
N GLY Q 547 37.36 15.32 -0.90
CA GLY Q 547 36.92 14.14 -0.20
C GLY Q 547 37.89 13.69 0.86
N LEU Q 548 37.36 13.03 1.88
CA LEU Q 548 38.18 12.48 2.95
C LEU Q 548 38.94 11.25 2.51
N LEU Q 549 38.25 10.28 1.90
CA LEU Q 549 38.90 9.07 1.41
C LEU Q 549 39.99 9.38 0.41
N THR Q 550 39.67 10.14 -0.64
CA THR Q 550 40.63 10.40 -1.69
C THR Q 550 41.83 11.18 -1.19
N ASP Q 551 41.61 12.19 -0.35
CA ASP Q 551 42.73 12.96 0.17
C ASP Q 551 43.59 12.12 1.09
N ALA Q 552 42.97 11.28 1.92
CA ALA Q 552 43.73 10.39 2.78
C ALA Q 552 44.61 9.45 1.97
N VAL Q 553 44.07 8.88 0.89
CA VAL Q 553 44.84 7.95 0.09
C VAL Q 553 45.93 8.68 -0.70
N ILE Q 554 45.66 9.92 -1.11
CA ILE Q 554 46.68 10.66 -1.84
C ILE Q 554 47.85 11.02 -0.93
N LYS Q 555 47.55 11.39 0.31
CA LYS Q 555 48.63 11.68 1.25
C LYS Q 555 49.43 10.44 1.58
N HIS Q 556 48.75 9.32 1.80
CA HIS Q 556 49.38 8.05 2.18
C HIS Q 556 49.10 7.00 1.10
N PRO Q 557 49.88 6.97 0.02
CA PRO Q 557 49.62 5.99 -1.04
C PRO Q 557 49.93 4.57 -0.63
N HIS Q 558 50.78 4.38 0.36
CA HIS Q 558 51.12 3.06 0.89
C HIS Q 558 50.57 2.97 2.31
N ALA Q 559 49.40 2.36 2.46
CA ALA Q 559 48.74 2.36 3.75
C ALA Q 559 47.75 1.20 3.80
N VAL Q 560 47.11 1.05 4.95
CA VAL Q 560 46.06 0.07 5.16
C VAL Q 560 44.75 0.82 5.37
N LEU Q 561 43.75 0.52 4.54
CA LEU Q 561 42.45 1.16 4.60
C LEU Q 561 41.48 0.22 5.30
N LEU Q 562 40.95 0.65 6.43
CA LEU Q 562 40.07 -0.16 7.26
C LEU Q 562 38.70 0.49 7.32
N LEU Q 563 37.68 -0.26 6.92
CA LEU Q 563 36.30 0.22 6.91
C LEU Q 563 35.52 -0.58 7.96
N ASP Q 564 35.42 -0.01 9.15
CA ASP Q 564 34.76 -0.71 10.25
C ASP Q 564 33.26 -0.75 10.06
N GLU Q 565 32.68 -1.92 10.36
CA GLU Q 565 31.23 -2.14 10.29
C GLU Q 565 30.66 -1.62 8.98
N ILE Q 566 31.20 -2.09 7.85
CA ILE Q 566 30.80 -1.56 6.56
C ILE Q 566 29.32 -1.85 6.29
N GLU Q 567 28.75 -2.86 6.96
CA GLU Q 567 27.34 -3.15 6.79
C GLU Q 567 26.45 -2.04 7.33
N LYS Q 568 26.99 -1.12 8.12
CA LYS Q 568 26.21 -0.05 8.71
C LYS Q 568 26.03 1.15 7.80
N ALA Q 569 26.88 1.30 6.79
CA ALA Q 569 26.72 2.39 5.83
C ALA Q 569 25.55 2.09 4.91
N HIS Q 570 25.07 3.13 4.23
CA HIS Q 570 23.98 2.96 3.28
C HIS Q 570 24.45 2.07 2.13
N PRO Q 571 23.68 1.07 1.73
CA PRO Q 571 24.16 0.10 0.74
C PRO Q 571 24.57 0.72 -0.58
N ASP Q 572 24.18 1.96 -0.83
CA ASP Q 572 24.60 2.62 -2.06
C ASP Q 572 26.06 3.06 -2.03
N VAL Q 573 26.66 3.19 -0.85
CA VAL Q 573 28.03 3.66 -0.75
C VAL Q 573 29.05 2.62 -1.21
N PHE Q 574 28.70 1.33 -1.18
CA PHE Q 574 29.62 0.30 -1.64
C PHE Q 574 29.96 0.44 -3.12
N ASN Q 575 29.05 1.01 -3.90
CA ASN Q 575 29.34 1.27 -5.31
C ASN Q 575 30.52 2.21 -5.49
N ILE Q 576 30.89 2.97 -4.46
CA ILE Q 576 32.13 3.73 -4.51
C ILE Q 576 33.32 2.78 -4.50
N LEU Q 577 33.31 1.81 -3.58
CA LEU Q 577 34.40 0.86 -3.49
C LEU Q 577 34.43 -0.07 -4.69
N LEU Q 578 33.34 -0.13 -5.45
CA LEU Q 578 33.35 -0.95 -6.68
C LEU Q 578 34.59 -0.66 -7.53
N GLN Q 579 34.74 0.58 -8.00
CA GLN Q 579 35.87 0.91 -8.85
C GLN Q 579 37.19 0.92 -8.10
N VAL Q 580 37.17 1.19 -6.80
CA VAL Q 580 38.40 1.12 -6.01
C VAL Q 580 38.94 -0.30 -6.01
N MET Q 581 38.07 -1.29 -5.85
CA MET Q 581 38.52 -2.67 -5.82
C MET Q 581 38.82 -3.22 -7.20
N ASP Q 582 38.09 -2.75 -8.22
CA ASP Q 582 38.33 -3.32 -9.54
C ASP Q 582 39.48 -2.64 -10.27
N ASN Q 583 39.47 -1.31 -10.37
CA ASN Q 583 40.50 -0.59 -11.11
C ASN Q 583 41.51 0.12 -10.22
N GLY Q 584 41.27 0.21 -8.92
CA GLY Q 584 42.24 0.78 -8.01
C GLY Q 584 42.35 2.29 -8.06
N THR Q 585 41.44 2.98 -8.73
CA THR Q 585 41.45 4.43 -8.77
C THR Q 585 40.11 4.96 -8.28
N LEU Q 586 40.13 6.21 -7.83
CA LEU Q 586 38.95 6.90 -7.34
C LEU Q 586 39.14 8.38 -7.56
N THR Q 587 38.20 9.02 -8.23
CA THR Q 587 38.32 10.41 -8.64
C THR Q 587 37.46 11.30 -7.78
N ASP Q 588 38.08 12.28 -7.12
CA ASP Q 588 37.34 13.24 -6.31
C ASP Q 588 36.86 14.40 -7.19
N ASN Q 589 36.27 15.41 -6.53
CA ASN Q 589 35.55 16.45 -7.25
C ASN Q 589 36.45 17.42 -8.00
N ASN Q 590 37.76 17.26 -7.94
CA ASN Q 590 38.67 18.10 -8.72
C ASN Q 590 39.29 17.36 -9.89
N GLY Q 591 38.94 16.10 -10.09
CA GLY Q 591 39.53 15.30 -11.15
C GLY Q 591 40.78 14.56 -10.75
N ARG Q 592 41.16 14.58 -9.48
CA ARG Q 592 42.34 13.86 -9.01
C ARG Q 592 41.99 12.39 -8.79
N LYS Q 593 42.88 11.51 -9.22
CA LYS Q 593 42.66 10.08 -9.15
C LYS Q 593 43.46 9.51 -7.98
N ALA Q 594 42.75 9.13 -6.92
CA ALA Q 594 43.41 8.50 -5.78
C ALA Q 594 43.85 7.09 -6.16
N ASP Q 595 45.13 6.81 -5.93
CA ASP Q 595 45.76 5.56 -6.37
C ASP Q 595 45.69 4.54 -5.23
N PHE Q 596 45.00 3.44 -5.48
CA PHE Q 596 44.79 2.40 -4.48
C PHE Q 596 45.59 1.13 -4.74
N ARG Q 597 46.64 1.21 -5.55
CA ARG Q 597 47.37 -0.01 -5.90
C ARG Q 597 48.26 -0.50 -4.77
N ASN Q 598 48.52 0.34 -3.76
CA ASN Q 598 49.33 -0.05 -2.61
C ASN Q 598 48.56 0.07 -1.31
N VAL Q 599 47.27 -0.22 -1.33
CA VAL Q 599 46.41 -0.10 -0.16
C VAL Q 599 45.82 -1.47 0.14
N VAL Q 600 45.95 -1.90 1.40
CA VAL Q 600 45.35 -3.15 1.84
C VAL Q 600 43.95 -2.83 2.36
N LEU Q 601 42.95 -3.02 1.50
CA LEU Q 601 41.57 -2.66 1.81
C LEU Q 601 40.94 -3.77 2.63
N VAL Q 602 40.54 -3.46 3.86
CA VAL Q 602 39.90 -4.42 4.75
C VAL Q 602 38.60 -3.82 5.24
N MET Q 603 37.52 -4.57 5.10
CA MET Q 603 36.21 -4.18 5.60
C MET Q 603 35.72 -5.24 6.58
N THR Q 604 35.29 -4.81 7.75
CA THR Q 604 34.86 -5.71 8.80
C THR Q 604 33.35 -5.59 8.99
N THR Q 605 32.74 -6.67 9.46
CA THR Q 605 31.30 -6.70 9.65
C THR Q 605 30.93 -7.91 10.51
N ASN Q 606 29.70 -7.88 11.03
CA ASN Q 606 29.07 -9.06 11.60
C ASN Q 606 27.76 -9.37 10.88
N ALA Q 607 27.78 -9.35 9.55
CA ALA Q 607 26.54 -9.37 8.78
C ALA Q 607 25.76 -10.66 9.01
N GLY Q 608 26.32 -11.80 8.63
CA GLY Q 608 25.59 -13.05 8.69
C GLY Q 608 25.58 -13.76 10.03
N VAL Q 609 25.96 -13.07 11.11
CA VAL Q 609 26.07 -13.73 12.40
C VAL Q 609 24.71 -13.96 13.02
N ARG Q 610 23.82 -12.97 12.92
CA ARG Q 610 22.53 -13.06 13.58
C ARG Q 610 21.74 -14.27 13.09
N GLU Q 611 21.91 -14.65 11.82
CA GLU Q 611 21.19 -15.80 11.29
C GLU Q 611 21.75 -17.11 11.82
N THR Q 612 23.05 -17.13 12.17
CA THR Q 612 23.65 -18.31 12.76
C THR Q 612 23.32 -18.44 14.24
N GLU Q 613 22.99 -17.33 14.89
CA GLU Q 613 22.52 -17.37 16.28
C GLU Q 613 21.01 -17.53 16.29
N ARG Q 614 20.56 -18.62 15.65
CA ARG Q 614 19.16 -18.92 15.50
C ARG Q 614 18.87 -20.30 16.09
N LYS Q 615 17.76 -20.39 16.82
CA LYS Q 615 17.32 -21.64 17.41
C LYS Q 615 16.28 -22.27 16.51
N SER Q 616 16.58 -23.46 15.99
CA SER Q 616 15.68 -24.14 15.08
C SER Q 616 14.54 -24.80 15.85
N ILE Q 617 13.43 -25.02 15.15
CA ILE Q 617 12.23 -25.63 15.70
C ILE Q 617 12.06 -27.01 15.07
N GLY Q 618 11.66 -27.97 15.88
CA GLY Q 618 11.37 -29.30 15.38
C GLY Q 618 12.10 -30.35 16.19
N LEU Q 619 11.87 -31.61 15.81
CA LEU Q 619 12.49 -32.73 16.49
C LEU Q 619 13.97 -32.86 16.15
N ILE Q 620 14.35 -32.48 14.92
CA ILE Q 620 15.71 -32.61 14.44
C ILE Q 620 16.31 -31.22 14.33
N HIS Q 621 17.43 -31.00 15.01
CA HIS Q 621 18.10 -29.72 14.90
C HIS Q 621 18.95 -29.69 13.64
N GLN Q 622 18.85 -28.59 12.90
CA GLN Q 622 19.45 -28.48 11.57
C GLN Q 622 20.69 -27.60 11.63
N ASP Q 623 21.60 -27.87 10.69
CA ASP Q 623 22.88 -27.16 10.61
C ASP Q 623 22.66 -25.81 9.96
N ASN Q 624 23.03 -24.75 10.66
CA ASN Q 624 22.91 -23.38 10.15
C ASN Q 624 24.25 -22.80 9.72
N SER Q 625 25.17 -23.63 9.22
CA SER Q 625 26.50 -23.15 8.86
C SER Q 625 26.49 -22.24 7.64
N THR Q 626 25.55 -22.45 6.72
CA THR Q 626 25.52 -21.70 5.47
C THR Q 626 24.72 -20.41 5.57
N ASP Q 627 24.07 -20.16 6.70
CA ASP Q 627 23.25 -18.95 6.83
C ASP Q 627 24.09 -17.68 6.81
N ALA Q 628 25.30 -17.74 7.38
CA ALA Q 628 26.17 -16.56 7.33
C ALA Q 628 26.49 -16.18 5.89
N MET Q 629 26.90 -17.16 5.09
CA MET Q 629 27.19 -16.88 3.68
C MET Q 629 25.95 -16.43 2.93
N GLU Q 630 24.79 -17.04 3.21
CA GLU Q 630 23.56 -16.59 2.56
C GLU Q 630 23.27 -15.12 2.87
N GLU Q 631 23.41 -14.73 4.13
CA GLU Q 631 23.12 -13.34 4.50
C GLU Q 631 24.14 -12.39 3.87
N ILE Q 632 25.41 -12.78 3.85
CA ILE Q 632 26.42 -11.94 3.21
C ILE Q 632 26.11 -11.77 1.73
N LYS Q 633 25.69 -12.84 1.07
CA LYS Q 633 25.32 -12.75 -0.33
C LYS Q 633 24.09 -11.88 -0.54
N LYS Q 634 23.18 -11.87 0.43
CA LYS Q 634 21.98 -11.05 0.33
C LYS Q 634 22.22 -9.59 0.68
N ILE Q 635 23.33 -9.28 1.35
CA ILE Q 635 23.66 -7.91 1.73
C ILE Q 635 24.48 -7.22 0.65
N PHE Q 636 25.58 -7.82 0.25
CA PHE Q 636 26.50 -7.24 -0.73
C PHE Q 636 26.11 -7.69 -2.12
N THR Q 637 26.12 -6.75 -3.06
CA THR Q 637 25.67 -7.05 -4.41
C THR Q 637 26.63 -8.03 -5.08
N PRO Q 638 26.15 -8.86 -6.00
CA PRO Q 638 27.04 -9.84 -6.65
C PRO Q 638 28.20 -9.20 -7.38
N GLU Q 639 28.00 -8.06 -8.03
CA GLU Q 639 29.12 -7.40 -8.71
C GLU Q 639 30.11 -6.82 -7.71
N PHE Q 640 29.70 -6.65 -6.45
CA PHE Q 640 30.63 -6.21 -5.42
C PHE Q 640 31.38 -7.40 -4.83
N ARG Q 641 30.65 -8.45 -4.48
CA ARG Q 641 31.30 -9.65 -3.94
C ARG Q 641 32.21 -10.31 -4.97
N ASN Q 642 31.97 -10.06 -6.26
CA ASN Q 642 32.75 -10.69 -7.30
C ASN Q 642 34.18 -10.18 -7.37
N ARG Q 643 34.47 -9.03 -6.79
CA ARG Q 643 35.81 -8.45 -6.85
C ARG Q 643 36.52 -8.44 -5.51
N LEU Q 644 35.96 -9.09 -4.49
CA LEU Q 644 36.66 -9.25 -3.24
C LEU Q 644 37.75 -10.30 -3.36
N ASP Q 645 38.92 -10.01 -2.79
CA ASP Q 645 40.00 -10.98 -2.82
C ASP Q 645 39.66 -12.22 -2.02
N ASN Q 646 39.00 -12.06 -0.88
CA ASN Q 646 38.57 -13.19 -0.07
C ASN Q 646 37.61 -12.68 0.99
N ILE Q 647 36.68 -13.54 1.39
CA ILE Q 647 35.74 -13.26 2.47
C ILE Q 647 36.12 -14.16 3.64
N ILE Q 648 36.94 -13.64 4.54
CA ILE Q 648 37.47 -14.43 5.65
C ILE Q 648 36.43 -14.46 6.76
N TRP Q 649 35.71 -15.56 6.86
CA TRP Q 649 34.72 -15.75 7.92
C TRP Q 649 35.45 -16.08 9.22
N PHE Q 650 35.17 -15.31 10.26
CA PHE Q 650 35.83 -15.51 11.55
C PHE Q 650 35.01 -16.44 12.41
N ASP Q 651 35.72 -17.30 13.16
CA ASP Q 651 35.06 -18.23 14.07
C ASP Q 651 35.07 -17.66 15.48
N HIS Q 652 34.21 -18.20 16.33
CA HIS Q 652 34.19 -17.82 17.73
C HIS Q 652 35.49 -18.21 18.41
N LEU Q 653 35.72 -17.62 19.57
CA LEU Q 653 36.92 -17.92 20.35
C LEU Q 653 36.67 -19.12 21.26
N SER Q 654 37.62 -20.06 21.25
CA SER Q 654 37.50 -21.25 22.06
C SER Q 654 38.14 -21.03 23.43
N THR Q 655 38.19 -22.10 24.22
CA THR Q 655 38.67 -22.00 25.59
C THR Q 655 40.16 -21.68 25.66
N ASP Q 656 40.99 -22.42 24.92
CA ASP Q 656 42.43 -22.14 24.91
C ASP Q 656 42.71 -20.76 24.32
N VAL Q 657 41.94 -20.36 23.32
CA VAL Q 657 42.06 -19.00 22.80
C VAL Q 657 41.73 -17.99 23.91
N ILE Q 658 40.74 -18.32 24.75
CA ILE Q 658 40.39 -17.45 25.87
C ILE Q 658 41.54 -17.37 26.86
N HIS Q 659 42.24 -18.49 27.07
CA HIS Q 659 43.41 -18.47 27.94
C HIS Q 659 44.48 -17.55 27.38
N GLN Q 660 44.80 -17.69 26.09
CA GLN Q 660 45.80 -16.82 25.48
C GLN Q 660 45.38 -15.36 25.54
N VAL Q 661 44.07 -15.10 25.40
CA VAL Q 661 43.57 -13.73 25.41
C VAL Q 661 43.69 -13.13 26.80
N VAL Q 662 43.33 -13.89 27.84
CA VAL Q 662 43.44 -13.36 29.19
C VAL Q 662 44.91 -13.16 29.55
N ASP Q 663 45.79 -13.99 28.99
CA ASP Q 663 47.23 -13.75 29.18
C ASP Q 663 47.66 -12.45 28.52
N LYS Q 664 47.20 -12.20 27.30
CA LYS Q 664 47.51 -10.95 26.62
C LYS Q 664 47.02 -9.75 27.42
N PHE Q 665 45.79 -9.84 27.94
CA PHE Q 665 45.24 -8.73 28.71
C PHE Q 665 45.99 -8.54 30.03
N ILE Q 666 46.44 -9.64 30.64
CA ILE Q 666 47.24 -9.52 31.87
C ILE Q 666 48.58 -8.88 31.56
N VAL Q 667 49.16 -9.18 30.41
CA VAL Q 667 50.43 -8.55 30.03
C VAL Q 667 50.22 -7.05 29.81
N GLU Q 668 49.12 -6.68 29.16
CA GLU Q 668 48.83 -5.27 28.97
C GLU Q 668 48.63 -4.57 30.31
N LEU Q 669 47.91 -5.21 31.23
CA LEU Q 669 47.75 -4.65 32.57
C LEU Q 669 49.09 -4.53 33.27
N GLN Q 670 49.99 -5.50 33.07
CA GLN Q 670 51.29 -5.45 33.74
C GLN Q 670 52.11 -4.30 33.19
N VAL Q 671 51.98 -4.01 31.89
CA VAL Q 671 52.66 -2.83 31.35
C VAL Q 671 52.05 -1.56 31.92
N GLN Q 672 50.72 -1.50 32.00
CA GLN Q 672 50.07 -0.34 32.58
C GLN Q 672 50.53 -0.12 34.01
N LEU Q 673 50.80 -1.20 34.74
CA LEU Q 673 51.30 -1.08 36.11
C LEU Q 673 52.74 -0.63 36.14
N ASP Q 674 53.60 -1.27 35.34
CA ASP Q 674 55.00 -0.89 35.25
C ASP Q 674 55.15 0.59 34.95
N GLN Q 675 54.20 1.17 34.19
CA GLN Q 675 54.18 2.61 34.03
C GLN Q 675 54.18 3.35 35.37
N LYS Q 676 53.58 2.76 36.40
CA LYS Q 676 53.48 3.39 37.71
C LYS Q 676 54.48 2.86 38.72
N GLY Q 677 55.46 2.07 38.28
CA GLY Q 677 56.43 1.51 39.20
C GLY Q 677 55.92 0.38 40.06
N VAL Q 678 54.96 -0.40 39.57
CA VAL Q 678 54.38 -1.52 40.32
C VAL Q 678 54.63 -2.80 39.52
N SER Q 679 54.62 -3.92 40.24
CA SER Q 679 54.79 -5.24 39.62
C SER Q 679 53.61 -6.12 40.00
N LEU Q 680 53.31 -7.09 39.15
CA LEU Q 680 52.18 -8.00 39.36
C LEU Q 680 52.55 -9.42 38.96
N GLU Q 681 52.02 -10.38 39.70
CA GLU Q 681 52.07 -11.78 39.31
C GLU Q 681 50.73 -12.42 39.61
N VAL Q 682 50.27 -13.25 38.69
CA VAL Q 682 48.99 -13.94 38.79
C VAL Q 682 49.25 -15.45 38.72
N SER Q 683 48.71 -16.16 39.71
CA SER Q 683 48.88 -17.60 39.74
C SER Q 683 48.17 -18.26 38.56
N GLN Q 684 48.62 -19.47 38.22
CA GLN Q 684 48.03 -20.17 37.08
C GLN Q 684 46.57 -20.53 37.34
N GLU Q 685 46.25 -20.97 38.56
CA GLU Q 685 44.85 -21.22 38.88
C GLU Q 685 44.06 -19.92 38.86
N ALA Q 686 44.71 -18.80 39.20
CA ALA Q 686 44.02 -17.51 39.11
C ALA Q 686 43.74 -17.15 37.67
N ARG Q 687 44.70 -17.38 36.77
CA ARG Q 687 44.45 -17.16 35.35
C ARG Q 687 43.32 -18.05 34.84
N ASN Q 688 43.32 -19.32 35.24
CA ASN Q 688 42.27 -20.22 34.79
C ASN Q 688 40.91 -19.82 35.35
N TRP Q 689 40.89 -19.30 36.59
CA TRP Q 689 39.64 -18.84 37.17
C TRP Q 689 39.12 -17.59 36.46
N LEU Q 690 40.02 -16.67 36.13
CA LEU Q 690 39.63 -15.52 35.32
C LEU Q 690 39.06 -15.97 33.98
N ALA Q 691 39.71 -16.96 33.36
CA ALA Q 691 39.23 -17.48 32.09
C ALA Q 691 37.87 -18.14 32.24
N GLU Q 692 37.62 -18.79 33.37
CA GLU Q 692 36.37 -19.49 33.57
C GLU Q 692 35.23 -18.54 33.88
N LYS Q 693 35.51 -17.46 34.63
CA LYS Q 693 34.43 -16.58 35.08
C LYS Q 693 33.79 -15.85 33.90
N GLY Q 694 34.57 -15.09 33.15
CA GLY Q 694 34.02 -14.24 32.12
C GLY Q 694 33.99 -14.79 30.72
N TYR Q 695 34.28 -16.08 30.53
CA TYR Q 695 34.24 -16.65 29.19
C TYR Q 695 32.80 -16.68 28.68
N ASP Q 696 32.62 -16.19 27.46
CA ASP Q 696 31.31 -16.22 26.81
C ASP Q 696 31.54 -16.21 25.31
N ARG Q 697 31.23 -17.32 24.65
CA ARG Q 697 31.50 -17.43 23.22
C ARG Q 697 30.64 -16.48 22.41
N ALA Q 698 29.44 -16.14 22.93
CA ALA Q 698 28.55 -15.26 22.18
C ALA Q 698 29.03 -13.82 22.21
N MET Q 699 30.03 -13.51 23.03
CA MET Q 699 30.50 -12.14 23.20
C MET Q 699 31.99 -11.99 22.89
N GLY Q 700 32.66 -13.07 22.53
CA GLY Q 700 34.05 -12.95 22.12
C GLY Q 700 34.98 -12.66 23.29
N ALA Q 701 35.96 -11.79 23.06
CA ALA Q 701 37.00 -11.54 24.04
C ALA Q 701 36.83 -10.22 24.77
N ARG Q 702 35.75 -9.50 24.54
CA ARG Q 702 35.51 -8.28 25.32
C ARG Q 702 35.07 -8.57 26.76
N PRO Q 703 34.13 -9.49 27.03
CA PRO Q 703 33.77 -9.75 28.42
C PRO Q 703 34.93 -10.30 29.24
N MET Q 704 35.93 -10.89 28.62
CA MET Q 704 37.11 -11.32 29.37
C MET Q 704 37.90 -10.12 29.87
N ALA Q 705 38.11 -9.11 29.04
CA ALA Q 705 38.72 -7.87 29.50
C ALA Q 705 37.85 -7.21 30.55
N ARG Q 706 36.52 -7.33 30.41
CA ARG Q 706 35.62 -6.77 31.41
C ARG Q 706 35.79 -7.45 32.77
N VAL Q 707 35.92 -8.77 32.77
CA VAL Q 707 36.10 -9.51 34.02
C VAL Q 707 37.46 -9.21 34.62
N ILE Q 708 38.51 -9.16 33.79
CA ILE Q 708 39.81 -8.73 34.30
C ILE Q 708 39.69 -7.36 34.95
N GLN Q 709 38.97 -6.45 34.30
CA GLN Q 709 38.75 -5.14 34.89
C GLN Q 709 38.12 -5.24 36.27
N ASP Q 710 36.90 -5.76 36.35
CA ASP Q 710 36.15 -5.71 37.61
C ASP Q 710 36.76 -6.62 38.68
N ASN Q 711 37.68 -7.51 38.30
CA ASN Q 711 38.29 -8.39 39.29
C ASN Q 711 39.65 -7.90 39.78
N LEU Q 712 40.52 -7.43 38.88
CA LEU Q 712 41.86 -7.02 39.27
C LEU Q 712 42.04 -5.52 39.29
N LYS Q 713 41.52 -4.79 38.30
CA LYS Q 713 41.80 -3.36 38.24
C LYS Q 713 41.15 -2.61 39.39
N LYS Q 714 39.90 -2.94 39.72
CA LYS Q 714 39.22 -2.26 40.82
C LYS Q 714 39.95 -2.40 42.15
N PRO Q 715 40.24 -3.61 42.64
CA PRO Q 715 41.00 -3.69 43.90
C PRO Q 715 42.38 -3.10 43.79
N LEU Q 716 43.04 -3.31 42.66
CA LEU Q 716 44.36 -2.71 42.45
C LEU Q 716 44.26 -1.20 42.38
N ALA Q 717 43.19 -0.67 41.77
CA ALA Q 717 43.04 0.78 41.72
C ALA Q 717 42.79 1.36 43.12
N ASN Q 718 42.05 0.62 43.96
CA ASN Q 718 41.86 1.07 45.32
C ASN Q 718 43.16 1.03 46.11
N GLU Q 719 43.97 -0.01 45.91
CA GLU Q 719 45.26 -0.08 46.59
C GLU Q 719 46.22 1.00 46.08
N LEU Q 720 46.09 1.38 44.80
CA LEU Q 720 47.00 2.35 44.20
C LEU Q 720 46.62 3.77 44.53
N LEU Q 721 45.34 4.10 44.49
CA LEU Q 721 44.88 5.46 44.72
C LEU Q 721 44.91 5.85 46.18
N PHE Q 722 44.99 4.88 47.08
CA PHE Q 722 44.93 5.14 48.52
C PHE Q 722 46.00 4.31 49.23
N GLY Q 723 47.15 4.92 49.48
CA GLY Q 723 48.08 4.31 50.42
C GLY Q 723 48.90 3.19 49.83
N SER Q 724 48.50 1.96 50.16
CA SER Q 724 49.29 0.74 50.07
C SER Q 724 50.23 0.68 48.87
N LEU Q 725 49.72 0.90 47.66
CA LEU Q 725 50.48 0.67 46.46
C LEU Q 725 51.06 1.93 45.84
N VAL Q 726 51.05 3.06 46.54
CA VAL Q 726 51.76 4.22 46.06
C VAL Q 726 53.24 3.89 46.00
N ASP Q 727 53.80 3.86 44.79
CA ASP Q 727 55.12 3.29 44.54
C ASP Q 727 55.19 1.85 45.04
N GLY Q 728 54.13 1.09 44.78
CA GLY Q 728 53.97 -0.24 45.30
C GLY Q 728 54.98 -1.22 44.72
N GLY Q 729 54.88 -2.46 45.18
CA GLY Q 729 55.81 -3.49 44.77
C GLY Q 729 55.13 -4.70 44.16
N GLN Q 730 55.71 -5.87 44.37
CA GLN Q 730 55.21 -7.09 43.74
C GLN Q 730 53.84 -7.46 44.28
N VAL Q 731 52.81 -7.22 43.49
CA VAL Q 731 51.44 -7.64 43.81
C VAL Q 731 51.28 -9.07 43.35
N THR Q 732 50.83 -9.93 44.25
CA THR Q 732 50.64 -11.35 43.97
C THR Q 732 49.16 -11.69 44.03
N VAL Q 733 48.68 -12.41 43.03
CA VAL Q 733 47.30 -12.87 43.00
C VAL Q 733 47.30 -14.39 43.07
N ALA Q 734 46.47 -14.94 43.95
CA ALA Q 734 46.34 -16.38 44.09
C ALA Q 734 44.87 -16.73 44.28
N LEU Q 735 44.49 -17.91 43.82
CA LEU Q 735 43.12 -18.38 43.86
C LEU Q 735 42.90 -19.28 45.07
N ASP Q 736 41.76 -19.10 45.74
CA ASP Q 736 41.37 -19.97 46.83
C ASP Q 736 40.66 -21.21 46.30
N LYS Q 737 40.62 -22.26 47.12
CA LYS Q 737 39.88 -23.47 46.79
C LYS Q 737 38.64 -23.66 47.62
N GLU Q 738 38.63 -23.18 48.87
CA GLU Q 738 37.45 -23.28 49.70
C GLU Q 738 36.31 -22.43 49.17
N LYS Q 739 36.63 -21.24 48.65
CA LYS Q 739 35.62 -20.32 48.14
C LYS Q 739 35.83 -19.88 46.70
N ASN Q 740 37.03 -20.08 46.14
CA ASN Q 740 37.38 -19.60 44.80
C ASN Q 740 37.36 -18.07 44.73
N GLU Q 741 38.09 -17.44 45.63
CA GLU Q 741 38.35 -16.01 45.57
C GLU Q 741 39.82 -15.76 45.27
N LEU Q 742 40.15 -14.47 45.11
CA LEU Q 742 41.51 -14.05 44.77
C LEU Q 742 42.17 -13.38 45.95
N THR Q 743 43.46 -13.63 46.11
CA THR Q 743 44.26 -13.01 47.14
C THR Q 743 45.16 -11.92 46.55
N TYR Q 744 45.64 -11.03 47.41
CA TYR Q 744 46.40 -9.87 46.97
C TYR Q 744 47.50 -9.60 48.00
N GLY Q 745 48.30 -8.57 47.73
CA GLY Q 745 49.37 -8.20 48.65
C GLY Q 745 49.97 -6.84 48.39
N PHE Q 746 51.26 -6.71 48.69
CA PHE Q 746 51.98 -5.46 48.46
C PHE Q 746 53.00 -5.65 47.35
N MET R 169 46.76 63.07 -38.42
CA MET R 169 46.54 61.83 -39.13
C MET R 169 47.76 61.41 -39.95
N GLU R 170 48.88 62.10 -39.72
CA GLU R 170 50.11 61.78 -40.45
C GLU R 170 50.61 60.39 -40.09
N ASN R 171 50.67 60.07 -38.80
CA ASN R 171 51.16 58.77 -38.33
C ASN R 171 50.20 58.13 -37.32
N PHE R 172 49.16 58.84 -36.92
CA PHE R 172 48.18 58.31 -35.98
C PHE R 172 46.99 57.67 -36.65
N THR R 173 46.91 57.72 -37.97
CA THR R 173 45.82 57.12 -38.73
C THR R 173 46.33 56.77 -40.12
N THR R 174 45.72 55.76 -40.72
CA THR R 174 46.07 55.34 -42.08
C THR R 174 44.92 55.71 -43.02
N ASN R 175 45.27 56.04 -44.26
CA ASN R 175 44.29 56.31 -45.30
C ASN R 175 43.89 54.99 -45.96
N LEU R 176 42.64 54.56 -45.76
CA LEU R 176 42.20 53.32 -46.38
C LEU R 176 42.03 53.44 -47.89
N ASN R 177 41.81 54.65 -48.41
CA ASN R 177 41.70 54.80 -49.85
C ASN R 177 43.01 54.45 -50.55
N GLN R 178 44.13 54.90 -50.01
CA GLN R 178 45.42 54.58 -50.63
C GLN R 178 45.71 53.09 -50.55
N LEU R 179 45.42 52.46 -49.41
CA LEU R 179 45.63 51.03 -49.28
C LEU R 179 44.74 50.25 -50.24
N ALA R 180 43.50 50.69 -50.42
CA ALA R 180 42.61 50.02 -51.37
C ALA R 180 43.08 50.23 -52.81
N ARG R 181 43.66 51.40 -53.09
CA ARG R 181 44.10 51.71 -54.44
C ARG R 181 45.41 51.05 -54.80
N VAL R 182 46.25 50.70 -53.81
CA VAL R 182 47.49 49.99 -54.08
C VAL R 182 47.28 48.47 -54.08
N GLY R 183 46.04 48.01 -53.93
CA GLY R 183 45.75 46.60 -53.96
C GLY R 183 46.00 45.87 -52.66
N GLY R 184 45.98 46.57 -51.53
CA GLY R 184 46.21 45.92 -50.25
C GLY R 184 44.97 45.48 -49.51
N ILE R 185 43.78 45.76 -50.04
CA ILE R 185 42.52 45.47 -49.37
C ILE R 185 41.81 44.36 -50.13
N ASP R 186 41.38 43.34 -49.41
CA ASP R 186 40.62 42.26 -50.04
C ASP R 186 39.33 42.81 -50.63
N PRO R 187 38.87 42.27 -51.76
CA PRO R 187 37.62 42.76 -52.34
C PRO R 187 36.43 42.31 -51.51
N LEU R 188 35.44 43.18 -51.42
CA LEU R 188 34.21 42.86 -50.72
C LEU R 188 33.21 42.28 -51.70
N ILE R 189 32.86 41.02 -51.50
CA ILE R 189 31.94 40.31 -52.39
C ILE R 189 30.63 40.13 -51.65
N GLY R 190 29.55 40.61 -52.26
CA GLY R 190 28.24 40.53 -51.63
C GLY R 190 28.09 41.56 -50.52
N ARG R 191 27.26 41.19 -49.53
CA ARG R 191 26.97 42.04 -48.38
C ARG R 191 26.42 43.40 -48.82
N GLU R 192 25.68 43.40 -49.94
CA GLU R 192 25.22 44.67 -50.50
C GLU R 192 24.15 45.30 -49.63
N LYS R 193 23.24 44.50 -49.07
CA LYS R 193 22.20 45.04 -48.20
C LYS R 193 22.78 45.74 -46.98
N GLU R 194 23.74 45.11 -46.31
CA GLU R 194 24.35 45.73 -45.14
C GLU R 194 25.13 46.98 -45.53
N LEU R 195 25.75 46.97 -46.72
CA LEU R 195 26.45 48.15 -47.18
C LEU R 195 25.50 49.31 -47.41
N GLU R 196 24.34 49.04 -48.05
CA GLU R 196 23.34 50.09 -48.23
C GLU R 196 22.83 50.59 -46.89
N ARG R 197 22.62 49.69 -45.93
CA ARG R 197 22.23 50.11 -44.59
C ARG R 197 23.27 51.03 -43.97
N ALA R 198 24.56 50.68 -44.13
CA ALA R 198 25.63 51.50 -43.57
C ALA R 198 25.64 52.89 -44.20
N ILE R 199 25.46 52.97 -45.52
CA ILE R 199 25.44 54.27 -46.17
C ILE R 199 24.22 55.08 -45.73
N GLN R 200 23.07 54.42 -45.61
CA GLN R 200 21.86 55.12 -45.14
C GLN R 200 22.07 55.68 -43.74
N VAL R 201 22.76 54.95 -42.88
CA VAL R 201 23.07 55.46 -41.55
C VAL R 201 24.05 56.63 -41.65
N LEU R 202 25.06 56.51 -42.52
CA LEU R 202 26.07 57.57 -42.64
C LEU R 202 25.51 58.85 -43.25
N CYS R 203 24.38 58.79 -43.96
CA CYS R 203 23.79 59.98 -44.55
C CYS R 203 22.76 60.66 -43.65
N ARG R 204 22.60 60.19 -42.41
CA ARG R 204 21.64 60.80 -41.51
C ARG R 204 22.15 62.15 -41.01
N ARG R 205 21.26 62.88 -40.32
CA ARG R 205 21.62 64.20 -39.83
C ARG R 205 22.23 64.15 -38.45
N ARG R 206 21.56 63.46 -37.52
CA ARG R 206 22.06 63.32 -36.16
C ARG R 206 22.12 61.84 -35.81
N LYS R 207 23.07 61.50 -34.93
CA LYS R 207 23.33 60.11 -34.57
C LYS R 207 23.57 59.26 -35.81
N ASN R 208 24.40 59.78 -36.72
CA ASN R 208 24.66 59.16 -38.02
C ASN R 208 25.92 58.32 -37.99
N ASN R 209 26.26 57.74 -36.84
CA ASN R 209 27.48 56.96 -36.69
C ASN R 209 27.15 55.47 -36.76
N PRO R 210 27.55 54.78 -37.82
CA PRO R 210 27.21 53.36 -37.95
C PRO R 210 28.11 52.48 -37.10
N LEU R 211 27.50 51.50 -36.44
CA LEU R 211 28.18 50.56 -35.57
C LEU R 211 27.95 49.15 -36.09
N LEU R 212 29.00 48.55 -36.65
CA LEU R 212 28.91 47.18 -37.16
C LEU R 212 29.14 46.21 -36.02
N VAL R 213 28.09 45.49 -35.63
CA VAL R 213 28.15 44.56 -34.50
C VAL R 213 27.85 43.17 -35.03
N GLY R 214 28.64 42.21 -34.60
CA GLY R 214 28.40 40.83 -34.97
C GLY R 214 29.41 39.92 -34.30
N GLU R 215 29.37 38.65 -34.68
CA GLU R 215 30.35 37.70 -34.20
C GLU R 215 31.70 37.97 -34.84
N SER R 216 32.73 37.32 -34.30
CA SER R 216 34.07 37.48 -34.86
C SER R 216 34.24 36.61 -36.10
N GLY R 217 34.80 37.21 -37.15
CA GLY R 217 34.99 36.52 -38.40
C GLY R 217 33.88 36.69 -39.40
N VAL R 218 32.81 37.40 -39.05
CA VAL R 218 31.68 37.56 -39.96
C VAL R 218 32.01 38.52 -41.09
N GLY R 219 32.84 39.52 -40.85
CA GLY R 219 33.19 40.44 -41.93
C GLY R 219 32.89 41.89 -41.64
N LYS R 220 32.86 42.27 -40.36
CA LYS R 220 32.63 43.65 -39.99
C LYS R 220 33.74 44.56 -40.55
N THR R 221 34.99 44.25 -40.21
CA THR R 221 36.10 44.99 -40.81
C THR R 221 36.14 44.77 -42.32
N ALA R 222 35.76 43.58 -42.78
CA ALA R 222 35.69 43.32 -44.21
C ALA R 222 34.77 44.33 -44.89
N ILE R 223 33.60 44.59 -44.31
CA ILE R 223 32.67 45.55 -44.91
C ILE R 223 33.18 46.98 -44.75
N ALA R 224 33.73 47.30 -43.58
CA ALA R 224 34.22 48.66 -43.35
C ALA R 224 35.35 49.02 -44.31
N GLU R 225 36.13 48.02 -44.73
CA GLU R 225 37.19 48.27 -45.70
C GLU R 225 36.70 48.13 -47.13
N GLY R 226 35.70 47.29 -47.37
CA GLY R 226 35.09 47.24 -48.69
C GLY R 226 34.39 48.53 -49.03
N LEU R 227 33.96 49.28 -48.02
CA LEU R 227 33.41 50.60 -48.28
C LEU R 227 34.44 51.50 -48.94
N ALA R 228 35.66 51.54 -48.40
CA ALA R 228 36.72 52.34 -49.01
C ALA R 228 37.14 51.74 -50.35
N TRP R 229 37.14 50.41 -50.45
CA TRP R 229 37.47 49.78 -51.73
C TRP R 229 36.47 50.18 -52.81
N ARG R 230 35.20 50.29 -52.44
CA ARG R 230 34.16 50.71 -53.38
C ARG R 230 34.27 52.19 -53.70
N ILE R 231 34.58 53.03 -52.70
CA ILE R 231 34.81 54.44 -52.94
C ILE R 231 35.93 54.62 -53.95
N VAL R 232 37.00 53.83 -53.81
CA VAL R 232 38.07 53.86 -54.79
C VAL R 232 37.57 53.37 -56.15
N GLN R 233 36.77 52.30 -56.15
CA GLN R 233 36.20 51.82 -57.40
C GLN R 233 35.18 52.81 -57.95
N GLY R 234 34.61 53.65 -57.10
CA GLY R 234 33.64 54.63 -57.53
C GLY R 234 32.22 54.14 -57.68
N ASP R 235 31.88 52.99 -57.09
CA ASP R 235 30.54 52.43 -57.19
C ASP R 235 29.65 52.84 -56.04
N VAL R 236 30.11 53.70 -55.15
CA VAL R 236 29.32 54.18 -54.01
C VAL R 236 28.40 55.28 -54.50
N PRO R 237 27.31 55.56 -53.79
CA PRO R 237 26.47 56.71 -54.15
C PRO R 237 27.27 58.01 -54.14
N GLU R 238 26.89 58.92 -55.05
CA GLU R 238 27.66 60.14 -55.30
C GLU R 238 27.57 61.12 -54.14
N VAL R 239 26.70 60.85 -53.16
CA VAL R 239 26.58 61.72 -51.99
C VAL R 239 27.90 61.84 -51.25
N MET R 240 28.75 60.81 -51.29
CA MET R 240 30.01 60.82 -50.59
C MET R 240 31.14 60.23 -51.44
N ALA R 241 31.05 60.36 -52.76
CA ALA R 241 32.11 59.86 -53.62
C ALA R 241 33.42 60.56 -53.30
N ASP R 242 34.51 59.81 -53.41
CA ASP R 242 35.87 60.25 -53.08
C ASP R 242 36.01 60.68 -51.63
N CYS R 243 35.11 60.22 -50.74
CA CYS R 243 35.29 60.47 -49.32
C CYS R 243 36.46 59.65 -48.80
N THR R 244 37.20 60.22 -47.86
CA THR R 244 38.40 59.58 -47.32
C THR R 244 38.06 58.88 -46.01
N ILE R 245 38.23 57.56 -46.00
CA ILE R 245 37.97 56.72 -44.83
C ILE R 245 39.27 56.59 -44.05
N TYR R 246 39.24 56.98 -42.79
CA TYR R 246 40.42 56.97 -41.94
C TYR R 246 40.30 55.88 -40.88
N SER R 247 41.26 54.95 -40.89
CA SER R 247 41.27 53.82 -39.99
C SER R 247 42.23 54.11 -38.84
N LEU R 248 41.68 54.24 -37.64
CA LEU R 248 42.43 54.70 -36.48
C LEU R 248 43.08 53.53 -35.76
N ASP R 249 44.40 53.63 -35.56
CA ASP R 249 45.14 52.68 -34.73
C ASP R 249 45.38 53.35 -33.38
N ILE R 250 44.64 52.91 -32.36
CA ILE R 250 44.69 53.58 -31.06
C ILE R 250 46.07 53.43 -30.43
N GLY R 251 46.75 52.32 -30.73
CA GLY R 251 48.05 52.04 -30.14
C GLY R 251 49.08 53.12 -30.39
N SER R 252 49.38 53.39 -31.66
CA SER R 252 50.30 54.47 -31.98
C SER R 252 49.72 55.83 -31.60
N LEU R 253 48.39 55.90 -31.47
CA LEU R 253 47.77 57.17 -31.08
C LEU R 253 48.17 57.56 -29.66
N LEU R 254 47.87 56.72 -28.68
CA LEU R 254 48.12 57.09 -27.29
C LEU R 254 49.55 56.82 -26.85
N ALA R 255 50.41 56.30 -27.73
CA ALA R 255 51.78 55.98 -27.37
C ALA R 255 52.58 57.28 -27.29
N GLY R 256 52.14 58.17 -26.41
CA GLY R 256 52.71 59.47 -26.22
C GLY R 256 53.85 59.46 -25.22
N THR R 257 53.90 60.51 -24.43
CA THR R 257 54.95 60.67 -23.42
C THR R 257 54.33 60.66 -22.02
N LYS R 258 55.18 60.84 -21.03
CA LYS R 258 54.76 60.83 -19.63
C LYS R 258 54.19 62.17 -19.17
N TYR R 259 54.04 63.14 -20.06
CA TYR R 259 53.61 64.47 -19.66
C TYR R 259 52.10 64.63 -19.82
N ARG R 260 51.52 65.42 -18.94
CA ARG R 260 50.08 65.64 -18.95
C ARG R 260 49.68 66.47 -20.16
N GLY R 261 48.53 66.13 -20.74
CA GLY R 261 47.97 66.90 -21.84
C GLY R 261 48.44 66.50 -23.22
N ASP R 262 49.42 65.60 -23.33
CA ASP R 262 49.94 65.24 -24.65
C ASP R 262 48.93 64.44 -25.45
N PHE R 263 48.32 63.42 -24.84
CA PHE R 263 47.33 62.61 -25.54
C PHE R 263 46.14 63.46 -25.96
N GLU R 264 45.66 64.31 -25.05
CA GLU R 264 44.57 65.22 -25.40
C GLU R 264 44.99 66.17 -26.52
N LYS R 265 46.23 66.66 -26.46
CA LYS R 265 46.70 67.59 -27.50
C LYS R 265 46.65 66.92 -28.87
N ARG R 266 47.25 65.73 -29.00
CA ARG R 266 47.30 65.08 -30.30
C ARG R 266 45.92 64.65 -30.76
N PHE R 267 45.08 64.17 -29.82
CA PHE R 267 43.74 63.73 -30.20
C PHE R 267 42.90 64.90 -30.69
N LYS R 268 42.90 66.02 -29.95
CA LYS R 268 42.11 67.16 -30.37
C LYS R 268 42.67 67.79 -31.63
N ALA R 269 43.98 67.70 -31.86
CA ALA R 269 44.52 68.18 -33.13
C ALA R 269 44.00 67.34 -34.29
N LEU R 270 44.05 66.01 -34.14
CA LEU R 270 43.50 65.14 -35.18
C LEU R 270 42.02 65.40 -35.41
N LEU R 271 41.27 65.63 -34.33
CA LEU R 271 39.83 65.87 -34.48
C LEU R 271 39.56 67.21 -35.14
N LYS R 272 40.38 68.23 -34.85
CA LYS R 272 40.25 69.50 -35.53
C LYS R 272 40.54 69.34 -37.03
N GLN R 273 41.54 68.53 -37.38
CA GLN R 273 41.78 68.25 -38.80
C GLN R 273 40.59 67.54 -39.43
N LEU R 274 40.02 66.56 -38.72
CA LEU R 274 38.84 65.87 -39.22
C LEU R 274 37.70 66.83 -39.48
N GLU R 275 37.46 67.76 -38.55
CA GLU R 275 36.38 68.71 -38.69
C GLU R 275 36.67 69.71 -39.81
N GLN R 276 37.94 70.05 -40.00
CA GLN R 276 38.32 70.94 -41.10
C GLN R 276 38.05 70.29 -42.44
N ASP R 277 38.28 68.97 -42.54
CA ASP R 277 37.94 68.28 -43.78
C ASP R 277 36.43 68.25 -44.01
N THR R 278 35.68 67.77 -43.02
CA THR R 278 34.21 67.74 -43.01
C THR R 278 33.66 66.84 -44.11
N ASN R 279 34.54 66.27 -44.93
CA ASN R 279 34.14 65.33 -45.97
C ASN R 279 35.02 64.07 -45.87
N SER R 280 35.26 63.69 -44.63
CA SER R 280 36.08 62.52 -44.31
C SER R 280 35.40 61.75 -43.20
N ILE R 281 35.52 60.43 -43.26
CA ILE R 281 34.92 59.54 -42.27
C ILE R 281 36.04 58.79 -41.57
N LEU R 282 35.87 58.56 -40.28
CA LEU R 282 36.86 57.85 -39.47
C LEU R 282 36.34 56.44 -39.19
N PHE R 283 37.25 55.46 -39.27
CA PHE R 283 36.92 54.08 -38.96
C PHE R 283 37.75 53.64 -37.77
N ILE R 284 37.08 53.25 -36.70
CA ILE R 284 37.76 52.83 -35.47
C ILE R 284 37.44 51.36 -35.25
N ASP R 285 38.42 50.51 -35.54
CA ASP R 285 38.27 49.08 -35.32
C ASP R 285 38.38 48.77 -33.83
N GLU R 286 37.60 47.79 -33.37
CA GLU R 286 37.55 47.42 -31.96
C GLU R 286 37.27 48.64 -31.11
N ILE R 287 36.17 49.34 -31.45
CA ILE R 287 35.90 50.64 -30.86
C ILE R 287 35.63 50.57 -29.37
N HIS R 288 35.24 49.40 -28.86
CA HIS R 288 35.03 49.23 -27.43
C HIS R 288 36.29 49.52 -26.61
N THR R 289 37.45 49.63 -27.26
CA THR R 289 38.71 49.85 -26.57
C THR R 289 39.03 51.32 -26.33
N ILE R 290 38.30 52.23 -26.96
CA ILE R 290 38.57 53.65 -26.74
C ILE R 290 37.92 54.16 -25.46
N ILE R 291 36.98 53.41 -24.90
CA ILE R 291 36.32 53.83 -23.67
C ILE R 291 37.32 53.74 -22.51
N GLY R 292 37.70 54.89 -21.98
CA GLY R 292 38.64 54.93 -20.89
C GLY R 292 40.08 54.73 -21.29
N ALA R 293 40.46 55.11 -22.52
CA ALA R 293 41.85 54.94 -22.94
C ALA R 293 42.75 55.99 -22.31
N GLY R 294 42.16 57.08 -21.82
CA GLY R 294 42.95 58.10 -21.15
C GLY R 294 43.45 57.66 -19.79
N ALA R 295 44.33 58.47 -19.22
CA ALA R 295 45.09 58.06 -18.05
C ALA R 295 44.93 59.09 -16.93
N ALA R 296 45.78 58.94 -15.93
CA ALA R 296 45.90 59.80 -14.75
C ALA R 296 44.80 59.56 -13.72
N SER R 297 43.83 58.70 -14.06
CA SER R 297 42.84 58.20 -13.11
C SER R 297 42.28 59.29 -12.21
N GLY R 298 41.57 60.25 -12.79
CA GLY R 298 41.28 61.49 -12.10
C GLY R 298 42.08 62.68 -12.56
N GLY R 299 42.16 62.92 -13.87
CA GLY R 299 43.14 63.81 -14.45
C GLY R 299 42.94 63.91 -15.94
N GLN R 300 44.00 63.67 -16.73
CA GLN R 300 43.91 63.63 -18.18
C GLN R 300 42.62 62.96 -18.64
N VAL R 301 41.87 63.64 -19.49
CA VAL R 301 40.54 63.20 -19.89
C VAL R 301 40.68 62.04 -20.87
N ASP R 302 39.89 60.99 -20.65
CA ASP R 302 39.94 59.81 -21.48
C ASP R 302 39.33 60.08 -22.85
N ALA R 303 39.53 59.12 -23.75
CA ALA R 303 38.80 59.13 -25.01
C ALA R 303 37.34 58.81 -24.75
N ALA R 304 36.53 58.84 -25.82
CA ALA R 304 35.10 58.65 -25.76
C ALA R 304 34.42 59.81 -25.02
N ASN R 305 35.24 60.75 -24.56
CA ASN R 305 34.71 62.00 -24.01
C ASN R 305 35.32 63.20 -24.73
N LEU R 306 36.55 63.05 -25.23
CA LEU R 306 37.12 64.03 -26.14
C LEU R 306 36.52 63.93 -27.53
N ILE R 307 35.74 62.89 -27.80
CA ILE R 307 34.99 62.75 -29.04
C ILE R 307 33.50 62.88 -28.82
N LYS R 308 33.03 62.79 -27.57
CA LYS R 308 31.62 62.99 -27.27
C LYS R 308 31.04 64.25 -27.89
N PRO R 309 31.67 65.43 -27.80
CA PRO R 309 31.08 66.62 -28.43
C PRO R 309 30.94 66.50 -29.93
N LEU R 310 31.97 66.02 -30.63
CA LEU R 310 31.92 65.95 -32.08
C LEU R 310 30.85 64.98 -32.57
N LEU R 311 30.52 63.97 -31.76
CA LEU R 311 29.46 63.05 -32.12
C LEU R 311 28.08 63.55 -31.73
N SER R 312 28.00 64.39 -30.68
CA SER R 312 26.70 64.91 -30.27
C SER R 312 26.08 65.79 -31.35
N SER R 313 26.84 66.78 -31.83
CA SER R 313 26.31 67.76 -32.76
C SER R 313 26.34 67.30 -34.22
N GLY R 314 26.60 66.02 -34.47
CA GLY R 314 26.72 65.55 -35.84
C GLY R 314 27.86 66.17 -36.62
N LYS R 315 28.89 66.66 -35.94
CA LYS R 315 30.00 67.32 -36.63
C LYS R 315 30.76 66.35 -37.51
N ILE R 316 31.24 65.25 -36.94
CA ILE R 316 32.06 64.27 -37.66
C ILE R 316 31.36 62.93 -37.60
N ARG R 317 31.46 62.16 -38.69
CA ARG R 317 30.88 60.82 -38.74
C ARG R 317 31.99 59.79 -38.62
N VAL R 318 31.77 58.81 -37.74
CA VAL R 318 32.75 57.77 -37.45
C VAL R 318 32.06 56.42 -37.55
N ILE R 319 32.85 55.39 -37.85
CA ILE R 319 32.35 54.03 -37.99
C ILE R 319 33.04 53.16 -36.95
N GLY R 320 32.24 52.49 -36.12
CA GLY R 320 32.74 51.58 -35.13
C GLY R 320 32.43 50.13 -35.50
N SER R 321 33.12 49.22 -34.83
CA SER R 321 32.93 47.79 -35.06
C SER R 321 33.33 47.04 -33.81
N THR R 322 32.38 46.27 -33.25
CA THR R 322 32.62 45.54 -32.03
C THR R 322 31.87 44.21 -32.09
N THR R 323 32.20 43.32 -31.16
CA THR R 323 31.53 42.04 -31.10
C THR R 323 30.36 42.10 -30.13
N TYR R 324 29.42 41.18 -30.31
CA TYR R 324 28.22 41.15 -29.48
C TYR R 324 28.59 41.14 -28.00
N GLN R 325 29.51 40.26 -27.60
CA GLN R 325 29.91 40.18 -26.20
C GLN R 325 30.52 41.51 -25.74
N GLU R 326 31.47 42.05 -26.51
CA GLU R 326 32.10 43.31 -26.13
C GLU R 326 31.09 44.45 -26.16
N PHE R 327 30.24 44.52 -27.19
CA PHE R 327 29.25 45.58 -27.26
C PHE R 327 28.31 45.55 -26.05
N SER R 328 27.97 44.35 -25.59
CA SER R 328 27.07 44.23 -24.45
C SER R 328 27.77 44.53 -23.14
N ASN R 329 29.04 44.14 -23.02
CA ASN R 329 29.71 44.22 -21.72
C ASN R 329 30.39 45.56 -21.48
N ILE R 330 30.99 46.16 -22.50
CA ILE R 330 31.85 47.32 -22.29
C ILE R 330 31.24 48.55 -22.96
N PHE R 331 30.88 48.42 -24.23
CA PHE R 331 30.43 49.59 -25.00
C PHE R 331 29.07 50.09 -24.52
N GLU R 332 28.08 49.19 -24.42
CA GLU R 332 26.74 49.63 -24.05
C GLU R 332 26.65 50.12 -22.62
N LYS R 333 27.74 50.07 -21.84
CA LYS R 333 27.69 50.53 -20.46
C LYS R 333 27.29 52.00 -20.37
N ASP R 334 28.01 52.87 -21.09
CA ASP R 334 27.66 54.28 -21.17
C ASP R 334 26.62 54.45 -22.27
N ARG R 335 25.38 54.75 -21.87
CA ARG R 335 24.33 55.00 -22.85
C ARG R 335 24.58 56.28 -23.63
N ALA R 336 25.48 57.14 -23.16
CA ALA R 336 25.79 58.37 -23.88
C ALA R 336 26.27 58.09 -25.30
N LEU R 337 27.34 57.31 -25.44
CA LEU R 337 27.81 56.92 -26.77
C LEU R 337 26.90 55.92 -27.44
N ALA R 338 26.23 55.06 -26.66
CA ALA R 338 25.31 54.10 -27.24
C ALA R 338 24.18 54.80 -27.99
N ARG R 339 23.82 56.00 -27.54
CA ARG R 339 22.82 56.80 -28.24
C ARG R 339 23.35 57.45 -29.50
N ARG R 340 24.62 57.86 -29.53
CA ARG R 340 25.19 58.54 -30.67
C ARG R 340 25.67 57.58 -31.75
N PHE R 341 25.39 56.30 -31.62
CA PHE R 341 25.76 55.31 -32.62
C PHE R 341 24.52 54.55 -33.07
N GLN R 342 24.54 54.09 -34.31
CA GLN R 342 23.45 53.32 -34.90
C GLN R 342 23.91 51.88 -35.05
N LYS R 343 23.22 50.96 -34.38
CA LYS R 343 23.58 49.55 -34.42
C LYS R 343 23.25 48.94 -35.78
N ILE R 344 24.18 48.16 -36.32
CA ILE R 344 23.99 47.45 -37.58
C ILE R 344 24.40 46.01 -37.37
N ASP R 345 23.43 45.11 -37.33
CA ASP R 345 23.66 43.69 -37.06
C ASP R 345 24.28 43.05 -38.29
N ILE R 346 25.57 42.73 -38.21
CA ILE R 346 26.28 42.05 -39.28
C ILE R 346 26.04 40.56 -39.10
N THR R 347 25.16 39.99 -39.90
CA THR R 347 24.73 38.61 -39.75
C THR R 347 25.67 37.65 -40.48
N GLU R 348 25.76 36.44 -39.96
CA GLU R 348 26.62 35.44 -40.57
C GLU R 348 26.04 34.99 -41.90
N PRO R 349 26.81 34.98 -42.98
CA PRO R 349 26.28 34.57 -44.27
C PRO R 349 25.81 33.13 -44.27
N SER R 350 25.01 32.80 -45.27
CA SER R 350 24.60 31.43 -45.47
C SER R 350 25.64 30.70 -46.31
N ILE R 351 25.29 29.50 -46.76
CA ILE R 351 26.25 28.68 -47.50
C ILE R 351 26.53 29.28 -48.88
N GLU R 352 25.48 29.62 -49.61
CA GLU R 352 25.65 30.13 -50.98
C GLU R 352 26.33 31.50 -50.98
N GLU R 353 25.93 32.38 -50.07
CA GLU R 353 26.61 33.66 -49.96
C GLU R 353 28.10 33.46 -49.67
N THR R 354 28.43 32.46 -48.86
CA THR R 354 29.82 32.21 -48.51
C THR R 354 30.60 31.63 -49.69
N VAL R 355 29.99 30.71 -50.44
CA VAL R 355 30.71 30.16 -51.59
C VAL R 355 30.93 31.24 -52.64
N GLN R 356 29.98 32.16 -52.79
CA GLN R 356 30.21 33.29 -53.69
C GLN R 356 31.32 34.19 -53.16
N ILE R 357 31.34 34.42 -51.85
CA ILE R 357 32.39 35.26 -51.27
C ILE R 357 33.77 34.67 -51.54
N ILE R 358 33.92 33.37 -51.32
CA ILE R 358 35.24 32.76 -51.51
C ILE R 358 35.57 32.62 -52.99
N ASN R 359 34.53 32.50 -53.83
CA ASN R 359 34.77 32.58 -55.26
C ASN R 359 35.36 33.94 -55.64
N GLY R 360 34.81 35.02 -55.09
CA GLY R 360 35.37 36.33 -55.33
C GLY R 360 36.75 36.54 -54.73
N LEU R 361 37.04 35.90 -53.60
CA LEU R 361 38.35 36.05 -52.97
C LEU R 361 39.40 35.11 -53.56
N LYS R 362 38.98 34.15 -54.38
CA LYS R 362 39.89 33.19 -55.01
C LYS R 362 41.14 33.81 -55.64
N PRO R 363 41.06 34.83 -56.50
CA PRO R 363 42.28 35.29 -57.19
C PRO R 363 43.43 35.65 -56.29
N LYS R 364 43.17 36.25 -55.12
CA LYS R 364 44.26 36.62 -54.23
C LYS R 364 45.01 35.41 -53.70
N TYR R 365 44.29 34.43 -53.15
CA TYR R 365 44.94 33.23 -52.65
C TYR R 365 45.58 32.42 -53.78
N GLU R 366 44.95 32.44 -54.97
CA GLU R 366 45.54 31.75 -56.11
C GLU R 366 46.86 32.38 -56.52
N ALA R 367 46.94 33.71 -56.48
CA ALA R 367 48.20 34.38 -56.81
C ALA R 367 49.23 34.13 -55.73
N HIS R 368 48.80 34.11 -54.46
CA HIS R 368 49.76 33.94 -53.37
C HIS R 368 50.36 32.53 -53.37
N HIS R 369 49.52 31.50 -53.34
CA HIS R 369 49.99 30.14 -53.26
C HIS R 369 50.32 29.53 -54.62
N ASP R 370 50.04 30.24 -55.71
CA ASP R 370 50.27 29.74 -57.07
C ASP R 370 49.56 28.41 -57.28
N VAL R 371 48.30 28.34 -56.86
CA VAL R 371 47.47 27.16 -56.99
C VAL R 371 46.11 27.59 -57.51
N ARG R 372 45.39 26.65 -58.12
CA ARG R 372 44.06 26.88 -58.64
C ARG R 372 43.07 25.94 -57.97
N TYR R 373 41.95 26.48 -57.51
CA TYR R 373 40.93 25.70 -56.82
C TYR R 373 39.78 25.39 -57.78
N THR R 374 39.32 24.15 -57.75
CA THR R 374 38.19 23.75 -58.57
C THR R 374 36.89 24.21 -57.93
N ALA R 375 35.80 24.13 -58.71
CA ALA R 375 34.49 24.49 -58.18
C ALA R 375 34.02 23.47 -57.15
N LYS R 376 34.14 22.18 -57.46
CA LYS R 376 33.72 21.15 -56.52
C LYS R 376 34.55 21.20 -55.24
N ALA R 377 35.84 21.51 -55.36
CA ALA R 377 36.67 21.62 -54.17
C ALA R 377 36.20 22.78 -53.29
N VAL R 378 35.82 23.89 -53.91
CA VAL R 378 35.32 25.05 -53.17
C VAL R 378 34.01 24.71 -52.46
N ARG R 379 33.09 24.06 -53.17
CA ARG R 379 31.81 23.70 -52.58
C ARG R 379 32.00 22.72 -51.42
N ALA R 380 32.84 21.71 -51.62
CA ALA R 380 33.10 20.75 -50.55
C ALA R 380 33.77 21.42 -49.37
N ALA R 381 34.64 22.40 -49.63
CA ALA R 381 35.28 23.13 -48.54
C ALA R 381 34.25 23.86 -47.69
N VAL R 382 33.34 24.58 -48.34
CA VAL R 382 32.32 25.31 -47.59
C VAL R 382 31.46 24.34 -46.79
N GLU R 383 31.04 23.24 -47.41
CA GLU R 383 30.17 22.29 -46.71
C GLU R 383 30.88 21.65 -45.53
N LEU R 384 32.15 21.26 -45.70
CA LEU R 384 32.88 20.63 -44.62
C LEU R 384 33.14 21.61 -43.48
N ALA R 385 33.47 22.86 -43.81
CA ALA R 385 33.66 23.85 -42.76
C ALA R 385 32.34 24.13 -42.04
N VAL R 386 31.22 23.98 -42.74
CA VAL R 386 29.92 24.13 -42.09
C VAL R 386 29.70 23.01 -41.09
N LYS R 387 29.85 21.77 -41.52
CA LYS R 387 29.37 20.62 -40.72
C LYS R 387 30.49 19.93 -39.96
N TYR R 388 31.68 20.53 -39.87
CA TYR R 388 32.75 19.89 -39.10
C TYR R 388 33.50 20.87 -38.21
N ILE R 389 33.34 22.17 -38.46
CA ILE R 389 34.04 23.20 -37.70
C ILE R 389 32.98 24.11 -37.09
N ASN R 390 32.62 23.86 -35.84
CA ASN R 390 31.50 24.52 -35.20
C ASN R 390 31.92 25.51 -34.11
N ASP R 391 33.19 25.88 -34.05
CA ASP R 391 33.65 26.90 -33.12
C ASP R 391 34.02 28.21 -33.81
N ARG R 392 33.97 28.24 -35.14
CA ARG R 392 34.20 29.46 -35.89
C ARG R 392 33.02 29.71 -36.82
N HIS R 393 32.90 30.95 -37.29
CA HIS R 393 31.76 31.32 -38.11
C HIS R 393 32.08 31.19 -39.59
N LEU R 394 31.05 31.30 -40.43
CA LEU R 394 31.10 30.75 -41.77
C LEU R 394 32.12 31.43 -42.68
N PRO R 395 32.04 32.74 -42.95
CA PRO R 395 32.95 33.29 -43.95
C PRO R 395 34.32 33.55 -43.37
N ASP R 396 34.78 32.65 -42.50
CA ASP R 396 36.15 32.69 -42.02
C ASP R 396 36.74 31.29 -41.98
N LYS R 397 35.89 30.28 -41.77
CA LYS R 397 36.41 28.91 -41.71
C LYS R 397 36.51 28.31 -43.11
N ALA R 398 35.58 28.66 -43.99
CA ALA R 398 35.80 28.34 -45.41
C ALA R 398 37.05 29.00 -45.94
N ILE R 399 37.26 30.28 -45.61
CA ILE R 399 38.45 30.98 -46.06
C ILE R 399 39.70 30.32 -45.48
N ASP R 400 39.63 29.87 -44.23
CA ASP R 400 40.79 29.23 -43.61
C ASP R 400 41.08 27.89 -44.26
N VAL R 401 40.04 27.10 -44.54
CA VAL R 401 40.22 25.86 -45.29
C VAL R 401 40.91 26.13 -46.61
N ILE R 402 40.42 27.13 -47.35
CA ILE R 402 40.99 27.42 -48.66
C ILE R 402 42.44 27.86 -48.54
N ASP R 403 42.72 28.77 -47.60
CA ASP R 403 44.07 29.29 -47.46
C ASP R 403 45.05 28.20 -47.04
N GLU R 404 44.67 27.35 -46.08
CA GLU R 404 45.57 26.30 -45.64
C GLU R 404 45.75 25.23 -46.71
N ALA R 405 44.70 24.94 -47.48
CA ALA R 405 44.87 24.00 -48.59
C ALA R 405 45.82 24.56 -49.64
N GLY R 406 45.70 25.86 -49.94
CA GLY R 406 46.63 26.47 -50.87
C GLY R 406 48.06 26.45 -50.37
N ALA R 407 48.26 26.77 -49.10
CA ALA R 407 49.60 26.75 -48.53
C ALA R 407 50.17 25.33 -48.54
N ARG R 408 49.33 24.33 -48.28
CA ARG R 408 49.79 22.95 -48.28
C ARG R 408 50.19 22.51 -49.69
N ALA R 409 49.33 22.79 -50.68
CA ALA R 409 49.67 22.47 -52.06
C ALA R 409 50.90 23.27 -52.52
N ARG R 410 51.18 24.39 -51.86
CA ARG R 410 52.40 25.13 -52.14
C ARG R 410 53.62 24.46 -51.51
N LEU R 411 53.46 23.83 -50.35
CA LEU R 411 54.50 23.03 -49.75
C LEU R 411 54.51 21.59 -50.25
N MET R 412 53.44 21.16 -50.93
CA MET R 412 53.35 19.84 -51.52
C MET R 412 54.45 19.53 -52.53
N PRO R 413 55.02 20.53 -53.24
CA PRO R 413 56.16 20.23 -54.12
C PRO R 413 57.42 19.84 -53.37
N VAL R 414 57.32 18.74 -52.61
CA VAL R 414 58.51 17.99 -52.22
C VAL R 414 59.03 17.13 -53.36
N SER R 415 58.23 16.89 -54.39
CA SER R 415 58.68 16.35 -55.67
C SER R 415 58.31 17.31 -56.80
N LYS R 416 58.34 18.62 -56.52
CA LYS R 416 57.93 19.67 -57.45
C LYS R 416 56.45 19.54 -57.82
N ARG R 417 55.73 18.69 -57.10
CA ARG R 417 54.35 18.37 -57.46
C ARG R 417 53.40 19.47 -57.01
N LYS R 418 53.11 20.40 -57.92
CA LYS R 418 52.04 21.35 -57.70
C LYS R 418 50.92 21.09 -58.70
N LYS R 419 49.70 20.96 -58.19
CA LYS R 419 48.53 20.70 -59.01
C LYS R 419 47.39 21.57 -58.53
N THR R 420 46.19 21.28 -59.02
CA THR R 420 45.00 21.96 -58.54
C THR R 420 44.54 21.31 -57.24
N VAL R 421 43.88 22.11 -56.40
CA VAL R 421 43.31 21.64 -55.14
C VAL R 421 41.97 20.98 -55.45
N ASN R 422 41.90 19.67 -55.29
CA ASN R 422 40.69 18.91 -55.56
C ASN R 422 39.93 18.68 -54.25
N VAL R 423 38.83 17.94 -54.35
CA VAL R 423 37.98 17.71 -53.18
C VAL R 423 38.73 16.90 -52.14
N ALA R 424 39.57 15.95 -52.58
CA ALA R 424 40.29 15.10 -51.64
C ALA R 424 41.26 15.90 -50.78
N ASP R 425 41.99 16.83 -51.38
CA ASP R 425 42.91 17.67 -50.61
C ASP R 425 42.16 18.54 -49.61
N ILE R 426 40.99 19.05 -50.00
CA ILE R 426 40.18 19.83 -49.10
C ILE R 426 39.71 18.98 -47.93
N GLU R 427 39.27 17.75 -48.20
CA GLU R 427 38.84 16.86 -47.12
C GLU R 427 40.01 16.55 -46.19
N SER R 428 41.21 16.39 -46.75
CA SER R 428 42.39 16.15 -45.90
C SER R 428 42.66 17.34 -44.99
N VAL R 429 42.65 18.56 -45.55
CA VAL R 429 42.90 19.74 -44.73
C VAL R 429 41.83 19.89 -43.65
N VAL R 430 40.58 19.60 -44.00
CA VAL R 430 39.50 19.74 -43.02
C VAL R 430 39.66 18.72 -41.90
N ALA R 431 39.91 17.45 -42.25
CA ALA R 431 40.11 16.44 -41.23
C ALA R 431 41.32 16.76 -40.36
N ARG R 432 42.30 17.46 -40.93
CA ARG R 432 43.42 17.92 -40.12
C ARG R 432 42.98 19.00 -39.14
N ILE R 433 42.12 19.93 -39.59
CA ILE R 433 41.69 21.02 -38.73
C ILE R 433 40.74 20.53 -37.65
N ALA R 434 39.62 19.93 -38.05
CA ALA R 434 38.58 19.51 -37.12
C ALA R 434 38.98 18.32 -36.26
N ARG R 435 40.19 17.78 -36.46
CA ARG R 435 40.69 16.63 -35.67
C ARG R 435 39.75 15.44 -35.78
N ILE R 436 39.54 14.98 -37.00
CA ILE R 436 38.67 13.83 -37.24
C ILE R 436 39.39 12.84 -38.13
N PRO R 437 39.02 11.57 -38.08
CA PRO R 437 39.59 10.59 -39.00
C PRO R 437 39.16 10.88 -40.43
N GLU R 438 40.14 10.84 -41.34
CA GLU R 438 39.89 11.11 -42.74
C GLU R 438 39.65 9.82 -43.52
N LYS R 439 39.66 9.91 -44.85
CA LYS R 439 39.50 8.75 -45.73
C LYS R 439 40.84 8.03 -45.79
N SER R 440 40.98 6.98 -44.96
CA SER R 440 42.27 6.33 -44.79
C SER R 440 42.29 4.89 -45.31
N VAL R 441 41.45 4.56 -46.28
CA VAL R 441 41.41 3.20 -46.81
C VAL R 441 42.75 2.84 -47.46
N SER R 442 43.52 3.83 -47.90
CA SER R 442 44.85 3.60 -48.44
C SER R 442 45.91 3.49 -47.35
N GLN R 443 45.51 3.45 -46.09
CA GLN R 443 46.44 3.44 -44.97
C GLN R 443 46.49 2.06 -44.33
N SER R 444 47.40 1.91 -43.36
CA SER R 444 47.40 0.73 -42.52
C SER R 444 46.16 0.67 -41.63
N ASP R 445 45.46 1.79 -41.48
CA ASP R 445 44.20 1.78 -40.74
C ASP R 445 43.19 0.82 -41.38
N ARG R 446 43.25 0.67 -42.71
CA ARG R 446 42.44 -0.34 -43.37
C ARG R 446 42.70 -1.72 -42.79
N ASP R 447 43.98 -2.07 -42.60
CA ASP R 447 44.33 -3.37 -42.04
C ASP R 447 44.02 -3.46 -40.55
N THR R 448 44.15 -2.34 -39.83
CA THR R 448 43.78 -2.32 -38.42
C THR R 448 42.29 -2.64 -38.25
N LEU R 449 41.44 -1.98 -39.04
CA LEU R 449 40.01 -2.24 -38.96
C LEU R 449 39.67 -3.60 -39.56
N LYS R 450 40.52 -4.10 -40.47
CA LYS R 450 40.27 -5.39 -41.10
C LYS R 450 40.30 -6.52 -40.08
N ASN R 451 41.38 -6.61 -39.31
CA ASN R 451 41.57 -7.68 -38.34
C ASN R 451 41.23 -7.25 -36.92
N LEU R 452 40.44 -6.18 -36.79
CA LEU R 452 40.07 -5.70 -35.46
C LEU R 452 39.24 -6.72 -34.71
N GLY R 453 38.27 -7.33 -35.40
CA GLY R 453 37.47 -8.36 -34.76
C GLY R 453 38.29 -9.56 -34.31
N ASP R 454 39.14 -10.08 -35.20
CA ASP R 454 39.96 -11.23 -34.84
C ASP R 454 40.98 -10.87 -33.76
N ARG R 455 41.54 -9.66 -33.81
CA ARG R 455 42.51 -9.27 -32.80
C ARG R 455 41.85 -9.13 -31.44
N LEU R 456 40.64 -8.59 -31.39
CA LEU R 456 39.92 -8.51 -30.12
C LEU R 456 39.50 -9.88 -29.63
N LYS R 457 39.11 -10.77 -30.55
CA LYS R 457 38.67 -12.09 -30.15
C LYS R 457 39.76 -12.90 -29.48
N MET R 458 41.02 -12.49 -29.63
CA MET R 458 42.13 -13.14 -28.96
C MET R 458 42.42 -12.54 -27.58
N LEU R 459 41.68 -11.51 -27.18
CA LEU R 459 41.80 -10.94 -25.85
C LEU R 459 40.53 -11.07 -25.03
N VAL R 460 39.37 -11.15 -25.68
CA VAL R 460 38.10 -11.39 -25.02
C VAL R 460 37.47 -12.61 -25.67
N PHE R 461 37.44 -13.71 -24.93
CA PHE R 461 36.98 -14.99 -25.45
C PHE R 461 35.49 -15.14 -25.15
N GLY R 462 34.76 -15.71 -26.10
CA GLY R 462 33.32 -15.60 -26.07
C GLY R 462 32.91 -14.17 -26.35
N GLN R 463 31.62 -13.89 -26.14
CA GLN R 463 31.06 -12.56 -26.36
C GLN R 463 31.43 -12.02 -27.74
N ASP R 464 31.24 -12.84 -28.78
CA ASP R 464 31.64 -12.45 -30.12
C ASP R 464 30.70 -11.40 -30.69
N LYS R 465 29.41 -11.46 -30.35
CA LYS R 465 28.45 -10.54 -30.93
C LYS R 465 28.74 -9.10 -30.54
N ALA R 466 29.23 -8.88 -29.32
CA ALA R 466 29.56 -7.52 -28.89
C ALA R 466 30.76 -6.98 -29.66
N ILE R 467 31.80 -7.81 -29.81
CA ILE R 467 32.96 -7.40 -30.61
C ILE R 467 32.53 -7.10 -32.04
N GLU R 468 31.61 -7.90 -32.57
CA GLU R 468 31.15 -7.68 -33.93
C GLU R 468 30.40 -6.37 -34.06
N ALA R 469 29.49 -6.09 -33.12
CA ALA R 469 28.77 -4.82 -33.16
C ALA R 469 29.71 -3.63 -33.06
N LEU R 470 30.67 -3.69 -32.13
CA LEU R 470 31.63 -2.61 -31.98
C LEU R 470 32.43 -2.41 -33.26
N THR R 471 33.01 -3.49 -33.79
CA THR R 471 33.83 -3.37 -34.99
C THR R 471 33.03 -2.86 -36.18
N GLU R 472 31.78 -3.31 -36.33
CA GLU R 472 30.99 -2.87 -37.48
C GLU R 472 30.60 -1.40 -37.34
N ALA R 473 30.28 -0.95 -36.12
CA ALA R 473 30.01 0.47 -35.91
C ALA R 473 31.23 1.31 -36.24
N ILE R 474 32.41 0.88 -35.79
CA ILE R 474 33.63 1.65 -36.05
C ILE R 474 33.94 1.66 -37.55
N LYS R 475 33.70 0.53 -38.22
CA LYS R 475 33.93 0.46 -39.66
C LYS R 475 32.99 1.40 -40.40
N MET R 476 31.70 1.33 -40.11
CA MET R 476 30.73 2.23 -40.73
C MET R 476 31.13 3.68 -40.53
N ALA R 477 31.56 4.02 -39.32
CA ALA R 477 31.98 5.40 -39.06
C ALA R 477 33.22 5.75 -39.89
N ARG R 478 34.12 4.80 -40.10
CA ARG R 478 35.31 5.06 -40.89
C ARG R 478 35.03 5.13 -42.39
N ALA R 479 34.13 4.28 -42.89
CA ALA R 479 33.84 4.24 -44.32
C ALA R 479 33.03 5.43 -44.80
N GLY R 480 32.57 6.29 -43.90
CA GLY R 480 31.73 7.41 -44.26
C GLY R 480 30.24 7.17 -44.07
N LEU R 481 29.81 5.91 -43.99
CA LEU R 481 28.40 5.60 -43.80
C LEU R 481 28.06 5.57 -42.32
N GLY R 482 28.45 6.64 -41.64
CA GLY R 482 28.13 6.80 -40.23
C GLY R 482 26.78 7.45 -40.04
N HIS R 483 26.56 7.98 -38.85
CA HIS R 483 25.38 8.77 -38.57
C HIS R 483 25.72 10.24 -38.81
N GLU R 484 24.71 11.02 -39.16
CA GLU R 484 24.96 12.41 -39.51
C GLU R 484 25.48 13.21 -38.34
N HIS R 485 24.77 13.20 -37.21
CA HIS R 485 25.15 13.98 -36.04
C HIS R 485 24.98 13.15 -34.77
N LYS R 486 25.42 11.91 -34.81
CA LYS R 486 25.35 11.02 -33.66
C LYS R 486 26.76 10.51 -33.37
N PRO R 487 27.02 10.08 -32.13
CA PRO R 487 28.32 9.46 -31.84
C PRO R 487 28.49 8.19 -32.65
N VAL R 488 29.75 7.77 -32.79
CA VAL R 488 30.06 6.58 -33.58
C VAL R 488 29.21 5.41 -33.13
N GLY R 489 29.06 5.23 -31.83
CA GLY R 489 28.18 4.21 -31.31
C GLY R 489 27.81 4.51 -29.88
N SER R 490 26.61 4.10 -29.52
CA SER R 490 26.13 4.28 -28.14
C SER R 490 25.52 2.96 -27.70
N PHE R 491 26.35 2.10 -27.13
CA PHE R 491 25.96 0.74 -26.79
C PHE R 491 25.80 0.61 -25.28
N LEU R 492 24.77 -0.12 -24.88
CA LEU R 492 24.57 -0.47 -23.49
C LEU R 492 24.98 -1.92 -23.26
N PHE R 493 26.19 -2.11 -22.76
CA PHE R 493 26.72 -3.44 -22.49
C PHE R 493 26.15 -3.92 -21.17
N ALA R 494 25.18 -4.82 -21.23
CA ALA R 494 24.62 -5.44 -20.04
C ALA R 494 24.93 -6.92 -20.04
N GLY R 495 24.72 -7.55 -18.88
CA GLY R 495 24.97 -8.95 -18.74
C GLY R 495 25.38 -9.34 -17.34
N PRO R 496 25.64 -10.61 -17.12
CA PRO R 496 26.06 -11.07 -15.79
C PRO R 496 27.42 -10.52 -15.42
N THR R 497 27.84 -10.82 -14.20
CA THR R 497 29.07 -10.28 -13.66
C THR R 497 30.27 -11.11 -14.13
N GLY R 498 31.45 -10.51 -14.03
CA GLY R 498 32.68 -11.24 -14.28
C GLY R 498 32.93 -11.61 -15.72
N VAL R 499 32.05 -11.21 -16.64
CA VAL R 499 32.24 -11.48 -18.05
C VAL R 499 32.87 -10.25 -18.69
N GLY R 500 33.39 -10.41 -19.90
CA GLY R 500 34.20 -9.37 -20.48
C GLY R 500 33.42 -8.12 -20.87
N LYS R 501 32.73 -7.51 -19.91
CA LYS R 501 31.89 -6.37 -20.22
C LYS R 501 32.70 -5.08 -20.27
N THR R 502 33.29 -4.68 -19.15
CA THR R 502 34.15 -3.50 -19.12
C THR R 502 35.54 -3.77 -19.69
N GLU R 503 35.87 -5.04 -19.92
CA GLU R 503 37.21 -5.38 -20.40
C GLU R 503 37.35 -5.17 -21.90
N VAL R 504 36.33 -5.57 -22.66
CA VAL R 504 36.40 -5.45 -24.12
C VAL R 504 36.50 -4.00 -24.53
N THR R 505 35.94 -3.08 -23.75
CA THR R 505 36.06 -1.67 -24.08
C THR R 505 37.49 -1.18 -23.95
N VAL R 506 38.17 -1.60 -22.87
CA VAL R 506 39.57 -1.23 -22.70
C VAL R 506 40.41 -1.83 -23.81
N GLN R 507 40.13 -3.08 -24.18
CA GLN R 507 40.89 -3.69 -25.26
C GLN R 507 40.61 -3.03 -26.60
N LEU R 508 39.39 -2.53 -26.78
CA LEU R 508 39.08 -1.78 -27.99
C LEU R 508 39.88 -0.48 -28.04
N SER R 509 39.93 0.24 -26.92
CA SER R 509 40.72 1.45 -26.87
C SER R 509 42.20 1.19 -27.09
N LYS R 510 42.69 0.04 -26.63
CA LYS R 510 44.09 -0.30 -26.84
C LYS R 510 44.36 -0.66 -28.31
N ALA R 511 43.53 -1.53 -28.88
CA ALA R 511 43.75 -1.97 -30.26
C ALA R 511 43.62 -0.79 -31.22
N LEU R 512 42.58 0.03 -31.06
CA LEU R 512 42.43 1.19 -31.92
C LEU R 512 43.49 2.25 -31.64
N GLY R 513 44.19 2.15 -30.51
CA GLY R 513 45.21 3.13 -30.18
C GLY R 513 44.68 4.50 -29.89
N ILE R 514 43.40 4.63 -29.55
CA ILE R 514 42.79 5.91 -29.24
C ILE R 514 42.61 6.02 -27.73
N GLU R 515 42.60 7.26 -27.24
CA GLU R 515 42.52 7.49 -25.81
C GLU R 515 41.22 6.98 -25.24
N LEU R 516 41.30 6.32 -24.09
CA LEU R 516 40.13 5.82 -23.39
C LEU R 516 39.72 6.81 -22.32
N LEU R 517 38.52 7.35 -22.44
CA LEU R 517 37.95 8.22 -21.43
C LEU R 517 37.05 7.37 -20.54
N ARG R 518 37.55 7.01 -19.37
CA ARG R 518 36.84 6.16 -18.44
C ARG R 518 36.17 7.01 -17.36
N PHE R 519 34.91 6.73 -17.10
CA PHE R 519 34.13 7.48 -16.12
C PHE R 519 33.38 6.49 -15.24
N ASP R 520 33.85 6.33 -14.01
CA ASP R 520 33.21 5.43 -13.05
C ASP R 520 31.91 6.09 -12.57
N MET R 521 30.79 5.73 -13.21
CA MET R 521 29.54 6.42 -12.95
C MET R 521 28.95 6.08 -11.59
N SER R 522 29.64 5.30 -10.77
CA SER R 522 29.13 5.04 -9.43
C SER R 522 29.37 6.20 -8.48
N GLU R 523 30.21 7.17 -8.87
CA GLU R 523 30.45 8.36 -8.07
C GLU R 523 29.44 9.45 -8.30
N TYR R 524 28.47 9.22 -9.20
CA TYR R 524 27.46 10.20 -9.55
C TYR R 524 26.11 9.77 -9.02
N MET R 525 26.08 9.24 -7.80
CA MET R 525 24.82 8.84 -7.20
C MET R 525 23.99 10.04 -6.77
N GLU R 526 24.63 11.16 -6.45
CA GLU R 526 23.91 12.34 -6.05
C GLU R 526 23.39 13.07 -7.29
N ARG R 527 22.16 13.58 -7.18
CA ARG R 527 21.51 14.19 -8.33
C ARG R 527 22.22 15.46 -8.79
N HIS R 528 22.98 16.09 -7.89
CA HIS R 528 23.64 17.35 -8.24
C HIS R 528 25.07 17.16 -8.71
N THR R 529 25.53 15.93 -8.94
CA THR R 529 26.87 15.72 -9.46
C THR R 529 26.97 16.04 -10.94
N VAL R 530 25.87 16.34 -11.60
CA VAL R 530 25.91 16.79 -13.00
C VAL R 530 26.81 18.02 -13.11
N SER R 531 26.85 18.82 -12.04
CA SER R 531 27.77 19.96 -12.00
C SER R 531 29.21 19.52 -12.17
N ARG R 532 29.56 18.29 -11.81
CA ARG R 532 30.91 17.81 -12.06
C ARG R 532 31.08 17.41 -13.51
N LEU R 533 30.05 16.83 -14.12
CA LEU R 533 30.16 16.41 -15.51
C LEU R 533 30.29 17.60 -16.45
N ILE R 534 29.46 18.62 -16.29
CA ILE R 534 29.42 19.73 -17.22
C ILE R 534 29.90 21.04 -16.63
N GLY R 535 30.36 21.06 -15.40
CA GLY R 535 30.90 22.28 -14.81
C GLY R 535 29.88 23.01 -13.96
N ALA R 536 30.37 23.97 -13.19
CA ALA R 536 29.49 24.77 -12.36
C ALA R 536 29.03 26.01 -13.13
N PRO R 537 27.78 26.43 -12.93
CA PRO R 537 27.23 27.56 -13.69
C PRO R 537 27.99 28.84 -13.40
N PRO R 538 27.81 29.87 -14.23
CA PRO R 538 28.44 31.16 -13.94
C PRO R 538 27.94 31.72 -12.62
N GLY R 539 28.90 32.12 -11.78
CA GLY R 539 28.60 32.69 -10.49
C GLY R 539 28.89 31.78 -9.31
N TYR R 540 29.67 30.72 -9.50
CA TYR R 540 29.90 29.75 -8.44
C TYR R 540 31.34 29.26 -8.44
N VAL R 541 31.71 28.60 -7.34
CA VAL R 541 33.10 28.36 -7.00
C VAL R 541 33.82 27.52 -8.04
N GLY R 542 33.23 26.43 -8.49
CA GLY R 542 33.89 25.54 -9.43
C GLY R 542 33.82 25.96 -10.88
N PHE R 543 33.63 27.25 -11.15
CA PHE R 543 33.47 27.69 -12.53
C PHE R 543 34.74 27.46 -13.34
N ASP R 544 35.89 27.92 -12.82
CA ASP R 544 37.14 27.86 -13.55
C ASP R 544 37.67 26.44 -13.72
N GLN R 545 37.05 25.45 -13.08
CA GLN R 545 37.49 24.07 -13.26
C GLN R 545 36.90 23.44 -14.50
N GLY R 546 35.65 23.77 -14.82
CA GLY R 546 34.98 23.16 -15.95
C GLY R 546 34.39 21.81 -15.62
N GLY R 547 33.83 21.17 -16.64
CA GLY R 547 33.24 19.86 -16.49
C GLY R 547 34.20 18.76 -16.90
N LEU R 548 34.15 17.65 -16.15
CA LEU R 548 35.09 16.56 -16.42
C LEU R 548 34.82 15.92 -17.77
N LEU R 549 33.57 15.53 -18.03
CA LEU R 549 33.23 14.85 -19.27
C LEU R 549 33.41 15.73 -20.49
N THR R 550 32.89 16.96 -20.44
CA THR R 550 33.02 17.86 -21.58
C THR R 550 34.48 18.17 -21.89
N ASP R 551 35.28 18.44 -20.86
CA ASP R 551 36.68 18.75 -21.11
C ASP R 551 37.44 17.53 -21.63
N ALA R 552 37.15 16.36 -21.08
CA ALA R 552 37.80 15.14 -21.55
C ALA R 552 37.46 14.88 -23.02
N VAL R 553 36.22 15.18 -23.42
CA VAL R 553 35.85 14.99 -24.81
C VAL R 553 36.52 16.02 -25.70
N ILE R 554 36.53 17.29 -25.27
CA ILE R 554 37.12 18.35 -26.07
C ILE R 554 38.61 18.09 -26.29
N LYS R 555 39.29 17.56 -25.27
CA LYS R 555 40.71 17.27 -25.43
C LYS R 555 40.94 16.15 -26.45
N HIS R 556 40.20 15.06 -26.34
CA HIS R 556 40.35 13.91 -27.24
C HIS R 556 39.02 13.67 -27.96
N PRO R 557 38.78 14.37 -29.06
CA PRO R 557 37.50 14.20 -29.77
C PRO R 557 37.32 12.80 -30.33
N HIS R 558 38.40 12.13 -30.71
CA HIS R 558 38.35 10.75 -31.19
C HIS R 558 38.79 9.86 -30.04
N ALA R 559 37.83 9.21 -29.39
CA ALA R 559 38.13 8.47 -28.18
C ALA R 559 37.06 7.41 -27.98
N VAL R 560 37.22 6.65 -26.89
CA VAL R 560 36.24 5.65 -26.46
C VAL R 560 35.76 6.06 -25.07
N LEU R 561 34.47 6.36 -24.97
CA LEU R 561 33.86 6.82 -23.72
C LEU R 561 33.31 5.62 -22.98
N LEU R 562 33.90 5.30 -21.84
CA LEU R 562 33.46 4.18 -21.01
C LEU R 562 32.78 4.74 -19.77
N LEU R 563 31.46 4.67 -19.74
CA LEU R 563 30.67 5.10 -18.59
C LEU R 563 30.39 3.86 -17.76
N ASP R 564 31.36 3.46 -16.96
CA ASP R 564 31.28 2.22 -16.20
C ASP R 564 30.17 2.28 -15.16
N GLU R 565 29.49 1.15 -14.98
CA GLU R 565 28.45 0.99 -13.96
C GLU R 565 27.41 2.10 -14.08
N ILE R 566 26.79 2.19 -15.26
CA ILE R 566 25.92 3.32 -15.57
C ILE R 566 24.67 3.31 -14.71
N GLU R 567 24.23 2.13 -14.25
CA GLU R 567 22.97 2.09 -13.51
C GLU R 567 23.09 2.70 -12.12
N LYS R 568 24.30 2.91 -11.61
CA LYS R 568 24.49 3.41 -10.26
C LYS R 568 24.32 4.92 -10.16
N ALA R 569 24.54 5.64 -11.25
CA ALA R 569 24.34 7.08 -11.25
C ALA R 569 22.86 7.41 -11.02
N HIS R 570 22.62 8.61 -10.51
CA HIS R 570 21.25 9.05 -10.31
C HIS R 570 20.55 9.16 -11.66
N PRO R 571 19.26 8.78 -11.74
CA PRO R 571 18.57 8.84 -13.03
C PRO R 571 18.64 10.20 -13.71
N ASP R 572 18.84 11.28 -12.94
CA ASP R 572 18.95 12.59 -13.55
C ASP R 572 20.23 12.74 -14.37
N VAL R 573 21.14 11.77 -14.32
CA VAL R 573 22.37 11.87 -15.10
C VAL R 573 22.16 11.33 -16.51
N PHE R 574 21.25 10.36 -16.68
CA PHE R 574 20.96 9.82 -18.00
C PHE R 574 20.42 10.89 -18.94
N ASN R 575 19.83 11.95 -18.39
CA ASN R 575 19.25 12.99 -19.23
C ASN R 575 20.31 13.75 -20.00
N ILE R 576 21.57 13.72 -19.55
CA ILE R 576 22.65 14.28 -20.34
C ILE R 576 22.98 13.39 -21.54
N LEU R 577 23.11 12.09 -21.28
CA LEU R 577 23.35 11.14 -22.37
C LEU R 577 22.21 11.15 -23.37
N LEU R 578 21.01 11.57 -22.94
CA LEU R 578 19.92 11.74 -23.88
C LEU R 578 20.35 12.57 -25.09
N GLN R 579 20.71 13.84 -24.86
CA GLN R 579 21.11 14.70 -25.95
C GLN R 579 22.47 14.30 -26.51
N VAL R 580 23.33 13.73 -25.67
CA VAL R 580 24.64 13.30 -26.16
C VAL R 580 24.48 12.22 -27.23
N MET R 581 23.47 11.37 -27.08
CA MET R 581 23.28 10.27 -28.03
C MET R 581 22.42 10.70 -29.20
N ASP R 582 21.39 11.52 -28.96
CA ASP R 582 20.51 11.90 -30.05
C ASP R 582 21.10 12.96 -30.96
N ASN R 583 21.82 13.93 -30.40
CA ASN R 583 22.36 15.03 -31.17
C ASN R 583 23.87 15.08 -31.21
N GLY R 584 24.56 14.24 -30.43
CA GLY R 584 25.99 14.15 -30.51
C GLY R 584 26.75 15.33 -29.94
N THR R 585 26.07 16.22 -29.23
CA THR R 585 26.70 17.41 -28.68
C THR R 585 26.34 17.57 -27.21
N LEU R 586 27.07 18.45 -26.55
CA LEU R 586 26.85 18.73 -25.13
C LEU R 586 27.46 20.10 -24.83
N THR R 587 26.70 20.94 -24.15
CA THR R 587 27.14 22.29 -23.83
C THR R 587 27.45 22.39 -22.34
N ASP R 588 28.70 22.72 -22.03
CA ASP R 588 29.12 22.89 -20.64
C ASP R 588 28.79 24.30 -20.17
N ASN R 589 29.28 24.67 -19.00
CA ASN R 589 28.90 25.94 -18.39
C ASN R 589 29.48 27.14 -19.11
N ASN R 590 30.68 27.05 -19.66
CA ASN R 590 31.30 28.15 -20.37
C ASN R 590 30.72 28.32 -21.77
N GLY R 591 29.67 27.60 -22.12
CA GLY R 591 29.05 27.72 -23.42
C GLY R 591 29.77 27.01 -24.54
N ARG R 592 30.79 26.20 -24.22
CA ARG R 592 31.50 25.44 -25.23
C ARG R 592 30.67 24.23 -25.65
N LYS R 593 30.83 23.84 -26.91
CA LYS R 593 30.09 22.71 -27.47
C LYS R 593 31.01 21.50 -27.51
N ALA R 594 30.69 20.48 -26.72
CA ALA R 594 31.44 19.24 -26.75
C ALA R 594 30.94 18.35 -27.87
N ASP R 595 31.84 18.00 -28.79
CA ASP R 595 31.48 17.28 -30.01
C ASP R 595 31.73 15.80 -29.78
N PHE R 596 30.66 15.00 -29.80
CA PHE R 596 30.74 13.57 -29.57
C PHE R 596 30.70 12.74 -30.84
N ARG R 597 30.87 13.37 -32.00
CA ARG R 597 30.59 12.68 -33.26
C ARG R 597 31.68 11.68 -33.64
N ASN R 598 32.75 11.57 -32.87
CA ASN R 598 33.80 10.58 -33.12
C ASN R 598 34.03 9.70 -31.91
N VAL R 599 33.19 9.81 -30.89
CA VAL R 599 33.35 9.12 -29.63
C VAL R 599 32.51 7.86 -29.64
N VAL R 600 33.12 6.73 -29.34
CA VAL R 600 32.40 5.46 -29.22
C VAL R 600 31.89 5.34 -27.78
N LEU R 601 30.64 5.73 -27.58
CA LEU R 601 30.03 5.73 -26.25
C LEU R 601 29.67 4.31 -25.86
N VAL R 602 30.27 3.81 -24.80
CA VAL R 602 30.01 2.47 -24.30
C VAL R 602 29.69 2.55 -22.81
N MET R 603 28.53 2.06 -22.41
CA MET R 603 28.12 2.01 -21.03
C MET R 603 27.90 0.56 -20.61
N THR R 604 28.58 0.15 -19.55
CA THR R 604 28.48 -1.19 -19.02
C THR R 604 27.67 -1.17 -17.73
N THR R 605 26.71 -2.09 -17.63
CA THR R 605 25.79 -2.11 -16.51
C THR R 605 25.70 -3.51 -15.93
N ASN R 606 25.11 -3.59 -14.74
CA ASN R 606 24.74 -4.86 -14.12
C ASN R 606 23.27 -4.86 -13.72
N ALA R 607 22.42 -4.16 -14.46
CA ALA R 607 21.01 -4.11 -14.13
C ALA R 607 20.42 -5.51 -14.19
N GLY R 608 19.82 -5.92 -13.07
CA GLY R 608 19.20 -7.23 -13.00
C GLY R 608 20.16 -8.38 -12.75
N VAL R 609 21.42 -8.11 -12.43
CA VAL R 609 22.36 -9.20 -12.17
C VAL R 609 21.92 -10.00 -10.96
N ARG R 610 21.27 -9.35 -10.00
CA ARG R 610 20.73 -10.07 -8.85
C ARG R 610 19.66 -11.05 -9.30
N GLU R 611 18.99 -10.76 -10.42
CA GLU R 611 17.96 -11.65 -10.94
C GLU R 611 18.57 -12.81 -11.72
N THR R 612 19.61 -12.51 -12.49
CA THR R 612 20.29 -13.52 -13.32
C THR R 612 20.92 -14.65 -12.49
N GLU R 613 21.33 -14.33 -11.28
CA GLU R 613 21.95 -15.30 -10.40
C GLU R 613 20.95 -16.04 -9.53
N ARG R 614 19.68 -15.60 -9.55
CA ARG R 614 18.67 -16.23 -8.72
C ARG R 614 18.11 -17.48 -9.40
N LYS R 615 18.00 -18.55 -8.62
CA LYS R 615 17.39 -19.78 -9.09
C LYS R 615 15.89 -19.70 -8.82
N SER R 616 15.10 -19.80 -9.88
CA SER R 616 13.66 -19.66 -9.77
C SER R 616 13.05 -20.86 -9.05
N ILE R 617 11.81 -20.68 -8.60
CA ILE R 617 11.06 -21.73 -7.93
C ILE R 617 10.35 -22.56 -8.99
N GLY R 618 10.53 -23.86 -8.93
CA GLY R 618 9.88 -24.75 -9.86
C GLY R 618 10.80 -25.87 -10.27
N LEU R 619 10.24 -26.79 -11.05
CA LEU R 619 11.02 -27.93 -11.51
C LEU R 619 11.98 -27.56 -12.64
N ILE R 620 11.63 -26.54 -13.44
CA ILE R 620 12.50 -26.04 -14.49
C ILE R 620 13.08 -24.71 -14.04
N HIS R 621 14.40 -24.60 -14.07
CA HIS R 621 15.07 -23.34 -13.85
C HIS R 621 15.02 -22.50 -15.12
N GLN R 622 14.61 -21.25 -14.97
CA GLN R 622 14.34 -20.35 -16.08
C GLN R 622 15.58 -19.57 -16.48
N ASP R 623 15.55 -19.07 -17.71
CA ASP R 623 16.55 -18.12 -18.19
C ASP R 623 16.10 -16.73 -17.78
N ASN R 624 16.86 -16.09 -16.90
CA ASN R 624 16.52 -14.78 -16.36
C ASN R 624 17.05 -13.63 -17.22
N SER R 625 17.45 -13.90 -18.45
CA SER R 625 17.96 -12.83 -19.32
C SER R 625 16.88 -11.82 -19.64
N THR R 626 15.72 -12.29 -20.11
CA THR R 626 14.64 -11.38 -20.44
C THR R 626 14.14 -10.63 -19.21
N ASP R 627 14.25 -11.24 -18.02
CA ASP R 627 13.97 -10.51 -16.78
C ASP R 627 14.93 -9.34 -16.62
N ALA R 628 16.22 -9.57 -16.87
CA ALA R 628 17.19 -8.48 -16.76
C ALA R 628 16.91 -7.40 -17.81
N MET R 629 16.43 -7.80 -18.99
CA MET R 629 16.05 -6.81 -19.99
C MET R 629 14.87 -5.97 -19.52
N GLU R 630 13.90 -6.60 -18.86
CA GLU R 630 12.77 -5.83 -18.33
C GLU R 630 13.24 -4.89 -17.22
N GLU R 631 14.23 -5.31 -16.44
CA GLU R 631 14.81 -4.40 -15.46
C GLU R 631 15.52 -3.22 -16.14
N ILE R 632 16.23 -3.49 -17.23
CA ILE R 632 16.81 -2.41 -18.03
C ILE R 632 15.73 -1.43 -18.45
N LYS R 633 14.61 -1.95 -18.95
CA LYS R 633 13.51 -1.09 -19.36
C LYS R 633 12.93 -0.30 -18.19
N LYS R 634 12.91 -0.88 -17.00
CA LYS R 634 12.39 -0.19 -15.83
C LYS R 634 13.35 0.84 -15.27
N ILE R 635 14.64 0.74 -15.57
CA ILE R 635 15.64 1.72 -15.12
C ILE R 635 15.71 2.90 -16.05
N PHE R 636 15.89 2.65 -17.35
CA PHE R 636 16.12 3.70 -18.33
C PHE R 636 14.81 4.07 -19.03
N THR R 637 14.62 5.37 -19.23
CA THR R 637 13.41 5.87 -19.84
C THR R 637 13.35 5.48 -21.31
N PRO R 638 12.14 5.34 -21.86
CA PRO R 638 12.02 4.92 -23.26
C PRO R 638 12.74 5.83 -24.24
N GLU R 639 12.75 7.14 -24.02
CA GLU R 639 13.46 8.03 -24.93
C GLU R 639 14.96 7.83 -24.86
N PHE R 640 15.46 7.24 -23.79
CA PHE R 640 16.87 6.88 -23.66
C PHE R 640 17.18 5.57 -24.38
N ARG R 641 16.39 4.53 -24.07
CA ARG R 641 16.60 3.25 -24.73
C ARG R 641 16.32 3.33 -26.22
N ASN R 642 15.59 4.35 -26.66
CA ASN R 642 15.21 4.47 -28.06
C ASN R 642 16.37 4.88 -28.95
N ARG R 643 17.36 5.60 -28.43
CA ARG R 643 18.48 6.06 -29.23
C ARG R 643 19.74 5.25 -29.00
N LEU R 644 19.67 4.19 -28.18
CA LEU R 644 20.79 3.26 -28.06
C LEU R 644 20.93 2.45 -29.33
N ASP R 645 22.16 2.40 -29.86
CA ASP R 645 22.39 1.65 -31.09
C ASP R 645 22.17 0.15 -30.89
N ASN R 646 22.46 -0.36 -29.70
CA ASN R 646 22.20 -1.76 -29.40
C ASN R 646 22.38 -1.98 -27.90
N ILE R 647 21.57 -2.90 -27.36
CA ILE R 647 21.70 -3.35 -25.98
C ILE R 647 22.21 -4.78 -26.01
N ILE R 648 23.53 -4.93 -25.97
CA ILE R 648 24.17 -6.23 -26.17
C ILE R 648 24.20 -6.95 -24.84
N TRP R 649 23.33 -7.95 -24.68
CA TRP R 649 23.28 -8.76 -23.48
C TRP R 649 24.41 -9.79 -23.55
N PHE R 650 25.46 -9.55 -22.78
CA PHE R 650 26.54 -10.52 -22.66
C PHE R 650 26.03 -11.80 -22.01
N ASP R 651 26.58 -12.93 -22.44
CA ASP R 651 26.17 -14.20 -21.89
C ASP R 651 27.26 -14.77 -20.99
N HIS R 652 26.92 -15.82 -20.26
CA HIS R 652 27.86 -16.45 -19.35
C HIS R 652 28.99 -17.12 -20.11
N LEU R 653 30.07 -17.42 -19.40
CA LEU R 653 31.23 -18.08 -19.99
C LEU R 653 31.07 -19.60 -19.92
N SER R 654 31.35 -20.26 -21.04
CA SER R 654 31.30 -21.71 -21.08
C SER R 654 32.64 -22.30 -20.66
N THR R 655 32.71 -23.64 -20.65
CA THR R 655 33.90 -24.32 -20.18
C THR R 655 35.11 -24.07 -21.07
N ASP R 656 34.93 -24.16 -22.40
CA ASP R 656 36.04 -23.86 -23.30
C ASP R 656 36.49 -22.40 -23.16
N VAL R 657 35.53 -21.50 -22.97
CA VAL R 657 35.86 -20.11 -22.70
C VAL R 657 36.68 -20.01 -21.42
N ILE R 658 36.34 -20.81 -20.42
CA ILE R 658 37.07 -20.77 -19.16
C ILE R 658 38.49 -21.30 -19.36
N HIS R 659 38.65 -22.33 -20.19
CA HIS R 659 39.99 -22.82 -20.49
C HIS R 659 40.82 -21.73 -21.16
N GLN R 660 40.23 -21.03 -22.13
CA GLN R 660 40.95 -19.94 -22.77
C GLN R 660 41.28 -18.83 -21.78
N VAL R 661 40.38 -18.56 -20.84
CA VAL R 661 40.63 -17.54 -19.82
C VAL R 661 41.81 -17.95 -18.94
N VAL R 662 41.86 -19.22 -18.56
CA VAL R 662 42.98 -19.72 -17.78
C VAL R 662 44.28 -19.55 -18.55
N ASP R 663 44.25 -19.83 -19.85
CA ASP R 663 45.45 -19.67 -20.66
C ASP R 663 45.89 -18.21 -20.70
N LYS R 664 44.95 -17.28 -20.87
CA LYS R 664 45.27 -15.86 -20.87
C LYS R 664 45.90 -15.44 -19.54
N PHE R 665 45.32 -15.91 -18.44
CA PHE R 665 45.85 -15.55 -17.13
C PHE R 665 47.24 -16.13 -16.92
N ILE R 666 47.47 -17.35 -17.40
CA ILE R 666 48.80 -17.96 -17.27
C ILE R 666 49.82 -17.18 -18.09
N VAL R 667 49.42 -16.70 -19.27
CA VAL R 667 50.33 -15.87 -20.06
C VAL R 667 50.67 -14.58 -19.33
N GLU R 668 49.65 -13.95 -18.74
CA GLU R 668 49.91 -12.74 -17.96
C GLU R 668 50.87 -13.01 -16.82
N LEU R 669 50.66 -14.12 -16.10
CA LEU R 669 51.54 -14.48 -14.99
C LEU R 669 52.96 -14.74 -15.48
N GLN R 670 53.09 -15.37 -16.65
CA GLN R 670 54.42 -15.61 -17.20
C GLN R 670 55.12 -14.31 -17.55
N VAL R 671 54.37 -13.34 -18.06
CA VAL R 671 54.96 -12.03 -18.31
C VAL R 671 55.43 -11.39 -17.01
N GLN R 672 54.59 -11.47 -15.97
CA GLN R 672 54.98 -10.95 -14.66
C GLN R 672 56.26 -11.60 -14.16
N LEU R 673 56.38 -12.91 -14.34
CA LEU R 673 57.55 -13.62 -13.85
C LEU R 673 58.80 -13.27 -14.66
N ASP R 674 58.66 -13.22 -15.99
CA ASP R 674 59.79 -12.84 -16.83
C ASP R 674 60.25 -11.43 -16.54
N GLN R 675 59.36 -10.59 -16.03
CA GLN R 675 59.81 -9.29 -15.52
C GLN R 675 60.80 -9.43 -14.38
N LYS R 676 60.89 -10.60 -13.75
CA LYS R 676 61.82 -10.85 -12.67
C LYS R 676 62.91 -11.84 -13.03
N GLY R 677 62.95 -12.29 -14.29
CA GLY R 677 63.89 -13.32 -14.67
C GLY R 677 63.54 -14.71 -14.20
N VAL R 678 62.26 -15.06 -14.22
CA VAL R 678 61.79 -16.38 -13.78
C VAL R 678 60.91 -16.94 -14.89
N SER R 679 61.25 -18.14 -15.36
CA SER R 679 60.43 -18.81 -16.36
C SER R 679 59.34 -19.64 -15.70
N LEU R 680 58.40 -20.13 -16.51
CA LEU R 680 57.28 -20.92 -16.01
C LEU R 680 56.63 -21.67 -17.15
N GLU R 681 56.27 -22.93 -16.89
CA GLU R 681 55.47 -23.73 -17.80
C GLU R 681 54.54 -24.62 -16.99
N VAL R 682 53.33 -24.84 -17.50
CA VAL R 682 52.29 -25.59 -16.80
C VAL R 682 51.79 -26.69 -17.72
N SER R 683 51.77 -27.92 -17.22
CA SER R 683 51.22 -29.02 -17.98
C SER R 683 49.75 -28.78 -18.27
N GLN R 684 49.34 -29.15 -19.49
CA GLN R 684 47.97 -28.93 -19.93
C GLN R 684 46.96 -29.57 -18.97
N GLU R 685 47.30 -30.74 -18.42
CA GLU R 685 46.41 -31.36 -17.44
C GLU R 685 46.26 -30.49 -16.21
N ALA R 686 47.33 -29.80 -15.80
CA ALA R 686 47.23 -28.90 -14.67
C ALA R 686 46.32 -27.72 -14.98
N ARG R 687 46.34 -27.26 -16.24
CA ARG R 687 45.43 -26.18 -16.63
C ARG R 687 43.99 -26.65 -16.61
N ASN R 688 43.73 -27.87 -17.07
CA ASN R 688 42.39 -28.43 -16.93
C ASN R 688 41.98 -28.52 -15.46
N TRP R 689 42.92 -28.91 -14.59
CA TRP R 689 42.61 -28.99 -13.18
C TRP R 689 42.25 -27.62 -12.60
N LEU R 690 43.03 -26.60 -12.95
CA LEU R 690 42.73 -25.25 -12.50
C LEU R 690 41.37 -24.79 -12.98
N ALA R 691 41.05 -25.06 -14.25
CA ALA R 691 39.75 -24.66 -14.79
C ALA R 691 38.62 -25.34 -14.05
N GLU R 692 38.73 -26.65 -13.80
CA GLU R 692 37.67 -27.35 -13.10
C GLU R 692 37.56 -26.88 -11.65
N LYS R 693 38.69 -26.52 -11.05
CA LYS R 693 38.67 -26.05 -9.66
C LYS R 693 37.98 -24.70 -9.56
N GLY R 694 38.20 -23.82 -10.54
CA GLY R 694 37.72 -22.46 -10.41
C GLY R 694 36.44 -22.15 -11.15
N TYR R 695 36.00 -23.05 -12.04
CA TYR R 695 34.85 -22.75 -12.89
C TYR R 695 33.61 -22.45 -12.05
N ASP R 696 32.99 -21.31 -12.32
CA ASP R 696 31.73 -20.92 -11.70
C ASP R 696 31.01 -19.99 -12.67
N ARG R 697 29.99 -20.50 -13.34
CA ARG R 697 29.32 -19.71 -14.37
C ARG R 697 28.60 -18.51 -13.78
N ALA R 698 28.09 -18.64 -12.56
CA ALA R 698 27.32 -17.56 -11.97
C ALA R 698 28.18 -16.38 -11.56
N MET R 699 29.50 -16.53 -11.61
CA MET R 699 30.41 -15.49 -11.14
C MET R 699 31.40 -15.05 -12.21
N GLY R 700 31.30 -15.59 -13.42
CA GLY R 700 32.12 -15.13 -14.52
C GLY R 700 33.58 -15.54 -14.38
N ALA R 701 34.45 -14.72 -14.98
CA ALA R 701 35.86 -15.03 -15.09
C ALA R 701 36.72 -14.44 -13.99
N ARG R 702 36.13 -13.72 -13.04
CA ARG R 702 36.92 -13.20 -11.93
C ARG R 702 37.39 -14.29 -10.98
N PRO R 703 36.58 -15.28 -10.58
CA PRO R 703 37.09 -16.34 -9.70
C PRO R 703 38.25 -17.11 -10.28
N MET R 704 38.39 -17.14 -11.61
CA MET R 704 39.55 -17.80 -12.20
C MET R 704 40.84 -17.10 -11.82
N ALA R 705 40.84 -15.77 -11.80
CA ALA R 705 42.01 -15.05 -11.34
C ALA R 705 42.34 -15.40 -9.90
N ARG R 706 41.32 -15.49 -9.04
CA ARG R 706 41.55 -15.86 -7.65
C ARG R 706 42.11 -17.27 -7.52
N VAL R 707 41.63 -18.19 -8.34
CA VAL R 707 42.09 -19.58 -8.26
C VAL R 707 43.53 -19.68 -8.76
N ILE R 708 43.83 -19.05 -9.89
CA ILE R 708 45.21 -18.99 -10.36
C ILE R 708 46.10 -18.39 -9.28
N GLN R 709 45.63 -17.33 -8.63
CA GLN R 709 46.38 -16.73 -7.54
C GLN R 709 46.64 -17.73 -6.43
N ASP R 710 45.59 -18.26 -5.81
CA ASP R 710 45.72 -19.18 -4.68
C ASP R 710 46.60 -20.37 -5.01
N ASN R 711 46.60 -20.83 -6.26
CA ASN R 711 47.30 -22.07 -6.59
C ASN R 711 48.72 -21.86 -7.09
N LEU R 712 49.03 -20.72 -7.71
CA LEU R 712 50.36 -20.49 -8.25
C LEU R 712 51.06 -19.30 -7.61
N LYS R 713 50.38 -18.16 -7.48
CA LYS R 713 51.08 -16.93 -7.10
C LYS R 713 51.60 -17.02 -5.68
N LYS R 714 50.88 -17.68 -4.79
CA LYS R 714 51.35 -17.82 -3.41
C LYS R 714 52.58 -18.72 -3.31
N PRO R 715 52.59 -19.94 -3.85
CA PRO R 715 53.84 -20.73 -3.81
C PRO R 715 54.99 -20.05 -4.53
N LEU R 716 54.73 -19.46 -5.70
CA LEU R 716 55.78 -18.75 -6.41
C LEU R 716 56.28 -17.56 -5.61
N ALA R 717 55.40 -16.87 -4.89
CA ALA R 717 55.83 -15.73 -4.09
C ALA R 717 56.70 -16.17 -2.92
N ASN R 718 56.30 -17.26 -2.26
CA ASN R 718 57.12 -17.77 -1.16
C ASN R 718 58.47 -18.25 -1.64
N GLU R 719 58.52 -18.81 -2.86
CA GLU R 719 59.81 -19.20 -3.42
C GLU R 719 60.63 -18.00 -3.88
N LEU R 720 59.95 -16.91 -4.26
CA LEU R 720 60.64 -15.80 -4.92
C LEU R 720 61.18 -14.81 -3.89
N LEU R 721 60.45 -14.56 -2.82
CA LEU R 721 60.92 -13.64 -1.80
C LEU R 721 62.08 -14.23 -1.01
N PHE R 722 61.85 -15.33 -0.30
CA PHE R 722 62.87 -16.02 0.50
C PHE R 722 62.80 -17.50 0.15
N GLY R 723 63.53 -17.88 -0.89
CA GLY R 723 63.50 -19.26 -1.34
C GLY R 723 64.48 -19.47 -2.46
N SER R 724 64.29 -20.59 -3.17
CA SER R 724 65.20 -20.98 -4.25
C SER R 724 65.07 -20.10 -5.48
N LEU R 725 64.01 -19.32 -5.59
CA LEU R 725 63.67 -18.63 -6.84
C LEU R 725 64.27 -17.24 -6.95
N VAL R 726 65.15 -16.86 -6.01
CA VAL R 726 65.77 -15.54 -6.08
C VAL R 726 66.71 -15.47 -7.27
N ASP R 727 66.44 -14.53 -8.19
CA ASP R 727 67.33 -14.22 -9.30
C ASP R 727 67.55 -15.43 -10.22
N GLY R 728 66.50 -16.19 -10.46
CA GLY R 728 66.58 -17.35 -11.34
C GLY R 728 65.29 -18.13 -11.32
N GLY R 729 64.83 -18.59 -12.48
CA GLY R 729 63.53 -19.21 -12.56
C GLY R 729 63.48 -20.66 -13.01
N GLN R 730 62.89 -20.90 -14.17
CA GLN R 730 62.72 -22.24 -14.74
C GLN R 730 61.86 -23.11 -13.83
N VAL R 731 60.76 -22.54 -13.36
CA VAL R 731 59.78 -23.26 -12.55
C VAL R 731 58.86 -24.04 -13.48
N THR R 732 58.55 -25.29 -13.10
CA THR R 732 57.65 -26.14 -13.85
C THR R 732 56.50 -26.56 -12.95
N VAL R 733 55.33 -26.78 -13.53
CA VAL R 733 54.12 -27.16 -12.80
C VAL R 733 53.45 -28.32 -13.53
N ALA R 734 53.00 -29.31 -12.77
CA ALA R 734 52.25 -30.42 -13.31
C ALA R 734 51.33 -30.99 -12.23
N LEU R 735 50.27 -31.65 -12.67
CA LEU R 735 49.27 -32.21 -11.77
C LEU R 735 49.54 -33.68 -11.51
N ASP R 736 49.49 -34.08 -10.24
CA ASP R 736 49.49 -35.49 -9.88
C ASP R 736 48.07 -35.99 -9.77
N LYS R 737 47.81 -37.14 -10.37
CA LYS R 737 46.45 -37.69 -10.48
C LYS R 737 45.95 -38.31 -9.19
N GLU R 738 46.83 -38.91 -8.38
CA GLU R 738 46.37 -39.56 -7.16
C GLU R 738 46.06 -38.56 -6.06
N LYS R 739 46.81 -37.46 -5.99
CA LYS R 739 46.66 -36.51 -4.91
C LYS R 739 46.06 -35.17 -5.31
N ASN R 740 45.85 -34.93 -6.61
CA ASN R 740 45.27 -33.67 -7.10
C ASN R 740 46.09 -32.47 -6.62
N GLU R 741 47.40 -32.57 -6.74
CA GLU R 741 48.31 -31.51 -6.33
C GLU R 741 49.13 -31.03 -7.52
N LEU R 742 50.01 -30.07 -7.25
CA LEU R 742 50.89 -29.51 -8.27
C LEU R 742 52.35 -29.68 -7.87
N THR R 743 53.21 -29.78 -8.87
CA THR R 743 54.65 -29.87 -8.66
C THR R 743 55.32 -28.54 -8.98
N TYR R 744 56.53 -28.36 -8.45
CA TYR R 744 57.25 -27.11 -8.61
C TYR R 744 58.74 -27.42 -8.64
N GLY R 745 59.55 -26.39 -8.38
CA GLY R 745 60.99 -26.56 -8.28
C GLY R 745 61.76 -25.69 -9.27
N PHE R 746 63.06 -25.58 -9.00
CA PHE R 746 63.98 -24.82 -9.85
C PHE R 746 63.98 -25.37 -11.27
N MET S 169 31.91 86.18 -17.94
CA MET S 169 32.54 84.87 -17.82
C MET S 169 31.87 83.85 -18.72
N GLU S 170 31.18 84.33 -19.75
CA GLU S 170 30.47 83.44 -20.67
C GLU S 170 31.36 82.94 -21.80
N ASN S 171 32.68 83.03 -21.65
CA ASN S 171 33.57 82.39 -22.63
C ASN S 171 33.38 80.88 -22.63
N PHE S 172 32.84 80.32 -21.55
CA PHE S 172 32.61 78.88 -21.45
C PHE S 172 31.15 78.50 -21.34
N THR S 173 30.25 79.43 -21.03
CA THR S 173 28.83 79.15 -20.94
C THR S 173 28.08 79.99 -21.97
N THR S 174 27.01 79.42 -22.50
CA THR S 174 26.19 80.10 -23.51
C THR S 174 24.94 80.67 -22.85
N ASN S 175 24.48 81.81 -23.34
CA ASN S 175 23.25 82.42 -22.86
C ASN S 175 22.10 81.95 -23.75
N LEU S 176 21.38 80.93 -23.28
CA LEU S 176 20.24 80.43 -24.05
C LEU S 176 19.17 81.50 -24.20
N ASN S 177 19.08 82.43 -23.24
CA ASN S 177 18.20 83.58 -23.42
C ASN S 177 18.62 84.41 -24.62
N GLN S 178 19.90 84.78 -24.68
CA GLN S 178 20.41 85.55 -25.81
C GLN S 178 20.27 84.78 -27.12
N LEU S 179 20.50 83.46 -27.07
CA LEU S 179 20.34 82.66 -28.28
C LEU S 179 18.89 82.65 -28.75
N ALA S 180 17.94 82.47 -27.83
CA ALA S 180 16.54 82.49 -28.21
C ALA S 180 16.11 83.85 -28.73
N ARG S 181 16.76 84.91 -28.24
CA ARG S 181 16.49 86.24 -28.77
C ARG S 181 16.90 86.36 -30.22
N VAL S 182 17.90 85.59 -30.64
CA VAL S 182 18.40 85.66 -32.01
C VAL S 182 17.94 84.45 -32.83
N GLY S 183 16.90 83.76 -32.37
CA GLY S 183 16.33 82.63 -33.10
C GLY S 183 16.95 81.32 -32.65
N GLY S 184 17.11 80.38 -33.59
CA GLY S 184 17.71 79.11 -33.27
C GLY S 184 16.80 78.19 -32.48
N ILE S 185 16.19 78.73 -31.42
CA ILE S 185 15.32 77.98 -30.53
C ILE S 185 13.94 77.88 -31.16
N ASP S 186 13.41 76.68 -31.23
CA ASP S 186 12.10 76.47 -31.82
C ASP S 186 11.03 76.51 -30.73
N PRO S 187 9.80 76.91 -31.07
CA PRO S 187 8.72 76.91 -30.08
C PRO S 187 8.42 75.49 -29.62
N LEU S 188 8.31 75.33 -28.30
CA LEU S 188 8.08 74.02 -27.72
C LEU S 188 6.60 73.64 -27.83
N ILE S 189 6.34 72.36 -27.99
CA ILE S 189 5.00 71.86 -28.31
C ILE S 189 4.60 70.82 -27.27
N GLY S 190 3.36 70.90 -26.80
CA GLY S 190 2.77 69.88 -25.97
C GLY S 190 3.34 69.76 -24.57
N ARG S 191 4.07 70.77 -24.09
CA ARG S 191 4.72 70.66 -22.78
C ARG S 191 4.33 71.82 -21.87
N GLU S 192 3.04 72.15 -21.81
CA GLU S 192 2.61 73.26 -20.97
C GLU S 192 2.61 72.89 -19.49
N LYS S 193 2.02 71.74 -19.14
CA LYS S 193 1.81 71.40 -17.74
C LYS S 193 3.12 71.22 -16.99
N GLU S 194 4.09 70.51 -17.59
CA GLU S 194 5.38 70.31 -16.94
C GLU S 194 6.10 71.63 -16.74
N LEU S 195 6.03 72.52 -17.73
CA LEU S 195 6.65 73.84 -17.59
C LEU S 195 5.95 74.67 -16.52
N GLU S 196 4.63 74.53 -16.39
CA GLU S 196 3.91 75.20 -15.33
C GLU S 196 4.40 74.75 -13.97
N ARG S 197 4.52 73.43 -13.78
CA ARG S 197 5.03 72.93 -12.51
C ARG S 197 6.46 73.40 -12.27
N ALA S 198 7.28 73.44 -13.33
CA ALA S 198 8.66 73.86 -13.17
C ALA S 198 8.76 75.32 -12.75
N ILE S 199 8.03 76.20 -13.44
CA ILE S 199 8.06 77.63 -13.08
C ILE S 199 7.44 77.84 -11.72
N GLN S 200 6.51 76.97 -11.30
CA GLN S 200 5.96 77.07 -9.96
C GLN S 200 7.01 76.77 -8.91
N VAL S 201 7.73 75.65 -9.08
CA VAL S 201 8.80 75.30 -8.14
C VAL S 201 9.92 76.34 -8.18
N LEU S 202 10.08 77.01 -9.33
CA LEU S 202 11.13 78.01 -9.47
C LEU S 202 10.99 79.15 -8.48
N CYS S 203 9.76 79.46 -8.05
CA CYS S 203 9.51 80.56 -7.14
C CYS S 203 9.58 80.13 -5.68
N ARG S 204 9.84 78.85 -5.41
CA ARG S 204 9.79 78.33 -4.05
C ARG S 204 10.84 79.01 -3.17
N ARG S 205 10.58 78.98 -1.86
CA ARG S 205 11.50 79.59 -0.90
C ARG S 205 12.71 78.70 -0.66
N ARG S 206 12.49 77.47 -0.22
CA ARG S 206 13.56 76.49 -0.03
C ARG S 206 13.39 75.39 -1.07
N LYS S 207 14.49 74.67 -1.31
CA LYS S 207 14.57 73.68 -2.39
C LYS S 207 14.22 74.32 -3.73
N ASN S 208 14.62 75.58 -3.90
CA ASN S 208 14.26 76.36 -5.08
C ASN S 208 15.19 76.03 -6.24
N ASN S 209 15.30 74.74 -6.53
CA ASN S 209 16.17 74.23 -7.58
C ASN S 209 15.43 73.15 -8.35
N PRO S 210 14.91 73.47 -9.53
CA PRO S 210 14.16 72.48 -10.30
C PRO S 210 15.07 71.39 -10.83
N LEU S 211 14.75 70.14 -10.50
CA LEU S 211 15.50 68.98 -10.96
C LEU S 211 14.66 68.23 -11.98
N LEU S 212 15.07 68.30 -13.24
CA LEU S 212 14.40 67.59 -14.33
C LEU S 212 14.90 66.15 -14.36
N VAL S 213 14.03 65.23 -13.94
CA VAL S 213 14.35 63.80 -13.94
C VAL S 213 13.33 63.08 -14.82
N GLY S 214 13.83 62.19 -15.67
CA GLY S 214 12.97 61.46 -16.57
C GLY S 214 13.79 60.50 -17.41
N GLU S 215 13.25 60.16 -18.57
CA GLU S 215 13.99 59.32 -19.51
C GLU S 215 14.89 60.17 -20.40
N SER S 216 15.46 59.56 -21.42
CA SER S 216 16.29 60.27 -22.38
C SER S 216 15.50 60.42 -23.68
N GLY S 217 15.73 61.55 -24.35
CA GLY S 217 15.01 61.82 -25.58
C GLY S 217 13.53 62.06 -25.39
N VAL S 218 13.11 62.43 -24.19
CA VAL S 218 11.71 62.75 -23.91
C VAL S 218 11.44 64.24 -23.84
N GLY S 219 12.44 65.07 -24.09
CA GLY S 219 12.25 66.50 -24.13
C GLY S 219 12.80 67.30 -22.97
N LYS S 220 13.83 66.77 -22.31
CA LYS S 220 14.46 67.46 -21.20
C LYS S 220 15.03 68.75 -21.77
N THR S 221 16.03 68.62 -22.62
CA THR S 221 16.63 69.79 -23.27
C THR S 221 15.59 70.58 -24.05
N ALA S 222 14.55 69.90 -24.55
CA ALA S 222 13.45 70.59 -25.18
C ALA S 222 12.69 71.45 -24.18
N ILE S 223 12.53 70.96 -22.96
CA ILE S 223 11.96 71.78 -21.89
C ILE S 223 12.88 72.96 -21.60
N ALA S 224 14.19 72.71 -21.56
CA ALA S 224 15.15 73.77 -21.27
C ALA S 224 15.07 74.89 -22.30
N GLU S 225 14.88 74.53 -23.57
CA GLU S 225 14.80 75.54 -24.61
C GLU S 225 13.42 76.20 -24.66
N GLY S 226 12.36 75.44 -24.39
CA GLY S 226 11.04 76.04 -24.34
C GLY S 226 10.90 77.03 -23.21
N LEU S 227 11.63 76.84 -22.12
CA LEU S 227 11.64 77.83 -21.05
C LEU S 227 12.18 79.16 -21.54
N ALA S 228 13.35 79.14 -22.20
CA ALA S 228 13.90 80.38 -22.75
C ALA S 228 13.00 80.95 -23.84
N TRP S 229 12.25 80.09 -24.52
CA TRP S 229 11.32 80.58 -25.54
C TRP S 229 10.16 81.34 -24.91
N ARG S 230 9.58 80.78 -23.85
CA ARG S 230 8.55 81.52 -23.11
C ARG S 230 9.12 82.80 -22.51
N ILE S 231 10.40 82.79 -22.12
CA ILE S 231 11.02 84.00 -21.57
C ILE S 231 11.11 85.08 -22.63
N VAL S 232 11.69 84.76 -23.79
CA VAL S 232 11.82 85.77 -24.84
C VAL S 232 10.46 86.16 -25.40
N GLN S 233 9.46 85.29 -25.26
CA GLN S 233 8.11 85.69 -25.67
C GLN S 233 7.40 86.45 -24.56
N GLY S 234 7.51 86.01 -23.32
CA GLY S 234 6.81 86.62 -22.22
C GLY S 234 5.59 85.88 -21.73
N ASP S 235 5.64 84.56 -21.66
CA ASP S 235 4.53 83.75 -21.18
C ASP S 235 4.63 83.46 -19.69
N VAL S 236 5.70 83.90 -19.05
CA VAL S 236 5.94 83.67 -17.63
C VAL S 236 5.79 85.02 -16.90
N PRO S 237 5.57 85.03 -15.59
CA PRO S 237 5.44 86.31 -14.89
C PRO S 237 6.70 87.14 -14.97
N GLU S 238 6.54 88.44 -14.68
CA GLU S 238 7.66 89.38 -14.78
C GLU S 238 8.78 89.06 -13.81
N VAL S 239 8.50 88.35 -12.72
CA VAL S 239 9.56 87.91 -11.83
C VAL S 239 10.42 86.85 -12.52
N MET S 240 9.89 86.21 -13.56
CA MET S 240 10.63 85.22 -14.32
C MET S 240 10.88 85.60 -15.76
N ALA S 241 10.16 86.59 -16.31
CA ALA S 241 10.46 87.06 -17.64
C ALA S 241 11.76 87.86 -17.64
N ASP S 242 12.42 87.89 -18.80
CA ASP S 242 13.65 88.64 -19.04
C ASP S 242 14.81 88.20 -18.18
N CYS S 243 14.71 87.05 -17.52
CA CYS S 243 15.84 86.52 -16.75
C CYS S 243 16.72 85.65 -17.64
N THR S 244 18.01 85.95 -17.64
CA THR S 244 18.95 85.27 -18.53
C THR S 244 19.19 83.84 -18.07
N ILE S 245 19.49 82.95 -19.03
CA ILE S 245 19.67 81.54 -18.77
C ILE S 245 21.03 81.12 -19.32
N TYR S 246 21.86 80.50 -18.48
CA TYR S 246 23.16 80.01 -18.90
C TYR S 246 23.17 78.49 -18.96
N SER S 247 24.10 77.96 -19.77
CA SER S 247 24.31 76.51 -19.88
C SER S 247 25.81 76.26 -19.85
N LEU S 248 26.22 75.28 -19.06
CA LEU S 248 27.63 74.97 -18.86
C LEU S 248 28.13 74.05 -19.97
N ASP S 249 29.31 74.36 -20.50
CA ASP S 249 30.01 73.50 -21.46
C ASP S 249 31.19 72.87 -20.74
N ILE S 250 31.04 71.59 -20.38
CA ILE S 250 32.02 70.94 -19.52
C ILE S 250 33.33 70.70 -20.28
N GLY S 251 33.23 70.49 -21.59
CA GLY S 251 34.44 70.22 -22.37
C GLY S 251 35.44 71.35 -22.33
N SER S 252 34.99 72.59 -22.57
CA SER S 252 35.87 73.73 -22.50
C SER S 252 36.39 73.95 -21.07
N LEU S 253 35.60 73.55 -20.07
CA LEU S 253 36.06 73.65 -18.69
C LEU S 253 37.25 72.72 -18.44
N LEU S 254 37.10 71.44 -18.80
CA LEU S 254 38.15 70.45 -18.54
C LEU S 254 39.27 70.48 -19.55
N ALA S 255 39.15 71.28 -20.63
CA ALA S 255 40.22 71.34 -21.63
C ALA S 255 41.41 72.17 -21.18
N GLY S 256 41.47 72.56 -19.90
CA GLY S 256 42.65 73.26 -19.42
C GLY S 256 43.93 72.46 -19.56
N THR S 257 43.95 71.25 -19.01
CA THR S 257 45.02 70.27 -19.18
C THR S 257 46.38 70.73 -18.66
N LYS S 258 46.45 71.90 -18.03
CA LYS S 258 47.67 72.38 -17.42
C LYS S 258 47.40 73.01 -16.06
N TYR S 259 48.33 72.77 -15.13
CA TYR S 259 48.28 73.37 -13.80
C TYR S 259 46.99 73.04 -13.08
N ARG S 260 46.80 71.76 -12.77
CA ARG S 260 45.65 71.32 -11.97
C ARG S 260 45.42 72.23 -10.77
N GLY S 261 44.18 72.65 -10.58
CA GLY S 261 43.83 73.70 -9.67
C GLY S 261 43.36 74.96 -10.36
N ASP S 262 43.90 75.27 -11.54
CA ASP S 262 43.35 76.34 -12.37
C ASP S 262 41.93 76.00 -12.81
N PHE S 263 41.62 74.71 -12.93
CA PHE S 263 40.24 74.29 -13.16
C PHE S 263 39.34 74.74 -12.03
N GLU S 264 39.81 74.59 -10.79
CA GLU S 264 39.05 75.11 -9.64
C GLU S 264 38.94 76.63 -9.71
N LYS S 265 39.95 77.30 -10.26
CA LYS S 265 39.86 78.75 -10.44
C LYS S 265 38.78 79.11 -11.44
N ARG S 266 38.66 78.34 -12.53
CA ARG S 266 37.59 78.57 -13.50
C ARG S 266 36.23 78.33 -12.86
N PHE S 267 36.10 77.24 -12.09
CA PHE S 267 34.86 76.97 -11.38
C PHE S 267 34.48 78.15 -10.49
N LYS S 268 35.46 78.64 -9.70
CA LYS S 268 35.19 79.73 -8.76
C LYS S 268 34.87 81.02 -9.49
N ALA S 269 35.51 81.26 -10.64
CA ALA S 269 35.22 82.47 -11.39
C ALA S 269 33.80 82.45 -11.94
N LEU S 270 33.38 81.30 -12.48
CA LEU S 270 32.00 81.17 -12.94
C LEU S 270 31.02 81.32 -11.79
N LEU S 271 31.36 80.76 -10.63
CA LEU S 271 30.48 80.88 -9.48
C LEU S 271 30.37 82.32 -8.99
N LYS S 272 31.48 83.06 -9.03
CA LYS S 272 31.43 84.46 -8.63
C LYS S 272 30.64 85.29 -9.63
N GLN S 273 30.73 84.95 -10.92
CA GLN S 273 29.86 85.59 -11.91
C GLN S 273 28.39 85.34 -11.59
N LEU S 274 28.04 84.09 -11.32
CA LEU S 274 26.66 83.75 -10.96
C LEU S 274 26.23 84.49 -9.70
N GLU S 275 27.14 84.68 -8.75
CA GLU S 275 26.82 85.38 -7.51
C GLU S 275 26.57 86.86 -7.77
N GLN S 276 27.43 87.50 -8.57
CA GLN S 276 27.33 88.94 -8.76
C GLN S 276 26.13 89.29 -9.64
N ASP S 277 25.82 88.45 -10.63
CA ASP S 277 24.69 88.77 -11.50
C ASP S 277 23.36 88.58 -10.78
N THR S 278 23.06 87.36 -10.34
CA THR S 278 21.94 87.03 -9.46
C THR S 278 20.59 87.15 -10.18
N ASN S 279 20.60 87.71 -11.39
CA ASN S 279 19.44 87.65 -12.27
C ASN S 279 19.68 86.57 -13.32
N SER S 280 19.97 85.37 -12.83
CA SER S 280 20.43 84.30 -13.71
C SER S 280 20.22 82.96 -13.02
N ILE S 281 19.84 81.97 -13.81
CA ILE S 281 19.68 80.60 -13.36
C ILE S 281 20.44 79.69 -14.32
N LEU S 282 21.51 79.07 -13.84
CA LEU S 282 22.39 78.28 -14.68
C LEU S 282 21.81 76.89 -14.88
N PHE S 283 21.61 76.52 -16.14
CA PHE S 283 21.05 75.22 -16.49
C PHE S 283 22.19 74.27 -16.81
N ILE S 284 22.01 73.00 -16.44
CA ILE S 284 23.02 71.97 -16.63
C ILE S 284 22.32 70.69 -17.05
N ASP S 285 22.55 70.29 -18.30
CA ASP S 285 21.98 69.04 -18.80
C ASP S 285 22.91 67.88 -18.48
N GLU S 286 22.32 66.76 -18.09
CA GLU S 286 23.05 65.61 -17.56
C GLU S 286 23.90 66.03 -16.37
N ILE S 287 23.23 66.60 -15.36
CA ILE S 287 23.91 67.11 -14.17
C ILE S 287 24.67 66.00 -13.45
N HIS S 288 24.22 64.76 -13.58
CA HIS S 288 24.89 63.63 -12.93
C HIS S 288 26.34 63.45 -13.38
N THR S 289 26.69 63.90 -14.58
CA THR S 289 28.06 63.75 -15.07
C THR S 289 29.04 64.70 -14.38
N ILE S 290 28.56 65.57 -13.50
CA ILE S 290 29.43 66.55 -12.87
C ILE S 290 30.12 65.98 -11.63
N ILE S 291 29.45 65.10 -10.90
CA ILE S 291 30.01 64.51 -9.68
C ILE S 291 31.15 63.59 -10.09
N GLY S 292 32.37 63.94 -9.71
CA GLY S 292 33.54 63.17 -10.09
C GLY S 292 34.26 63.73 -11.30
N ALA S 303 33.75 71.85 -8.77
CA ALA S 303 32.92 70.69 -9.08
C ALA S 303 31.68 70.65 -8.19
N ALA S 304 31.20 69.43 -7.89
CA ALA S 304 30.00 69.29 -7.08
C ALA S 304 30.22 69.86 -5.68
N ASN S 305 31.34 69.49 -5.04
CA ASN S 305 31.65 70.00 -3.72
C ASN S 305 31.99 71.50 -3.74
N LEU S 306 32.21 72.07 -4.92
CA LEU S 306 32.45 73.51 -5.00
C LEU S 306 31.16 74.27 -5.24
N ILE S 307 30.18 73.65 -5.91
CA ILE S 307 28.92 74.34 -6.15
C ILE S 307 27.98 74.17 -4.97
N LYS S 308 28.15 73.10 -4.18
CA LYS S 308 27.34 72.90 -2.98
C LYS S 308 27.39 74.08 -2.00
N PRO S 309 28.52 74.75 -1.77
CA PRO S 309 28.49 75.95 -0.91
C PRO S 309 27.53 77.03 -1.39
N LEU S 310 27.46 77.29 -2.68
CA LEU S 310 26.61 78.36 -3.19
C LEU S 310 25.14 78.01 -3.12
N LEU S 311 24.79 76.74 -3.36
CA LEU S 311 23.41 76.32 -3.19
C LEU S 311 23.02 76.31 -1.72
N SER S 312 23.96 75.96 -0.84
CA SER S 312 23.67 75.97 0.60
C SER S 312 23.28 77.36 1.08
N SER S 313 23.79 78.40 0.44
CA SER S 313 23.37 79.76 0.72
C SER S 313 21.96 80.06 0.23
N GLY S 314 21.42 79.26 -0.69
CA GLY S 314 20.12 79.55 -1.27
C GLY S 314 20.08 80.82 -2.08
N LYS S 315 21.24 81.38 -2.42
CA LYS S 315 21.31 82.62 -3.18
C LYS S 315 21.31 82.37 -4.68
N ILE S 316 21.61 81.15 -5.12
CA ILE S 316 21.67 80.80 -6.53
C ILE S 316 20.62 79.74 -6.81
N ARG S 317 19.85 79.94 -7.89
CA ARG S 317 18.93 78.94 -8.39
C ARG S 317 19.50 78.37 -9.68
N VAL S 318 19.51 77.04 -9.78
CA VAL S 318 20.03 76.35 -10.95
C VAL S 318 18.98 75.33 -11.39
N ILE S 319 18.92 75.09 -12.70
CA ILE S 319 18.05 74.07 -13.27
C ILE S 319 18.86 72.81 -13.49
N GLY S 320 18.48 71.73 -12.79
CA GLY S 320 19.08 70.44 -13.00
C GLY S 320 18.27 69.58 -13.95
N SER S 321 18.99 68.74 -14.69
CA SER S 321 18.36 67.84 -15.65
C SER S 321 19.19 66.57 -15.75
N THR S 322 18.57 65.42 -15.56
CA THR S 322 19.26 64.14 -15.64
C THR S 322 18.28 63.10 -16.15
N THR S 323 18.74 61.85 -16.20
CA THR S 323 17.92 60.72 -16.58
C THR S 323 17.45 59.99 -15.33
N TYR S 324 16.36 59.23 -15.47
CA TYR S 324 15.84 58.44 -14.36
C TYR S 324 16.90 57.52 -13.76
N GLN S 325 17.69 56.86 -14.62
CA GLN S 325 18.68 55.90 -14.13
C GLN S 325 19.77 56.58 -13.32
N GLU S 326 20.44 57.58 -13.88
CA GLU S 326 21.51 58.24 -13.15
C GLU S 326 20.99 58.96 -11.91
N PHE S 327 19.79 59.54 -11.98
CA PHE S 327 19.19 60.15 -10.80
C PHE S 327 19.01 59.13 -9.70
N SER S 328 18.33 58.02 -10.00
CA SER S 328 18.09 56.98 -8.99
C SER S 328 19.40 56.36 -8.51
N ASN S 329 20.46 56.42 -9.33
CA ASN S 329 21.71 55.79 -8.95
C ASN S 329 22.52 56.67 -8.00
N ILE S 330 22.78 57.92 -8.39
CA ILE S 330 23.75 58.73 -7.67
C ILE S 330 23.05 59.84 -6.88
N PHE S 331 21.94 60.36 -7.40
CA PHE S 331 21.27 61.44 -6.70
C PHE S 331 20.45 60.90 -5.53
N GLU S 332 20.11 59.62 -5.55
CA GLU S 332 19.45 59.00 -4.42
C GLU S 332 20.43 58.53 -3.35
N LYS S 333 21.68 58.99 -3.40
CA LYS S 333 22.68 58.63 -2.41
C LYS S 333 23.06 59.79 -1.52
N ASP S 334 23.41 60.95 -2.08
CA ASP S 334 23.76 62.12 -1.29
C ASP S 334 22.49 62.91 -1.01
N ARG S 335 21.85 62.64 0.12
CA ARG S 335 20.68 63.40 0.51
C ARG S 335 21.03 64.83 0.93
N ALA S 336 22.30 65.07 1.27
CA ALA S 336 22.75 66.41 1.62
C ALA S 336 22.58 67.41 0.48
N LEU S 337 22.59 66.95 -0.77
CA LEU S 337 22.27 67.78 -1.92
C LEU S 337 20.86 67.56 -2.43
N ALA S 338 20.32 66.34 -2.28
CA ALA S 338 18.95 66.08 -2.69
C ALA S 338 17.96 66.89 -1.86
N ARG S 339 18.34 67.25 -0.64
CA ARG S 339 17.54 68.12 0.22
C ARG S 339 17.53 69.56 -0.27
N ARG S 340 18.26 69.87 -1.33
CA ARG S 340 18.33 71.21 -1.90
C ARG S 340 17.63 71.33 -3.24
N PHE S 341 17.35 70.21 -3.91
CA PHE S 341 16.68 70.19 -5.20
C PHE S 341 15.30 69.56 -5.06
N GLN S 342 14.39 69.94 -5.94
CA GLN S 342 13.07 69.32 -6.05
C GLN S 342 12.95 68.69 -7.44
N LYS S 343 12.71 67.38 -7.46
CA LYS S 343 12.59 66.67 -8.73
C LYS S 343 11.34 67.08 -9.48
N ILE S 344 11.41 67.02 -10.81
CA ILE S 344 10.25 67.20 -11.68
C ILE S 344 10.28 66.10 -12.72
N ASP S 345 9.21 65.31 -12.80
CA ASP S 345 9.15 64.18 -13.71
C ASP S 345 8.74 64.67 -15.10
N ILE S 346 9.52 64.28 -16.11
CA ILE S 346 9.20 64.56 -17.50
C ILE S 346 9.11 63.24 -18.25
N THR S 347 7.96 63.00 -18.87
CA THR S 347 7.68 61.75 -19.56
C THR S 347 7.59 61.99 -21.05
N GLU S 348 7.48 60.89 -21.79
CA GLU S 348 7.25 61.00 -23.22
C GLU S 348 5.83 61.50 -23.47
N PRO S 349 5.65 62.37 -24.47
CA PRO S 349 4.33 62.96 -24.71
C PRO S 349 3.37 61.95 -25.30
N SER S 350 2.15 62.42 -25.54
CA SER S 350 1.17 61.63 -26.29
C SER S 350 1.59 61.54 -27.75
N ILE S 351 0.96 60.62 -28.48
CA ILE S 351 1.30 60.41 -29.88
C ILE S 351 0.95 61.66 -30.70
N GLU S 352 -0.17 62.30 -30.37
CA GLU S 352 -0.61 63.46 -31.15
C GLU S 352 0.35 64.63 -30.98
N GLU S 353 0.66 65.00 -29.74
CA GLU S 353 1.63 66.08 -29.53
C GLU S 353 3.00 65.69 -30.05
N THR S 354 3.31 64.40 -30.05
CA THR S 354 4.58 63.95 -30.63
C THR S 354 4.63 64.22 -32.13
N VAL S 355 3.55 63.87 -32.84
CA VAL S 355 3.49 64.16 -34.27
C VAL S 355 3.51 65.66 -34.51
N GLN S 356 2.91 66.44 -33.60
CA GLN S 356 3.00 67.89 -33.71
C GLN S 356 4.45 68.36 -33.61
N ILE S 357 5.20 67.81 -32.66
CA ILE S 357 6.60 68.18 -32.49
C ILE S 357 7.39 67.78 -33.73
N ILE S 358 7.09 66.62 -34.29
CA ILE S 358 7.78 66.18 -35.51
C ILE S 358 7.46 67.11 -36.66
N ASN S 359 6.21 67.56 -36.76
CA ASN S 359 5.85 68.54 -37.79
C ASN S 359 6.64 69.83 -37.60
N GLY S 360 6.80 70.26 -36.35
CA GLY S 360 7.56 71.48 -36.09
C GLY S 360 9.03 71.34 -36.41
N LEU S 361 9.59 70.16 -36.18
CA LEU S 361 11.02 69.95 -36.38
C LEU S 361 11.38 69.48 -37.79
N LYS S 362 10.39 69.07 -38.59
CA LYS S 362 10.66 68.56 -39.92
C LYS S 362 11.30 69.57 -40.88
N PRO S 363 11.18 70.89 -40.72
CA PRO S 363 11.94 71.79 -41.60
C PRO S 363 13.44 71.55 -41.57
N LYS S 364 14.02 71.28 -40.41
CA LYS S 364 15.45 71.01 -40.33
C LYS S 364 15.83 69.81 -41.18
N TYR S 365 15.08 68.72 -41.07
CA TYR S 365 15.43 67.50 -41.80
C TYR S 365 15.09 67.61 -43.27
N GLU S 366 14.06 68.38 -43.62
CA GLU S 366 13.75 68.60 -45.02
C GLU S 366 14.81 69.48 -45.68
N ALA S 367 15.40 70.39 -44.91
CA ALA S 367 16.50 71.20 -45.45
C ALA S 367 17.78 70.38 -45.55
N HIS S 368 18.01 69.48 -44.60
CA HIS S 368 19.21 68.66 -44.64
C HIS S 368 19.16 67.62 -45.74
N HIS S 369 18.03 66.93 -45.88
CA HIS S 369 17.88 65.85 -46.85
C HIS S 369 17.30 66.29 -48.19
N ASP S 370 16.81 67.53 -48.28
CA ASP S 370 16.22 68.05 -49.52
C ASP S 370 15.05 67.17 -49.98
N VAL S 371 14.22 66.75 -49.02
CA VAL S 371 13.05 65.93 -49.28
C VAL S 371 11.86 66.55 -48.55
N ARG S 372 10.73 65.85 -48.61
CA ARG S 372 9.51 66.29 -47.95
C ARG S 372 8.72 65.08 -47.45
N TYR S 373 8.11 65.24 -46.28
CA TYR S 373 7.32 64.19 -45.66
C TYR S 373 5.86 64.60 -45.62
N THR S 374 4.99 63.64 -45.91
CA THR S 374 3.57 63.84 -45.71
C THR S 374 3.21 63.59 -44.25
N ALA S 375 2.11 64.22 -43.81
CA ALA S 375 1.70 64.09 -42.42
C ALA S 375 1.24 62.68 -42.11
N LYS S 376 0.53 62.03 -43.03
CA LYS S 376 0.13 60.64 -42.82
C LYS S 376 1.36 59.74 -42.71
N ALA S 377 2.43 60.08 -43.43
CA ALA S 377 3.68 59.35 -43.26
C ALA S 377 4.20 59.49 -41.84
N VAL S 378 4.12 60.71 -41.27
CA VAL S 378 4.58 60.92 -39.90
C VAL S 378 3.73 60.12 -38.91
N ARG S 379 2.40 60.15 -39.10
CA ARG S 379 1.52 59.40 -38.20
C ARG S 379 1.81 57.91 -38.26
N ALA S 380 1.92 57.35 -39.48
CA ALA S 380 2.23 55.93 -39.61
C ALA S 380 3.61 55.61 -39.05
N ALA S 381 4.55 56.55 -39.17
CA ALA S 381 5.88 56.34 -38.62
C ALA S 381 5.83 56.21 -37.11
N VAL S 382 5.15 57.14 -36.44
CA VAL S 382 5.05 57.07 -34.98
C VAL S 382 4.28 55.81 -34.56
N GLU S 383 3.27 55.43 -35.34
CA GLU S 383 2.52 54.22 -35.02
C GLU S 383 3.40 52.98 -35.10
N LEU S 384 4.10 52.80 -36.23
CA LEU S 384 4.99 51.65 -36.36
C LEU S 384 6.11 51.69 -35.33
N ALA S 385 6.53 52.88 -34.94
CA ALA S 385 7.60 53.00 -33.95
C ALA S 385 7.14 52.55 -32.58
N VAL S 386 5.95 52.97 -32.16
CA VAL S 386 5.44 52.52 -30.87
C VAL S 386 5.07 51.04 -30.92
N LYS S 387 4.75 50.53 -32.11
CA LYS S 387 4.39 49.11 -32.21
C LYS S 387 5.63 48.22 -32.14
N TYR S 388 6.69 48.54 -32.89
CA TYR S 388 7.82 47.64 -33.04
C TYR S 388 9.06 48.06 -32.29
N ILE S 389 9.53 49.29 -32.48
CA ILE S 389 10.75 49.77 -31.86
C ILE S 389 10.39 50.27 -30.46
N ASN S 390 10.47 49.38 -29.47
CA ASN S 390 10.07 49.70 -28.11
C ASN S 390 11.26 49.79 -27.16
N ASP S 391 12.48 49.89 -27.68
CA ASP S 391 13.68 50.06 -26.87
C ASP S 391 14.06 51.53 -26.78
N ARG S 392 13.20 52.40 -27.28
CA ARG S 392 13.44 53.84 -27.24
C ARG S 392 12.17 54.53 -26.78
N HIS S 393 12.29 55.80 -26.45
CA HIS S 393 11.16 56.62 -26.07
C HIS S 393 10.58 57.26 -27.34
N LEU S 394 9.44 57.93 -27.20
CA LEU S 394 8.70 58.34 -28.39
C LEU S 394 9.36 59.50 -29.14
N PRO S 395 9.59 60.68 -28.51
CA PRO S 395 10.05 61.81 -29.33
C PRO S 395 11.55 61.83 -29.58
N ASP S 396 12.14 60.66 -29.86
CA ASP S 396 13.44 60.61 -30.52
C ASP S 396 13.45 59.51 -31.56
N LYS S 397 12.60 58.50 -31.38
CA LYS S 397 12.61 57.34 -32.25
C LYS S 397 11.86 57.58 -33.55
N ALA S 398 10.71 58.23 -33.49
CA ALA S 398 10.07 58.68 -34.73
C ALA S 398 10.95 59.69 -35.47
N ILE S 399 11.68 60.52 -34.73
CA ILE S 399 12.64 61.43 -35.35
C ILE S 399 13.72 60.66 -36.07
N ASP S 400 14.23 59.58 -35.45
CA ASP S 400 15.25 58.77 -36.10
C ASP S 400 14.70 58.09 -37.36
N VAL S 401 13.47 57.58 -37.29
CA VAL S 401 12.84 57.00 -38.48
C VAL S 401 12.72 58.05 -39.58
N ILE S 402 12.35 59.27 -39.21
CA ILE S 402 12.21 60.34 -40.21
C ILE S 402 13.54 60.64 -40.86
N ASP S 403 14.60 60.75 -40.05
CA ASP S 403 15.92 61.07 -40.58
C ASP S 403 16.42 59.97 -41.51
N GLU S 404 16.27 58.71 -41.09
CA GLU S 404 16.74 57.61 -41.93
C GLU S 404 15.90 57.48 -43.20
N ALA S 405 14.60 57.76 -43.12
CA ALA S 405 13.76 57.72 -44.31
C ALA S 405 14.15 58.83 -45.28
N GLY S 406 14.46 60.01 -44.76
CA GLY S 406 14.96 61.07 -45.61
C GLY S 406 16.25 60.68 -46.30
N ALA S 407 17.18 60.10 -45.55
CA ALA S 407 18.43 59.63 -46.15
C ALA S 407 18.18 58.58 -47.22
N ARG S 408 17.27 57.65 -46.96
CA ARG S 408 16.96 56.60 -47.93
C ARG S 408 16.39 57.21 -49.20
N ALA S 409 15.31 58.00 -49.07
CA ALA S 409 14.71 58.63 -50.23
C ALA S 409 15.73 59.48 -50.99
N ARG S 410 16.69 60.07 -50.27
CA ARG S 410 17.78 60.75 -50.93
C ARG S 410 18.62 59.78 -51.75
N LEU S 411 18.81 58.56 -51.23
CA LEU S 411 19.66 57.60 -51.91
C LEU S 411 18.90 56.44 -52.52
N MET S 412 17.57 56.42 -52.40
CA MET S 412 16.74 55.39 -53.02
C MET S 412 16.98 55.32 -54.53
N PRO S 413 16.88 56.43 -55.27
CA PRO S 413 17.22 56.40 -56.68
C PRO S 413 18.67 56.80 -56.90
N VAL S 414 19.11 56.68 -58.15
CA VAL S 414 20.44 57.16 -58.53
C VAL S 414 20.42 58.66 -58.80
N SER S 415 19.30 59.17 -59.32
CA SER S 415 19.12 60.59 -59.51
C SER S 415 18.36 61.18 -58.32
N LYS S 416 18.37 62.51 -58.23
CA LYS S 416 17.66 63.21 -57.17
C LYS S 416 16.16 63.19 -57.47
N ARG S 417 15.53 62.10 -57.01
CA ARG S 417 14.13 61.85 -57.30
C ARG S 417 13.42 61.39 -56.04
N LYS S 418 12.09 61.35 -56.13
CA LYS S 418 11.23 60.92 -55.02
C LYS S 418 11.48 61.76 -53.77
N LYS S 419 11.53 63.08 -53.95
CA LYS S 419 11.67 63.98 -52.82
C LYS S 419 10.51 63.82 -51.84
N THR S 420 9.35 63.38 -52.33
CA THR S 420 8.24 63.05 -51.47
C THR S 420 8.35 61.59 -51.02
N VAL S 421 8.26 61.37 -49.71
CA VAL S 421 8.37 60.03 -49.14
C VAL S 421 6.96 59.49 -48.91
N ASN S 422 6.78 58.21 -49.22
CA ASN S 422 5.51 57.52 -49.00
C ASN S 422 5.57 56.73 -47.70
N VAL S 423 4.52 55.95 -47.45
CA VAL S 423 4.45 55.20 -46.19
C VAL S 423 5.26 53.91 -46.29
N ALA S 424 5.39 53.35 -47.48
CA ALA S 424 6.11 52.09 -47.64
C ALA S 424 7.59 52.24 -47.28
N ASP S 425 8.18 53.39 -47.61
CA ASP S 425 9.56 53.64 -47.20
C ASP S 425 9.66 53.72 -45.68
N ILE S 426 8.66 54.32 -45.03
CA ILE S 426 8.62 54.35 -43.57
C ILE S 426 8.59 52.93 -43.01
N GLU S 427 7.73 52.08 -43.57
CA GLU S 427 7.63 50.70 -43.10
C GLU S 427 8.95 49.96 -43.31
N SER S 428 9.58 50.16 -44.47
CA SER S 428 10.87 49.52 -44.74
C SER S 428 11.91 49.97 -43.73
N VAL S 429 11.94 51.27 -43.42
CA VAL S 429 12.91 51.79 -42.46
C VAL S 429 12.66 51.20 -41.07
N VAL S 430 11.39 51.15 -40.65
CA VAL S 430 11.07 50.63 -39.33
C VAL S 430 11.42 49.15 -39.23
N ALA S 431 11.19 48.40 -40.32
CA ALA S 431 11.59 47.00 -40.34
C ALA S 431 13.11 46.86 -40.31
N ARG S 432 13.82 47.79 -40.95
CA ARG S 432 15.27 47.74 -40.93
C ARG S 432 15.82 47.98 -39.54
N ILE S 433 15.27 48.98 -38.84
CA ILE S 433 15.78 49.32 -37.51
C ILE S 433 15.47 48.22 -36.51
N ALA S 434 14.21 47.78 -36.46
CA ALA S 434 13.76 46.80 -35.48
C ALA S 434 14.03 45.36 -35.90
N ARG S 435 14.40 45.13 -37.17
CA ARG S 435 14.69 43.79 -37.67
C ARG S 435 13.49 42.85 -37.48
N ILE S 436 12.35 43.28 -38.00
CA ILE S 436 11.07 42.62 -37.76
C ILE S 436 10.46 42.15 -39.08
N PRO S 437 9.50 41.21 -39.05
CA PRO S 437 8.77 40.82 -40.27
C PRO S 437 7.75 41.86 -40.69
N GLU S 438 8.20 42.82 -41.51
CA GLU S 438 7.39 43.92 -42.00
C GLU S 438 6.10 43.45 -42.66
N LYS S 439 5.15 44.35 -42.83
CA LYS S 439 3.81 44.00 -43.29
C LYS S 439 3.77 44.03 -44.82
N SER S 440 4.90 43.69 -45.44
CA SER S 440 4.96 43.51 -46.89
C SER S 440 4.59 42.08 -47.29
N VAL S 441 3.62 41.94 -48.19
CA VAL S 441 3.14 40.63 -48.61
C VAL S 441 4.30 39.80 -49.14
N SER S 442 5.30 40.46 -49.72
CA SER S 442 6.57 39.81 -50.05
C SER S 442 6.36 38.61 -50.96
N GLN S 443 5.94 38.85 -52.21
CA GLN S 443 5.63 37.77 -53.14
C GLN S 443 6.76 36.75 -53.21
N SER S 444 7.99 37.18 -52.92
CA SER S 444 9.12 36.25 -52.89
C SER S 444 9.10 35.42 -51.61
N ASP S 445 8.32 35.87 -50.62
CA ASP S 445 8.20 35.12 -49.37
C ASP S 445 6.84 34.46 -49.20
N ARG S 446 5.74 35.12 -49.63
CA ARG S 446 4.42 34.52 -49.47
C ARG S 446 4.30 33.21 -50.24
N ASP S 447 5.08 33.04 -51.30
CA ASP S 447 5.20 31.76 -51.98
C ASP S 447 5.77 30.67 -51.09
N THR S 448 6.66 31.01 -50.16
CA THR S 448 7.10 30.07 -49.14
C THR S 448 6.08 29.92 -48.02
N LEU S 449 5.38 30.99 -47.67
CA LEU S 449 4.36 30.89 -46.63
C LEU S 449 3.25 29.93 -47.04
N LYS S 450 2.84 29.96 -48.31
CA LYS S 450 1.83 29.03 -48.77
C LYS S 450 2.36 27.61 -48.90
N ASN S 451 3.65 27.46 -49.21
CA ASN S 451 4.24 26.16 -49.50
C ASN S 451 4.87 25.51 -48.27
N LEU S 452 4.83 26.18 -47.12
CA LEU S 452 5.46 25.66 -45.91
C LEU S 452 4.90 24.29 -45.52
N GLY S 453 3.57 24.15 -45.51
CA GLY S 453 2.99 22.88 -45.14
C GLY S 453 3.35 21.76 -46.09
N ASP S 454 3.22 21.99 -47.40
CA ASP S 454 3.60 21.00 -48.39
C ASP S 454 5.07 20.64 -48.31
N ARG S 455 5.91 21.59 -47.90
CA ARG S 455 7.34 21.30 -47.78
C ARG S 455 7.63 20.47 -46.54
N LEU S 456 6.99 20.81 -45.42
CA LEU S 456 7.22 20.08 -44.17
C LEU S 456 6.69 18.66 -44.27
N LYS S 457 5.60 18.46 -45.03
CA LYS S 457 5.08 17.11 -45.18
C LYS S 457 5.95 16.24 -46.08
N MET S 458 6.95 16.82 -46.75
CA MET S 458 7.90 16.04 -47.52
C MET S 458 9.06 15.52 -46.68
N LEU S 459 9.25 16.04 -45.47
CA LEU S 459 10.35 15.66 -44.59
C LEU S 459 9.87 15.09 -43.27
N VAL S 460 8.67 15.44 -42.84
CA VAL S 460 8.02 14.85 -41.68
C VAL S 460 6.75 14.17 -42.16
N PHE S 461 6.77 12.85 -42.21
CA PHE S 461 5.64 12.07 -42.67
C PHE S 461 4.74 11.73 -41.49
N GLY S 462 3.45 11.65 -41.73
CA GLY S 462 2.50 11.52 -40.65
C GLY S 462 2.46 12.77 -39.80
N GLN S 463 1.60 12.73 -38.79
CA GLN S 463 1.44 13.85 -37.85
C GLN S 463 1.23 15.18 -38.57
N ASP S 464 0.36 15.19 -39.59
CA ASP S 464 0.16 16.42 -40.35
C ASP S 464 -0.48 17.51 -39.50
N LYS S 465 -1.13 17.16 -38.40
CA LYS S 465 -1.77 18.16 -37.55
C LYS S 465 -0.76 19.11 -36.94
N ALA S 466 0.41 18.61 -36.56
CA ALA S 466 1.45 19.48 -36.02
C ALA S 466 1.93 20.48 -37.07
N ILE S 467 2.18 20.00 -38.29
CA ILE S 467 2.57 20.90 -39.37
C ILE S 467 1.49 21.93 -39.61
N GLU S 468 0.22 21.51 -39.57
CA GLU S 468 -0.88 22.43 -39.79
C GLU S 468 -0.92 23.50 -38.71
N ALA S 469 -0.77 23.11 -37.45
CA ALA S 469 -0.79 24.08 -36.37
C ALA S 469 0.36 25.07 -36.49
N LEU S 470 1.57 24.57 -36.75
CA LEU S 470 2.72 25.46 -36.92
C LEU S 470 2.50 26.44 -38.06
N THR S 471 2.08 25.93 -39.22
CA THR S 471 1.88 26.78 -40.38
C THR S 471 0.78 27.80 -40.13
N GLU S 472 -0.30 27.40 -39.47
CA GLU S 472 -1.37 28.32 -39.16
C GLU S 472 -0.88 29.44 -38.27
N ALA S 473 -0.10 29.11 -37.24
CA ALA S 473 0.43 30.16 -36.36
C ALA S 473 1.35 31.10 -37.12
N ILE S 474 2.24 30.55 -37.95
CA ILE S 474 3.18 31.37 -38.69
C ILE S 474 2.44 32.31 -39.64
N LYS S 475 1.45 31.77 -40.38
CA LYS S 475 0.72 32.59 -41.34
C LYS S 475 -0.10 33.65 -40.64
N MET S 476 -0.76 33.29 -39.52
CA MET S 476 -1.55 34.26 -38.79
C MET S 476 -0.68 35.37 -38.22
N ALA S 477 0.52 35.04 -37.76
CA ALA S 477 1.41 36.06 -37.26
C ALA S 477 1.94 36.94 -38.39
N ARG S 478 2.25 36.34 -39.53
CA ARG S 478 2.79 37.11 -40.64
C ARG S 478 1.74 38.05 -41.22
N ALA S 479 0.49 37.61 -41.27
CA ALA S 479 -0.59 38.47 -41.75
C ALA S 479 -0.83 39.62 -40.79
N GLY S 480 -0.56 39.43 -39.51
CA GLY S 480 -0.70 40.48 -38.52
C GLY S 480 -1.70 40.20 -37.42
N LEU S 481 -2.34 39.03 -37.41
CA LEU S 481 -3.33 38.71 -36.39
C LEU S 481 -2.68 37.99 -35.20
N GLY S 482 -1.62 38.61 -34.69
CA GLY S 482 -0.89 38.03 -33.58
C GLY S 482 -1.08 38.79 -32.28
N HIS S 483 0.02 39.02 -31.57
CA HIS S 483 -0.02 39.79 -30.33
C HIS S 483 1.31 40.50 -30.17
N GLU S 484 1.25 41.78 -29.81
CA GLU S 484 2.44 42.63 -29.81
C GLU S 484 3.34 42.40 -28.60
N HIS S 485 2.97 41.51 -27.68
CA HIS S 485 3.82 41.18 -26.53
C HIS S 485 3.80 39.69 -26.25
N LYS S 486 3.58 38.87 -27.27
CA LYS S 486 3.55 37.42 -27.14
C LYS S 486 4.42 36.81 -28.23
N PRO S 487 4.97 35.63 -27.98
CA PRO S 487 5.74 34.94 -29.02
C PRO S 487 4.85 34.58 -30.20
N VAL S 488 5.51 34.33 -31.35
CA VAL S 488 4.78 33.92 -32.54
C VAL S 488 3.91 32.71 -32.25
N GLY S 489 4.45 31.76 -31.49
CA GLY S 489 3.69 30.59 -31.10
C GLY S 489 4.40 29.85 -29.99
N SER S 490 3.61 29.45 -29.00
CA SER S 490 4.13 28.72 -27.85
C SER S 490 3.53 27.34 -27.86
N PHE S 491 4.24 26.38 -28.44
CA PHE S 491 3.75 25.02 -28.64
C PHE S 491 4.45 24.07 -27.69
N LEU S 492 3.73 23.03 -27.28
CA LEU S 492 4.30 21.93 -26.50
C LEU S 492 4.06 20.64 -27.26
N PHE S 493 5.14 20.00 -27.71
CA PHE S 493 5.05 18.78 -28.50
C PHE S 493 5.20 17.59 -27.56
N ALA S 494 4.14 16.81 -27.44
CA ALA S 494 4.15 15.60 -26.64
C ALA S 494 3.71 14.42 -27.50
N GLY S 495 4.02 13.22 -27.02
CA GLY S 495 3.66 12.02 -27.73
C GLY S 495 4.69 10.93 -27.56
N PRO S 496 4.47 9.80 -28.23
CA PRO S 496 5.44 8.70 -28.17
C PRO S 496 6.79 9.11 -28.74
N THR S 497 7.79 8.28 -28.47
CA THR S 497 9.15 8.61 -28.83
C THR S 497 9.45 8.26 -30.28
N GLY S 498 10.38 9.01 -30.87
CA GLY S 498 10.79 8.75 -32.23
C GLY S 498 9.72 8.98 -33.27
N VAL S 499 8.91 10.02 -33.10
CA VAL S 499 7.82 10.30 -34.02
C VAL S 499 7.97 11.64 -34.71
N GLY S 500 8.99 12.43 -34.37
CA GLY S 500 9.21 13.68 -35.06
C GLY S 500 8.92 14.93 -34.27
N LYS S 501 9.04 14.88 -32.94
CA LYS S 501 8.80 16.08 -32.15
C LYS S 501 9.91 17.10 -32.34
N THR S 502 11.16 16.68 -32.22
CA THR S 502 12.29 17.56 -32.48
C THR S 502 12.56 17.74 -33.97
N GLU S 503 12.29 16.72 -34.77
CA GLU S 503 12.64 16.78 -36.18
C GLU S 503 11.81 17.80 -36.92
N VAL S 504 10.52 17.89 -36.59
CA VAL S 504 9.67 18.87 -37.28
C VAL S 504 10.10 20.28 -36.91
N THR S 505 10.57 20.50 -35.68
CA THR S 505 11.05 21.83 -35.33
C THR S 505 12.34 22.16 -36.06
N VAL S 506 13.26 21.20 -36.15
CA VAL S 506 14.50 21.43 -36.89
C VAL S 506 14.19 21.73 -38.36
N GLN S 507 13.25 20.98 -38.94
CA GLN S 507 12.91 21.20 -40.34
C GLN S 507 12.20 22.53 -40.54
N LEU S 508 11.38 22.94 -39.58
CA LEU S 508 10.71 24.24 -39.67
C LEU S 508 11.74 25.37 -39.62
N SER S 509 12.74 25.24 -38.75
CA SER S 509 13.81 26.24 -38.72
C SER S 509 14.59 26.24 -40.02
N LYS S 510 14.80 25.06 -40.63
CA LYS S 510 15.51 25.01 -41.90
C LYS S 510 14.72 25.68 -43.01
N ALA S 511 13.41 25.43 -43.07
CA ALA S 511 12.60 25.94 -44.16
C ALA S 511 12.52 27.45 -44.15
N LEU S 512 12.25 28.06 -43.00
CA LEU S 512 12.19 29.50 -42.90
C LEU S 512 13.55 30.18 -43.01
N GLY S 513 14.63 29.40 -43.09
CA GLY S 513 15.95 29.96 -43.21
C GLY S 513 16.40 30.78 -42.03
N ILE S 514 15.79 30.58 -40.87
CA ILE S 514 16.11 31.35 -39.68
C ILE S 514 16.87 30.46 -38.71
N GLU S 515 17.53 31.10 -37.75
CA GLU S 515 18.34 30.38 -36.79
C GLU S 515 17.49 29.45 -35.94
N LEU S 516 18.06 28.31 -35.59
CA LEU S 516 17.44 27.38 -34.65
C LEU S 516 18.20 27.45 -33.33
N LEU S 517 17.54 27.96 -32.30
CA LEU S 517 18.12 28.07 -30.98
C LEU S 517 17.78 26.82 -30.19
N ARG S 518 18.67 25.84 -30.20
CA ARG S 518 18.47 24.57 -29.53
C ARG S 518 18.97 24.68 -28.10
N PHE S 519 18.06 24.55 -27.14
CA PHE S 519 18.44 24.50 -25.73
C PHE S 519 17.98 23.17 -25.17
N ASP S 520 18.93 22.30 -24.87
CA ASP S 520 18.65 20.99 -24.30
C ASP S 520 18.35 21.18 -22.83
N MET S 521 17.06 21.13 -22.47
CA MET S 521 16.65 21.45 -21.11
C MET S 521 17.13 20.43 -20.10
N SER S 522 17.67 19.30 -20.54
CA SER S 522 18.19 18.31 -19.60
C SER S 522 19.42 18.80 -18.86
N GLU S 523 20.03 19.90 -19.30
CA GLU S 523 21.17 20.50 -18.61
C GLU S 523 20.75 21.45 -17.52
N TYR S 524 19.45 21.73 -17.37
CA TYR S 524 19.00 22.76 -16.45
C TYR S 524 18.11 22.16 -15.37
N MET S 525 18.56 21.06 -14.77
CA MET S 525 17.81 20.38 -13.73
C MET S 525 18.05 20.95 -12.34
N GLU S 526 18.79 22.06 -12.22
CA GLU S 526 19.08 22.64 -10.92
C GLU S 526 18.63 24.10 -10.89
N ARG S 527 18.14 24.53 -9.73
CA ARG S 527 17.56 25.85 -9.59
C ARG S 527 18.57 26.96 -9.84
N HIS S 528 19.87 26.67 -9.72
CA HIS S 528 20.86 27.72 -9.95
C HIS S 528 21.46 27.68 -11.35
N THR S 529 21.00 26.78 -12.22
CA THR S 529 21.43 26.78 -13.61
C THR S 529 20.76 27.87 -14.43
N VAL S 530 19.72 28.52 -13.88
CA VAL S 530 19.12 29.65 -14.56
C VAL S 530 20.09 30.82 -14.67
N SER S 531 21.22 30.76 -13.97
CA SER S 531 22.29 31.73 -14.19
C SER S 531 22.89 31.59 -15.57
N ARG S 532 22.61 30.49 -16.27
CA ARG S 532 22.99 30.37 -17.67
C ARG S 532 21.94 30.97 -18.60
N LEU S 533 20.67 31.02 -18.18
CA LEU S 533 19.61 31.59 -19.00
C LEU S 533 19.48 33.09 -18.82
N ILE S 534 19.30 33.57 -17.60
CA ILE S 534 19.17 34.98 -17.32
C ILE S 534 20.51 35.69 -17.34
N GLY S 535 21.55 35.03 -16.83
CA GLY S 535 22.87 35.63 -16.79
C GLY S 535 23.46 35.64 -15.40
N ALA S 536 24.78 35.84 -15.33
CA ALA S 536 25.46 35.91 -14.05
C ALA S 536 25.01 37.14 -13.27
N PRO S 537 25.14 37.12 -11.95
CA PRO S 537 24.84 38.30 -11.13
C PRO S 537 25.81 39.43 -11.40
N PRO S 538 25.75 40.53 -10.63
CA PRO S 538 26.75 41.61 -10.80
C PRO S 538 28.19 41.15 -10.92
N GLY S 539 28.48 39.88 -10.69
CA GLY S 539 29.81 39.32 -10.88
C GLY S 539 30.37 38.68 -9.64
N TYR S 540 30.41 37.35 -9.66
CA TYR S 540 30.92 36.55 -8.55
C TYR S 540 32.17 35.79 -8.94
N VAL S 541 32.11 35.03 -10.04
CA VAL S 541 33.32 34.47 -10.66
C VAL S 541 33.50 34.99 -12.08
N GLY S 542 32.42 35.31 -12.78
CA GLY S 542 32.52 35.91 -14.10
C GLY S 542 31.15 36.27 -14.60
N PHE S 543 31.05 37.50 -15.10
CA PHE S 543 29.77 38.01 -15.58
C PHE S 543 29.94 38.68 -16.92
N ASP S 544 31.15 38.59 -17.50
CA ASP S 544 31.36 38.98 -18.89
C ASP S 544 30.96 37.83 -19.81
N GLN S 545 29.80 37.26 -19.48
CA GLN S 545 29.16 36.20 -20.24
C GLN S 545 27.69 36.20 -19.86
N GLY S 546 26.84 36.79 -20.69
CA GLY S 546 25.44 36.98 -20.36
C GLY S 546 24.69 35.67 -20.31
N GLY S 547 23.39 35.78 -20.05
CA GLY S 547 22.54 34.62 -20.10
C GLY S 547 22.47 34.04 -21.50
N LEU S 548 22.69 32.73 -21.57
CA LEU S 548 22.69 32.05 -22.88
C LEU S 548 21.37 32.28 -23.61
N LEU S 549 20.25 32.18 -22.92
CA LEU S 549 18.95 32.35 -23.57
C LEU S 549 18.76 33.78 -24.06
N THR S 550 18.93 34.75 -23.18
CA THR S 550 18.69 36.14 -23.56
C THR S 550 19.69 36.61 -24.61
N ASP S 551 20.96 36.22 -24.46
CA ASP S 551 21.97 36.61 -25.43
C ASP S 551 21.68 35.98 -26.78
N ALA S 552 21.28 34.71 -26.79
CA ALA S 552 20.94 34.04 -28.05
C ALA S 552 19.74 34.69 -28.72
N VAL S 553 18.74 35.09 -27.93
CA VAL S 553 17.54 35.70 -28.50
C VAL S 553 17.85 37.09 -29.05
N ILE S 554 18.64 37.88 -28.30
CA ILE S 554 19.03 39.19 -28.79
C ILE S 554 19.88 39.06 -30.04
N LYS S 555 20.66 37.98 -30.13
CA LYS S 555 21.48 37.77 -31.32
C LYS S 555 20.62 37.42 -32.52
N HIS S 556 19.47 36.78 -32.31
CA HIS S 556 18.60 36.32 -33.38
C HIS S 556 17.15 36.61 -33.01
N PRO S 557 16.65 37.81 -33.32
CA PRO S 557 15.25 38.13 -33.01
C PRO S 557 14.26 37.32 -33.81
N HIS S 558 14.67 36.67 -34.89
CA HIS S 558 13.77 35.92 -35.75
C HIS S 558 13.91 34.41 -35.57
N ALA S 559 14.71 33.96 -34.62
CA ALA S 559 15.06 32.55 -34.54
C ALA S 559 13.87 31.70 -34.09
N VAL S 560 14.04 30.39 -34.21
CA VAL S 560 13.09 29.41 -33.67
C VAL S 560 13.68 28.85 -32.39
N LEU S 561 12.96 29.04 -31.29
CA LEU S 561 13.43 28.63 -29.97
C LEU S 561 12.99 27.21 -29.69
N LEU S 562 13.95 26.30 -29.56
CA LEU S 562 13.68 24.90 -29.28
C LEU S 562 14.18 24.57 -27.89
N LEU S 563 13.29 24.10 -27.02
CA LEU S 563 13.63 23.71 -25.66
C LEU S 563 13.38 22.21 -25.53
N ASP S 564 14.37 21.40 -25.88
CA ASP S 564 14.23 19.96 -25.87
C ASP S 564 14.02 19.44 -24.45
N GLU S 565 13.08 18.51 -24.32
CA GLU S 565 12.81 17.83 -23.06
C GLU S 565 12.54 18.84 -21.94
N ILE S 566 11.45 19.58 -22.11
CA ILE S 566 11.14 20.66 -21.17
C ILE S 566 10.78 20.11 -19.80
N GLU S 567 10.26 18.88 -19.74
CA GLU S 567 9.80 18.36 -18.46
C GLU S 567 10.93 18.07 -17.49
N LYS S 568 12.18 18.11 -17.95
CA LYS S 568 13.32 17.78 -17.11
C LYS S 568 14.01 19.00 -16.53
N ALA S 569 13.69 20.20 -17.01
CA ALA S 569 14.25 21.40 -16.42
C ALA S 569 13.66 21.65 -15.04
N HIS S 570 14.38 22.44 -14.24
CA HIS S 570 13.89 22.76 -12.91
C HIS S 570 12.70 23.71 -13.00
N PRO S 571 11.74 23.62 -12.08
CA PRO S 571 10.56 24.49 -12.15
C PRO S 571 10.86 25.98 -12.21
N ASP S 572 12.07 26.41 -11.84
CA ASP S 572 12.40 27.83 -12.01
C ASP S 572 12.50 28.19 -13.49
N VAL S 573 12.96 27.25 -14.31
CA VAL S 573 12.89 27.44 -15.75
C VAL S 573 11.44 27.58 -16.19
N PHE S 574 10.52 26.89 -15.53
CA PHE S 574 9.11 27.07 -15.86
C PHE S 574 8.63 28.48 -15.52
N ASN S 575 9.13 29.06 -14.42
CA ASN S 575 8.77 30.44 -14.12
C ASN S 575 9.34 31.41 -15.15
N ILE S 576 10.59 31.21 -15.55
CA ILE S 576 11.17 32.01 -16.63
C ILE S 576 10.32 31.89 -17.89
N LEU S 577 9.87 30.68 -18.20
CA LEU S 577 9.08 30.45 -19.40
C LEU S 577 7.73 31.12 -19.31
N LEU S 578 7.09 31.06 -18.14
CA LEU S 578 5.82 31.75 -17.96
C LEU S 578 5.98 33.26 -18.12
N GLN S 579 7.06 33.82 -17.55
CA GLN S 579 7.30 35.24 -17.70
C GLN S 579 7.47 35.62 -19.16
N VAL S 580 8.29 34.88 -19.89
CA VAL S 580 8.58 35.23 -21.28
C VAL S 580 7.36 34.97 -22.16
N MET S 581 6.53 34.01 -21.79
CA MET S 581 5.35 33.70 -22.59
C MET S 581 4.21 34.65 -22.31
N ASP S 582 4.23 35.29 -21.14
CA ASP S 582 3.19 36.27 -20.81
C ASP S 582 3.56 37.66 -21.32
N ASN S 583 4.81 38.07 -21.15
CA ASN S 583 5.22 39.41 -21.52
C ASN S 583 5.95 39.47 -22.85
N GLY S 584 6.27 38.34 -23.48
CA GLY S 584 6.98 38.37 -24.74
C GLY S 584 8.35 38.97 -24.67
N THR S 585 8.86 39.27 -23.48
CA THR S 585 10.16 39.89 -23.31
C THR S 585 10.85 39.25 -22.12
N LEU S 586 12.13 39.55 -21.97
CA LEU S 586 12.90 39.06 -20.85
C LEU S 586 14.00 40.06 -20.52
N THR S 587 14.32 40.18 -19.24
CA THR S 587 15.26 41.17 -18.76
C THR S 587 16.53 40.46 -18.29
N ASP S 588 17.67 40.86 -18.86
CA ASP S 588 18.94 40.29 -18.46
C ASP S 588 19.31 40.76 -17.07
N ASN S 589 20.34 40.13 -16.49
CA ASN S 589 20.77 40.51 -15.15
C ASN S 589 21.57 41.80 -15.15
N ASN S 590 22.22 42.14 -16.26
CA ASN S 590 22.92 43.41 -16.37
C ASN S 590 22.05 44.51 -16.94
N GLY S 591 20.76 44.26 -17.13
CA GLY S 591 19.83 45.26 -17.60
C GLY S 591 19.42 45.15 -19.05
N ARG S 592 20.01 44.23 -19.80
CA ARG S 592 19.62 44.07 -21.20
C ARG S 592 18.21 43.53 -21.31
N LYS S 593 17.60 43.76 -22.47
CA LYS S 593 16.19 43.46 -22.69
C LYS S 593 16.06 42.54 -23.91
N ALA S 594 15.34 41.43 -23.74
CA ALA S 594 15.14 40.48 -24.82
C ALA S 594 13.77 40.68 -25.46
N ASP S 595 13.69 40.37 -26.75
CA ASP S 595 12.46 40.52 -27.53
C ASP S 595 12.07 39.15 -28.08
N PHE S 596 10.89 38.69 -27.70
CA PHE S 596 10.42 37.37 -28.13
C PHE S 596 9.21 37.43 -29.05
N ARG S 597 8.81 38.62 -29.49
CA ARG S 597 7.62 38.73 -30.33
C ARG S 597 7.80 38.06 -31.67
N ASN S 598 9.03 38.00 -32.18
CA ASN S 598 9.33 37.36 -33.46
C ASN S 598 10.00 36.01 -33.30
N VAL S 599 9.72 35.30 -32.21
CA VAL S 599 10.32 34.00 -31.93
C VAL S 599 9.22 32.95 -31.84
N VAL S 600 9.47 31.79 -32.45
CA VAL S 600 8.55 30.65 -32.34
C VAL S 600 9.05 29.74 -31.22
N LEU S 601 8.26 29.62 -30.16
CA LEU S 601 8.67 28.90 -28.96
C LEU S 601 8.09 27.49 -29.01
N VAL S 602 8.95 26.51 -29.29
CA VAL S 602 8.57 25.11 -29.38
C VAL S 602 9.32 24.35 -28.30
N MET S 603 8.59 23.65 -27.44
CA MET S 603 9.16 22.82 -26.41
C MET S 603 8.64 21.40 -26.55
N THR S 604 9.56 20.45 -26.71
CA THR S 604 9.22 19.05 -26.83
C THR S 604 9.36 18.38 -25.46
N THR S 605 8.64 17.27 -25.29
CA THR S 605 8.66 16.57 -24.02
C THR S 605 8.20 15.14 -24.22
N ASN S 606 8.48 14.29 -23.22
CA ASN S 606 8.03 12.91 -23.19
C ASN S 606 7.41 12.55 -21.85
N ALA S 607 6.55 13.43 -21.30
CA ALA S 607 6.11 13.28 -19.93
C ALA S 607 5.43 11.93 -19.69
N GLY S 608 4.50 11.56 -20.57
CA GLY S 608 3.78 10.32 -20.44
C GLY S 608 4.17 9.23 -21.40
N VAL S 609 5.41 9.23 -21.90
CA VAL S 609 5.80 8.27 -22.93
C VAL S 609 5.75 6.85 -22.39
N ARG S 610 5.93 6.70 -21.07
CA ARG S 610 5.89 5.36 -20.49
C ARG S 610 4.51 4.74 -20.59
N GLU S 611 3.46 5.57 -20.64
CA GLU S 611 2.11 5.04 -20.80
C GLU S 611 1.91 4.45 -22.19
N THR S 612 2.56 5.00 -23.21
CA THR S 612 2.41 4.52 -24.57
C THR S 612 3.24 3.26 -24.84
N GLU S 613 4.34 3.06 -24.13
CA GLU S 613 5.14 1.86 -24.31
C GLU S 613 4.61 0.68 -23.52
N ARG S 614 3.63 0.91 -22.65
CA ARG S 614 3.08 -0.14 -21.82
C ARG S 614 2.06 -0.96 -22.59
N LYS S 615 1.98 -2.25 -22.27
CA LYS S 615 0.96 -3.14 -22.81
C LYS S 615 -0.02 -3.51 -21.71
N SER S 616 -1.31 -3.36 -22.00
CA SER S 616 -2.33 -3.68 -21.02
C SER S 616 -2.46 -5.20 -20.87
N ILE S 617 -3.26 -5.61 -19.89
CA ILE S 617 -3.54 -7.01 -19.65
C ILE S 617 -4.84 -7.34 -20.39
N GLY S 618 -4.83 -8.44 -21.11
CA GLY S 618 -6.02 -8.89 -21.80
C GLY S 618 -5.68 -9.30 -23.22
N LEU S 619 -6.70 -9.87 -23.89
CA LEU S 619 -6.50 -10.34 -25.25
C LEU S 619 -6.34 -9.20 -26.23
N ILE S 620 -6.87 -8.02 -25.91
CA ILE S 620 -6.85 -6.87 -26.80
C ILE S 620 -6.08 -5.75 -26.12
N HIS S 621 -5.01 -5.31 -26.75
CA HIS S 621 -4.26 -4.17 -26.21
C HIS S 621 -5.04 -2.88 -26.43
N GLN S 622 -5.10 -2.07 -25.38
CA GLN S 622 -5.89 -0.85 -25.40
C GLN S 622 -5.01 0.35 -25.75
N ASP S 623 -5.67 1.43 -26.15
CA ASP S 623 -5.00 2.68 -26.46
C ASP S 623 -4.81 3.47 -25.17
N ASN S 624 -3.55 3.56 -24.70
CA ASN S 624 -3.23 4.24 -23.47
C ASN S 624 -2.88 5.71 -23.69
N SER S 625 -3.28 6.29 -24.82
CA SER S 625 -3.01 7.69 -25.10
C SER S 625 -3.64 8.62 -24.07
N THR S 626 -4.85 8.32 -23.62
CA THR S 626 -5.51 9.16 -22.64
C THR S 626 -4.79 9.19 -21.30
N ASP S 627 -4.23 8.06 -20.86
CA ASP S 627 -3.41 8.07 -19.66
C ASP S 627 -2.17 8.93 -19.85
N ALA S 628 -1.59 8.91 -21.05
CA ALA S 628 -0.44 9.76 -21.33
C ALA S 628 -0.82 11.23 -21.26
N MET S 629 -1.99 11.59 -21.78
CA MET S 629 -2.45 12.97 -21.66
C MET S 629 -2.70 13.34 -20.21
N GLU S 630 -3.22 12.40 -19.40
CA GLU S 630 -3.39 12.66 -17.98
C GLU S 630 -2.06 12.91 -17.31
N GLU S 631 -1.04 12.13 -17.66
CA GLU S 631 0.30 12.36 -17.14
C GLU S 631 0.84 13.72 -17.55
N ILE S 632 0.65 14.11 -18.81
CA ILE S 632 1.13 15.41 -19.26
C ILE S 632 0.45 16.52 -18.48
N LYS S 633 -0.86 16.41 -18.27
CA LYS S 633 -1.57 17.40 -17.47
C LYS S 633 -1.11 17.41 -16.01
N LYS S 634 -0.72 16.25 -15.48
CA LYS S 634 -0.19 16.20 -14.12
C LYS S 634 1.21 16.75 -14.02
N ILE S 635 1.95 16.81 -15.12
CA ILE S 635 3.30 17.39 -15.13
C ILE S 635 3.26 18.91 -15.21
N PHE S 636 2.49 19.44 -16.17
CA PHE S 636 2.41 20.88 -16.38
C PHE S 636 1.15 21.41 -15.71
N THR S 637 1.32 22.42 -14.88
CA THR S 637 0.20 23.04 -14.17
C THR S 637 -0.77 23.66 -15.16
N PRO S 638 -2.06 23.68 -14.84
CA PRO S 638 -3.04 24.35 -15.72
C PRO S 638 -2.70 25.79 -16.00
N GLU S 639 -2.04 26.48 -15.06
CA GLU S 639 -1.56 27.82 -15.34
C GLU S 639 -0.58 27.84 -16.49
N PHE S 640 0.28 26.83 -16.62
CA PHE S 640 1.21 26.75 -17.74
C PHE S 640 0.51 26.32 -19.02
N ARG S 641 -0.35 25.31 -18.92
CA ARG S 641 -1.02 24.80 -20.11
C ARG S 641 -1.95 25.84 -20.71
N ASN S 642 -2.48 26.75 -19.88
CA ASN S 642 -3.38 27.79 -20.38
C ASN S 642 -2.65 28.94 -21.07
N ARG S 643 -1.32 28.95 -21.07
CA ARG S 643 -0.56 30.00 -21.74
C ARG S 643 -0.09 29.57 -23.13
N LEU S 644 -0.25 28.30 -23.47
CA LEU S 644 0.26 27.73 -24.71
C LEU S 644 -0.73 27.99 -25.84
N ASP S 645 -0.22 27.85 -27.07
CA ASP S 645 -1.10 27.92 -28.23
C ASP S 645 -1.80 26.60 -28.49
N ASN S 646 -1.08 25.48 -28.29
CA ASN S 646 -1.62 24.15 -28.50
C ASN S 646 -0.73 23.14 -27.82
N ILE S 647 -1.34 22.06 -27.34
CA ILE S 647 -0.61 20.89 -26.88
C ILE S 647 -0.75 19.84 -27.97
N ILE S 648 0.19 19.82 -28.90
CA ILE S 648 0.12 18.98 -30.09
C ILE S 648 0.52 17.57 -29.68
N TRP S 649 -0.46 16.71 -29.47
CA TRP S 649 -0.20 15.32 -29.13
C TRP S 649 0.09 14.55 -30.40
N PHE S 650 1.36 14.21 -30.61
CA PHE S 650 1.74 13.38 -31.73
C PHE S 650 1.22 11.96 -31.50
N ASP S 651 0.93 11.27 -32.60
CA ASP S 651 0.44 9.90 -32.53
C ASP S 651 1.49 8.94 -33.04
N HIS S 652 1.28 7.65 -32.82
CA HIS S 652 2.23 6.64 -33.28
C HIS S 652 2.24 6.60 -34.81
N LEU S 653 3.23 5.90 -35.34
CA LEU S 653 3.41 5.84 -36.79
C LEU S 653 2.70 4.62 -37.36
N SER S 654 2.00 4.82 -38.47
CA SER S 654 1.38 3.71 -39.17
C SER S 654 2.36 3.15 -40.22
N THR S 655 2.00 2.00 -40.78
CA THR S 655 2.91 1.29 -41.69
C THR S 655 3.19 2.11 -42.94
N ASP S 656 2.23 2.91 -43.40
CA ASP S 656 2.46 3.74 -44.57
C ASP S 656 3.47 4.84 -44.27
N VAL S 657 3.30 5.52 -43.13
CA VAL S 657 4.30 6.48 -42.68
C VAL S 657 5.64 5.78 -42.52
N ILE S 658 5.63 4.52 -42.10
CA ILE S 658 6.88 3.78 -41.95
C ILE S 658 7.54 3.59 -43.31
N HIS S 659 6.75 3.28 -44.35
CA HIS S 659 7.32 3.11 -45.67
C HIS S 659 7.91 4.42 -46.18
N GLN S 660 7.20 5.52 -45.96
CA GLN S 660 7.74 6.83 -46.35
C GLN S 660 9.04 7.14 -45.61
N VAL S 661 9.11 6.78 -44.33
CA VAL S 661 10.31 7.02 -43.54
C VAL S 661 11.47 6.18 -44.06
N VAL S 662 11.20 4.93 -44.40
CA VAL S 662 12.22 4.08 -45.00
C VAL S 662 12.73 4.70 -46.28
N ASP S 663 11.83 5.22 -47.11
CA ASP S 663 12.24 5.85 -48.36
C ASP S 663 13.14 7.06 -48.09
N LYS S 664 12.76 7.89 -47.11
CA LYS S 664 13.57 9.06 -46.78
C LYS S 664 14.97 8.65 -46.29
N PHE S 665 15.02 7.61 -45.45
CA PHE S 665 16.31 7.13 -44.95
C PHE S 665 17.16 6.59 -46.08
N ILE S 666 16.55 5.88 -47.03
CA ILE S 666 17.32 5.34 -48.15
C ILE S 666 17.81 6.47 -49.04
N VAL S 667 17.01 7.53 -49.18
CA VAL S 667 17.45 8.68 -49.96
C VAL S 667 18.67 9.33 -49.33
N GLU S 668 18.62 9.55 -48.01
CA GLU S 668 19.78 10.18 -47.37
C GLU S 668 20.98 9.25 -47.37
N LEU S 669 20.74 7.93 -47.34
CA LEU S 669 21.85 7.00 -47.45
C LEU S 669 22.48 7.06 -48.84
N GLN S 670 21.67 7.25 -49.88
CA GLN S 670 22.22 7.47 -51.21
C GLN S 670 23.02 8.77 -51.27
N VAL S 671 22.55 9.79 -50.55
CA VAL S 671 23.29 11.04 -50.47
C VAL S 671 24.65 10.81 -49.82
N GLN S 672 24.70 9.96 -48.80
CA GLN S 672 25.98 9.64 -48.18
C GLN S 672 26.86 8.81 -49.11
N LEU S 673 26.24 7.90 -49.88
CA LEU S 673 27.01 6.97 -50.69
C LEU S 673 27.65 7.66 -51.89
N ASP S 674 26.91 8.55 -52.56
CA ASP S 674 27.45 9.19 -53.76
C ASP S 674 28.67 10.04 -53.43
N GLN S 675 28.87 10.39 -52.16
CA GLN S 675 30.10 11.05 -51.74
C GLN S 675 31.33 10.16 -51.93
N LYS S 676 31.13 8.85 -52.03
CA LYS S 676 32.22 7.90 -52.26
C LYS S 676 32.17 7.31 -53.66
N GLY S 677 31.47 7.95 -54.60
CA GLY S 677 31.36 7.43 -55.93
C GLY S 677 30.53 6.18 -56.05
N VAL S 678 29.60 5.95 -55.14
CA VAL S 678 28.80 4.73 -55.08
C VAL S 678 27.34 5.09 -55.29
N SER S 679 26.69 4.42 -56.23
CA SER S 679 25.26 4.54 -56.40
C SER S 679 24.56 3.27 -55.91
N LEU S 680 23.37 3.46 -55.34
CA LEU S 680 22.64 2.37 -54.71
C LEU S 680 21.23 2.31 -55.28
N GLU S 681 20.82 1.13 -55.73
CA GLU S 681 19.48 0.91 -56.22
C GLU S 681 18.83 -0.19 -55.39
N VAL S 682 17.66 0.08 -54.84
CA VAL S 682 16.96 -0.83 -53.95
C VAL S 682 15.62 -1.21 -54.57
N SER S 683 15.39 -2.51 -54.71
CA SER S 683 14.11 -3.01 -55.17
C SER S 683 13.02 -2.65 -54.16
N GLN S 684 11.84 -2.33 -54.69
CA GLN S 684 10.75 -1.90 -53.81
C GLN S 684 10.33 -3.01 -52.85
N GLU S 685 10.42 -4.27 -53.27
CA GLU S 685 10.12 -5.37 -52.35
C GLU S 685 11.14 -5.44 -51.24
N ALA S 686 12.40 -5.06 -51.51
CA ALA S 686 13.37 -4.93 -50.44
C ALA S 686 12.99 -3.83 -49.47
N ARG S 687 12.46 -2.72 -49.99
CA ARG S 687 11.96 -1.67 -49.11
C ARG S 687 10.82 -2.17 -48.24
N ASN S 688 9.92 -2.98 -48.81
CA ASN S 688 8.84 -3.55 -48.02
C ASN S 688 9.39 -4.49 -46.94
N TRP S 689 10.42 -5.27 -47.29
CA TRP S 689 11.02 -6.16 -46.30
C TRP S 689 11.64 -5.35 -45.16
N LEU S 690 12.36 -4.28 -45.49
CA LEU S 690 12.95 -3.44 -44.45
C LEU S 690 11.88 -2.79 -43.59
N ALA S 691 10.78 -2.33 -44.21
CA ALA S 691 9.73 -1.66 -43.45
C ALA S 691 9.03 -2.63 -42.52
N GLU S 692 8.82 -3.88 -42.96
CA GLU S 692 8.14 -4.84 -42.10
C GLU S 692 9.09 -5.43 -41.06
N LYS S 693 10.40 -5.37 -41.33
CA LYS S 693 11.36 -5.94 -40.41
C LYS S 693 11.60 -5.04 -39.20
N GLY S 694 11.91 -3.78 -39.44
CA GLY S 694 12.13 -2.81 -38.39
C GLY S 694 10.93 -1.99 -37.98
N TYR S 695 9.76 -2.61 -37.82
CA TYR S 695 8.58 -1.88 -37.39
C TYR S 695 8.28 -2.18 -35.92
N ASP S 696 8.31 -1.12 -35.12
CA ASP S 696 7.91 -1.18 -33.72
C ASP S 696 7.13 0.09 -33.42
N ARG S 697 5.80 -0.04 -33.34
CA ARG S 697 4.95 1.15 -33.24
C ARG S 697 5.13 1.87 -31.91
N ALA S 698 5.64 1.17 -30.89
CA ALA S 698 5.84 1.81 -29.60
C ALA S 698 7.14 2.60 -29.55
N MET S 699 8.04 2.38 -30.52
CA MET S 699 9.35 2.99 -30.46
C MET S 699 9.58 4.06 -31.52
N GLY S 700 8.72 4.14 -32.54
CA GLY S 700 8.80 5.23 -33.47
C GLY S 700 9.60 4.92 -34.73
N ALA S 701 10.47 5.85 -35.11
CA ALA S 701 11.17 5.75 -36.38
C ALA S 701 12.60 5.24 -36.22
N ARG S 702 13.20 5.45 -35.05
CA ARG S 702 14.58 5.02 -34.83
C ARG S 702 14.84 3.54 -35.05
N PRO S 703 13.94 2.62 -34.67
CA PRO S 703 14.16 1.22 -35.04
C PRO S 703 14.35 1.02 -36.53
N MET S 704 13.63 1.77 -37.37
CA MET S 704 13.86 1.68 -38.80
C MET S 704 15.26 2.17 -39.17
N ALA S 705 15.73 3.23 -38.51
CA ALA S 705 17.08 3.69 -38.76
C ALA S 705 18.10 2.62 -38.43
N ARG S 706 17.92 1.92 -37.30
CA ARG S 706 18.87 0.90 -36.91
C ARG S 706 18.80 -0.31 -37.84
N VAL S 707 17.60 -0.66 -38.29
CA VAL S 707 17.47 -1.80 -39.19
C VAL S 707 18.12 -1.48 -40.53
N ILE S 708 17.82 -0.30 -41.09
CA ILE S 708 18.49 0.11 -42.32
C ILE S 708 19.99 0.14 -42.14
N GLN S 709 20.46 0.64 -41.00
CA GLN S 709 21.89 0.65 -40.73
C GLN S 709 22.48 -0.75 -40.81
N ASP S 710 22.04 -1.65 -39.93
CA ASP S 710 22.66 -2.97 -39.86
C ASP S 710 22.40 -3.81 -41.09
N ASN S 711 21.41 -3.45 -41.91
CA ASN S 711 21.13 -4.25 -43.11
C ASN S 711 21.90 -3.77 -44.33
N LEU S 712 22.04 -2.46 -44.52
CA LEU S 712 22.69 -1.92 -45.71
C LEU S 712 24.04 -1.30 -45.40
N LYS S 713 24.12 -0.42 -44.41
CA LYS S 713 25.34 0.34 -44.19
C LYS S 713 26.46 -0.56 -43.67
N LYS S 714 26.10 -1.68 -43.07
CA LYS S 714 27.11 -2.61 -42.57
C LYS S 714 27.85 -3.28 -43.72
N PRO S 715 27.17 -4.02 -44.62
CA PRO S 715 27.93 -4.64 -45.73
C PRO S 715 28.44 -3.63 -46.73
N LEU S 716 27.72 -2.53 -46.93
CA LEU S 716 28.23 -1.50 -47.84
C LEU S 716 29.51 -0.88 -47.33
N ALA S 717 29.60 -0.63 -46.01
CA ALA S 717 30.84 -0.11 -45.46
C ALA S 717 31.94 -1.18 -45.48
N ASN S 718 31.57 -2.44 -45.20
CA ASN S 718 32.55 -3.52 -45.27
C ASN S 718 33.20 -3.58 -46.65
N GLU S 719 32.39 -3.49 -47.71
CA GLU S 719 32.94 -3.52 -49.06
C GLU S 719 33.62 -2.22 -49.45
N LEU S 720 33.12 -1.08 -48.96
CA LEU S 720 33.77 0.19 -49.24
C LEU S 720 35.16 0.24 -48.62
N LEU S 721 35.37 -0.49 -47.54
CA LEU S 721 36.68 -0.53 -46.89
C LEU S 721 37.58 -1.63 -47.46
N PHE S 722 37.03 -2.82 -47.73
CA PHE S 722 37.84 -3.95 -48.16
C PHE S 722 37.37 -4.61 -49.44
N GLY S 723 36.26 -4.21 -50.02
CA GLY S 723 35.73 -4.92 -51.16
C GLY S 723 35.94 -4.23 -52.50
N SER S 724 34.98 -4.40 -53.40
CA SER S 724 35.11 -3.85 -54.75
C SER S 724 34.90 -2.34 -54.78
N LEU S 725 34.09 -1.81 -53.85
CA LEU S 725 33.69 -0.41 -53.88
C LEU S 725 34.76 0.55 -53.39
N VAL S 726 36.03 0.12 -53.32
CA VAL S 726 37.08 0.98 -52.78
C VAL S 726 37.15 2.30 -53.52
N ASP S 727 37.10 2.26 -54.85
CA ASP S 727 37.15 3.47 -55.67
C ASP S 727 35.80 3.88 -56.21
N GLY S 728 34.72 3.41 -55.61
CA GLY S 728 33.40 3.75 -56.12
C GLY S 728 32.91 2.76 -57.16
N GLY S 729 31.59 2.68 -57.29
CA GLY S 729 30.96 1.74 -58.17
C GLY S 729 29.46 1.76 -57.99
N GLN S 730 28.84 0.63 -58.29
CA GLN S 730 27.38 0.51 -58.29
C GLN S 730 26.96 -0.76 -57.56
N VAL S 731 25.95 -0.63 -56.70
CA VAL S 731 25.44 -1.74 -55.92
C VAL S 731 23.91 -1.72 -55.98
N THR S 732 23.33 -2.88 -56.24
CA THR S 732 21.89 -3.06 -56.25
C THR S 732 21.48 -4.04 -55.16
N VAL S 733 20.28 -3.84 -54.63
CA VAL S 733 19.73 -4.66 -53.56
C VAL S 733 18.37 -5.16 -54.00
N ALA S 734 18.12 -6.46 -53.78
CA ALA S 734 16.83 -7.05 -54.11
C ALA S 734 16.50 -8.12 -53.08
N LEU S 735 15.21 -8.43 -52.99
CA LEU S 735 14.71 -9.42 -52.05
C LEU S 735 14.40 -10.72 -52.79
N ASP S 736 14.94 -11.82 -52.26
CA ASP S 736 14.66 -13.16 -52.78
C ASP S 736 13.89 -13.94 -51.73
N LYS S 737 13.61 -15.21 -52.02
CA LYS S 737 12.77 -16.00 -51.12
C LYS S 737 13.54 -16.46 -49.89
N GLU S 738 14.86 -16.27 -49.85
CA GLU S 738 15.66 -16.58 -48.68
C GLU S 738 15.89 -15.35 -47.81
N LYS S 739 15.16 -14.26 -48.06
CA LYS S 739 15.22 -13.04 -47.25
C LYS S 739 16.65 -12.49 -47.17
N ASN S 740 17.31 -12.43 -48.32
CA ASN S 740 18.67 -11.91 -48.41
C ASN S 740 18.73 -10.77 -49.43
N GLU S 741 19.84 -10.04 -49.39
CA GLU S 741 20.05 -8.90 -50.28
C GLU S 741 20.98 -9.28 -51.43
N LEU S 742 21.09 -8.38 -52.42
CA LEU S 742 21.89 -8.63 -53.61
C LEU S 742 23.30 -8.10 -53.45
N THR S 743 24.02 -7.99 -54.57
CA THR S 743 25.46 -7.75 -54.56
C THR S 743 25.80 -6.50 -55.36
N TYR S 744 27.10 -6.24 -55.48
CA TYR S 744 27.64 -4.99 -55.99
C TYR S 744 28.45 -5.22 -57.27
N GLY S 745 28.28 -4.31 -58.22
CA GLY S 745 29.00 -4.39 -59.47
C GLY S 745 30.00 -3.26 -59.67
N PHE S 746 31.28 -3.60 -59.74
CA PHE S 746 32.39 -2.65 -59.93
C PHE S 746 32.56 -1.73 -58.73
N MET T 169 39.74 77.87 12.12
CA MET T 169 38.96 79.11 12.05
C MET T 169 37.47 78.85 12.05
N GLU T 170 36.69 79.94 11.99
CA GLU T 170 35.24 79.84 12.16
C GLU T 170 34.53 79.46 10.87
N ASN T 171 35.23 79.45 9.74
CA ASN T 171 34.63 79.08 8.47
C ASN T 171 34.55 77.56 8.30
N PHE T 172 34.78 76.80 9.36
CA PHE T 172 34.74 75.35 9.34
C PHE T 172 33.94 74.77 10.49
N THR T 173 33.91 75.43 11.64
CA THR T 173 33.12 75.03 12.79
C THR T 173 32.15 76.15 13.15
N THR T 174 30.86 75.88 12.99
CA THR T 174 29.83 76.88 13.23
C THR T 174 29.13 76.57 14.56
N ASN T 175 29.13 77.56 15.46
CA ASN T 175 28.43 77.44 16.73
C ASN T 175 26.97 77.84 16.51
N LEU T 176 26.09 76.85 16.46
CA LEU T 176 24.67 77.14 16.24
C LEU T 176 23.98 77.67 17.49
N ASN T 177 24.65 77.69 18.63
CA ASN T 177 24.09 78.37 19.79
C ASN T 177 23.88 79.85 19.53
N GLN T 178 24.82 80.50 18.83
CA GLN T 178 24.60 81.87 18.41
C GLN T 178 23.42 81.99 17.47
N LEU T 179 23.27 81.02 16.55
CA LEU T 179 22.13 81.03 15.66
C LEU T 179 20.82 80.91 16.43
N ALA T 180 20.80 80.12 17.51
CA ALA T 180 19.60 80.02 18.32
C ALA T 180 19.36 81.29 19.11
N ARG T 181 20.43 81.94 19.58
CA ARG T 181 20.26 83.18 20.34
C ARG T 181 19.78 84.34 19.46
N VAL T 182 20.21 84.39 18.20
CA VAL T 182 19.87 85.48 17.29
C VAL T 182 18.54 85.24 16.58
N GLY T 183 17.77 84.27 17.03
CA GLY T 183 16.49 83.98 16.41
C GLY T 183 16.57 83.19 15.13
N GLY T 184 17.77 82.86 14.65
CA GLY T 184 17.90 82.06 13.46
C GLY T 184 17.37 80.65 13.61
N ILE T 185 17.24 80.18 14.86
CA ILE T 185 16.72 78.85 15.15
C ILE T 185 15.45 78.98 15.98
N ASP T 186 14.36 78.41 15.47
CA ASP T 186 13.13 78.34 16.24
C ASP T 186 13.12 77.09 17.12
N PRO T 187 12.39 77.11 18.23
CA PRO T 187 12.29 75.91 19.05
C PRO T 187 11.66 74.75 18.28
N LEU T 188 12.09 73.55 18.61
CA LEU T 188 11.60 72.34 17.95
C LEU T 188 10.20 72.01 18.46
N ILE T 189 9.38 71.43 17.57
CA ILE T 189 8.01 71.07 17.89
C ILE T 189 7.96 69.58 18.21
N GLY T 190 7.60 69.25 19.45
CA GLY T 190 7.50 67.86 19.84
C GLY T 190 8.87 67.20 19.90
N ARG T 191 8.84 65.86 19.93
CA ARG T 191 10.03 65.03 19.95
C ARG T 191 10.93 65.35 21.15
N GLU T 192 10.29 65.71 22.27
CA GLU T 192 11.06 66.07 23.46
C GLU T 192 11.69 64.84 24.09
N LYS T 193 11.03 63.67 23.96
CA LYS T 193 11.61 62.45 24.51
C LYS T 193 12.88 62.04 23.76
N GLU T 194 12.95 62.33 22.46
CA GLU T 194 14.19 62.12 21.74
C GLU T 194 15.29 63.04 22.27
N LEU T 195 14.92 64.27 22.64
CA LEU T 195 15.88 65.18 23.25
C LEU T 195 16.37 64.63 24.58
N GLU T 196 15.47 64.08 25.40
CA GLU T 196 15.86 63.52 26.68
C GLU T 196 16.78 62.31 26.50
N ARG T 197 16.45 61.43 25.55
CA ARG T 197 17.30 60.29 25.25
C ARG T 197 18.68 60.76 24.79
N ALA T 198 18.73 61.73 23.88
CA ALA T 198 20.01 62.22 23.40
C ALA T 198 20.83 62.84 24.53
N ILE T 199 20.16 63.55 25.45
CA ILE T 199 20.87 64.18 26.56
C ILE T 199 21.45 63.12 27.49
N GLN T 200 20.65 62.10 27.84
CA GLN T 200 21.17 61.08 28.74
C GLN T 200 22.24 60.23 28.07
N VAL T 201 22.20 60.13 26.73
CA VAL T 201 23.28 59.44 26.03
C VAL T 201 24.54 60.29 26.03
N LEU T 202 24.41 61.60 25.78
CA LEU T 202 25.54 62.50 25.89
C LEU T 202 26.06 62.59 27.31
N CYS T 203 25.23 62.21 28.29
CA CYS T 203 25.66 62.26 29.68
C CYS T 203 26.58 61.10 30.05
N ARG T 204 26.50 59.98 29.34
CA ARG T 204 27.30 58.80 29.64
C ARG T 204 28.80 59.13 29.60
N ARG T 205 29.59 58.32 30.32
CA ARG T 205 31.04 58.47 30.27
C ARG T 205 31.65 57.65 29.15
N ARG T 206 31.05 56.50 28.84
CA ARG T 206 31.45 55.67 27.71
C ARG T 206 30.24 55.46 26.81
N LYS T 207 30.50 55.30 25.51
CA LYS T 207 29.45 55.20 24.51
C LYS T 207 28.51 56.40 24.59
N ASN T 208 29.12 57.59 24.56
CA ASN T 208 28.39 58.85 24.73
C ASN T 208 28.26 59.62 23.43
N ASN T 209 28.02 58.93 22.32
CA ASN T 209 27.87 59.55 21.02
C ASN T 209 26.53 59.18 20.42
N PRO T 210 25.54 60.05 20.47
CA PRO T 210 24.22 59.69 19.93
C PRO T 210 24.23 59.58 18.42
N LEU T 211 23.37 58.71 17.90
CA LEU T 211 23.22 58.48 16.48
C LEU T 211 21.74 58.46 16.11
N LEU T 212 21.37 59.28 15.14
CA LEU T 212 19.97 59.37 14.70
C LEU T 212 19.78 58.52 13.45
N VAL T 213 19.00 57.45 13.59
CA VAL T 213 18.62 56.61 12.47
C VAL T 213 17.17 56.85 12.14
N GLY T 214 16.84 56.82 10.86
CA GLY T 214 15.48 57.04 10.42
C GLY T 214 15.44 57.52 8.99
N GLU T 215 14.24 57.88 8.55
CA GLU T 215 14.04 58.40 7.20
C GLU T 215 14.79 59.72 7.05
N SER T 216 15.00 60.16 5.81
CA SER T 216 15.78 61.35 5.53
C SER T 216 14.85 62.55 5.43
N GLY T 217 15.07 63.54 6.30
CA GLY T 217 14.28 64.74 6.28
C GLY T 217 13.11 64.72 7.25
N VAL T 218 13.24 63.91 8.31
CA VAL T 218 12.24 63.83 9.37
C VAL T 218 12.58 64.69 10.56
N GLY T 219 13.52 65.63 10.42
CA GLY T 219 13.84 66.54 11.50
C GLY T 219 15.00 66.13 12.38
N LYS T 220 15.98 65.43 11.82
CA LYS T 220 17.22 65.14 12.55
C LYS T 220 18.06 66.38 12.77
N THR T 221 18.34 67.14 11.71
CA THR T 221 18.91 68.47 11.88
C THR T 221 18.02 69.33 12.74
N ALA T 222 16.69 69.20 12.60
CA ALA T 222 15.78 69.94 13.45
C ALA T 222 15.88 69.49 14.91
N ILE T 223 16.07 68.19 15.13
CA ILE T 223 16.24 67.70 16.50
C ILE T 223 17.50 68.29 17.11
N ALA T 224 18.60 68.31 16.35
CA ALA T 224 19.84 68.88 16.87
C ALA T 224 19.70 70.38 17.11
N GLU T 225 19.01 71.09 16.22
CA GLU T 225 18.82 72.53 16.41
C GLU T 225 17.97 72.81 17.64
N GLY T 226 16.90 72.04 17.83
CA GLY T 226 16.08 72.22 19.01
C GLY T 226 16.81 71.88 20.29
N LEU T 227 17.68 70.87 20.24
CA LEU T 227 18.47 70.53 21.42
C LEU T 227 19.46 71.63 21.77
N ALA T 228 20.16 72.16 20.76
CA ALA T 228 21.06 73.29 21.01
C ALA T 228 20.29 74.48 21.55
N TRP T 229 19.10 74.74 20.99
CA TRP T 229 18.26 75.81 21.49
C TRP T 229 17.90 75.60 22.96
N ARG T 230 17.50 74.38 23.31
CA ARG T 230 17.16 74.07 24.69
C ARG T 230 18.35 74.27 25.63
N ILE T 231 19.55 73.94 25.14
CA ILE T 231 20.75 74.21 25.94
C ILE T 231 20.93 75.72 26.11
N VAL T 232 20.64 76.48 25.05
CA VAL T 232 20.66 77.94 25.18
C VAL T 232 19.64 78.40 26.22
N GLN T 233 18.43 77.84 26.21
CA GLN T 233 17.43 78.18 27.21
C GLN T 233 17.66 77.47 28.54
N GLY T 234 18.61 76.55 28.61
CA GLY T 234 18.89 75.89 29.87
C GLY T 234 17.87 74.86 30.29
N ASP T 235 17.25 74.15 29.34
CA ASP T 235 16.32 73.08 29.63
C ASP T 235 17.03 71.75 29.89
N VAL T 236 18.32 71.80 30.21
CA VAL T 236 19.14 70.61 30.37
C VAL T 236 19.70 70.58 31.78
N PRO T 237 20.23 69.43 32.22
CA PRO T 237 20.95 69.39 33.49
C PRO T 237 22.12 70.37 33.51
N GLU T 238 22.57 70.68 34.74
CA GLU T 238 23.59 71.70 34.94
C GLU T 238 24.95 71.32 34.37
N VAL T 239 25.16 70.07 33.99
CA VAL T 239 26.46 69.67 33.46
C VAL T 239 26.65 70.20 32.04
N MET T 240 25.59 70.15 31.23
CA MET T 240 25.63 70.66 29.86
C MET T 240 24.82 71.95 29.68
N ALA T 241 24.61 72.71 30.76
CA ALA T 241 23.88 73.97 30.64
C ALA T 241 24.73 75.04 29.97
N ASP T 242 26.05 74.98 30.14
CA ASP T 242 26.95 76.00 29.60
C ASP T 242 27.72 75.49 28.37
N CYS T 243 27.54 74.22 28.00
CA CYS T 243 28.29 73.66 26.89
C CYS T 243 27.83 74.25 25.57
N THR T 244 28.77 74.38 24.63
CA THR T 244 28.50 74.90 23.30
C THR T 244 28.54 73.76 22.30
N ILE T 245 27.76 73.87 21.23
CA ILE T 245 27.64 72.83 20.21
C ILE T 245 28.15 73.39 18.90
N TYR T 246 28.76 72.54 18.08
CA TYR T 246 29.30 72.93 16.78
C TYR T 246 28.73 72.04 15.68
N SER T 247 28.52 72.63 14.51
CA SER T 247 28.04 71.90 13.34
C SER T 247 29.18 71.77 12.33
N LEU T 248 29.31 70.58 11.75
CA LEU T 248 30.38 70.30 10.79
C LEU T 248 29.91 70.63 9.38
N ASP T 249 30.59 71.56 8.71
CA ASP T 249 30.32 71.90 7.32
C ASP T 249 31.49 71.43 6.48
N ILE T 250 31.40 70.17 6.03
CA ILE T 250 32.55 69.53 5.39
C ILE T 250 32.97 70.24 4.11
N GLY T 251 32.03 70.86 3.40
CA GLY T 251 32.34 71.42 2.10
C GLY T 251 33.36 72.54 2.16
N SER T 252 33.29 73.35 3.21
CA SER T 252 34.18 74.51 3.33
C SER T 252 35.63 74.07 3.49
N LEU T 253 35.90 73.16 4.42
CA LEU T 253 37.26 72.67 4.60
C LEU T 253 37.70 71.80 3.43
N LEU T 254 36.75 71.10 2.79
CA LEU T 254 37.11 70.15 1.75
C LEU T 254 37.49 70.84 0.44
N ALA T 255 36.68 71.78 -0.03
CA ALA T 255 36.94 72.41 -1.31
C ALA T 255 38.11 73.38 -1.23
N GLY T 256 38.66 73.72 -2.39
CA GLY T 256 39.74 74.69 -2.46
C GLY T 256 41.12 74.13 -2.21
N THR T 257 41.26 72.81 -2.08
CA THR T 257 42.55 72.20 -1.86
C THR T 257 42.89 71.35 -3.08
N LYS T 258 42.03 70.39 -3.45
CA LYS T 258 42.28 69.47 -4.57
C LYS T 258 43.67 68.86 -4.50
N TYR T 259 44.17 68.62 -3.28
CA TYR T 259 45.50 68.08 -3.07
C TYR T 259 45.48 67.17 -1.85
N ARG T 260 45.81 65.89 -2.06
CA ARG T 260 45.72 64.91 -0.97
C ARG T 260 46.54 65.33 0.24
N GLY T 261 47.77 65.79 0.02
CA GLY T 261 48.56 66.30 1.12
C GLY T 261 47.92 67.51 1.76
N ASP T 262 47.38 68.42 0.95
CA ASP T 262 46.68 69.58 1.48
C ASP T 262 45.39 69.18 2.19
N PHE T 263 44.66 68.21 1.63
CA PHE T 263 43.49 67.66 2.31
C PHE T 263 43.85 67.17 3.70
N GLU T 264 44.92 66.38 3.80
CA GLU T 264 45.27 65.77 5.09
C GLU T 264 45.82 66.81 6.06
N LYS T 265 46.53 67.83 5.56
CA LYS T 265 47.04 68.85 6.46
C LYS T 265 45.91 69.74 6.97
N ARG T 266 44.90 69.99 6.13
CA ARG T 266 43.69 70.67 6.60
C ARG T 266 42.94 69.80 7.61
N PHE T 267 42.91 68.49 7.39
CA PHE T 267 42.32 67.58 8.38
C PHE T 267 43.02 67.71 9.72
N LYS T 268 44.36 67.67 9.72
CA LYS T 268 45.11 67.82 10.96
C LYS T 268 44.84 69.18 11.61
N ALA T 269 44.78 70.23 10.80
CA ALA T 269 44.53 71.57 11.34
C ALA T 269 43.16 71.64 12.01
N LEU T 270 42.13 71.06 11.38
CA LEU T 270 40.81 71.09 11.99
C LEU T 270 40.75 70.22 13.24
N LEU T 271 41.49 69.10 13.24
CA LEU T 271 41.54 68.27 14.43
C LEU T 271 42.16 69.04 15.61
N LYS T 272 43.26 69.73 15.36
CA LYS T 272 43.88 70.53 16.41
C LYS T 272 42.97 71.69 16.83
N GLN T 273 42.28 72.31 15.88
CA GLN T 273 41.38 73.41 16.22
C GLN T 273 40.23 72.94 17.11
N LEU T 274 39.63 71.80 16.78
CA LEU T 274 38.53 71.29 17.60
C LEU T 274 39.04 70.80 18.95
N GLU T 275 40.27 70.27 18.98
CA GLU T 275 40.84 69.84 20.26
C GLU T 275 41.09 71.04 21.17
N GLN T 276 41.52 72.15 20.58
CA GLN T 276 41.56 73.41 21.32
C GLN T 276 40.16 73.86 21.71
N ASP T 277 39.16 73.50 20.89
CA ASP T 277 37.78 73.86 21.20
C ASP T 277 37.14 72.82 22.10
N THR T 278 37.96 72.09 22.85
CA THR T 278 37.47 71.06 23.75
C THR T 278 36.20 71.50 24.47
N ASN T 279 35.59 70.59 25.22
CA ASN T 279 34.38 70.87 25.96
C ASN T 279 33.25 71.32 25.04
N SER T 280 33.28 70.83 23.81
CA SER T 280 32.26 71.17 22.82
C SER T 280 31.85 69.91 22.08
N ILE T 281 30.64 69.93 21.54
CA ILE T 281 30.06 68.79 20.84
C ILE T 281 29.92 69.18 19.37
N LEU T 282 30.39 68.29 18.49
CA LEU T 282 30.35 68.52 17.05
C LEU T 282 29.26 67.66 16.45
N PHE T 283 28.35 68.30 15.71
CA PHE T 283 27.25 67.61 15.05
C PHE T 283 27.66 67.28 13.63
N ILE T 284 27.59 66.01 13.27
CA ILE T 284 28.03 65.54 11.97
C ILE T 284 26.79 65.17 11.17
N ASP T 285 26.47 65.98 10.17
CA ASP T 285 25.34 65.71 9.31
C ASP T 285 25.68 64.59 8.33
N GLU T 286 24.85 63.55 8.34
CA GLU T 286 25.02 62.36 7.52
C GLU T 286 26.42 61.76 7.73
N ILE T 287 26.65 61.34 8.98
CA ILE T 287 27.95 60.79 9.36
C ILE T 287 28.25 59.50 8.60
N HIS T 288 27.21 58.82 8.12
CA HIS T 288 27.40 57.60 7.34
C HIS T 288 28.22 57.84 6.07
N THR T 289 28.15 59.05 5.51
CA THR T 289 28.95 59.39 4.35
C THR T 289 30.34 59.87 4.71
N ILE T 290 30.57 60.23 5.98
CA ILE T 290 31.90 60.62 6.44
C ILE T 290 32.68 59.36 6.77
N ILE T 291 31.98 58.36 7.30
CA ILE T 291 32.62 57.09 7.60
C ILE T 291 32.70 56.21 6.35
N GLY T 292 31.79 56.43 5.40
CA GLY T 292 31.80 55.65 4.17
C GLY T 292 30.55 55.87 3.32
N ALA T 303 37.77 60.38 3.51
CA ALA T 303 38.54 60.61 4.72
C ALA T 303 37.95 59.87 5.91
N ALA T 304 37.99 58.54 5.86
CA ALA T 304 37.53 57.74 6.99
C ALA T 304 38.47 57.88 8.18
N ASN T 305 39.70 58.29 7.94
CA ASN T 305 40.68 58.56 8.98
C ASN T 305 40.57 59.94 9.58
N LEU T 306 39.52 60.69 9.26
CA LEU T 306 39.34 62.02 9.85
C LEU T 306 38.63 61.94 11.20
N ILE T 307 37.61 61.08 11.32
CA ILE T 307 36.87 60.99 12.56
C ILE T 307 37.46 59.94 13.50
N LYS T 308 38.28 59.04 12.97
CA LYS T 308 38.96 58.08 13.84
C LYS T 308 39.82 58.74 14.91
N PRO T 309 40.46 59.89 14.66
CA PRO T 309 41.04 60.63 15.80
C PRO T 309 40.02 61.00 16.86
N LEU T 310 38.79 61.32 16.48
CA LEU T 310 37.77 61.63 17.47
C LEU T 310 37.38 60.39 18.27
N LEU T 311 37.32 59.24 17.62
CA LEU T 311 37.00 58.00 18.33
C LEU T 311 38.12 57.60 19.27
N SER T 312 39.37 57.70 18.79
CA SER T 312 40.52 57.33 19.63
C SER T 312 40.67 58.28 20.81
N SER T 313 40.41 59.57 20.60
CA SER T 313 40.40 60.51 21.71
C SER T 313 39.27 60.22 22.68
N GLY T 314 38.04 60.07 22.17
CA GLY T 314 36.91 59.71 23.00
C GLY T 314 36.45 60.78 23.96
N LYS T 315 37.26 61.82 24.18
CA LYS T 315 36.86 62.89 25.10
C LYS T 315 35.84 63.82 24.45
N ILE T 316 35.65 63.69 23.14
CA ILE T 316 34.77 64.56 22.38
C ILE T 316 33.50 63.80 22.04
N ARG T 317 32.36 64.34 22.43
CA ARG T 317 31.08 63.75 22.04
C ARG T 317 30.70 64.24 20.65
N VAL T 318 30.07 63.34 19.88
CA VAL T 318 29.62 63.63 18.53
C VAL T 318 28.20 63.11 18.38
N ILE T 319 27.33 63.91 17.76
CA ILE T 319 25.99 63.51 17.38
C ILE T 319 25.95 63.43 15.86
N GLY T 320 25.47 62.30 15.34
CA GLY T 320 25.42 62.08 13.91
C GLY T 320 24.00 61.92 13.39
N SER T 321 23.91 61.53 12.13
CA SER T 321 22.63 61.31 11.47
C SER T 321 22.83 60.25 10.40
N THR T 322 21.92 59.28 10.33
CA THR T 322 22.04 58.17 9.40
C THR T 322 20.63 57.65 9.11
N THR T 323 20.51 56.79 8.12
CA THR T 323 19.27 56.10 7.80
C THR T 323 19.44 54.61 8.08
N TYR T 324 18.33 53.88 8.00
CA TYR T 324 18.36 52.45 8.29
C TYR T 324 19.28 51.69 7.34
N GLN T 325 19.25 52.03 6.06
CA GLN T 325 20.12 51.36 5.09
C GLN T 325 21.59 51.57 5.44
N GLU T 326 22.00 52.82 5.60
CA GLU T 326 23.41 53.09 5.91
C GLU T 326 23.80 52.58 7.29
N PHE T 327 22.89 52.65 8.26
CA PHE T 327 23.16 52.08 9.57
C PHE T 327 23.45 50.59 9.46
N SER T 328 22.56 49.85 8.80
CA SER T 328 22.75 48.41 8.64
C SER T 328 23.97 48.10 7.80
N ASN T 329 24.39 49.03 6.93
CA ASN T 329 25.56 48.75 6.09
C ASN T 329 26.88 49.02 6.82
N ILE T 330 26.92 50.01 7.70
CA ILE T 330 28.20 50.48 8.26
C ILE T 330 28.35 50.11 9.73
N PHE T 331 27.31 50.34 10.54
CA PHE T 331 27.48 50.34 11.99
C PHE T 331 27.35 48.97 12.63
N GLU T 332 26.42 48.14 12.15
CA GLU T 332 26.12 46.89 12.85
C GLU T 332 27.24 45.87 12.70
N LYS T 333 28.17 46.09 11.76
CA LYS T 333 29.26 45.15 11.55
C LYS T 333 30.59 45.65 12.10
N ASP T 334 30.61 46.81 12.75
CA ASP T 334 31.86 47.40 13.22
C ASP T 334 31.79 47.59 14.73
N ARG T 335 32.67 46.92 15.46
CA ARG T 335 32.69 47.05 16.91
C ARG T 335 33.20 48.43 17.34
N ALA T 336 34.12 49.01 16.57
CA ALA T 336 34.66 50.32 16.95
C ALA T 336 33.61 51.42 16.88
N LEU T 337 32.60 51.25 16.03
CA LEU T 337 31.48 52.19 15.98
C LEU T 337 30.34 51.83 16.91
N ALA T 338 30.04 50.53 17.07
CA ALA T 338 28.96 50.12 17.95
C ALA T 338 29.24 50.48 19.40
N ARG T 339 30.50 50.35 19.83
CA ARG T 339 30.89 50.67 21.20
C ARG T 339 31.06 52.17 21.41
N ARG T 340 30.52 52.99 20.53
CA ARG T 340 30.59 54.44 20.69
C ARG T 340 29.20 55.07 20.55
N PHE T 341 28.40 54.52 19.63
CA PHE T 341 27.16 55.16 19.19
C PHE T 341 25.95 54.36 19.63
N GLN T 342 24.84 55.07 19.85
CA GLN T 342 23.54 54.47 20.11
C GLN T 342 22.52 55.05 19.14
N LYS T 343 21.79 54.17 18.46
CA LYS T 343 20.80 54.61 17.49
C LYS T 343 19.59 55.21 18.21
N ILE T 344 19.12 56.34 17.70
CA ILE T 344 17.89 56.97 18.17
C ILE T 344 16.86 56.81 17.08
N ASP T 345 15.92 55.89 17.28
CA ASP T 345 14.93 55.60 16.26
C ASP T 345 13.93 56.75 16.18
N ILE T 346 14.08 57.58 15.17
CA ILE T 346 13.22 58.74 14.97
C ILE T 346 12.09 58.32 14.03
N THR T 347 10.87 58.35 14.53
CA THR T 347 9.69 58.03 13.74
C THR T 347 9.02 59.31 13.24
N GLU T 348 8.37 59.21 12.09
CA GLU T 348 7.65 60.33 11.54
C GLU T 348 6.48 60.70 12.44
N PRO T 349 6.25 62.00 12.65
CA PRO T 349 5.24 62.43 13.62
C PRO T 349 3.82 62.08 13.16
N SER T 350 2.89 62.23 14.09
CA SER T 350 1.48 62.01 13.80
C SER T 350 0.95 63.14 12.91
N ILE T 351 -0.33 63.01 12.54
CA ILE T 351 -0.94 64.04 11.70
C ILE T 351 -0.99 65.38 12.44
N GLU T 352 -1.43 65.38 13.69
CA GLU T 352 -1.56 66.63 14.44
C GLU T 352 -0.20 67.24 14.75
N GLU T 353 0.82 66.39 14.99
CA GLU T 353 2.16 66.91 15.19
C GLU T 353 2.70 67.53 13.89
N THR T 354 2.40 66.92 12.75
CA THR T 354 2.78 67.54 11.48
C THR T 354 2.08 68.87 11.28
N VAL T 355 0.80 68.96 11.68
CA VAL T 355 0.09 70.23 11.57
C VAL T 355 0.71 71.27 12.49
N GLN T 356 1.16 70.85 13.68
CA GLN T 356 1.83 71.79 14.57
C GLN T 356 3.12 72.30 13.97
N ILE T 357 3.90 71.40 13.34
CA ILE T 357 5.13 71.83 12.69
C ILE T 357 4.83 72.77 11.52
N ILE T 358 3.77 72.47 10.76
CA ILE T 358 3.38 73.32 9.64
C ILE T 358 3.00 74.70 10.14
N ASN T 359 2.26 74.76 11.24
CA ASN T 359 1.87 76.06 11.79
C ASN T 359 3.08 76.80 12.34
N GLY T 360 4.04 76.08 12.91
CA GLY T 360 5.26 76.72 13.40
C GLY T 360 6.08 77.31 12.27
N LEU T 361 6.10 76.63 11.11
CA LEU T 361 6.86 77.13 9.97
C LEU T 361 6.03 78.01 9.04
N LYS T 362 4.73 78.16 9.32
CA LYS T 362 3.82 78.91 8.46
C LYS T 362 4.04 80.41 8.41
N PRO T 363 4.19 81.15 9.53
CA PRO T 363 4.26 82.61 9.43
C PRO T 363 5.42 83.13 8.59
N LYS T 364 6.60 82.53 8.67
CA LYS T 364 7.72 83.01 7.86
C LYS T 364 7.47 82.78 6.37
N TYR T 365 6.81 81.68 6.01
CA TYR T 365 6.50 81.45 4.60
C TYR T 365 5.37 82.35 4.12
N GLU T 366 4.40 82.63 5.00
CA GLU T 366 3.37 83.62 4.68
C GLU T 366 4.01 84.98 4.44
N ALA T 367 5.08 85.29 5.18
CA ALA T 367 5.83 86.50 4.91
C ALA T 367 6.57 86.40 3.57
N HIS T 368 7.12 85.22 3.26
CA HIS T 368 7.87 85.07 2.02
C HIS T 368 6.93 84.98 0.82
N HIS T 369 5.81 84.29 0.96
CA HIS T 369 4.90 84.04 -0.16
C HIS T 369 3.72 85.00 -0.20
N ASP T 370 3.55 85.85 0.81
CA ASP T 370 2.55 86.91 0.80
C ASP T 370 1.14 86.36 0.62
N VAL T 371 0.89 85.18 1.21
CA VAL T 371 -0.42 84.54 1.14
C VAL T 371 -0.79 84.02 2.53
N ARG T 372 -2.05 83.62 2.67
CA ARG T 372 -2.60 83.19 3.94
C ARG T 372 -3.34 81.86 3.74
N TYR T 373 -2.95 80.85 4.51
CA TYR T 373 -3.60 79.55 4.48
C TYR T 373 -4.25 79.28 5.83
N THR T 374 -5.43 78.66 5.80
CA THR T 374 -6.13 78.36 7.04
C THR T 374 -5.49 77.16 7.73
N ALA T 375 -5.90 76.96 8.99
CA ALA T 375 -5.55 75.72 9.66
C ALA T 375 -6.23 74.52 9.01
N LYS T 376 -7.50 74.69 8.60
CA LYS T 376 -8.16 73.65 7.82
C LYS T 376 -7.48 73.46 6.47
N ALA T 377 -6.89 74.52 5.93
CA ALA T 377 -6.17 74.40 4.67
C ALA T 377 -4.99 73.46 4.81
N VAL T 378 -4.12 73.70 5.79
CA VAL T 378 -2.96 72.83 5.99
C VAL T 378 -3.40 71.45 6.48
N ARG T 379 -4.55 71.38 7.15
CA ARG T 379 -5.07 70.10 7.60
C ARG T 379 -5.45 69.23 6.41
N ALA T 380 -6.27 69.76 5.50
CA ALA T 380 -6.58 69.04 4.28
C ALA T 380 -5.31 68.82 3.45
N ALA T 381 -4.33 69.72 3.59
CA ALA T 381 -3.07 69.56 2.85
C ALA T 381 -2.33 68.31 3.30
N VAL T 382 -2.17 68.11 4.60
CA VAL T 382 -1.50 66.91 5.08
C VAL T 382 -2.37 65.67 4.86
N GLU T 383 -3.69 65.81 5.02
CA GLU T 383 -4.59 64.68 4.80
C GLU T 383 -4.63 64.27 3.34
N LEU T 384 -4.24 65.16 2.44
CA LEU T 384 -4.12 64.78 1.04
C LEU T 384 -2.72 64.27 0.73
N ALA T 385 -1.71 64.88 1.36
CA ALA T 385 -0.34 64.46 1.13
C ALA T 385 -0.12 63.02 1.54
N VAL T 386 -0.77 62.60 2.63
CA VAL T 386 -0.63 61.22 3.08
C VAL T 386 -1.09 60.21 2.04
N LYS T 387 -1.98 60.60 1.13
CA LYS T 387 -2.35 59.72 0.03
C LYS T 387 -1.73 60.13 -1.30
N TYR T 388 -0.82 61.10 -1.29
CA TYR T 388 -0.10 61.47 -2.51
C TYR T 388 1.39 61.17 -2.32
N ILE T 389 1.80 61.04 -1.06
CA ILE T 389 3.19 60.79 -0.71
C ILE T 389 3.58 59.41 -1.21
N ASN T 390 4.54 59.36 -2.13
CA ASN T 390 5.15 58.12 -2.57
C ASN T 390 6.65 58.35 -2.71
N ASP T 391 7.12 59.52 -2.29
CA ASP T 391 8.52 59.87 -2.43
C ASP T 391 9.23 60.07 -1.10
N ARG T 392 8.61 60.78 -0.16
CA ARG T 392 9.24 61.01 1.14
C ARG T 392 8.14 61.21 2.18
N HIS T 393 8.48 60.91 3.43
CA HIS T 393 7.49 60.83 4.49
C HIS T 393 7.01 62.22 4.91
N LEU T 394 6.18 62.24 5.96
CA LEU T 394 5.34 63.39 6.30
C LEU T 394 6.12 64.69 6.50
N PRO T 395 7.03 64.79 7.46
CA PRO T 395 7.63 66.11 7.72
C PRO T 395 8.77 66.41 6.77
N ASP T 396 8.59 66.11 5.50
CA ASP T 396 9.57 66.46 4.49
C ASP T 396 8.88 66.85 3.18
N LYS T 397 7.56 66.65 3.11
CA LYS T 397 6.80 66.89 1.90
C LYS T 397 5.62 67.85 2.07
N ALA T 398 4.94 67.83 3.22
CA ALA T 398 3.85 68.77 3.43
C ALA T 398 4.34 70.22 3.38
N ILE T 399 5.51 70.49 3.93
CA ILE T 399 6.09 71.83 3.83
C ILE T 399 6.36 72.19 2.38
N ASP T 400 6.80 71.23 1.58
CA ASP T 400 7.04 71.50 0.16
C ASP T 400 5.72 71.78 -0.57
N VAL T 401 4.65 71.06 -0.18
CA VAL T 401 3.33 71.37 -0.72
C VAL T 401 2.92 72.79 -0.37
N ILE T 402 3.18 73.20 0.87
CA ILE T 402 2.82 74.55 1.31
C ILE T 402 3.63 75.58 0.52
N ASP T 403 4.91 75.29 0.30
CA ASP T 403 5.76 76.19 -0.49
C ASP T 403 5.25 76.32 -1.91
N GLU T 404 4.87 75.19 -2.53
CA GLU T 404 4.34 75.25 -3.89
C GLU T 404 3.03 76.02 -3.95
N ALA T 405 2.17 75.80 -2.95
CA ALA T 405 0.90 76.54 -2.91
C ALA T 405 1.16 78.04 -2.78
N GLY T 406 2.08 78.44 -1.91
CA GLY T 406 2.38 79.86 -1.77
C GLY T 406 2.96 80.45 -3.04
N ALA T 407 3.93 79.74 -3.63
CA ALA T 407 4.55 80.23 -4.86
C ALA T 407 3.54 80.39 -5.97
N ARG T 408 2.64 79.41 -6.15
CA ARG T 408 1.65 79.52 -7.20
C ARG T 408 0.64 80.62 -6.90
N ALA T 409 0.10 80.64 -5.67
CA ALA T 409 -0.89 81.67 -5.32
C ALA T 409 -0.31 83.07 -5.47
N ARG T 410 1.00 83.21 -5.30
CA ARG T 410 1.64 84.50 -5.55
C ARG T 410 1.89 84.73 -7.04
N LEU T 411 2.09 83.66 -7.81
CA LEU T 411 2.51 83.80 -9.20
C LEU T 411 1.43 83.44 -10.22
N MET T 412 0.49 82.56 -9.89
CA MET T 412 -0.50 82.12 -10.87
C MET T 412 -1.28 83.30 -11.46
N PRO T 413 -1.82 84.21 -10.66
CA PRO T 413 -2.44 85.40 -11.23
C PRO T 413 -1.45 86.55 -11.34
N VAL T 414 -1.54 87.27 -12.44
CA VAL T 414 -0.66 88.40 -12.72
C VAL T 414 -1.20 89.68 -12.10
N SER T 415 -2.49 89.95 -12.29
CA SER T 415 -3.13 91.12 -11.70
C SER T 415 -3.73 90.83 -10.33
N LYS T 416 -4.20 89.61 -10.09
CA LYS T 416 -4.80 89.24 -8.82
C LYS T 416 -3.73 88.68 -7.89
N ARG T 417 -3.92 88.89 -6.58
CA ARG T 417 -3.05 88.32 -5.55
C ARG T 417 -3.93 87.63 -4.50
N LYS T 418 -4.23 86.36 -4.77
CA LYS T 418 -5.11 85.57 -3.91
C LYS T 418 -4.29 85.09 -2.71
N LYS T 419 -4.25 85.91 -1.67
CA LYS T 419 -3.56 85.52 -0.45
C LYS T 419 -4.32 84.40 0.28
N THR T 420 -5.64 84.35 0.10
CA THR T 420 -6.43 83.29 0.71
C THR T 420 -6.15 81.96 0.02
N VAL T 421 -5.37 81.11 0.68
CA VAL T 421 -5.01 79.81 0.15
C VAL T 421 -5.85 78.77 0.88
N ASN T 422 -6.88 78.26 0.22
CA ASN T 422 -7.80 77.30 0.80
C ASN T 422 -7.51 75.89 0.31
N VAL T 423 -8.32 74.94 0.75
CA VAL T 423 -8.07 73.52 0.44
C VAL T 423 -8.25 73.27 -1.04
N ALA T 424 -9.07 74.07 -1.72
CA ALA T 424 -9.16 73.99 -3.17
C ALA T 424 -7.83 74.35 -3.82
N ASP T 425 -7.14 75.36 -3.29
CA ASP T 425 -5.81 75.68 -3.77
C ASP T 425 -4.82 74.55 -3.51
N ILE T 426 -4.92 73.89 -2.36
CA ILE T 426 -4.04 72.77 -2.07
C ILE T 426 -4.26 71.63 -3.06
N GLU T 427 -5.53 71.30 -3.33
CA GLU T 427 -5.81 70.22 -4.27
C GLU T 427 -5.42 70.62 -5.69
N SER T 428 -5.50 71.92 -6.01
CA SER T 428 -5.01 72.38 -7.30
C SER T 428 -3.51 72.15 -7.42
N VAL T 429 -2.75 72.48 -6.38
CA VAL T 429 -1.31 72.20 -6.41
C VAL T 429 -1.04 70.70 -6.48
N VAL T 430 -1.84 69.89 -5.80
CA VAL T 430 -1.64 68.45 -5.83
C VAL T 430 -1.87 67.91 -7.24
N ALA T 431 -2.93 68.40 -7.91
CA ALA T 431 -3.18 67.99 -9.28
C ALA T 431 -2.09 68.51 -10.21
N ARG T 432 -1.53 69.68 -9.91
CA ARG T 432 -0.49 70.28 -10.74
C ARG T 432 0.84 69.54 -10.63
N ILE T 433 1.14 68.97 -9.45
CA ILE T 433 2.43 68.31 -9.21
C ILE T 433 2.35 66.81 -9.48
N ALA T 434 1.25 66.17 -9.07
CA ALA T 434 1.13 64.73 -9.21
C ALA T 434 0.48 64.34 -10.53
N ARG T 435 -0.22 65.28 -11.16
CA ARG T 435 -0.81 65.11 -12.49
C ARG T 435 -1.98 64.13 -12.47
N ILE T 436 -2.39 63.69 -11.29
CA ILE T 436 -3.68 63.00 -11.16
C ILE T 436 -4.76 64.06 -11.07
N PRO T 437 -5.89 63.91 -11.79
CA PRO T 437 -6.95 64.92 -11.73
C PRO T 437 -7.48 65.11 -10.31
N GLU T 438 -7.51 66.36 -9.84
CA GLU T 438 -7.97 66.68 -8.50
C GLU T 438 -9.39 66.21 -8.29
N LYS T 439 -10.19 66.21 -9.36
CA LYS T 439 -11.59 65.80 -9.25
C LYS T 439 -11.72 64.31 -8.95
N SER T 440 -10.76 63.51 -9.40
CA SER T 440 -10.83 62.07 -9.22
C SER T 440 -10.39 61.63 -7.83
N VAL T 441 -9.58 62.43 -7.14
CA VAL T 441 -9.01 62.04 -5.87
C VAL T 441 -9.36 63.01 -4.75
N SER T 442 -9.10 64.31 -4.93
CA SER T 442 -9.26 65.24 -3.82
C SER T 442 -10.69 65.73 -3.67
N GLN T 443 -11.42 65.93 -4.78
CA GLN T 443 -12.79 66.41 -4.67
C GLN T 443 -13.78 65.28 -4.46
N SER T 444 -13.34 64.03 -4.50
CA SER T 444 -14.23 62.89 -4.27
C SER T 444 -13.72 62.14 -3.05
N ASP T 445 -14.31 62.44 -1.89
CA ASP T 445 -13.92 61.78 -0.65
C ASP T 445 -14.75 60.54 -0.37
N ARG T 446 -16.06 60.61 -0.59
CA ARG T 446 -16.95 59.48 -0.34
C ARG T 446 -17.95 59.22 -1.46
N ASP T 447 -18.06 60.10 -2.46
CA ASP T 447 -19.11 59.97 -3.47
C ASP T 447 -18.98 58.66 -4.25
N THR T 448 -17.79 58.35 -4.77
CA THR T 448 -17.61 57.09 -5.48
C THR T 448 -17.71 55.90 -4.54
N LEU T 449 -17.33 56.10 -3.27
CA LEU T 449 -17.44 55.01 -2.30
C LEU T 449 -18.90 54.66 -2.04
N LYS T 450 -19.76 55.67 -1.97
CA LYS T 450 -21.18 55.44 -1.73
C LYS T 450 -21.82 54.69 -2.89
N ASN T 451 -21.36 54.93 -4.11
CA ASN T 451 -21.84 54.21 -5.29
C ASN T 451 -20.76 53.32 -5.90
N LEU T 452 -20.00 52.61 -5.06
CA LEU T 452 -18.93 51.75 -5.57
C LEU T 452 -19.51 50.51 -6.25
N GLY T 453 -20.58 49.95 -5.70
CA GLY T 453 -21.11 48.69 -6.21
C GLY T 453 -21.56 48.79 -7.66
N ASP T 454 -22.37 49.79 -7.98
CA ASP T 454 -22.80 49.96 -9.37
C ASP T 454 -21.65 50.36 -10.27
N ARG T 455 -20.64 51.05 -9.71
CA ARG T 455 -19.45 51.37 -10.49
C ARG T 455 -18.74 50.11 -10.94
N LEU T 456 -18.57 49.14 -10.04
CA LEU T 456 -17.97 47.87 -10.44
C LEU T 456 -18.90 47.09 -11.37
N LYS T 457 -20.18 46.97 -11.01
CA LYS T 457 -21.13 46.24 -11.83
C LYS T 457 -21.25 46.79 -13.25
N MET T 458 -20.95 48.09 -13.44
CA MET T 458 -20.97 48.72 -14.74
C MET T 458 -19.85 48.22 -15.65
N LEU T 459 -18.74 47.76 -15.08
CA LEU T 459 -17.58 47.33 -15.87
C LEU T 459 -17.40 45.81 -15.86
N VAL T 460 -17.83 45.13 -14.80
CA VAL T 460 -17.75 43.68 -14.71
C VAL T 460 -19.15 43.14 -14.94
N PHE T 461 -19.30 42.32 -15.97
CA PHE T 461 -20.59 41.75 -16.34
C PHE T 461 -20.86 40.52 -15.48
N GLY T 462 -21.90 40.61 -14.66
CA GLY T 462 -22.23 39.50 -13.78
C GLY T 462 -21.54 39.61 -12.43
N GLN T 463 -21.66 38.52 -11.66
CA GLN T 463 -21.09 38.44 -10.32
C GLN T 463 -21.55 39.60 -9.44
N ASP T 464 -22.79 40.03 -9.65
CA ASP T 464 -23.32 41.19 -8.92
C ASP T 464 -23.36 40.91 -7.42
N LYS T 465 -23.69 39.67 -7.05
CA LYS T 465 -23.72 39.35 -5.63
C LYS T 465 -22.35 39.43 -4.99
N ALA T 466 -21.31 38.94 -5.70
CA ALA T 466 -19.96 39.05 -5.19
C ALA T 466 -19.52 40.50 -5.06
N ILE T 467 -19.84 41.32 -6.08
CA ILE T 467 -19.48 42.73 -6.04
C ILE T 467 -20.17 43.42 -4.88
N GLU T 468 -21.45 43.11 -4.66
CA GLU T 468 -22.20 43.71 -3.56
C GLU T 468 -21.61 43.31 -2.22
N ALA T 469 -21.26 42.03 -2.05
CA ALA T 469 -20.64 41.61 -0.80
C ALA T 469 -19.31 42.31 -0.56
N LEU T 470 -18.48 42.41 -1.60
CA LEU T 470 -17.21 43.08 -1.47
C LEU T 470 -17.39 44.55 -1.08
N THR T 471 -18.32 45.24 -1.74
CA THR T 471 -18.55 46.64 -1.44
C THR T 471 -19.08 46.83 -0.02
N GLU T 472 -19.98 45.95 0.42
CA GLU T 472 -20.50 46.06 1.77
C GLU T 472 -19.40 45.85 2.80
N ALA T 473 -18.51 44.89 2.55
CA ALA T 473 -17.41 44.65 3.47
C ALA T 473 -16.47 45.85 3.52
N ILE T 474 -16.08 46.38 2.37
CA ILE T 474 -15.13 47.50 2.37
C ILE T 474 -15.78 48.74 2.97
N LYS T 475 -17.09 48.91 2.81
CA LYS T 475 -17.79 50.03 3.43
C LYS T 475 -17.83 49.87 4.94
N MET T 476 -18.16 48.68 5.43
CA MET T 476 -18.14 48.43 6.87
C MET T 476 -16.76 48.69 7.45
N ALA T 477 -15.72 48.38 6.67
CA ALA T 477 -14.36 48.71 7.11
C ALA T 477 -14.14 50.21 7.16
N ARG T 478 -14.53 50.92 6.10
CA ARG T 478 -14.32 52.37 6.05
C ARG T 478 -15.13 53.11 7.10
N ALA T 479 -16.20 52.51 7.61
CA ALA T 479 -17.00 53.17 8.64
C ALA T 479 -16.19 53.39 9.91
N GLY T 480 -15.27 52.49 10.23
CA GLY T 480 -14.36 52.67 11.35
C GLY T 480 -14.80 52.04 12.66
N LEU T 481 -15.92 51.30 12.68
CA LEU T 481 -16.36 50.63 13.90
C LEU T 481 -15.79 49.22 13.93
N GLY T 482 -14.46 49.16 14.08
CA GLY T 482 -13.75 47.90 14.16
C GLY T 482 -12.40 48.07 14.85
N HIS T 483 -11.40 47.35 14.37
CA HIS T 483 -10.05 47.43 14.92
C HIS T 483 -9.19 48.25 13.96
N GLU T 484 -8.63 49.35 14.45
CA GLU T 484 -7.90 50.27 13.56
C GLU T 484 -6.63 49.63 13.03
N HIS T 485 -6.04 48.71 13.79
CA HIS T 485 -4.81 48.06 13.35
C HIS T 485 -5.03 47.09 12.20
N LYS T 486 -6.19 46.44 12.13
CA LYS T 486 -6.44 45.43 11.12
C LYS T 486 -6.38 46.02 9.72
N PRO T 487 -6.06 45.21 8.72
CA PRO T 487 -6.10 45.69 7.34
C PRO T 487 -7.49 46.16 6.95
N VAL T 488 -7.56 46.90 5.84
CA VAL T 488 -8.85 47.40 5.37
C VAL T 488 -9.78 46.24 5.04
N GLY T 489 -9.27 45.25 4.30
CA GLY T 489 -10.09 44.10 3.95
C GLY T 489 -9.24 42.90 3.62
N SER T 490 -9.74 41.74 4.04
CA SER T 490 -9.09 40.46 3.77
C SER T 490 -10.13 39.51 3.22
N PHE T 491 -10.10 39.27 1.91
CA PHE T 491 -11.12 38.48 1.23
C PHE T 491 -10.47 37.40 0.40
N LEU T 492 -11.04 36.19 0.46
CA LEU T 492 -10.62 35.08 -0.36
C LEU T 492 -11.64 34.84 -1.46
N PHE T 493 -11.25 35.14 -2.70
CA PHE T 493 -12.14 35.08 -3.85
C PHE T 493 -12.20 33.66 -4.37
N ALA T 494 -13.25 32.92 -4.01
CA ALA T 494 -13.43 31.55 -4.46
C ALA T 494 -14.25 31.53 -5.73
N GLY T 495 -14.31 30.36 -6.36
CA GLY T 495 -15.06 30.19 -7.59
C GLY T 495 -14.14 29.94 -8.77
N PRO T 496 -14.71 29.52 -9.89
CA PRO T 496 -13.89 29.24 -11.07
C PRO T 496 -13.28 30.52 -11.63
N THR T 497 -12.02 30.40 -12.06
CA THR T 497 -11.34 31.50 -12.71
C THR T 497 -11.99 31.79 -14.06
N GLY T 498 -11.55 32.88 -14.69
CA GLY T 498 -12.14 33.28 -15.95
C GLY T 498 -13.53 33.85 -15.84
N VAL T 499 -13.92 34.31 -14.66
CA VAL T 499 -15.20 34.99 -14.46
C VAL T 499 -14.99 36.46 -14.11
N GLY T 500 -13.75 36.90 -14.08
CA GLY T 500 -13.44 38.30 -13.89
C GLY T 500 -13.02 38.71 -12.49
N LYS T 501 -12.60 37.76 -11.65
CA LYS T 501 -12.16 38.14 -10.30
C LYS T 501 -10.96 39.05 -10.36
N THR T 502 -9.97 38.73 -11.20
CA THR T 502 -8.88 39.66 -11.46
C THR T 502 -9.36 40.97 -12.07
N GLU T 503 -10.32 40.92 -12.99
CA GLU T 503 -10.89 42.14 -13.53
C GLU T 503 -11.64 42.92 -12.46
N VAL T 504 -12.33 42.21 -11.55
CA VAL T 504 -12.99 42.87 -10.44
C VAL T 504 -11.98 43.62 -9.59
N THR T 505 -10.86 42.97 -9.28
CA THR T 505 -9.82 43.63 -8.48
C THR T 505 -9.22 44.81 -9.23
N VAL T 506 -9.04 44.67 -10.55
CA VAL T 506 -8.46 45.76 -11.34
C VAL T 506 -9.38 46.97 -11.31
N GLN T 507 -10.68 46.76 -11.50
CA GLN T 507 -11.61 47.88 -11.48
C GLN T 507 -11.78 48.43 -10.08
N LEU T 508 -11.59 47.60 -9.05
CA LEU T 508 -11.62 48.10 -7.68
C LEU T 508 -10.42 49.00 -7.42
N SER T 509 -9.25 48.62 -7.93
CA SER T 509 -8.07 49.47 -7.82
C SER T 509 -8.26 50.78 -8.56
N LYS T 510 -8.81 50.72 -9.78
CA LYS T 510 -9.00 51.94 -10.55
C LYS T 510 -10.05 52.85 -9.93
N ALA T 511 -11.07 52.26 -9.30
CA ALA T 511 -12.14 53.06 -8.71
C ALA T 511 -11.64 53.80 -7.46
N LEU T 512 -10.83 53.14 -6.66
CA LEU T 512 -10.24 53.76 -5.47
C LEU T 512 -9.05 54.64 -5.81
N GLY T 513 -8.63 54.67 -7.08
CA GLY T 513 -7.48 55.47 -7.48
C GLY T 513 -6.18 55.04 -6.86
N ILE T 514 -6.10 53.80 -6.37
CA ILE T 514 -4.91 53.29 -5.71
C ILE T 514 -4.24 52.30 -6.67
N GLU T 515 -2.93 52.14 -6.49
CA GLU T 515 -2.18 51.23 -7.34
C GLU T 515 -2.59 49.79 -7.05
N LEU T 516 -2.16 48.90 -7.95
CA LEU T 516 -2.42 47.47 -7.81
C LEU T 516 -1.10 46.74 -7.59
N LEU T 517 -0.87 46.30 -6.36
CA LEU T 517 0.29 45.48 -6.03
C LEU T 517 -0.13 44.02 -6.03
N ARG T 518 0.41 43.26 -6.98
CA ARG T 518 0.00 41.89 -7.21
C ARG T 518 1.20 40.96 -7.27
N PHE T 519 1.02 39.74 -6.78
CA PHE T 519 2.03 38.70 -6.82
C PHE T 519 1.35 37.36 -7.06
N ASP T 520 1.82 36.64 -8.07
CA ASP T 520 1.28 35.33 -8.40
C ASP T 520 1.92 34.30 -7.48
N MET T 521 1.15 33.82 -6.50
CA MET T 521 1.70 33.00 -5.42
C MET T 521 2.23 31.66 -5.91
N SER T 522 2.07 31.35 -7.21
CA SER T 522 2.65 30.12 -7.75
C SER T 522 4.17 30.11 -7.64
N GLU T 523 4.81 31.27 -7.51
CA GLU T 523 6.26 31.36 -7.44
C GLU T 523 6.81 31.28 -6.03
N TYR T 524 5.95 31.14 -5.01
CA TYR T 524 6.37 31.17 -3.62
C TYR T 524 5.92 29.90 -2.92
N MET T 525 6.06 28.79 -3.64
CA MET T 525 5.79 27.46 -3.11
C MET T 525 6.97 26.91 -2.32
N GLU T 526 8.08 27.65 -2.27
CA GLU T 526 9.28 27.20 -1.57
C GLU T 526 9.70 28.26 -0.58
N ARG T 527 10.09 27.80 0.62
CA ARG T 527 10.36 28.72 1.73
C ARG T 527 11.55 29.63 1.45
N HIS T 528 12.50 29.19 0.63
CA HIS T 528 13.64 30.04 0.30
C HIS T 528 13.23 31.20 -0.58
N THR T 529 12.03 31.13 -1.16
CA THR T 529 11.42 32.27 -1.83
C THR T 529 10.49 33.06 -0.92
N VAL T 530 9.90 32.41 0.10
CA VAL T 530 9.15 33.15 1.11
C VAL T 530 10.07 34.09 1.86
N SER T 531 11.31 33.65 2.12
CA SER T 531 12.30 34.53 2.72
C SER T 531 12.52 35.77 1.87
N ARG T 532 12.60 35.61 0.55
CA ARG T 532 12.75 36.75 -0.34
C ARG T 532 11.51 37.63 -0.33
N LEU T 533 10.33 37.01 -0.24
CA LEU T 533 9.09 37.78 -0.13
C LEU T 533 9.13 38.69 1.09
N ILE T 534 9.53 38.15 2.24
CA ILE T 534 9.61 38.95 3.46
C ILE T 534 10.86 39.81 3.43
N GLY T 535 11.95 39.28 2.90
CA GLY T 535 13.24 39.93 2.99
C GLY T 535 14.16 39.33 4.03
N ALA T 536 14.10 38.03 4.26
CA ALA T 536 14.99 37.40 5.22
C ALA T 536 16.42 37.45 4.69
N PRO T 537 17.43 37.54 5.56
CA PRO T 537 18.82 37.65 5.10
C PRO T 537 19.20 36.52 4.14
N PRO T 538 18.90 35.25 4.44
CA PRO T 538 19.27 34.20 3.49
C PRO T 538 18.25 34.03 2.38
N GLY T 539 18.73 33.51 1.26
CA GLY T 539 17.86 33.20 0.13
C GLY T 539 17.95 34.14 -1.04
N TYR T 540 18.33 35.40 -0.84
CA TYR T 540 18.42 36.34 -1.94
C TYR T 540 19.48 37.39 -1.63
N VAL T 541 20.24 37.73 -2.67
CA VAL T 541 21.26 38.76 -2.55
C VAL T 541 20.60 40.12 -2.61
N GLY T 542 21.13 41.09 -1.87
CA GLY T 542 20.51 42.39 -1.80
C GLY T 542 19.56 42.56 -0.64
N PHE T 543 19.82 41.87 0.48
CA PHE T 543 18.90 41.94 1.62
C PHE T 543 18.92 43.31 2.29
N ASP T 544 19.75 44.23 1.80
CA ASP T 544 19.70 45.61 2.25
C ASP T 544 18.43 46.32 1.81
N GLN T 545 17.78 45.85 0.75
CA GLN T 545 16.58 46.49 0.21
C GLN T 545 15.29 45.93 0.77
N GLY T 546 15.36 44.88 1.58
CA GLY T 546 14.18 44.29 2.16
C GLY T 546 13.38 43.45 1.19
N GLY T 547 12.27 42.90 1.70
CA GLY T 547 11.43 42.03 0.91
C GLY T 547 10.58 42.79 -0.08
N LEU T 548 9.97 42.03 -1.00
CA LEU T 548 9.13 42.64 -2.02
C LEU T 548 7.88 43.25 -1.43
N LEU T 549 7.15 42.48 -0.62
CA LEU T 549 5.88 42.96 -0.06
C LEU T 549 6.09 44.20 0.79
N THR T 550 7.13 44.20 1.63
CA THR T 550 7.34 45.33 2.52
C THR T 550 7.66 46.61 1.76
N ASP T 551 8.62 46.54 0.83
CA ASP T 551 8.95 47.75 0.07
C ASP T 551 7.77 48.20 -0.78
N ALA T 552 6.99 47.25 -1.31
CA ALA T 552 5.84 47.63 -2.11
C ALA T 552 4.80 48.38 -1.29
N VAL T 553 4.43 47.81 -0.13
CA VAL T 553 3.44 48.48 0.71
C VAL T 553 4.00 49.78 1.29
N ILE T 554 5.33 49.90 1.36
CA ILE T 554 5.94 51.17 1.75
C ILE T 554 5.77 52.20 0.65
N LYS T 555 5.90 51.77 -0.62
CA LYS T 555 5.74 52.70 -1.73
C LYS T 555 4.30 53.21 -1.82
N HIS T 556 3.33 52.34 -1.57
CA HIS T 556 1.90 52.70 -1.63
C HIS T 556 1.20 52.11 -0.41
N PRO T 557 1.17 52.85 0.70
CA PRO T 557 0.42 52.37 1.86
C PRO T 557 -1.09 52.42 1.67
N HIS T 558 -1.57 52.81 0.49
CA HIS T 558 -2.99 52.91 0.20
C HIS T 558 -3.45 51.89 -0.84
N ALA T 559 -2.52 51.16 -1.47
CA ALA T 559 -2.85 50.34 -2.61
C ALA T 559 -3.64 49.09 -2.20
N VAL T 560 -3.97 48.28 -3.19
CA VAL T 560 -4.66 47.01 -2.99
C VAL T 560 -3.69 45.88 -3.25
N LEU T 561 -3.82 44.80 -2.48
CA LEU T 561 -2.92 43.64 -2.57
C LEU T 561 -3.64 42.50 -3.25
N LEU T 562 -3.02 41.95 -4.28
CA LEU T 562 -3.58 40.83 -5.03
C LEU T 562 -2.64 39.64 -4.95
N LEU T 563 -3.12 38.53 -4.40
CA LEU T 563 -2.35 37.31 -4.28
C LEU T 563 -3.12 36.19 -4.98
N ASP T 564 -2.81 35.94 -6.25
CA ASP T 564 -3.50 34.92 -7.00
C ASP T 564 -2.96 33.54 -6.66
N GLU T 565 -3.80 32.51 -6.81
CA GLU T 565 -3.44 31.13 -6.51
C GLU T 565 -2.82 31.03 -5.12
N ILE T 566 -3.54 31.56 -4.12
CA ILE T 566 -3.00 31.63 -2.77
C ILE T 566 -2.83 30.24 -2.18
N GLU T 567 -3.54 29.25 -2.72
CA GLU T 567 -3.44 27.88 -2.20
C GLU T 567 -2.12 27.22 -2.55
N LYS T 568 -1.34 27.82 -3.45
CA LYS T 568 -0.03 27.28 -3.81
C LYS T 568 1.08 27.72 -2.88
N ALA T 569 0.93 28.84 -2.20
CA ALA T 569 2.03 29.43 -1.44
C ALA T 569 2.44 28.53 -0.28
N HIS T 570 3.68 28.68 0.15
CA HIS T 570 4.19 27.91 1.26
C HIS T 570 3.43 28.27 2.54
N PRO T 571 3.26 27.33 3.47
CA PRO T 571 2.57 27.66 4.73
C PRO T 571 3.17 28.83 5.50
N ASP T 572 4.42 29.18 5.25
CA ASP T 572 4.97 30.38 5.90
C ASP T 572 4.35 31.65 5.35
N VAL T 573 3.97 31.68 4.08
CA VAL T 573 3.16 32.78 3.58
C VAL T 573 1.85 32.86 4.35
N PHE T 574 1.27 31.70 4.69
CA PHE T 574 0.05 31.71 5.48
C PHE T 574 0.31 32.22 6.89
N ASN T 575 1.47 31.89 7.45
CA ASN T 575 1.83 32.43 8.76
C ASN T 575 1.95 33.94 8.74
N ILE T 576 2.60 34.48 7.69
CA ILE T 576 2.74 35.92 7.59
C ILE T 576 1.38 36.58 7.38
N LEU T 577 0.52 35.98 6.58
CA LEU T 577 -0.82 36.53 6.39
C LEU T 577 -1.62 36.50 7.68
N LEU T 578 -1.46 35.43 8.48
CA LEU T 578 -2.11 35.39 9.78
C LEU T 578 -1.60 36.50 10.68
N GLN T 579 -0.27 36.72 10.69
CA GLN T 579 0.31 37.77 11.50
C GLN T 579 -0.20 39.14 11.10
N VAL T 580 -0.34 39.37 9.79
CA VAL T 580 -0.83 40.65 9.29
C VAL T 580 -2.30 40.84 9.64
N MET T 581 -3.12 39.81 9.40
CA MET T 581 -4.54 39.93 9.69
C MET T 581 -4.80 39.98 11.19
N ASP T 582 -3.80 39.63 12.00
CA ASP T 582 -3.93 39.76 13.44
C ASP T 582 -3.44 41.12 13.96
N ASN T 583 -2.39 41.68 13.34
CA ASN T 583 -1.82 42.93 13.83
C ASN T 583 -1.84 44.05 12.81
N GLY T 584 -1.96 43.75 11.52
CA GLY T 584 -2.00 44.82 10.52
C GLY T 584 -0.72 45.59 10.36
N THR T 585 0.43 44.98 10.64
CA THR T 585 1.73 45.61 10.46
C THR T 585 2.79 44.53 10.37
N LEU T 586 3.69 44.68 9.39
CA LEU T 586 4.77 43.73 9.18
C LEU T 586 6.09 44.45 9.35
N THR T 587 6.86 44.05 10.35
CA THR T 587 8.20 44.58 10.52
C THR T 587 9.15 43.90 9.53
N ASP T 588 10.30 44.54 9.31
CA ASP T 588 11.29 44.01 8.40
C ASP T 588 12.61 43.83 9.13
N ASN T 589 13.49 43.03 8.53
CA ASN T 589 14.81 42.75 9.11
C ASN T 589 15.80 43.88 8.90
N ASN T 590 15.33 45.05 8.49
CA ASN T 590 16.16 46.25 8.41
C ASN T 590 15.63 47.36 9.32
N GLY T 591 14.77 47.01 10.28
CA GLY T 591 14.26 47.97 11.22
C GLY T 591 13.13 48.83 10.70
N ARG T 592 12.36 48.34 9.72
CA ARG T 592 11.27 49.08 9.14
C ARG T 592 9.95 48.33 9.38
N LYS T 593 8.85 49.07 9.28
CA LYS T 593 7.52 48.53 9.52
C LYS T 593 6.66 48.75 8.28
N ALA T 594 5.67 47.89 8.12
CA ALA T 594 4.74 47.97 6.99
C ALA T 594 3.39 48.44 7.52
N ASP T 595 2.77 49.40 6.83
CA ASP T 595 1.48 49.97 7.23
C ASP T 595 0.38 49.26 6.45
N PHE T 596 -0.42 48.45 7.15
CA PHE T 596 -1.52 47.71 6.55
C PHE T 596 -2.88 48.32 6.88
N ARG T 597 -2.95 49.21 7.87
CA ARG T 597 -4.23 49.77 8.29
C ARG T 597 -4.92 50.55 7.17
N ASN T 598 -4.21 50.87 6.10
CA ASN T 598 -4.78 51.51 4.93
C ASN T 598 -4.63 50.65 3.68
N VAL T 599 -4.40 49.35 3.85
CA VAL T 599 -4.25 48.43 2.74
C VAL T 599 -5.33 47.37 2.83
N VAL T 600 -5.89 47.02 1.67
CA VAL T 600 -6.88 45.96 1.55
C VAL T 600 -6.25 44.80 0.81
N LEU T 601 -6.34 43.60 1.40
CA LEU T 601 -5.69 42.42 0.88
C LEU T 601 -6.72 41.52 0.22
N VAL T 602 -6.43 41.10 -1.02
CA VAL T 602 -7.32 40.25 -1.80
C VAL T 602 -6.53 39.06 -2.32
N MET T 603 -6.97 37.86 -1.98
CA MET T 603 -6.40 36.63 -2.51
C MET T 603 -7.43 35.91 -3.36
N THR T 604 -6.98 35.33 -4.47
CA THR T 604 -7.84 34.53 -5.33
C THR T 604 -7.36 33.08 -5.33
N THR T 605 -8.31 32.16 -5.38
CA THR T 605 -7.99 30.75 -5.51
C THR T 605 -9.06 30.10 -6.39
N ASN T 606 -8.74 28.92 -6.91
CA ASN T 606 -9.71 28.10 -7.61
C ASN T 606 -9.84 26.72 -6.97
N ALA T 607 -9.37 26.55 -5.74
CA ALA T 607 -9.48 25.28 -5.07
C ALA T 607 -10.94 24.91 -4.88
N GLY T 608 -11.24 23.62 -4.98
CA GLY T 608 -12.60 23.14 -4.85
C GLY T 608 -13.43 23.22 -6.11
N VAL T 609 -13.11 24.13 -7.03
CA VAL T 609 -13.88 24.23 -8.27
C VAL T 609 -13.67 22.99 -9.13
N ARG T 610 -12.50 22.36 -9.00
CA ARG T 610 -12.27 21.08 -9.66
C ARG T 610 -13.24 20.01 -9.18
N GLU T 611 -13.81 20.18 -7.98
CA GLU T 611 -14.78 19.24 -7.45
C GLU T 611 -16.19 19.50 -7.93
N THR T 612 -16.44 20.64 -8.58
CA THR T 612 -17.74 20.91 -9.16
C THR T 612 -17.93 20.22 -10.51
N GLU T 613 -16.84 19.84 -11.18
CA GLU T 613 -16.91 19.09 -12.43
C GLU T 613 -16.58 17.62 -12.23
N ARG T 614 -16.52 17.16 -10.99
CA ARG T 614 -16.29 15.75 -10.72
C ARG T 614 -17.51 14.94 -11.13
N LYS T 615 -17.33 14.08 -12.13
CA LYS T 615 -18.41 13.25 -12.64
C LYS T 615 -18.66 12.09 -11.69
N SER T 616 -19.92 11.96 -11.25
CA SER T 616 -20.29 10.88 -10.35
C SER T 616 -20.36 9.56 -11.09
N ILE T 617 -20.68 8.50 -10.35
CA ILE T 617 -20.61 7.15 -10.90
C ILE T 617 -21.98 6.65 -11.34
N GLY T 618 -23.05 7.08 -10.69
CA GLY T 618 -24.36 6.56 -10.97
C GLY T 618 -24.81 6.81 -12.40
N LEU T 619 -25.96 6.21 -12.73
CA LEU T 619 -26.54 6.38 -14.05
C LEU T 619 -26.88 7.83 -14.36
N ILE T 620 -27.09 8.65 -13.34
CA ILE T 620 -27.41 10.05 -13.55
C ILE T 620 -26.16 10.92 -13.51
N HIS T 621 -25.36 10.82 -12.45
CA HIS T 621 -24.00 11.32 -12.34
C HIS T 621 -23.92 12.84 -12.36
N GLN T 622 -25.04 13.53 -12.56
CA GLN T 622 -25.07 14.93 -12.21
C GLN T 622 -24.84 14.99 -10.71
N ASP T 623 -25.85 14.54 -9.96
CA ASP T 623 -25.67 14.08 -8.60
C ASP T 623 -25.26 15.18 -7.63
N ASN T 624 -24.96 16.39 -8.14
CA ASN T 624 -24.46 17.43 -7.28
C ASN T 624 -24.55 18.79 -7.97
N SER T 625 -24.77 19.81 -7.15
CA SER T 625 -24.33 21.16 -7.42
C SER T 625 -23.29 21.46 -6.35
N THR T 626 -22.06 21.04 -6.58
CA THR T 626 -21.04 20.86 -5.55
C THR T 626 -20.82 22.14 -4.76
N ASP T 627 -20.66 21.98 -3.45
CA ASP T 627 -20.28 23.07 -2.56
C ASP T 627 -18.78 22.96 -2.29
N ALA T 628 -17.99 23.85 -2.89
CA ALA T 628 -16.55 23.82 -2.74
C ALA T 628 -16.09 24.30 -1.37
N MET T 629 -17.03 24.69 -0.50
CA MET T 629 -16.68 25.18 0.83
C MET T 629 -15.90 24.16 1.64
N GLU T 630 -16.23 22.88 1.52
CA GLU T 630 -15.50 21.85 2.27
C GLU T 630 -14.06 21.76 1.80
N GLU T 631 -13.83 21.76 0.50
CA GLU T 631 -12.46 21.74 -0.01
C GLU T 631 -11.72 23.01 0.38
N ILE T 632 -12.44 24.14 0.42
CA ILE T 632 -11.82 25.39 0.84
C ILE T 632 -11.33 25.28 2.28
N LYS T 633 -12.21 24.88 3.19
CA LYS T 633 -11.81 24.77 4.59
C LYS T 633 -10.76 23.67 4.79
N LYS T 634 -10.72 22.71 3.87
CA LYS T 634 -9.67 21.68 3.94
C LYS T 634 -8.32 22.24 3.54
N ILE T 635 -8.29 23.10 2.51
CA ILE T 635 -7.02 23.65 2.04
C ILE T 635 -6.45 24.65 3.03
N PHE T 636 -7.24 25.67 3.39
CA PHE T 636 -6.78 26.76 4.23
C PHE T 636 -7.08 26.40 5.68
N THR T 637 -6.04 26.35 6.51
CA THR T 637 -6.17 26.00 7.92
C THR T 637 -7.16 26.94 8.61
N PRO T 638 -7.96 26.42 9.54
CA PRO T 638 -8.93 27.29 10.23
C PRO T 638 -8.31 28.48 10.92
N GLU T 639 -7.05 28.38 11.35
CA GLU T 639 -6.39 29.54 11.93
C GLU T 639 -6.34 30.70 10.96
N PHE T 640 -6.06 30.42 9.68
CA PHE T 640 -5.96 31.47 8.68
C PHE T 640 -7.33 31.97 8.25
N ARG T 641 -8.20 31.07 7.79
CA ARG T 641 -9.49 31.49 7.26
C ARG T 641 -10.40 32.03 8.35
N ASN T 642 -10.09 31.76 9.61
CA ASN T 642 -10.84 32.37 10.70
C ASN T 642 -10.64 33.88 10.77
N ARG T 643 -9.62 34.41 10.10
CA ARG T 643 -9.32 35.83 10.12
C ARG T 643 -9.83 36.55 8.87
N LEU T 644 -10.49 35.84 7.97
CA LEU T 644 -11.02 36.46 6.76
C LEU T 644 -12.12 37.43 7.11
N ASP T 645 -12.03 38.64 6.56
CA ASP T 645 -13.11 39.60 6.73
C ASP T 645 -14.35 39.15 5.97
N ASN T 646 -14.15 38.40 4.89
CA ASN T 646 -15.23 37.76 4.16
C ASN T 646 -14.61 36.78 3.17
N ILE T 647 -15.43 35.86 2.66
CA ILE T 647 -15.02 34.93 1.63
C ILE T 647 -16.00 35.07 0.47
N ILE T 648 -15.54 35.65 -0.63
CA ILE T 648 -16.40 36.05 -1.73
C ILE T 648 -16.43 34.91 -2.75
N TRP T 649 -17.63 34.49 -3.11
CA TRP T 649 -17.81 33.41 -4.07
C TRP T 649 -18.25 33.95 -5.42
N PHE T 650 -17.54 33.55 -6.46
CA PHE T 650 -17.83 33.97 -7.83
C PHE T 650 -18.50 32.82 -8.57
N ASP T 651 -19.63 33.11 -9.21
CA ASP T 651 -20.41 32.09 -9.88
C ASP T 651 -20.07 32.04 -11.36
N HIS T 652 -20.77 31.18 -12.10
CA HIS T 652 -20.54 31.04 -13.53
C HIS T 652 -21.15 32.21 -14.29
N LEU T 653 -20.51 32.56 -15.40
CA LEU T 653 -20.99 33.66 -16.23
C LEU T 653 -22.22 33.24 -17.02
N SER T 654 -23.21 34.12 -17.04
CA SER T 654 -24.45 33.82 -17.74
C SER T 654 -24.23 33.87 -19.25
N THR T 655 -25.19 33.29 -19.99
CA THR T 655 -25.09 33.28 -21.44
C THR T 655 -25.01 34.68 -22.01
N ASP T 656 -25.69 35.64 -21.38
CA ASP T 656 -25.56 37.02 -21.82
C ASP T 656 -24.17 37.57 -21.52
N VAL T 657 -23.59 37.18 -20.37
CA VAL T 657 -22.23 37.60 -20.05
C VAL T 657 -21.24 37.03 -21.05
N ILE T 658 -21.39 35.74 -21.39
CA ILE T 658 -20.50 35.12 -22.36
C ILE T 658 -20.69 35.75 -23.73
N HIS T 659 -21.93 36.11 -24.06
CA HIS T 659 -22.18 36.78 -25.33
C HIS T 659 -21.53 38.16 -25.36
N GLN T 660 -21.59 38.91 -24.26
CA GLN T 660 -20.93 40.20 -24.21
C GLN T 660 -19.42 40.05 -24.35
N VAL T 661 -18.84 39.03 -23.72
CA VAL T 661 -17.39 38.89 -23.76
C VAL T 661 -16.94 38.43 -25.15
N VAL T 662 -17.72 37.57 -25.81
CA VAL T 662 -17.34 37.17 -27.17
C VAL T 662 -17.56 38.32 -28.13
N ASP T 663 -18.55 39.17 -27.86
CA ASP T 663 -18.74 40.38 -28.68
C ASP T 663 -17.58 41.34 -28.48
N LYS T 664 -17.02 41.40 -27.27
CA LYS T 664 -15.83 42.22 -27.05
C LYS T 664 -14.64 41.68 -27.82
N PHE T 665 -14.42 40.37 -27.76
CA PHE T 665 -13.39 39.76 -28.61
C PHE T 665 -13.65 40.07 -30.09
N ILE T 666 -14.91 40.06 -30.49
CA ILE T 666 -15.27 40.29 -31.89
C ILE T 666 -14.94 41.72 -32.30
N VAL T 667 -15.28 42.70 -31.45
CA VAL T 667 -14.99 44.08 -31.79
C VAL T 667 -13.49 44.34 -31.76
N GLU T 668 -12.76 43.62 -30.92
CA GLU T 668 -11.30 43.71 -30.95
C GLU T 668 -10.75 43.21 -32.29
N LEU T 669 -11.22 42.04 -32.72
CA LEU T 669 -10.82 41.53 -34.03
C LEU T 669 -11.22 42.49 -35.14
N GLN T 670 -12.39 43.12 -35.00
CA GLN T 670 -12.86 44.06 -36.00
C GLN T 670 -11.95 45.28 -36.08
N VAL T 671 -11.51 45.78 -34.93
CA VAL T 671 -10.55 46.87 -34.90
C VAL T 671 -9.27 46.47 -35.62
N GLN T 672 -8.76 45.27 -35.32
CA GLN T 672 -7.54 44.83 -35.98
C GLN T 672 -7.72 44.72 -37.48
N LEU T 673 -8.85 44.18 -37.93
CA LEU T 673 -9.06 44.00 -39.37
C LEU T 673 -9.26 45.33 -40.09
N ASP T 674 -10.03 46.24 -39.50
CA ASP T 674 -10.21 47.55 -40.11
C ASP T 674 -8.91 48.33 -40.14
N GLN T 675 -8.08 48.19 -39.11
CA GLN T 675 -6.74 48.75 -39.15
C GLN T 675 -5.94 48.14 -40.29
N LYS T 676 -6.14 46.84 -40.54
CA LYS T 676 -5.56 46.22 -41.73
C LYS T 676 -6.28 46.67 -42.99
N GLY T 677 -7.58 46.92 -42.89
CA GLY T 677 -8.34 47.40 -44.04
C GLY T 677 -9.42 46.45 -44.51
N VAL T 678 -9.76 45.47 -43.67
CA VAL T 678 -10.76 44.46 -44.00
C VAL T 678 -11.94 44.62 -43.06
N SER T 679 -13.14 44.62 -43.60
CA SER T 679 -14.34 44.64 -42.77
C SER T 679 -14.74 43.22 -42.40
N LEU T 680 -15.42 43.09 -41.27
CA LEU T 680 -15.87 41.80 -40.76
C LEU T 680 -17.31 41.92 -40.32
N GLU T 681 -18.09 40.87 -40.57
CA GLU T 681 -19.44 40.74 -40.05
C GLU T 681 -19.63 39.33 -39.52
N VAL T 682 -20.39 39.20 -38.44
CA VAL T 682 -20.60 37.92 -37.78
C VAL T 682 -22.09 37.77 -37.48
N SER T 683 -22.64 36.61 -37.80
CA SER T 683 -24.02 36.31 -37.44
C SER T 683 -24.14 36.10 -35.93
N GLN T 684 -25.29 36.47 -35.39
CA GLN T 684 -25.52 36.31 -33.96
C GLN T 684 -25.47 34.85 -33.54
N GLU T 685 -25.98 33.95 -34.39
CA GLU T 685 -25.89 32.53 -34.09
C GLU T 685 -24.45 32.07 -33.96
N ALA T 686 -23.55 32.60 -34.80
CA ALA T 686 -22.15 32.26 -34.68
C ALA T 686 -21.58 32.76 -33.36
N ARG T 687 -22.00 33.95 -32.92
CA ARG T 687 -21.58 34.44 -31.62
C ARG T 687 -22.02 33.50 -30.50
N ASN T 688 -23.28 33.05 -30.56
CA ASN T 688 -23.75 32.11 -29.54
C ASN T 688 -22.97 30.80 -29.57
N TRP T 689 -22.67 30.32 -30.77
CA TRP T 689 -21.92 29.06 -30.89
C TRP T 689 -20.53 29.20 -30.28
N LEU T 690 -19.79 30.25 -30.67
CA LEU T 690 -18.47 30.48 -30.10
C LEU T 690 -18.53 30.63 -28.59
N ALA T 691 -19.53 31.37 -28.10
CA ALA T 691 -19.64 31.59 -26.66
C ALA T 691 -19.89 30.28 -25.91
N GLU T 692 -20.82 29.47 -26.40
CA GLU T 692 -21.17 28.23 -25.69
C GLU T 692 -20.10 27.17 -25.88
N LYS T 693 -19.24 27.33 -26.89
CA LYS T 693 -18.19 26.33 -27.10
C LYS T 693 -16.94 26.68 -26.29
N GLY T 694 -16.56 27.95 -26.24
CA GLY T 694 -15.34 28.37 -25.60
C GLY T 694 -15.43 28.60 -24.11
N TYR T 695 -16.57 28.35 -23.49
CA TYR T 695 -16.71 28.54 -22.06
C TYR T 695 -16.53 27.21 -21.33
N ASP T 696 -15.57 27.17 -20.41
CA ASP T 696 -15.29 25.96 -19.63
C ASP T 696 -15.62 26.25 -18.17
N ARG T 697 -16.40 25.35 -17.55
CA ARG T 697 -16.80 25.55 -16.16
C ARG T 697 -15.61 25.42 -15.22
N ALA T 698 -14.48 24.93 -15.73
CA ALA T 698 -13.25 24.86 -14.94
C ALA T 698 -12.37 26.09 -15.10
N MET T 699 -12.39 26.74 -16.28
CA MET T 699 -11.54 27.90 -16.50
C MET T 699 -12.34 29.14 -16.90
N GLY T 700 -13.66 29.10 -16.80
CA GLY T 700 -14.45 30.29 -17.11
C GLY T 700 -14.40 30.61 -18.58
N ALA T 701 -14.08 31.86 -18.89
CA ALA T 701 -14.01 32.33 -20.27
C ALA T 701 -12.59 32.46 -20.78
N ARG T 702 -11.61 31.86 -20.11
CA ARG T 702 -10.22 31.97 -20.55
C ARG T 702 -9.94 31.28 -21.88
N PRO T 703 -10.43 30.06 -22.15
CA PRO T 703 -10.21 29.48 -23.48
C PRO T 703 -10.95 30.22 -24.59
N MET T 704 -11.74 31.26 -24.26
CA MET T 704 -12.47 31.97 -25.30
C MET T 704 -11.53 32.68 -26.26
N ALA T 705 -10.47 33.30 -25.75
CA ALA T 705 -9.49 33.94 -26.63
C ALA T 705 -8.90 32.93 -27.61
N ARG T 706 -8.51 31.76 -27.10
CA ARG T 706 -7.92 30.74 -27.95
C ARG T 706 -8.91 30.23 -28.99
N VAL T 707 -10.14 29.94 -28.60
CA VAL T 707 -11.09 29.37 -29.55
C VAL T 707 -11.49 30.41 -30.59
N ILE T 708 -11.65 31.67 -30.16
CA ILE T 708 -11.90 32.74 -31.12
C ILE T 708 -10.76 32.83 -32.12
N GLN T 709 -9.53 32.74 -31.62
CA GLN T 709 -8.36 32.75 -32.50
C GLN T 709 -8.43 31.61 -33.51
N ASP T 710 -8.49 30.37 -33.03
CA ASP T 710 -8.47 29.21 -33.92
C ASP T 710 -9.63 29.21 -34.92
N ASN T 711 -10.81 29.65 -34.50
CA ASN T 711 -11.98 29.55 -35.36
C ASN T 711 -12.13 30.73 -36.30
N LEU T 712 -11.53 31.88 -36.00
CA LEU T 712 -11.68 33.06 -36.85
C LEU T 712 -10.37 33.50 -37.49
N LYS T 713 -9.33 33.75 -36.71
CA LYS T 713 -8.15 34.42 -37.24
C LYS T 713 -7.40 33.54 -38.23
N LYS T 714 -7.52 32.21 -38.10
CA LYS T 714 -6.77 31.32 -38.99
C LYS T 714 -7.31 31.36 -40.42
N PRO T 715 -8.60 31.14 -40.69
CA PRO T 715 -9.07 31.23 -42.07
C PRO T 715 -8.96 32.64 -42.65
N LEU T 716 -9.19 33.67 -41.84
CA LEU T 716 -9.03 35.03 -42.34
C LEU T 716 -7.58 35.32 -42.69
N ALA T 717 -6.63 34.81 -41.91
CA ALA T 717 -5.23 34.99 -42.27
C ALA T 717 -4.88 34.22 -43.54
N ASN T 718 -5.42 33.00 -43.67
CA ASN T 718 -5.20 32.23 -44.88
C ASN T 718 -5.69 32.99 -46.11
N GLU T 719 -6.88 33.58 -46.01
CA GLU T 719 -7.39 34.40 -47.11
C GLU T 719 -6.53 35.65 -47.31
N LEU T 720 -6.10 36.27 -46.22
CA LEU T 720 -5.37 37.53 -46.29
C LEU T 720 -4.01 37.34 -46.95
N LEU T 721 -3.46 36.14 -46.90
CA LEU T 721 -2.14 35.92 -47.47
C LEU T 721 -2.19 35.28 -48.85
N PHE T 722 -3.32 34.67 -49.21
CA PHE T 722 -3.40 33.86 -50.42
C PHE T 722 -4.35 34.43 -51.47
N GLY T 723 -4.43 35.76 -51.57
CA GLY T 723 -5.02 36.39 -52.74
C GLY T 723 -6.52 36.67 -52.67
N SER T 724 -7.26 36.01 -51.79
CA SER T 724 -8.69 36.31 -51.70
C SER T 724 -8.93 37.71 -51.19
N LEU T 725 -8.23 38.10 -50.12
CA LEU T 725 -8.18 39.48 -49.66
C LEU T 725 -6.73 39.86 -49.45
N VAL T 726 -6.35 41.06 -49.90
CA VAL T 726 -4.99 41.55 -49.78
C VAL T 726 -4.94 42.89 -49.07
N ASP T 727 -5.69 43.88 -49.56
CA ASP T 727 -5.70 45.21 -48.95
C ASP T 727 -7.07 45.51 -48.35
N GLY T 728 -8.12 45.33 -49.14
CA GLY T 728 -9.47 45.54 -48.67
C GLY T 728 -10.33 44.29 -48.81
N GLY T 729 -11.60 44.45 -48.45
CA GLY T 729 -12.55 43.35 -48.56
C GLY T 729 -13.53 43.30 -47.41
N GLN T 730 -14.40 42.29 -47.41
CA GLN T 730 -15.39 42.11 -46.37
C GLN T 730 -15.70 40.63 -46.22
N VAL T 731 -15.84 40.17 -44.98
CA VAL T 731 -16.10 38.78 -44.69
C VAL T 731 -17.23 38.69 -43.67
N THR T 732 -18.25 37.90 -44.00
CA THR T 732 -19.34 37.60 -43.08
C THR T 732 -19.16 36.20 -42.52
N VAL T 733 -19.80 35.95 -41.38
CA VAL T 733 -19.69 34.67 -40.68
C VAL T 733 -21.09 34.16 -40.38
N ALA T 734 -21.28 32.85 -40.54
CA ALA T 734 -22.54 32.20 -40.19
C ALA T 734 -22.26 30.73 -39.89
N LEU T 735 -23.34 29.99 -39.62
CA LEU T 735 -23.25 28.58 -39.27
C LEU T 735 -24.10 27.74 -40.21
N ASP T 736 -23.80 26.45 -40.24
CA ASP T 736 -24.58 25.48 -40.99
C ASP T 736 -25.42 24.66 -40.01
N LYS T 737 -26.10 23.62 -40.54
CA LYS T 737 -26.80 22.69 -39.66
C LYS T 737 -25.83 21.69 -39.04
N GLU T 738 -24.57 21.68 -39.47
CA GLU T 738 -23.54 20.83 -38.90
C GLU T 738 -22.80 21.48 -37.74
N LYS T 739 -23.27 22.65 -37.27
CA LYS T 739 -22.63 23.39 -36.17
C LYS T 739 -21.21 23.81 -36.52
N ASN T 740 -20.97 24.09 -37.79
CA ASN T 740 -19.65 24.51 -38.23
C ASN T 740 -19.66 25.97 -38.69
N GLU T 741 -18.54 26.65 -38.46
CA GLU T 741 -18.35 28.00 -38.97
C GLU T 741 -18.26 27.99 -40.48
N LEU T 742 -18.91 28.97 -41.11
CA LEU T 742 -18.90 29.12 -42.56
C LEU T 742 -18.24 30.45 -42.92
N THR T 743 -17.21 30.38 -43.75
CA THR T 743 -16.45 31.56 -44.15
C THR T 743 -17.00 32.08 -45.47
N TYR T 744 -17.28 33.38 -45.53
CA TYR T 744 -17.73 34.04 -46.74
C TYR T 744 -16.66 35.05 -47.16
N GLY T 745 -16.05 34.81 -48.32
CA GLY T 745 -14.95 35.62 -48.79
C GLY T 745 -15.38 36.98 -49.27
N PHE T 746 -14.63 37.51 -50.23
CA PHE T 746 -14.88 38.83 -50.77
C PHE T 746 -16.25 38.92 -51.43
N UNK U 1 10.42 10.45 2.39
CA UNK U 1 10.41 11.65 3.22
C UNK U 1 11.84 12.08 3.54
N UNK U 2 11.97 13.24 4.19
CA UNK U 2 13.28 13.80 4.56
C UNK U 2 14.16 14.01 3.33
N UNK U 3 13.69 14.86 2.43
CA UNK U 3 14.46 15.20 1.24
C UNK U 3 15.69 16.03 1.61
N UNK U 4 16.81 15.75 0.96
CA UNK U 4 18.02 16.53 1.17
C UNK U 4 18.04 17.73 0.25
N UNK U 5 18.62 18.83 0.73
CA UNK U 5 18.70 20.08 -0.03
C UNK U 5 20.15 20.50 -0.09
N UNK U 6 20.69 20.60 -1.31
CA UNK U 6 22.05 21.08 -1.50
C UNK U 6 22.11 22.58 -1.22
N UNK U 7 23.34 23.10 -1.12
CA UNK U 7 23.57 24.50 -0.90
C UNK U 7 24.66 24.99 -1.85
N UNK U 8 24.36 26.06 -2.56
CA UNK U 8 25.30 26.63 -3.52
C UNK U 8 26.17 27.68 -2.85
N UNK U 9 27.37 27.89 -3.39
CA UNK U 9 28.32 28.83 -2.85
C UNK U 9 28.91 29.67 -3.97
N UNK U 10 28.72 30.98 -3.88
CA UNK U 10 29.25 31.91 -4.87
C UNK U 10 30.54 32.55 -4.38
N UNK U 11 31.43 32.85 -5.32
CA UNK U 11 32.72 33.46 -4.99
C UNK U 11 32.70 34.96 -5.27
N UNK U 12 33.88 35.57 -5.23
CA UNK U 12 34.01 37.01 -5.41
C UNK U 12 35.08 37.32 -6.43
N UNK U 13 35.34 38.62 -6.62
CA UNK U 13 36.25 39.11 -7.65
C UNK U 13 36.89 40.43 -7.22
N UNK U 14 37.40 41.19 -8.19
CA UNK U 14 37.90 42.55 -7.99
C UNK U 14 39.08 42.66 -7.05
N UNK U 15 40.24 42.13 -7.45
CA UNK U 15 41.48 42.34 -6.73
C UNK U 15 41.99 43.75 -7.03
N UNK U 16 43.26 43.98 -6.69
CA UNK U 16 43.83 45.31 -6.77
C UNK U 16 44.43 45.60 -8.15
N UNK U 17 44.11 46.78 -8.68
CA UNK U 17 44.56 47.18 -10.00
C UNK U 17 45.80 48.06 -9.91
N UNK U 18 46.38 48.34 -11.08
CA UNK U 18 47.60 49.13 -11.20
C UNK U 18 47.30 50.47 -11.84
N UNK U 19 48.29 51.37 -11.77
CA UNK U 19 48.15 52.72 -12.32
C UNK U 19 49.26 52.98 -13.32
N UNK U 20 49.08 54.04 -14.10
CA UNK U 20 50.08 54.48 -15.05
C UNK U 20 50.14 56.01 -15.06
N UNK U 21 50.19 56.61 -13.87
CA UNK U 21 50.07 58.06 -13.76
C UNK U 21 51.23 58.77 -14.46
N UNK U 22 50.88 59.73 -15.31
CA UNK U 22 51.87 60.47 -16.07
C UNK U 22 52.08 61.87 -15.49
N UNK U 23 53.34 62.20 -15.25
CA UNK U 23 53.68 63.48 -14.64
C UNK U 23 54.57 64.31 -15.56
N UNK U 24 54.37 65.63 -15.51
CA UNK U 24 55.21 66.56 -16.25
C UNK U 24 56.38 67.02 -15.39
#